data_8TKG
#
_entry.id   8TKG
#
_cell.length_a   1.00
_cell.length_b   1.00
_cell.length_c   1.00
_cell.angle_alpha   90.00
_cell.angle_beta   90.00
_cell.angle_gamma   90.00
#
_symmetry.space_group_name_H-M   'P 1'
#
loop_
_entity.id
_entity.type
_entity.pdbx_description
1 polymer 'Inositol 1,4,5-trisphosphate receptor type 3'
2 non-polymer 'ZINC ION'
3 non-polymer D-MYO-INOSITOL-1,4,5-TRIPHOSPHATE
4 non-polymer 'CALCIUM ION'
5 non-polymer "ADENOSINE-5'-TRIPHOSPHATE"
6 non-polymer 1,2-DIOLEOYL-SN-GLYCERO-3-PHOSPHOCHOLINE
7 water water
#
_entity_poly.entity_id   1
_entity_poly.type   'polypeptide(L)'
_entity_poly.pdbx_seq_one_letter_code
;MSEMSSFLHIGDIVSLYAEGSVNGFISTLGLVDDRCVVEPAAGDLDNPPKKFRDCLFKVCPMNRYSAQKQYWKAKQTKQD
KEKIADVVLLQKLQHAAQMEQKQNDTENKKVHGDVVKYGSVIQLLHMKSNKYLTVNKRLPALLEKNAMRVTLDATGNEGS
WLFIQPFWKLRSNGDNVVVGDKVILNPVNAGQPLHASNYELSDNAGCKEVNSVNCNTSWKINLFMQFRDHLEEVLKGGDV
VRLFHAEQEKFLTCDEYKGKLQVFLRTTLRQSATSATSSNALWEVEVVHHDPCRGGAGHWNGLYRFKHLATGNYLAAEEN
PSYKGDASDPKAAGMGAQGRTGRRNAGEKIKYCLVAVPHGNDIASLFELDPTTLQKTDSFVPRNSYVRLRHLCTNTWIQS
TNVPIDIEEERPIRLMLGTCPTKEDKEAFAIVSVPVSEIRDLDFANDASSMLASAVEKLNEGFISQNDRRFVIQLLEDLV
FFVSDVPNNGQNVLDIMVTKPNRERQKLMREQNILKQVFGILKAPFREKGGEGPLVRLEELSDQKNAPYQHMFRLCYRVL
RHSQEDYRKNQEHIAKQFGMMQSQIGYDILAEDTITALLHNNRKLLEKHITKTEVETFVSLVRKNREPRFLDYLSDLCVS
NHIAIPVTQELICKCVLDPKNSDILIRTELRPVKEMAQSHEYLSIEYSEEEVWLTWTDKNNEHHEKSVRQLAQEARAGNA
HDENVLSYYRYQLKLFARMCLDRQYLAIDEISQQLGVDLIFLCMADEMLPFDLRASFCHLMLHVHVDRDPQELVTPVKFA
RLWTEIPTAITIKDYDSNLNASRDDKKNKFANTMEFVEDYLNNVVSEAVPFANEEKNKLTFEVVSLAHNLIYFGFYSFSE
LLRLTRTLLGIIDCVQGPPAMLQAYEDPGGKNVRRSIQGVGHMMSTMVLSRKQSVFSAPSLSAGASAAEPLDRSKFEENE
DIVVMETKLKILEILQFILNVRLDYRISYLLSVFKKEFVEVFPMQDSGADGTAPAFDSTTANMNLDRIGEQAEAMFGVGK
TSSMLEVDDEGGRMFLRVLIHLTMHDYAPLVSGALQLLFKHFSQRQEAMHTFKQVQLLISAQDVENYKVIKSELDRLRTM
VEKSELWVDKKGSGKGEEVEAGAAKDKKERPTDEEGFLHPPGEKSSENYQIVKGILERLNKMCGVGEQMRKKQQRLLKNM
DAHKVMLDLLQIPYDKGDAKMMEILRYTHQFLQKFCAGNPGNQALLHKHLHLFLTPGLLEAETMQHIFLNNYQLCSEISE
PVLQHFVHLLATHGRHVQYLDFLHTVIKAEGKYVKKCQDMIMTELTNAGDDVVVFYNDKASLAHLLDMMKAARDGVEDHS
PLMYHISLVDLLAACAEGKNVYTEIKCTSLLPLEDVVSVVTHEDCITEVKMAYVNFVNHCYVDTEVEMKEIYTSNHIWTL
FENFTLDMARVCSKREKRVADPTLEKYVLSVVLDTINAFFSSPFSENSTSLQTHQTIVVQLLQSTTRLLECPWLQQQHKG
SVEACIRTLAMVAKGRAILLPMDLDAHISSMLSSGASCAAAAQRNASSYKATTRAFPRVTPTANQWDYKNIIEKLQDIIT
ALEERLKPLVQAELSVLVDVLHWPELLFLEGSEAYQRCESGGFLSKLIQHTKDLMESEEKLCIKVLRTLQQMLLKKTKYG
DRGNQLRKMLLQNYLQNRKSTSRGDLPDPIGTGLDPDWSAIAATQCRLDKEGATKLVCDLITSTKNEKIFQESIGLAIHL
LDGGNTEIQKSFHNLMMSDKKSERFFKVLHDRMKRAQQETKSTVAVNMNDLGSQPHEDREPVDPTTKGRVASFSIPGSSS
RYSLGPSLRRGHEVSERVQSSEMGTSVLIMQPILRFLQLLCENHNRDLQNFLRCQNNKTNYNLVCETLQFLDIMCGSTTG
GLGLLGLYINEDNVGLVIQTLETLTEYCQGPCHENQTCIVTHESNGIDIITALILNDISPLCKYRMDLVLQLKDNASKLL
LALMESRHDSENAERILISLRPQELVDVIKKAYLQEEERENSEVSPREVGHNIYILALQLSRHNKQLQHLLKPVKRIQEE
EAEGISSMLSLNNKQLSQMLKSSAPAQEEEEDPLAYYENHTSQIEIVRQDRSMEQIVFPVPGICQFLTEETKHRLFTTTE
QDEQGSKVSDFFDQSSFLHNEMEWQRKLRSMPLIYWFSRRMTLWGSISFNLAVFINIIIAFFYPYMEGASTGVLDSPLIS
LLFWILICFSIAALFTKRYSIRPLIVALILRSIYYLGIGPTLNILGALNLTNKIVFVVSFVGNRGTFIRGYKAMVMDMEF
LYHVGYILTSVLGLFAHELFYSILLFDLIYREETLFNVIKSVTRNGRSILLTALLALILVYLFSIVGFLFLKDDFILEVD
RLPNNHSTASPLGMPHGAAAFVDTCSGDKMDCVSGLSVPEVLEEDRELDSTERACDTLLMCIVTVMNHGLRNGGGVGDIL
RKPSKDESLFPARVVYDLLFFFIVIIIVLNLIFGVIIDTFADLRSEKQKKEEILKTTCFICGLERDKFDNKTVSFEEHIK
LEHNMWNYLYFIVLVRVKNKTDYTGPESYVAQMIKNKNLDWFPRMRAMSLVSNEGEGEQNEIRILQDKLNSTMKLVSHLT
AQLNELKEQMTEQRKRRQRLGFVDVQNCISR
;
_entity_poly.pdbx_strand_id   A,B,C,D
#
# COMPACT_ATOMS: atom_id res chain seq x y z
N SER A 5 5.07 -40.77 31.69
CA SER A 5 3.80 -40.53 32.37
C SER A 5 2.86 -39.69 31.49
N SER A 6 1.57 -39.98 31.56
CA SER A 6 0.58 -39.26 30.79
C SER A 6 -0.76 -39.31 31.52
N PHE A 7 -1.64 -38.38 31.16
CA PHE A 7 -2.96 -38.31 31.78
C PHE A 7 -3.88 -39.37 31.19
N LEU A 8 -4.89 -39.74 31.97
CA LEU A 8 -5.89 -40.70 31.51
C LEU A 8 -6.96 -40.01 30.69
N HIS A 9 -7.38 -40.67 29.61
CA HIS A 9 -8.40 -40.14 28.71
C HIS A 9 -9.49 -41.18 28.51
N ILE A 10 -10.70 -40.69 28.24
CA ILE A 10 -11.83 -41.58 28.01
C ILE A 10 -11.57 -42.43 26.77
N GLY A 11 -11.88 -43.72 26.86
CA GLY A 11 -11.67 -44.66 25.78
C GLY A 11 -10.38 -45.44 25.86
N ASP A 12 -9.44 -45.04 26.73
CA ASP A 12 -8.20 -45.77 26.88
C ASP A 12 -8.46 -47.14 27.47
N ILE A 13 -7.66 -48.12 27.04
CA ILE A 13 -7.75 -49.48 27.55
C ILE A 13 -6.59 -49.69 28.53
N VAL A 14 -6.93 -49.96 29.78
CA VAL A 14 -5.96 -50.07 30.86
C VAL A 14 -6.23 -51.36 31.64
N SER A 15 -5.22 -51.79 32.39
CA SER A 15 -5.30 -52.98 33.21
C SER A 15 -5.39 -52.60 34.68
N LEU A 16 -6.28 -53.28 35.41
CA LEU A 16 -6.49 -53.02 36.83
C LEU A 16 -5.79 -54.09 37.66
N TYR A 17 -4.94 -53.64 38.59
CA TYR A 17 -4.22 -54.54 39.47
C TYR A 17 -4.67 -54.29 40.91
N ALA A 18 -5.11 -55.35 41.58
CA ALA A 18 -5.57 -55.24 42.95
C ALA A 18 -4.40 -55.08 43.91
N GLU A 19 -4.59 -54.24 44.93
CA GLU A 19 -3.60 -54.01 45.96
C GLU A 19 -4.26 -54.10 47.32
N GLY A 20 -3.67 -54.90 48.22
CA GLY A 20 -4.23 -55.08 49.54
C GLY A 20 -4.01 -56.48 50.08
N SER A 21 -5.08 -57.10 50.59
CA SER A 21 -4.96 -58.46 51.13
C SER A 21 -4.53 -59.43 50.05
N VAL A 22 -5.11 -59.32 48.85
CA VAL A 22 -4.76 -60.17 47.71
C VAL A 22 -4.38 -59.27 46.56
N ASN A 23 -3.24 -59.57 45.93
CA ASN A 23 -2.72 -58.77 44.82
C ASN A 23 -2.81 -59.58 43.54
N GLY A 24 -3.41 -58.98 42.51
CA GLY A 24 -3.56 -59.65 41.24
C GLY A 24 -4.44 -58.85 40.31
N PHE A 25 -4.50 -59.31 39.07
CA PHE A 25 -5.32 -58.67 38.05
C PHE A 25 -6.73 -59.25 38.04
N ILE A 26 -7.66 -58.47 37.51
CA ILE A 26 -9.05 -58.90 37.40
C ILE A 26 -9.21 -59.75 36.15
N SER A 27 -9.76 -60.94 36.32
CA SER A 27 -9.95 -61.88 35.22
C SER A 27 -11.38 -62.44 35.27
N THR A 28 -11.77 -63.05 34.16
CA THR A 28 -13.10 -63.64 34.02
C THR A 28 -12.97 -65.13 33.72
N LEU A 29 -13.83 -65.92 34.34
CA LEU A 29 -13.79 -67.37 34.17
C LEU A 29 -14.11 -67.73 32.72
N GLY A 30 -14.00 -69.02 32.41
CA GLY A 30 -14.24 -69.50 31.07
C GLY A 30 -15.71 -69.53 30.72
N LEU A 31 -15.98 -69.87 29.47
CA LEU A 31 -17.35 -69.93 28.96
C LEU A 31 -18.01 -68.56 29.05
N VAL A 32 -19.34 -68.53 29.09
CA VAL A 32 -20.08 -67.28 29.13
C VAL A 32 -20.23 -66.80 30.58
N ASP A 33 -19.53 -67.45 31.50
CA ASP A 33 -19.61 -67.06 32.89
C ASP A 33 -19.21 -65.60 33.07
N ASP A 34 -20.03 -64.86 33.82
CA ASP A 34 -19.81 -63.43 34.04
C ASP A 34 -19.06 -63.15 35.33
N ARG A 35 -18.66 -64.17 36.07
CA ARG A 35 -17.97 -63.96 37.34
C ARG A 35 -16.61 -63.31 37.10
N CYS A 36 -16.25 -62.38 37.98
CA CYS A 36 -14.95 -61.71 37.95
C CYS A 36 -14.18 -62.08 39.21
N VAL A 37 -12.94 -62.52 39.04
CA VAL A 37 -12.11 -62.99 40.14
C VAL A 37 -10.72 -62.40 39.99
N VAL A 38 -9.84 -62.74 40.93
CA VAL A 38 -8.44 -62.34 40.91
C VAL A 38 -7.60 -63.57 41.20
N GLU A 39 -6.53 -63.75 40.42
CA GLU A 39 -5.65 -64.91 40.54
C GLU A 39 -4.24 -64.43 40.86
N PRO A 40 -3.88 -64.34 42.15
CA PRO A 40 -2.52 -63.90 42.48
C PRO A 40 -1.44 -64.81 41.93
N ALA A 41 -1.70 -66.13 41.86
CA ALA A 41 -0.70 -67.06 41.35
C ALA A 41 -0.54 -66.97 39.85
N ALA A 42 -1.51 -66.39 39.13
CA ALA A 42 -1.41 -66.31 37.68
C ALA A 42 -0.22 -65.46 37.26
N GLY A 43 -0.01 -64.33 37.94
CA GLY A 43 1.12 -63.47 37.60
C GLY A 43 1.09 -62.22 38.46
N ASP A 44 2.02 -61.33 38.15
CA ASP A 44 2.15 -60.06 38.86
C ASP A 44 2.51 -58.97 37.85
N LEU A 45 2.75 -57.76 38.35
CA LEU A 45 3.11 -56.66 37.48
C LEU A 45 4.41 -56.95 36.73
N ASP A 46 5.41 -57.49 37.44
CA ASP A 46 6.69 -57.81 36.80
C ASP A 46 6.50 -58.89 35.74
N ASN A 47 5.70 -59.91 36.04
CA ASN A 47 5.46 -61.04 35.15
C ASN A 47 3.96 -61.15 34.88
N PRO A 48 3.46 -60.48 33.83
CA PRO A 48 2.03 -60.56 33.56
C PRO A 48 1.62 -61.97 33.24
N PRO A 49 0.38 -62.36 33.55
CA PRO A 49 -0.06 -63.71 33.26
C PRO A 49 -0.11 -63.99 31.77
N LYS A 50 0.03 -65.28 31.42
CA LYS A 50 0.01 -65.67 30.01
C LYS A 50 -1.32 -65.30 29.37
N LYS A 51 -2.43 -65.55 30.06
CA LYS A 51 -3.76 -65.20 29.57
C LYS A 51 -4.09 -63.75 29.94
N PHE A 52 -3.20 -62.84 29.52
CA PHE A 52 -3.35 -61.43 29.85
C PHE A 52 -4.54 -60.79 29.15
N ARG A 53 -5.03 -61.40 28.06
CA ARG A 53 -6.13 -60.78 27.32
C ARG A 53 -7.37 -60.61 28.17
N ASP A 54 -7.54 -61.44 29.20
CA ASP A 54 -8.70 -61.35 30.07
C ASP A 54 -8.57 -60.23 31.10
N CYS A 55 -7.41 -59.58 31.22
CA CYS A 55 -7.17 -58.55 32.22
C CYS A 55 -7.13 -57.15 31.61
N LEU A 56 -7.74 -56.96 30.43
CA LEU A 56 -7.78 -55.66 29.77
C LEU A 56 -9.18 -55.08 29.89
N PHE A 57 -9.26 -53.83 30.30
CA PHE A 57 -10.52 -53.12 30.46
C PHE A 57 -10.44 -51.77 29.78
N LYS A 58 -11.55 -51.35 29.18
CA LYS A 58 -11.65 -50.07 28.49
C LYS A 58 -12.50 -49.11 29.31
N VAL A 59 -12.07 -47.86 29.36
CA VAL A 59 -12.76 -46.82 30.12
C VAL A 59 -13.76 -46.14 29.21
N CYS A 60 -15.00 -46.00 29.70
CA CYS A 60 -16.08 -45.37 28.96
C CYS A 60 -16.74 -44.30 29.83
N PRO A 61 -17.37 -43.30 29.20
CA PRO A 61 -17.98 -42.22 29.98
C PRO A 61 -19.37 -42.57 30.48
N MET A 62 -20.04 -41.60 31.11
CA MET A 62 -21.39 -41.82 31.62
C MET A 62 -22.33 -42.24 30.49
N ASN A 63 -23.19 -43.22 30.79
CA ASN A 63 -24.18 -43.71 29.84
C ASN A 63 -25.55 -43.65 30.48
N ARG A 64 -26.52 -43.11 29.75
CA ARG A 64 -27.89 -42.98 30.25
C ARG A 64 -28.65 -44.26 29.98
N TYR A 65 -29.33 -44.77 31.01
CA TYR A 65 -30.11 -46.00 30.91
C TYR A 65 -31.52 -45.83 31.44
N SER A 66 -32.01 -44.59 31.55
CA SER A 66 -33.35 -44.37 32.07
C SER A 66 -34.40 -45.02 31.19
N ALA A 67 -34.35 -44.74 29.88
CA ALA A 67 -35.33 -45.33 28.96
C ALA A 67 -35.19 -46.84 28.94
N GLN A 68 -33.96 -47.35 28.90
CA GLN A 68 -33.76 -48.79 28.88
C GLN A 68 -34.29 -49.44 30.16
N LYS A 69 -34.02 -48.80 31.32
CA LYS A 69 -34.52 -49.34 32.58
C LYS A 69 -36.05 -49.34 32.61
N GLN A 70 -36.67 -48.27 32.13
CA GLN A 70 -38.13 -48.21 32.10
C GLN A 70 -38.69 -49.29 31.19
N TYR A 71 -38.09 -49.48 30.02
CA TYR A 71 -38.56 -50.53 29.10
C TYR A 71 -38.41 -51.91 29.72
N TRP A 72 -37.28 -52.16 30.38
CA TRP A 72 -37.09 -53.46 31.02
C TRP A 72 -38.10 -53.69 32.12
N LYS A 73 -38.38 -52.66 32.92
CA LYS A 73 -39.37 -52.79 33.97
C LYS A 73 -40.76 -53.07 33.39
N ALA A 74 -41.12 -52.35 32.32
CA ALA A 74 -42.42 -52.57 31.70
C ALA A 74 -42.54 -53.97 31.13
N LYS A 75 -41.48 -54.46 30.47
CA LYS A 75 -41.53 -55.79 29.88
C LYS A 75 -41.71 -56.86 30.94
N GLN A 76 -41.01 -56.74 32.07
CA GLN A 76 -41.10 -57.71 33.14
C GLN A 76 -42.40 -57.51 33.94
N ASP A 86 -51.11 -53.42 25.90
CA ASP A 86 -50.02 -52.46 26.02
C ASP A 86 -48.98 -52.68 24.92
N VAL A 87 -49.42 -53.23 23.79
CA VAL A 87 -48.51 -53.49 22.68
C VAL A 87 -47.97 -52.17 22.13
N VAL A 88 -48.85 -51.17 21.96
CA VAL A 88 -48.41 -49.87 21.48
C VAL A 88 -47.45 -49.24 22.47
N LEU A 89 -47.75 -49.34 23.77
CA LEU A 89 -46.85 -48.81 24.78
C LEU A 89 -45.50 -49.52 24.75
N LEU A 90 -45.51 -50.84 24.56
CA LEU A 90 -44.25 -51.58 24.48
C LEU A 90 -43.43 -51.14 23.27
N GLN A 91 -44.10 -50.94 22.12
CA GLN A 91 -43.39 -50.49 20.93
C GLN A 91 -42.81 -49.10 21.14
N LYS A 92 -43.57 -48.21 21.78
CA LYS A 92 -43.06 -46.87 22.07
C LYS A 92 -41.86 -46.93 23.00
N LEU A 93 -41.92 -47.79 24.01
CA LEU A 93 -40.79 -47.95 24.92
C LEU A 93 -39.57 -48.48 24.20
N GLN A 94 -39.77 -49.44 23.28
CA GLN A 94 -38.65 -49.97 22.51
C GLN A 94 -38.04 -48.87 21.64
N HIS A 95 -38.87 -48.05 21.01
CA HIS A 95 -38.35 -46.96 20.19
C HIS A 95 -37.58 -45.96 21.05
N ALA A 96 -38.10 -45.65 22.23
CA ALA A 96 -37.40 -44.73 23.14
C ALA A 96 -36.07 -45.31 23.57
N ALA A 97 -36.03 -46.61 23.87
CA ALA A 97 -34.77 -47.24 24.26
C ALA A 97 -33.76 -47.20 23.12
N GLN A 98 -34.21 -47.46 21.90
CA GLN A 98 -33.32 -47.39 20.75
C GLN A 98 -32.77 -45.97 20.56
N MET A 99 -33.65 -44.98 20.70
CA MET A 99 -33.20 -43.59 20.58
C MET A 99 -32.18 -43.24 21.67
N GLU A 100 -32.43 -43.70 22.90
CA GLU A 100 -31.49 -43.45 23.98
C GLU A 100 -30.16 -44.12 23.72
N GLN A 101 -30.18 -45.35 23.19
CA GLN A 101 -28.92 -46.03 22.86
C GLN A 101 -28.16 -45.27 21.78
N LYS A 102 -28.87 -44.79 20.75
CA LYS A 102 -28.22 -44.02 19.71
C LYS A 102 -27.62 -42.73 20.26
N GLN A 103 -28.36 -42.05 21.14
CA GLN A 103 -27.85 -40.82 21.75
C GLN A 103 -26.61 -41.11 22.60
N ASN A 104 -26.62 -42.22 23.36
CA ASN A 104 -25.47 -42.58 24.15
C ASN A 104 -24.26 -42.88 23.28
N ASP A 105 -24.48 -43.58 22.16
CA ASP A 105 -23.38 -43.85 21.24
C ASP A 105 -22.82 -42.55 20.66
N THR A 106 -23.70 -41.62 20.28
CA THR A 106 -23.24 -40.35 19.75
C THR A 106 -22.45 -39.58 20.80
N GLU A 107 -22.92 -39.57 22.05
CA GLU A 107 -22.20 -38.89 23.11
C GLU A 107 -20.83 -39.52 23.34
N ASN A 108 -20.76 -40.84 23.33
CA ASN A 108 -19.48 -41.52 23.50
C ASN A 108 -18.53 -41.15 22.37
N LYS A 109 -19.02 -41.13 21.14
CA LYS A 109 -18.17 -40.75 20.01
C LYS A 109 -17.69 -39.31 20.14
N LYS A 110 -18.58 -38.39 20.54
CA LYS A 110 -18.20 -36.99 20.63
C LYS A 110 -17.20 -36.77 21.77
N VAL A 111 -17.47 -37.33 22.95
CA VAL A 111 -16.62 -37.13 24.11
C VAL A 111 -15.37 -38.00 24.09
N HIS A 112 -15.18 -38.79 23.04
CA HIS A 112 -14.01 -39.66 22.98
C HIS A 112 -12.72 -38.86 23.08
N GLY A 113 -11.79 -39.35 23.89
CA GLY A 113 -10.48 -38.73 24.04
C GLY A 113 -10.39 -37.67 25.11
N ASP A 114 -11.50 -37.31 25.76
CA ASP A 114 -11.47 -36.30 26.81
C ASP A 114 -10.71 -36.83 28.02
N VAL A 115 -9.99 -35.94 28.69
CA VAL A 115 -9.21 -36.32 29.86
C VAL A 115 -10.13 -36.77 30.98
N VAL A 116 -9.67 -37.73 31.77
CA VAL A 116 -10.41 -38.23 32.92
C VAL A 116 -9.99 -37.45 34.16
N LYS A 117 -10.97 -36.95 34.90
CA LYS A 117 -10.73 -36.15 36.09
C LYS A 117 -11.14 -36.92 37.33
N TYR A 118 -10.37 -36.76 38.41
CA TYR A 118 -10.69 -37.43 39.67
C TYR A 118 -12.07 -37.03 40.14
N GLY A 119 -12.82 -38.00 40.65
CA GLY A 119 -14.18 -37.76 41.08
C GLY A 119 -15.22 -37.85 39.99
N SER A 120 -14.82 -38.11 38.75
CA SER A 120 -15.76 -38.27 37.66
C SER A 120 -16.32 -39.69 37.64
N VAL A 121 -17.29 -39.91 36.76
CA VAL A 121 -17.96 -41.20 36.63
C VAL A 121 -17.45 -41.89 35.37
N ILE A 122 -16.94 -43.11 35.53
CA ILE A 122 -16.41 -43.90 34.43
C ILE A 122 -16.95 -45.32 34.55
N GLN A 123 -16.91 -46.04 33.42
CA GLN A 123 -17.38 -47.41 33.35
C GLN A 123 -16.28 -48.27 32.74
N LEU A 124 -16.23 -49.53 33.16
CA LEU A 124 -15.23 -50.48 32.70
C LEU A 124 -15.90 -51.50 31.77
N LEU A 125 -15.33 -51.67 30.59
CA LEU A 125 -15.84 -52.61 29.59
C LEU A 125 -14.80 -53.69 29.35
N HIS A 126 -15.22 -54.95 29.38
CA HIS A 126 -14.34 -56.08 29.11
C HIS A 126 -14.23 -56.26 27.60
N MET A 127 -13.05 -55.98 27.04
CA MET A 127 -12.89 -56.07 25.60
C MET A 127 -13.10 -57.49 25.10
N LYS A 128 -12.56 -58.49 25.81
CA LYS A 128 -12.71 -59.87 25.38
C LYS A 128 -14.17 -60.31 25.40
N SER A 129 -14.90 -59.93 26.44
CA SER A 129 -16.29 -60.32 26.59
C SER A 129 -17.28 -59.27 26.10
N ASN A 130 -16.84 -58.02 25.94
CA ASN A 130 -17.72 -56.94 25.52
C ASN A 130 -18.90 -56.78 26.47
N LYS A 131 -18.65 -56.94 27.76
CA LYS A 131 -19.67 -56.82 28.80
C LYS A 131 -19.22 -55.79 29.83
N TYR A 132 -20.10 -54.86 30.15
CA TYR A 132 -19.79 -53.83 31.14
C TYR A 132 -19.88 -54.40 32.55
N LEU A 133 -18.90 -54.05 33.38
CA LEU A 133 -18.94 -54.44 34.78
C LEU A 133 -19.98 -53.60 35.53
N THR A 134 -20.76 -54.26 36.38
CA THR A 134 -21.80 -53.59 37.13
C THR A 134 -21.91 -54.26 38.50
N VAL A 135 -22.53 -53.54 39.44
CA VAL A 135 -22.74 -54.02 40.79
C VAL A 135 -24.24 -54.11 41.02
N ASN A 136 -24.71 -55.29 41.40
CA ASN A 136 -26.15 -55.51 41.61
C ASN A 136 -26.49 -55.21 43.05
N LYS A 137 -27.39 -54.26 43.27
CA LYS A 137 -27.75 -53.80 44.60
C LYS A 137 -28.92 -54.57 45.21
N ARG A 138 -29.54 -55.48 44.46
CA ARG A 138 -30.70 -56.22 44.94
C ARG A 138 -30.39 -57.69 45.24
N LEU A 139 -29.12 -58.09 45.14
CA LEU A 139 -28.73 -59.46 45.46
C LEU A 139 -27.35 -59.43 46.09
N PRO A 140 -27.03 -60.38 46.96
CA PRO A 140 -25.70 -60.45 47.56
C PRO A 140 -24.75 -61.33 46.75
N ALA A 141 -23.49 -61.28 47.14
CA ALA A 141 -22.48 -62.11 46.48
C ALA A 141 -22.72 -63.58 46.76
N LEU A 142 -22.28 -64.42 45.83
CA LEU A 142 -22.53 -65.86 45.94
C LEU A 142 -21.85 -66.45 47.18
N LEU A 143 -20.60 -66.07 47.43
CA LEU A 143 -19.84 -66.64 48.54
C LEU A 143 -19.96 -65.78 49.80
N GLU A 144 -19.56 -64.52 49.72
CA GLU A 144 -19.61 -63.62 50.87
C GLU A 144 -21.01 -63.01 50.93
N LYS A 145 -21.87 -63.58 51.76
CA LYS A 145 -23.26 -63.12 51.84
C LYS A 145 -23.33 -61.66 52.27
N ASN A 146 -22.51 -61.27 53.25
CA ASN A 146 -22.53 -59.89 53.71
C ASN A 146 -22.03 -58.91 52.66
N ALA A 147 -21.35 -59.40 51.62
CA ALA A 147 -20.84 -58.54 50.56
C ALA A 147 -21.94 -58.31 49.53
N MET A 148 -21.56 -57.73 48.38
CA MET A 148 -22.50 -57.37 47.33
C MET A 148 -21.95 -57.85 46.00
N ARG A 149 -22.82 -58.36 45.14
CA ARG A 149 -22.38 -59.05 43.92
C ARG A 149 -22.02 -58.07 42.82
N VAL A 150 -20.95 -58.39 42.09
CA VAL A 150 -20.50 -57.65 40.92
C VAL A 150 -20.44 -58.63 39.76
N THR A 151 -21.02 -58.25 38.62
CA THR A 151 -21.11 -59.14 37.47
C THR A 151 -21.02 -58.33 36.19
N LEU A 152 -20.73 -59.04 35.10
CA LEU A 152 -20.64 -58.45 33.77
C LEU A 152 -21.97 -58.58 33.05
N ASP A 153 -22.46 -57.48 32.49
CA ASP A 153 -23.73 -57.45 31.78
C ASP A 153 -23.49 -56.99 30.35
N ALA A 154 -24.11 -57.68 29.40
CA ALA A 154 -23.92 -57.35 27.99
C ALA A 154 -24.40 -55.94 27.68
N THR A 155 -25.57 -55.56 28.21
CA THR A 155 -26.14 -54.25 27.96
C THR A 155 -25.84 -53.23 29.04
N GLY A 156 -25.54 -53.68 30.27
CA GLY A 156 -25.25 -52.77 31.36
C GLY A 156 -26.51 -52.22 31.99
N ASN A 157 -26.30 -51.37 32.98
CA ASN A 157 -27.38 -50.72 33.73
C ASN A 157 -26.77 -49.58 34.52
N GLU A 158 -27.56 -49.00 35.43
CA GLU A 158 -27.06 -47.90 36.25
C GLU A 158 -25.88 -48.31 37.12
N GLY A 159 -25.71 -49.62 37.35
CA GLY A 159 -24.57 -50.08 38.14
C GLY A 159 -23.24 -49.90 37.45
N SER A 160 -23.23 -49.71 36.13
CA SER A 160 -21.98 -49.50 35.42
C SER A 160 -21.27 -48.23 35.90
N TRP A 161 -22.04 -47.21 36.30
CA TRP A 161 -21.45 -45.97 36.77
C TRP A 161 -20.58 -46.23 37.99
N LEU A 162 -19.37 -45.66 37.97
CA LEU A 162 -18.41 -45.89 39.05
C LEU A 162 -17.58 -44.61 39.22
N PHE A 163 -17.77 -43.95 40.36
CA PHE A 163 -16.93 -42.80 40.68
C PHE A 163 -15.50 -43.24 40.96
N ILE A 164 -14.54 -42.44 40.52
CA ILE A 164 -13.12 -42.71 40.71
C ILE A 164 -12.58 -41.68 41.69
N GLN A 165 -11.89 -42.16 42.72
CA GLN A 165 -11.35 -41.29 43.75
C GLN A 165 -9.88 -41.59 43.98
N PRO A 166 -9.10 -40.61 44.43
CA PRO A 166 -7.69 -40.87 44.71
C PRO A 166 -7.52 -41.82 45.88
N PHE A 167 -6.41 -42.57 45.85
CA PHE A 167 -6.08 -43.48 46.94
C PHE A 167 -5.14 -42.84 47.96
N TRP A 168 -4.34 -41.88 47.53
CA TRP A 168 -3.41 -41.17 48.40
C TRP A 168 -3.91 -39.76 48.69
N LYS A 169 -3.21 -39.06 49.56
CA LYS A 169 -3.54 -37.69 49.92
C LYS A 169 -2.92 -36.67 48.98
N LEU A 170 -2.02 -37.07 48.09
CA LEU A 170 -1.40 -36.12 47.17
C LEU A 170 -2.43 -35.52 46.22
N ARG A 171 -3.34 -36.34 45.72
CA ARG A 171 -4.36 -35.88 44.78
C ARG A 171 -5.63 -35.47 45.51
N SER A 172 -6.53 -34.82 44.77
CA SER A 172 -7.79 -34.36 45.32
C SER A 172 -8.84 -34.41 44.21
N ASN A 173 -10.07 -34.05 44.58
CA ASN A 173 -11.16 -34.05 43.61
C ASN A 173 -10.92 -33.00 42.52
N GLY A 174 -11.41 -33.30 41.33
CA GLY A 174 -11.22 -32.39 40.20
C GLY A 174 -9.77 -32.27 39.75
N ASP A 175 -9.05 -33.38 39.69
CA ASP A 175 -7.67 -33.40 39.26
C ASP A 175 -7.47 -34.49 38.20
N ASN A 176 -6.49 -34.27 37.34
CA ASN A 176 -6.21 -35.22 36.27
C ASN A 176 -5.70 -36.54 36.84
N VAL A 177 -6.04 -37.63 36.16
CA VAL A 177 -5.62 -38.97 36.56
C VAL A 177 -4.42 -39.36 35.70
N VAL A 178 -3.35 -39.80 36.35
CA VAL A 178 -2.11 -40.17 35.68
C VAL A 178 -1.94 -41.68 35.73
N VAL A 179 -1.25 -42.21 34.73
CA VAL A 179 -1.04 -43.65 34.64
C VAL A 179 -0.20 -44.12 35.84
N GLY A 180 -0.38 -45.38 36.21
CA GLY A 180 0.38 -45.97 37.29
C GLY A 180 0.06 -45.37 38.66
N ASP A 181 -1.21 -45.14 38.94
CA ASP A 181 -1.65 -44.60 40.22
C ASP A 181 -2.81 -45.42 40.75
N LYS A 182 -2.84 -45.58 42.08
CA LYS A 182 -3.88 -46.35 42.73
C LYS A 182 -5.11 -45.49 42.94
N VAL A 183 -6.28 -46.03 42.58
CA VAL A 183 -7.55 -45.32 42.67
C VAL A 183 -8.58 -46.23 43.32
N ILE A 184 -9.67 -45.61 43.79
CA ILE A 184 -10.77 -46.30 44.43
C ILE A 184 -12.01 -46.13 43.56
N LEU A 185 -12.67 -47.24 43.25
CA LEU A 185 -13.88 -47.22 42.44
C LEU A 185 -15.08 -47.43 43.35
N ASN A 186 -15.99 -46.45 43.36
CA ASN A 186 -17.18 -46.50 44.19
C ASN A 186 -18.41 -46.56 43.31
N PRO A 187 -19.21 -47.63 43.32
CA PRO A 187 -20.44 -47.64 42.53
C PRO A 187 -21.38 -46.53 42.99
N VAL A 188 -22.09 -45.95 42.01
CA VAL A 188 -23.03 -44.86 42.32
C VAL A 188 -24.17 -45.40 43.19
N ASN A 189 -24.69 -46.58 42.86
CA ASN A 189 -25.82 -47.13 43.60
C ASN A 189 -25.36 -47.82 44.88
N ALA A 190 -24.48 -48.82 44.74
CA ALA A 190 -24.02 -49.56 45.92
C ALA A 190 -23.26 -48.64 46.87
N GLY A 191 -22.40 -47.78 46.34
CA GLY A 191 -21.63 -46.87 47.18
C GLY A 191 -20.70 -47.59 48.13
N GLN A 192 -20.02 -48.64 47.66
CA GLN A 192 -19.07 -49.39 48.47
C GLN A 192 -17.86 -49.71 47.60
N PRO A 193 -16.65 -49.41 48.06
CA PRO A 193 -15.46 -49.70 47.23
C PRO A 193 -15.37 -51.19 46.92
N LEU A 194 -14.91 -51.49 45.69
CA LEU A 194 -14.74 -52.87 45.29
C LEU A 194 -13.66 -53.53 46.14
N HIS A 195 -13.93 -54.77 46.56
CA HIS A 195 -13.04 -55.52 47.44
C HIS A 195 -12.74 -56.87 46.82
N ALA A 196 -11.45 -57.22 46.76
CA ALA A 196 -11.02 -58.52 46.28
C ALA A 196 -11.04 -59.49 47.46
N SER A 197 -12.22 -60.05 47.72
CA SER A 197 -12.41 -60.93 48.87
C SER A 197 -11.47 -62.12 48.78
N ASN A 198 -10.89 -62.49 49.92
CA ASN A 198 -9.99 -63.63 49.99
C ASN A 198 -10.71 -64.96 49.81
N TYR A 199 -12.04 -64.97 49.83
CA TYR A 199 -12.80 -66.22 49.70
C TYR A 199 -12.45 -66.91 48.39
N GLU A 200 -11.81 -68.08 48.49
CA GLU A 200 -11.43 -68.82 47.30
C GLU A 200 -12.65 -69.48 46.65
N LEU A 201 -12.61 -69.59 45.33
CA LEU A 201 -13.71 -70.22 44.59
C LEU A 201 -13.51 -71.73 44.57
N SER A 202 -14.53 -72.46 45.01
CA SER A 202 -14.44 -73.92 45.02
C SER A 202 -14.32 -74.49 43.61
N ASP A 203 -15.06 -73.91 42.67
CA ASP A 203 -15.04 -74.43 41.29
C ASP A 203 -13.64 -74.33 40.69
N ASN A 204 -12.96 -73.21 40.90
CA ASN A 204 -11.62 -72.98 40.35
C ASN A 204 -10.69 -72.63 41.50
N ALA A 205 -9.70 -73.49 41.74
CA ALA A 205 -8.75 -73.23 42.81
C ALA A 205 -7.85 -72.06 42.44
N GLY A 206 -7.46 -71.28 43.46
CA GLY A 206 -6.61 -70.13 43.25
C GLY A 206 -7.31 -68.88 42.78
N CYS A 207 -8.63 -68.89 42.67
CA CYS A 207 -9.39 -67.74 42.19
C CYS A 207 -10.08 -67.08 43.38
N LYS A 208 -9.95 -65.77 43.50
CA LYS A 208 -10.54 -64.99 44.57
C LYS A 208 -11.64 -64.11 44.01
N GLU A 209 -12.84 -64.23 44.58
CA GLU A 209 -13.98 -63.47 44.10
C GLU A 209 -13.84 -61.99 44.44
N VAL A 210 -14.45 -61.15 43.62
CA VAL A 210 -14.46 -59.71 43.80
C VAL A 210 -15.90 -59.27 44.04
N ASN A 211 -16.10 -58.48 45.09
CA ASN A 211 -17.44 -58.04 45.48
C ASN A 211 -17.38 -56.54 45.79
N SER A 212 -18.47 -56.02 46.35
CA SER A 212 -18.55 -54.61 46.74
C SER A 212 -18.82 -54.55 48.24
N VAL A 213 -17.84 -54.05 48.99
CA VAL A 213 -17.97 -53.92 50.44
C VAL A 213 -16.88 -52.98 50.92
N ASN A 214 -17.14 -52.31 52.03
CA ASN A 214 -16.16 -51.37 52.59
C ASN A 214 -14.86 -52.10 52.91
N CYS A 215 -13.75 -51.53 52.46
CA CYS A 215 -12.43 -52.10 52.67
C CYS A 215 -11.40 -51.03 52.32
N ASN A 216 -10.12 -51.43 52.28
CA ASN A 216 -9.03 -50.53 51.92
C ASN A 216 -8.32 -50.95 50.64
N THR A 217 -8.90 -51.87 49.87
CA THR A 217 -8.27 -52.31 48.64
C THR A 217 -8.22 -51.18 47.62
N SER A 218 -7.11 -51.11 46.90
CA SER A 218 -6.91 -50.11 45.86
C SER A 218 -6.56 -50.81 44.56
N TRP A 219 -7.07 -50.28 43.45
CA TRP A 219 -6.89 -50.86 42.12
C TRP A 219 -5.91 -49.99 41.34
N LYS A 220 -4.68 -50.49 41.17
CA LYS A 220 -3.68 -49.76 40.38
C LYS A 220 -4.10 -49.73 38.91
N ILE A 221 -3.86 -48.60 38.26
CA ILE A 221 -4.22 -48.39 36.86
C ILE A 221 -2.95 -48.46 36.03
N ASN A 222 -2.89 -49.43 35.12
CA ASN A 222 -1.77 -49.60 34.21
C ASN A 222 -2.27 -49.39 32.79
N LEU A 223 -1.67 -48.44 32.10
CA LEU A 223 -2.10 -48.09 30.74
C LEU A 223 -1.56 -49.10 29.75
N PHE A 224 -2.42 -49.56 28.84
CA PHE A 224 -2.04 -50.50 27.79
C PHE A 224 -2.23 -49.97 26.39
N MET A 225 -3.33 -49.27 26.11
CA MET A 225 -3.62 -48.81 24.76
C MET A 225 -4.29 -47.44 24.89
N GLN A 226 -3.78 -46.46 24.13
CA GLN A 226 -4.23 -45.08 24.24
C GLN A 226 -5.30 -44.77 23.20
N PHE A 227 -6.21 -43.86 23.56
CA PHE A 227 -7.30 -43.52 22.66
C PHE A 227 -6.76 -43.02 21.32
N ARG A 228 -5.69 -42.24 21.34
CA ARG A 228 -5.10 -41.76 20.09
C ARG A 228 -4.53 -42.92 19.28
N ASP A 229 -3.91 -43.89 19.94
CA ASP A 229 -3.31 -45.04 19.27
C ASP A 229 -4.28 -46.20 19.12
N HIS A 230 -5.54 -46.04 19.52
CA HIS A 230 -6.54 -47.10 19.40
C HIS A 230 -7.24 -47.10 18.05
N LEU A 231 -6.83 -46.23 17.12
CA LEU A 231 -7.48 -46.17 15.81
C LEU A 231 -7.42 -47.52 15.13
N GLU A 232 -8.56 -47.94 14.56
CA GLU A 232 -8.61 -49.22 13.86
C GLU A 232 -7.88 -49.18 12.52
N GLU A 233 -7.73 -47.99 11.93
CA GLU A 233 -7.07 -47.88 10.64
C GLU A 233 -5.58 -48.19 10.71
N VAL A 234 -5.00 -48.23 11.92
CA VAL A 234 -3.57 -48.49 12.10
C VAL A 234 -3.42 -49.78 12.90
N LEU A 235 -2.45 -50.61 12.51
CA LEU A 235 -2.19 -51.85 13.22
C LEU A 235 -1.76 -51.55 14.65
N LYS A 236 -2.31 -52.31 15.60
CA LYS A 236 -2.02 -52.13 17.01
C LYS A 236 -1.73 -53.48 17.65
N GLY A 237 -0.96 -53.46 18.72
CA GLY A 237 -0.68 -54.70 19.44
C GLY A 237 -1.95 -55.31 19.98
N GLY A 238 -2.00 -56.64 20.00
CA GLY A 238 -3.16 -57.36 20.45
C GLY A 238 -4.24 -57.56 19.41
N ASP A 239 -4.01 -57.13 18.17
CA ASP A 239 -4.96 -57.32 17.08
C ASP A 239 -4.57 -58.55 16.27
N VAL A 240 -5.57 -59.31 15.82
CA VAL A 240 -5.35 -60.55 15.11
C VAL A 240 -5.65 -60.35 13.64
N VAL A 241 -4.74 -60.82 12.79
CA VAL A 241 -4.87 -60.72 11.34
C VAL A 241 -4.30 -61.99 10.71
N ARG A 242 -4.38 -62.08 9.39
CA ARG A 242 -3.85 -63.20 8.64
C ARG A 242 -2.77 -62.70 7.68
N LEU A 243 -1.69 -63.48 7.58
CA LEU A 243 -0.58 -63.17 6.68
C LEU A 243 -0.72 -64.04 5.43
N PHE A 244 -0.74 -63.39 4.27
CA PHE A 244 -0.93 -64.06 2.99
C PHE A 244 0.28 -63.83 2.10
N HIS A 245 0.74 -64.88 1.43
CA HIS A 245 1.86 -64.82 0.52
C HIS A 245 1.35 -64.66 -0.91
N ALA A 246 1.87 -63.66 -1.62
CA ALA A 246 1.39 -63.35 -2.95
C ALA A 246 1.89 -64.36 -3.98
N GLU A 247 3.22 -64.55 -4.06
CA GLU A 247 3.77 -65.45 -5.07
C GLU A 247 3.27 -66.86 -4.88
N GLN A 248 3.31 -67.37 -3.64
CA GLN A 248 2.86 -68.72 -3.36
C GLN A 248 1.33 -68.84 -3.30
N GLU A 249 0.63 -67.73 -3.08
CA GLU A 249 -0.82 -67.75 -2.96
C GLU A 249 -1.27 -68.75 -1.89
N LYS A 250 -0.62 -68.66 -0.72
CA LYS A 250 -0.86 -69.58 0.37
C LYS A 250 -0.86 -68.82 1.68
N PHE A 251 -1.37 -69.47 2.73
CA PHE A 251 -1.50 -68.88 4.05
C PHE A 251 -0.58 -69.57 5.04
N LEU A 252 0.05 -68.77 5.90
CA LEU A 252 0.89 -69.31 6.96
C LEU A 252 0.02 -69.82 8.11
N THR A 253 0.46 -70.93 8.72
CA THR A 253 -0.33 -71.56 9.77
C THR A 253 0.62 -72.32 10.70
N CYS A 254 0.12 -72.62 11.89
CA CYS A 254 0.84 -73.43 12.86
C CYS A 254 -0.07 -74.56 13.32
N ASP A 255 0.43 -75.80 13.24
CA ASP A 255 -0.39 -76.96 13.58
C ASP A 255 0.50 -78.07 14.13
N GLU A 256 -0.15 -79.01 14.81
CA GLU A 256 0.54 -80.17 15.38
C GLU A 256 0.52 -81.29 14.35
N TYR A 257 1.57 -81.34 13.51
CA TYR A 257 1.62 -82.33 12.46
C TYR A 257 1.65 -83.75 13.01
N LYS A 258 2.69 -84.09 13.76
CA LYS A 258 2.90 -85.43 14.30
C LYS A 258 3.19 -85.37 15.79
N GLY A 259 2.38 -84.59 16.52
CA GLY A 259 2.55 -84.42 17.94
C GLY A 259 3.44 -83.26 18.33
N LYS A 260 4.04 -82.57 17.36
CA LYS A 260 4.88 -81.41 17.63
C LYS A 260 4.38 -80.24 16.79
N LEU A 261 4.32 -79.07 17.41
CA LEU A 261 3.83 -77.88 16.72
C LEU A 261 4.85 -77.42 15.69
N GLN A 262 4.37 -77.13 14.48
CA GLN A 262 5.22 -76.68 13.39
C GLN A 262 4.50 -75.58 12.61
N VAL A 263 5.28 -74.66 12.06
CA VAL A 263 4.78 -73.55 11.27
C VAL A 263 5.08 -73.82 9.81
N PHE A 264 4.08 -73.63 8.95
CA PHE A 264 4.21 -73.98 7.54
C PHE A 264 3.30 -73.10 6.70
N LEU A 265 3.63 -73.01 5.41
CA LEU A 265 2.80 -72.32 4.43
C LEU A 265 1.89 -73.35 3.79
N ARG A 266 0.64 -73.41 4.25
CA ARG A 266 -0.26 -74.48 3.83
C ARG A 266 -0.71 -74.27 2.40
N THR A 267 -0.64 -75.34 1.59
CA THR A 267 -1.13 -75.29 0.23
C THR A 267 -2.64 -75.57 0.19
N THR A 268 -3.31 -74.91 -0.74
CA THR A 268 -4.75 -75.03 -0.90
C THR A 268 -5.08 -75.44 -2.32
N LEU A 269 -6.01 -76.38 -2.46
CA LEU A 269 -6.49 -76.82 -3.76
C LEU A 269 -7.73 -76.07 -4.23
N ARG A 270 -8.19 -75.09 -3.46
CA ARG A 270 -9.37 -74.31 -3.84
C ARG A 270 -9.06 -73.43 -5.05
N GLN A 271 -10.13 -73.00 -5.72
CA GLN A 271 -10.01 -72.08 -6.84
C GLN A 271 -9.95 -70.62 -6.40
N SER A 272 -10.09 -70.35 -5.10
CA SER A 272 -10.02 -69.00 -4.56
C SER A 272 -9.13 -69.03 -3.32
N ALA A 273 -7.93 -68.48 -3.45
CA ALA A 273 -6.97 -68.50 -2.34
C ALA A 273 -7.51 -67.73 -1.15
N THR A 274 -8.15 -66.59 -1.39
CA THR A 274 -8.65 -65.77 -0.28
C THR A 274 -9.64 -66.54 0.58
N SER A 275 -10.36 -67.50 -0.01
CA SER A 275 -11.33 -68.28 0.75
C SER A 275 -10.68 -69.39 1.57
N ALA A 276 -9.39 -69.64 1.39
CA ALA A 276 -8.68 -70.68 2.14
C ALA A 276 -8.22 -70.10 3.48
N THR A 277 -9.19 -69.88 4.36
CA THR A 277 -8.96 -69.29 5.67
C THR A 277 -9.34 -70.30 6.74
N SER A 278 -8.46 -70.46 7.73
CA SER A 278 -8.67 -71.37 8.83
C SER A 278 -8.40 -70.64 10.15
N SER A 279 -9.09 -71.07 11.21
CA SER A 279 -8.93 -70.44 12.51
C SER A 279 -7.50 -70.61 13.02
N ASN A 280 -6.91 -71.78 12.80
CA ASN A 280 -5.54 -72.03 13.25
C ASN A 280 -4.52 -71.17 12.52
N ALA A 281 -4.89 -70.53 11.42
CA ALA A 281 -4.00 -69.66 10.67
C ALA A 281 -4.06 -68.21 11.15
N LEU A 282 -4.86 -67.92 12.18
CA LEU A 282 -4.97 -66.57 12.71
C LEU A 282 -3.70 -66.23 13.49
N TRP A 283 -3.20 -65.00 13.28
CA TRP A 283 -2.01 -64.52 13.97
C TRP A 283 -2.31 -63.18 14.63
N GLU A 284 -1.64 -62.92 15.74
CA GLU A 284 -1.79 -61.70 16.51
C GLU A 284 -0.45 -60.95 16.55
N VAL A 285 -0.53 -59.62 16.53
CA VAL A 285 0.65 -58.77 16.53
C VAL A 285 0.86 -58.23 17.94
N GLU A 286 2.10 -58.31 18.43
CA GLU A 286 2.47 -57.81 19.74
C GLU A 286 3.55 -56.75 19.57
N VAL A 287 3.38 -55.63 20.27
CA VAL A 287 4.32 -54.51 20.20
C VAL A 287 5.21 -54.54 21.42
N VAL A 288 6.46 -54.14 21.25
CA VAL A 288 7.45 -54.13 22.32
C VAL A 288 7.61 -52.69 22.81
N HIS A 289 7.40 -52.50 24.11
CA HIS A 289 7.53 -51.19 24.74
C HIS A 289 8.33 -51.33 26.03
N HIS A 290 8.71 -50.19 26.59
CA HIS A 290 9.47 -50.19 27.84
C HIS A 290 8.68 -50.86 28.96
N ASP A 291 7.40 -50.53 29.07
CA ASP A 291 6.54 -51.17 30.07
C ASP A 291 6.03 -52.49 29.52
N PRO A 292 6.25 -53.62 30.21
CA PRO A 292 5.79 -54.90 29.66
C PRO A 292 4.29 -54.95 29.43
N CYS A 293 3.51 -54.25 30.22
CA CYS A 293 2.06 -54.24 30.08
C CYS A 293 1.56 -53.20 29.08
N ARG A 294 2.45 -52.44 28.46
CA ARG A 294 2.09 -51.41 27.51
C ARG A 294 2.26 -51.93 26.10
N GLY A 295 1.18 -51.93 25.32
CA GLY A 295 1.23 -52.37 23.93
C GLY A 295 1.24 -51.21 22.95
N GLY A 296 0.36 -50.23 23.19
CA GLY A 296 0.31 -49.08 22.30
C GLY A 296 -0.02 -49.49 20.87
N ALA A 297 0.48 -48.69 19.93
CA ALA A 297 0.35 -48.96 18.50
C ALA A 297 1.73 -49.04 17.89
N GLY A 298 1.95 -50.04 17.05
CA GLY A 298 3.28 -50.29 16.51
C GLY A 298 3.66 -49.21 15.50
N HIS A 299 4.91 -48.74 15.59
CA HIS A 299 5.47 -47.81 14.63
C HIS A 299 6.31 -48.58 13.60
N TRP A 300 6.59 -47.91 12.48
CA TRP A 300 7.38 -48.54 11.42
C TRP A 300 8.80 -48.83 11.85
N ASN A 301 9.27 -48.21 12.95
CA ASN A 301 10.62 -48.43 13.47
C ASN A 301 10.59 -49.12 14.84
N GLY A 302 9.56 -49.93 15.09
CA GLY A 302 9.41 -50.61 16.36
C GLY A 302 9.45 -52.12 16.18
N LEU A 303 9.99 -52.79 17.19
CA LEU A 303 10.06 -54.24 17.17
C LEU A 303 8.66 -54.85 17.28
N TYR A 304 8.46 -55.98 16.61
CA TYR A 304 7.17 -56.65 16.58
C TYR A 304 7.37 -58.13 16.89
N ARG A 305 6.30 -58.74 17.40
CA ARG A 305 6.25 -60.18 17.65
C ARG A 305 4.95 -60.74 17.11
N PHE A 306 4.98 -62.01 16.72
CA PHE A 306 3.81 -62.71 16.20
C PHE A 306 3.41 -63.81 17.16
N LYS A 307 2.11 -63.91 17.43
CA LYS A 307 1.56 -64.87 18.38
C LYS A 307 0.46 -65.68 17.71
N HIS A 308 0.31 -66.92 18.14
CA HIS A 308 -0.75 -67.79 17.64
C HIS A 308 -1.98 -67.64 18.52
N LEU A 309 -3.11 -67.30 17.91
CA LEU A 309 -4.34 -67.04 18.65
C LEU A 309 -4.94 -68.30 19.27
N ALA A 310 -4.50 -69.48 18.86
CA ALA A 310 -5.04 -70.74 19.36
C ALA A 310 -4.02 -71.49 20.23
N THR A 311 -2.84 -71.78 19.68
CA THR A 311 -1.83 -72.49 20.45
C THR A 311 -1.13 -71.58 21.45
N GLY A 312 -1.03 -70.28 21.16
CA GLY A 312 -0.37 -69.33 22.02
C GLY A 312 1.12 -69.21 21.80
N ASN A 313 1.71 -70.03 20.95
CA ASN A 313 3.13 -69.95 20.67
C ASN A 313 3.42 -68.80 19.71
N TYR A 314 4.63 -68.27 19.80
CA TYR A 314 5.06 -67.13 19.01
C TYR A 314 6.00 -67.58 17.89
N LEU A 315 5.91 -66.91 16.75
CA LEU A 315 6.76 -67.23 15.61
C LEU A 315 8.20 -66.86 15.91
N ALA A 316 9.13 -67.68 15.43
CA ALA A 316 10.56 -67.41 15.59
C ALA A 316 11.31 -68.22 14.55
N ALA A 317 12.61 -67.97 14.46
CA ALA A 317 13.49 -68.68 13.54
C ALA A 317 14.62 -69.34 14.34
N GLU A 318 14.89 -70.60 14.05
CA GLU A 318 15.92 -71.36 14.75
C GLU A 318 16.74 -72.15 13.75
N GLU A 319 17.96 -72.49 14.15
CA GLU A 319 18.90 -73.20 13.30
C GLU A 319 18.22 -74.35 12.57
N ASN A 320 18.28 -74.31 11.23
CA ASN A 320 17.64 -75.33 10.41
C ASN A 320 18.56 -76.53 10.27
N PRO A 321 18.11 -77.75 10.61
CA PRO A 321 18.95 -78.94 10.41
C PRO A 321 19.43 -79.09 8.97
N ILE A 350 19.17 -73.12 3.21
CA ILE A 350 18.58 -72.45 4.37
C ILE A 350 19.42 -72.74 5.61
N LYS A 351 19.69 -71.68 6.39
CA LYS A 351 20.37 -71.81 7.67
C LYS A 351 19.44 -71.76 8.85
N TYR A 352 18.30 -71.08 8.72
CA TYR A 352 17.33 -70.96 9.81
C TYR A 352 15.94 -71.26 9.26
N CYS A 353 15.16 -72.01 10.04
CA CYS A 353 13.79 -72.36 9.69
C CYS A 353 12.83 -71.75 10.70
N LEU A 354 11.63 -71.44 10.23
CA LEU A 354 10.60 -70.82 11.06
C LEU A 354 9.87 -71.89 11.87
N VAL A 355 9.72 -71.64 13.17
CA VAL A 355 9.05 -72.54 14.09
C VAL A 355 8.29 -71.70 15.11
N ALA A 356 7.62 -72.38 16.03
CA ALA A 356 6.85 -71.74 17.09
C ALA A 356 7.49 -72.04 18.44
N VAL A 357 7.57 -71.01 19.28
CA VAL A 357 8.18 -71.14 20.61
C VAL A 357 7.12 -70.88 21.67
N PRO A 358 7.26 -71.43 22.87
CA PRO A 358 6.19 -71.30 23.87
C PRO A 358 6.16 -69.94 24.55
N HIS A 359 7.31 -69.28 24.67
CA HIS A 359 7.41 -68.01 25.38
C HIS A 359 8.10 -66.97 24.51
N GLY A 360 7.72 -65.72 24.69
CA GLY A 360 8.28 -64.62 23.94
C GLY A 360 9.32 -63.84 24.70
N ASN A 361 9.88 -64.44 25.76
CA ASN A 361 10.89 -63.79 26.58
C ASN A 361 12.29 -63.92 26.01
N ASP A 362 12.42 -64.21 24.71
CA ASP A 362 13.70 -64.35 24.05
C ASP A 362 13.70 -63.55 22.77
N ILE A 363 14.88 -63.05 22.39
CA ILE A 363 15.03 -62.24 21.20
C ILE A 363 14.68 -62.99 19.93
N ALA A 364 14.59 -64.33 19.98
CA ALA A 364 14.28 -65.10 18.79
C ALA A 364 12.90 -64.72 18.25
N SER A 365 11.91 -64.56 19.14
CA SER A 365 10.56 -64.23 18.69
C SER A 365 10.48 -62.85 18.06
N LEU A 366 11.44 -61.97 18.33
CA LEU A 366 11.37 -60.61 17.80
C LEU A 366 11.43 -60.62 16.28
N PHE A 367 10.67 -59.71 15.67
CA PHE A 367 10.63 -59.58 14.23
C PHE A 367 10.38 -58.11 13.88
N GLU A 368 10.74 -57.76 12.65
CA GLU A 368 10.49 -56.41 12.14
C GLU A 368 9.83 -56.50 10.77
N LEU A 369 9.04 -55.48 10.45
CA LEU A 369 8.28 -55.41 9.21
C LEU A 369 8.90 -54.34 8.33
N ASP A 370 9.65 -54.76 7.31
CA ASP A 370 10.18 -53.84 6.33
C ASP A 370 9.08 -53.47 5.34
N PRO A 371 8.71 -52.21 5.18
CA PRO A 371 7.67 -51.86 4.22
C PRO A 371 8.11 -52.12 2.79
N THR A 372 7.17 -52.58 1.97
CA THR A 372 7.45 -52.79 0.55
C THR A 372 7.45 -51.47 -0.21
N THR A 373 6.57 -50.55 0.16
CA THR A 373 6.44 -49.26 -0.49
C THR A 373 6.84 -48.15 0.47
N LEU A 374 6.68 -46.91 0.02
CA LEU A 374 7.02 -45.76 0.83
C LEU A 374 6.10 -45.65 2.04
N GLN A 375 6.64 -45.15 3.14
CA GLN A 375 5.90 -44.99 4.39
C GLN A 375 6.08 -43.57 4.90
N LYS A 376 5.12 -43.13 5.71
CA LYS A 376 5.13 -41.77 6.27
C LYS A 376 6.02 -41.75 7.50
N THR A 377 7.33 -41.75 7.25
CA THR A 377 8.36 -41.69 8.30
C THR A 377 8.05 -42.78 9.32
N ASP A 378 7.96 -42.47 10.61
CA ASP A 378 7.70 -43.46 11.65
C ASP A 378 6.22 -43.54 12.02
N SER A 379 5.33 -43.29 11.06
CA SER A 379 3.90 -43.33 11.33
C SER A 379 3.46 -44.75 11.65
N PHE A 380 2.34 -44.85 12.35
CA PHE A 380 1.80 -46.15 12.72
C PHE A 380 1.49 -46.98 11.49
N VAL A 381 1.78 -48.28 11.57
CA VAL A 381 1.62 -49.16 10.41
C VAL A 381 0.13 -49.25 10.07
N PRO A 382 -0.27 -49.00 8.82
CA PRO A 382 -1.67 -49.17 8.46
C PRO A 382 -2.03 -50.63 8.25
N ARG A 383 -3.27 -50.97 8.63
CA ARG A 383 -3.73 -52.34 8.48
C ARG A 383 -3.92 -52.68 7.01
N ASN A 384 -3.67 -53.95 6.68
CA ASN A 384 -3.80 -54.45 5.32
C ASN A 384 -2.78 -53.76 4.39
N SER A 385 -1.52 -53.86 4.77
CA SER A 385 -0.42 -53.29 4.00
C SER A 385 0.67 -54.34 3.83
N TYR A 386 1.22 -54.41 2.61
CA TYR A 386 2.28 -55.37 2.33
C TYR A 386 3.51 -55.06 3.17
N VAL A 387 4.13 -56.12 3.70
CA VAL A 387 5.32 -56.01 4.53
C VAL A 387 6.22 -57.21 4.28
N ARG A 388 7.48 -57.09 4.69
CA ARG A 388 8.44 -58.19 4.62
C ARG A 388 8.94 -58.49 6.03
N LEU A 389 8.86 -59.75 6.43
CA LEU A 389 9.31 -60.15 7.76
C LEU A 389 10.83 -60.25 7.78
N ARG A 390 11.44 -59.68 8.82
CA ARG A 390 12.88 -59.77 9.02
C ARG A 390 13.16 -60.19 10.45
N HIS A 391 14.10 -61.11 10.62
CA HIS A 391 14.49 -61.64 11.92
C HIS A 391 15.75 -60.90 12.38
N LEU A 392 15.59 -60.02 13.38
CA LEU A 392 16.71 -59.21 13.84
C LEU A 392 17.63 -59.94 14.81
N CYS A 393 17.19 -61.08 15.37
CA CYS A 393 18.02 -61.79 16.33
C CYS A 393 19.31 -62.28 15.68
N THR A 394 19.23 -62.82 14.47
CA THR A 394 20.40 -63.31 13.76
C THR A 394 20.62 -62.57 12.45
N ASN A 395 19.90 -61.48 12.20
CA ASN A 395 20.08 -60.65 11.01
C ASN A 395 19.93 -61.49 9.74
N THR A 396 18.79 -62.18 9.64
CA THR A 396 18.47 -62.97 8.48
C THR A 396 17.10 -62.57 7.96
N TRP A 397 16.90 -62.74 6.65
CA TRP A 397 15.68 -62.32 5.97
C TRP A 397 14.81 -63.54 5.69
N ILE A 398 13.53 -63.42 6.04
CA ILE A 398 12.60 -64.53 5.84
C ILE A 398 12.37 -64.74 4.35
N GLN A 399 12.15 -66.00 3.97
CA GLN A 399 11.89 -66.36 2.58
C GLN A 399 10.94 -67.55 2.57
N SER A 400 10.53 -67.96 1.37
CA SER A 400 9.63 -69.08 1.18
C SER A 400 10.26 -70.09 0.22
N THR A 401 10.04 -71.38 0.51
CA THR A 401 10.57 -72.46 -0.30
C THR A 401 9.48 -73.49 -0.54
N ASN A 402 9.64 -74.25 -1.63
CA ASN A 402 8.69 -75.26 -2.03
C ASN A 402 8.93 -76.61 -1.38
N VAL A 403 9.95 -76.73 -0.53
CA VAL A 403 10.26 -77.99 0.13
C VAL A 403 9.16 -78.28 1.16
N PRO A 404 8.41 -79.36 1.03
CA PRO A 404 7.36 -79.64 2.02
C PRO A 404 7.93 -80.07 3.36
N ILE A 405 7.15 -79.80 4.42
CA ILE A 405 7.51 -80.27 5.75
C ILE A 405 6.86 -81.62 6.07
N ASP A 406 5.83 -82.02 5.32
CA ASP A 406 5.12 -83.27 5.58
C ASP A 406 5.24 -84.20 4.38
N ILE A 407 6.45 -84.36 3.85
CA ILE A 407 6.66 -85.21 2.70
C ILE A 407 6.25 -86.66 2.98
N GLU A 408 6.15 -87.04 4.25
CA GLU A 408 5.77 -88.41 4.58
C GLU A 408 4.41 -88.77 4.03
N GLU A 409 3.50 -87.80 3.92
CA GLU A 409 2.15 -88.04 3.44
C GLU A 409 2.05 -87.65 1.97
N GLU A 410 1.34 -88.47 1.20
CA GLU A 410 1.17 -88.20 -0.22
C GLU A 410 0.49 -86.85 -0.43
N ARG A 411 0.94 -86.11 -1.45
CA ARG A 411 0.43 -84.78 -1.74
C ARG A 411 0.58 -83.90 -0.51
N PRO A 412 1.80 -83.58 -0.10
CA PRO A 412 1.99 -82.76 1.10
C PRO A 412 1.41 -81.37 0.93
N ILE A 413 0.94 -80.80 2.04
CA ILE A 413 0.41 -79.46 2.07
C ILE A 413 1.30 -78.49 2.84
N ARG A 414 1.96 -78.94 3.90
CA ARG A 414 2.82 -78.07 4.68
C ARG A 414 4.09 -77.77 3.89
N LEU A 415 4.47 -76.49 3.85
CA LEU A 415 5.64 -76.03 3.11
C LEU A 415 6.59 -75.30 4.04
N MET A 416 7.88 -75.55 3.86
CA MET A 416 8.89 -74.94 4.69
C MET A 416 9.05 -73.45 4.37
N LEU A 417 9.34 -72.66 5.40
CA LEU A 417 9.60 -71.23 5.27
C LEU A 417 10.92 -70.94 5.98
N GLY A 418 12.01 -70.95 5.22
CA GLY A 418 13.33 -70.70 5.77
C GLY A 418 13.71 -69.23 5.73
N THR A 419 15.00 -68.99 5.92
CA THR A 419 15.56 -67.64 5.91
C THR A 419 16.75 -67.59 4.98
N CYS A 420 16.99 -66.42 4.41
CA CYS A 420 18.09 -66.19 3.49
C CYS A 420 18.93 -65.02 3.97
N PRO A 421 20.26 -65.10 3.87
CA PRO A 421 21.08 -63.95 4.30
C PRO A 421 20.77 -62.67 3.55
N THR A 422 20.42 -62.76 2.28
CA THR A 422 20.09 -61.59 1.48
C THR A 422 18.59 -61.34 1.51
N LYS A 423 18.20 -60.16 1.03
CA LYS A 423 16.80 -59.74 1.01
C LYS A 423 16.22 -59.95 -0.38
N GLU A 424 15.00 -60.49 -0.43
CA GLU A 424 14.28 -60.70 -1.67
C GLU A 424 12.99 -59.89 -1.63
N ASP A 425 12.74 -59.14 -2.71
CA ASP A 425 11.55 -58.29 -2.77
C ASP A 425 10.27 -59.08 -2.97
N LYS A 426 10.37 -60.32 -3.46
CA LYS A 426 9.18 -61.12 -3.71
C LYS A 426 8.59 -61.72 -2.43
N GLU A 427 9.37 -61.77 -1.35
CA GLU A 427 8.90 -62.34 -0.08
C GLU A 427 8.19 -61.26 0.74
N ALA A 428 7.02 -60.87 0.24
CA ALA A 428 6.19 -59.86 0.87
C ALA A 428 4.88 -60.51 1.33
N PHE A 429 4.51 -60.25 2.58
CA PHE A 429 3.31 -60.80 3.19
C PHE A 429 2.28 -59.70 3.36
N ALA A 430 1.05 -59.97 2.92
CA ALA A 430 -0.06 -59.03 3.02
C ALA A 430 -0.89 -59.35 4.26
N ILE A 431 -1.43 -58.31 4.88
CA ILE A 431 -2.21 -58.42 6.11
C ILE A 431 -3.68 -58.43 5.75
N VAL A 432 -4.45 -59.29 6.41
CA VAL A 432 -5.89 -59.41 6.19
C VAL A 432 -6.59 -59.31 7.55
N SER A 433 -7.63 -58.47 7.62
CA SER A 433 -8.35 -58.27 8.86
C SER A 433 -9.21 -59.48 9.19
N VAL A 434 -9.64 -59.55 10.44
CA VAL A 434 -10.44 -60.67 10.94
C VAL A 434 -11.62 -60.13 11.74
N PRO A 435 -12.84 -60.59 11.51
CA PRO A 435 -13.98 -60.10 12.31
C PRO A 435 -13.92 -60.62 13.74
N VAL A 436 -14.57 -59.87 14.64
CA VAL A 436 -14.59 -60.23 16.04
C VAL A 436 -15.30 -61.56 16.27
N SER A 437 -16.23 -61.92 15.38
CA SER A 437 -16.96 -63.17 15.54
C SER A 437 -16.01 -64.36 15.52
N GLU A 438 -15.02 -64.33 14.61
CA GLU A 438 -14.05 -65.43 14.56
C GLU A 438 -13.27 -65.54 15.86
N ILE A 439 -12.85 -64.40 16.42
CA ILE A 439 -12.11 -64.42 17.67
C ILE A 439 -12.96 -65.00 18.79
N ARG A 440 -14.21 -64.55 18.89
CA ARG A 440 -15.09 -65.08 19.93
C ARG A 440 -15.30 -66.57 19.78
N ASP A 441 -15.55 -67.02 18.55
CA ASP A 441 -15.76 -68.45 18.31
C ASP A 441 -14.52 -69.25 18.66
N LEU A 442 -13.34 -68.76 18.28
CA LEU A 442 -12.11 -69.49 18.58
C LEU A 442 -11.86 -69.56 20.08
N ASP A 443 -12.10 -68.46 20.80
CA ASP A 443 -11.91 -68.48 22.24
C ASP A 443 -12.87 -69.45 22.91
N PHE A 444 -14.15 -69.42 22.49
CA PHE A 444 -15.11 -70.36 23.07
C PHE A 444 -14.73 -71.79 22.76
N ALA A 445 -14.29 -72.07 21.53
CA ALA A 445 -13.88 -73.42 21.17
C ALA A 445 -12.69 -73.88 21.99
N ASN A 446 -11.70 -73.00 22.19
CA ASN A 446 -10.54 -73.38 22.98
C ASN A 446 -10.92 -73.67 24.42
N ASP A 447 -11.75 -72.82 25.03
CA ASP A 447 -12.18 -73.06 26.40
C ASP A 447 -12.94 -74.37 26.51
N ALA A 448 -13.88 -74.61 25.57
CA ALA A 448 -14.66 -75.84 25.61
C ALA A 448 -13.77 -77.05 25.43
N SER A 449 -12.78 -76.97 24.54
CA SER A 449 -11.85 -78.08 24.35
C SER A 449 -11.07 -78.34 25.62
N SER A 450 -10.67 -77.28 26.32
CA SER A 450 -9.96 -77.47 27.59
C SER A 450 -10.83 -78.22 28.60
N MET A 451 -12.08 -77.79 28.76
CA MET A 451 -12.93 -78.47 29.74
C MET A 451 -13.24 -79.90 29.31
N LEU A 452 -13.40 -80.14 28.00
CA LEU A 452 -13.67 -81.49 27.52
C LEU A 452 -12.47 -82.40 27.73
N ALA A 453 -11.26 -81.88 27.55
CA ALA A 453 -10.06 -82.66 27.85
C ALA A 453 -9.99 -82.98 29.33
N SER A 454 -10.33 -82.01 30.19
CA SER A 454 -10.36 -82.29 31.62
C SER A 454 -11.39 -83.37 31.94
N ALA A 455 -12.56 -83.30 31.30
CA ALA A 455 -13.59 -84.31 31.53
C ALA A 455 -13.13 -85.69 31.07
N VAL A 456 -12.45 -85.76 29.93
CA VAL A 456 -11.93 -87.03 29.43
C VAL A 456 -10.93 -87.59 30.42
N GLU A 457 -10.04 -86.74 30.94
CA GLU A 457 -9.07 -87.19 31.92
C GLU A 457 -9.76 -87.72 33.17
N LYS A 458 -10.80 -87.02 33.63
CA LYS A 458 -11.54 -87.47 34.80
C LYS A 458 -12.21 -88.81 34.55
N LEU A 459 -12.81 -88.98 33.38
CA LEU A 459 -13.47 -90.24 33.06
C LEU A 459 -12.46 -91.39 32.99
N ASN A 460 -11.30 -91.14 32.40
CA ASN A 460 -10.27 -92.18 32.31
C ASN A 460 -9.76 -92.57 33.68
N GLU A 461 -9.90 -91.71 34.69
CA GLU A 461 -9.47 -92.02 36.04
C GLU A 461 -10.38 -93.01 36.76
N GLY A 462 -11.55 -93.31 36.20
CA GLY A 462 -12.46 -94.25 36.81
C GLY A 462 -13.37 -93.68 37.88
N PHE A 463 -13.39 -92.36 38.05
CA PHE A 463 -14.25 -91.73 39.05
C PHE A 463 -14.51 -90.30 38.66
N ILE A 464 -15.78 -89.92 38.60
CA ILE A 464 -16.19 -88.56 38.29
C ILE A 464 -17.23 -88.13 39.32
N SER A 465 -17.07 -86.93 39.85
CA SER A 465 -18.01 -86.40 40.84
C SER A 465 -19.32 -86.01 40.17
N GLN A 466 -20.38 -85.96 40.97
CA GLN A 466 -21.69 -85.57 40.46
C GLN A 466 -21.65 -84.15 39.90
N ASN A 467 -21.00 -83.24 40.61
CA ASN A 467 -20.88 -81.87 40.11
C ASN A 467 -20.10 -81.83 38.80
N ASP A 468 -19.02 -82.61 38.70
CA ASP A 468 -18.27 -82.68 37.47
C ASP A 468 -19.12 -83.22 36.32
N ARG A 469 -19.93 -84.25 36.60
CA ARG A 469 -20.82 -84.78 35.57
C ARG A 469 -21.83 -83.73 35.12
N ARG A 470 -22.39 -82.97 36.07
CA ARG A 470 -23.33 -81.93 35.71
C ARG A 470 -22.66 -80.86 34.86
N PHE A 471 -21.42 -80.48 35.21
CA PHE A 471 -20.70 -79.50 34.41
C PHE A 471 -20.45 -80.01 33.00
N VAL A 472 -20.06 -81.28 32.88
CA VAL A 472 -19.82 -81.85 31.55
C VAL A 472 -21.11 -81.87 30.73
N ILE A 473 -22.22 -82.24 31.36
CA ILE A 473 -23.50 -82.26 30.66
C ILE A 473 -23.87 -80.86 30.20
N GLN A 474 -23.68 -79.86 31.06
CA GLN A 474 -23.99 -78.49 30.69
C GLN A 474 -23.11 -78.02 29.53
N LEU A 475 -21.82 -78.38 29.56
CA LEU A 475 -20.94 -78.00 28.47
C LEU A 475 -21.37 -78.64 27.17
N LEU A 476 -21.75 -79.92 27.21
CA LEU A 476 -22.25 -80.57 26.00
C LEU A 476 -23.53 -79.91 25.52
N GLU A 477 -24.38 -79.45 26.44
CA GLU A 477 -25.58 -78.72 26.06
C GLU A 477 -25.24 -77.45 25.30
N ASP A 478 -24.31 -76.66 25.85
CA ASP A 478 -23.92 -75.42 25.17
C ASP A 478 -23.27 -75.72 23.84
N LEU A 479 -22.49 -76.80 23.75
CA LEU A 479 -21.88 -77.18 22.48
C LEU A 479 -22.95 -77.54 21.45
N VAL A 480 -23.97 -78.29 21.86
CA VAL A 480 -25.07 -78.61 20.96
C VAL A 480 -25.73 -77.34 20.46
N PHE A 481 -26.00 -76.40 21.38
CA PHE A 481 -26.62 -75.16 20.97
C PHE A 481 -25.74 -74.39 19.98
N PHE A 482 -24.43 -74.37 20.24
CA PHE A 482 -23.51 -73.65 19.36
C PHE A 482 -23.48 -74.27 17.96
N VAL A 483 -23.41 -75.60 17.90
CA VAL A 483 -23.38 -76.27 16.59
C VAL A 483 -24.68 -76.02 15.85
N SER A 484 -25.82 -76.19 16.54
CA SER A 484 -27.10 -75.96 15.90
C SER A 484 -27.32 -74.49 15.54
N ASP A 485 -26.64 -73.57 16.22
CA ASP A 485 -26.80 -72.14 15.96
C ASP A 485 -28.24 -71.70 16.13
N VAL A 486 -28.90 -72.26 17.15
CA VAL A 486 -30.29 -71.92 17.45
C VAL A 486 -30.35 -71.33 18.86
N PRO A 487 -31.11 -70.26 19.09
CA PRO A 487 -31.20 -69.71 20.44
C PRO A 487 -31.77 -70.73 21.43
N ASN A 488 -31.28 -70.66 22.67
CA ASN A 488 -31.73 -71.55 23.73
C ASN A 488 -33.06 -71.03 24.27
N ASN A 489 -34.16 -71.67 23.87
CA ASN A 489 -35.50 -71.29 24.29
C ASN A 489 -36.21 -72.41 25.05
N GLY A 490 -35.46 -73.36 25.60
CA GLY A 490 -36.04 -74.45 26.35
C GLY A 490 -36.47 -75.64 25.53
N GLN A 491 -36.39 -75.57 24.20
CA GLN A 491 -36.77 -76.69 23.37
C GLN A 491 -35.86 -77.88 23.64
N ASN A 492 -36.42 -79.09 23.52
CA ASN A 492 -35.64 -80.30 23.72
C ASN A 492 -34.49 -80.33 22.73
N VAL A 493 -33.26 -80.18 23.25
CA VAL A 493 -32.10 -80.15 22.38
C VAL A 493 -31.89 -81.49 21.69
N LEU A 494 -32.31 -82.58 22.33
CA LEU A 494 -32.21 -83.89 21.72
C LEU A 494 -32.91 -83.94 20.37
N ASP A 495 -33.96 -83.14 20.20
CA ASP A 495 -34.70 -83.05 18.95
C ASP A 495 -34.52 -81.69 18.29
N ILE A 496 -33.42 -80.99 18.59
CA ILE A 496 -33.20 -79.67 18.00
C ILE A 496 -33.07 -79.80 16.49
N MET A 497 -33.55 -78.79 15.77
CA MET A 497 -33.61 -78.80 14.31
C MET A 497 -32.95 -77.53 13.80
N VAL A 498 -31.97 -77.69 12.91
CA VAL A 498 -31.20 -76.58 12.36
C VAL A 498 -31.48 -76.51 10.86
N THR A 499 -31.94 -75.33 10.41
CA THR A 499 -32.32 -75.18 9.01
C THR A 499 -31.11 -75.14 8.09
N LYS A 500 -30.08 -74.37 8.47
CA LYS A 500 -28.90 -74.18 7.64
C LYS A 500 -27.66 -74.38 8.51
N PRO A 501 -26.84 -75.40 8.26
CA PRO A 501 -25.63 -75.57 9.06
C PRO A 501 -24.65 -74.44 8.81
N ASN A 502 -23.85 -74.14 9.83
CA ASN A 502 -22.82 -73.11 9.77
C ASN A 502 -21.49 -73.80 9.42
N ARG A 503 -21.03 -73.58 8.18
CA ARG A 503 -19.81 -74.24 7.73
C ARG A 503 -18.60 -73.80 8.56
N GLU A 504 -18.51 -72.51 8.89
CA GLU A 504 -17.37 -72.03 9.65
C GLU A 504 -17.31 -72.68 11.02
N ARG A 505 -18.45 -72.80 11.70
CA ARG A 505 -18.46 -73.43 13.02
C ARG A 505 -18.04 -74.88 12.94
N GLN A 506 -18.53 -75.61 11.94
CA GLN A 506 -18.16 -77.02 11.78
C GLN A 506 -16.66 -77.16 11.52
N LYS A 507 -16.11 -76.30 10.66
CA LYS A 507 -14.67 -76.32 10.42
C LYS A 507 -13.90 -76.03 11.69
N LEU A 508 -14.38 -75.07 12.48
CA LEU A 508 -13.73 -74.77 13.75
C LEU A 508 -13.73 -75.98 14.67
N MET A 509 -14.86 -76.67 14.76
CA MET A 509 -14.92 -77.86 15.61
C MET A 509 -13.96 -78.94 15.11
N ARG A 510 -13.91 -79.16 13.80
CA ARG A 510 -13.04 -80.20 13.26
C ARG A 510 -11.57 -79.88 13.51
N GLU A 511 -11.16 -78.63 13.24
CA GLU A 511 -9.75 -78.28 13.32
C GLU A 511 -9.28 -78.14 14.76
N GLN A 512 -10.18 -77.83 15.69
CA GLN A 512 -9.82 -77.66 17.10
C GLN A 512 -9.88 -78.95 17.89
N ASN A 513 -10.17 -80.07 17.23
CA ASN A 513 -10.20 -81.39 17.86
C ASN A 513 -11.33 -81.53 18.87
N ILE A 514 -12.37 -80.70 18.77
CA ILE A 514 -13.52 -80.86 19.66
C ILE A 514 -14.23 -82.18 19.38
N LEU A 515 -14.33 -82.56 18.11
CA LEU A 515 -14.93 -83.85 17.77
C LEU A 515 -14.11 -85.00 18.34
N LYS A 516 -12.78 -84.85 18.34
CA LYS A 516 -11.94 -85.86 18.96
C LYS A 516 -12.23 -85.96 20.46
N GLN A 517 -12.45 -84.82 21.11
CA GLN A 517 -12.80 -84.83 22.52
C GLN A 517 -14.15 -85.53 22.74
N VAL A 518 -15.10 -85.29 21.84
CA VAL A 518 -16.40 -85.95 21.95
C VAL A 518 -16.25 -87.45 21.82
N PHE A 519 -15.43 -87.89 20.85
CA PHE A 519 -15.18 -89.31 20.69
C PHE A 519 -14.52 -89.91 21.93
N GLY A 520 -13.56 -89.19 22.49
CA GLY A 520 -12.93 -89.66 23.71
C GLY A 520 -13.90 -89.78 24.87
N ILE A 521 -14.81 -88.80 24.98
CA ILE A 521 -15.84 -88.87 26.02
C ILE A 521 -16.72 -90.08 25.82
N LEU A 522 -17.10 -90.34 24.56
CA LEU A 522 -17.94 -91.50 24.28
C LEU A 522 -17.22 -92.80 24.63
N LYS A 523 -15.94 -92.89 24.31
CA LYS A 523 -15.18 -94.13 24.48
C LYS A 523 -14.63 -94.33 25.88
N ALA A 524 -14.62 -93.29 26.72
CA ALA A 524 -13.93 -93.40 28.02
C ALA A 524 -14.72 -94.23 29.02
N PRO A 525 -15.99 -93.93 29.31
CA PRO A 525 -16.68 -94.71 30.35
C PRO A 525 -16.70 -96.20 30.09
N PHE A 526 -16.84 -96.61 28.82
CA PHE A 526 -16.87 -98.02 28.48
C PHE A 526 -15.46 -98.60 28.41
N ARG A 527 -14.63 -98.05 27.55
CA ARG A 527 -13.24 -98.49 27.41
C ARG A 527 -13.18 -99.99 27.10
N PRO A 534 -15.87 -101.43 34.22
CA PRO A 534 -15.47 -100.04 34.01
C PRO A 534 -16.44 -99.04 34.64
N LEU A 535 -16.29 -97.76 34.30
CA LEU A 535 -17.17 -96.75 34.85
C LEU A 535 -18.62 -96.99 34.46
N VAL A 536 -18.86 -97.32 33.19
CA VAL A 536 -20.20 -97.58 32.68
C VAL A 536 -20.12 -98.70 31.66
N ARG A 537 -21.22 -99.44 31.53
CA ARG A 537 -21.32 -100.55 30.58
C ARG A 537 -22.56 -100.35 29.71
N LEU A 538 -22.44 -100.77 28.45
CA LEU A 538 -23.54 -100.59 27.50
C LEU A 538 -24.78 -101.36 27.97
N GLU A 539 -24.58 -102.60 28.45
CA GLU A 539 -25.72 -103.40 28.89
C GLU A 539 -26.38 -102.81 30.13
N GLU A 540 -25.61 -102.10 30.96
CA GLU A 540 -26.13 -101.54 32.21
C GLU A 540 -26.74 -100.16 32.03
N LEU A 541 -26.77 -99.62 30.81
CA LEU A 541 -27.36 -98.31 30.59
C LEU A 541 -28.84 -98.29 30.94
N SER A 542 -29.51 -99.43 30.80
CA SER A 542 -30.94 -99.48 31.14
C SER A 542 -31.19 -99.16 32.60
N ASP A 543 -30.23 -99.46 33.47
CA ASP A 543 -30.38 -99.18 34.89
C ASP A 543 -30.51 -97.68 35.11
N GLN A 544 -31.35 -97.31 36.08
CA GLN A 544 -31.61 -95.90 36.36
C GLN A 544 -30.37 -95.18 36.88
N LYS A 545 -29.40 -95.90 37.45
CA LYS A 545 -28.22 -95.27 38.00
C LYS A 545 -27.48 -94.47 36.92
N ASN A 546 -27.21 -95.11 35.77
CA ASN A 546 -26.43 -94.50 34.71
C ASN A 546 -27.28 -93.63 33.78
N ALA A 547 -28.46 -93.21 34.22
CA ALA A 547 -29.30 -92.37 33.37
C ALA A 547 -28.62 -91.06 33.00
N PRO A 548 -28.01 -90.32 33.93
CA PRO A 548 -27.28 -89.11 33.50
C PRO A 548 -26.16 -89.41 32.52
N TYR A 549 -25.48 -90.55 32.68
CA TYR A 549 -24.46 -90.95 31.70
C TYR A 549 -25.11 -91.21 30.34
N GLN A 550 -26.30 -91.81 30.35
CA GLN A 550 -27.03 -92.05 29.12
C GLN A 550 -27.35 -90.73 28.42
N HIS A 551 -27.80 -89.74 29.19
CA HIS A 551 -28.10 -88.43 28.63
C HIS A 551 -26.83 -87.77 28.11
N MET A 552 -25.70 -87.99 28.78
CA MET A 552 -24.43 -87.44 28.32
C MET A 552 -24.05 -88.03 26.96
N PHE A 553 -24.18 -89.34 26.81
CA PHE A 553 -23.90 -89.98 25.53
C PHE A 553 -24.86 -89.47 24.46
N ARG A 554 -26.12 -89.28 24.85
CA ARG A 554 -27.11 -88.69 23.98
C ARG A 554 -26.67 -87.32 23.45
N LEU A 555 -26.21 -86.45 24.35
CA LEU A 555 -25.77 -85.12 23.95
C LEU A 555 -24.55 -85.21 23.05
N CYS A 556 -23.63 -86.13 23.37
CA CYS A 556 -22.44 -86.30 22.55
C CYS A 556 -22.81 -86.73 21.13
N TYR A 557 -23.74 -87.67 21.00
CA TYR A 557 -24.15 -88.12 19.67
C TYR A 557 -24.89 -87.02 18.93
N ARG A 558 -25.67 -86.21 19.64
CA ARG A 558 -26.29 -85.05 18.99
C ARG A 558 -25.22 -84.11 18.44
N VAL A 559 -24.17 -83.87 19.23
CA VAL A 559 -23.07 -83.02 18.78
C VAL A 559 -22.46 -83.61 17.52
N LEU A 560 -22.21 -84.92 17.54
CA LEU A 560 -21.57 -85.57 16.39
C LEU A 560 -22.44 -85.44 15.14
N ARG A 561 -23.75 -85.65 15.29
CA ARG A 561 -24.66 -85.52 14.14
C ARG A 561 -24.71 -84.10 13.62
N HIS A 562 -24.72 -83.10 14.49
CA HIS A 562 -24.90 -81.72 14.07
C HIS A 562 -23.65 -81.10 13.45
N SER A 563 -22.50 -81.76 13.54
CA SER A 563 -21.26 -81.23 12.99
C SER A 563 -20.93 -81.80 11.62
N GLN A 564 -21.79 -82.63 11.05
CA GLN A 564 -21.53 -83.28 9.77
C GLN A 564 -22.72 -83.15 8.83
N GLU A 565 -23.44 -82.03 8.91
CA GLU A 565 -24.61 -81.80 8.07
C GLU A 565 -24.15 -81.11 6.79
N ASP A 566 -24.12 -81.86 5.69
CA ASP A 566 -23.69 -81.34 4.39
C ASP A 566 -22.29 -80.76 4.46
N TYR A 567 -21.35 -81.54 5.00
CA TYR A 567 -19.95 -81.16 5.05
C TYR A 567 -19.12 -82.44 4.91
N ARG A 568 -18.48 -82.60 3.76
CA ARG A 568 -17.80 -83.85 3.46
C ARG A 568 -16.65 -84.12 4.43
N LYS A 569 -15.86 -83.09 4.75
CA LYS A 569 -14.68 -83.32 5.58
C LYS A 569 -15.07 -83.81 6.97
N ASN A 570 -16.05 -83.15 7.59
CA ASN A 570 -16.51 -83.62 8.90
C ASN A 570 -17.13 -85.00 8.81
N GLN A 571 -17.86 -85.28 7.72
CA GLN A 571 -18.47 -86.59 7.56
C GLN A 571 -17.40 -87.67 7.54
N GLU A 572 -16.33 -87.47 6.77
CA GLU A 572 -15.24 -88.44 6.73
C GLU A 572 -14.54 -88.53 8.08
N HIS A 573 -14.32 -87.39 8.74
CA HIS A 573 -13.64 -87.40 10.02
C HIS A 573 -14.41 -88.24 11.03
N ILE A 574 -15.73 -88.09 11.05
CA ILE A 574 -16.55 -88.88 11.97
C ILE A 574 -16.59 -90.34 11.53
N ALA A 575 -16.71 -90.58 10.23
CA ALA A 575 -16.78 -91.95 9.73
C ALA A 575 -15.52 -92.75 10.01
N LYS A 576 -14.38 -92.07 10.21
CA LYS A 576 -13.18 -92.80 10.57
C LYS A 576 -13.38 -93.63 11.84
N GLN A 577 -14.31 -93.23 12.70
CA GLN A 577 -14.64 -93.96 13.93
C GLN A 577 -15.92 -94.77 13.77
N PHE A 578 -16.13 -95.31 12.57
CA PHE A 578 -17.35 -96.08 12.30
C PHE A 578 -17.42 -97.31 13.19
N GLY A 579 -16.29 -97.95 13.45
CA GLY A 579 -16.30 -99.15 14.29
C GLY A 579 -16.81 -98.86 15.69
N MET A 580 -16.27 -97.81 16.33
CA MET A 580 -16.71 -97.48 17.67
C MET A 580 -18.14 -96.95 17.66
N MET A 581 -18.55 -96.25 16.60
CA MET A 581 -19.93 -95.81 16.51
C MET A 581 -20.89 -96.99 16.42
N GLN A 582 -20.54 -98.00 15.64
CA GLN A 582 -21.40 -99.18 15.49
C GLN A 582 -21.37 -100.04 16.75
N SER A 583 -20.27 -100.01 17.51
CA SER A 583 -20.21 -100.79 18.73
C SER A 583 -21.34 -100.42 19.69
N GLN A 584 -21.86 -99.20 19.59
CA GLN A 584 -22.95 -98.74 20.44
C GLN A 584 -24.32 -98.90 19.77
N ILE A 585 -24.37 -99.54 18.60
CA ILE A 585 -25.63 -99.69 17.91
C ILE A 585 -26.62 -100.49 18.75
N GLY A 586 -27.90 -100.19 18.58
CA GLY A 586 -28.97 -100.89 19.27
C GLY A 586 -29.42 -100.24 20.57
N TYR A 587 -28.47 -99.83 21.40
CA TYR A 587 -28.82 -99.21 22.68
C TYR A 587 -29.43 -97.85 22.47
N ASP A 588 -30.22 -97.41 23.45
CA ASP A 588 -30.95 -96.16 23.37
C ASP A 588 -29.97 -95.00 23.56
N ILE A 589 -29.19 -94.74 22.53
CA ILE A 589 -28.18 -93.68 22.54
C ILE A 589 -28.35 -92.83 21.29
N LEU A 590 -29.25 -93.25 20.39
CA LEU A 590 -29.42 -92.62 19.08
C LEU A 590 -28.13 -92.58 18.28
N ALA A 591 -27.34 -93.65 18.37
CA ALA A 591 -26.30 -93.85 17.38
C ALA A 591 -26.90 -94.25 16.04
N GLU A 592 -28.08 -94.86 16.07
CA GLU A 592 -28.73 -95.31 14.84
C GLU A 592 -29.02 -94.14 13.92
N ASP A 593 -29.66 -93.09 14.44
CA ASP A 593 -30.03 -91.96 13.59
C ASP A 593 -28.80 -91.24 13.05
N THR A 594 -27.79 -91.05 13.90
CA THR A 594 -26.57 -90.39 13.46
C THR A 594 -25.89 -91.19 12.36
N ILE A 595 -25.75 -92.51 12.56
CA ILE A 595 -25.12 -93.36 11.56
C ILE A 595 -25.90 -93.30 10.26
N THR A 596 -27.23 -93.44 10.34
CA THR A 596 -28.05 -93.45 9.14
C THR A 596 -27.92 -92.14 8.38
N ALA A 597 -28.02 -91.01 9.07
CA ALA A 597 -27.92 -89.72 8.40
C ALA A 597 -26.55 -89.55 7.76
N LEU A 598 -25.49 -89.84 8.51
CA LEU A 598 -24.14 -89.63 8.00
C LEU A 598 -23.89 -90.50 6.76
N LEU A 599 -24.28 -91.77 6.81
CA LEU A 599 -23.99 -92.66 5.70
C LEU A 599 -24.92 -92.43 4.51
N HIS A 600 -26.17 -92.02 4.75
CA HIS A 600 -27.09 -91.77 3.65
C HIS A 600 -26.78 -90.46 2.95
N ASN A 601 -26.25 -89.46 3.67
CA ASN A 601 -25.93 -88.20 3.03
C ASN A 601 -24.86 -88.36 1.96
N ASN A 602 -23.97 -89.34 2.11
CA ASN A 602 -22.87 -89.57 1.19
C ASN A 602 -22.98 -90.97 0.60
N ARG A 603 -22.93 -91.06 -0.72
CA ARG A 603 -23.01 -92.36 -1.38
C ARG A 603 -21.76 -93.19 -1.13
N LYS A 604 -20.58 -92.56 -1.20
CA LYS A 604 -19.34 -93.30 -1.05
C LYS A 604 -19.23 -93.94 0.32
N LEU A 605 -19.58 -93.20 1.37
CA LEU A 605 -19.52 -93.75 2.72
C LEU A 605 -20.48 -94.93 2.88
N LEU A 606 -21.69 -94.81 2.33
CA LEU A 606 -22.64 -95.91 2.41
C LEU A 606 -22.12 -97.13 1.68
N GLU A 607 -21.54 -96.95 0.50
CA GLU A 607 -21.02 -98.08 -0.26
C GLU A 607 -19.87 -98.75 0.50
N LYS A 608 -18.99 -97.95 1.10
CA LYS A 608 -17.81 -98.52 1.75
C LYS A 608 -18.16 -99.20 3.07
N HIS A 609 -19.06 -98.60 3.85
CA HIS A 609 -19.29 -99.04 5.22
C HIS A 609 -20.36 -100.13 5.32
N ILE A 610 -21.53 -99.91 4.71
CA ILE A 610 -22.62 -100.87 4.85
C ILE A 610 -22.22 -102.20 4.24
N THR A 611 -22.44 -103.27 4.99
CA THR A 611 -22.12 -104.62 4.53
C THR A 611 -23.16 -105.56 5.15
N LYS A 612 -23.00 -106.87 4.90
CA LYS A 612 -23.96 -107.83 5.43
C LYS A 612 -24.10 -107.73 6.94
N THR A 613 -23.01 -107.41 7.64
CA THR A 613 -23.06 -107.34 9.10
C THR A 613 -24.00 -106.24 9.56
N GLU A 614 -23.93 -105.07 8.94
CA GLU A 614 -24.80 -103.97 9.34
C GLU A 614 -26.26 -104.31 9.09
N VAL A 615 -26.57 -104.90 7.93
CA VAL A 615 -27.94 -105.27 7.62
C VAL A 615 -28.43 -106.31 8.63
N GLU A 616 -27.59 -107.29 8.95
CA GLU A 616 -27.99 -108.31 9.92
C GLU A 616 -28.27 -107.70 11.28
N THR A 617 -27.42 -106.76 11.71
CA THR A 617 -27.65 -106.09 12.99
C THR A 617 -28.95 -105.31 12.98
N PHE A 618 -29.22 -104.58 11.89
CA PHE A 618 -30.46 -103.82 11.79
C PHE A 618 -31.68 -104.74 11.83
N VAL A 619 -31.61 -105.85 11.11
CA VAL A 619 -32.73 -106.80 11.11
C VAL A 619 -32.93 -107.37 12.51
N SER A 620 -31.84 -107.73 13.19
CA SER A 620 -31.95 -108.28 14.53
C SER A 620 -32.58 -107.29 15.49
N LEU A 621 -32.15 -106.02 15.44
CA LEU A 621 -32.67 -105.04 16.39
C LEU A 621 -34.13 -104.70 16.08
N VAL A 622 -34.51 -104.63 14.80
CA VAL A 622 -35.91 -104.38 14.48
C VAL A 622 -36.77 -105.55 14.91
N ARG A 623 -36.27 -106.77 14.78
CA ARG A 623 -37.00 -107.93 15.30
C ARG A 623 -37.14 -107.83 16.81
N LYS A 624 -36.07 -107.43 17.50
CA LYS A 624 -36.13 -107.34 18.96
C LYS A 624 -37.15 -106.30 19.41
N ASN A 625 -37.17 -105.14 18.75
CA ASN A 625 -38.06 -104.05 19.13
C ASN A 625 -39.35 -104.03 18.33
N ARG A 626 -39.30 -104.35 17.03
CA ARG A 626 -40.48 -104.35 16.18
C ARG A 626 -41.13 -102.96 16.13
N GLU A 627 -40.29 -101.95 15.91
CA GLU A 627 -40.74 -100.57 15.80
C GLU A 627 -40.57 -100.06 14.38
N PRO A 628 -41.48 -99.20 13.89
CA PRO A 628 -41.37 -98.73 12.50
C PRO A 628 -40.11 -97.93 12.22
N ARG A 629 -39.47 -97.34 13.24
CA ARG A 629 -38.34 -96.47 12.99
C ARG A 629 -37.17 -97.22 12.38
N PHE A 630 -36.97 -98.48 12.79
CA PHE A 630 -35.88 -99.27 12.21
C PHE A 630 -36.15 -99.61 10.76
N LEU A 631 -37.40 -99.93 10.42
CA LEU A 631 -37.77 -100.12 9.02
C LEU A 631 -37.52 -98.84 8.23
N ASP A 632 -37.85 -97.69 8.80
CA ASP A 632 -37.57 -96.43 8.14
C ASP A 632 -36.07 -96.25 7.90
N TYR A 633 -35.25 -96.57 8.92
CA TYR A 633 -33.81 -96.46 8.77
C TYR A 633 -33.29 -97.34 7.65
N LEU A 634 -33.78 -98.59 7.58
CA LEU A 634 -33.43 -99.45 6.46
C LEU A 634 -33.83 -98.81 5.14
N SER A 635 -35.00 -98.15 5.12
CA SER A 635 -35.45 -97.50 3.90
C SER A 635 -34.48 -96.41 3.45
N ASP A 636 -34.02 -95.58 4.39
CA ASP A 636 -33.03 -94.57 4.00
C ASP A 636 -31.74 -95.23 3.55
N LEU A 637 -31.32 -96.30 4.23
CA LEU A 637 -30.10 -96.99 3.81
C LEU A 637 -30.23 -97.56 2.41
N CYS A 638 -31.44 -97.85 1.96
CA CYS A 638 -31.63 -98.41 0.63
C CYS A 638 -31.29 -97.42 -0.46
N VAL A 639 -31.46 -96.12 -0.22
CA VAL A 639 -31.32 -95.10 -1.25
C VAL A 639 -30.41 -93.99 -0.74
N SER A 640 -29.85 -93.23 -1.69
CA SER A 640 -29.00 -92.09 -1.38
C SER A 640 -29.27 -90.99 -2.40
N ASN A 641 -29.65 -89.81 -1.91
CA ASN A 641 -29.90 -88.66 -2.77
C ASN A 641 -30.95 -88.99 -3.85
N HIS A 642 -31.99 -89.72 -3.46
CA HIS A 642 -33.09 -90.11 -4.32
C HIS A 642 -32.64 -91.00 -5.48
N ILE A 643 -31.44 -91.56 -5.42
CA ILE A 643 -30.91 -92.45 -6.44
C ILE A 643 -30.58 -93.77 -5.78
N ALA A 644 -31.15 -94.85 -6.30
CA ALA A 644 -30.91 -96.17 -5.72
C ALA A 644 -29.47 -96.60 -5.94
N ILE A 645 -28.87 -97.19 -4.91
CA ILE A 645 -27.52 -97.73 -4.97
C ILE A 645 -27.64 -99.25 -5.10
N PRO A 646 -27.26 -99.85 -6.24
CA PRO A 646 -27.48 -101.29 -6.40
C PRO A 646 -26.85 -102.13 -5.31
N VAL A 647 -25.67 -101.74 -4.81
CA VAL A 647 -24.96 -102.58 -3.85
C VAL A 647 -25.76 -102.71 -2.57
N THR A 648 -25.96 -101.60 -1.86
CA THR A 648 -26.67 -101.65 -0.59
C THR A 648 -28.10 -102.16 -0.77
N GLN A 649 -28.72 -101.83 -1.90
CA GLN A 649 -30.05 -102.36 -2.17
C GLN A 649 -30.04 -103.88 -2.20
N GLU A 650 -29.07 -104.47 -2.91
CA GLU A 650 -28.99 -105.92 -2.98
C GLU A 650 -28.68 -106.52 -1.61
N LEU A 651 -27.78 -105.92 -0.85
CA LEU A 651 -27.47 -106.45 0.47
C LEU A 651 -28.70 -106.43 1.38
N ILE A 652 -29.46 -105.34 1.36
CA ILE A 652 -30.65 -105.27 2.20
C ILE A 652 -31.71 -106.24 1.71
N CYS A 653 -31.84 -106.40 0.40
CA CYS A 653 -32.83 -107.33 -0.15
C CYS A 653 -32.52 -108.77 0.23
N LYS A 654 -31.23 -109.15 0.20
CA LYS A 654 -30.86 -110.52 0.50
C LYS A 654 -31.20 -110.91 1.94
N CYS A 655 -31.38 -109.93 2.83
CA CYS A 655 -31.65 -110.19 4.23
C CYS A 655 -33.11 -109.98 4.62
N VAL A 656 -33.71 -108.86 4.19
CA VAL A 656 -35.08 -108.56 4.59
C VAL A 656 -36.04 -109.61 4.06
N LEU A 657 -35.86 -110.02 2.81
CA LEU A 657 -36.77 -110.97 2.17
C LEU A 657 -36.35 -112.42 2.37
N ASP A 658 -35.28 -112.68 3.11
CA ASP A 658 -34.85 -114.05 3.33
C ASP A 658 -35.90 -114.80 4.14
N PRO A 659 -36.10 -116.09 3.86
CA PRO A 659 -37.11 -116.85 4.63
C PRO A 659 -36.88 -116.82 6.13
N LYS A 660 -35.62 -116.80 6.58
CA LYS A 660 -35.36 -116.78 8.02
C LYS A 660 -35.95 -115.55 8.67
N ASN A 661 -36.00 -114.43 7.96
CA ASN A 661 -36.54 -113.18 8.47
C ASN A 661 -37.97 -112.92 7.99
N SER A 662 -38.74 -113.99 7.75
CA SER A 662 -40.10 -113.85 7.28
C SER A 662 -41.09 -113.54 8.39
N ASP A 663 -40.64 -113.57 9.66
CA ASP A 663 -41.52 -113.30 10.79
C ASP A 663 -41.60 -111.82 11.15
N ILE A 664 -40.78 -110.97 10.52
CA ILE A 664 -40.80 -109.54 10.80
C ILE A 664 -41.59 -108.75 9.75
N LEU A 665 -42.17 -109.42 8.77
CA LEU A 665 -42.94 -108.78 7.71
C LEU A 665 -44.39 -109.23 7.79
N ILE A 666 -45.32 -108.28 7.73
CA ILE A 666 -46.73 -108.62 7.77
C ILE A 666 -47.13 -109.26 6.46
N ARG A 667 -47.75 -110.45 6.56
CA ARG A 667 -48.25 -111.13 5.37
C ARG A 667 -49.61 -110.55 4.99
N THR A 668 -49.83 -110.37 3.69
CA THR A 668 -51.08 -109.83 3.17
C THR A 668 -51.65 -110.81 2.15
N GLU A 669 -52.96 -111.01 2.20
CA GLU A 669 -53.61 -111.95 1.30
C GLU A 669 -55.02 -111.46 1.00
N LEU A 670 -55.64 -112.06 -0.01
CA LEU A 670 -57.01 -111.78 -0.38
C LEU A 670 -57.83 -113.06 -0.29
N ARG A 671 -59.01 -112.96 0.32
CA ARG A 671 -59.87 -114.11 0.53
C ARG A 671 -61.28 -113.80 0.07
N PRO A 672 -62.07 -114.82 -0.32
CA PRO A 672 -63.43 -114.55 -0.82
C PRO A 672 -64.35 -114.00 0.26
N VAL A 673 -64.42 -114.69 1.40
CA VAL A 673 -65.33 -114.31 2.48
C VAL A 673 -66.77 -114.23 1.97
N GLU A 689 -66.62 -108.55 -3.04
CA GLU A 689 -66.39 -109.90 -3.54
C GLU A 689 -65.23 -110.56 -2.80
N GLU A 690 -64.14 -109.82 -2.62
CA GLU A 690 -62.96 -110.30 -1.93
C GLU A 690 -62.50 -109.26 -0.91
N GLU A 691 -61.90 -109.75 0.17
CA GLU A 691 -61.42 -108.90 1.26
C GLU A 691 -59.94 -109.14 1.48
N VAL A 692 -59.23 -108.07 1.82
CA VAL A 692 -57.79 -108.11 2.07
C VAL A 692 -57.57 -108.29 3.57
N TRP A 693 -56.77 -109.30 3.91
CA TRP A 693 -56.49 -109.65 5.30
C TRP A 693 -54.99 -109.64 5.56
N LEU A 694 -54.60 -109.10 6.70
CA LEU A 694 -53.21 -109.04 7.14
C LEU A 694 -53.02 -109.98 8.31
N THR A 695 -51.99 -110.83 8.21
CA THR A 695 -51.62 -111.76 9.28
C THR A 695 -50.19 -111.44 9.70
N TRP A 696 -49.97 -111.32 11.01
CA TRP A 696 -48.67 -110.96 11.55
C TRP A 696 -48.41 -111.75 12.82
N THR A 697 -47.12 -111.93 13.13
CA THR A 697 -46.69 -112.63 14.32
C THR A 697 -46.28 -111.63 15.39
N ASP A 698 -46.88 -111.76 16.57
CA ASP A 698 -46.59 -110.85 17.67
C ASP A 698 -45.19 -111.11 18.21
N LYS A 699 -44.81 -110.33 19.24
CA LYS A 699 -43.50 -110.51 19.85
C LYS A 699 -43.36 -111.90 20.46
N ASN A 700 -44.43 -112.40 21.11
CA ASN A 700 -44.42 -113.71 21.71
C ASN A 700 -44.72 -114.84 20.72
N ASN A 701 -44.61 -114.56 19.42
CA ASN A 701 -44.82 -115.57 18.38
C ASN A 701 -46.27 -116.04 18.37
N GLU A 702 -47.19 -115.09 18.44
CA GLU A 702 -48.63 -115.37 18.39
C GLU A 702 -49.18 -114.82 17.08
N HIS A 703 -49.81 -115.69 16.30
CA HIS A 703 -50.38 -115.27 15.02
C HIS A 703 -51.64 -114.44 15.26
N HIS A 704 -51.79 -113.37 14.49
CA HIS A 704 -52.98 -112.52 14.54
C HIS A 704 -53.33 -112.11 13.13
N GLU A 705 -54.56 -112.43 12.71
CA GLU A 705 -55.05 -112.12 11.37
C GLU A 705 -56.28 -111.23 11.48
N LYS A 706 -56.33 -110.18 10.68
CA LYS A 706 -57.46 -109.26 10.70
C LYS A 706 -57.60 -108.57 9.35
N SER A 707 -58.83 -108.17 9.03
CA SER A 707 -59.09 -107.48 7.77
C SER A 707 -58.58 -106.05 7.85
N VAL A 708 -58.10 -105.55 6.70
CA VAL A 708 -57.59 -104.18 6.66
C VAL A 708 -58.69 -103.19 7.03
N ARG A 709 -59.91 -103.43 6.56
CA ARG A 709 -61.02 -102.55 6.90
C ARG A 709 -61.25 -102.52 8.40
N GLN A 710 -61.19 -103.68 9.05
CA GLN A 710 -61.34 -103.71 10.50
C GLN A 710 -60.22 -102.94 11.18
N LEU A 711 -58.99 -103.08 10.69
CA LEU A 711 -57.88 -102.33 11.25
C LEU A 711 -58.13 -100.84 11.16
N ALA A 712 -58.55 -100.37 9.98
CA ALA A 712 -58.79 -98.94 9.80
C ALA A 712 -59.93 -98.46 10.69
N GLN A 713 -61.01 -99.23 10.78
CA GLN A 713 -62.13 -98.82 11.61
C GLN A 713 -61.73 -98.73 13.08
N GLU A 714 -60.98 -99.73 13.57
CA GLU A 714 -60.56 -99.70 14.97
C GLU A 714 -59.59 -98.56 15.23
N ALA A 715 -58.68 -98.30 14.29
CA ALA A 715 -57.76 -97.18 14.46
C ALA A 715 -58.51 -95.85 14.51
N ARG A 716 -59.51 -95.69 13.65
CA ARG A 716 -60.32 -94.47 13.70
C ARG A 716 -61.10 -94.39 15.00
N ALA A 717 -61.52 -95.54 15.55
CA ALA A 717 -62.26 -95.54 16.80
C ALA A 717 -61.43 -94.97 17.94
N GLY A 718 -60.15 -95.34 18.00
CA GLY A 718 -59.27 -94.85 19.05
C GLY A 718 -58.28 -95.88 19.54
N ASN A 719 -58.42 -97.13 19.08
CA ASN A 719 -57.51 -98.18 19.51
C ASN A 719 -56.08 -97.85 19.11
N ALA A 720 -55.13 -98.19 19.99
CA ALA A 720 -53.72 -97.90 19.75
C ALA A 720 -52.98 -99.06 19.11
N HIS A 721 -53.33 -100.31 19.44
CA HIS A 721 -52.66 -101.46 18.84
C HIS A 721 -52.91 -101.49 17.34
N ASP A 722 -54.15 -101.23 16.92
CA ASP A 722 -54.46 -101.22 15.49
C ASP A 722 -53.71 -100.10 14.78
N GLU A 723 -53.61 -98.93 15.42
CA GLU A 723 -52.83 -97.85 14.83
C GLU A 723 -51.36 -98.23 14.68
N ASN A 724 -50.81 -98.89 15.70
CA ASN A 724 -49.41 -99.31 15.63
C ASN A 724 -49.19 -100.32 14.51
N VAL A 725 -50.08 -101.29 14.38
CA VAL A 725 -49.90 -102.30 13.34
C VAL A 725 -50.08 -101.68 11.95
N LEU A 726 -51.02 -100.73 11.81
CA LEU A 726 -51.17 -100.04 10.54
C LEU A 726 -49.92 -99.24 10.19
N SER A 727 -49.35 -98.55 11.17
CA SER A 727 -48.11 -97.80 10.91
C SER A 727 -46.98 -98.74 10.53
N TYR A 728 -46.87 -99.89 11.20
CA TYR A 728 -45.85 -100.87 10.84
C TYR A 728 -46.05 -101.36 9.42
N TYR A 729 -47.29 -101.63 9.03
CA TYR A 729 -47.57 -102.06 7.67
C TYR A 729 -47.21 -100.98 6.65
N ARG A 730 -47.53 -99.73 6.97
CA ARG A 730 -47.18 -98.64 6.06
C ARG A 730 -45.68 -98.51 5.88
N TYR A 731 -44.92 -98.62 6.97
CA TYR A 731 -43.47 -98.53 6.86
C TYR A 731 -42.91 -99.74 6.13
N GLN A 732 -43.51 -100.91 6.31
CA GLN A 732 -43.09 -102.09 5.57
C GLN A 732 -43.32 -101.90 4.07
N LEU A 733 -44.47 -101.33 3.70
CA LEU A 733 -44.74 -101.06 2.29
C LEU A 733 -43.76 -100.05 1.73
N LYS A 734 -43.43 -99.02 2.52
CA LYS A 734 -42.43 -98.04 2.08
C LYS A 734 -41.09 -98.71 1.85
N LEU A 735 -40.69 -99.60 2.76
CA LEU A 735 -39.43 -100.32 2.58
C LEU A 735 -39.46 -101.20 1.34
N PHE A 736 -40.58 -101.88 1.11
CA PHE A 736 -40.71 -102.72 -0.09
C PHE A 736 -40.57 -101.89 -1.35
N ALA A 737 -41.24 -100.73 -1.39
CA ALA A 737 -41.14 -99.86 -2.55
C ALA A 737 -39.71 -99.36 -2.75
N ARG A 738 -39.04 -98.99 -1.65
CA ARG A 738 -37.68 -98.48 -1.75
C ARG A 738 -36.72 -99.56 -2.25
N MET A 739 -36.89 -100.80 -1.78
CA MET A 739 -36.01 -101.89 -2.19
C MET A 739 -36.16 -102.22 -3.67
N CYS A 740 -37.30 -101.87 -4.28
CA CYS A 740 -37.53 -102.12 -5.70
C CYS A 740 -37.22 -100.90 -6.56
N LEU A 741 -36.67 -99.84 -5.98
CA LEU A 741 -36.42 -98.61 -6.73
C LEU A 741 -35.41 -98.87 -7.84
N ASP A 742 -35.59 -98.16 -8.96
CA ASP A 742 -34.69 -98.25 -10.11
C ASP A 742 -34.62 -99.68 -10.64
N ARG A 743 -35.75 -100.38 -10.64
CA ARG A 743 -35.87 -101.70 -11.25
C ARG A 743 -34.87 -102.69 -10.64
N GLN A 744 -35.03 -102.93 -9.34
CA GLN A 744 -34.27 -103.96 -8.64
C GLN A 744 -35.05 -105.26 -8.77
N TYR A 745 -34.77 -106.00 -9.84
CA TYR A 745 -35.58 -107.16 -10.17
C TYR A 745 -35.50 -108.23 -9.10
N LEU A 746 -34.40 -108.29 -8.35
CA LEU A 746 -34.25 -109.31 -7.32
C LEU A 746 -35.38 -109.21 -6.31
N ALA A 747 -35.73 -108.01 -5.88
CA ALA A 747 -36.82 -107.81 -4.94
C ALA A 747 -38.16 -107.68 -5.64
N ILE A 748 -38.19 -107.15 -6.87
CA ILE A 748 -39.44 -107.00 -7.59
C ILE A 748 -40.07 -108.36 -7.86
N ASP A 749 -39.26 -109.34 -8.26
CA ASP A 749 -39.80 -110.66 -8.55
C ASP A 749 -40.47 -111.27 -7.32
N GLU A 750 -39.85 -111.12 -6.15
CA GLU A 750 -40.44 -111.68 -4.94
C GLU A 750 -41.68 -110.91 -4.50
N ILE A 751 -41.62 -109.57 -4.56
CA ILE A 751 -42.71 -108.76 -4.03
C ILE A 751 -43.95 -108.88 -4.92
N SER A 752 -43.76 -108.96 -6.24
CA SER A 752 -44.91 -108.97 -7.15
C SER A 752 -45.82 -110.16 -6.88
N GLN A 753 -45.23 -111.33 -6.61
CA GLN A 753 -46.04 -112.52 -6.35
C GLN A 753 -46.92 -112.32 -5.11
N GLN A 754 -46.36 -111.75 -4.04
CA GLN A 754 -47.13 -111.56 -2.83
C GLN A 754 -48.18 -110.49 -3.00
N LEU A 755 -47.84 -109.38 -3.65
CA LEU A 755 -48.74 -108.24 -3.84
C LEU A 755 -48.95 -108.04 -5.34
N GLY A 756 -50.07 -108.54 -5.86
CA GLY A 756 -50.36 -108.40 -7.27
C GLY A 756 -50.93 -107.05 -7.60
N VAL A 757 -51.13 -106.83 -8.91
CA VAL A 757 -51.67 -105.56 -9.38
C VAL A 757 -53.10 -105.38 -8.87
N ASP A 758 -53.91 -106.44 -8.96
CA ASP A 758 -55.31 -106.33 -8.54
C ASP A 758 -55.41 -106.02 -7.04
N LEU A 759 -54.60 -106.70 -6.22
CA LEU A 759 -54.65 -106.46 -4.78
C LEU A 759 -54.27 -105.02 -4.45
N ILE A 760 -53.20 -104.52 -5.05
CA ILE A 760 -52.77 -103.15 -4.78
C ILE A 760 -53.82 -102.15 -5.24
N PHE A 761 -54.42 -102.39 -6.41
CA PHE A 761 -55.46 -101.50 -6.90
C PHE A 761 -56.66 -101.51 -5.96
N LEU A 762 -57.06 -102.67 -5.48
CA LEU A 762 -58.19 -102.74 -4.55
C LEU A 762 -57.87 -102.00 -3.27
N CYS A 763 -56.65 -102.16 -2.75
CA CYS A 763 -56.29 -101.49 -1.50
C CYS A 763 -56.25 -99.97 -1.68
N MET A 764 -55.68 -99.49 -2.79
CA MET A 764 -55.53 -98.05 -2.98
C MET A 764 -56.84 -97.37 -3.33
N ALA A 765 -57.69 -98.05 -4.12
CA ALA A 765 -58.93 -97.42 -4.56
C ALA A 765 -59.96 -97.34 -3.43
N ASP A 766 -59.88 -98.22 -2.45
CA ASP A 766 -60.84 -98.20 -1.35
C ASP A 766 -60.79 -96.87 -0.62
N GLU A 767 -61.96 -96.29 -0.40
CA GLU A 767 -62.06 -95.00 0.27
C GLU A 767 -62.23 -95.11 1.78
N MET A 768 -62.37 -96.32 2.31
CA MET A 768 -62.53 -96.49 3.75
C MET A 768 -61.19 -96.52 4.48
N LEU A 769 -60.10 -96.80 3.79
CA LEU A 769 -58.79 -96.86 4.41
C LEU A 769 -58.20 -95.45 4.53
N PRO A 770 -57.29 -95.24 5.49
CA PRO A 770 -56.70 -93.91 5.65
C PRO A 770 -55.87 -93.52 4.44
N PHE A 771 -55.77 -92.20 4.21
CA PHE A 771 -55.08 -91.71 3.03
C PHE A 771 -53.61 -92.14 3.00
N ASP A 772 -52.99 -92.29 4.17
CA ASP A 772 -51.59 -92.71 4.20
C ASP A 772 -51.41 -94.11 3.64
N LEU A 773 -52.31 -95.03 4.00
CA LEU A 773 -52.22 -96.40 3.47
C LEU A 773 -52.40 -96.41 1.95
N ARG A 774 -53.37 -95.64 1.45
CA ARG A 774 -53.58 -95.56 0.01
C ARG A 774 -52.36 -94.97 -0.69
N ALA A 775 -51.73 -93.96 -0.07
CA ALA A 775 -50.52 -93.39 -0.63
C ALA A 775 -49.41 -94.42 -0.70
N SER A 776 -49.25 -95.22 0.36
CA SER A 776 -48.22 -96.25 0.36
C SER A 776 -48.48 -97.28 -0.73
N PHE A 777 -49.74 -97.68 -0.89
CA PHE A 777 -50.07 -98.66 -1.93
C PHE A 777 -49.84 -98.09 -3.33
N CYS A 778 -50.16 -96.81 -3.52
CA CYS A 778 -49.89 -96.17 -4.82
C CYS A 778 -48.39 -96.13 -5.10
N HIS A 779 -47.60 -95.79 -4.09
CA HIS A 779 -46.15 -95.77 -4.26
C HIS A 779 -45.63 -97.16 -4.62
N LEU A 780 -46.14 -98.18 -3.95
CA LEU A 780 -45.72 -99.54 -4.24
C LEU A 780 -46.09 -99.94 -5.67
N MET A 781 -47.30 -99.60 -6.11
CA MET A 781 -47.69 -99.91 -7.48
C MET A 781 -46.78 -99.20 -8.47
N LEU A 782 -46.44 -97.94 -8.21
CA LEU A 782 -45.56 -97.21 -9.11
C LEU A 782 -44.19 -97.87 -9.19
N HIS A 783 -43.63 -98.26 -8.05
CA HIS A 783 -42.24 -98.70 -8.00
C HIS A 783 -42.06 -100.21 -8.11
N VAL A 784 -43.13 -100.97 -8.28
CA VAL A 784 -43.06 -102.42 -8.38
C VAL A 784 -43.58 -102.92 -9.73
N HIS A 785 -44.70 -102.37 -10.19
CA HIS A 785 -45.37 -102.87 -11.39
C HIS A 785 -45.19 -101.96 -12.60
N VAL A 786 -45.43 -100.66 -12.45
CA VAL A 786 -45.34 -99.76 -13.60
C VAL A 786 -43.92 -99.71 -14.12
N ASP A 787 -42.94 -99.59 -13.22
CA ASP A 787 -41.53 -99.49 -13.60
C ASP A 787 -40.94 -100.89 -13.68
N ARG A 788 -41.33 -101.61 -14.74
CA ARG A 788 -40.92 -102.99 -14.97
C ARG A 788 -40.29 -103.09 -16.36
N ASP A 789 -39.84 -104.28 -16.71
CA ASP A 789 -39.15 -104.48 -17.99
C ASP A 789 -39.98 -104.06 -19.19
N PRO A 790 -41.25 -104.46 -19.32
CA PRO A 790 -41.98 -104.10 -20.56
C PRO A 790 -42.05 -102.61 -20.79
N GLN A 791 -42.18 -101.81 -19.75
CA GLN A 791 -42.27 -100.36 -19.91
C GLN A 791 -40.91 -99.79 -20.28
N GLU A 792 -40.92 -98.75 -21.12
CA GLU A 792 -39.70 -98.10 -21.56
C GLU A 792 -39.99 -96.64 -21.84
N LEU A 793 -39.07 -95.76 -21.45
CA LEU A 793 -39.23 -94.34 -21.70
C LEU A 793 -39.34 -94.07 -23.19
N VAL A 794 -40.26 -93.19 -23.56
CA VAL A 794 -40.55 -92.88 -24.96
C VAL A 794 -40.18 -91.43 -25.22
N THR A 795 -39.43 -91.19 -26.29
CA THR A 795 -39.09 -89.83 -26.68
C THR A 795 -40.26 -89.22 -27.44
N PRO A 796 -40.84 -88.11 -26.97
CA PRO A 796 -42.02 -87.56 -27.66
C PRO A 796 -41.75 -87.12 -29.09
N VAL A 797 -40.53 -86.68 -29.40
CA VAL A 797 -40.19 -86.15 -30.72
C VAL A 797 -39.23 -87.12 -31.40
N LYS A 798 -39.56 -87.51 -32.62
CA LYS A 798 -38.74 -88.41 -33.43
C LYS A 798 -38.14 -87.65 -34.60
N PHE A 799 -36.82 -87.74 -34.75
CA PHE A 799 -36.13 -87.02 -35.81
C PHE A 799 -35.96 -87.84 -37.08
N ALA A 800 -35.84 -89.16 -36.96
CA ALA A 800 -35.71 -90.05 -38.10
C ALA A 800 -37.07 -90.65 -38.42
N ARG A 801 -37.59 -90.37 -39.62
CA ARG A 801 -38.91 -90.82 -40.04
C ARG A 801 -38.82 -91.46 -41.41
N LEU A 802 -39.57 -92.54 -41.60
CA LEU A 802 -39.59 -93.24 -42.88
C LEU A 802 -40.49 -92.51 -43.87
N TRP A 803 -40.05 -92.45 -45.13
CA TRP A 803 -40.83 -91.78 -46.16
C TRP A 803 -42.16 -92.51 -46.39
N THR A 804 -42.16 -93.84 -46.28
CA THR A 804 -43.35 -94.63 -46.55
C THR A 804 -44.35 -94.62 -45.39
N GLU A 805 -43.97 -94.07 -44.23
CA GLU A 805 -44.84 -94.04 -43.06
C GLU A 805 -45.42 -92.66 -42.80
N ILE A 806 -45.46 -91.80 -43.81
CA ILE A 806 -46.00 -90.44 -43.67
C ILE A 806 -47.35 -90.39 -44.37
N PRO A 807 -48.47 -90.39 -43.64
CA PRO A 807 -49.79 -90.32 -44.30
C PRO A 807 -49.96 -89.01 -45.04
N THR A 808 -50.76 -89.05 -46.11
CA THR A 808 -51.05 -87.84 -46.87
C THR A 808 -51.80 -86.83 -46.02
N ALA A 809 -52.78 -87.29 -45.25
CA ALA A 809 -53.54 -86.43 -44.34
C ALA A 809 -53.46 -87.02 -42.94
N ILE A 810 -53.17 -86.18 -41.96
CA ILE A 810 -52.99 -86.59 -40.58
C ILE A 810 -53.90 -85.77 -39.69
N THR A 811 -54.57 -86.46 -38.76
CA THR A 811 -55.38 -85.82 -37.73
C THR A 811 -54.91 -86.35 -36.37
N ILE A 812 -55.47 -85.77 -35.31
CA ILE A 812 -55.08 -86.19 -33.96
C ILE A 812 -55.42 -87.67 -33.76
N LYS A 813 -56.64 -88.06 -34.13
CA LYS A 813 -57.03 -89.46 -33.99
C LYS A 813 -56.14 -90.36 -34.82
N ASP A 814 -55.92 -90.01 -36.09
CA ASP A 814 -55.02 -90.80 -36.92
C ASP A 814 -53.59 -90.74 -36.42
N TYR A 815 -53.17 -89.58 -35.92
CA TYR A 815 -51.80 -89.44 -35.42
C TYR A 815 -51.54 -90.38 -34.26
N ASP A 816 -52.50 -90.50 -33.33
CA ASP A 816 -52.32 -91.35 -32.16
C ASP A 816 -52.70 -92.81 -32.43
N SER A 817 -53.22 -93.13 -33.61
CA SER A 817 -53.60 -94.51 -33.94
C SER A 817 -52.44 -95.31 -34.51
N ASN A 818 -51.26 -94.71 -34.67
CA ASN A 818 -50.13 -95.44 -35.27
C ASN A 818 -49.72 -96.62 -34.41
N LEU A 819 -49.68 -96.44 -33.09
CA LEU A 819 -49.24 -97.47 -32.16
C LEU A 819 -50.32 -97.79 -31.14
N ASN A 820 -51.59 -97.76 -31.57
CA ASN A 820 -52.69 -98.06 -30.67
C ASN A 820 -52.65 -99.50 -30.18
N ALA A 821 -52.00 -100.41 -30.91
CA ALA A 821 -51.97 -101.81 -30.49
C ALA A 821 -51.27 -101.97 -29.16
N SER A 822 -50.06 -101.41 -29.02
CA SER A 822 -49.32 -101.52 -27.77
C SER A 822 -50.06 -100.80 -26.64
N ARG A 823 -50.65 -99.64 -26.94
CA ARG A 823 -51.39 -98.92 -25.92
C ARG A 823 -52.56 -99.75 -25.40
N ASP A 824 -53.29 -100.41 -26.30
CA ASP A 824 -54.38 -101.28 -25.87
C ASP A 824 -53.86 -102.49 -25.10
N ASP A 825 -52.72 -103.03 -25.53
CA ASP A 825 -52.15 -104.18 -24.82
C ASP A 825 -51.82 -103.83 -23.38
N LYS A 826 -51.20 -102.67 -23.16
CA LYS A 826 -50.88 -102.26 -21.79
C LYS A 826 -52.12 -101.79 -21.04
N LYS A 827 -53.12 -101.27 -21.76
CA LYS A 827 -54.38 -100.95 -21.12
C LYS A 827 -55.06 -102.19 -20.56
N ASN A 828 -55.00 -103.29 -21.30
CA ASN A 828 -55.59 -104.54 -20.82
C ASN A 828 -55.17 -104.85 -19.39
N LYS A 829 -54.01 -104.33 -18.96
CA LYS A 829 -53.52 -104.54 -17.60
C LYS A 829 -53.74 -103.33 -16.69
N PHE A 830 -53.54 -102.11 -17.19
CA PHE A 830 -53.55 -100.92 -16.35
C PHE A 830 -54.79 -100.06 -16.53
N ALA A 831 -55.86 -100.62 -17.09
CA ALA A 831 -57.07 -99.82 -17.31
C ALA A 831 -57.69 -99.36 -15.99
N ASN A 832 -57.76 -100.26 -15.01
CA ASN A 832 -58.32 -99.88 -13.72
C ASN A 832 -57.50 -98.78 -13.07
N THR A 833 -56.17 -98.89 -13.13
CA THR A 833 -55.31 -97.87 -12.55
C THR A 833 -55.50 -96.53 -13.26
N MET A 834 -55.56 -96.54 -14.59
CA MET A 834 -55.74 -95.30 -15.33
C MET A 834 -57.08 -94.66 -15.01
N GLU A 835 -58.14 -95.46 -14.95
CA GLU A 835 -59.46 -94.93 -14.63
C GLU A 835 -59.48 -94.34 -13.22
N PHE A 836 -58.85 -95.03 -12.26
CA PHE A 836 -58.80 -94.50 -10.91
C PHE A 836 -58.03 -93.19 -10.87
N VAL A 837 -56.91 -93.10 -11.61
CA VAL A 837 -56.14 -91.87 -11.63
C VAL A 837 -56.97 -90.73 -12.19
N GLU A 838 -57.67 -90.98 -13.31
CA GLU A 838 -58.49 -89.95 -13.91
C GLU A 838 -59.59 -89.49 -12.97
N ASP A 839 -60.28 -90.44 -12.33
CA ASP A 839 -61.36 -90.09 -11.40
C ASP A 839 -60.82 -89.29 -10.22
N TYR A 840 -59.67 -89.70 -9.67
CA TYR A 840 -59.11 -88.98 -8.55
C TYR A 840 -58.73 -87.56 -8.93
N LEU A 841 -58.12 -87.38 -10.11
CA LEU A 841 -57.76 -86.04 -10.54
C LEU A 841 -59.01 -85.18 -10.77
N ASN A 842 -60.06 -85.78 -11.35
CA ASN A 842 -61.30 -85.03 -11.54
C ASN A 842 -61.90 -84.61 -10.20
N ASN A 843 -61.91 -85.51 -9.22
CA ASN A 843 -62.43 -85.16 -7.90
C ASN A 843 -61.59 -84.06 -7.26
N VAL A 844 -60.26 -84.13 -7.40
CA VAL A 844 -59.40 -83.13 -6.79
C VAL A 844 -59.66 -81.76 -7.41
N VAL A 845 -59.75 -81.70 -8.74
CA VAL A 845 -59.99 -80.42 -9.39
C VAL A 845 -61.37 -79.89 -9.05
N SER A 846 -62.36 -80.78 -8.90
CA SER A 846 -63.70 -80.33 -8.56
C SER A 846 -63.75 -79.63 -7.21
N GLU A 847 -62.89 -80.04 -6.28
CA GLU A 847 -62.89 -79.43 -4.96
C GLU A 847 -62.45 -77.97 -5.03
N ALA A 848 -63.05 -77.14 -4.18
CA ALA A 848 -62.71 -75.71 -4.16
C ALA A 848 -61.26 -75.50 -3.76
N VAL A 849 -60.78 -76.24 -2.76
CA VAL A 849 -59.40 -76.13 -2.30
C VAL A 849 -58.74 -77.49 -2.43
N PRO A 850 -58.10 -77.80 -3.55
CA PRO A 850 -57.55 -79.16 -3.73
C PRO A 850 -56.50 -79.54 -2.69
N PHE A 851 -55.74 -78.57 -2.18
CA PHE A 851 -54.64 -78.84 -1.25
C PHE A 851 -54.98 -78.38 0.16
N ALA A 852 -56.23 -78.57 0.57
CA ALA A 852 -56.63 -78.19 1.93
C ALA A 852 -56.22 -79.25 2.94
N ASN A 853 -56.68 -80.48 2.77
CA ASN A 853 -56.36 -81.54 3.69
C ASN A 853 -54.91 -81.98 3.53
N GLU A 854 -54.18 -82.06 4.64
CA GLU A 854 -52.79 -82.48 4.58
C GLU A 854 -52.67 -83.98 4.32
N GLU A 855 -53.58 -84.77 4.91
CA GLU A 855 -53.54 -86.21 4.69
C GLU A 855 -53.79 -86.55 3.23
N LYS A 856 -54.76 -85.88 2.60
CA LYS A 856 -55.06 -86.14 1.20
C LYS A 856 -53.95 -85.66 0.27
N ASN A 857 -53.08 -84.76 0.74
CA ASN A 857 -52.01 -84.26 -0.10
C ASN A 857 -51.03 -85.37 -0.47
N LYS A 858 -50.76 -86.29 0.47
CA LYS A 858 -49.86 -87.39 0.17
C LYS A 858 -50.43 -88.28 -0.94
N LEU A 859 -51.71 -88.63 -0.83
CA LEU A 859 -52.33 -89.46 -1.86
C LEU A 859 -52.36 -88.72 -3.20
N THR A 860 -52.63 -87.41 -3.17
CA THR A 860 -52.61 -86.64 -4.41
C THR A 860 -51.23 -86.67 -5.04
N PHE A 861 -50.18 -86.52 -4.23
CA PHE A 861 -48.83 -86.53 -4.78
C PHE A 861 -48.50 -87.89 -5.39
N GLU A 862 -48.86 -88.98 -4.71
CA GLU A 862 -48.58 -90.29 -5.28
C GLU A 862 -49.37 -90.52 -6.57
N VAL A 863 -50.63 -90.09 -6.61
CA VAL A 863 -51.41 -90.26 -7.83
C VAL A 863 -50.81 -89.45 -8.97
N VAL A 864 -50.36 -88.23 -8.67
CA VAL A 864 -49.76 -87.40 -9.71
C VAL A 864 -48.46 -88.02 -10.21
N SER A 865 -47.64 -88.56 -9.31
CA SER A 865 -46.40 -89.21 -9.74
C SER A 865 -46.69 -90.45 -10.58
N LEU A 866 -47.70 -91.23 -10.19
CA LEU A 866 -48.09 -92.38 -11.00
C LEU A 866 -48.55 -91.96 -12.38
N ALA A 867 -49.34 -90.88 -12.46
CA ALA A 867 -49.78 -90.38 -13.76
C ALA A 867 -48.59 -89.91 -14.58
N HIS A 868 -47.63 -89.23 -13.95
CA HIS A 868 -46.44 -88.78 -14.66
C HIS A 868 -45.68 -89.96 -15.25
N ASN A 869 -45.46 -91.00 -14.44
CA ASN A 869 -44.74 -92.17 -14.93
C ASN A 869 -45.50 -92.86 -16.05
N LEU A 870 -46.82 -92.99 -15.92
CA LEU A 870 -47.60 -93.61 -16.97
C LEU A 870 -47.51 -92.81 -18.27
N ILE A 871 -47.60 -91.48 -18.17
CA ILE A 871 -47.53 -90.63 -19.35
C ILE A 871 -46.17 -90.77 -20.02
N TYR A 872 -45.10 -90.73 -19.24
CA TYR A 872 -43.76 -90.84 -19.81
C TYR A 872 -43.46 -92.19 -20.41
N PHE A 873 -44.29 -93.21 -20.13
CA PHE A 873 -44.14 -94.53 -20.72
C PHE A 873 -45.06 -94.73 -21.92
N GLY A 874 -45.70 -93.67 -22.40
CA GLY A 874 -46.58 -93.77 -23.56
C GLY A 874 -47.83 -94.58 -23.32
N PHE A 875 -48.47 -94.42 -22.17
CA PHE A 875 -49.73 -95.10 -21.87
C PHE A 875 -50.95 -94.33 -22.33
N TYR A 876 -50.78 -93.08 -22.77
CA TYR A 876 -51.89 -92.24 -23.20
C TYR A 876 -51.63 -91.74 -24.62
N SER A 877 -52.71 -91.53 -25.37
CA SER A 877 -52.61 -90.93 -26.69
C SER A 877 -52.68 -89.42 -26.59
N PHE A 878 -52.49 -88.76 -27.74
CA PHE A 878 -52.44 -87.30 -27.74
C PHE A 878 -53.77 -86.70 -27.30
N SER A 879 -54.88 -87.28 -27.72
CA SER A 879 -56.18 -86.75 -27.33
C SER A 879 -56.40 -86.86 -25.82
N GLU A 880 -56.04 -88.00 -25.23
CA GLU A 880 -56.20 -88.16 -23.79
C GLU A 880 -55.27 -87.20 -23.04
N LEU A 881 -54.05 -87.00 -23.55
CA LEU A 881 -53.15 -86.04 -22.91
C LEU A 881 -53.73 -84.63 -22.97
N LEU A 882 -54.32 -84.25 -24.11
CA LEU A 882 -54.93 -82.94 -24.23
C LEU A 882 -56.09 -82.81 -23.25
N ARG A 883 -56.90 -83.86 -23.11
CA ARG A 883 -58.00 -83.81 -22.16
C ARG A 883 -57.48 -83.67 -20.73
N LEU A 884 -56.41 -84.40 -20.39
CA LEU A 884 -55.86 -84.36 -19.04
C LEU A 884 -55.16 -83.05 -18.73
N THR A 885 -54.68 -82.33 -19.75
CA THR A 885 -54.04 -81.05 -19.48
C THR A 885 -55.00 -80.08 -18.82
N ARG A 886 -56.26 -80.08 -19.23
CA ARG A 886 -57.24 -79.18 -18.61
C ARG A 886 -57.38 -79.48 -17.13
N THR A 887 -57.53 -80.75 -16.76
CA THR A 887 -57.65 -81.11 -15.36
C THR A 887 -56.38 -80.75 -14.59
N LEU A 888 -55.21 -81.03 -15.16
CA LEU A 888 -53.96 -80.75 -14.47
C LEU A 888 -53.81 -79.25 -14.22
N LEU A 889 -54.13 -78.43 -15.21
CA LEU A 889 -54.06 -76.98 -15.03
C LEU A 889 -55.09 -76.50 -14.02
N GLY A 890 -56.28 -77.07 -14.05
CA GLY A 890 -57.30 -76.68 -13.09
C GLY A 890 -56.91 -77.00 -11.66
N ILE A 891 -56.20 -78.10 -11.45
CA ILE A 891 -55.78 -78.47 -10.10
C ILE A 891 -54.88 -77.38 -9.50
N ILE A 892 -53.95 -76.88 -10.30
CA ILE A 892 -52.97 -75.90 -9.81
C ILE A 892 -53.37 -74.47 -10.22
N ASP A 893 -54.64 -74.25 -10.53
CA ASP A 893 -55.11 -72.92 -10.90
C ASP A 893 -55.49 -72.13 -9.65
N CYS A 894 -55.64 -70.81 -9.83
CA CYS A 894 -56.02 -69.93 -8.75
C CYS A 894 -57.48 -70.14 -8.36
N ASP A 961 -46.33 -76.08 1.72
CA ASP A 961 -45.87 -77.42 2.05
C ASP A 961 -45.03 -78.00 0.92
N ILE A 962 -44.04 -78.82 1.29
CA ILE A 962 -43.16 -79.40 0.28
C ILE A 962 -43.93 -80.35 -0.63
N VAL A 963 -44.93 -81.06 -0.09
CA VAL A 963 -45.68 -82.01 -0.90
C VAL A 963 -46.39 -81.29 -2.04
N VAL A 964 -46.99 -80.13 -1.75
CA VAL A 964 -47.68 -79.37 -2.78
C VAL A 964 -46.71 -78.92 -3.87
N MET A 965 -45.52 -78.45 -3.45
CA MET A 965 -44.53 -78.01 -4.42
C MET A 965 -44.08 -79.16 -5.32
N GLU A 966 -43.87 -80.35 -4.72
CA GLU A 966 -43.47 -81.50 -5.52
C GLU A 966 -44.59 -81.90 -6.50
N THR A 967 -45.83 -81.86 -6.05
CA THR A 967 -46.95 -82.17 -6.94
C THR A 967 -47.00 -81.18 -8.11
N LYS A 968 -46.80 -79.90 -7.82
CA LYS A 968 -46.81 -78.89 -8.89
C LYS A 968 -45.64 -79.10 -9.84
N LEU A 969 -44.47 -79.50 -9.32
CA LEU A 969 -43.34 -79.80 -10.19
C LEU A 969 -43.65 -80.97 -11.11
N LYS A 970 -44.27 -82.03 -10.58
CA LYS A 970 -44.64 -83.17 -11.42
C LYS A 970 -45.65 -82.76 -12.49
N ILE A 971 -46.62 -81.92 -12.11
CA ILE A 971 -47.58 -81.43 -13.09
C ILE A 971 -46.88 -80.65 -14.19
N LEU A 972 -45.91 -79.81 -13.81
CA LEU A 972 -45.16 -79.05 -14.81
C LEU A 972 -44.39 -79.97 -15.74
N GLU A 973 -43.79 -81.03 -15.19
CA GLU A 973 -43.07 -81.98 -16.05
C GLU A 973 -44.02 -82.67 -17.02
N ILE A 974 -45.20 -83.05 -16.55
CA ILE A 974 -46.21 -83.62 -17.45
C ILE A 974 -46.54 -82.64 -18.55
N LEU A 975 -46.67 -81.35 -18.19
CA LEU A 975 -46.97 -80.32 -19.19
C LEU A 975 -45.86 -80.23 -20.22
N GLN A 976 -44.59 -80.29 -19.79
CA GLN A 976 -43.50 -80.26 -20.74
C GLN A 976 -43.57 -81.45 -21.70
N PHE A 977 -43.84 -82.64 -21.17
CA PHE A 977 -43.94 -83.81 -22.03
C PHE A 977 -45.06 -83.64 -23.05
N ILE A 978 -46.21 -83.14 -22.62
CA ILE A 978 -47.34 -82.99 -23.53
C ILE A 978 -47.04 -81.92 -24.59
N LEU A 979 -46.33 -80.87 -24.20
CA LEU A 979 -45.93 -79.85 -25.18
C LEU A 979 -44.98 -80.44 -26.21
N ASN A 980 -44.06 -81.30 -25.77
CA ASN A 980 -43.19 -81.97 -26.74
C ASN A 980 -43.99 -82.86 -27.68
N VAL A 981 -45.01 -83.54 -27.16
CA VAL A 981 -45.87 -84.36 -28.01
C VAL A 981 -46.58 -83.48 -29.03
N ARG A 982 -47.05 -82.31 -28.61
CA ARG A 982 -47.68 -81.39 -29.55
C ARG A 982 -46.71 -80.92 -30.63
N LEU A 983 -45.45 -80.66 -30.25
CA LEU A 983 -44.44 -80.30 -31.23
C LEU A 983 -44.23 -81.42 -32.23
N ASP A 984 -44.17 -82.66 -31.76
CA ASP A 984 -44.04 -83.80 -32.67
C ASP A 984 -45.23 -83.88 -33.61
N TYR A 985 -46.43 -83.64 -33.10
CA TYR A 985 -47.61 -83.66 -33.95
C TYR A 985 -47.54 -82.57 -35.03
N ARG A 986 -47.07 -81.38 -34.65
CA ARG A 986 -46.93 -80.30 -35.63
C ARG A 986 -45.92 -80.67 -36.72
N ILE A 987 -44.81 -81.27 -36.32
CA ILE A 987 -43.81 -81.70 -37.31
C ILE A 987 -44.41 -82.75 -38.24
N SER A 988 -45.16 -83.69 -37.68
CA SER A 988 -45.80 -84.71 -38.51
C SER A 988 -46.80 -84.10 -39.48
N TYR A 989 -47.57 -83.10 -39.02
CA TYR A 989 -48.53 -82.44 -39.91
C TYR A 989 -47.81 -81.73 -41.05
N LEU A 990 -46.71 -81.03 -40.74
CA LEU A 990 -45.95 -80.36 -41.79
C LEU A 990 -45.40 -81.37 -42.79
N LEU A 991 -44.87 -82.48 -42.30
CA LEU A 991 -44.34 -83.51 -43.20
C LEU A 991 -45.43 -84.09 -44.07
N SER A 992 -46.61 -84.33 -43.50
CA SER A 992 -47.72 -84.86 -44.29
C SER A 992 -48.14 -83.88 -45.39
N VAL A 993 -48.21 -82.59 -45.05
CA VAL A 993 -48.56 -81.59 -46.06
C VAL A 993 -47.53 -81.59 -47.18
N PHE A 994 -46.25 -81.60 -46.81
CA PHE A 994 -45.19 -81.60 -47.82
C PHE A 994 -45.27 -82.84 -48.71
N LYS A 995 -45.50 -84.00 -48.10
CA LYS A 995 -45.58 -85.23 -48.88
C LYS A 995 -46.78 -85.20 -49.83
N LYS A 996 -47.92 -84.70 -49.35
CA LYS A 996 -49.10 -84.62 -50.21
C LYS A 996 -48.81 -83.71 -51.41
N GLU A 997 -48.22 -82.54 -51.16
CA GLU A 997 -47.93 -81.63 -52.26
C GLU A 997 -46.93 -82.24 -53.24
N PHE A 998 -45.89 -82.92 -52.71
CA PHE A 998 -44.91 -83.55 -53.58
C PHE A 998 -45.54 -84.63 -54.44
N VAL A 999 -46.41 -85.46 -53.85
CA VAL A 999 -47.08 -86.50 -54.62
C VAL A 999 -47.96 -85.89 -55.69
N GLU A 1000 -48.69 -84.82 -55.35
CA GLU A 1000 -49.53 -84.17 -56.34
C GLU A 1000 -48.71 -83.60 -57.50
N VAL A 1001 -47.59 -82.95 -57.19
CA VAL A 1001 -46.79 -82.34 -58.25
C VAL A 1001 -46.09 -83.41 -59.09
N PHE A 1002 -45.56 -84.44 -58.44
CA PHE A 1002 -44.79 -85.50 -59.11
C PHE A 1002 -45.48 -86.84 -58.88
N PRO A 1003 -46.44 -87.22 -59.73
CA PRO A 1003 -47.09 -88.52 -59.55
C PRO A 1003 -46.11 -89.69 -59.61
N MET A 1004 -45.08 -89.60 -60.43
CA MET A 1004 -44.09 -90.67 -60.55
C MET A 1004 -43.36 -90.87 -59.23
N ASN A 1022 -44.43 -77.54 -60.86
CA ASN A 1022 -43.85 -76.71 -59.81
C ASN A 1022 -44.53 -76.95 -58.47
N MET A 1023 -43.97 -76.40 -57.41
CA MET A 1023 -44.50 -76.54 -56.06
C MET A 1023 -45.22 -75.27 -55.65
N ASN A 1024 -46.42 -75.42 -55.08
CA ASN A 1024 -47.20 -74.28 -54.60
C ASN A 1024 -46.82 -74.02 -53.15
N LEU A 1025 -45.69 -73.33 -52.99
CA LEU A 1025 -45.18 -73.04 -51.65
C LEU A 1025 -46.11 -72.11 -50.87
N ASP A 1026 -46.92 -71.30 -51.56
CA ASP A 1026 -47.83 -70.41 -50.85
C ASP A 1026 -48.85 -71.20 -50.04
N ARG A 1027 -49.40 -72.27 -50.60
CA ARG A 1027 -50.37 -73.08 -49.87
C ARG A 1027 -49.72 -73.74 -48.65
N ILE A 1028 -48.50 -74.25 -48.80
CA ILE A 1028 -47.83 -74.87 -47.67
C ILE A 1028 -47.54 -73.85 -46.58
N GLY A 1029 -47.10 -72.66 -46.97
CA GLY A 1029 -46.89 -71.61 -45.99
C GLY A 1029 -48.18 -71.23 -45.26
N GLU A 1030 -49.28 -71.15 -46.00
CA GLU A 1030 -50.56 -70.83 -45.37
C GLU A 1030 -50.97 -71.92 -44.39
N GLN A 1031 -50.79 -73.18 -44.75
CA GLN A 1031 -51.12 -74.28 -43.84
C GLN A 1031 -50.25 -74.24 -42.60
N ALA A 1032 -48.95 -73.98 -42.77
CA ALA A 1032 -48.06 -73.88 -41.63
C ALA A 1032 -48.47 -72.76 -40.70
N GLU A 1033 -48.82 -71.60 -41.26
CA GLU A 1033 -49.28 -70.48 -40.44
C GLU A 1033 -50.57 -70.84 -39.71
N ALA A 1034 -51.50 -71.52 -40.39
CA ALA A 1034 -52.77 -71.87 -39.77
C ALA A 1034 -52.57 -72.86 -38.63
N MET A 1035 -51.65 -73.81 -38.77
CA MET A 1035 -51.48 -74.84 -37.75
C MET A 1035 -51.01 -74.27 -36.42
N PHE A 1036 -50.50 -73.04 -36.40
CA PHE A 1036 -50.05 -72.40 -35.17
C PHE A 1036 -51.13 -71.56 -34.50
N GLY A 1037 -52.33 -71.49 -35.08
CA GLY A 1037 -53.39 -70.69 -34.52
C GLY A 1037 -53.69 -71.01 -33.07
N SER A 1043 -57.62 -73.57 -31.57
CA SER A 1043 -57.39 -74.87 -32.20
C SER A 1043 -57.44 -75.99 -31.15
N MET A 1044 -57.57 -77.23 -31.63
CA MET A 1044 -57.64 -78.38 -30.74
C MET A 1044 -56.33 -78.65 -30.03
N LEU A 1045 -55.22 -78.07 -30.48
CA LEU A 1045 -53.92 -78.30 -29.86
C LEU A 1045 -53.70 -77.45 -28.62
N GLU A 1046 -54.61 -76.54 -28.29
CA GLU A 1046 -54.46 -75.72 -27.11
C GLU A 1046 -54.57 -76.56 -25.85
N VAL A 1047 -53.83 -76.16 -24.81
CA VAL A 1047 -53.80 -76.91 -23.56
C VAL A 1047 -54.89 -76.49 -22.59
N ASP A 1048 -55.78 -75.59 -22.99
CA ASP A 1048 -56.89 -75.17 -22.13
C ASP A 1048 -58.01 -74.62 -23.02
N ASP A 1049 -59.19 -74.48 -22.40
CA ASP A 1049 -60.36 -73.97 -23.11
C ASP A 1049 -60.40 -72.45 -23.17
N GLU A 1050 -59.45 -71.77 -22.56
CA GLU A 1050 -59.40 -70.31 -22.54
C GLU A 1050 -58.39 -69.75 -23.55
N GLY A 1051 -58.00 -70.55 -24.53
CA GLY A 1051 -57.05 -70.08 -25.53
C GLY A 1051 -55.69 -69.73 -24.95
N GLY A 1052 -55.23 -70.51 -23.97
CA GLY A 1052 -53.93 -70.28 -23.36
C GLY A 1052 -53.93 -69.30 -22.21
N ARG A 1053 -55.06 -68.65 -21.91
CA ARG A 1053 -55.10 -67.72 -20.81
C ARG A 1053 -54.87 -68.42 -19.47
N MET A 1054 -55.50 -69.58 -19.27
CA MET A 1054 -55.32 -70.31 -18.03
C MET A 1054 -53.89 -70.79 -17.87
N PHE A 1055 -53.27 -71.24 -18.96
CA PHE A 1055 -51.88 -71.69 -18.91
C PHE A 1055 -50.97 -70.54 -18.48
N LEU A 1056 -51.15 -69.37 -19.08
CA LEU A 1056 -50.33 -68.21 -18.73
C LEU A 1056 -50.56 -67.81 -17.28
N ARG A 1057 -51.81 -67.80 -16.83
CA ARG A 1057 -52.12 -67.45 -15.46
C ARG A 1057 -51.46 -68.41 -14.49
N VAL A 1058 -51.53 -69.71 -14.77
CA VAL A 1058 -50.90 -70.71 -13.91
C VAL A 1058 -49.39 -70.51 -13.89
N LEU A 1059 -48.80 -70.24 -15.04
CA LEU A 1059 -47.34 -70.05 -15.09
C LEU A 1059 -46.93 -68.84 -14.27
N ILE A 1060 -47.67 -67.73 -14.37
CA ILE A 1060 -47.34 -66.54 -13.58
C ILE A 1060 -47.49 -66.83 -12.09
N HIS A 1061 -48.59 -67.49 -11.71
CA HIS A 1061 -48.81 -67.79 -10.30
C HIS A 1061 -47.70 -68.67 -9.75
N LEU A 1062 -47.28 -69.68 -10.51
CA LEU A 1062 -46.18 -70.54 -10.07
C LEU A 1062 -44.87 -69.76 -9.98
N THR A 1063 -44.62 -68.86 -10.94
CA THR A 1063 -43.45 -68.02 -10.86
C THR A 1063 -43.45 -67.16 -9.61
N MET A 1064 -44.62 -66.80 -9.11
CA MET A 1064 -44.71 -66.04 -7.87
C MET A 1064 -44.34 -66.86 -6.63
N HIS A 1065 -44.22 -68.17 -6.75
CA HIS A 1065 -43.91 -69.01 -5.60
C HIS A 1065 -42.44 -68.91 -5.22
N ASP A 1066 -42.11 -69.46 -4.06
CA ASP A 1066 -40.75 -69.37 -3.53
C ASP A 1066 -39.87 -70.55 -3.92
N TYR A 1067 -40.44 -71.74 -4.04
CA TYR A 1067 -39.66 -72.92 -4.38
C TYR A 1067 -38.88 -72.70 -5.67
N ALA A 1068 -37.55 -72.69 -5.57
CA ALA A 1068 -36.73 -72.34 -6.73
C ALA A 1068 -36.95 -73.25 -7.92
N PRO A 1069 -36.97 -74.58 -7.78
CA PRO A 1069 -37.21 -75.42 -8.96
C PRO A 1069 -38.54 -75.14 -9.63
N LEU A 1070 -39.59 -74.89 -8.85
CA LEU A 1070 -40.89 -74.59 -9.42
C LEU A 1070 -40.85 -73.29 -10.22
N VAL A 1071 -40.20 -72.27 -9.67
CA VAL A 1071 -40.11 -70.99 -10.38
C VAL A 1071 -39.31 -71.15 -11.67
N SER A 1072 -38.22 -71.93 -11.61
CA SER A 1072 -37.41 -72.15 -12.80
C SER A 1072 -38.20 -72.86 -13.88
N GLY A 1073 -38.94 -73.91 -13.50
CA GLY A 1073 -39.76 -74.61 -14.48
C GLY A 1073 -40.84 -73.73 -15.07
N ALA A 1074 -41.50 -72.93 -14.22
CA ALA A 1074 -42.52 -72.03 -14.72
C ALA A 1074 -41.94 -71.01 -15.69
N LEU A 1075 -40.77 -70.47 -15.37
CA LEU A 1075 -40.13 -69.51 -16.28
C LEU A 1075 -39.75 -70.16 -17.59
N GLN A 1076 -39.22 -71.38 -17.54
CA GLN A 1076 -38.87 -72.08 -18.78
C GLN A 1076 -40.11 -72.29 -19.65
N LEU A 1077 -41.21 -72.75 -19.04
CA LEU A 1077 -42.43 -72.95 -19.80
C LEU A 1077 -42.96 -71.64 -20.36
N LEU A 1078 -42.89 -70.56 -19.57
CA LEU A 1078 -43.35 -69.26 -20.04
C LEU A 1078 -42.54 -68.81 -21.25
N PHE A 1079 -41.22 -68.97 -21.19
CA PHE A 1079 -40.39 -68.56 -22.32
C PHE A 1079 -40.67 -69.42 -23.55
N LYS A 1080 -40.86 -70.72 -23.35
CA LYS A 1080 -41.16 -71.60 -24.48
C LYS A 1080 -42.54 -71.33 -25.07
N HIS A 1081 -43.46 -70.77 -24.29
CA HIS A 1081 -44.81 -70.53 -24.79
C HIS A 1081 -44.81 -69.56 -25.98
N PHE A 1082 -44.01 -68.49 -25.89
CA PHE A 1082 -43.97 -67.47 -26.93
C PHE A 1082 -42.88 -67.70 -27.96
N SER A 1083 -42.49 -68.96 -28.18
CA SER A 1083 -41.49 -69.30 -29.19
C SER A 1083 -41.90 -70.55 -29.96
N GLN A 1084 -43.20 -70.78 -30.10
CA GLN A 1084 -43.66 -72.02 -30.71
C GLN A 1084 -43.25 -72.12 -32.17
N ARG A 1085 -43.41 -71.03 -32.93
CA ARG A 1085 -43.04 -71.07 -34.35
C ARG A 1085 -41.55 -71.30 -34.52
N GLN A 1086 -40.73 -70.61 -33.72
CA GLN A 1086 -39.29 -70.80 -33.81
C GLN A 1086 -38.89 -72.22 -33.45
N GLU A 1087 -39.49 -72.78 -32.40
CA GLU A 1087 -39.18 -74.16 -32.01
C GLU A 1087 -39.60 -75.13 -33.09
N ALA A 1088 -40.78 -74.92 -33.70
CA ALA A 1088 -41.24 -75.80 -34.75
C ALA A 1088 -40.32 -75.76 -35.95
N MET A 1089 -39.87 -74.57 -36.36
CA MET A 1089 -38.95 -74.47 -37.49
C MET A 1089 -37.62 -75.13 -37.16
N HIS A 1090 -37.10 -74.91 -35.95
CA HIS A 1090 -35.84 -75.52 -35.56
C HIS A 1090 -35.94 -77.05 -35.57
N THR A 1091 -37.04 -77.59 -35.07
CA THR A 1091 -37.21 -79.05 -35.08
C THR A 1091 -37.38 -79.57 -36.50
N PHE A 1092 -38.09 -78.82 -37.35
CA PHE A 1092 -38.28 -79.25 -38.73
C PHE A 1092 -36.97 -79.27 -39.49
N LYS A 1093 -36.05 -78.33 -39.17
CA LYS A 1093 -34.75 -78.33 -39.83
C LYS A 1093 -34.01 -79.65 -39.61
N GLN A 1094 -34.13 -80.22 -38.42
CA GLN A 1094 -33.38 -81.40 -38.03
C GLN A 1094 -34.03 -82.71 -38.49
N VAL A 1095 -35.21 -82.65 -39.11
CA VAL A 1095 -35.88 -83.88 -39.53
C VAL A 1095 -35.03 -84.59 -40.58
N GLN A 1096 -34.88 -85.91 -40.41
CA GLN A 1096 -34.14 -86.75 -41.33
C GLN A 1096 -35.10 -87.72 -42.02
N LEU A 1097 -35.05 -87.76 -43.34
CA LEU A 1097 -35.94 -88.60 -44.14
C LEU A 1097 -35.17 -89.79 -44.66
N LEU A 1098 -35.74 -90.99 -44.48
CA LEU A 1098 -35.16 -92.23 -44.97
C LEU A 1098 -36.01 -92.73 -46.13
N ILE A 1099 -35.47 -92.66 -47.34
CA ILE A 1099 -36.20 -93.00 -48.56
C ILE A 1099 -35.58 -94.21 -49.26
N SER A 1100 -34.25 -94.27 -49.32
CA SER A 1100 -33.59 -95.38 -50.00
C SER A 1100 -33.87 -96.69 -49.27
N ALA A 1101 -33.92 -97.78 -50.04
CA ALA A 1101 -34.17 -99.09 -49.45
C ALA A 1101 -33.05 -99.47 -48.48
N GLN A 1102 -31.80 -99.15 -48.83
CA GLN A 1102 -30.69 -99.41 -47.94
C GLN A 1102 -30.86 -98.65 -46.62
N ASP A 1103 -31.31 -97.40 -46.71
CA ASP A 1103 -31.54 -96.62 -45.49
C ASP A 1103 -32.63 -97.26 -44.63
N VAL A 1104 -33.70 -97.74 -45.26
CA VAL A 1104 -34.78 -98.37 -44.49
C VAL A 1104 -34.26 -99.64 -43.82
N GLU A 1105 -33.49 -100.45 -44.54
CA GLU A 1105 -32.94 -101.67 -43.94
C GLU A 1105 -32.01 -101.34 -42.78
N ASN A 1106 -31.17 -100.32 -42.95
CA ASN A 1106 -30.28 -99.92 -41.86
C ASN A 1106 -31.08 -99.47 -40.66
N TYR A 1107 -32.14 -98.68 -40.89
CA TYR A 1107 -32.98 -98.21 -39.79
C TYR A 1107 -33.60 -99.39 -39.04
N LYS A 1108 -34.16 -100.35 -39.78
CA LYS A 1108 -34.79 -101.49 -39.13
C LYS A 1108 -33.77 -102.31 -38.34
N VAL A 1109 -32.60 -102.57 -38.93
CA VAL A 1109 -31.58 -103.36 -38.24
C VAL A 1109 -31.12 -102.66 -36.98
N ILE A 1110 -30.86 -101.35 -37.07
CA ILE A 1110 -30.40 -100.60 -35.91
C ILE A 1110 -31.47 -100.61 -34.82
N LYS A 1111 -32.74 -100.40 -35.20
CA LYS A 1111 -33.81 -100.41 -34.22
C LYS A 1111 -33.88 -101.75 -33.50
N SER A 1112 -33.86 -102.85 -34.26
CA SER A 1112 -33.95 -104.15 -33.63
C SER A 1112 -32.77 -104.43 -32.71
N GLU A 1113 -31.55 -104.14 -33.19
CA GLU A 1113 -30.37 -104.40 -32.38
C GLU A 1113 -30.37 -103.58 -31.10
N LEU A 1114 -30.70 -102.29 -31.21
CA LEU A 1114 -30.72 -101.44 -30.03
C LEU A 1114 -31.79 -101.88 -29.05
N ASP A 1115 -32.98 -102.25 -29.55
CA ASP A 1115 -34.04 -102.71 -28.65
C ASP A 1115 -33.61 -103.96 -27.90
N ARG A 1116 -33.02 -104.92 -28.61
CA ARG A 1116 -32.58 -106.16 -27.95
C ARG A 1116 -31.47 -105.88 -26.94
N LEU A 1117 -30.53 -105.01 -27.31
CA LEU A 1117 -29.45 -104.67 -26.39
C LEU A 1117 -29.98 -104.01 -25.13
N ARG A 1118 -30.92 -103.07 -25.28
CA ARG A 1118 -31.51 -102.41 -24.13
C ARG A 1118 -32.24 -103.41 -23.24
N THR A 1119 -33.03 -104.30 -23.86
CA THR A 1119 -33.76 -105.29 -23.08
C THR A 1119 -32.81 -106.20 -22.30
N MET A 1120 -31.72 -106.62 -22.94
CA MET A 1120 -30.79 -107.52 -22.26
C MET A 1120 -30.03 -106.79 -21.16
N VAL A 1121 -29.67 -105.52 -21.39
CA VAL A 1121 -28.95 -104.77 -20.37
C VAL A 1121 -29.83 -104.51 -19.17
N GLU A 1122 -31.13 -104.27 -19.39
CA GLU A 1122 -32.04 -104.01 -18.29
C GLU A 1122 -32.08 -105.15 -17.29
N LYS A 1123 -31.78 -106.38 -17.74
CA LYS A 1123 -31.79 -107.56 -16.88
C LYS A 1123 -30.39 -108.00 -16.50
N SER A 1124 -29.50 -107.05 -16.22
CA SER A 1124 -28.10 -107.36 -15.96
C SER A 1124 -27.96 -108.35 -14.81
N GLU A 1125 -28.71 -108.14 -13.73
CA GLU A 1125 -28.57 -108.99 -12.54
C GLU A 1125 -28.90 -110.44 -12.84
N LEU A 1126 -29.67 -110.72 -13.89
CA LEU A 1126 -30.09 -112.09 -14.16
C LEU A 1126 -28.95 -112.93 -14.72
N TRP A 1127 -28.14 -112.37 -15.63
CA TRP A 1127 -27.11 -113.12 -16.32
C TRP A 1127 -25.69 -112.70 -15.96
N VAL A 1128 -25.50 -111.54 -15.32
CA VAL A 1128 -24.16 -111.10 -14.96
C VAL A 1128 -23.59 -112.04 -13.91
N ASP A 1129 -22.35 -112.47 -14.11
CA ASP A 1129 -21.68 -113.37 -13.18
C ASP A 1129 -21.42 -112.69 -11.86
N SER A 1166 -23.52 -118.34 -19.97
CA SER A 1166 -24.85 -118.30 -20.55
C SER A 1166 -24.80 -117.75 -21.98
N GLU A 1167 -25.90 -117.92 -22.71
CA GLU A 1167 -25.98 -117.44 -24.09
C GLU A 1167 -26.06 -115.92 -24.18
N ASN A 1168 -26.29 -115.23 -23.05
CA ASN A 1168 -26.41 -113.78 -23.10
C ASN A 1168 -25.11 -113.14 -23.58
N TYR A 1169 -23.97 -113.63 -23.10
CA TYR A 1169 -22.70 -113.01 -23.45
C TYR A 1169 -22.44 -113.10 -24.95
N GLN A 1170 -22.68 -114.26 -25.54
CA GLN A 1170 -22.44 -114.43 -26.98
C GLN A 1170 -23.36 -113.53 -27.80
N ILE A 1171 -24.64 -113.46 -27.43
CA ILE A 1171 -25.57 -112.62 -28.17
C ILE A 1171 -25.18 -111.15 -28.06
N VAL A 1172 -24.79 -110.72 -26.85
CA VAL A 1172 -24.37 -109.34 -26.66
C VAL A 1172 -23.14 -109.03 -27.50
N LYS A 1173 -22.17 -109.95 -27.52
CA LYS A 1173 -20.97 -109.74 -28.31
C LYS A 1173 -21.29 -109.64 -29.79
N GLY A 1174 -22.19 -110.51 -30.28
CA GLY A 1174 -22.60 -110.42 -31.67
C GLY A 1174 -23.28 -109.09 -31.97
N ILE A 1175 -24.11 -108.60 -31.05
CA ILE A 1175 -24.79 -107.33 -31.27
C ILE A 1175 -23.78 -106.19 -31.34
N LEU A 1176 -22.81 -106.17 -30.42
CA LEU A 1176 -21.79 -105.13 -30.47
C LEU A 1176 -20.99 -105.19 -31.77
N GLU A 1177 -20.58 -106.39 -32.21
CA GLU A 1177 -19.85 -106.48 -33.46
C GLU A 1177 -20.70 -106.01 -34.63
N ARG A 1178 -21.98 -106.38 -34.65
CA ARG A 1178 -22.87 -105.95 -35.72
C ARG A 1178 -23.00 -104.44 -35.76
N LEU A 1179 -23.16 -103.81 -34.58
CA LEU A 1179 -23.26 -102.35 -34.54
C LEU A 1179 -21.96 -101.70 -35.00
N ASN A 1180 -20.82 -102.25 -34.58
CA ASN A 1180 -19.53 -101.69 -35.00
C ASN A 1180 -19.38 -101.76 -36.51
N LYS A 1181 -19.75 -102.89 -37.12
CA LYS A 1181 -19.72 -102.98 -38.57
C LYS A 1181 -20.73 -102.04 -39.21
N MET A 1182 -21.86 -101.80 -38.54
CA MET A 1182 -22.90 -100.92 -39.05
C MET A 1182 -22.50 -99.46 -38.99
N CYS A 1183 -21.51 -99.10 -38.16
CA CYS A 1183 -21.10 -97.71 -38.06
C CYS A 1183 -20.71 -97.14 -39.42
N GLY A 1184 -20.20 -97.98 -40.32
CA GLY A 1184 -19.93 -97.57 -41.68
C GLY A 1184 -18.49 -97.12 -41.90
N VAL A 1185 -18.12 -97.08 -43.18
CA VAL A 1185 -16.79 -96.66 -43.61
C VAL A 1185 -16.96 -95.63 -44.74
N GLY A 1186 -16.17 -94.57 -44.68
CA GLY A 1186 -16.26 -93.50 -45.65
C GLY A 1186 -16.82 -92.24 -45.01
N GLU A 1187 -16.31 -91.08 -45.46
CA GLU A 1187 -16.67 -89.83 -44.83
C GLU A 1187 -18.17 -89.59 -44.89
N GLN A 1188 -18.76 -89.65 -46.08
CA GLN A 1188 -20.19 -89.41 -46.20
C GLN A 1188 -20.99 -90.52 -45.53
N MET A 1189 -20.60 -91.77 -45.77
CA MET A 1189 -21.29 -92.90 -45.13
C MET A 1189 -21.15 -92.83 -43.62
N ARG A 1190 -19.94 -92.51 -43.13
CA ARG A 1190 -19.73 -92.42 -41.69
C ARG A 1190 -20.58 -91.32 -41.08
N LYS A 1191 -20.64 -90.16 -41.73
CA LYS A 1191 -21.45 -89.06 -41.21
C LYS A 1191 -22.93 -89.43 -41.18
N LYS A 1192 -23.42 -90.03 -42.27
CA LYS A 1192 -24.83 -90.42 -42.32
C LYS A 1192 -25.15 -91.44 -41.24
N GLN A 1193 -24.29 -92.45 -41.07
CA GLN A 1193 -24.54 -93.48 -40.08
C GLN A 1193 -24.46 -92.91 -38.67
N GLN A 1194 -23.55 -91.98 -38.42
CA GLN A 1194 -23.45 -91.35 -37.11
C GLN A 1194 -24.71 -90.54 -36.81
N ARG A 1195 -25.21 -89.79 -37.80
CA ARG A 1195 -26.45 -89.05 -37.60
C ARG A 1195 -27.61 -90.00 -37.31
N LEU A 1196 -27.71 -91.09 -38.06
CA LEU A 1196 -28.78 -92.05 -37.83
C LEU A 1196 -28.69 -92.65 -36.43
N LEU A 1197 -27.48 -93.05 -36.01
CA LEU A 1197 -27.31 -93.63 -34.69
C LEU A 1197 -27.65 -92.63 -33.60
N LYS A 1198 -27.28 -91.36 -33.79
CA LYS A 1198 -27.68 -90.33 -32.83
C LYS A 1198 -29.19 -90.20 -32.76
N ASN A 1199 -29.86 -90.26 -33.91
CA ASN A 1199 -31.32 -90.15 -33.92
C ASN A 1199 -31.99 -91.33 -33.23
N MET A 1200 -31.33 -92.50 -33.22
CA MET A 1200 -31.89 -93.69 -32.59
C MET A 1200 -31.42 -93.88 -31.16
N ASP A 1201 -30.64 -92.94 -30.61
CA ASP A 1201 -30.23 -92.99 -29.21
C ASP A 1201 -29.45 -94.26 -28.88
N ALA A 1202 -28.50 -94.60 -29.75
CA ALA A 1202 -27.62 -95.73 -29.45
C ALA A 1202 -26.60 -95.38 -28.38
N HIS A 1203 -26.15 -94.12 -28.35
CA HIS A 1203 -25.17 -93.70 -27.36
C HIS A 1203 -25.71 -93.86 -25.95
N LYS A 1204 -27.00 -93.57 -25.75
CA LYS A 1204 -27.59 -93.76 -24.42
C LYS A 1204 -27.54 -95.23 -24.00
N VAL A 1205 -27.84 -96.13 -24.93
CA VAL A 1205 -27.79 -97.56 -24.62
C VAL A 1205 -26.36 -97.96 -24.27
N MET A 1206 -25.38 -97.48 -25.04
CA MET A 1206 -24.00 -97.85 -24.75
C MET A 1206 -23.56 -97.32 -23.38
N LEU A 1207 -23.91 -96.06 -23.08
CA LEU A 1207 -23.54 -95.49 -21.79
C LEU A 1207 -24.19 -96.26 -20.64
N ASP A 1208 -25.46 -96.65 -20.81
CA ASP A 1208 -26.12 -97.45 -19.79
C ASP A 1208 -25.42 -98.80 -19.63
N LEU A 1209 -24.97 -99.38 -20.74
CA LEU A 1209 -24.24 -100.64 -20.67
C LEU A 1209 -22.93 -100.46 -19.90
N LEU A 1210 -22.25 -99.33 -20.08
CA LEU A 1210 -21.01 -99.09 -19.36
C LEU A 1210 -21.24 -99.10 -17.86
N GLN A 1211 -22.37 -98.56 -17.40
CA GLN A 1211 -22.66 -98.50 -15.98
C GLN A 1211 -22.98 -99.86 -15.37
N ILE A 1212 -23.13 -100.89 -16.19
CA ILE A 1212 -23.54 -102.21 -15.68
C ILE A 1212 -22.53 -102.66 -14.62
N PRO A 1213 -22.96 -103.15 -13.46
CA PRO A 1213 -22.01 -103.70 -12.49
C PRO A 1213 -21.49 -105.05 -12.95
N TYR A 1214 -20.22 -105.31 -12.66
CA TYR A 1214 -19.59 -106.55 -13.09
C TYR A 1214 -18.36 -106.82 -12.23
N ASP A 1215 -17.90 -108.05 -12.25
CA ASP A 1215 -16.70 -108.46 -11.54
C ASP A 1215 -15.48 -108.19 -12.41
N LYS A 1216 -14.31 -108.13 -11.76
CA LYS A 1216 -13.06 -107.84 -12.44
C LYS A 1216 -12.37 -109.08 -12.99
N GLY A 1217 -12.96 -110.27 -12.79
CA GLY A 1217 -12.35 -111.50 -13.25
C GLY A 1217 -13.15 -112.20 -14.33
N ASP A 1218 -13.76 -111.44 -15.23
CA ASP A 1218 -14.55 -111.98 -16.34
C ASP A 1218 -13.98 -111.44 -17.64
N ALA A 1219 -13.28 -112.29 -18.38
CA ALA A 1219 -12.69 -111.88 -19.65
C ALA A 1219 -13.77 -111.51 -20.67
N LYS A 1220 -14.88 -112.26 -20.67
CA LYS A 1220 -15.95 -111.97 -21.62
C LYS A 1220 -16.51 -110.58 -21.41
N MET A 1221 -16.71 -110.19 -20.14
CA MET A 1221 -17.20 -108.85 -19.86
C MET A 1221 -16.19 -107.80 -20.29
N MET A 1222 -14.90 -108.07 -20.11
CA MET A 1222 -13.87 -107.14 -20.57
C MET A 1222 -13.93 -106.97 -22.08
N GLU A 1223 -14.12 -108.07 -22.81
CA GLU A 1223 -14.25 -107.97 -24.26
C GLU A 1223 -15.50 -107.17 -24.65
N ILE A 1224 -16.61 -107.39 -23.93
CA ILE A 1224 -17.83 -106.65 -24.22
C ILE A 1224 -17.61 -105.16 -24.00
N LEU A 1225 -16.94 -104.80 -22.90
CA LEU A 1225 -16.67 -103.39 -22.63
C LEU A 1225 -15.71 -102.81 -23.67
N ARG A 1226 -14.73 -103.59 -24.11
CA ARG A 1226 -13.84 -103.13 -25.17
C ARG A 1226 -14.61 -102.83 -26.44
N TYR A 1227 -15.53 -103.72 -26.81
CA TYR A 1227 -16.34 -103.49 -28.01
C TYR A 1227 -17.22 -102.25 -27.84
N THR A 1228 -17.79 -102.08 -26.64
CA THR A 1228 -18.62 -100.90 -26.38
C THR A 1228 -17.79 -99.63 -26.52
N HIS A 1229 -16.58 -99.62 -25.99
CA HIS A 1229 -15.73 -98.44 -26.10
C HIS A 1229 -15.34 -98.19 -27.55
N GLN A 1230 -15.07 -99.26 -28.32
CA GLN A 1230 -14.78 -99.08 -29.73
C GLN A 1230 -15.95 -98.45 -30.46
N PHE A 1231 -17.17 -98.92 -30.18
CA PHE A 1231 -18.35 -98.32 -30.80
C PHE A 1231 -18.49 -96.86 -30.41
N LEU A 1232 -18.27 -96.55 -29.13
CA LEU A 1232 -18.39 -95.15 -28.69
C LEU A 1232 -17.36 -94.28 -29.40
N GLN A 1233 -16.13 -94.76 -29.53
CA GLN A 1233 -15.10 -93.99 -30.23
C GLN A 1233 -15.47 -93.77 -31.69
N LYS A 1234 -15.99 -94.82 -32.35
CA LYS A 1234 -16.42 -94.66 -33.74
C LYS A 1234 -17.59 -93.69 -33.85
N PHE A 1235 -18.43 -93.63 -32.81
CA PHE A 1235 -19.63 -92.78 -32.86
C PHE A 1235 -19.26 -91.31 -32.98
N CYS A 1236 -18.27 -90.85 -32.23
CA CYS A 1236 -17.88 -89.45 -32.21
C CYS A 1236 -16.63 -89.17 -33.04
N ALA A 1237 -16.21 -90.12 -33.89
CA ALA A 1237 -15.00 -89.95 -34.68
C ALA A 1237 -15.25 -88.90 -35.74
N GLY A 1238 -14.69 -87.70 -35.54
CA GLY A 1238 -14.80 -86.64 -36.51
C GLY A 1238 -16.11 -85.88 -36.50
N ASN A 1239 -16.98 -86.15 -35.53
CA ASN A 1239 -18.29 -85.49 -35.45
C ASN A 1239 -18.33 -84.59 -34.23
N PRO A 1240 -18.20 -83.27 -34.38
CA PRO A 1240 -18.27 -82.40 -33.19
C PRO A 1240 -19.55 -82.54 -32.39
N GLY A 1241 -20.68 -82.73 -33.07
CA GLY A 1241 -21.94 -82.87 -32.35
C GLY A 1241 -21.96 -84.07 -31.44
N ASN A 1242 -21.55 -85.24 -31.96
CA ASN A 1242 -21.48 -86.43 -31.13
C ASN A 1242 -20.39 -86.31 -30.07
N GLN A 1243 -19.31 -85.60 -30.40
CA GLN A 1243 -18.25 -85.37 -29.41
C GLN A 1243 -18.80 -84.61 -28.22
N ALA A 1244 -19.56 -83.54 -28.46
CA ALA A 1244 -20.17 -82.80 -27.37
C ALA A 1244 -21.22 -83.64 -26.66
N LEU A 1245 -21.98 -84.43 -27.40
CA LEU A 1245 -22.99 -85.28 -26.79
C LEU A 1245 -22.36 -86.23 -25.78
N LEU A 1246 -21.22 -86.83 -26.14
CA LEU A 1246 -20.53 -87.72 -25.21
C LEU A 1246 -19.82 -86.95 -24.11
N HIS A 1247 -19.28 -85.77 -24.41
CA HIS A 1247 -18.68 -84.92 -23.38
C HIS A 1247 -19.70 -84.54 -22.32
N LYS A 1248 -20.98 -84.53 -22.67
CA LYS A 1248 -22.01 -84.22 -21.68
C LYS A 1248 -22.04 -85.24 -20.55
N HIS A 1249 -21.42 -86.40 -20.73
CA HIS A 1249 -21.41 -87.48 -19.73
C HIS A 1249 -19.98 -87.87 -19.40
N LEU A 1250 -19.13 -86.88 -19.10
CA LEU A 1250 -17.72 -87.15 -18.85
C LEU A 1250 -17.54 -88.04 -17.62
N HIS A 1251 -18.36 -87.84 -16.59
CA HIS A 1251 -18.09 -88.45 -15.29
C HIS A 1251 -17.91 -89.96 -15.38
N LEU A 1252 -18.60 -90.62 -16.32
CA LEU A 1252 -18.46 -92.06 -16.47
C LEU A 1252 -17.04 -92.44 -16.87
N PHE A 1253 -16.44 -91.67 -17.79
CA PHE A 1253 -15.14 -92.02 -18.34
C PHE A 1253 -13.98 -91.65 -17.43
N LEU A 1254 -14.21 -90.84 -16.39
CA LEU A 1254 -13.15 -90.41 -15.48
C LEU A 1254 -12.91 -91.50 -14.43
N THR A 1255 -12.32 -92.60 -14.88
CA THR A 1255 -12.03 -93.75 -14.04
C THR A 1255 -10.64 -94.27 -14.40
N PRO A 1256 -10.01 -95.01 -13.47
CA PRO A 1256 -8.66 -95.55 -13.74
C PRO A 1256 -8.64 -96.73 -14.69
N GLY A 1257 -8.66 -96.44 -15.99
CA GLY A 1257 -8.64 -97.48 -17.00
C GLY A 1257 -7.99 -96.98 -18.27
N LEU A 1258 -7.54 -97.95 -19.07
CA LEU A 1258 -6.92 -97.63 -20.35
C LEU A 1258 -7.96 -97.37 -21.43
N LEU A 1259 -9.01 -98.19 -21.49
CA LEU A 1259 -10.07 -97.98 -22.46
C LEU A 1259 -10.78 -96.66 -22.22
N GLU A 1260 -10.99 -96.30 -20.96
CA GLU A 1260 -11.59 -95.01 -20.65
C GLU A 1260 -10.71 -93.87 -21.14
N ALA A 1261 -9.39 -94.00 -20.96
CA ALA A 1261 -8.48 -92.97 -21.46
C ALA A 1261 -8.54 -92.86 -22.98
N GLU A 1262 -8.62 -94.00 -23.68
CA GLU A 1262 -8.74 -93.96 -25.13
C GLU A 1262 -10.04 -93.29 -25.56
N THR A 1263 -11.14 -93.60 -24.87
CA THR A 1263 -12.42 -92.98 -25.20
C THR A 1263 -12.38 -91.47 -24.96
N MET A 1264 -11.75 -91.05 -23.85
CA MET A 1264 -11.60 -89.62 -23.59
C MET A 1264 -10.78 -88.96 -24.69
N GLN A 1265 -9.69 -89.60 -25.10
CA GLN A 1265 -8.87 -89.05 -26.18
C GLN A 1265 -9.69 -88.88 -27.45
N HIS A 1266 -10.49 -89.89 -27.79
CA HIS A 1266 -11.32 -89.80 -28.99
C HIS A 1266 -12.36 -88.71 -28.86
N ILE A 1267 -12.94 -88.56 -27.68
CA ILE A 1267 -13.94 -87.51 -27.47
C ILE A 1267 -13.32 -86.14 -27.67
N PHE A 1268 -12.12 -85.93 -27.13
CA PHE A 1268 -11.46 -84.63 -27.22
C PHE A 1268 -10.64 -84.46 -28.48
N LEU A 1269 -10.52 -85.50 -29.30
CA LEU A 1269 -9.68 -85.42 -30.49
C LEU A 1269 -10.24 -84.37 -31.47
N ASN A 1270 -9.37 -83.46 -31.89
CA ASN A 1270 -9.70 -82.44 -32.88
C ASN A 1270 -11.01 -81.73 -32.52
N ASN A 1271 -10.99 -81.08 -31.35
CA ASN A 1271 -12.16 -80.33 -30.87
C ASN A 1271 -11.65 -79.13 -30.08
N TYR A 1272 -11.57 -77.98 -30.74
CA TYR A 1272 -11.12 -76.76 -30.05
C TYR A 1272 -12.12 -76.35 -28.98
N GLN A 1273 -13.42 -76.45 -29.27
CA GLN A 1273 -14.43 -76.01 -28.31
C GLN A 1273 -14.34 -76.79 -27.00
N LEU A 1274 -13.94 -78.06 -27.06
CA LEU A 1274 -13.82 -78.88 -25.88
C LEU A 1274 -12.42 -78.80 -25.26
N CYS A 1275 -11.38 -78.88 -26.10
CA CYS A 1275 -10.02 -78.83 -25.58
C CYS A 1275 -9.73 -77.49 -24.92
N SER A 1276 -10.12 -76.39 -25.56
CA SER A 1276 -9.81 -75.07 -25.02
C SER A 1276 -10.48 -74.84 -23.68
N GLU A 1277 -11.74 -75.26 -23.54
CA GLU A 1277 -12.50 -75.04 -22.32
C GLU A 1277 -12.42 -76.22 -21.36
N ILE A 1278 -11.38 -77.06 -21.47
CA ILE A 1278 -11.25 -78.20 -20.58
C ILE A 1278 -11.04 -77.71 -19.15
N SER A 1279 -11.78 -78.29 -18.22
CA SER A 1279 -11.73 -77.86 -16.84
C SER A 1279 -10.46 -78.36 -16.16
N GLU A 1280 -10.09 -77.68 -15.07
CA GLU A 1280 -8.86 -78.03 -14.36
C GLU A 1280 -8.88 -79.46 -13.82
N PRO A 1281 -9.93 -79.91 -13.12
CA PRO A 1281 -9.88 -81.27 -12.55
C PRO A 1281 -9.71 -82.35 -13.59
N VAL A 1282 -10.26 -82.17 -14.79
CA VAL A 1282 -10.08 -83.18 -15.84
C VAL A 1282 -8.60 -83.32 -16.18
N LEU A 1283 -7.90 -82.19 -16.32
CA LEU A 1283 -6.47 -82.25 -16.62
C LEU A 1283 -5.68 -82.83 -15.46
N GLN A 1284 -6.02 -82.44 -14.23
CA GLN A 1284 -5.30 -83.01 -13.08
C GLN A 1284 -5.55 -84.49 -12.91
N HIS A 1285 -6.68 -85.01 -13.41
CA HIS A 1285 -6.98 -86.43 -13.24
C HIS A 1285 -5.90 -87.30 -13.85
N PHE A 1286 -5.46 -86.98 -15.06
CA PHE A 1286 -4.52 -87.84 -15.77
C PHE A 1286 -3.13 -87.76 -15.15
N VAL A 1287 -2.71 -86.57 -14.72
CA VAL A 1287 -1.41 -86.47 -14.05
C VAL A 1287 -1.46 -87.19 -12.71
N HIS A 1288 -2.60 -87.16 -12.02
CA HIS A 1288 -2.74 -87.92 -10.78
C HIS A 1288 -2.59 -89.42 -11.07
N LEU A 1289 -3.25 -89.91 -12.11
CA LEU A 1289 -3.13 -91.32 -12.46
C LEU A 1289 -1.68 -91.67 -12.81
N LEU A 1290 -1.01 -90.80 -13.57
CA LEU A 1290 0.39 -91.06 -13.89
C LEU A 1290 1.25 -91.12 -12.64
N ALA A 1291 1.03 -90.21 -11.70
CA ALA A 1291 1.82 -90.19 -10.48
C ALA A 1291 1.61 -91.45 -9.65
N THR A 1292 0.34 -91.86 -9.49
CA THR A 1292 0.04 -93.00 -8.63
C THR A 1292 0.11 -94.33 -9.38
N HIS A 1293 -0.35 -94.39 -10.62
CA HIS A 1293 -0.35 -95.63 -11.38
C HIS A 1293 0.73 -95.65 -12.46
N GLY A 1294 0.72 -94.68 -13.36
CA GLY A 1294 1.66 -94.70 -14.47
C GLY A 1294 1.56 -95.96 -15.29
N ARG A 1295 0.34 -96.42 -15.57
CA ARG A 1295 0.15 -97.71 -16.21
C ARG A 1295 0.81 -97.77 -17.57
N HIS A 1296 0.42 -96.87 -18.47
CA HIS A 1296 0.90 -96.90 -19.84
C HIS A 1296 0.93 -95.46 -20.37
N VAL A 1297 1.05 -95.33 -21.70
CA VAL A 1297 1.22 -94.04 -22.34
C VAL A 1297 -0.13 -93.45 -22.74
N GLN A 1298 -1.22 -94.10 -22.30
CA GLN A 1298 -2.56 -93.61 -22.67
C GLN A 1298 -2.80 -92.20 -22.14
N TYR A 1299 -2.40 -91.94 -20.88
CA TYR A 1299 -2.61 -90.61 -20.31
C TYR A 1299 -1.78 -89.57 -21.05
N LEU A 1300 -0.53 -89.89 -21.38
CA LEU A 1300 0.29 -88.96 -22.15
C LEU A 1300 -0.31 -88.70 -23.50
N ASP A 1301 -0.84 -89.74 -24.16
CA ASP A 1301 -1.49 -89.55 -25.45
C ASP A 1301 -2.70 -88.63 -25.32
N PHE A 1302 -3.50 -88.83 -24.28
CA PHE A 1302 -4.66 -87.97 -24.09
C PHE A 1302 -4.25 -86.52 -23.90
N LEU A 1303 -3.22 -86.29 -23.08
CA LEU A 1303 -2.74 -84.92 -22.87
C LEU A 1303 -2.23 -84.32 -24.18
N HIS A 1304 -1.48 -85.10 -24.95
CA HIS A 1304 -0.93 -84.61 -26.21
C HIS A 1304 -2.05 -84.20 -27.17
N THR A 1305 -3.08 -85.03 -27.30
CA THR A 1305 -4.20 -84.66 -28.17
C THR A 1305 -4.98 -83.48 -27.61
N VAL A 1306 -5.06 -83.34 -26.29
CA VAL A 1306 -5.76 -82.20 -25.72
C VAL A 1306 -5.00 -80.91 -26.01
N ILE A 1307 -3.66 -80.97 -26.09
CA ILE A 1307 -2.88 -79.75 -26.26
C ILE A 1307 -3.25 -79.03 -27.54
N LYS A 1308 -3.35 -79.77 -28.65
CA LYS A 1308 -3.60 -79.20 -29.97
C LYS A 1308 -4.97 -79.60 -30.47
N ALA A 1309 -5.64 -78.69 -31.17
CA ALA A 1309 -6.96 -78.94 -31.72
C ALA A 1309 -7.18 -78.04 -32.93
N GLU A 1310 -7.64 -78.64 -34.04
CA GLU A 1310 -7.96 -77.90 -35.26
C GLU A 1310 -6.75 -77.08 -35.73
N GLY A 1311 -5.58 -77.67 -35.65
CA GLY A 1311 -4.37 -76.97 -36.07
C GLY A 1311 -4.14 -75.70 -35.30
N LYS A 1312 -4.46 -75.70 -34.01
CA LYS A 1312 -4.28 -74.54 -33.15
C LYS A 1312 -3.76 -75.02 -31.80
N TYR A 1313 -3.07 -74.12 -31.10
CA TYR A 1313 -2.42 -74.43 -29.84
C TYR A 1313 -3.17 -73.75 -28.70
N VAL A 1314 -3.45 -74.51 -27.64
CA VAL A 1314 -4.13 -74.00 -26.45
C VAL A 1314 -3.04 -73.69 -25.43
N LYS A 1315 -2.74 -72.39 -25.29
CA LYS A 1315 -1.66 -71.98 -24.38
C LYS A 1315 -1.95 -72.40 -22.95
N LYS A 1316 -3.19 -72.19 -22.50
CA LYS A 1316 -3.54 -72.49 -21.11
C LYS A 1316 -3.39 -73.97 -20.81
N CYS A 1317 -3.81 -74.84 -21.73
CA CYS A 1317 -3.65 -76.28 -21.51
C CYS A 1317 -2.19 -76.65 -21.38
N GLN A 1318 -1.34 -76.09 -22.25
CA GLN A 1318 0.09 -76.36 -22.17
C GLN A 1318 0.64 -75.91 -20.82
N ASP A 1319 0.23 -74.72 -20.37
CA ASP A 1319 0.72 -74.20 -19.10
C ASP A 1319 0.37 -75.15 -17.96
N MET A 1320 -0.91 -75.52 -17.85
CA MET A 1320 -1.30 -76.39 -16.75
C MET A 1320 -0.63 -77.75 -16.84
N ILE A 1321 -0.49 -78.30 -18.06
CA ILE A 1321 0.18 -79.58 -18.19
C ILE A 1321 1.61 -79.49 -17.68
N MET A 1322 2.31 -78.42 -18.03
CA MET A 1322 3.70 -78.27 -17.62
C MET A 1322 3.79 -78.17 -16.09
N THR A 1323 2.95 -77.31 -15.50
CA THR A 1323 3.00 -77.16 -14.04
C THR A 1323 2.66 -78.46 -13.34
N GLU A 1324 1.63 -79.16 -13.80
CA GLU A 1324 1.24 -80.42 -13.17
C GLU A 1324 2.36 -81.44 -13.27
N LEU A 1325 3.00 -81.55 -14.44
CA LEU A 1325 4.09 -82.50 -14.59
C LEU A 1325 5.26 -82.14 -13.67
N THR A 1326 5.60 -80.86 -13.55
CA THR A 1326 6.72 -80.47 -12.72
C THR A 1326 6.45 -80.72 -11.24
N ASN A 1327 5.30 -80.23 -10.74
CA ASN A 1327 5.00 -80.40 -9.32
C ASN A 1327 4.56 -81.81 -8.96
N ALA A 1328 4.24 -82.66 -9.94
CA ALA A 1328 3.92 -84.05 -9.62
C ALA A 1328 5.13 -84.78 -9.05
N GLY A 1329 6.30 -84.53 -9.62
CA GLY A 1329 7.53 -85.16 -9.17
C GLY A 1329 8.08 -86.12 -10.20
N ASP A 1330 9.08 -86.89 -9.77
CA ASP A 1330 9.72 -87.87 -10.65
C ASP A 1330 8.79 -89.01 -11.03
N ASP A 1331 7.65 -89.16 -10.36
CA ASP A 1331 6.75 -90.28 -10.66
C ASP A 1331 6.22 -90.18 -12.08
N VAL A 1332 5.81 -89.00 -12.52
CA VAL A 1332 5.21 -88.85 -13.84
C VAL A 1332 6.26 -88.60 -14.91
N VAL A 1333 7.28 -87.81 -14.62
CA VAL A 1333 8.34 -87.49 -15.57
C VAL A 1333 9.58 -88.27 -15.14
N VAL A 1334 10.10 -89.09 -16.05
CA VAL A 1334 11.32 -89.87 -15.83
C VAL A 1334 12.29 -89.55 -16.94
N PHE A 1335 13.50 -89.12 -16.58
CA PHE A 1335 14.54 -88.77 -17.52
C PHE A 1335 15.80 -89.53 -17.16
N TYR A 1336 16.41 -90.17 -18.16
CA TYR A 1336 17.64 -90.93 -17.95
C TYR A 1336 18.86 -90.02 -18.06
N ASN A 1337 18.86 -88.99 -17.22
CA ASN A 1337 19.95 -88.02 -17.21
C ASN A 1337 21.14 -88.49 -16.37
N ASP A 1338 20.90 -89.35 -15.38
CA ASP A 1338 21.98 -89.85 -14.55
C ASP A 1338 22.85 -90.83 -15.32
N LYS A 1339 24.09 -90.98 -14.86
CA LYS A 1339 25.01 -91.91 -15.51
C LYS A 1339 24.47 -93.34 -15.47
N ALA A 1340 24.02 -93.78 -14.29
CA ALA A 1340 23.43 -95.11 -14.20
C ALA A 1340 22.14 -95.20 -15.01
N SER A 1341 21.30 -94.17 -14.94
CA SER A 1341 20.09 -94.15 -15.75
C SER A 1341 20.42 -94.15 -17.23
N LEU A 1342 21.46 -93.39 -17.61
CA LEU A 1342 21.88 -93.39 -19.01
C LEU A 1342 22.35 -94.77 -19.45
N ALA A 1343 23.10 -95.46 -18.59
CA ALA A 1343 23.55 -96.81 -18.92
C ALA A 1343 22.37 -97.76 -19.07
N HIS A 1344 21.37 -97.64 -18.18
CA HIS A 1344 20.18 -98.48 -18.29
C HIS A 1344 19.43 -98.20 -19.59
N LEU A 1345 19.31 -96.92 -19.95
CA LEU A 1345 18.67 -96.56 -21.21
C LEU A 1345 19.44 -97.14 -22.39
N LEU A 1346 20.77 -97.07 -22.34
CA LEU A 1346 21.58 -97.64 -23.40
C LEU A 1346 21.35 -99.14 -23.52
N ASP A 1347 21.32 -99.84 -22.39
CA ASP A 1347 21.13 -101.29 -22.41
C ASP A 1347 19.76 -101.66 -22.98
N MET A 1348 18.71 -100.95 -22.53
CA MET A 1348 17.37 -101.27 -23.03
C MET A 1348 17.25 -100.94 -24.51
N MET A 1349 17.88 -99.85 -24.95
CA MET A 1349 17.85 -99.50 -26.36
C MET A 1349 18.57 -100.56 -27.20
N LYS A 1350 19.72 -101.03 -26.72
CA LYS A 1350 20.44 -102.08 -27.44
C LYS A 1350 19.59 -103.35 -27.50
N ALA A 1351 18.92 -103.70 -26.41
CA ALA A 1351 18.03 -104.86 -26.42
C ALA A 1351 16.85 -104.65 -27.34
N ALA A 1352 16.54 -103.41 -27.71
CA ALA A 1352 15.42 -103.08 -28.58
C ALA A 1352 15.88 -102.80 -30.01
N ARG A 1353 16.92 -103.52 -30.47
CA ARG A 1353 17.44 -103.29 -31.81
C ARG A 1353 16.37 -103.58 -32.86
N ASP A 1354 15.62 -104.68 -32.71
CA ASP A 1354 14.60 -105.02 -33.68
C ASP A 1354 13.53 -103.94 -33.77
N GLY A 1355 13.09 -103.42 -32.63
CA GLY A 1355 12.06 -102.40 -32.61
C GLY A 1355 11.70 -102.04 -31.18
N VAL A 1356 10.70 -101.17 -31.07
CA VAL A 1356 10.21 -100.68 -29.78
C VAL A 1356 8.88 -101.35 -29.50
N GLU A 1357 8.76 -101.97 -28.32
CA GLU A 1357 7.52 -102.62 -27.94
C GLU A 1357 6.44 -101.59 -27.64
N ASP A 1358 5.19 -102.04 -27.73
CA ASP A 1358 4.07 -101.12 -27.57
C ASP A 1358 4.03 -100.52 -26.18
N HIS A 1359 4.28 -101.32 -25.14
CA HIS A 1359 4.13 -100.89 -23.75
C HIS A 1359 5.45 -100.91 -23.00
N SER A 1360 6.58 -100.96 -23.70
CA SER A 1360 7.87 -100.95 -23.03
C SER A 1360 8.16 -99.57 -22.42
N PRO A 1361 9.01 -99.52 -21.41
CA PRO A 1361 9.33 -98.21 -20.81
C PRO A 1361 9.96 -97.24 -21.81
N LEU A 1362 10.65 -97.75 -22.83
CA LEU A 1362 11.19 -96.87 -23.86
C LEU A 1362 10.09 -96.12 -24.58
N MET A 1363 8.98 -96.81 -24.88
CA MET A 1363 7.85 -96.13 -25.51
C MET A 1363 7.29 -95.04 -24.60
N TYR A 1364 7.20 -95.32 -23.30
CA TYR A 1364 6.72 -94.31 -22.37
C TYR A 1364 7.65 -93.10 -22.34
N HIS A 1365 8.96 -93.33 -22.32
CA HIS A 1365 9.91 -92.21 -22.32
C HIS A 1365 9.79 -91.40 -23.61
N ILE A 1366 9.66 -92.08 -24.75
CA ILE A 1366 9.52 -91.37 -26.02
C ILE A 1366 8.24 -90.53 -26.01
N SER A 1367 7.14 -91.11 -25.52
CA SER A 1367 5.89 -90.36 -25.46
C SER A 1367 5.99 -89.16 -24.54
N LEU A 1368 6.69 -89.32 -23.40
CA LEU A 1368 6.87 -88.20 -22.48
C LEU A 1368 7.68 -87.09 -23.13
N VAL A 1369 8.75 -87.44 -23.84
CA VAL A 1369 9.57 -86.43 -24.50
C VAL A 1369 8.76 -85.73 -25.58
N ASP A 1370 7.96 -86.49 -26.34
CA ASP A 1370 7.12 -85.88 -27.37
C ASP A 1370 6.09 -84.94 -26.75
N LEU A 1371 5.49 -85.33 -25.63
CA LEU A 1371 4.53 -84.47 -24.96
C LEU A 1371 5.19 -83.18 -24.49
N LEU A 1372 6.39 -83.28 -23.91
CA LEU A 1372 7.08 -82.08 -23.46
C LEU A 1372 7.42 -81.18 -24.64
N ALA A 1373 7.88 -81.76 -25.75
CA ALA A 1373 8.19 -80.95 -26.94
C ALA A 1373 6.95 -80.25 -27.46
N ALA A 1374 5.82 -80.97 -27.52
CA ALA A 1374 4.58 -80.36 -27.98
C ALA A 1374 4.13 -79.24 -27.05
N CYS A 1375 4.27 -79.45 -25.74
CA CYS A 1375 3.91 -78.42 -24.78
C CYS A 1375 4.77 -77.18 -24.97
N ALA A 1376 6.07 -77.35 -25.18
CA ALA A 1376 6.95 -76.22 -25.41
C ALA A 1376 6.66 -75.50 -26.71
N GLU A 1377 5.98 -76.15 -27.64
CA GLU A 1377 5.67 -75.52 -28.92
C GLU A 1377 4.71 -74.35 -28.72
N GLY A 1378 4.62 -73.50 -29.73
CA GLY A 1378 3.78 -72.34 -29.68
C GLY A 1378 4.49 -71.04 -29.37
N LYS A 1379 5.81 -70.99 -29.50
CA LYS A 1379 6.62 -69.81 -29.20
C LYS A 1379 6.13 -69.10 -27.94
N ASN A 1380 6.21 -69.83 -26.82
CA ASN A 1380 5.84 -69.31 -25.51
C ASN A 1380 7.10 -69.17 -24.66
N VAL A 1381 6.93 -68.61 -23.46
CA VAL A 1381 8.04 -68.49 -22.53
C VAL A 1381 7.78 -69.21 -21.22
N TYR A 1382 6.51 -69.37 -20.80
CA TYR A 1382 6.24 -70.03 -19.53
C TYR A 1382 6.73 -71.47 -19.57
N THR A 1383 6.30 -72.23 -20.59
CA THR A 1383 6.60 -73.66 -20.63
C THR A 1383 7.99 -73.95 -21.19
N GLU A 1384 8.50 -73.11 -22.09
CA GLU A 1384 9.76 -73.42 -22.76
C GLU A 1384 10.92 -73.38 -21.78
N ILE A 1385 10.94 -72.40 -20.88
CA ILE A 1385 12.02 -72.31 -19.91
C ILE A 1385 12.04 -73.56 -19.02
N LYS A 1386 10.87 -73.99 -18.55
CA LYS A 1386 10.81 -75.17 -17.70
C LYS A 1386 11.22 -76.42 -18.47
N CYS A 1387 10.79 -76.54 -19.73
CA CYS A 1387 11.17 -77.69 -20.54
C CYS A 1387 12.67 -77.75 -20.72
N THR A 1388 13.30 -76.60 -21.02
CA THR A 1388 14.75 -76.57 -21.18
C THR A 1388 15.45 -76.90 -19.88
N SER A 1389 14.93 -76.39 -18.76
CA SER A 1389 15.53 -76.68 -17.46
C SER A 1389 15.47 -78.17 -17.15
N LEU A 1390 14.36 -78.83 -17.51
CA LEU A 1390 14.22 -80.25 -17.21
C LEU A 1390 15.29 -81.08 -17.92
N LEU A 1391 15.55 -80.76 -19.18
CA LEU A 1391 16.51 -81.51 -19.99
C LEU A 1391 17.57 -80.57 -20.55
N PRO A 1392 18.82 -80.63 -20.10
CA PRO A 1392 19.87 -79.78 -20.67
C PRO A 1392 20.43 -80.37 -21.96
N LEU A 1393 21.15 -79.53 -22.69
CA LEU A 1393 21.69 -79.94 -23.99
C LEU A 1393 22.74 -81.03 -23.86
N GLU A 1394 23.45 -81.07 -22.73
CA GLU A 1394 24.51 -82.07 -22.58
C GLU A 1394 23.95 -83.49 -22.64
N ASP A 1395 22.83 -83.73 -21.96
CA ASP A 1395 22.23 -85.06 -21.99
C ASP A 1395 21.71 -85.40 -23.38
N VAL A 1396 21.13 -84.42 -24.07
CA VAL A 1396 20.66 -84.66 -25.43
C VAL A 1396 21.81 -85.07 -26.33
N VAL A 1397 22.94 -84.37 -26.22
CA VAL A 1397 24.11 -84.72 -27.03
C VAL A 1397 24.61 -86.11 -26.65
N SER A 1398 24.67 -86.41 -25.35
CA SER A 1398 25.20 -87.70 -24.91
C SER A 1398 24.35 -88.85 -25.44
N VAL A 1399 23.03 -88.71 -25.39
CA VAL A 1399 22.16 -89.80 -25.81
C VAL A 1399 22.07 -89.89 -27.32
N VAL A 1400 21.91 -88.75 -28.00
CA VAL A 1400 21.72 -88.77 -29.45
C VAL A 1400 23.01 -89.15 -30.15
N THR A 1401 24.15 -88.65 -29.68
CA THR A 1401 25.43 -88.83 -30.35
C THR A 1401 26.08 -90.18 -30.03
N HIS A 1402 25.48 -90.99 -29.18
CA HIS A 1402 26.04 -92.30 -28.87
C HIS A 1402 26.04 -93.17 -30.13
N GLU A 1403 27.10 -93.96 -30.27
CA GLU A 1403 27.23 -94.82 -31.45
C GLU A 1403 25.98 -95.66 -31.67
N ASP A 1404 25.45 -96.24 -30.59
CA ASP A 1404 24.26 -97.08 -30.66
C ASP A 1404 23.03 -96.26 -30.26
N CYS A 1405 22.02 -96.26 -31.13
CA CYS A 1405 20.80 -95.52 -30.87
C CYS A 1405 19.69 -96.08 -31.76
N ILE A 1406 18.49 -95.54 -31.59
CA ILE A 1406 17.32 -95.98 -32.34
C ILE A 1406 16.65 -94.74 -32.93
N THR A 1407 15.91 -94.96 -34.03
CA THR A 1407 15.33 -93.84 -34.77
C THR A 1407 14.32 -93.07 -33.92
N GLU A 1408 13.49 -93.78 -33.15
CA GLU A 1408 12.43 -93.10 -32.39
C GLU A 1408 13.01 -92.14 -31.36
N VAL A 1409 14.04 -92.58 -30.63
CA VAL A 1409 14.64 -91.71 -29.62
C VAL A 1409 15.29 -90.50 -30.28
N LYS A 1410 15.98 -90.71 -31.39
CA LYS A 1410 16.57 -89.59 -32.11
C LYS A 1410 15.49 -88.60 -32.54
N MET A 1411 14.38 -89.10 -33.08
CA MET A 1411 13.29 -88.23 -33.50
C MET A 1411 12.77 -87.42 -32.32
N ALA A 1412 12.53 -88.08 -31.19
CA ALA A 1412 11.96 -87.41 -30.03
C ALA A 1412 12.91 -86.32 -29.52
N TYR A 1413 14.20 -86.64 -29.41
CA TYR A 1413 15.15 -85.67 -28.87
C TYR A 1413 15.36 -84.51 -29.83
N VAL A 1414 15.41 -84.78 -31.14
CA VAL A 1414 15.57 -83.72 -32.11
C VAL A 1414 14.37 -82.79 -32.09
N ASN A 1415 13.16 -83.36 -31.99
CA ASN A 1415 11.96 -82.54 -31.90
C ASN A 1415 11.98 -81.69 -30.63
N PHE A 1416 12.40 -82.28 -29.51
CA PHE A 1416 12.50 -81.53 -28.26
C PHE A 1416 13.46 -80.36 -28.41
N VAL A 1417 14.62 -80.61 -29.01
CA VAL A 1417 15.59 -79.53 -29.20
C VAL A 1417 15.02 -78.44 -30.09
N ASN A 1418 14.36 -78.84 -31.18
CA ASN A 1418 13.83 -77.86 -32.13
C ASN A 1418 12.77 -76.99 -31.47
N HIS A 1419 11.88 -77.58 -30.69
CA HIS A 1419 10.74 -76.85 -30.13
C HIS A 1419 11.02 -76.24 -28.77
N CYS A 1420 12.18 -76.52 -28.17
CA CYS A 1420 12.50 -75.97 -26.86
C CYS A 1420 13.80 -75.18 -26.82
N TYR A 1421 14.71 -75.37 -27.77
CA TYR A 1421 15.97 -74.64 -27.81
C TYR A 1421 16.10 -73.76 -29.04
N VAL A 1422 15.92 -74.33 -30.24
CA VAL A 1422 16.13 -73.56 -31.46
C VAL A 1422 15.03 -72.51 -31.63
N ASP A 1423 13.78 -72.89 -31.41
CA ASP A 1423 12.64 -72.02 -31.65
C ASP A 1423 12.17 -71.30 -30.39
N THR A 1424 13.09 -71.04 -29.47
CA THR A 1424 12.72 -70.36 -28.23
C THR A 1424 12.25 -68.94 -28.52
N GLU A 1425 11.24 -68.50 -27.76
CA GLU A 1425 10.78 -67.13 -27.88
C GLU A 1425 11.73 -66.15 -27.20
N VAL A 1426 12.50 -66.61 -26.22
CA VAL A 1426 13.43 -65.78 -25.47
C VAL A 1426 14.84 -66.25 -25.77
N GLU A 1427 15.75 -65.29 -25.95
CA GLU A 1427 17.13 -65.62 -26.26
C GLU A 1427 17.74 -66.46 -25.14
N MET A 1428 18.52 -67.47 -25.53
CA MET A 1428 19.29 -68.27 -24.59
C MET A 1428 20.72 -68.36 -25.11
N LYS A 1429 21.69 -68.01 -24.26
CA LYS A 1429 23.08 -67.95 -24.70
C LYS A 1429 23.71 -69.34 -24.81
N GLU A 1430 23.25 -70.30 -24.01
CA GLU A 1430 23.89 -71.60 -23.94
C GLU A 1430 23.78 -72.41 -25.23
N ILE A 1431 22.91 -72.00 -26.15
CA ILE A 1431 22.72 -72.76 -27.39
C ILE A 1431 23.74 -72.30 -28.43
N TYR A 1432 23.66 -71.04 -28.83
CA TYR A 1432 24.48 -70.54 -29.93
C TYR A 1432 25.91 -70.22 -29.52
N THR A 1433 26.34 -70.66 -28.35
CA THR A 1433 27.71 -70.45 -27.87
C THR A 1433 28.26 -71.74 -27.29
N SER A 1434 28.08 -72.84 -28.01
CA SER A 1434 28.54 -74.14 -27.53
C SER A 1434 28.67 -75.08 -28.72
N ASN A 1435 29.37 -76.19 -28.49
CA ASN A 1435 29.58 -77.20 -29.52
C ASN A 1435 28.54 -78.31 -29.50
N HIS A 1436 27.52 -78.21 -28.66
CA HIS A 1436 26.51 -79.26 -28.58
C HIS A 1436 25.76 -79.39 -29.91
N ILE A 1437 25.22 -78.28 -30.41
CA ILE A 1437 24.45 -78.33 -31.64
C ILE A 1437 25.33 -78.64 -32.84
N TRP A 1438 26.62 -78.30 -32.80
CA TRP A 1438 27.50 -78.68 -33.89
C TRP A 1438 27.75 -80.17 -33.90
N THR A 1439 27.87 -80.79 -32.73
CA THR A 1439 27.93 -82.25 -32.66
C THR A 1439 26.63 -82.85 -33.20
N LEU A 1440 25.50 -82.25 -32.83
CA LEU A 1440 24.22 -82.69 -33.36
C LEU A 1440 24.20 -82.62 -34.89
N PHE A 1441 24.75 -81.54 -35.45
CA PHE A 1441 24.76 -81.37 -36.90
C PHE A 1441 25.67 -82.37 -37.57
N GLU A 1442 26.80 -82.72 -36.94
CA GLU A 1442 27.64 -83.76 -37.52
C GLU A 1442 26.92 -85.10 -37.50
N ASN A 1443 26.13 -85.36 -36.45
CA ASN A 1443 25.32 -86.57 -36.44
C ASN A 1443 24.26 -86.55 -37.54
N PHE A 1444 23.67 -85.37 -37.78
CA PHE A 1444 22.73 -85.23 -38.89
C PHE A 1444 23.40 -85.55 -40.23
N THR A 1445 24.60 -85.03 -40.43
CA THR A 1445 25.34 -85.34 -41.66
C THR A 1445 25.63 -86.83 -41.77
N LEU A 1446 26.00 -87.46 -40.66
CA LEU A 1446 26.24 -88.90 -40.66
C LEU A 1446 24.98 -89.66 -41.03
N ASP A 1447 23.83 -89.24 -40.51
CA ASP A 1447 22.57 -89.89 -40.86
C ASP A 1447 22.24 -89.72 -42.34
N MET A 1448 22.48 -88.51 -42.88
CA MET A 1448 22.25 -88.30 -44.31
C MET A 1448 23.16 -89.20 -45.14
N ALA A 1449 24.43 -89.32 -44.74
CA ALA A 1449 25.35 -90.21 -45.45
C ALA A 1449 24.88 -91.66 -45.34
N ARG A 1450 24.37 -92.07 -44.19
CA ARG A 1450 23.83 -93.41 -44.04
C ARG A 1450 22.66 -93.64 -44.97
N VAL A 1451 21.77 -92.65 -45.09
CA VAL A 1451 20.63 -92.77 -46.01
C VAL A 1451 21.14 -92.93 -47.44
N CYS A 1452 22.12 -92.11 -47.82
CA CYS A 1452 22.66 -92.18 -49.18
C CYS A 1452 23.29 -93.55 -49.44
N SER A 1453 24.08 -94.05 -48.50
CA SER A 1453 24.69 -95.36 -48.68
C SER A 1453 23.64 -96.46 -48.78
N LYS A 1454 22.60 -96.39 -47.94
CA LYS A 1454 21.54 -97.39 -47.98
C LYS A 1454 20.83 -97.37 -49.33
N ARG A 1455 20.55 -96.18 -49.85
CA ARG A 1455 19.95 -96.08 -51.18
C ARG A 1455 20.92 -96.53 -52.27
N GLU A 1456 22.23 -96.48 -52.01
CA GLU A 1456 23.18 -97.01 -52.97
C GLU A 1456 22.99 -98.52 -53.16
N LYS A 1457 22.70 -99.22 -52.08
CA LYS A 1457 22.46 -100.67 -52.12
C LYS A 1457 21.00 -101.02 -52.39
N ARG A 1458 20.15 -100.01 -52.62
CA ARG A 1458 18.72 -100.18 -52.90
C ARG A 1458 17.96 -100.76 -51.70
N VAL A 1459 18.57 -100.79 -50.52
CA VAL A 1459 17.92 -101.26 -49.31
C VAL A 1459 18.09 -100.18 -48.24
N ALA A 1460 16.98 -99.62 -47.78
CA ALA A 1460 17.00 -98.55 -46.79
C ALA A 1460 15.87 -98.74 -45.80
N ASP A 1461 16.07 -98.22 -44.59
CA ASP A 1461 15.05 -98.29 -43.55
C ASP A 1461 14.14 -97.07 -43.65
N PRO A 1462 12.82 -97.26 -43.81
CA PRO A 1462 11.94 -96.08 -43.93
C PRO A 1462 11.98 -95.17 -42.73
N THR A 1463 12.17 -95.71 -41.52
CA THR A 1463 12.19 -94.87 -40.33
C THR A 1463 13.35 -93.88 -40.36
N LEU A 1464 14.53 -94.34 -40.77
CA LEU A 1464 15.68 -93.45 -40.85
C LEU A 1464 15.46 -92.36 -41.89
N GLU A 1465 14.88 -92.71 -43.02
CA GLU A 1465 14.56 -91.71 -44.04
C GLU A 1465 13.58 -90.68 -43.51
N LYS A 1466 12.55 -91.13 -42.79
CA LYS A 1466 11.58 -90.20 -42.21
C LYS A 1466 12.25 -89.28 -41.20
N TYR A 1467 13.15 -89.83 -40.37
CA TYR A 1467 13.87 -89.01 -39.42
C TYR A 1467 14.72 -87.95 -40.12
N VAL A 1468 15.40 -88.35 -41.19
CA VAL A 1468 16.26 -87.41 -41.91
C VAL A 1468 15.42 -86.36 -42.65
N LEU A 1469 14.20 -86.70 -43.04
CA LEU A 1469 13.39 -85.81 -43.87
C LEU A 1469 12.52 -84.85 -43.06
N SER A 1470 11.95 -85.31 -41.94
CA SER A 1470 10.94 -84.53 -41.24
C SER A 1470 11.55 -83.61 -40.18
N VAL A 1471 12.23 -84.19 -39.19
CA VAL A 1471 12.74 -83.39 -38.07
C VAL A 1471 14.13 -82.85 -38.36
N VAL A 1472 14.98 -83.60 -39.08
CA VAL A 1472 16.34 -83.14 -39.35
C VAL A 1472 16.30 -81.84 -40.14
N LEU A 1473 15.55 -81.83 -41.24
CA LEU A 1473 15.46 -80.62 -42.07
C LEU A 1473 14.83 -79.47 -41.31
N ASP A 1474 13.79 -79.75 -40.53
CA ASP A 1474 13.13 -78.69 -39.77
C ASP A 1474 14.09 -78.06 -38.78
N THR A 1475 14.85 -78.89 -38.05
CA THR A 1475 15.80 -78.35 -37.08
C THR A 1475 16.91 -77.57 -37.78
N ILE A 1476 17.42 -78.08 -38.90
CA ILE A 1476 18.47 -77.36 -39.62
C ILE A 1476 17.95 -76.00 -40.08
N ASN A 1477 16.73 -75.95 -40.62
CA ASN A 1477 16.17 -74.69 -41.05
C ASN A 1477 15.97 -73.74 -39.87
N ALA A 1478 15.47 -74.25 -38.76
CA ALA A 1478 15.22 -73.40 -37.60
C ALA A 1478 16.51 -72.80 -37.06
N PHE A 1479 17.57 -73.62 -36.98
CA PHE A 1479 18.84 -73.12 -36.45
C PHE A 1479 19.41 -72.02 -37.34
N PHE A 1480 19.31 -72.19 -38.66
CA PHE A 1480 19.87 -71.25 -39.63
C PHE A 1480 18.83 -70.27 -40.17
N SER A 1481 17.69 -70.14 -39.49
CA SER A 1481 16.67 -69.18 -39.91
C SER A 1481 16.08 -68.41 -38.73
N SER A 1482 16.71 -68.46 -37.57
CA SER A 1482 16.18 -67.75 -36.41
C SER A 1482 16.85 -66.39 -36.25
N PRO A 1483 16.12 -65.36 -35.82
CA PRO A 1483 16.76 -64.05 -35.65
C PRO A 1483 17.92 -64.06 -34.68
N PHE A 1484 17.87 -64.90 -33.65
CA PHE A 1484 18.92 -64.93 -32.64
C PHE A 1484 20.15 -65.70 -33.08
N SER A 1485 20.07 -66.46 -34.17
CA SER A 1485 21.22 -67.21 -34.68
C SER A 1485 22.02 -66.44 -35.71
N GLU A 1486 21.57 -65.24 -36.09
CA GLU A 1486 22.27 -64.47 -37.12
C GLU A 1486 23.65 -64.00 -36.65
N ASN A 1487 23.91 -64.02 -35.35
CA ASN A 1487 25.17 -63.53 -34.79
C ASN A 1487 25.98 -64.66 -34.17
N SER A 1488 25.90 -65.86 -34.73
CA SER A 1488 26.66 -66.98 -34.20
C SER A 1488 28.15 -66.67 -34.26
N THR A 1489 28.84 -66.90 -33.14
CA THR A 1489 30.26 -66.58 -33.04
C THR A 1489 31.16 -67.74 -33.42
N SER A 1490 30.64 -68.96 -33.47
CA SER A 1490 31.43 -70.15 -33.78
C SER A 1490 31.22 -70.64 -35.21
N LEU A 1491 30.53 -69.86 -36.05
CA LEU A 1491 30.34 -70.27 -37.43
C LEU A 1491 31.66 -70.33 -38.19
N GLN A 1492 32.52 -69.32 -37.99
CA GLN A 1492 33.77 -69.27 -38.75
C GLN A 1492 34.66 -70.46 -38.42
N THR A 1493 34.74 -70.83 -37.14
CA THR A 1493 35.56 -71.98 -36.75
C THR A 1493 34.96 -73.31 -37.16
N HIS A 1494 33.66 -73.34 -37.46
CA HIS A 1494 32.95 -74.55 -37.84
C HIS A 1494 32.43 -74.46 -39.26
N GLN A 1495 33.25 -73.92 -40.17
CA GLN A 1495 32.85 -73.87 -41.57
C GLN A 1495 32.72 -75.26 -42.16
N THR A 1496 33.73 -76.12 -41.95
CA THR A 1496 33.72 -77.43 -42.60
C THR A 1496 32.39 -78.14 -42.39
N ILE A 1497 31.95 -78.22 -41.13
CA ILE A 1497 30.74 -78.98 -40.84
C ILE A 1497 29.58 -78.43 -41.67
N VAL A 1498 29.38 -77.11 -41.68
CA VAL A 1498 28.24 -76.60 -42.42
C VAL A 1498 28.40 -76.93 -43.90
N VAL A 1499 29.61 -76.80 -44.43
CA VAL A 1499 29.84 -77.20 -45.81
C VAL A 1499 29.42 -78.65 -45.99
N GLN A 1500 29.89 -79.53 -45.10
CA GLN A 1500 29.48 -80.92 -45.16
C GLN A 1500 27.96 -81.02 -45.19
N LEU A 1501 27.28 -80.31 -44.29
CA LEU A 1501 25.82 -80.35 -44.28
C LEU A 1501 25.29 -80.02 -45.67
N LEU A 1502 25.73 -78.90 -46.25
CA LEU A 1502 25.28 -78.55 -47.58
C LEU A 1502 25.51 -79.71 -48.53
N GLN A 1503 26.74 -80.22 -48.57
CA GLN A 1503 27.02 -81.35 -49.46
C GLN A 1503 26.01 -82.47 -49.22
N SER A 1504 25.84 -82.88 -47.96
CA SER A 1504 24.89 -83.94 -47.67
C SER A 1504 23.53 -83.60 -48.25
N THR A 1505 23.03 -82.40 -47.95
CA THR A 1505 21.71 -82.03 -48.46
C THR A 1505 21.66 -82.15 -49.97
N THR A 1506 22.69 -81.63 -50.64
CA THR A 1506 22.73 -81.73 -52.10
C THR A 1506 22.56 -83.18 -52.54
N ARG A 1507 23.34 -84.08 -51.93
CA ARG A 1507 23.23 -85.48 -52.31
C ARG A 1507 21.83 -86.00 -52.06
N LEU A 1508 21.24 -85.62 -50.92
CA LEU A 1508 19.87 -86.06 -50.63
C LEU A 1508 18.91 -85.55 -51.68
N LEU A 1509 19.17 -84.36 -52.24
CA LEU A 1509 18.30 -83.84 -53.28
C LEU A 1509 18.55 -84.54 -54.61
N GLU A 1510 19.73 -85.15 -54.79
CA GLU A 1510 20.04 -85.78 -56.06
C GLU A 1510 19.28 -87.08 -56.26
N CYS A 1511 18.75 -87.67 -55.20
CA CYS A 1511 18.03 -88.92 -55.33
C CYS A 1511 16.70 -88.69 -56.05
N PRO A 1512 16.22 -89.69 -56.82
CA PRO A 1512 14.98 -89.50 -57.57
C PRO A 1512 13.73 -89.82 -56.77
N TRP A 1513 13.85 -90.68 -55.75
CA TRP A 1513 12.70 -91.12 -54.99
C TRP A 1513 12.07 -90.01 -54.16
N LEU A 1514 12.74 -88.87 -54.00
CA LEU A 1514 12.18 -87.78 -53.21
C LEU A 1514 10.85 -87.34 -53.77
N GLN A 1515 9.88 -87.11 -52.89
CA GLN A 1515 8.55 -86.68 -53.30
C GLN A 1515 8.52 -85.18 -53.53
N GLN A 1516 7.41 -84.71 -54.12
CA GLN A 1516 7.28 -83.29 -54.44
C GLN A 1516 7.33 -82.44 -53.17
N GLN A 1517 6.59 -82.83 -52.14
CA GLN A 1517 6.64 -82.09 -50.88
C GLN A 1517 8.03 -82.19 -50.26
N HIS A 1518 8.60 -83.38 -50.26
CA HIS A 1518 9.97 -83.54 -49.76
C HIS A 1518 10.95 -82.75 -50.61
N LYS A 1519 10.75 -82.73 -51.92
CA LYS A 1519 11.61 -81.93 -52.79
C LYS A 1519 11.56 -80.46 -52.41
N GLY A 1520 10.35 -79.94 -52.19
CA GLY A 1520 10.22 -78.54 -51.81
C GLY A 1520 10.85 -78.24 -50.46
N SER A 1521 10.65 -79.14 -49.49
CA SER A 1521 11.25 -78.94 -48.17
C SER A 1521 12.78 -78.94 -48.26
N VAL A 1522 13.34 -79.88 -49.01
CA VAL A 1522 14.79 -79.95 -49.14
C VAL A 1522 15.31 -78.71 -49.87
N GLU A 1523 14.58 -78.26 -50.89
CA GLU A 1523 14.99 -77.04 -51.60
C GLU A 1523 14.99 -75.84 -50.67
N ALA A 1524 13.95 -75.70 -49.84
CA ALA A 1524 13.91 -74.60 -48.88
C ALA A 1524 15.05 -74.67 -47.89
N CYS A 1525 15.35 -75.88 -47.39
CA CYS A 1525 16.46 -76.03 -46.46
C CYS A 1525 17.78 -75.66 -47.12
N ILE A 1526 17.99 -76.10 -48.36
CA ILE A 1526 19.22 -75.78 -49.08
C ILE A 1526 19.32 -74.27 -49.29
N ARG A 1527 18.20 -73.63 -49.64
CA ARG A 1527 18.20 -72.19 -49.85
C ARG A 1527 18.58 -71.46 -48.55
N THR A 1528 18.00 -71.89 -47.43
CA THR A 1528 18.34 -71.26 -46.16
C THR A 1528 19.81 -71.46 -45.82
N LEU A 1529 20.33 -72.67 -46.03
CA LEU A 1529 21.74 -72.93 -45.74
C LEU A 1529 22.64 -72.05 -46.62
N ALA A 1530 22.32 -71.94 -47.91
CA ALA A 1530 23.11 -71.11 -48.80
C ALA A 1530 23.05 -69.65 -48.39
N MET A 1531 21.86 -69.16 -48.03
CA MET A 1531 21.74 -67.77 -47.61
C MET A 1531 22.57 -67.50 -46.36
N VAL A 1532 22.54 -68.41 -45.40
CA VAL A 1532 23.39 -68.26 -44.22
C VAL A 1532 24.85 -68.53 -44.57
N ALA A 1533 25.12 -69.24 -45.67
CA ALA A 1533 26.47 -69.58 -46.08
C ALA A 1533 27.02 -68.62 -47.13
N LYS A 1534 26.34 -67.50 -47.39
CA LYS A 1534 26.83 -66.56 -48.38
C LYS A 1534 28.24 -66.09 -48.04
N GLY A 1535 28.39 -65.39 -46.91
CA GLY A 1535 29.71 -64.99 -46.46
C GLY A 1535 29.97 -65.29 -44.99
N ARG A 1536 30.90 -66.20 -44.74
CA ARG A 1536 31.40 -66.46 -43.39
C ARG A 1536 32.90 -66.75 -43.44
N ALA A 1537 33.63 -65.98 -44.23
CA ALA A 1537 35.02 -66.27 -44.55
C ALA A 1537 35.17 -67.64 -45.20
N ILE A 1538 34.18 -68.01 -46.02
CA ILE A 1538 34.12 -69.32 -46.64
C ILE A 1538 33.76 -69.16 -48.12
N LEU A 1539 34.06 -70.20 -48.89
CA LEU A 1539 33.72 -70.23 -50.31
C LEU A 1539 33.15 -71.60 -50.66
N LEU A 1540 32.30 -71.62 -51.67
CA LEU A 1540 31.67 -72.86 -52.10
C LEU A 1540 32.64 -73.64 -53.00
N PRO A 1541 33.00 -74.88 -52.65
CA PRO A 1541 33.88 -75.65 -53.53
C PRO A 1541 33.27 -75.82 -54.93
N MET A 1542 34.15 -75.76 -55.94
CA MET A 1542 33.67 -75.80 -57.31
C MET A 1542 32.96 -77.12 -57.63
N ASP A 1543 33.52 -78.25 -57.16
CA ASP A 1543 32.84 -79.52 -57.37
C ASP A 1543 31.48 -79.52 -56.68
N LEU A 1544 31.40 -78.98 -55.47
CA LEU A 1544 30.12 -78.86 -54.79
C LEU A 1544 29.26 -77.78 -55.43
N ASP A 1545 29.88 -76.70 -55.91
CA ASP A 1545 29.12 -75.60 -56.50
C ASP A 1545 28.52 -75.97 -57.85
N ALA A 1546 28.99 -77.04 -58.48
CA ALA A 1546 28.47 -77.43 -59.78
C ALA A 1546 26.95 -77.58 -59.75
N HIS A 1547 26.43 -78.27 -58.73
CA HIS A 1547 25.00 -78.46 -58.59
C HIS A 1547 24.32 -77.31 -57.84
N ILE A 1548 25.07 -76.59 -57.00
CA ILE A 1548 24.49 -75.44 -56.30
C ILE A 1548 24.11 -74.36 -57.29
N SER A 1549 24.89 -74.21 -58.36
CA SER A 1549 24.54 -73.25 -59.40
C SER A 1549 23.20 -73.60 -60.04
N SER A 1550 23.00 -74.88 -60.36
CA SER A 1550 21.73 -75.31 -60.94
C SER A 1550 20.59 -75.12 -59.94
N MET A 1551 20.85 -75.41 -58.66
CA MET A 1551 19.81 -75.21 -57.65
C MET A 1551 19.42 -73.75 -57.55
N LEU A 1552 20.40 -72.85 -57.56
CA LEU A 1552 20.12 -71.42 -57.52
C LEU A 1552 19.35 -70.98 -58.77
N SER A 1553 19.73 -71.49 -59.94
CA SER A 1553 19.01 -71.16 -61.16
C SER A 1553 17.55 -71.60 -61.07
N SER A 1554 17.31 -72.81 -60.58
CA SER A 1554 15.95 -73.30 -60.44
C SER A 1554 15.16 -72.46 -59.43
N GLY A 1555 15.79 -72.11 -58.31
CA GLY A 1555 15.10 -71.29 -57.32
C GLY A 1555 14.74 -69.92 -57.84
N ALA A 1556 15.63 -69.32 -58.63
CA ALA A 1556 15.34 -68.01 -59.20
C ALA A 1556 14.13 -68.07 -60.12
N SER A 1557 14.02 -69.14 -60.90
CA SER A 1557 12.87 -69.33 -61.80
C SER A 1557 11.57 -69.34 -61.01
N TRP A 1586 -38.62 -93.76 -55.89
CA TRP A 1586 -38.64 -92.46 -55.24
C TRP A 1586 -37.36 -91.68 -55.55
N ASP A 1587 -37.51 -90.37 -55.78
CA ASP A 1587 -36.38 -89.49 -56.08
C ASP A 1587 -35.80 -89.01 -54.75
N TYR A 1588 -34.78 -89.71 -54.26
CA TYR A 1588 -34.18 -89.35 -52.98
C TYR A 1588 -33.60 -87.94 -53.02
N LYS A 1589 -32.75 -87.67 -54.02
CA LYS A 1589 -32.14 -86.34 -54.11
C LYS A 1589 -33.18 -85.27 -54.35
N ASN A 1590 -34.14 -85.53 -55.25
CA ASN A 1590 -35.18 -84.55 -55.53
C ASN A 1590 -36.04 -84.29 -54.29
N ILE A 1591 -36.38 -85.36 -53.56
CA ILE A 1591 -37.18 -85.19 -52.36
C ILE A 1591 -36.43 -84.35 -51.33
N ILE A 1592 -35.13 -84.62 -51.14
CA ILE A 1592 -34.36 -83.85 -50.18
C ILE A 1592 -34.28 -82.39 -50.62
N GLU A 1593 -34.06 -82.14 -51.91
CA GLU A 1593 -33.96 -80.77 -52.39
C GLU A 1593 -35.27 -80.02 -52.18
N LYS A 1594 -36.39 -80.66 -52.49
CA LYS A 1594 -37.69 -80.01 -52.28
C LYS A 1594 -37.95 -79.75 -50.81
N LEU A 1595 -37.57 -80.69 -49.94
CA LEU A 1595 -37.73 -80.47 -48.51
C LEU A 1595 -36.89 -79.28 -48.05
N GLN A 1596 -35.65 -79.17 -48.54
CA GLN A 1596 -34.81 -78.04 -48.17
C GLN A 1596 -35.40 -76.73 -48.65
N ASP A 1597 -35.92 -76.71 -49.88
CA ASP A 1597 -36.54 -75.50 -50.40
C ASP A 1597 -37.74 -75.09 -49.57
N ILE A 1598 -38.58 -76.07 -49.19
CA ILE A 1598 -39.74 -75.77 -48.37
C ILE A 1598 -39.32 -75.26 -47.00
N ILE A 1599 -38.27 -75.85 -46.43
CA ILE A 1599 -37.78 -75.39 -45.13
C ILE A 1599 -37.33 -73.94 -45.23
N THR A 1600 -36.58 -73.61 -46.28
CA THR A 1600 -36.11 -72.23 -46.45
C THR A 1600 -37.28 -71.27 -46.62
N ALA A 1601 -38.28 -71.65 -47.42
CA ALA A 1601 -39.43 -70.79 -47.63
C ALA A 1601 -40.19 -70.56 -46.33
N LEU A 1602 -40.42 -71.62 -45.57
CA LEU A 1602 -41.12 -71.48 -44.29
C LEU A 1602 -40.33 -70.61 -43.32
N GLU A 1603 -39.00 -70.79 -43.27
CA GLU A 1603 -38.18 -69.97 -42.40
C GLU A 1603 -38.28 -68.50 -42.79
N GLU A 1604 -38.24 -68.20 -44.08
CA GLU A 1604 -38.35 -66.82 -44.53
C GLU A 1604 -39.73 -66.25 -44.20
N ARG A 1605 -40.78 -67.05 -44.35
CA ARG A 1605 -42.14 -66.54 -44.21
C ARG A 1605 -42.48 -66.19 -42.76
N LEU A 1606 -42.05 -67.02 -41.81
CA LEU A 1606 -42.52 -66.92 -40.44
C LEU A 1606 -41.72 -65.96 -39.57
N LYS A 1607 -40.67 -65.33 -40.11
CA LYS A 1607 -39.84 -64.45 -39.28
C LYS A 1607 -40.63 -63.32 -38.64
N PRO A 1608 -41.42 -62.53 -39.39
CA PRO A 1608 -42.20 -61.47 -38.71
C PRO A 1608 -43.17 -62.02 -37.68
N LEU A 1609 -43.79 -63.18 -37.95
CA LEU A 1609 -44.67 -63.78 -36.97
C LEU A 1609 -43.91 -64.18 -35.71
N VAL A 1610 -42.71 -64.73 -35.87
CA VAL A 1610 -41.88 -65.07 -34.71
C VAL A 1610 -41.57 -63.81 -33.90
N GLN A 1611 -41.21 -62.72 -34.59
CA GLN A 1611 -40.89 -61.49 -33.88
C GLN A 1611 -42.10 -60.96 -33.13
N ALA A 1612 -43.27 -60.97 -33.75
CA ALA A 1612 -44.47 -60.48 -33.08
C ALA A 1612 -44.83 -61.34 -31.88
N GLU A 1613 -44.73 -62.67 -32.04
CA GLU A 1613 -45.02 -63.56 -30.92
C GLU A 1613 -44.07 -63.31 -29.76
N LEU A 1614 -42.79 -63.13 -30.04
CA LEU A 1614 -41.83 -62.82 -28.99
C LEU A 1614 -42.15 -61.48 -28.35
N SER A 1615 -42.55 -60.49 -29.15
CA SER A 1615 -42.86 -59.17 -28.62
C SER A 1615 -44.05 -59.22 -27.65
N VAL A 1616 -45.04 -60.06 -27.95
CA VAL A 1616 -46.22 -60.13 -27.08
C VAL A 1616 -45.83 -60.50 -25.66
N LEU A 1617 -44.72 -61.21 -25.48
CA LEU A 1617 -44.26 -61.55 -24.14
C LEU A 1617 -43.92 -60.30 -23.35
N VAL A 1618 -43.35 -59.29 -24.01
CA VAL A 1618 -43.02 -58.04 -23.32
C VAL A 1618 -44.29 -57.38 -22.80
N ASP A 1619 -45.35 -57.34 -23.62
CA ASP A 1619 -46.61 -56.77 -23.18
C ASP A 1619 -47.19 -57.58 -22.02
N VAL A 1620 -47.10 -58.91 -22.10
CA VAL A 1620 -47.61 -59.74 -21.01
C VAL A 1620 -46.88 -59.43 -19.72
N LEU A 1621 -45.55 -59.28 -19.78
CA LEU A 1621 -44.78 -58.97 -18.60
C LEU A 1621 -45.07 -57.56 -18.08
N HIS A 1622 -45.47 -56.65 -18.98
CA HIS A 1622 -45.76 -55.28 -18.56
C HIS A 1622 -46.99 -55.23 -17.66
N TRP A 1623 -48.04 -55.97 -18.02
CA TRP A 1623 -49.32 -55.93 -17.31
C TRP A 1623 -49.76 -57.34 -16.96
N PRO A 1624 -49.01 -58.02 -16.09
CA PRO A 1624 -49.43 -59.38 -15.69
C PRO A 1624 -50.77 -59.42 -14.99
N GLU A 1625 -51.11 -58.37 -14.22
CA GLU A 1625 -52.33 -58.39 -13.44
C GLU A 1625 -53.56 -58.58 -14.32
N LEU A 1626 -53.50 -58.16 -15.58
CA LEU A 1626 -54.65 -58.30 -16.46
C LEU A 1626 -55.00 -59.77 -16.71
N LEU A 1627 -54.06 -60.69 -16.50
CA LEU A 1627 -54.36 -62.10 -16.65
C LEU A 1627 -55.30 -62.59 -15.56
N PHE A 1628 -55.22 -62.01 -14.36
CA PHE A 1628 -56.04 -62.43 -13.24
C PHE A 1628 -57.33 -61.59 -13.19
N LEU A 1629 -58.15 -61.86 -12.18
CA LEU A 1629 -59.40 -61.16 -11.98
C LEU A 1629 -59.22 -60.03 -10.96
N GLU A 1630 -59.79 -58.88 -11.27
CA GLU A 1630 -59.64 -57.71 -10.39
C GLU A 1630 -60.18 -58.03 -9.00
N GLY A 1631 -59.45 -57.56 -7.98
CA GLY A 1631 -59.81 -57.79 -6.60
C GLY A 1631 -59.23 -59.05 -5.99
N SER A 1632 -58.57 -59.88 -6.78
CA SER A 1632 -57.99 -61.10 -6.27
C SER A 1632 -56.63 -60.83 -5.65
N GLU A 1633 -56.13 -61.81 -4.89
CA GLU A 1633 -54.81 -61.66 -4.29
C GLU A 1633 -53.73 -61.61 -5.35
N ALA A 1634 -53.82 -62.47 -6.36
CA ALA A 1634 -52.84 -62.46 -7.43
C ALA A 1634 -52.87 -61.13 -8.18
N TYR A 1635 -54.07 -60.58 -8.39
CA TYR A 1635 -54.17 -59.29 -9.04
C TYR A 1635 -53.46 -58.21 -8.23
N GLN A 1636 -53.66 -58.21 -6.91
CA GLN A 1636 -52.97 -57.23 -6.07
C GLN A 1636 -51.46 -57.41 -6.13
N ARG A 1637 -51.00 -58.66 -6.11
CA ARG A 1637 -49.56 -58.89 -6.17
C ARG A 1637 -48.98 -58.41 -7.50
N CYS A 1638 -49.68 -58.66 -8.60
CA CYS A 1638 -49.18 -58.25 -9.91
C CYS A 1638 -49.19 -56.73 -10.06
N GLU A 1639 -50.27 -56.08 -9.62
CA GLU A 1639 -50.43 -54.65 -9.87
C GLU A 1639 -49.35 -53.84 -9.19
N SER A 1640 -48.99 -54.20 -7.96
CA SER A 1640 -47.98 -53.45 -7.20
C SER A 1640 -46.57 -53.68 -7.70
N GLY A 1641 -46.37 -54.38 -8.82
CA GLY A 1641 -45.03 -54.66 -9.29
C GLY A 1641 -44.36 -55.82 -8.60
N GLY A 1642 -45.09 -56.58 -7.78
CA GLY A 1642 -44.47 -57.70 -7.07
C GLY A 1642 -43.94 -58.75 -8.02
N PHE A 1643 -44.63 -58.97 -9.14
CA PHE A 1643 -44.18 -59.98 -10.10
C PHE A 1643 -42.80 -59.63 -10.65
N LEU A 1644 -42.61 -58.37 -11.06
CA LEU A 1644 -41.32 -57.97 -11.62
C LEU A 1644 -40.22 -58.03 -10.58
N SER A 1645 -40.51 -57.60 -9.35
CA SER A 1645 -39.50 -57.66 -8.30
C SER A 1645 -39.10 -59.10 -8.00
N LYS A 1646 -40.08 -60.00 -7.94
CA LYS A 1646 -39.78 -61.41 -7.72
C LYS A 1646 -38.96 -61.97 -8.88
N LEU A 1647 -39.30 -61.59 -10.11
CA LEU A 1647 -38.54 -62.05 -11.26
C LEU A 1647 -37.09 -61.58 -11.18
N ILE A 1648 -36.88 -60.32 -10.80
CA ILE A 1648 -35.52 -59.79 -10.70
C ILE A 1648 -34.75 -60.52 -9.59
N GLN A 1649 -35.40 -60.75 -8.44
CA GLN A 1649 -34.73 -61.45 -7.36
C GLN A 1649 -34.35 -62.87 -7.79
N HIS A 1650 -35.26 -63.57 -8.47
CA HIS A 1650 -34.97 -64.91 -8.94
C HIS A 1650 -33.85 -64.90 -9.97
N THR A 1651 -33.84 -63.90 -10.85
CA THR A 1651 -32.76 -63.76 -11.82
C THR A 1651 -31.42 -63.61 -11.12
N LYS A 1652 -31.38 -62.80 -10.07
CA LYS A 1652 -30.15 -62.70 -9.28
C LYS A 1652 -29.78 -64.05 -8.66
N ASP A 1653 -30.78 -64.79 -8.18
CA ASP A 1653 -30.50 -66.06 -7.53
C ASP A 1653 -29.97 -67.10 -8.51
N LEU A 1654 -30.53 -67.14 -9.72
CA LEU A 1654 -30.24 -68.20 -10.68
C LEU A 1654 -28.99 -67.92 -11.52
N MET A 1655 -28.17 -66.95 -11.13
CA MET A 1655 -27.00 -66.61 -11.96
C MET A 1655 -26.08 -67.82 -12.11
N GLU A 1656 -25.87 -68.57 -11.03
CA GLU A 1656 -25.01 -69.74 -11.08
C GLU A 1656 -25.77 -71.02 -11.43
N SER A 1657 -27.04 -71.12 -11.06
CA SER A 1657 -27.79 -72.35 -11.29
C SER A 1657 -28.04 -72.56 -12.79
N GLU A 1658 -28.53 -71.53 -13.48
CA GLU A 1658 -28.85 -71.63 -14.90
C GLU A 1658 -28.42 -70.33 -15.58
N GLU A 1659 -27.27 -70.37 -16.26
CA GLU A 1659 -26.78 -69.19 -16.96
C GLU A 1659 -27.68 -68.85 -18.15
N LYS A 1660 -28.18 -69.87 -18.85
CA LYS A 1660 -29.03 -69.61 -20.01
C LYS A 1660 -30.31 -68.89 -19.61
N LEU A 1661 -30.93 -69.31 -18.51
CA LEU A 1661 -32.14 -68.63 -18.05
C LEU A 1661 -31.84 -67.19 -17.65
N CYS A 1662 -30.70 -66.96 -17.00
CA CYS A 1662 -30.33 -65.60 -16.64
C CYS A 1662 -30.16 -64.74 -17.89
N ILE A 1663 -29.50 -65.27 -18.91
CA ILE A 1663 -29.31 -64.52 -20.15
C ILE A 1663 -30.66 -64.22 -20.79
N LYS A 1664 -31.55 -65.21 -20.82
CA LYS A 1664 -32.87 -65.01 -21.41
C LYS A 1664 -33.65 -63.92 -20.67
N VAL A 1665 -33.60 -63.93 -19.34
CA VAL A 1665 -34.34 -62.94 -18.57
C VAL A 1665 -33.74 -61.55 -18.77
N LEU A 1666 -32.41 -61.46 -18.81
CA LEU A 1666 -31.78 -60.17 -19.06
C LEU A 1666 -32.15 -59.63 -20.43
N ARG A 1667 -32.15 -60.48 -21.45
CA ARG A 1667 -32.57 -60.05 -22.78
C ARG A 1667 -34.03 -59.62 -22.79
N THR A 1668 -34.88 -60.34 -22.06
CA THR A 1668 -36.28 -59.95 -21.98
C THR A 1668 -36.46 -58.59 -21.34
N LEU A 1669 -35.69 -58.32 -20.27
CA LEU A 1669 -35.75 -57.01 -19.64
C LEU A 1669 -35.27 -55.92 -20.60
N GLN A 1670 -34.18 -56.17 -21.32
CA GLN A 1670 -33.69 -55.20 -22.28
C GLN A 1670 -34.75 -54.92 -23.35
N GLN A 1671 -35.42 -55.96 -23.84
CA GLN A 1671 -36.50 -55.75 -24.80
C GLN A 1671 -37.63 -54.96 -24.18
N MET A 1672 -37.95 -55.22 -22.91
CA MET A 1672 -38.97 -54.45 -22.22
C MET A 1672 -38.60 -52.97 -22.16
N LEU A 1673 -37.32 -52.65 -22.09
CA LEU A 1673 -36.87 -51.27 -22.03
C LEU A 1673 -36.72 -50.61 -23.39
N LEU A 1674 -37.01 -51.32 -24.48
CA LEU A 1674 -36.80 -50.80 -25.82
C LEU A 1674 -38.08 -50.17 -26.38
N LYS A 1675 -37.91 -49.40 -27.44
CA LYS A 1675 -39.03 -48.76 -28.10
C LYS A 1675 -39.83 -49.76 -28.93
N LYS A 1676 -41.10 -49.47 -29.14
CA LYS A 1676 -41.96 -50.33 -29.93
C LYS A 1676 -41.51 -50.37 -31.39
N THR A 1677 -41.78 -51.49 -32.04
CA THR A 1677 -41.38 -51.70 -33.43
C THR A 1677 -42.53 -52.32 -34.20
N LYS A 1678 -42.53 -52.12 -35.51
CA LYS A 1678 -43.52 -52.67 -36.41
C LYS A 1678 -42.96 -53.91 -37.11
N TYR A 1679 -43.80 -54.93 -37.25
CA TYR A 1679 -43.40 -56.22 -37.82
C TYR A 1679 -44.19 -56.53 -39.09
N GLY A 1680 -44.62 -55.51 -39.81
CA GLY A 1680 -45.40 -55.71 -41.02
C GLY A 1680 -46.87 -55.92 -40.72
N ASP A 1681 -47.66 -56.02 -41.80
CA ASP A 1681 -49.11 -56.19 -41.63
C ASP A 1681 -49.43 -57.49 -40.92
N ARG A 1682 -48.84 -58.59 -41.37
CA ARG A 1682 -49.11 -59.90 -40.75
C ARG A 1682 -48.65 -59.91 -39.30
N GLY A 1683 -47.46 -59.36 -39.03
CA GLY A 1683 -46.97 -59.32 -37.66
C GLY A 1683 -47.87 -58.50 -36.75
N ASN A 1684 -48.32 -57.34 -37.22
CA ASN A 1684 -49.22 -56.51 -36.44
C ASN A 1684 -50.55 -57.23 -36.19
N GLN A 1685 -51.07 -57.91 -37.21
CA GLN A 1685 -52.32 -58.64 -37.03
C GLN A 1685 -52.17 -59.74 -35.98
N LEU A 1686 -51.07 -60.51 -36.06
CA LEU A 1686 -50.84 -61.55 -35.09
C LEU A 1686 -50.67 -60.99 -33.69
N ARG A 1687 -49.92 -59.89 -33.56
CA ARG A 1687 -49.71 -59.29 -32.25
C ARG A 1687 -51.02 -58.79 -31.66
N LYS A 1688 -51.86 -58.15 -32.48
CA LYS A 1688 -53.14 -57.66 -31.99
C LYS A 1688 -54.04 -58.82 -31.56
N MET A 1689 -54.07 -59.89 -32.35
CA MET A 1689 -54.88 -61.05 -31.99
C MET A 1689 -54.42 -61.65 -30.68
N LEU A 1690 -53.11 -61.82 -30.51
CA LEU A 1690 -52.59 -62.40 -29.27
C LEU A 1690 -52.88 -61.50 -28.08
N LEU A 1691 -52.70 -60.19 -28.24
CA LEU A 1691 -52.99 -59.28 -27.14
C LEU A 1691 -54.46 -59.32 -26.76
N GLN A 1692 -55.36 -59.37 -27.75
CA GLN A 1692 -56.77 -59.48 -27.45
C GLN A 1692 -57.08 -60.78 -26.73
N ASN A 1693 -56.46 -61.89 -27.18
CA ASN A 1693 -56.73 -63.18 -26.55
C ASN A 1693 -56.27 -63.19 -25.09
N TYR A 1694 -55.06 -62.68 -24.83
CA TYR A 1694 -54.52 -62.74 -23.47
C TYR A 1694 -55.05 -61.60 -22.61
N LEU A 1695 -54.79 -60.36 -23.01
CA LEU A 1695 -55.35 -59.19 -22.34
C LEU A 1695 -56.65 -58.82 -23.02
N GLN A 1696 -57.77 -59.05 -22.32
CA GLN A 1696 -59.08 -58.97 -22.96
C GLN A 1696 -59.31 -57.61 -23.60
N ASN A 1697 -59.43 -56.56 -22.79
CA ASN A 1697 -59.54 -55.20 -23.31
C ASN A 1697 -58.82 -54.17 -22.47
N ARG A 1698 -58.11 -54.57 -21.42
CA ARG A 1698 -57.46 -53.62 -20.53
C ARG A 1698 -56.10 -53.21 -21.05
N TRP A 1718 -40.32 -40.72 -25.57
CA TRP A 1718 -39.31 -40.98 -24.56
C TRP A 1718 -39.91 -41.02 -23.16
N SER A 1719 -41.10 -40.42 -23.01
CA SER A 1719 -41.76 -40.43 -21.71
C SER A 1719 -42.10 -41.86 -21.28
N ALA A 1720 -42.61 -42.67 -22.21
CA ALA A 1720 -42.90 -44.06 -21.88
C ALA A 1720 -41.63 -44.81 -21.51
N ILE A 1721 -40.54 -44.59 -22.25
CA ILE A 1721 -39.28 -45.24 -21.94
C ILE A 1721 -38.79 -44.83 -20.56
N ALA A 1722 -38.88 -43.53 -20.25
CA ALA A 1722 -38.46 -43.06 -18.93
C ALA A 1722 -39.29 -43.69 -17.83
N ALA A 1723 -40.62 -43.77 -18.03
CA ALA A 1723 -41.48 -44.39 -17.03
C ALA A 1723 -41.12 -45.86 -16.84
N THR A 1724 -40.87 -46.58 -17.93
CA THR A 1724 -40.49 -47.99 -17.81
C THR A 1724 -39.17 -48.14 -17.08
N GLN A 1725 -38.20 -47.26 -17.39
CA GLN A 1725 -36.91 -47.32 -16.69
C GLN A 1725 -37.08 -47.07 -15.20
N CYS A 1726 -37.90 -46.07 -14.84
CA CYS A 1726 -38.14 -45.78 -13.43
C CYS A 1726 -38.81 -46.96 -12.74
N ARG A 1727 -39.79 -47.59 -13.41
CA ARG A 1727 -40.47 -48.74 -12.83
C ARG A 1727 -39.50 -49.89 -12.60
N LEU A 1728 -38.66 -50.17 -13.59
CA LEU A 1728 -37.70 -51.27 -13.45
C LEU A 1728 -36.69 -50.97 -12.34
N ASP A 1729 -36.25 -49.71 -12.24
CA ASP A 1729 -35.36 -49.33 -11.15
C ASP A 1729 -36.03 -49.52 -9.80
N LYS A 1730 -37.32 -49.17 -9.71
CA LYS A 1730 -38.06 -49.38 -8.47
C LYS A 1730 -38.12 -50.86 -8.12
N GLU A 1731 -38.33 -51.72 -9.13
CA GLU A 1731 -38.35 -53.15 -8.88
C GLU A 1731 -36.98 -53.72 -8.57
N GLY A 1732 -35.91 -52.96 -8.76
CA GLY A 1732 -34.59 -53.39 -8.37
C GLY A 1732 -33.69 -53.81 -9.52
N ALA A 1733 -33.94 -53.27 -10.72
CA ALA A 1733 -33.11 -53.61 -11.86
C ALA A 1733 -31.68 -53.12 -11.69
N THR A 1734 -31.50 -51.92 -11.15
CA THR A 1734 -30.16 -51.37 -10.99
C THR A 1734 -29.34 -52.21 -10.03
N LYS A 1735 -29.92 -52.61 -8.91
CA LYS A 1735 -29.20 -53.46 -7.96
C LYS A 1735 -28.84 -54.80 -8.59
N LEU A 1736 -29.76 -55.37 -9.36
CA LEU A 1736 -29.47 -56.63 -10.05
C LEU A 1736 -28.30 -56.46 -11.01
N VAL A 1737 -28.28 -55.37 -11.77
CA VAL A 1737 -27.19 -55.13 -12.72
C VAL A 1737 -25.87 -55.01 -11.97
N CYS A 1738 -25.85 -54.23 -10.89
CA CYS A 1738 -24.62 -54.06 -10.13
C CYS A 1738 -24.14 -55.38 -9.57
N ASP A 1739 -25.05 -56.18 -8.99
CA ASP A 1739 -24.67 -57.46 -8.43
C ASP A 1739 -24.12 -58.40 -9.49
N LEU A 1740 -24.78 -58.47 -10.64
CA LEU A 1740 -24.31 -59.34 -11.72
C LEU A 1740 -22.94 -58.91 -12.21
N ILE A 1741 -22.73 -57.60 -12.40
CA ILE A 1741 -21.43 -57.13 -12.86
C ILE A 1741 -20.35 -57.46 -11.84
N THR A 1742 -20.66 -57.29 -10.55
CA THR A 1742 -19.64 -57.51 -9.52
C THR A 1742 -19.31 -58.99 -9.37
N SER A 1743 -20.31 -59.87 -9.48
CA SER A 1743 -20.13 -61.27 -9.12
C SER A 1743 -20.00 -62.21 -10.30
N THR A 1744 -20.61 -61.91 -11.44
CA THR A 1744 -20.66 -62.87 -12.53
C THR A 1744 -19.27 -63.14 -13.07
N LYS A 1745 -19.02 -64.42 -13.40
CA LYS A 1745 -17.80 -64.84 -14.08
C LYS A 1745 -18.07 -65.26 -15.52
N ASN A 1746 -19.29 -65.10 -16.00
CA ASN A 1746 -19.67 -65.49 -17.35
C ASN A 1746 -19.66 -64.26 -18.25
N GLU A 1747 -18.98 -64.37 -19.40
CA GLU A 1747 -18.87 -63.24 -20.31
C GLU A 1747 -20.23 -62.80 -20.83
N LYS A 1748 -21.08 -63.76 -21.20
CA LYS A 1748 -22.40 -63.41 -21.73
C LYS A 1748 -23.24 -62.69 -20.69
N ILE A 1749 -23.18 -63.15 -19.43
CA ILE A 1749 -23.96 -62.50 -18.37
C ILE A 1749 -23.46 -61.08 -18.16
N PHE A 1750 -22.13 -60.88 -18.19
CA PHE A 1750 -21.58 -59.54 -18.04
C PHE A 1750 -22.03 -58.64 -19.16
N GLN A 1751 -22.00 -59.15 -20.40
CA GLN A 1751 -22.45 -58.36 -21.54
C GLN A 1751 -23.91 -57.97 -21.40
N GLU A 1752 -24.76 -58.93 -21.00
CA GLU A 1752 -26.18 -58.64 -20.83
C GLU A 1752 -26.41 -57.64 -19.72
N SER A 1753 -25.65 -57.74 -18.63
CA SER A 1753 -25.79 -56.78 -17.54
C SER A 1753 -25.41 -55.38 -18.00
N ILE A 1754 -24.33 -55.25 -18.76
CA ILE A 1754 -23.93 -53.94 -19.27
C ILE A 1754 -24.99 -53.40 -20.23
N GLY A 1755 -25.54 -54.27 -21.08
CA GLY A 1755 -26.60 -53.83 -21.98
C GLY A 1755 -27.84 -53.36 -21.23
N LEU A 1756 -28.22 -54.09 -20.17
CA LEU A 1756 -29.35 -53.67 -19.36
C LEU A 1756 -29.08 -52.35 -18.68
N ALA A 1757 -27.84 -52.14 -18.20
CA ALA A 1757 -27.49 -50.85 -17.62
C ALA A 1757 -27.63 -49.73 -18.64
N ILE A 1758 -27.16 -49.96 -19.86
CA ILE A 1758 -27.26 -48.95 -20.91
C ILE A 1758 -28.72 -48.65 -21.21
N HIS A 1759 -29.54 -49.70 -21.31
CA HIS A 1759 -30.96 -49.49 -21.59
C HIS A 1759 -31.65 -48.71 -20.47
N LEU A 1760 -31.31 -49.02 -19.22
CA LEU A 1760 -31.89 -48.30 -18.10
C LEU A 1760 -31.46 -46.83 -18.11
N LEU A 1761 -30.20 -46.57 -18.42
CA LEU A 1761 -29.66 -45.21 -18.41
C LEU A 1761 -29.85 -44.49 -19.74
N ASP A 1762 -30.39 -45.15 -20.75
CA ASP A 1762 -30.49 -44.54 -22.07
C ASP A 1762 -31.32 -43.27 -22.01
N GLY A 1763 -30.89 -42.25 -22.75
CA GLY A 1763 -31.57 -40.97 -22.76
C GLY A 1763 -31.18 -40.04 -21.63
N GLY A 1764 -30.28 -40.45 -20.75
CA GLY A 1764 -29.87 -39.60 -19.64
C GLY A 1764 -30.95 -39.46 -18.59
N ASN A 1765 -31.30 -40.55 -17.94
CA ASN A 1765 -32.31 -40.54 -16.89
C ASN A 1765 -31.68 -40.12 -15.57
N THR A 1766 -32.13 -38.99 -15.02
CA THR A 1766 -31.55 -38.49 -13.78
C THR A 1766 -31.82 -39.44 -12.62
N GLU A 1767 -33.03 -40.02 -12.57
CA GLU A 1767 -33.36 -40.93 -11.47
C GLU A 1767 -32.47 -42.17 -11.48
N ILE A 1768 -32.21 -42.72 -12.67
CA ILE A 1768 -31.35 -43.89 -12.76
C ILE A 1768 -29.93 -43.54 -12.34
N GLN A 1769 -29.45 -42.37 -12.75
CA GLN A 1769 -28.12 -41.94 -12.33
C GLN A 1769 -28.04 -41.79 -10.81
N LYS A 1770 -29.08 -41.20 -10.21
CA LYS A 1770 -29.09 -41.06 -8.76
C LYS A 1770 -29.11 -42.41 -8.06
N SER A 1771 -29.88 -43.36 -8.60
CA SER A 1771 -29.90 -44.70 -8.02
C SER A 1771 -28.54 -45.36 -8.12
N PHE A 1772 -27.88 -45.23 -9.28
CA PHE A 1772 -26.54 -45.80 -9.45
C PHE A 1772 -25.57 -45.18 -8.45
N HIS A 1773 -25.61 -43.85 -8.28
CA HIS A 1773 -24.71 -43.20 -7.35
C HIS A 1773 -24.98 -43.64 -5.91
N ASN A 1774 -26.26 -43.76 -5.55
CA ASN A 1774 -26.59 -44.21 -4.20
C ASN A 1774 -26.09 -45.62 -3.95
N LEU A 1775 -26.26 -46.51 -4.94
CA LEU A 1775 -25.76 -47.87 -4.78
C LEU A 1775 -24.24 -47.89 -4.68
N MET A 1776 -23.56 -47.07 -5.48
CA MET A 1776 -22.09 -47.03 -5.43
C MET A 1776 -21.60 -46.51 -4.09
N MET A 1777 -22.30 -45.54 -3.53
CA MET A 1777 -21.85 -44.94 -2.27
C MET A 1777 -22.19 -45.82 -1.08
N SER A 1778 -23.49 -46.07 -0.86
CA SER A 1778 -23.91 -46.80 0.34
C SER A 1778 -23.38 -48.23 0.34
N ASP A 1779 -23.45 -48.91 -0.80
CA ASP A 1779 -23.07 -50.31 -0.85
C ASP A 1779 -21.58 -50.47 -0.59
N LYS A 1780 -21.23 -51.58 0.08
CA LYS A 1780 -19.85 -51.85 0.44
C LYS A 1780 -19.06 -52.54 -0.67
N LYS A 1781 -19.71 -52.97 -1.74
CA LYS A 1781 -19.05 -53.68 -2.83
C LYS A 1781 -18.79 -52.80 -4.04
N SER A 1782 -18.99 -51.49 -3.92
CA SER A 1782 -18.66 -50.59 -5.02
C SER A 1782 -17.18 -50.69 -5.37
N GLU A 1783 -16.33 -50.96 -4.38
CA GLU A 1783 -14.91 -51.15 -4.65
C GLU A 1783 -14.69 -52.28 -5.64
N ARG A 1784 -15.39 -53.40 -5.45
CA ARG A 1784 -15.27 -54.51 -6.38
C ARG A 1784 -15.79 -54.15 -7.76
N PHE A 1785 -16.89 -53.39 -7.82
CA PHE A 1785 -17.43 -52.95 -9.10
C PHE A 1785 -16.40 -52.15 -9.88
N PHE A 1786 -15.81 -51.14 -9.24
CA PHE A 1786 -14.82 -50.31 -9.91
C PHE A 1786 -13.56 -51.10 -10.23
N LYS A 1787 -13.16 -52.04 -9.36
CA LYS A 1787 -12.01 -52.87 -9.65
C LYS A 1787 -12.24 -53.73 -10.89
N VAL A 1788 -13.45 -54.29 -11.02
CA VAL A 1788 -13.77 -55.10 -12.20
C VAL A 1788 -13.70 -54.24 -13.46
N LEU A 1789 -14.30 -53.05 -13.40
CA LEU A 1789 -14.27 -52.17 -14.57
C LEU A 1789 -12.83 -51.80 -14.93
N HIS A 1790 -12.02 -51.46 -13.93
CA HIS A 1790 -10.63 -51.09 -14.19
C HIS A 1790 -9.84 -52.26 -14.77
N ASP A 1791 -10.06 -53.47 -14.25
CA ASP A 1791 -9.35 -54.63 -14.75
C ASP A 1791 -9.72 -54.90 -16.21
N ARG A 1792 -11.00 -54.78 -16.55
CA ARG A 1792 -11.39 -54.98 -17.94
C ARG A 1792 -10.79 -53.91 -18.84
N MET A 1793 -10.75 -52.66 -18.38
CA MET A 1793 -10.12 -51.60 -19.16
C MET A 1793 -8.65 -51.92 -19.40
N LYS A 1794 -7.94 -52.34 -18.36
CA LYS A 1794 -6.52 -52.65 -18.51
C LYS A 1794 -6.30 -53.84 -19.45
N ARG A 1795 -7.16 -54.86 -19.35
CA ARG A 1795 -7.04 -55.99 -20.25
C ARG A 1795 -7.27 -55.58 -21.70
N ALA A 1796 -8.25 -54.71 -21.94
CA ALA A 1796 -8.48 -54.21 -23.29
C ALA A 1796 -7.27 -53.43 -23.79
N GLN A 1797 -6.69 -52.59 -22.92
CA GLN A 1797 -5.50 -51.83 -23.32
C GLN A 1797 -4.35 -52.76 -23.69
N GLN A 1798 -4.12 -53.79 -22.87
CA GLN A 1798 -3.03 -54.72 -23.14
C GLN A 1798 -3.26 -55.47 -24.44
N GLU A 1799 -4.50 -55.92 -24.68
CA GLU A 1799 -4.79 -56.62 -25.92
C GLU A 1799 -4.59 -55.72 -27.13
N THR A 1800 -5.04 -54.47 -27.03
CA THR A 1800 -4.85 -53.53 -28.13
C THR A 1800 -3.37 -53.27 -28.39
N LYS A 1801 -2.58 -53.12 -27.32
CA LYS A 1801 -1.15 -52.90 -27.49
C LYS A 1801 -0.49 -54.11 -28.15
N SER A 1802 -0.87 -55.32 -27.74
CA SER A 1802 -0.31 -56.52 -28.36
C SER A 1802 -0.68 -56.60 -29.84
N THR A 1803 -1.94 -56.30 -30.17
CA THR A 1803 -2.36 -56.34 -31.57
C THR A 1803 -1.60 -55.30 -32.39
N VAL A 1804 -1.41 -54.10 -31.84
CA VAL A 1804 -0.67 -53.06 -32.55
C VAL A 1804 0.76 -53.50 -32.78
N ALA A 1805 1.39 -54.10 -31.75
CA ALA A 1805 2.75 -54.58 -31.91
C ALA A 1805 2.84 -55.66 -32.98
N VAL A 1806 1.87 -56.57 -33.00
CA VAL A 1806 1.86 -57.62 -34.01
C VAL A 1806 1.77 -57.02 -35.41
N ASN A 1807 0.88 -56.04 -35.60
CA ASN A 1807 0.71 -55.38 -36.88
C ASN A 1807 1.67 -54.22 -37.03
N MET A 1863 -11.91 -58.36 -33.41
CA MET A 1863 -10.59 -57.90 -33.01
C MET A 1863 -10.36 -58.17 -31.52
N GLY A 1864 -10.93 -59.27 -31.03
CA GLY A 1864 -10.79 -59.64 -29.63
C GLY A 1864 -11.99 -59.23 -28.79
N THR A 1865 -12.52 -60.17 -28.03
CA THR A 1865 -13.68 -59.87 -27.20
C THR A 1865 -13.36 -58.82 -26.14
N SER A 1866 -12.14 -58.88 -25.59
CA SER A 1866 -11.75 -57.92 -24.56
C SER A 1866 -11.73 -56.49 -25.10
N VAL A 1867 -11.50 -56.33 -26.40
CA VAL A 1867 -11.54 -55.01 -27.00
C VAL A 1867 -12.95 -54.65 -27.48
N LEU A 1868 -13.72 -55.62 -27.95
CA LEU A 1868 -15.09 -55.34 -28.37
C LEU A 1868 -15.97 -54.93 -27.19
N ILE A 1869 -15.69 -55.47 -26.00
CA ILE A 1869 -16.46 -55.11 -24.81
C ILE A 1869 -16.26 -53.67 -24.38
N MET A 1870 -15.24 -52.99 -24.92
CA MET A 1870 -14.99 -51.61 -24.52
C MET A 1870 -16.11 -50.67 -24.96
N GLN A 1871 -16.69 -50.93 -26.14
CA GLN A 1871 -17.76 -50.07 -26.62
C GLN A 1871 -18.93 -50.00 -25.66
N PRO A 1872 -19.52 -51.11 -25.23
CA PRO A 1872 -20.61 -51.01 -24.23
C PRO A 1872 -20.16 -50.38 -22.93
N ILE A 1873 -18.94 -50.66 -22.47
CA ILE A 1873 -18.48 -50.09 -21.22
C ILE A 1873 -18.32 -48.58 -21.34
N LEU A 1874 -17.74 -48.12 -22.43
CA LEU A 1874 -17.59 -46.68 -22.66
C LEU A 1874 -18.95 -46.01 -22.78
N ARG A 1875 -19.90 -46.66 -23.47
CA ARG A 1875 -21.24 -46.11 -23.57
C ARG A 1875 -21.90 -46.00 -22.20
N PHE A 1876 -21.75 -47.03 -21.37
CA PHE A 1876 -22.32 -46.99 -20.03
C PHE A 1876 -21.71 -45.87 -19.21
N LEU A 1877 -20.39 -45.71 -19.28
CA LEU A 1877 -19.73 -44.65 -18.51
C LEU A 1877 -20.17 -43.28 -19.01
N GLN A 1878 -20.33 -43.11 -20.32
CA GLN A 1878 -20.84 -41.85 -20.85
C GLN A 1878 -22.25 -41.58 -20.37
N LEU A 1879 -23.10 -42.62 -20.36
CA LEU A 1879 -24.48 -42.43 -19.91
C LEU A 1879 -24.55 -42.11 -18.43
N LEU A 1880 -23.59 -42.58 -17.65
CA LEU A 1880 -23.56 -42.23 -16.23
C LEU A 1880 -23.38 -40.73 -16.05
N CYS A 1881 -22.53 -40.11 -16.86
CA CYS A 1881 -22.21 -38.69 -16.73
C CYS A 1881 -23.05 -37.80 -17.65
N GLU A 1882 -24.05 -38.36 -18.32
CA GLU A 1882 -24.84 -37.59 -19.27
C GLU A 1882 -25.57 -36.46 -18.56
N ASN A 1883 -25.80 -35.36 -19.29
CA ASN A 1883 -26.46 -34.17 -18.77
C ASN A 1883 -25.61 -33.46 -17.71
N HIS A 1884 -24.29 -33.66 -17.76
CA HIS A 1884 -23.36 -33.00 -16.87
C HIS A 1884 -23.70 -33.28 -15.41
N ASN A 1885 -23.72 -34.56 -15.06
CA ASN A 1885 -23.97 -35.00 -13.69
C ASN A 1885 -22.66 -34.85 -12.92
N ARG A 1886 -22.56 -33.80 -12.10
CA ARG A 1886 -21.32 -33.50 -11.41
C ARG A 1886 -20.93 -34.62 -10.45
N ASP A 1887 -21.92 -35.16 -9.72
CA ASP A 1887 -21.62 -36.20 -8.75
C ASP A 1887 -21.00 -37.42 -9.44
N LEU A 1888 -21.62 -37.89 -10.51
CA LEU A 1888 -21.09 -39.05 -11.24
C LEU A 1888 -19.76 -38.71 -11.90
N GLN A 1889 -19.64 -37.48 -12.43
CA GLN A 1889 -18.40 -37.09 -13.08
C GLN A 1889 -17.23 -37.14 -12.10
N ASN A 1890 -17.43 -36.65 -10.88
CA ASN A 1890 -16.37 -36.67 -9.89
C ASN A 1890 -16.15 -38.08 -9.35
N PHE A 1891 -17.22 -38.86 -9.20
CA PHE A 1891 -17.08 -40.20 -8.63
C PHE A 1891 -16.26 -41.11 -9.53
N LEU A 1892 -16.44 -41.01 -10.84
CA LEU A 1892 -15.69 -41.86 -11.76
C LEU A 1892 -14.20 -41.61 -11.69
N ARG A 1893 -13.78 -40.45 -11.18
CA ARG A 1893 -12.37 -40.16 -10.99
C ARG A 1893 -11.88 -40.61 -9.61
N CYS A 1894 -12.63 -40.30 -8.56
CA CYS A 1894 -12.30 -40.70 -7.20
C CYS A 1894 -13.56 -41.24 -6.53
N GLN A 1895 -13.46 -42.43 -5.93
CA GLN A 1895 -14.58 -43.08 -5.29
C GLN A 1895 -14.55 -42.99 -3.77
N ASN A 1896 -13.48 -42.43 -3.20
CA ASN A 1896 -13.34 -42.27 -1.75
C ASN A 1896 -13.29 -43.61 -1.02
N ASN A 1897 -12.98 -44.69 -1.73
CA ASN A 1897 -12.83 -46.00 -1.12
C ASN A 1897 -11.38 -46.20 -0.68
N LYS A 1898 -11.08 -47.39 -0.15
CA LYS A 1898 -9.72 -47.69 0.27
C LYS A 1898 -8.75 -47.61 -0.91
N THR A 1899 -9.12 -48.20 -2.04
CA THR A 1899 -8.38 -48.07 -3.29
C THR A 1899 -9.30 -47.45 -4.32
N ASN A 1900 -8.79 -46.41 -5.00
CA ASN A 1900 -9.58 -45.65 -5.96
C ASN A 1900 -9.10 -45.95 -7.37
N TYR A 1901 -10.05 -46.16 -8.28
CA TYR A 1901 -9.76 -46.42 -9.68
C TYR A 1901 -10.25 -45.22 -10.50
N ASN A 1902 -9.31 -44.55 -11.16
CA ASN A 1902 -9.64 -43.37 -11.98
C ASN A 1902 -9.98 -43.85 -13.39
N LEU A 1903 -11.28 -43.89 -13.70
CA LEU A 1903 -11.72 -44.36 -15.00
C LEU A 1903 -11.47 -43.33 -16.10
N VAL A 1904 -11.41 -42.05 -15.75
CA VAL A 1904 -11.11 -41.02 -16.76
C VAL A 1904 -9.69 -41.21 -17.28
N CYS A 1905 -8.74 -41.42 -16.38
CA CYS A 1905 -7.35 -41.66 -16.79
C CYS A 1905 -7.24 -42.92 -17.62
N GLU A 1906 -7.97 -43.97 -17.23
CA GLU A 1906 -7.93 -45.22 -18.01
C GLU A 1906 -8.52 -45.02 -19.40
N THR A 1907 -9.60 -44.24 -19.51
CA THR A 1907 -10.17 -43.95 -20.82
C THR A 1907 -9.18 -43.19 -21.69
N LEU A 1908 -8.49 -42.20 -21.12
CA LEU A 1908 -7.48 -41.47 -21.89
C LEU A 1908 -6.34 -42.40 -22.31
N GLN A 1909 -5.92 -43.30 -21.41
CA GLN A 1909 -4.86 -44.25 -21.76
C GLN A 1909 -5.31 -45.18 -22.89
N PHE A 1910 -6.56 -45.63 -22.85
CA PHE A 1910 -7.07 -46.48 -23.91
C PHE A 1910 -7.07 -45.73 -25.24
N LEU A 1911 -7.51 -44.47 -25.23
CA LEU A 1911 -7.46 -43.68 -26.46
C LEU A 1911 -6.03 -43.54 -26.97
N ASP A 1912 -5.09 -43.27 -26.07
CA ASP A 1912 -3.70 -43.11 -26.48
C ASP A 1912 -3.14 -44.39 -27.09
N ILE A 1913 -3.42 -45.52 -26.46
CA ILE A 1913 -2.89 -46.80 -26.96
C ILE A 1913 -3.54 -47.17 -28.29
N MET A 1914 -4.84 -46.91 -28.42
CA MET A 1914 -5.54 -47.26 -29.65
C MET A 1914 -4.97 -46.51 -30.85
N CYS A 1915 -4.60 -45.24 -30.66
CA CYS A 1915 -4.12 -44.40 -31.75
C CYS A 1915 -2.63 -44.56 -32.02
N GLY A 1916 -1.93 -45.40 -31.26
CA GLY A 1916 -0.53 -45.66 -31.49
C GLY A 1916 0.43 -44.91 -30.60
N SER A 1917 -0.07 -44.13 -29.64
CA SER A 1917 0.78 -43.42 -28.71
C SER A 1917 1.59 -42.34 -29.42
N THR A 1918 2.85 -42.15 -29.00
CA THR A 1918 3.66 -41.07 -29.57
C THR A 1918 3.85 -41.24 -31.07
N THR A 1919 4.02 -42.48 -31.53
CA THR A 1919 4.20 -42.72 -32.95
C THR A 1919 3.01 -42.22 -33.75
N GLY A 1920 1.80 -42.48 -33.26
CA GLY A 1920 0.61 -41.96 -33.93
C GLY A 1920 0.59 -40.45 -33.96
N GLY A 1921 0.98 -39.82 -32.84
CA GLY A 1921 1.02 -38.37 -32.79
C GLY A 1921 2.02 -37.77 -33.77
N LEU A 1922 3.13 -38.46 -34.00
CA LEU A 1922 4.14 -37.94 -34.91
C LEU A 1922 3.59 -37.74 -36.32
N GLY A 1923 2.56 -38.51 -36.69
CA GLY A 1923 1.98 -38.39 -38.02
C GLY A 1923 1.58 -39.72 -38.62
N LEU A 1924 1.87 -40.82 -37.91
CA LEU A 1924 1.51 -42.15 -38.36
C LEU A 1924 0.12 -42.57 -37.88
N LEU A 1925 -0.74 -41.60 -37.55
CA LEU A 1925 -2.07 -41.93 -37.02
C LEU A 1925 -2.91 -42.70 -38.03
N GLY A 1926 -2.67 -42.49 -39.33
CA GLY A 1926 -3.52 -43.11 -40.32
C GLY A 1926 -3.49 -44.62 -40.27
N LEU A 1927 -2.30 -45.20 -40.07
CA LEU A 1927 -2.18 -46.65 -40.10
C LEU A 1927 -2.95 -47.29 -38.94
N TYR A 1928 -2.86 -46.69 -37.74
CA TYR A 1928 -3.48 -47.31 -36.57
C TYR A 1928 -5.00 -47.29 -36.67
N ILE A 1929 -5.56 -46.21 -37.18
CA ILE A 1929 -7.02 -46.06 -37.26
C ILE A 1929 -7.50 -46.60 -38.60
N ASN A 1930 -8.49 -47.48 -38.55
CA ASN A 1930 -9.08 -48.08 -39.74
C ASN A 1930 -10.58 -48.14 -39.57
N GLU A 1931 -11.26 -48.75 -40.54
CA GLU A 1931 -12.72 -48.78 -40.53
C GLU A 1931 -13.25 -49.57 -39.33
N ASP A 1932 -12.59 -50.67 -38.98
CA ASP A 1932 -13.12 -51.53 -37.92
C ASP A 1932 -13.12 -50.82 -36.58
N ASN A 1933 -12.04 -50.11 -36.24
CA ASN A 1933 -11.87 -49.53 -34.92
C ASN A 1933 -12.24 -48.06 -34.83
N VAL A 1934 -12.72 -47.45 -35.92
CA VAL A 1934 -13.02 -46.03 -35.90
C VAL A 1934 -14.18 -45.74 -34.94
N GLY A 1935 -15.20 -46.60 -34.94
CA GLY A 1935 -16.33 -46.38 -34.05
C GLY A 1935 -15.94 -46.38 -32.58
N LEU A 1936 -15.01 -47.26 -32.21
CA LEU A 1936 -14.55 -47.29 -30.83
C LEU A 1936 -13.83 -46.00 -30.46
N VAL A 1937 -13.03 -45.46 -31.37
CA VAL A 1937 -12.36 -44.20 -31.11
C VAL A 1937 -13.37 -43.08 -30.96
N ILE A 1938 -14.41 -43.08 -31.80
CA ILE A 1938 -15.45 -42.07 -31.68
C ILE A 1938 -16.14 -42.17 -30.33
N GLN A 1939 -16.45 -43.40 -29.90
CA GLN A 1939 -17.08 -43.58 -28.61
C GLN A 1939 -16.18 -43.11 -27.47
N THR A 1940 -14.89 -43.38 -27.56
CA THR A 1940 -13.96 -42.93 -26.54
C THR A 1940 -13.92 -41.40 -26.47
N LEU A 1941 -13.88 -40.75 -27.63
CA LEU A 1941 -13.89 -39.29 -27.65
C LEU A 1941 -15.17 -38.74 -27.04
N GLU A 1942 -16.31 -39.36 -27.36
CA GLU A 1942 -17.58 -38.92 -26.79
C GLU A 1942 -17.60 -39.10 -25.28
N THR A 1943 -17.06 -40.22 -24.79
CA THR A 1943 -17.01 -40.45 -23.35
C THR A 1943 -16.14 -39.43 -22.66
N LEU A 1944 -14.97 -39.10 -23.24
CA LEU A 1944 -14.12 -38.09 -22.64
C LEU A 1944 -14.81 -36.72 -22.63
N THR A 1945 -15.50 -36.38 -23.72
CA THR A 1945 -16.24 -35.12 -23.76
C THR A 1945 -17.30 -35.08 -22.68
N GLU A 1946 -18.03 -36.18 -22.50
CA GLU A 1946 -19.04 -36.22 -21.44
C GLU A 1946 -18.42 -36.13 -20.07
N TYR A 1947 -17.21 -36.68 -19.90
CA TYR A 1947 -16.49 -36.51 -18.64
C TYR A 1947 -16.21 -35.04 -18.37
N CYS A 1948 -15.74 -34.31 -19.38
CA CYS A 1948 -15.24 -32.96 -19.16
C CYS A 1948 -16.32 -31.89 -19.22
N GLN A 1949 -17.41 -32.12 -19.92
CA GLN A 1949 -18.42 -31.09 -20.10
C GLN A 1949 -19.19 -30.85 -18.80
N GLY A 1950 -19.75 -29.65 -18.67
CA GLY A 1950 -20.56 -29.28 -17.53
C GLY A 1950 -20.21 -27.95 -16.91
N PRO A 1951 -18.92 -27.61 -16.75
CA PRO A 1951 -17.70 -28.40 -16.90
C PRO A 1951 -17.30 -29.10 -15.61
N CYS A 1952 -16.40 -30.07 -15.69
CA CYS A 1952 -15.77 -30.68 -14.51
C CYS A 1952 -14.29 -30.31 -14.56
N HIS A 1953 -13.91 -29.33 -13.75
CA HIS A 1953 -12.56 -28.79 -13.83
C HIS A 1953 -11.52 -29.85 -13.48
N GLU A 1954 -11.81 -30.69 -12.49
CA GLU A 1954 -10.86 -31.73 -12.10
C GLU A 1954 -10.61 -32.71 -13.24
N ASN A 1955 -11.67 -33.11 -13.94
CA ASN A 1955 -11.50 -34.01 -15.09
C ASN A 1955 -10.72 -33.33 -16.21
N GLN A 1956 -10.99 -32.05 -16.45
CA GLN A 1956 -10.23 -31.31 -17.46
C GLN A 1956 -8.75 -31.29 -17.13
N THR A 1957 -8.42 -31.00 -15.86
CA THR A 1957 -7.03 -31.00 -15.44
C THR A 1957 -6.41 -32.38 -15.57
N CYS A 1958 -7.15 -33.42 -15.21
CA CYS A 1958 -6.64 -34.78 -15.31
C CYS A 1958 -6.30 -35.12 -16.75
N ILE A 1959 -7.18 -34.79 -17.69
CA ILE A 1959 -6.94 -35.12 -19.09
C ILE A 1959 -5.80 -34.28 -19.65
N VAL A 1960 -5.80 -32.97 -19.37
CA VAL A 1960 -4.82 -32.09 -19.99
C VAL A 1960 -3.41 -32.39 -19.50
N THR A 1961 -3.26 -32.63 -18.19
CA THR A 1961 -1.95 -32.82 -17.58
C THR A 1961 -1.57 -34.28 -17.43
N HIS A 1962 -2.26 -35.18 -18.12
CA HIS A 1962 -1.95 -36.60 -17.99
C HIS A 1962 -0.53 -36.89 -18.48
N GLU A 1963 0.14 -37.82 -17.80
CA GLU A 1963 1.51 -38.15 -18.16
C GLU A 1963 1.60 -38.80 -19.52
N SER A 1964 0.55 -39.51 -19.94
CA SER A 1964 0.56 -40.18 -21.25
C SER A 1964 0.58 -39.22 -22.42
N ASN A 1965 0.30 -37.93 -22.18
CA ASN A 1965 0.25 -36.93 -23.25
C ASN A 1965 -0.79 -37.31 -24.30
N GLY A 1966 -1.99 -37.64 -23.82
CA GLY A 1966 -3.07 -37.99 -24.73
C GLY A 1966 -3.69 -36.80 -25.45
N ILE A 1967 -3.44 -35.58 -24.97
CA ILE A 1967 -3.93 -34.40 -25.66
C ILE A 1967 -3.30 -34.28 -27.03
N ASP A 1968 -2.01 -34.65 -27.14
CA ASP A 1968 -1.35 -34.65 -28.44
C ASP A 1968 -2.06 -35.58 -29.42
N ILE A 1969 -2.61 -36.70 -28.92
CA ILE A 1969 -3.34 -37.60 -29.80
C ILE A 1969 -4.57 -36.90 -30.37
N ILE A 1970 -5.29 -36.15 -29.54
CA ILE A 1970 -6.47 -35.45 -30.00
C ILE A 1970 -6.10 -34.37 -31.02
N THR A 1971 -5.04 -33.61 -30.73
CA THR A 1971 -4.61 -32.59 -31.67
C THR A 1971 -4.20 -33.20 -33.01
N ALA A 1972 -3.50 -34.34 -32.97
CA ALA A 1972 -3.15 -35.03 -34.20
C ALA A 1972 -4.39 -35.51 -34.93
N LEU A 1973 -5.36 -36.04 -34.20
CA LEU A 1973 -6.62 -36.47 -34.81
C LEU A 1973 -7.26 -35.32 -35.59
N ILE A 1974 -7.25 -34.12 -35.01
CA ILE A 1974 -7.79 -32.97 -35.71
C ILE A 1974 -6.93 -32.62 -36.93
N LEU A 1975 -5.62 -32.56 -36.74
CA LEU A 1975 -4.73 -32.11 -37.81
C LEU A 1975 -4.53 -33.19 -38.88
N ASN A 1976 -4.34 -34.44 -38.47
CA ASN A 1976 -4.00 -35.48 -39.44
C ASN A 1976 -5.16 -35.76 -40.38
N ASP A 1977 -4.82 -36.25 -41.57
CA ASP A 1977 -5.80 -36.53 -42.60
C ASP A 1977 -6.31 -37.97 -42.58
N ILE A 1978 -5.64 -38.87 -41.86
CA ILE A 1978 -6.01 -40.29 -41.86
C ILE A 1978 -6.03 -40.77 -43.31
N SER A 1979 -4.84 -40.89 -43.91
CA SER A 1979 -4.77 -41.13 -45.36
C SER A 1979 -5.48 -42.41 -45.77
N PRO A 1980 -5.28 -43.56 -45.13
CA PRO A 1980 -5.96 -44.78 -45.60
C PRO A 1980 -7.47 -44.70 -45.52
N LEU A 1981 -8.01 -44.33 -44.35
CA LEU A 1981 -9.46 -44.38 -44.16
C LEU A 1981 -10.17 -43.26 -44.92
N CYS A 1982 -9.59 -42.06 -44.95
CA CYS A 1982 -10.28 -40.93 -45.54
C CYS A 1982 -10.59 -41.15 -47.01
N LYS A 1983 -9.73 -41.89 -47.72
CA LYS A 1983 -9.97 -42.14 -49.14
C LYS A 1983 -11.26 -42.93 -49.35
N TYR A 1984 -11.50 -43.93 -48.51
CA TYR A 1984 -12.66 -44.80 -48.69
C TYR A 1984 -13.89 -44.30 -47.94
N ARG A 1985 -13.73 -43.85 -46.70
CA ARG A 1985 -14.85 -43.42 -45.86
C ARG A 1985 -14.50 -42.05 -45.27
N MET A 1986 -14.84 -40.99 -46.00
CA MET A 1986 -14.57 -39.64 -45.52
C MET A 1986 -15.54 -39.20 -44.44
N ASP A 1987 -16.76 -39.75 -44.43
CA ASP A 1987 -17.73 -39.37 -43.42
C ASP A 1987 -17.26 -39.75 -42.01
N LEU A 1988 -16.66 -40.92 -41.87
CA LEU A 1988 -16.15 -41.33 -40.57
C LEU A 1988 -15.00 -40.44 -40.13
N VAL A 1989 -14.13 -40.04 -41.06
CA VAL A 1989 -13.04 -39.13 -40.71
C VAL A 1989 -13.60 -37.78 -40.26
N LEU A 1990 -14.62 -37.28 -40.96
CA LEU A 1990 -15.24 -36.02 -40.55
C LEU A 1990 -15.87 -36.14 -39.17
N GLN A 1991 -16.53 -37.27 -38.89
CA GLN A 1991 -17.11 -37.47 -37.57
C GLN A 1991 -16.02 -37.51 -36.50
N LEU A 1992 -14.91 -38.18 -36.78
CA LEU A 1992 -13.80 -38.23 -35.84
C LEU A 1992 -13.26 -36.83 -35.56
N LYS A 1993 -13.08 -36.03 -36.61
CA LYS A 1993 -12.58 -34.66 -36.42
C LYS A 1993 -13.56 -33.83 -35.62
N ASP A 1994 -14.85 -33.97 -35.90
CA ASP A 1994 -15.85 -33.22 -35.14
C ASP A 1994 -15.84 -33.61 -33.67
N ASN A 1995 -15.73 -34.90 -33.37
CA ASN A 1995 -15.68 -35.34 -31.98
C ASN A 1995 -14.43 -34.83 -31.29
N ALA A 1996 -13.29 -34.86 -31.99
CA ALA A 1996 -12.06 -34.35 -31.39
C ALA A 1996 -12.16 -32.86 -31.10
N SER A 1997 -12.74 -32.09 -32.02
CA SER A 1997 -12.92 -30.66 -31.80
C SER A 1997 -13.86 -30.42 -30.61
N LYS A 1998 -14.93 -31.20 -30.51
CA LYS A 1998 -15.84 -31.06 -29.38
C LYS A 1998 -15.13 -31.35 -28.07
N LEU A 1999 -14.30 -32.40 -28.04
CA LEU A 1999 -13.55 -32.72 -26.83
C LEU A 1999 -12.59 -31.59 -26.46
N LEU A 2000 -11.88 -31.04 -27.45
CA LEU A 2000 -10.96 -29.95 -27.16
C LEU A 2000 -11.71 -28.73 -26.64
N LEU A 2001 -12.87 -28.42 -27.22
CA LEU A 2001 -13.67 -27.30 -26.72
C LEU A 2001 -14.14 -27.55 -25.28
N ALA A 2002 -14.57 -28.78 -24.99
CA ALA A 2002 -15.01 -29.10 -23.63
C ALA A 2002 -13.86 -29.00 -22.64
N LEU A 2003 -12.64 -29.28 -23.08
CA LEU A 2003 -11.48 -29.17 -22.21
C LEU A 2003 -11.20 -27.74 -21.77
N MET A 2004 -11.82 -26.75 -22.41
CA MET A 2004 -11.59 -25.34 -22.10
C MET A 2004 -12.90 -24.59 -21.93
N GLU A 2005 -13.91 -25.27 -21.37
CA GLU A 2005 -15.27 -24.72 -21.37
C GLU A 2005 -15.34 -23.41 -20.58
N SER A 2006 -14.86 -23.42 -19.33
CA SER A 2006 -14.96 -22.26 -18.45
C SER A 2006 -13.65 -22.02 -17.73
N ARG A 2007 -12.53 -22.11 -18.45
CA ARG A 2007 -11.20 -21.93 -17.88
C ARG A 2007 -10.69 -20.56 -18.28
N HIS A 2008 -10.65 -19.63 -17.32
CA HIS A 2008 -10.15 -18.29 -17.60
C HIS A 2008 -8.64 -18.28 -17.75
N ASP A 2009 -7.94 -19.18 -17.05
CA ASP A 2009 -6.50 -19.28 -17.21
C ASP A 2009 -6.16 -19.88 -18.57
N SER A 2010 -4.90 -19.68 -18.97
CA SER A 2010 -4.42 -20.12 -20.28
C SER A 2010 -3.72 -21.47 -20.25
N GLU A 2011 -3.65 -22.13 -19.09
CA GLU A 2011 -2.88 -23.36 -18.98
C GLU A 2011 -3.31 -24.39 -20.02
N ASN A 2012 -4.61 -24.69 -20.06
CA ASN A 2012 -5.10 -25.66 -21.03
C ASN A 2012 -4.92 -25.15 -22.45
N ALA A 2013 -5.16 -23.87 -22.67
CA ALA A 2013 -5.02 -23.31 -24.01
C ALA A 2013 -3.57 -23.42 -24.49
N GLU A 2014 -2.61 -23.06 -23.63
CA GLU A 2014 -1.21 -23.18 -24.02
C GLU A 2014 -0.81 -24.64 -24.24
N ARG A 2015 -1.28 -25.54 -23.39
CA ARG A 2015 -0.95 -26.95 -23.57
C ARG A 2015 -1.48 -27.46 -24.91
N ILE A 2016 -2.71 -27.09 -25.25
CA ILE A 2016 -3.27 -27.51 -26.54
C ILE A 2016 -2.49 -26.89 -27.69
N LEU A 2017 -2.16 -25.60 -27.58
CA LEU A 2017 -1.45 -24.91 -28.65
C LEU A 2017 -0.04 -25.44 -28.84
N ILE A 2018 0.54 -26.08 -27.82
CA ILE A 2018 1.87 -26.66 -27.97
C ILE A 2018 1.90 -27.62 -29.15
N SER A 2019 0.89 -28.47 -29.27
CA SER A 2019 0.82 -29.45 -30.35
C SER A 2019 -0.08 -29.02 -31.50
N LEU A 2020 -1.03 -28.12 -31.26
CA LEU A 2020 -1.96 -27.65 -32.29
C LEU A 2020 -1.47 -26.29 -32.79
N ARG A 2021 -0.57 -26.33 -33.77
CA ARG A 2021 0.00 -25.10 -34.29
C ARG A 2021 -1.05 -24.31 -35.08
N PRO A 2022 -0.92 -22.98 -35.11
CA PRO A 2022 -2.00 -22.17 -35.72
C PRO A 2022 -2.07 -22.29 -37.23
N GLN A 2023 -0.93 -22.31 -37.91
CA GLN A 2023 -0.95 -22.37 -39.37
C GLN A 2023 -1.64 -23.65 -39.87
N GLU A 2024 -1.29 -24.79 -39.26
CA GLU A 2024 -1.92 -26.04 -39.66
C GLU A 2024 -3.41 -26.04 -39.35
N LEU A 2025 -3.79 -25.44 -38.22
CA LEU A 2025 -5.21 -25.37 -37.87
C LEU A 2025 -5.98 -24.54 -38.90
N VAL A 2026 -5.43 -23.40 -39.31
CA VAL A 2026 -6.09 -22.57 -40.31
C VAL A 2026 -6.16 -23.30 -41.64
N ASP A 2027 -5.10 -24.01 -42.01
CA ASP A 2027 -5.13 -24.77 -43.26
C ASP A 2027 -6.19 -25.85 -43.21
N VAL A 2028 -6.33 -26.53 -42.06
CA VAL A 2028 -7.36 -27.55 -41.90
C VAL A 2028 -8.74 -26.92 -42.03
N ILE A 2029 -8.95 -25.76 -41.42
CA ILE A 2029 -10.25 -25.10 -41.52
C ILE A 2029 -10.57 -24.76 -42.97
N LYS A 2030 -9.59 -24.22 -43.69
CA LYS A 2030 -9.82 -23.86 -45.08
C LYS A 2030 -10.10 -25.09 -45.94
N LYS A 2031 -9.36 -26.18 -45.71
CA LYS A 2031 -9.59 -27.40 -46.46
C LYS A 2031 -10.98 -27.96 -46.17
N ALA A 2032 -11.41 -27.94 -44.92
CA ALA A 2032 -12.74 -28.42 -44.58
C ALA A 2032 -13.81 -27.57 -45.25
N TYR A 2033 -13.63 -26.25 -45.28
CA TYR A 2033 -14.58 -25.39 -45.96
C TYR A 2033 -14.65 -25.71 -47.45
N LEU A 2034 -13.48 -25.89 -48.09
CA LEU A 2034 -13.45 -26.14 -49.52
C LEU A 2034 -13.96 -27.54 -49.87
N GLN A 2035 -13.91 -28.48 -48.93
CA GLN A 2035 -14.37 -29.84 -49.19
C GLN A 2035 -15.88 -29.91 -49.39
N GLU A 2036 -16.62 -28.85 -49.09
CA GLU A 2036 -18.08 -28.90 -49.23
C GLU A 2036 -18.49 -29.18 -50.67
N GLU A 2037 -17.83 -28.53 -51.63
CA GLU A 2037 -18.15 -28.77 -53.03
C GLU A 2037 -17.94 -30.22 -53.41
N GLU A 2038 -17.00 -30.90 -52.75
CA GLU A 2038 -16.75 -32.32 -52.97
C GLU A 2038 -17.56 -33.21 -52.05
N ARG A 2039 -18.42 -32.63 -51.22
CA ARG A 2039 -19.18 -33.42 -50.25
C ARG A 2039 -20.13 -34.37 -50.96
N GLU A 2040 -20.27 -35.56 -50.41
CA GLU A 2040 -21.25 -36.55 -50.85
C GLU A 2040 -22.38 -36.64 -49.84
N ASN A 2041 -23.53 -37.13 -50.31
CA ASN A 2041 -24.71 -37.23 -49.46
C ASN A 2041 -24.40 -38.01 -48.20
N SER A 2042 -24.44 -37.34 -47.04
CA SER A 2042 -24.16 -37.98 -45.77
C SER A 2042 -24.64 -37.08 -44.65
N GLU A 2043 -24.79 -37.67 -43.46
CA GLU A 2043 -25.25 -36.91 -42.31
C GLU A 2043 -24.25 -35.84 -41.92
N VAL A 2044 -22.96 -36.18 -41.94
CA VAL A 2044 -21.90 -35.23 -41.56
C VAL A 2044 -21.58 -34.35 -42.75
N SER A 2045 -21.37 -33.06 -42.48
CA SER A 2045 -21.05 -32.08 -43.50
C SER A 2045 -19.68 -31.47 -43.21
N PRO A 2046 -18.78 -31.38 -44.19
CA PRO A 2046 -17.48 -30.74 -43.93
C PRO A 2046 -17.61 -29.31 -43.45
N ARG A 2047 -18.64 -28.59 -43.88
CA ARG A 2047 -18.79 -27.19 -43.47
C ARG A 2047 -18.99 -27.09 -41.96
N GLU A 2048 -19.82 -27.97 -41.39
CA GLU A 2048 -20.05 -27.92 -39.95
C GLU A 2048 -18.78 -28.24 -39.17
N VAL A 2049 -18.02 -29.24 -39.62
CA VAL A 2049 -16.77 -29.57 -38.96
C VAL A 2049 -15.80 -28.41 -39.04
N GLY A 2050 -15.71 -27.76 -40.20
CA GLY A 2050 -14.86 -26.60 -40.33
C GLY A 2050 -15.28 -25.47 -39.43
N HIS A 2051 -16.60 -25.25 -39.28
CA HIS A 2051 -17.09 -24.22 -38.40
C HIS A 2051 -16.75 -24.52 -36.94
N ASN A 2052 -16.88 -25.78 -36.53
CA ASN A 2052 -16.51 -26.15 -35.17
C ASN A 2052 -15.02 -25.93 -34.92
N ILE A 2053 -14.18 -26.33 -35.89
CA ILE A 2053 -12.74 -26.13 -35.74
C ILE A 2053 -12.42 -24.65 -35.71
N TYR A 2054 -13.16 -23.85 -36.48
CA TYR A 2054 -12.95 -22.40 -36.48
C TYR A 2054 -13.31 -21.79 -35.14
N ILE A 2055 -14.40 -22.27 -34.52
CA ILE A 2055 -14.76 -21.79 -33.18
C ILE A 2055 -13.68 -22.17 -32.17
N LEU A 2056 -13.16 -23.39 -32.27
CA LEU A 2056 -12.06 -23.79 -31.40
C LEU A 2056 -10.84 -22.89 -31.61
N ALA A 2057 -10.52 -22.60 -32.86
CA ALA A 2057 -9.39 -21.72 -33.15
C ALA A 2057 -9.61 -20.33 -32.59
N LEU A 2058 -10.83 -19.81 -32.71
CA LEU A 2058 -11.15 -18.50 -32.13
C LEU A 2058 -10.93 -18.51 -30.63
N GLN A 2059 -11.40 -19.56 -29.95
CA GLN A 2059 -11.21 -19.64 -28.51
C GLN A 2059 -9.73 -19.71 -28.16
N LEU A 2060 -8.95 -20.47 -28.93
CA LEU A 2060 -7.53 -20.60 -28.65
C LEU A 2060 -6.76 -19.31 -28.93
N SER A 2061 -7.22 -18.52 -29.90
CA SER A 2061 -6.49 -17.33 -30.31
C SER A 2061 -6.42 -16.29 -29.20
N ARG A 2062 -7.27 -16.40 -28.17
CA ARG A 2062 -7.21 -15.44 -27.07
C ARG A 2062 -5.86 -15.48 -26.36
N HIS A 2063 -5.09 -16.56 -26.52
CA HIS A 2063 -3.78 -16.70 -25.91
C HIS A 2063 -2.67 -16.89 -26.95
N ASN A 2064 -2.91 -16.44 -28.18
CA ASN A 2064 -1.91 -16.60 -29.25
C ASN A 2064 -2.14 -15.52 -30.29
N LYS A 2065 -1.17 -14.61 -30.44
CA LYS A 2065 -1.32 -13.50 -31.38
C LYS A 2065 -1.20 -13.98 -32.83
N GLN A 2066 -0.35 -14.97 -33.09
CA GLN A 2066 -0.20 -15.47 -34.45
C GLN A 2066 -1.51 -16.05 -34.97
N LEU A 2067 -2.20 -16.81 -34.13
CA LEU A 2067 -3.50 -17.36 -34.54
C LEU A 2067 -4.51 -16.23 -34.77
N GLN A 2068 -4.48 -15.20 -33.92
CA GLN A 2068 -5.37 -14.07 -34.13
C GLN A 2068 -5.13 -13.43 -35.49
N HIS A 2069 -3.86 -13.22 -35.84
CA HIS A 2069 -3.55 -12.63 -37.14
C HIS A 2069 -3.98 -13.54 -38.28
N LEU A 2070 -3.73 -14.85 -38.15
CA LEU A 2070 -4.04 -15.76 -39.24
C LEU A 2070 -5.55 -15.92 -39.44
N LEU A 2071 -6.33 -15.82 -38.39
CA LEU A 2071 -7.78 -15.98 -38.51
C LEU A 2071 -8.46 -14.77 -39.15
N LYS A 2072 -7.77 -13.65 -39.27
CA LYS A 2072 -8.38 -12.46 -39.85
C LYS A 2072 -8.61 -12.67 -41.34
N PRO A 2073 -9.83 -12.47 -41.85
CA PRO A 2073 -10.04 -12.61 -43.30
C PRO A 2073 -9.26 -11.58 -44.09
N VAL A 2074 -8.90 -11.95 -45.31
CA VAL A 2074 -8.16 -11.05 -46.20
C VAL A 2074 -8.98 -9.79 -46.46
N GLU A 2111 -16.48 -16.59 -50.75
CA GLU A 2111 -15.24 -17.06 -51.35
C GLU A 2111 -14.21 -17.37 -50.27
N ASP A 2112 -14.10 -16.49 -49.28
CA ASP A 2112 -13.10 -16.66 -48.24
C ASP A 2112 -13.66 -17.50 -47.10
N PRO A 2113 -13.09 -18.68 -46.81
CA PRO A 2113 -13.58 -19.48 -45.67
C PRO A 2113 -13.60 -18.71 -44.36
N LEU A 2114 -12.54 -17.94 -44.07
CA LEU A 2114 -12.57 -17.15 -42.84
C LEU A 2114 -13.69 -16.13 -42.84
N ALA A 2115 -13.94 -15.48 -43.98
CA ALA A 2115 -15.00 -14.47 -44.02
C ALA A 2115 -16.36 -15.11 -43.82
N TYR A 2116 -16.59 -16.28 -44.43
CA TYR A 2116 -17.86 -16.96 -44.24
C TYR A 2116 -18.06 -17.37 -42.79
N TYR A 2117 -17.04 -18.00 -42.19
CA TYR A 2117 -17.15 -18.40 -40.80
C TYR A 2117 -17.36 -17.19 -39.90
N GLU A 2118 -16.79 -16.04 -40.28
CA GLU A 2118 -16.87 -14.86 -39.42
C GLU A 2118 -18.25 -14.22 -39.55
N ASN A 2119 -18.87 -14.30 -40.74
CA ASN A 2119 -20.22 -13.80 -40.90
C ASN A 2119 -21.25 -14.75 -40.31
N HIS A 2120 -20.87 -16.00 -40.03
CA HIS A 2120 -21.81 -16.97 -39.47
C HIS A 2120 -21.51 -17.32 -38.00
N THR A 2121 -20.48 -16.73 -37.41
CA THR A 2121 -20.17 -16.92 -36.00
C THR A 2121 -20.63 -15.71 -35.20
N SER A 2122 -21.12 -15.97 -33.98
CA SER A 2122 -21.59 -14.93 -33.09
C SER A 2122 -21.03 -15.18 -31.69
N GLN A 2123 -21.15 -14.17 -30.81
CA GLN A 2123 -20.68 -14.31 -29.45
C GLN A 2123 -21.57 -13.51 -28.51
N ILE A 2124 -21.70 -13.99 -27.28
CA ILE A 2124 -22.51 -13.35 -26.25
C ILE A 2124 -21.78 -13.47 -24.91
N GLU A 2125 -22.28 -12.72 -23.92
CA GLU A 2125 -21.77 -12.78 -22.56
C GLU A 2125 -22.90 -13.21 -21.64
N ILE A 2126 -22.61 -14.16 -20.75
CA ILE A 2126 -23.60 -14.70 -19.83
C ILE A 2126 -23.04 -14.64 -18.42
N VAL A 2127 -23.95 -14.69 -17.44
CA VAL A 2127 -23.60 -14.69 -16.03
C VAL A 2127 -23.99 -16.03 -15.44
N ARG A 2128 -23.02 -16.74 -14.87
CA ARG A 2128 -23.26 -18.06 -14.30
C ARG A 2128 -23.81 -17.93 -12.89
N GLN A 2129 -24.17 -19.07 -12.29
CA GLN A 2129 -24.66 -19.08 -10.92
C GLN A 2129 -23.73 -18.34 -9.96
N ASP A 2130 -22.42 -18.46 -10.16
CA ASP A 2130 -21.43 -17.86 -9.26
C ASP A 2130 -21.18 -16.39 -9.54
N ARG A 2131 -22.14 -15.70 -10.15
CA ARG A 2131 -22.03 -14.33 -10.64
C ARG A 2131 -20.78 -14.08 -11.49
N SER A 2132 -20.27 -15.10 -12.17
CA SER A 2132 -19.09 -14.93 -13.00
C SER A 2132 -19.49 -14.82 -14.49
N MET A 2133 -18.79 -13.94 -15.18
CA MET A 2133 -19.11 -13.62 -16.57
C MET A 2133 -18.30 -14.51 -17.50
N GLU A 2134 -18.98 -15.12 -18.47
CA GLU A 2134 -18.37 -16.00 -19.45
C GLU A 2134 -18.76 -15.56 -20.85
N GLN A 2135 -17.80 -15.68 -21.77
CA GLN A 2135 -18.02 -15.37 -23.18
C GLN A 2135 -18.28 -16.67 -23.92
N ILE A 2136 -19.42 -16.75 -24.59
CA ILE A 2136 -19.83 -17.92 -25.36
C ILE A 2136 -19.74 -17.57 -26.83
N VAL A 2137 -19.10 -18.43 -27.62
CA VAL A 2137 -19.05 -18.28 -29.06
C VAL A 2137 -19.72 -19.49 -29.69
N PHE A 2138 -20.69 -19.24 -30.56
CA PHE A 2138 -21.52 -20.27 -31.14
C PHE A 2138 -21.74 -19.95 -32.61
N PRO A 2139 -22.10 -20.94 -33.42
CA PRO A 2139 -22.49 -20.66 -34.80
C PRO A 2139 -23.95 -20.26 -34.91
N VAL A 2140 -24.24 -19.38 -35.86
CA VAL A 2140 -25.59 -18.84 -35.99
C VAL A 2140 -26.49 -19.87 -36.65
N PRO A 2141 -27.65 -20.20 -36.08
CA PRO A 2141 -28.55 -21.15 -36.75
C PRO A 2141 -29.00 -20.62 -38.10
N GLY A 2142 -29.23 -21.55 -39.03
CA GLY A 2142 -29.65 -21.16 -40.36
C GLY A 2142 -31.00 -20.47 -40.39
N ILE A 2143 -31.91 -20.89 -39.52
CA ILE A 2143 -33.25 -20.28 -39.52
C ILE A 2143 -33.18 -18.82 -39.13
N CYS A 2144 -32.05 -18.37 -38.59
CA CYS A 2144 -31.97 -17.01 -38.08
C CYS A 2144 -31.77 -15.99 -39.20
N GLN A 2145 -31.37 -16.46 -40.39
CA GLN A 2145 -31.17 -15.57 -41.52
C GLN A 2145 -32.47 -15.06 -42.11
N PHE A 2146 -33.62 -15.54 -41.63
CA PHE A 2146 -34.91 -15.15 -42.18
C PHE A 2146 -35.61 -14.09 -41.33
N LEU A 2147 -34.91 -13.47 -40.38
CA LEU A 2147 -35.49 -12.41 -39.58
C LEU A 2147 -35.54 -11.13 -40.39
N THR A 2148 -36.66 -10.41 -40.29
CA THR A 2148 -36.89 -9.26 -41.13
C THR A 2148 -36.43 -7.97 -40.46
N GLU A 2149 -35.86 -7.09 -41.28
CA GLU A 2149 -35.38 -5.81 -40.77
C GLU A 2149 -36.53 -4.95 -40.25
N GLU A 2150 -37.72 -5.08 -40.85
CA GLU A 2150 -38.85 -4.36 -40.26
C GLU A 2150 -39.17 -4.88 -38.86
N THR A 2151 -39.13 -6.19 -38.66
CA THR A 2151 -39.46 -6.74 -37.35
C THR A 2151 -38.39 -6.35 -36.34
N LYS A 2152 -37.14 -6.33 -36.77
CA LYS A 2152 -36.04 -5.96 -35.88
C LYS A 2152 -36.16 -4.50 -35.45
N HIS A 2153 -36.40 -3.61 -36.42
CA HIS A 2153 -36.56 -2.19 -36.09
C HIS A 2153 -37.76 -1.99 -35.18
N ARG A 2154 -38.88 -2.66 -35.47
CA ARG A 2154 -40.08 -2.46 -34.68
C ARG A 2154 -39.84 -2.89 -33.24
N LEU A 2155 -39.22 -4.05 -33.03
CA LEU A 2155 -38.92 -4.48 -31.68
C LEU A 2155 -37.98 -3.52 -30.98
N PHE A 2156 -36.93 -3.08 -31.68
CA PHE A 2156 -35.89 -2.27 -31.06
C PHE A 2156 -36.46 -0.92 -30.65
N THR A 2157 -37.47 -0.44 -31.37
CA THR A 2157 -38.06 0.88 -31.16
C THR A 2157 -39.28 0.82 -30.27
N THR A 2158 -39.88 -0.35 -30.07
CA THR A 2158 -41.07 -0.44 -29.23
C THR A 2158 -40.81 -1.04 -27.86
N THR A 2159 -39.71 -1.77 -27.68
CA THR A 2159 -39.51 -2.49 -26.43
C THR A 2159 -39.49 -1.50 -25.28
N GLU A 2160 -40.28 -1.80 -24.23
CA GLU A 2160 -40.45 -0.87 -23.11
C GLU A 2160 -39.72 -1.38 -21.87
N GLN A 2161 -39.21 -0.44 -21.08
CA GLN A 2161 -38.50 -0.77 -19.86
C GLN A 2161 -39.48 -1.24 -18.78
N ASP A 2162 -38.97 -2.02 -17.83
CA ASP A 2162 -39.79 -2.49 -16.72
C ASP A 2162 -39.51 -1.63 -15.48
N GLU A 2163 -40.06 -2.02 -14.33
CA GLU A 2163 -39.92 -1.15 -13.16
C GLU A 2163 -38.45 -0.97 -12.79
N GLN A 2164 -37.65 -2.02 -12.99
CA GLN A 2164 -36.22 -1.95 -12.72
C GLN A 2164 -35.44 -1.25 -13.84
N GLY A 2165 -36.13 -0.83 -14.91
CA GLY A 2165 -35.47 -0.19 -16.03
C GLY A 2165 -34.71 -1.12 -16.94
N SER A 2166 -35.29 -2.25 -17.30
CA SER A 2166 -34.63 -3.28 -18.09
C SER A 2166 -35.57 -3.80 -19.16
N LYS A 2167 -35.08 -3.84 -20.40
CA LYS A 2167 -35.87 -4.28 -21.54
C LYS A 2167 -35.74 -5.78 -21.79
N VAL A 2168 -34.93 -6.47 -20.99
CA VAL A 2168 -34.68 -7.89 -21.21
C VAL A 2168 -35.96 -8.69 -21.06
N SER A 2169 -36.83 -8.30 -20.13
CA SER A 2169 -38.06 -9.07 -19.93
C SER A 2169 -38.88 -9.12 -21.21
N ASP A 2170 -39.16 -7.97 -21.81
CA ASP A 2170 -40.01 -7.94 -22.99
C ASP A 2170 -39.27 -8.55 -24.18
N PHE A 2171 -37.97 -8.28 -24.28
CA PHE A 2171 -37.20 -8.74 -25.42
C PHE A 2171 -37.16 -10.26 -25.43
N PHE A 2172 -37.12 -10.87 -24.24
CA PHE A 2172 -37.09 -12.32 -24.13
C PHE A 2172 -38.48 -12.90 -24.33
N ASP A 2173 -39.51 -12.17 -23.86
CA ASP A 2173 -40.89 -12.61 -24.02
C ASP A 2173 -41.27 -12.69 -25.49
N GLN A 2174 -40.66 -11.85 -26.33
CA GLN A 2174 -40.94 -11.85 -27.76
C GLN A 2174 -40.15 -12.92 -28.53
N SER A 2175 -39.40 -13.79 -27.84
CA SER A 2175 -38.51 -14.71 -28.53
C SER A 2175 -39.27 -15.76 -29.33
N SER A 2176 -40.32 -16.33 -28.73
CA SER A 2176 -41.09 -17.35 -29.43
C SER A 2176 -41.78 -16.75 -30.67
N PHE A 2177 -42.31 -15.54 -30.53
CA PHE A 2177 -42.89 -14.87 -31.70
C PHE A 2177 -41.82 -14.64 -32.76
N LEU A 2178 -40.61 -14.25 -32.35
CA LEU A 2178 -39.54 -14.06 -33.32
C LEU A 2178 -39.26 -15.36 -34.07
N HIS A 2179 -39.27 -16.50 -33.35
CA HIS A 2179 -38.92 -17.76 -33.98
C HIS A 2179 -40.01 -18.18 -34.95
N ASN A 2180 -41.26 -17.98 -34.55
CA ASN A 2180 -42.40 -18.29 -35.40
C ASN A 2180 -42.37 -17.43 -36.66
N GLU A 2181 -41.95 -16.17 -36.51
CA GLU A 2181 -41.84 -15.29 -37.68
C GLU A 2181 -40.72 -15.76 -38.61
N MET A 2182 -39.59 -16.20 -38.06
CA MET A 2182 -38.53 -16.75 -38.90
C MET A 2182 -39.05 -17.94 -39.70
N GLU A 2183 -39.77 -18.85 -39.04
CA GLU A 2183 -40.29 -20.01 -39.73
C GLU A 2183 -41.33 -19.62 -40.77
N TRP A 2184 -42.18 -18.63 -40.47
CA TRP A 2184 -43.10 -18.19 -41.52
C TRP A 2184 -42.35 -17.60 -42.70
N GLN A 2185 -41.29 -16.84 -42.46
CA GLN A 2185 -40.57 -16.20 -43.56
C GLN A 2185 -39.90 -17.26 -44.41
N ARG A 2186 -39.38 -18.31 -43.77
CA ARG A 2186 -38.72 -19.37 -44.51
C ARG A 2186 -39.73 -20.14 -45.36
N LYS A 2187 -40.92 -20.38 -44.81
CA LYS A 2187 -41.95 -21.04 -45.60
C LYS A 2187 -42.41 -20.16 -46.76
N LEU A 2188 -42.51 -18.85 -46.52
CA LEU A 2188 -43.06 -17.92 -47.50
C LEU A 2188 -42.12 -17.75 -48.67
N ARG A 2189 -40.81 -17.65 -48.40
CA ARG A 2189 -39.85 -17.45 -49.48
C ARG A 2189 -39.83 -18.60 -50.47
N SER A 2190 -40.40 -19.75 -50.09
CA SER A 2190 -40.52 -20.87 -51.02
C SER A 2190 -41.69 -20.71 -51.99
N MET A 2191 -42.58 -19.75 -51.76
CA MET A 2191 -43.72 -19.52 -52.63
C MET A 2191 -43.49 -18.24 -53.43
N PRO A 2192 -43.09 -18.32 -54.71
CA PRO A 2192 -42.55 -17.11 -55.36
C PRO A 2192 -43.61 -16.04 -55.57
N LEU A 2193 -44.75 -16.42 -56.18
CA LEU A 2193 -45.81 -15.44 -56.41
C LEU A 2193 -46.21 -14.73 -55.12
N ILE A 2194 -46.53 -15.49 -54.07
CA ILE A 2194 -47.05 -14.88 -52.85
C ILE A 2194 -45.99 -13.99 -52.22
N TYR A 2195 -44.72 -14.41 -52.25
CA TYR A 2195 -43.65 -13.57 -51.73
C TYR A 2195 -43.56 -12.27 -52.51
N TRP A 2196 -43.68 -12.34 -53.84
CA TRP A 2196 -43.61 -11.15 -54.68
C TRP A 2196 -44.75 -10.19 -54.36
N PHE A 2197 -45.95 -10.74 -54.17
CA PHE A 2197 -47.10 -9.93 -53.78
C PHE A 2197 -46.89 -9.30 -52.40
N SER A 2198 -46.31 -10.06 -51.46
CA SER A 2198 -46.06 -9.56 -50.12
C SER A 2198 -44.98 -8.48 -50.14
N ARG A 2199 -44.15 -8.45 -51.19
CA ARG A 2199 -43.05 -7.51 -51.24
C ARG A 2199 -43.47 -6.11 -51.66
N ARG A 2200 -44.71 -5.92 -52.11
CA ARG A 2200 -45.19 -4.65 -52.63
C ARG A 2200 -46.38 -4.14 -51.83
N MET A 2201 -46.34 -4.35 -50.51
CA MET A 2201 -47.42 -3.88 -49.65
C MET A 2201 -47.52 -2.36 -49.68
N THR A 2202 -46.38 -1.67 -49.64
CA THR A 2202 -46.39 -0.21 -49.70
C THR A 2202 -46.95 0.27 -51.03
N LEU A 2203 -46.60 -0.41 -52.11
CA LEU A 2203 -47.14 -0.03 -53.42
C LEU A 2203 -48.66 -0.21 -53.43
N TRP A 2204 -49.15 -1.33 -52.91
CA TRP A 2204 -50.59 -1.57 -52.88
C TRP A 2204 -51.30 -0.50 -52.06
N GLY A 2205 -50.73 -0.13 -50.92
CA GLY A 2205 -51.35 0.89 -50.08
C GLY A 2205 -51.34 2.26 -50.73
N SER A 2206 -50.23 2.63 -51.36
CA SER A 2206 -50.18 3.92 -52.06
C SER A 2206 -51.19 3.96 -53.18
N ILE A 2207 -51.30 2.86 -53.95
CA ILE A 2207 -52.27 2.83 -55.03
C ILE A 2207 -53.68 3.00 -54.50
N SER A 2208 -54.00 2.28 -53.42
CA SER A 2208 -55.32 2.37 -52.79
C SER A 2208 -55.61 3.80 -52.35
N PHE A 2209 -54.64 4.44 -51.67
CA PHE A 2209 -54.88 5.79 -51.18
C PHE A 2209 -55.09 6.76 -52.33
N ASN A 2210 -54.32 6.62 -53.40
CA ASN A 2210 -54.44 7.51 -54.54
C ASN A 2210 -55.79 7.32 -55.22
N LEU A 2211 -56.23 6.06 -55.37
CA LEU A 2211 -57.55 5.82 -55.95
C LEU A 2211 -58.63 6.44 -55.09
N ALA A 2212 -58.49 6.38 -53.77
CA ALA A 2212 -59.55 6.88 -52.90
C ALA A 2212 -59.61 8.39 -52.96
N VAL A 2213 -58.44 9.03 -52.97
CA VAL A 2213 -58.38 10.49 -53.07
C VAL A 2213 -58.98 10.95 -54.39
N PHE A 2214 -58.65 10.27 -55.48
CA PHE A 2214 -59.18 10.68 -56.79
C PHE A 2214 -60.69 10.47 -56.85
N ILE A 2215 -61.18 9.35 -56.33
CA ILE A 2215 -62.61 9.09 -56.35
C ILE A 2215 -63.35 10.16 -55.55
N ASN A 2216 -62.83 10.49 -54.36
CA ASN A 2216 -63.49 11.49 -53.53
C ASN A 2216 -63.46 12.86 -54.18
N ILE A 2217 -62.35 13.21 -54.83
CA ILE A 2217 -62.27 14.50 -55.52
C ILE A 2217 -63.31 14.56 -56.64
N ILE A 2218 -63.41 13.48 -57.42
CA ILE A 2218 -64.39 13.46 -58.51
C ILE A 2218 -65.80 13.60 -57.95
N ILE A 2219 -66.10 12.87 -56.88
CA ILE A 2219 -67.43 12.93 -56.29
C ILE A 2219 -67.74 14.36 -55.83
N ALA A 2220 -66.81 14.96 -55.09
CA ALA A 2220 -66.96 16.31 -54.58
C ALA A 2220 -67.22 17.30 -55.71
N PHE A 2221 -66.48 17.17 -56.81
CA PHE A 2221 -66.56 18.16 -57.88
C PHE A 2221 -67.69 17.89 -58.87
N PHE A 2222 -68.29 16.71 -58.87
CA PHE A 2222 -69.29 16.40 -59.89
C PHE A 2222 -70.61 15.90 -59.29
N TYR A 2223 -70.60 15.53 -58.01
CA TYR A 2223 -71.83 15.06 -57.39
C TYR A 2223 -72.73 16.24 -57.04
N PRO A 2224 -74.02 16.20 -57.40
CA PRO A 2224 -74.73 15.16 -58.15
C PRO A 2224 -74.49 15.27 -59.65
N TYR A 2225 -74.56 14.17 -60.39
CA TYR A 2225 -74.34 14.17 -61.84
C TYR A 2225 -75.42 13.34 -62.52
N MET A 2226 -75.84 13.80 -63.69
CA MET A 2226 -76.87 13.11 -64.48
C MET A 2226 -78.09 12.80 -63.63
N SER A 2260 -43.27 12.45 -61.65
CA SER A 2260 -44.12 11.42 -61.06
C SER A 2260 -45.15 10.94 -62.08
N ILE A 2261 -45.71 9.75 -61.86
CA ILE A 2261 -46.79 9.28 -62.74
C ILE A 2261 -48.15 9.89 -62.40
N ARG A 2262 -48.27 10.59 -61.28
CA ARG A 2262 -49.56 11.13 -60.89
C ARG A 2262 -50.14 12.09 -61.93
N PRO A 2263 -49.37 12.99 -62.54
CA PRO A 2263 -49.94 13.77 -63.65
C PRO A 2263 -50.46 12.91 -64.79
N LEU A 2264 -49.75 11.81 -65.13
CA LEU A 2264 -50.27 10.91 -66.14
C LEU A 2264 -51.60 10.29 -65.71
N ILE A 2265 -51.70 9.91 -64.44
CA ILE A 2265 -52.93 9.29 -63.95
C ILE A 2265 -54.07 10.28 -64.01
N VAL A 2266 -53.80 11.53 -63.63
CA VAL A 2266 -54.81 12.58 -63.68
C VAL A 2266 -55.25 12.83 -65.12
N ALA A 2267 -54.30 12.79 -66.07
CA ALA A 2267 -54.66 12.97 -67.47
C ALA A 2267 -55.54 11.82 -67.95
N LEU A 2268 -55.20 10.58 -67.56
CA LEU A 2268 -56.02 9.44 -67.96
C LEU A 2268 -57.42 9.54 -67.37
N ILE A 2269 -57.53 10.05 -66.13
CA ILE A 2269 -58.84 10.21 -65.51
C ILE A 2269 -59.62 11.30 -66.22
N LEU A 2270 -58.97 12.40 -66.59
CA LEU A 2270 -59.70 13.42 -67.34
C LEU A 2270 -60.17 12.86 -68.68
N ARG A 2271 -59.35 12.02 -69.32
CA ARG A 2271 -59.72 11.52 -70.63
C ARG A 2271 -60.86 10.51 -70.51
N SER A 2272 -60.82 9.68 -69.47
CA SER A 2272 -61.89 8.72 -69.24
C SER A 2272 -63.19 9.44 -68.95
N ILE A 2273 -63.12 10.55 -68.20
CA ILE A 2273 -64.33 11.29 -67.87
C ILE A 2273 -64.91 11.92 -69.13
N TYR A 2274 -64.04 12.52 -69.94
CA TYR A 2274 -64.45 13.21 -71.15
C TYR A 2274 -65.08 12.24 -72.14
N TYR A 2275 -64.51 11.04 -72.28
CA TYR A 2275 -64.98 10.08 -73.27
C TYR A 2275 -66.13 9.21 -72.74
N LEU A 2276 -65.88 8.43 -71.69
CA LEU A 2276 -66.87 7.49 -71.20
C LEU A 2276 -67.93 8.17 -70.36
N GLY A 2277 -67.53 8.95 -69.36
CA GLY A 2277 -68.46 9.62 -68.49
C GLY A 2277 -68.07 9.50 -67.03
N ILE A 2278 -68.75 10.31 -66.20
CA ILE A 2278 -68.42 10.34 -64.79
C ILE A 2278 -68.82 9.03 -64.12
N GLY A 2279 -69.99 8.48 -64.45
CA GLY A 2279 -70.40 7.23 -63.88
C GLY A 2279 -69.45 6.09 -64.19
N PRO A 2280 -69.18 5.87 -65.48
CA PRO A 2280 -68.22 4.83 -65.85
C PRO A 2280 -66.83 5.04 -65.29
N THR A 2281 -66.30 6.27 -65.30
CA THR A 2281 -65.02 6.51 -64.65
C THR A 2281 -65.08 6.12 -63.17
N LEU A 2282 -66.13 6.51 -62.47
CA LEU A 2282 -66.22 6.19 -61.04
C LEU A 2282 -66.31 4.69 -60.84
N ASN A 2283 -66.98 3.98 -61.75
CA ASN A 2283 -67.14 2.54 -61.58
C ASN A 2283 -65.81 1.84 -61.80
N ILE A 2284 -65.07 2.25 -62.82
CA ILE A 2284 -63.75 1.68 -63.07
C ILE A 2284 -62.82 1.95 -61.88
N LEU A 2285 -62.85 3.19 -61.38
CA LEU A 2285 -61.98 3.52 -60.25
C LEU A 2285 -62.34 2.70 -59.02
N GLY A 2286 -63.65 2.52 -58.77
CA GLY A 2286 -64.05 1.71 -57.62
C GLY A 2286 -63.64 0.25 -57.76
N ALA A 2287 -63.81 -0.32 -58.95
CA ALA A 2287 -63.39 -1.69 -59.16
C ALA A 2287 -61.88 -1.84 -58.96
N LEU A 2288 -61.11 -0.89 -59.49
CA LEU A 2288 -59.67 -0.94 -59.29
C LEU A 2288 -59.32 -0.82 -57.82
N ASN A 2289 -59.99 0.08 -57.10
CA ASN A 2289 -59.73 0.24 -55.67
C ASN A 2289 -60.01 -1.05 -54.92
N LEU A 2290 -61.09 -1.75 -55.30
CA LEU A 2290 -61.47 -2.96 -54.59
C LEU A 2290 -60.47 -4.07 -54.85
N THR A 2291 -60.10 -4.26 -56.13
CA THR A 2291 -59.09 -5.27 -56.46
C THR A 2291 -57.78 -4.97 -55.74
N ASN A 2292 -57.40 -3.69 -55.68
CA ASN A 2292 -56.12 -3.34 -55.08
C ASN A 2292 -56.16 -3.52 -53.57
N LYS A 2293 -57.30 -3.23 -52.94
CA LYS A 2293 -57.41 -3.46 -51.51
C LYS A 2293 -57.38 -4.95 -51.20
N ILE A 2294 -57.92 -5.77 -52.11
CA ILE A 2294 -57.91 -7.22 -51.87
C ILE A 2294 -56.49 -7.75 -51.97
N VAL A 2295 -55.76 -7.32 -53.00
CA VAL A 2295 -54.36 -7.67 -53.13
C VAL A 2295 -53.58 -7.19 -51.91
N PHE A 2296 -53.90 -5.98 -51.43
CA PHE A 2296 -53.19 -5.43 -50.28
C PHE A 2296 -53.44 -6.25 -49.04
N VAL A 2297 -54.68 -6.72 -48.82
CA VAL A 2297 -54.97 -7.51 -47.63
C VAL A 2297 -54.28 -8.87 -47.73
N VAL A 2298 -54.25 -9.46 -48.93
CA VAL A 2298 -53.54 -10.72 -49.12
C VAL A 2298 -52.06 -10.54 -48.80
N SER A 2299 -51.49 -9.43 -49.28
CA SER A 2299 -50.08 -9.15 -49.02
C SER A 2299 -49.85 -8.90 -47.52
N PHE A 2300 -50.76 -8.17 -46.89
CA PHE A 2300 -50.62 -7.86 -45.47
C PHE A 2300 -50.59 -9.13 -44.64
N VAL A 2301 -51.51 -10.06 -44.91
CA VAL A 2301 -51.55 -11.28 -44.12
C VAL A 2301 -50.32 -12.13 -44.46
N GLY A 2302 -49.99 -12.28 -45.75
CA GLY A 2302 -48.84 -13.09 -46.09
C GLY A 2302 -47.57 -12.60 -45.41
N ASN A 2303 -47.39 -11.29 -45.35
CA ASN A 2303 -46.16 -10.74 -44.78
C ASN A 2303 -46.19 -10.78 -43.26
N ARG A 2304 -47.18 -10.13 -42.64
CA ARG A 2304 -47.19 -10.01 -41.18
C ARG A 2304 -47.34 -11.37 -40.51
N GLY A 2305 -47.84 -12.38 -41.22
CA GLY A 2305 -47.99 -13.68 -40.59
C GLY A 2305 -48.82 -13.65 -39.33
N THR A 2306 -49.98 -12.98 -39.36
CA THR A 2306 -50.75 -12.78 -38.14
C THR A 2306 -51.58 -14.03 -37.83
N PHE A 2307 -51.87 -14.83 -38.85
CA PHE A 2307 -52.47 -16.13 -38.70
C PHE A 2307 -51.57 -17.12 -37.97
N ILE A 2308 -50.28 -16.81 -37.87
CA ILE A 2308 -49.35 -17.71 -37.19
C ILE A 2308 -49.73 -17.86 -35.72
N ARG A 2309 -50.18 -16.76 -35.10
CA ARG A 2309 -50.63 -16.85 -33.72
C ARG A 2309 -51.94 -17.61 -33.62
N GLY A 2310 -52.85 -17.40 -34.55
CA GLY A 2310 -54.11 -18.10 -34.57
C GLY A 2310 -55.20 -17.24 -35.19
N TYR A 2311 -56.32 -17.90 -35.52
CA TYR A 2311 -57.46 -17.15 -36.04
C TYR A 2311 -57.98 -16.18 -35.00
N LYS A 2312 -57.97 -16.59 -33.72
CA LYS A 2312 -58.40 -15.69 -32.66
C LYS A 2312 -57.50 -14.46 -32.60
N ALA A 2313 -56.19 -14.64 -32.71
CA ALA A 2313 -55.27 -13.53 -32.61
C ALA A 2313 -55.43 -12.59 -33.80
N MET A 2314 -55.55 -13.17 -34.99
CA MET A 2314 -55.74 -12.41 -36.22
C MET A 2314 -57.01 -11.56 -36.13
N VAL A 2315 -58.10 -12.14 -35.62
CA VAL A 2315 -59.33 -11.37 -35.44
C VAL A 2315 -59.11 -10.27 -34.41
N MET A 2316 -58.40 -10.59 -33.32
CA MET A 2316 -58.14 -9.59 -32.29
C MET A 2316 -57.29 -8.44 -32.84
N ASP A 2317 -56.54 -8.69 -33.91
CA ASP A 2317 -55.61 -7.68 -34.41
C ASP A 2317 -56.38 -6.48 -34.94
N MET A 2318 -56.04 -5.30 -34.44
CA MET A 2318 -56.76 -4.09 -34.80
C MET A 2318 -56.51 -3.71 -36.26
N GLU A 2319 -55.28 -3.87 -36.74
CA GLU A 2319 -54.98 -3.50 -38.11
C GLU A 2319 -55.80 -4.33 -39.09
N PHE A 2320 -56.02 -5.60 -38.78
CA PHE A 2320 -56.71 -6.48 -39.71
C PHE A 2320 -58.19 -6.12 -39.77
N LEU A 2321 -58.79 -5.82 -38.62
CA LEU A 2321 -60.17 -5.34 -38.61
C LEU A 2321 -60.30 -4.00 -39.32
N TYR A 2322 -59.31 -3.13 -39.17
CA TYR A 2322 -59.34 -1.86 -39.88
C TYR A 2322 -59.31 -2.07 -41.39
N HIS A 2323 -58.47 -3.00 -41.85
CA HIS A 2323 -58.42 -3.29 -43.28
C HIS A 2323 -59.73 -3.92 -43.76
N VAL A 2324 -60.33 -4.78 -42.94
CA VAL A 2324 -61.61 -5.39 -43.31
C VAL A 2324 -62.69 -4.32 -43.42
N GLY A 2325 -62.70 -3.38 -42.48
CA GLY A 2325 -63.62 -2.26 -42.56
C GLY A 2325 -63.39 -1.39 -43.78
N TYR A 2326 -62.12 -1.14 -44.11
CA TYR A 2326 -61.80 -0.50 -45.39
C TYR A 2326 -62.43 -1.26 -46.56
N ILE A 2327 -62.31 -2.59 -46.56
CA ILE A 2327 -62.80 -3.38 -47.69
C ILE A 2327 -64.33 -3.27 -47.77
N LEU A 2328 -64.99 -3.36 -46.61
CA LEU A 2328 -66.44 -3.24 -46.57
C LEU A 2328 -66.89 -1.86 -47.04
N THR A 2329 -66.18 -0.80 -46.62
CA THR A 2329 -66.54 0.53 -47.06
C THR A 2329 -66.38 0.66 -48.57
N SER A 2330 -65.35 0.01 -49.12
CA SER A 2330 -65.10 0.10 -50.55
C SER A 2330 -66.20 -0.64 -51.32
N VAL A 2331 -66.62 -1.80 -50.82
CA VAL A 2331 -67.72 -2.54 -51.43
C VAL A 2331 -69.00 -1.71 -51.37
N LEU A 2332 -69.26 -1.06 -50.23
CA LEU A 2332 -70.45 -0.23 -50.12
C LEU A 2332 -70.40 0.95 -51.09
N GLY A 2333 -69.23 1.58 -51.22
CA GLY A 2333 -69.09 2.65 -52.19
C GLY A 2333 -69.33 2.17 -53.60
N LEU A 2334 -68.87 0.96 -53.92
CA LEU A 2334 -69.01 0.46 -55.29
C LEU A 2334 -70.44 0.06 -55.62
N PHE A 2335 -71.17 -0.53 -54.66
CA PHE A 2335 -72.48 -1.09 -54.94
C PHE A 2335 -73.63 -0.31 -54.34
N ALA A 2336 -73.58 0.03 -53.05
CA ALA A 2336 -74.72 0.68 -52.39
C ALA A 2336 -74.82 2.15 -52.78
N HIS A 2337 -73.82 2.94 -52.42
CA HIS A 2337 -73.85 4.38 -52.70
C HIS A 2337 -72.43 4.91 -52.72
N GLU A 2338 -72.09 5.67 -53.77
CA GLU A 2338 -70.73 6.19 -53.89
C GLU A 2338 -70.33 7.06 -52.70
N LEU A 2339 -71.30 7.65 -52.01
CA LEU A 2339 -70.96 8.58 -50.93
C LEU A 2339 -70.26 7.88 -49.77
N PHE A 2340 -70.29 6.55 -49.74
CA PHE A 2340 -69.54 5.82 -48.72
C PHE A 2340 -68.03 5.93 -48.98
N TYR A 2341 -67.64 6.52 -50.11
CA TYR A 2341 -66.23 6.61 -50.45
C TYR A 2341 -65.54 7.68 -49.62
N SER A 2342 -66.31 8.59 -49.04
CA SER A 2342 -65.73 9.65 -48.22
C SER A 2342 -65.07 9.09 -46.97
N ILE A 2343 -65.64 8.01 -46.41
CA ILE A 2343 -65.08 7.42 -45.20
C ILE A 2343 -63.66 6.95 -45.43
N LEU A 2344 -63.32 6.56 -46.67
CA LEU A 2344 -61.97 6.10 -46.96
C LEU A 2344 -60.93 7.19 -46.76
N LEU A 2345 -61.35 8.46 -46.76
CA LEU A 2345 -60.40 9.55 -46.53
C LEU A 2345 -59.75 9.45 -45.15
N PHE A 2346 -60.37 8.71 -44.23
CA PHE A 2346 -59.78 8.53 -42.92
C PHE A 2346 -58.47 7.75 -42.97
N ASP A 2347 -58.17 7.12 -44.09
CA ASP A 2347 -56.92 6.38 -44.21
C ASP A 2347 -55.71 7.28 -44.11
N LEU A 2348 -55.90 8.59 -44.24
CA LEU A 2348 -54.81 9.56 -44.14
C LEU A 2348 -54.17 9.48 -42.75
N ILE A 2349 -55.00 9.36 -41.72
CA ILE A 2349 -54.49 9.20 -40.36
C ILE A 2349 -53.66 7.91 -40.26
N TYR A 2350 -54.16 6.83 -40.84
CA TYR A 2350 -53.41 5.57 -40.83
C TYR A 2350 -52.08 5.73 -41.54
N ARG A 2351 -52.03 6.55 -42.59
CA ARG A 2351 -50.86 6.59 -43.45
C ARG A 2351 -49.81 7.54 -42.89
N GLU A 2352 -50.23 8.52 -42.10
CA GLU A 2352 -49.37 9.61 -41.65
C GLU A 2352 -49.09 9.41 -40.16
N GLU A 2353 -47.82 9.48 -39.78
CA GLU A 2353 -47.45 9.27 -38.39
C GLU A 2353 -47.47 10.60 -37.65
N THR A 2354 -47.36 11.72 -38.36
CA THR A 2354 -47.36 12.98 -37.62
C THR A 2354 -48.79 13.36 -37.24
N LEU A 2355 -49.71 13.18 -38.18
CA LEU A 2355 -51.12 13.44 -37.93
C LEU A 2355 -51.65 12.52 -36.84
N PHE A 2356 -51.19 11.26 -36.82
CA PHE A 2356 -51.57 10.35 -35.76
C PHE A 2356 -51.09 10.86 -34.41
N ASN A 2357 -49.87 11.40 -34.35
CA ASN A 2357 -49.38 11.96 -33.09
C ASN A 2357 -50.20 13.19 -32.70
N VAL A 2358 -50.56 14.02 -33.66
CA VAL A 2358 -51.38 15.19 -33.38
C VAL A 2358 -52.73 14.75 -32.80
N ILE A 2359 -53.31 13.69 -33.35
CA ILE A 2359 -54.59 13.19 -32.84
C ILE A 2359 -54.39 12.54 -31.47
N LYS A 2360 -53.23 11.92 -31.25
CA LYS A 2360 -52.92 11.34 -29.95
C LYS A 2360 -52.88 12.41 -28.87
N SER A 2361 -52.31 13.57 -29.21
CA SER A 2361 -52.33 14.74 -28.34
C SER A 2361 -53.71 15.01 -27.75
N VAL A 2362 -54.77 14.61 -28.46
CA VAL A 2362 -56.14 14.80 -28.00
C VAL A 2362 -56.71 13.54 -27.38
N THR A 2363 -56.30 12.38 -27.88
CA THR A 2363 -56.91 11.13 -27.42
C THR A 2363 -56.22 10.53 -26.20
N ARG A 2364 -55.12 11.14 -25.74
CA ARG A 2364 -54.42 10.61 -24.57
C ARG A 2364 -55.14 10.99 -23.28
N ASN A 2365 -55.71 12.19 -23.22
CA ASN A 2365 -56.46 12.66 -22.06
C ASN A 2365 -57.92 12.92 -22.45
N GLY A 2366 -58.47 12.04 -23.27
CA GLY A 2366 -59.87 12.15 -23.66
C GLY A 2366 -60.80 12.04 -22.47
N ARG A 2367 -60.43 11.25 -21.46
CA ARG A 2367 -61.24 11.20 -20.25
C ARG A 2367 -61.30 12.57 -19.60
N SER A 2368 -60.16 13.27 -19.55
CA SER A 2368 -60.12 14.61 -18.97
C SER A 2368 -60.99 15.56 -19.77
N ILE A 2369 -60.90 15.50 -21.10
CA ILE A 2369 -61.71 16.37 -21.94
C ILE A 2369 -63.20 16.10 -21.71
N LEU A 2370 -63.59 14.83 -21.62
CA LEU A 2370 -65.00 14.49 -21.43
C LEU A 2370 -65.49 14.94 -20.05
N LEU A 2371 -64.65 14.83 -19.03
CA LEU A 2371 -65.04 15.32 -17.71
C LEU A 2371 -65.20 16.83 -17.72
N THR A 2372 -64.31 17.54 -18.45
CA THR A 2372 -64.48 18.98 -18.57
C THR A 2372 -65.78 19.32 -19.27
N ALA A 2373 -66.15 18.51 -20.27
CA ALA A 2373 -67.38 18.77 -21.01
C ALA A 2373 -68.60 18.51 -20.14
N LEU A 2374 -68.54 17.46 -19.30
CA LEU A 2374 -69.62 17.21 -18.35
C LEU A 2374 -69.73 18.35 -17.34
N LEU A 2375 -68.60 18.97 -17.00
CA LEU A 2375 -68.64 20.06 -16.04
C LEU A 2375 -69.27 21.31 -16.67
N ALA A 2376 -68.92 21.56 -17.93
CA ALA A 2376 -69.57 22.59 -18.72
C ALA A 2376 -71.08 22.35 -18.78
N LEU A 2377 -71.48 21.10 -19.00
CA LEU A 2377 -72.91 20.78 -19.07
C LEU A 2377 -73.60 21.04 -17.74
N ILE A 2378 -72.95 20.72 -16.63
CA ILE A 2378 -73.53 20.98 -15.32
C ILE A 2378 -73.66 22.48 -15.08
N LEU A 2379 -72.65 23.26 -15.49
CA LEU A 2379 -72.81 24.71 -15.33
C LEU A 2379 -73.92 25.24 -16.22
N VAL A 2380 -74.11 24.63 -17.39
CA VAL A 2380 -75.18 25.07 -18.28
C VAL A 2380 -76.53 24.73 -17.67
N TYR A 2381 -76.65 23.56 -17.05
CA TYR A 2381 -77.88 23.19 -16.38
C TYR A 2381 -78.21 24.17 -15.25
N LEU A 2382 -77.21 24.52 -14.44
CA LEU A 2382 -77.45 25.48 -13.36
C LEU A 2382 -77.87 26.84 -13.89
N PHE A 2383 -77.17 27.34 -14.91
CA PHE A 2383 -77.52 28.64 -15.47
C PHE A 2383 -78.92 28.61 -16.08
N SER A 2384 -79.28 27.51 -16.73
CA SER A 2384 -80.62 27.38 -17.30
C SER A 2384 -81.67 27.37 -16.20
N ILE A 2385 -81.39 26.71 -15.08
CA ILE A 2385 -82.33 26.72 -13.96
C ILE A 2385 -82.53 28.15 -13.48
N VAL A 2386 -81.43 28.89 -13.31
CA VAL A 2386 -81.54 30.27 -12.83
C VAL A 2386 -82.35 31.11 -13.81
N GLY A 2387 -82.05 30.98 -15.11
CA GLY A 2387 -82.77 31.75 -16.10
C GLY A 2387 -84.25 31.43 -16.13
N PHE A 2388 -84.59 30.15 -16.05
CA PHE A 2388 -85.99 29.76 -16.01
C PHE A 2388 -86.69 30.32 -14.77
N LEU A 2389 -85.98 30.37 -13.64
CA LEU A 2389 -86.60 30.86 -12.41
C LEU A 2389 -86.77 32.37 -12.44
N PHE A 2390 -85.89 33.09 -13.15
CA PHE A 2390 -85.83 34.54 -12.99
C PHE A 2390 -85.77 35.32 -14.29
N LEU A 2391 -85.37 34.71 -15.41
CA LEU A 2391 -85.25 35.44 -16.67
C LEU A 2391 -86.03 34.75 -17.78
N LYS A 2392 -87.23 34.27 -17.48
CA LYS A 2392 -87.97 33.51 -18.47
C LYS A 2392 -88.34 34.35 -19.69
N ASP A 2393 -88.72 35.61 -19.46
CA ASP A 2393 -89.25 36.48 -20.50
C ASP A 2393 -88.17 36.93 -21.48
N ASP A 2394 -86.90 36.70 -21.16
CA ASP A 2394 -85.77 37.23 -21.91
C ASP A 2394 -85.29 36.25 -22.98
N PHE A 2395 -85.81 35.03 -22.99
CA PHE A 2395 -85.39 34.01 -23.95
C PHE A 2395 -86.31 34.06 -25.18
N ILE A 2396 -86.11 35.09 -25.99
CA ILE A 2396 -86.82 35.27 -27.24
C ILE A 2396 -85.83 35.04 -28.37
N LEU A 2397 -86.15 34.08 -29.24
CA LEU A 2397 -85.25 33.68 -30.31
C LEU A 2397 -85.93 33.93 -31.65
N GLU A 2398 -85.19 34.51 -32.59
CA GLU A 2398 -85.77 34.76 -33.91
C GLU A 2398 -85.70 33.48 -34.75
N VAL A 2399 -86.74 33.26 -35.55
CA VAL A 2399 -86.88 32.00 -36.28
C VAL A 2399 -87.35 32.28 -37.69
N ASP A 2400 -86.70 31.63 -38.66
CA ASP A 2400 -87.05 31.72 -40.07
C ASP A 2400 -87.98 30.56 -40.38
N ARG A 2401 -89.27 30.84 -40.45
CA ARG A 2401 -90.27 29.79 -40.65
C ARG A 2401 -90.36 29.43 -42.12
N LEU A 2402 -90.33 28.13 -42.41
CA LEU A 2402 -90.45 27.68 -43.79
C LEU A 2402 -91.89 27.89 -44.28
N PRO A 2403 -92.07 28.04 -45.60
CA PRO A 2403 -93.41 28.26 -46.16
C PRO A 2403 -94.27 27.00 -46.10
N ASP A 2449 -95.56 34.32 -36.56
CA ASP A 2449 -94.67 35.27 -35.92
C ASP A 2449 -93.21 34.90 -36.19
N SER A 2450 -92.32 35.88 -36.06
CA SER A 2450 -90.91 35.67 -36.37
C SER A 2450 -90.05 35.41 -35.12
N THR A 2451 -90.67 35.35 -33.94
CA THR A 2451 -89.95 35.13 -32.69
C THR A 2451 -90.68 34.08 -31.87
N GLU A 2452 -89.92 33.34 -31.08
CA GLU A 2452 -90.49 32.29 -30.25
C GLU A 2452 -89.84 32.32 -28.86
N ARG A 2453 -90.58 31.81 -27.88
CA ARG A 2453 -90.09 31.72 -26.52
C ARG A 2453 -89.32 30.43 -26.34
N ALA A 2454 -88.07 30.54 -25.87
CA ALA A 2454 -87.19 29.38 -25.77
C ALA A 2454 -86.92 28.96 -24.34
N CYS A 2455 -87.68 29.48 -23.37
CA CYS A 2455 -87.50 29.06 -21.98
C CYS A 2455 -88.83 28.80 -21.29
N ASP A 2456 -89.80 28.26 -22.03
CA ASP A 2456 -91.09 27.96 -21.44
C ASP A 2456 -91.03 26.68 -20.61
N THR A 2457 -90.07 25.81 -20.90
CA THR A 2457 -89.83 24.58 -20.15
C THR A 2457 -88.35 24.43 -19.90
N LEU A 2458 -88.03 23.71 -18.81
CA LEU A 2458 -86.64 23.66 -18.37
C LEU A 2458 -85.77 22.96 -19.40
N LEU A 2459 -86.31 21.92 -20.02
CA LEU A 2459 -85.58 21.19 -21.05
C LEU A 2459 -85.24 22.11 -22.20
N MET A 2460 -86.21 22.89 -22.65
CA MET A 2460 -85.92 23.71 -23.82
C MET A 2460 -84.93 24.82 -23.53
N CYS A 2461 -85.05 25.37 -22.33
CA CYS A 2461 -84.12 26.37 -21.88
C CYS A 2461 -82.71 25.81 -21.81
N ILE A 2462 -82.55 24.60 -21.28
CA ILE A 2462 -81.23 23.97 -21.25
C ILE A 2462 -80.71 23.80 -22.66
N VAL A 2463 -81.57 23.36 -23.58
CA VAL A 2463 -81.14 23.18 -24.96
C VAL A 2463 -80.70 24.51 -25.56
N THR A 2464 -81.47 25.57 -25.32
CA THR A 2464 -81.12 26.88 -25.85
C THR A 2464 -79.78 27.36 -25.30
N VAL A 2465 -79.60 27.28 -23.99
CA VAL A 2465 -78.34 27.73 -23.41
C VAL A 2465 -77.18 26.92 -23.97
N MET A 2466 -77.30 25.58 -23.94
CA MET A 2466 -76.19 24.74 -24.39
C MET A 2466 -75.86 25.01 -25.86
N ASN A 2467 -76.87 25.23 -26.69
CA ASN A 2467 -76.66 25.37 -28.13
C ASN A 2467 -76.07 26.74 -28.46
N HIS A 2468 -76.54 27.80 -27.82
CA HIS A 2468 -76.19 29.16 -28.22
C HIS A 2468 -75.11 29.80 -27.35
N GLY A 2469 -75.19 29.68 -26.04
CA GLY A 2469 -74.21 30.32 -25.18
C GLY A 2469 -72.82 29.74 -25.35
N LEU A 2470 -72.71 28.42 -25.48
CA LEU A 2470 -71.42 27.83 -25.77
C LEU A 2470 -70.88 28.24 -27.14
N ARG A 2471 -71.76 28.36 -28.14
CA ARG A 2471 -71.31 28.66 -29.50
C ARG A 2471 -71.14 30.14 -29.77
N ASN A 2472 -71.56 31.01 -28.86
CA ASN A 2472 -71.39 32.44 -29.00
C ASN A 2472 -70.18 32.90 -28.21
N GLY A 2473 -69.41 33.81 -28.81
CA GLY A 2473 -68.21 34.31 -28.14
C GLY A 2473 -68.53 35.01 -26.84
N GLY A 2474 -69.61 35.81 -26.83
CA GLY A 2474 -70.01 36.52 -25.64
C GLY A 2474 -70.84 35.74 -24.66
N GLY A 2475 -71.25 34.52 -25.00
CA GLY A 2475 -71.98 33.69 -24.07
C GLY A 2475 -73.47 33.69 -24.33
N VAL A 2476 -74.21 33.39 -23.26
CA VAL A 2476 -75.67 33.32 -23.37
C VAL A 2476 -76.27 34.71 -23.55
N GLY A 2477 -75.63 35.75 -23.01
CA GLY A 2477 -76.16 37.09 -23.11
C GLY A 2477 -76.28 37.59 -24.53
N ASP A 2478 -75.57 36.98 -25.47
CA ASP A 2478 -75.64 37.44 -26.85
C ASP A 2478 -77.04 37.26 -27.44
N ILE A 2479 -77.69 36.14 -27.14
CA ILE A 2479 -78.99 35.83 -27.72
C ILE A 2479 -80.16 36.37 -26.91
N LEU A 2480 -79.95 36.76 -25.66
CA LEU A 2480 -81.03 37.20 -24.81
C LEU A 2480 -81.54 38.57 -25.27
N ARG A 2481 -82.83 38.81 -25.01
CA ARG A 2481 -83.42 40.12 -25.25
C ARG A 2481 -82.57 41.21 -24.63
N LYS A 2482 -82.42 42.32 -25.36
CA LYS A 2482 -81.58 43.41 -24.90
C LYS A 2482 -82.32 44.25 -23.88
N PRO A 2483 -81.83 44.38 -22.64
CA PRO A 2483 -82.60 45.08 -21.61
C PRO A 2483 -82.28 46.56 -21.55
N SER A 2484 -83.28 47.33 -21.11
CA SER A 2484 -83.12 48.76 -20.94
C SER A 2484 -82.54 49.07 -19.57
N LYS A 2485 -81.69 50.10 -19.51
CA LYS A 2485 -81.08 50.44 -18.24
C LYS A 2485 -82.12 50.74 -17.17
N ASP A 2486 -83.28 51.28 -17.56
CA ASP A 2486 -84.27 51.65 -16.55
C ASP A 2486 -84.95 50.45 -15.92
N GLU A 2487 -84.73 49.24 -16.45
CA GLU A 2487 -85.42 48.06 -15.97
C GLU A 2487 -84.88 47.69 -14.59
N SER A 2488 -85.73 47.08 -13.77
CA SER A 2488 -85.32 46.78 -12.40
C SER A 2488 -84.45 45.53 -12.36
N LEU A 2489 -84.45 44.75 -13.43
CA LEU A 2489 -83.62 43.55 -13.53
C LEU A 2489 -82.36 43.77 -14.35
N PHE A 2490 -82.04 45.02 -14.70
CA PHE A 2490 -80.83 45.27 -15.48
C PHE A 2490 -79.56 44.86 -14.78
N PRO A 2491 -79.35 45.19 -13.50
CA PRO A 2491 -78.14 44.69 -12.82
C PRO A 2491 -78.10 43.17 -12.72
N ALA A 2492 -79.24 42.55 -12.44
CA ALA A 2492 -79.29 41.08 -12.45
C ALA A 2492 -78.86 40.53 -13.80
N ARG A 2493 -79.36 41.10 -14.90
CA ARG A 2493 -79.01 40.61 -16.23
C ARG A 2493 -77.53 40.80 -16.51
N VAL A 2494 -76.97 41.95 -16.11
CA VAL A 2494 -75.54 42.19 -16.32
C VAL A 2494 -74.73 41.17 -15.56
N VAL A 2495 -75.09 40.91 -14.30
CA VAL A 2495 -74.36 39.93 -13.50
C VAL A 2495 -74.49 38.55 -14.13
N TYR A 2496 -75.70 38.20 -14.60
CA TYR A 2496 -75.92 36.92 -15.26
C TYR A 2496 -74.98 36.75 -16.44
N ASP A 2497 -74.93 37.77 -17.31
CA ASP A 2497 -74.16 37.65 -18.55
C ASP A 2497 -72.68 37.59 -18.25
N LEU A 2498 -72.20 38.46 -17.35
CA LEU A 2498 -70.77 38.45 -17.03
C LEU A 2498 -70.39 37.14 -16.35
N LEU A 2499 -71.28 36.61 -15.51
CA LEU A 2499 -70.93 35.38 -14.81
C LEU A 2499 -70.87 34.21 -15.78
N PHE A 2500 -71.76 34.19 -16.77
CA PHE A 2500 -71.75 33.07 -17.70
C PHE A 2500 -70.52 33.16 -18.60
N PHE A 2501 -70.19 34.37 -19.07
CA PHE A 2501 -69.08 34.55 -19.98
C PHE A 2501 -67.75 34.23 -19.29
N PHE A 2502 -67.63 34.61 -18.02
CA PHE A 2502 -66.41 34.36 -17.25
C PHE A 2502 -66.34 32.85 -16.90
N ILE A 2503 -67.35 32.31 -16.22
CA ILE A 2503 -67.24 30.94 -15.73
C ILE A 2503 -67.16 29.94 -16.87
N VAL A 2504 -68.02 30.08 -17.87
CA VAL A 2504 -68.16 29.04 -18.89
C VAL A 2504 -67.19 29.25 -20.05
N ILE A 2505 -67.14 30.45 -20.61
CA ILE A 2505 -66.37 30.68 -21.83
C ILE A 2505 -64.89 30.86 -21.51
N ILE A 2506 -64.57 31.75 -20.57
CA ILE A 2506 -63.17 32.11 -20.33
C ILE A 2506 -62.42 30.95 -19.69
N ILE A 2507 -63.04 30.27 -18.73
CA ILE A 2507 -62.34 29.26 -17.95
C ILE A 2507 -62.64 27.86 -18.48
N VAL A 2508 -63.90 27.47 -18.45
CA VAL A 2508 -64.25 26.07 -18.72
C VAL A 2508 -63.92 25.70 -20.16
N LEU A 2509 -64.26 26.57 -21.12
CA LEU A 2509 -63.99 26.24 -22.52
C LEU A 2509 -62.49 26.21 -22.79
N ASN A 2510 -61.70 26.93 -22.00
CA ASN A 2510 -60.26 26.94 -22.18
C ASN A 2510 -59.59 25.79 -21.45
N LEU A 2511 -60.31 25.08 -20.57
CA LEU A 2511 -59.68 23.92 -19.95
C LEU A 2511 -59.42 22.81 -20.95
N ILE A 2512 -60.24 22.70 -22.01
CA ILE A 2512 -60.03 21.65 -22.99
C ILE A 2512 -58.76 21.92 -23.79
N PHE A 2513 -58.59 23.17 -24.21
CA PHE A 2513 -57.38 23.55 -24.94
C PHE A 2513 -56.16 23.44 -24.05
N GLY A 2514 -56.29 23.81 -22.77
CA GLY A 2514 -55.17 23.63 -21.85
C GLY A 2514 -54.78 22.17 -21.68
N VAL A 2515 -55.79 21.29 -21.57
CA VAL A 2515 -55.51 19.86 -21.49
C VAL A 2515 -54.79 19.39 -22.74
N ILE A 2516 -55.24 19.87 -23.91
CA ILE A 2516 -54.59 19.47 -25.16
C ILE A 2516 -53.14 19.92 -25.18
N ILE A 2517 -52.87 21.15 -24.73
CA ILE A 2517 -51.50 21.67 -24.73
C ILE A 2517 -50.61 20.86 -23.79
N ASP A 2518 -51.10 20.63 -22.58
CA ASP A 2518 -50.42 19.79 -21.60
C ASP A 2518 -50.11 18.42 -22.18
N THR A 2519 -51.08 17.81 -22.86
CA THR A 2519 -50.84 16.52 -23.50
C THR A 2519 -49.75 16.64 -24.56
N PHE A 2520 -49.74 17.74 -25.30
CA PHE A 2520 -48.72 17.96 -26.31
C PHE A 2520 -47.34 17.88 -25.68
N ALA A 2521 -47.19 18.59 -24.56
CA ALA A 2521 -45.91 18.71 -23.90
C ALA A 2521 -45.49 17.36 -23.31
N ASP A 2522 -46.45 16.64 -22.75
CA ASP A 2522 -46.22 15.32 -22.18
C ASP A 2522 -45.72 14.35 -23.24
N LEU A 2523 -46.36 14.35 -24.41
CA LEU A 2523 -45.91 13.49 -25.49
C LEU A 2523 -44.51 13.90 -25.94
N ARG A 2524 -44.23 15.20 -25.97
CA ARG A 2524 -42.91 15.64 -26.40
C ARG A 2524 -41.84 15.12 -25.44
N SER A 2525 -42.12 15.22 -24.15
CA SER A 2525 -41.13 14.87 -23.13
C SER A 2525 -40.93 13.36 -23.09
N GLU A 2526 -42.01 12.59 -23.16
CA GLU A 2526 -41.88 11.14 -23.19
C GLU A 2526 -41.07 10.70 -24.40
N LYS A 2527 -41.33 11.29 -25.57
CA LYS A 2527 -40.64 10.87 -26.78
C LYS A 2527 -39.16 11.20 -26.69
N GLN A 2528 -38.84 12.40 -26.18
CA GLN A 2528 -37.43 12.77 -26.03
C GLN A 2528 -36.72 11.84 -25.05
N LYS A 2529 -37.34 11.54 -23.92
CA LYS A 2529 -36.71 10.66 -22.94
C LYS A 2529 -36.47 9.26 -23.52
N LYS A 2530 -37.48 8.71 -24.21
CA LYS A 2530 -37.32 7.39 -24.80
C LYS A 2530 -36.20 7.38 -25.84
N GLU A 2531 -36.17 8.40 -26.70
CA GLU A 2531 -35.11 8.47 -27.71
C GLU A 2531 -33.74 8.57 -27.06
N GLU A 2532 -33.62 9.37 -26.01
CA GLU A 2532 -32.32 9.54 -25.36
C GLU A 2532 -31.86 8.22 -24.77
N ILE A 2533 -32.76 7.51 -24.09
CA ILE A 2533 -32.40 6.25 -23.47
C ILE A 2533 -31.95 5.26 -24.54
N LEU A 2534 -32.74 5.16 -25.62
CA LEU A 2534 -32.42 4.20 -26.68
C LEU A 2534 -31.08 4.51 -27.32
N LYS A 2535 -30.79 5.79 -27.56
CA LYS A 2535 -29.57 6.15 -28.27
C LYS A 2535 -28.33 6.04 -27.37
N THR A 2536 -28.47 6.36 -26.09
CA THR A 2536 -27.30 6.49 -25.21
C THR A 2536 -27.25 5.41 -24.14
N THR A 2537 -27.98 4.31 -24.30
CA THR A 2537 -27.90 3.22 -23.33
C THR A 2537 -27.85 1.88 -24.06
N CYS A 2538 -27.06 0.96 -23.52
CA CYS A 2538 -27.04 -0.41 -24.01
C CYS A 2538 -28.40 -1.05 -23.82
N PHE A 2539 -28.87 -1.77 -24.86
CA PHE A 2539 -30.16 -2.43 -24.78
C PHE A 2539 -30.16 -3.56 -23.75
N ILE A 2540 -29.06 -4.31 -23.68
CA ILE A 2540 -29.00 -5.51 -22.85
C ILE A 2540 -28.55 -5.16 -21.44
N CYS A 2541 -27.33 -4.63 -21.31
CA CYS A 2541 -26.75 -4.38 -19.99
C CYS A 2541 -27.23 -3.07 -19.39
N GLY A 2542 -27.65 -2.11 -20.22
CA GLY A 2542 -28.12 -0.84 -19.73
C GLY A 2542 -27.04 0.15 -19.34
N LEU A 2543 -25.78 -0.15 -19.62
CA LEU A 2543 -24.70 0.79 -19.32
C LEU A 2543 -24.74 1.97 -20.28
N GLU A 2544 -24.34 3.13 -19.78
CA GLU A 2544 -24.35 4.36 -20.56
C GLU A 2544 -23.08 4.49 -21.38
N ARG A 2545 -23.03 5.53 -22.23
CA ARG A 2545 -21.87 5.71 -23.08
C ARG A 2545 -20.67 6.21 -22.28
N ASP A 2546 -20.92 6.84 -21.15
CA ASP A 2546 -19.87 7.52 -20.39
C ASP A 2546 -19.01 6.52 -19.63
N LYS A 2547 -19.53 5.29 -19.45
CA LYS A 2547 -18.70 4.25 -18.85
C LYS A 2547 -17.60 3.76 -19.79
N PHE A 2548 -17.76 3.95 -21.10
CA PHE A 2548 -16.80 3.43 -22.07
C PHE A 2548 -15.81 4.48 -22.55
N ASP A 2549 -15.81 5.67 -21.96
CA ASP A 2549 -14.89 6.71 -22.37
C ASP A 2549 -13.46 6.33 -21.97
N ASN A 2550 -12.52 6.55 -22.89
CA ASN A 2550 -11.11 6.22 -22.65
C ASN A 2550 -10.93 4.74 -22.34
N LYS A 2551 -11.62 3.89 -23.12
CA LYS A 2551 -11.52 2.45 -22.98
C LYS A 2551 -11.10 1.85 -24.32
N THR A 2552 -10.29 0.80 -24.24
CA THR A 2552 -9.90 0.08 -25.45
C THR A 2552 -11.10 -0.20 -26.34
N VAL A 2553 -12.19 -0.69 -25.76
CA VAL A 2553 -13.41 -1.02 -26.50
C VAL A 2553 -14.38 0.14 -26.38
N SER A 2554 -14.90 0.60 -27.53
CA SER A 2554 -15.80 1.73 -27.52
C SER A 2554 -17.25 1.28 -27.34
N PHE A 2555 -18.13 2.24 -27.10
CA PHE A 2555 -19.52 1.88 -26.80
C PHE A 2555 -20.16 1.22 -28.02
N GLU A 2556 -19.79 1.69 -29.21
CA GLU A 2556 -20.34 1.17 -30.46
C GLU A 2556 -19.92 -0.28 -30.63
N GLU A 2557 -18.68 -0.61 -30.28
CA GLU A 2557 -18.20 -1.98 -30.38
C GLU A 2557 -18.85 -2.84 -29.32
N HIS A 2558 -19.12 -2.26 -28.16
CA HIS A 2558 -19.80 -2.98 -27.10
C HIS A 2558 -21.20 -3.38 -27.53
N ILE A 2559 -21.86 -2.51 -28.29
CA ILE A 2559 -23.24 -2.81 -28.72
C ILE A 2559 -23.26 -3.57 -30.04
N LYS A 2560 -22.15 -3.60 -30.78
CA LYS A 2560 -22.11 -4.26 -32.07
C LYS A 2560 -21.61 -5.70 -31.98
N LEU A 2561 -20.81 -6.03 -30.97
CA LEU A 2561 -20.03 -7.26 -30.96
C LEU A 2561 -20.12 -8.03 -29.64
N GLU A 2562 -20.40 -7.36 -28.54
CA GLU A 2562 -20.23 -7.92 -27.20
C GLU A 2562 -21.59 -8.19 -26.55
N HIS A 2563 -22.53 -7.26 -26.70
CA HIS A 2563 -23.86 -7.39 -26.12
C HIS A 2563 -24.93 -7.22 -27.19
N ASN A 2564 -24.79 -7.92 -28.31
CA ASN A 2564 -25.75 -7.78 -29.41
C ASN A 2564 -27.03 -8.53 -29.08
N MET A 2565 -28.12 -7.77 -28.94
CA MET A 2565 -29.42 -8.37 -28.61
C MET A 2565 -29.80 -9.44 -29.62
N TRP A 2566 -29.47 -9.22 -30.89
CA TRP A 2566 -29.78 -10.22 -31.91
C TRP A 2566 -28.89 -11.45 -31.75
N ASN A 2567 -27.67 -11.29 -31.26
CA ASN A 2567 -26.85 -12.46 -30.93
C ASN A 2567 -27.47 -13.24 -29.77
N TYR A 2568 -28.03 -12.53 -28.79
CA TYR A 2568 -28.74 -13.23 -27.71
C TYR A 2568 -29.95 -13.98 -28.25
N LEU A 2569 -30.69 -13.36 -29.17
CA LEU A 2569 -31.82 -14.05 -29.80
C LEU A 2569 -31.35 -15.29 -30.56
N TYR A 2570 -30.22 -15.18 -31.26
CA TYR A 2570 -29.68 -16.34 -31.97
C TYR A 2570 -29.27 -17.43 -31.00
N PHE A 2571 -28.73 -17.06 -29.83
CA PHE A 2571 -28.43 -18.10 -28.85
C PHE A 2571 -29.71 -18.77 -28.34
N ILE A 2572 -30.77 -17.98 -28.14
CA ILE A 2572 -32.02 -18.55 -27.63
C ILE A 2572 -32.58 -19.53 -28.65
N VAL A 2573 -32.56 -19.14 -29.93
CA VAL A 2573 -33.05 -20.02 -30.98
C VAL A 2573 -32.18 -21.28 -31.07
N LEU A 2574 -30.87 -21.13 -30.89
CA LEU A 2574 -29.99 -22.30 -30.93
C LEU A 2574 -30.30 -23.25 -29.78
N VAL A 2575 -30.56 -22.71 -28.59
CA VAL A 2575 -30.91 -23.54 -27.44
C VAL A 2575 -32.24 -24.24 -27.69
N ARG A 2576 -33.15 -23.57 -28.41
CA ARG A 2576 -34.45 -24.16 -28.70
C ARG A 2576 -34.34 -25.28 -29.75
N VAL A 2577 -33.46 -25.11 -30.74
CA VAL A 2577 -33.40 -26.05 -31.85
C VAL A 2577 -32.47 -27.21 -31.53
N LYS A 2578 -31.52 -27.02 -30.61
CA LYS A 2578 -30.52 -28.04 -30.35
C LYS A 2578 -31.07 -29.13 -29.44
N ASN A 2579 -30.75 -30.38 -29.79
CA ASN A 2579 -31.16 -31.51 -29.00
C ASN A 2579 -30.61 -31.39 -27.57
N LYS A 2580 -31.38 -31.90 -26.60
CA LYS A 2580 -30.91 -31.84 -25.22
C LYS A 2580 -29.61 -32.61 -25.02
N THR A 2581 -29.42 -33.71 -25.75
CA THR A 2581 -28.32 -34.61 -25.44
C THR A 2581 -26.99 -33.97 -25.81
N ASP A 2582 -26.99 -33.05 -26.77
CA ASP A 2582 -25.76 -32.48 -27.33
C ASP A 2582 -25.38 -31.17 -26.67
N TYR A 2583 -26.09 -30.74 -25.63
CA TYR A 2583 -25.86 -29.43 -25.06
C TYR A 2583 -24.48 -29.39 -24.42
N THR A 2584 -23.87 -28.21 -24.42
CA THR A 2584 -22.64 -28.02 -23.66
C THR A 2584 -23.00 -27.51 -22.26
N GLY A 2585 -21.98 -27.16 -21.48
CA GLY A 2585 -22.18 -26.63 -20.16
C GLY A 2585 -23.04 -25.38 -20.15
N PRO A 2586 -22.57 -24.33 -20.84
CA PRO A 2586 -23.37 -23.09 -20.88
C PRO A 2586 -24.71 -23.25 -21.57
N GLU A 2587 -24.78 -24.01 -22.67
CA GLU A 2587 -26.07 -24.29 -23.29
C GLU A 2587 -27.03 -24.91 -22.28
N SER A 2588 -26.57 -25.89 -21.50
CA SER A 2588 -27.45 -26.52 -20.54
C SER A 2588 -27.86 -25.54 -19.44
N TYR A 2589 -26.92 -24.73 -18.97
CA TYR A 2589 -27.23 -23.74 -17.94
C TYR A 2589 -28.28 -22.76 -18.43
N VAL A 2590 -28.13 -22.26 -19.66
CA VAL A 2590 -29.09 -21.30 -20.20
C VAL A 2590 -30.44 -21.96 -20.43
N ALA A 2591 -30.44 -23.21 -20.90
CA ALA A 2591 -31.70 -23.91 -21.09
C ALA A 2591 -32.42 -24.11 -19.76
N GLN A 2592 -31.69 -24.49 -18.71
CA GLN A 2592 -32.30 -24.64 -17.40
C GLN A 2592 -32.85 -23.32 -16.89
N MET A 2593 -32.12 -22.23 -17.15
CA MET A 2593 -32.57 -20.92 -16.68
C MET A 2593 -33.86 -20.51 -17.39
N ILE A 2594 -33.91 -20.74 -18.72
CA ILE A 2594 -35.12 -20.45 -19.47
C ILE A 2594 -36.28 -21.29 -18.97
N LYS A 2595 -36.04 -22.56 -18.70
CA LYS A 2595 -37.09 -23.43 -18.19
C LYS A 2595 -37.60 -22.94 -16.84
N ASN A 2596 -36.69 -22.51 -15.96
CA ASN A 2596 -37.05 -22.01 -14.64
C ASN A 2596 -37.56 -20.57 -14.68
N LYS A 2597 -37.56 -19.93 -15.84
CA LYS A 2597 -38.04 -18.56 -15.97
C LYS A 2597 -37.17 -17.60 -15.18
N ASN A 2598 -35.86 -17.69 -15.39
CA ASN A 2598 -34.87 -16.87 -14.70
C ASN A 2598 -34.07 -16.10 -15.74
N LEU A 2599 -34.01 -14.78 -15.58
CA LEU A 2599 -33.27 -13.92 -16.49
C LEU A 2599 -31.95 -13.45 -15.92
N ASP A 2600 -31.44 -14.10 -14.87
CA ASP A 2600 -30.22 -13.64 -14.23
C ASP A 2600 -28.99 -13.89 -15.10
N TRP A 2601 -29.15 -14.63 -16.20
CA TRP A 2601 -28.01 -14.97 -17.05
C TRP A 2601 -27.74 -13.86 -18.05
N PHE A 2602 -28.71 -12.98 -18.28
CA PHE A 2602 -28.46 -11.77 -19.03
C PHE A 2602 -27.61 -10.82 -18.19
N PRO A 2603 -26.51 -10.27 -18.70
CA PRO A 2603 -25.74 -9.33 -17.91
C PRO A 2603 -26.54 -8.07 -17.61
N ARG A 2604 -26.17 -7.40 -16.51
CA ARG A 2604 -26.90 -6.24 -16.02
C ARG A 2604 -25.90 -5.27 -15.40
N MET A 2605 -25.69 -4.13 -16.06
CA MET A 2605 -24.79 -3.10 -15.55
C MET A 2605 -23.36 -3.60 -15.42
N ARG A 2606 -23.01 -4.64 -16.16
CA ARG A 2606 -21.68 -5.24 -16.10
C ARG A 2606 -21.19 -5.50 -17.51
N ALA A 2607 -19.88 -5.32 -17.72
CA ALA A 2607 -19.30 -5.58 -19.03
C ALA A 2607 -17.91 -6.17 -18.85
N MET A 2608 -17.67 -7.29 -19.53
CA MET A 2608 -16.37 -7.95 -19.42
C MET A 2608 -15.24 -7.05 -19.89
N SER A 2609 -15.47 -6.30 -20.97
CA SER A 2609 -14.46 -5.36 -21.44
C SER A 2609 -14.20 -4.26 -20.41
N LEU A 2610 -15.25 -3.80 -19.74
CA LEU A 2610 -15.07 -2.73 -18.76
C LEU A 2610 -14.29 -3.21 -17.55
N VAL A 2611 -14.63 -4.41 -17.04
CA VAL A 2611 -13.95 -4.93 -15.85
C VAL A 2611 -12.63 -5.60 -16.17
N SER A 2612 -12.31 -5.81 -17.44
CA SER A 2612 -11.06 -6.47 -17.81
C SER A 2612 -10.63 -6.05 -19.21
N SER B 5 25.57 8.58 44.35
CA SER B 5 25.26 10.00 44.38
C SER B 5 24.04 10.30 43.52
N SER B 6 23.23 11.25 43.98
CA SER B 6 22.02 11.65 43.26
C SER B 6 21.71 13.10 43.58
N PHE B 7 20.90 13.71 42.72
CA PHE B 7 20.50 15.09 42.90
C PHE B 7 19.40 15.20 43.95
N LEU B 8 19.32 16.39 44.55
CA LEU B 8 18.29 16.67 45.55
C LEU B 8 16.99 17.08 44.86
N HIS B 9 15.88 16.58 45.40
CA HIS B 9 14.55 16.86 44.85
C HIS B 9 13.64 17.36 45.98
N ILE B 10 12.66 18.18 45.59
CA ILE B 10 11.71 18.71 46.57
C ILE B 10 10.91 17.56 47.17
N GLY B 11 10.73 17.62 48.49
CA GLY B 11 10.01 16.59 49.22
C GLY B 11 10.88 15.52 49.84
N ASP B 12 12.16 15.46 49.48
CA ASP B 12 13.05 14.48 50.07
C ASP B 12 13.28 14.79 51.54
N ILE B 13 13.44 13.74 52.34
CA ILE B 13 13.71 13.86 53.77
C ILE B 13 15.19 13.58 53.97
N VAL B 14 15.91 14.58 54.48
CA VAL B 14 17.35 14.52 54.65
C VAL B 14 17.71 14.97 56.05
N SER B 15 18.92 14.62 56.48
CA SER B 15 19.44 14.96 57.80
C SER B 15 20.50 16.05 57.65
N LEU B 16 20.45 17.03 58.54
CA LEU B 16 21.39 18.16 58.53
C LEU B 16 22.43 17.96 59.62
N TYR B 17 23.70 17.99 59.23
CA TYR B 17 24.81 17.84 60.16
C TYR B 17 25.61 19.14 60.19
N ALA B 18 25.79 19.70 61.39
CA ALA B 18 26.52 20.94 61.55
C ALA B 18 28.02 20.70 61.41
N GLU B 19 28.70 21.65 60.77
CA GLU B 19 30.14 21.60 60.59
C GLU B 19 30.73 22.95 60.96
N GLY B 20 31.76 22.93 61.82
CA GLY B 20 32.39 24.15 62.26
C GLY B 20 32.88 24.07 63.70
N SER B 21 32.54 25.07 64.51
CA SER B 21 32.97 25.06 65.91
C SER B 21 32.40 23.87 66.65
N VAL B 22 31.12 23.57 66.43
CA VAL B 22 30.45 22.42 67.04
C VAL B 22 29.86 21.57 65.93
N ASN B 23 30.12 20.26 65.98
CA ASN B 23 29.65 19.32 64.98
C ASN B 23 28.59 18.42 65.57
N GLY B 24 27.45 18.33 64.90
CA GLY B 24 26.36 17.49 65.37
C GLY B 24 25.12 17.73 64.55
N PHE B 25 24.12 16.89 64.81
CA PHE B 25 22.84 16.97 64.12
C PHE B 25 21.89 17.91 64.86
N ILE B 26 20.91 18.43 64.12
CA ILE B 26 19.91 19.32 64.69
C ILE B 26 18.82 18.47 65.34
N SER B 27 18.53 18.77 66.62
CA SER B 27 17.54 18.04 67.38
C SER B 27 16.62 19.02 68.09
N THR B 28 15.49 18.51 68.57
CA THR B 28 14.50 19.29 69.27
C THR B 28 14.31 18.72 70.68
N LEU B 29 14.16 19.61 71.65
CA LEU B 29 14.00 19.19 73.04
C LEU B 29 12.68 18.44 73.20
N GLY B 30 12.48 17.91 74.42
CA GLY B 30 11.28 17.15 74.71
C GLY B 30 10.05 18.03 74.85
N LEU B 31 8.92 17.36 75.02
CA LEU B 31 7.64 18.06 75.17
C LEU B 31 7.33 18.86 73.91
N VAL B 32 6.49 19.89 74.04
CA VAL B 32 6.09 20.71 72.90
C VAL B 32 7.10 21.83 72.68
N ASP B 33 8.23 21.77 73.37
CA ASP B 33 9.26 22.80 73.22
C ASP B 33 9.70 22.88 71.77
N ASP B 34 9.77 24.11 71.25
CA ASP B 34 10.14 24.36 69.87
C ASP B 34 11.62 24.68 69.70
N ARG B 35 12.40 24.65 70.78
CA ARG B 35 13.82 24.98 70.68
C ARG B 35 14.56 23.93 69.85
N CYS B 36 15.49 24.40 69.03
CA CYS B 36 16.35 23.54 68.22
C CYS B 36 17.78 23.70 68.68
N VAL B 37 18.45 22.57 68.95
CA VAL B 37 19.80 22.56 69.48
C VAL B 37 20.62 21.53 68.72
N VAL B 38 21.89 21.41 69.09
CA VAL B 38 22.81 20.43 68.53
C VAL B 38 23.53 19.75 69.68
N GLU B 39 23.62 18.42 69.62
CA GLU B 39 24.24 17.62 70.68
C GLU B 39 25.43 16.86 70.09
N PRO B 40 26.64 17.43 70.15
CA PRO B 40 27.80 16.71 69.62
C PRO B 40 28.05 15.38 70.30
N ALA B 41 27.77 15.28 71.60
CA ALA B 41 28.00 14.02 72.32
C ALA B 41 26.97 12.96 71.99
N ALA B 42 25.82 13.35 71.44
CA ALA B 42 24.80 12.37 71.10
C ALA B 42 25.30 11.37 70.06
N GLY B 43 25.98 11.85 69.05
CA GLY B 43 26.50 10.97 68.02
C GLY B 43 27.18 11.77 66.92
N ASP B 44 27.60 11.05 65.88
CA ASP B 44 28.27 11.64 64.74
C ASP B 44 27.79 10.94 63.47
N LEU B 45 28.38 11.30 62.34
CA LEU B 45 27.99 10.68 61.07
C LEU B 45 28.28 9.19 61.09
N ASP B 46 29.44 8.79 61.61
CA ASP B 46 29.77 7.37 61.68
C ASP B 46 28.82 6.62 62.60
N ASN B 47 28.47 7.22 63.74
CA ASN B 47 27.59 6.62 64.75
C ASN B 47 26.41 7.55 64.98
N PRO B 48 25.32 7.39 64.22
CA PRO B 48 24.17 8.27 64.41
C PRO B 48 23.60 8.10 65.80
N PRO B 49 23.01 9.16 66.37
CA PRO B 49 22.45 9.04 67.73
C PRO B 49 21.27 8.08 67.76
N LYS B 50 21.05 7.50 68.95
CA LYS B 50 19.95 6.55 69.11
C LYS B 50 18.61 7.21 68.80
N LYS B 51 18.40 8.43 69.29
CA LYS B 51 17.17 9.18 69.02
C LYS B 51 17.30 9.94 67.70
N PHE B 52 17.60 9.17 66.65
CA PHE B 52 17.81 9.77 65.33
C PHE B 52 16.53 10.33 64.72
N ARG B 53 15.37 9.89 65.20
CA ARG B 53 14.10 10.35 64.62
C ARG B 53 13.95 11.86 64.73
N ASP B 54 14.58 12.48 65.72
CA ASP B 54 14.49 13.92 65.90
C ASP B 54 15.40 14.70 64.95
N CYS B 55 16.26 14.01 64.20
CA CYS B 55 17.22 14.67 63.32
C CYS B 55 16.85 14.52 61.84
N LEU B 56 15.58 14.26 61.55
CA LEU B 56 15.10 14.12 60.18
C LEU B 56 14.30 15.35 59.79
N PHE B 57 14.61 15.92 58.63
CA PHE B 57 13.94 17.10 58.11
C PHE B 57 13.53 16.86 56.67
N LYS B 58 12.36 17.38 56.29
CA LYS B 58 11.84 17.26 54.94
C LYS B 58 11.94 18.60 54.23
N VAL B 59 12.32 18.56 52.96
CA VAL B 59 12.49 19.75 52.14
C VAL B 59 11.17 20.07 51.44
N CYS B 60 10.74 21.32 51.53
CA CYS B 60 9.50 21.78 50.92
C CYS B 60 9.77 23.03 50.08
N PRO B 61 8.93 23.29 49.08
CA PRO B 61 9.16 24.45 48.21
C PRO B 61 8.61 25.74 48.79
N MET B 62 8.69 26.82 48.01
CA MET B 62 8.19 28.11 48.47
C MET B 62 6.71 28.01 48.82
N ASN B 63 6.33 28.66 49.92
CA ASN B 63 4.95 28.71 50.38
C ASN B 63 4.54 30.16 50.58
N ARG B 64 3.38 30.52 50.04
CA ARG B 64 2.85 31.88 50.15
C ARG B 64 2.10 32.04 51.47
N TYR B 65 2.42 33.10 52.20
CA TYR B 65 1.78 33.38 53.48
C TYR B 65 1.26 34.81 53.57
N SER B 66 1.08 35.48 52.43
CA SER B 66 0.62 36.86 52.44
C SER B 66 -0.78 36.97 53.06
N ALA B 67 -1.71 36.15 52.58
CA ALA B 67 -3.07 36.18 53.13
C ALA B 67 -3.08 35.77 54.60
N GLN B 68 -2.31 34.73 54.95
CA GLN B 68 -2.25 34.30 56.34
C GLN B 68 -1.66 35.39 57.22
N LYS B 69 -0.59 36.04 56.76
CA LYS B 69 0.02 37.11 57.54
C LYS B 69 -0.96 38.27 57.73
N GLN B 70 -1.68 38.64 56.66
CA GLN B 70 -2.65 39.72 56.78
C GLN B 70 -3.76 39.36 57.76
N TYR B 71 -4.26 38.13 57.70
CA TYR B 71 -5.30 37.71 58.63
C TYR B 71 -4.79 37.72 60.06
N TRP B 72 -3.56 37.25 60.29
CA TRP B 72 -3.00 37.25 61.63
C TRP B 72 -2.85 38.68 62.15
N LYS B 73 -2.38 39.59 61.30
CA LYS B 73 -2.24 40.98 61.71
C LYS B 73 -3.60 41.59 62.05
N ALA B 74 -4.62 41.31 61.22
CA ALA B 74 -5.94 41.85 61.49
C ALA B 74 -6.51 41.31 62.79
N LYS B 75 -6.34 40.01 63.04
CA LYS B 75 -6.87 39.41 64.26
C LYS B 75 -6.23 40.02 65.50
N GLN B 76 -4.92 40.23 65.47
CA GLN B 76 -4.20 40.81 66.61
C GLN B 76 -4.45 42.32 66.68
N ASP B 86 -16.04 44.50 62.44
CA ASP B 86 -15.19 43.94 61.38
C ASP B 86 -15.35 42.43 61.31
N VAL B 87 -16.52 41.93 61.73
CA VAL B 87 -16.78 40.49 61.69
C VAL B 87 -16.79 39.99 60.26
N VAL B 88 -17.44 40.74 59.36
CA VAL B 88 -17.47 40.35 57.95
C VAL B 88 -16.07 40.37 57.37
N LEU B 89 -15.29 41.41 57.71
CA LEU B 89 -13.91 41.48 57.24
C LEU B 89 -13.08 40.31 57.77
N LEU B 90 -13.28 39.95 59.04
CA LEU B 90 -12.55 38.82 59.61
C LEU B 90 -12.92 37.52 58.90
N GLN B 91 -14.21 37.32 58.60
CA GLN B 91 -14.63 36.13 57.89
C GLN B 91 -14.02 36.08 56.48
N LYS B 92 -14.01 37.23 55.80
CA LYS B 92 -13.41 37.28 54.47
C LYS B 92 -11.91 36.98 54.54
N LEU B 93 -11.22 37.50 55.55
CA LEU B 93 -9.81 37.21 55.71
C LEU B 93 -9.58 35.72 55.98
N GLN B 94 -10.44 35.11 56.80
CA GLN B 94 -10.32 33.68 57.06
C GLN B 94 -10.52 32.87 55.79
N HIS B 95 -11.52 33.25 54.98
CA HIS B 95 -11.74 32.56 53.71
C HIS B 95 -10.55 32.72 52.78
N ALA B 96 -9.98 33.92 52.72
CA ALA B 96 -8.81 34.15 51.88
C ALA B 96 -7.63 33.31 52.35
N ALA B 97 -7.43 33.22 53.67
CA ALA B 97 -6.34 32.41 54.21
C ALA B 97 -6.54 30.94 53.89
N GLN B 98 -7.78 30.45 53.99
CA GLN B 98 -8.06 29.06 53.64
C GLN B 98 -7.78 28.80 52.16
N MET B 99 -8.21 29.74 51.30
CA MET B 99 -7.95 29.58 49.87
C MET B 99 -6.44 29.59 49.58
N GLU B 100 -5.69 30.46 50.26
CA GLU B 100 -4.25 30.50 50.06
C GLU B 100 -3.60 29.21 50.53
N GLN B 101 -4.06 28.65 51.65
CA GLN B 101 -3.53 27.38 52.12
C GLN B 101 -3.82 26.26 51.12
N LYS B 102 -5.03 26.23 50.57
CA LYS B 102 -5.36 25.22 49.58
C LYS B 102 -4.50 25.38 48.33
N GLN B 103 -4.29 26.62 47.88
CA GLN B 103 -3.44 26.86 46.72
C GLN B 103 -2.01 26.42 46.99
N ASN B 104 -1.50 26.70 48.18
CA ASN B 104 -0.15 26.27 48.54
C ASN B 104 -0.04 24.75 48.54
N ASP B 105 -1.05 24.07 49.08
CA ASP B 105 -1.04 22.61 49.08
C ASP B 105 -1.05 22.07 47.66
N THR B 106 -1.88 22.67 46.78
CA THR B 106 -1.93 22.23 45.39
C THR B 106 -0.58 22.45 44.71
N GLU B 107 0.05 23.60 44.96
CA GLU B 107 1.35 23.87 44.37
C GLU B 107 2.39 22.87 44.86
N ASN B 108 2.38 22.56 46.16
CA ASN B 108 3.32 21.57 46.69
C ASN B 108 3.10 20.21 46.04
N LYS B 109 1.84 19.80 45.88
CA LYS B 109 1.56 18.52 45.24
C LYS B 109 2.04 18.52 43.79
N LYS B 110 1.79 19.60 43.06
CA LYS B 110 2.18 19.67 41.65
C LYS B 110 3.70 19.67 41.49
N VAL B 111 4.38 20.52 42.27
CA VAL B 111 5.83 20.66 42.14
C VAL B 111 6.59 19.56 42.85
N HIS B 112 5.90 18.58 43.43
CA HIS B 112 6.58 17.51 44.15
C HIS B 112 7.52 16.76 43.22
N GLY B 113 8.72 16.48 43.72
CA GLY B 113 9.72 15.73 42.99
C GLY B 113 10.64 16.54 42.10
N ASP B 114 10.41 17.85 41.98
CA ASP B 114 11.26 18.68 41.16
C ASP B 114 12.66 18.79 41.77
N VAL B 115 13.68 18.85 40.91
CA VAL B 115 15.06 18.92 41.39
C VAL B 115 15.27 20.25 42.11
N VAL B 116 16.14 20.22 43.11
CA VAL B 116 16.50 21.42 43.88
C VAL B 116 17.74 22.03 43.26
N LYS B 117 17.68 23.34 42.99
CA LYS B 117 18.78 24.06 42.37
C LYS B 117 19.41 25.01 43.36
N TYR B 118 20.73 25.15 43.29
CA TYR B 118 21.44 26.06 44.18
C TYR B 118 20.92 27.48 44.01
N GLY B 119 20.78 28.17 45.13
CA GLY B 119 20.23 29.51 45.13
C GLY B 119 18.71 29.58 45.17
N SER B 120 18.04 28.44 45.18
CA SER B 120 16.58 28.42 45.27
C SER B 120 16.14 28.56 46.73
N VAL B 121 14.83 28.68 46.92
CA VAL B 121 14.24 28.85 48.25
C VAL B 121 13.61 27.53 48.66
N ILE B 122 14.00 27.03 49.83
CA ILE B 122 13.48 25.78 50.37
C ILE B 122 13.16 25.99 51.85
N GLN B 123 12.30 25.11 52.36
CA GLN B 123 11.88 25.14 53.76
C GLN B 123 12.10 23.78 54.38
N LEU B 124 12.40 23.76 55.67
CA LEU B 124 12.66 22.54 56.42
C LEU B 124 11.49 22.26 57.35
N LEU B 125 10.95 21.05 57.26
CA LEU B 125 9.83 20.62 58.09
C LEU B 125 10.28 19.47 58.99
N HIS B 126 9.98 19.58 60.28
CA HIS B 126 10.30 18.54 61.24
C HIS B 126 9.22 17.46 61.18
N MET B 127 9.58 16.27 60.68
CA MET B 127 8.59 15.21 60.52
C MET B 127 8.01 14.79 61.86
N LYS B 128 8.86 14.65 62.88
CA LYS B 128 8.39 14.22 64.19
C LYS B 128 7.43 15.24 64.80
N SER B 129 7.75 16.53 64.67
CA SER B 129 6.94 17.58 65.24
C SER B 129 5.97 18.20 64.25
N ASN B 130 6.19 18.02 62.95
CA ASN B 130 5.34 18.61 61.92
C ASN B 130 5.29 20.13 62.06
N LYS B 131 6.43 20.73 62.38
CA LYS B 131 6.55 22.17 62.54
C LYS B 131 7.66 22.69 61.65
N TYR B 132 7.37 23.74 60.88
CA TYR B 132 8.37 24.32 59.99
C TYR B 132 9.35 25.18 60.78
N LEU B 133 10.63 25.05 60.45
CA LEU B 133 11.65 25.89 61.06
C LEU B 133 11.57 27.30 60.48
N THR B 134 11.68 28.30 61.34
CA THR B 134 11.60 29.69 60.93
C THR B 134 12.53 30.52 61.80
N VAL B 135 12.86 31.70 61.32
CA VAL B 135 13.74 32.64 62.03
C VAL B 135 12.91 33.89 62.32
N ASN B 136 12.84 34.27 63.60
CA ASN B 136 12.06 35.41 64.02
C ASN B 136 12.94 36.66 64.00
N LYS B 137 12.54 37.64 63.19
CA LYS B 137 13.34 38.85 63.00
C LYS B 137 13.00 39.96 63.98
N ARG B 138 12.00 39.78 64.83
CA ARG B 138 11.57 40.80 65.77
C ARG B 138 11.94 40.49 67.21
N LEU B 139 12.66 39.40 67.44
CA LEU B 139 13.11 39.05 68.79
C LEU B 139 14.49 38.42 68.70
N PRO B 140 15.32 38.57 69.73
CA PRO B 140 16.64 37.93 69.73
C PRO B 140 16.61 36.54 70.36
N ALA B 141 17.73 35.85 70.24
CA ALA B 141 17.86 34.52 70.81
C ALA B 141 17.85 34.60 72.34
N LEU B 142 17.40 33.51 72.97
CA LEU B 142 17.26 33.50 74.41
C LEU B 142 18.62 33.67 75.11
N LEU B 143 19.64 32.96 74.63
CA LEU B 143 20.95 32.99 75.27
C LEU B 143 21.85 34.05 74.65
N GLU B 144 22.11 33.93 73.35
CA GLU B 144 22.99 34.88 72.65
C GLU B 144 22.14 36.07 72.22
N LYS B 145 22.19 37.15 73.01
CA LYS B 145 21.36 38.31 72.73
C LYS B 145 21.69 38.92 71.38
N ASN B 146 22.99 39.00 71.05
CA ASN B 146 23.39 39.57 69.77
C ASN B 146 22.95 38.71 68.59
N ALA B 147 22.59 37.46 68.83
CA ALA B 147 22.16 36.56 67.76
C ALA B 147 20.67 36.77 67.50
N MET B 148 20.08 35.88 66.71
CA MET B 148 18.68 35.98 66.32
C MET B 148 18.01 34.62 66.50
N ARG B 149 16.77 34.63 66.97
CA ARG B 149 16.12 33.40 67.40
C ARG B 149 15.55 32.61 66.23
N VAL B 150 15.70 31.29 66.31
CA VAL B 150 15.13 30.35 65.35
C VAL B 150 14.25 29.38 66.13
N THR B 151 13.03 29.17 65.64
CA THR B 151 12.07 28.33 66.35
C THR B 151 11.19 27.60 65.34
N LEU B 152 10.52 26.56 65.84
CA LEU B 152 9.61 25.75 65.03
C LEU B 152 8.19 26.27 65.22
N ASP B 153 7.49 26.49 64.10
CA ASP B 153 6.13 26.99 64.10
C ASP B 153 5.23 25.99 63.40
N ALA B 154 4.06 25.73 64.01
CA ALA B 154 3.14 24.75 63.44
C ALA B 154 2.65 25.18 62.06
N THR B 155 2.30 26.46 61.91
CA THR B 155 1.79 26.97 60.65
C THR B 155 2.86 27.64 59.79
N GLY B 156 3.95 28.10 60.38
CA GLY B 156 5.00 28.76 59.63
C GLY B 156 4.68 30.21 59.33
N ASN B 157 5.62 30.84 58.62
CA ASN B 157 5.50 32.25 58.24
C ASN B 157 6.54 32.51 57.16
N GLU B 158 6.74 33.78 56.83
CA GLU B 158 7.73 34.15 55.82
C GLU B 158 9.13 33.74 56.23
N GLY B 159 9.38 33.50 57.51
CA GLY B 159 10.69 33.07 57.96
C GLY B 159 11.05 31.67 57.53
N SER B 160 10.06 30.86 57.14
CA SER B 160 10.36 29.51 56.67
C SER B 160 11.24 29.53 55.42
N TRP B 161 11.08 30.55 54.57
CA TRP B 161 11.87 30.64 53.36
C TRP B 161 13.35 30.72 53.70
N LEU B 162 14.16 29.91 53.00
CA LEU B 162 15.58 29.84 53.28
C LEU B 162 16.30 29.57 51.96
N PHE B 163 17.07 30.56 51.50
CA PHE B 163 17.91 30.36 50.32
C PHE B 163 19.03 29.38 50.64
N ILE B 164 19.36 28.53 49.66
CA ILE B 164 20.42 27.54 49.79
C ILE B 164 21.56 27.95 48.87
N GLN B 165 22.77 28.01 49.42
CA GLN B 165 23.94 28.42 48.67
C GLN B 165 25.07 27.42 48.83
N PRO B 166 25.95 27.30 47.84
CA PRO B 166 27.09 26.37 47.98
C PRO B 166 28.03 26.81 49.08
N PHE B 167 28.69 25.83 49.67
CA PHE B 167 29.70 26.09 50.69
C PHE B 167 31.11 26.15 50.13
N TRP B 168 31.36 25.46 49.01
CA TRP B 168 32.66 25.46 48.35
C TRP B 168 32.59 26.28 47.07
N LYS B 169 33.75 26.44 46.44
CA LYS B 169 33.86 27.19 45.19
C LYS B 169 33.60 26.32 43.96
N LEU B 170 33.50 25.00 44.13
CA LEU B 170 33.25 24.14 42.97
C LEU B 170 31.88 24.42 42.36
N ARG B 171 30.87 24.63 43.19
CA ARG B 171 29.51 24.87 42.72
C ARG B 171 29.25 26.37 42.57
N SER B 172 28.14 26.69 41.92
CA SER B 172 27.75 28.07 41.70
C SER B 172 26.22 28.15 41.70
N ASN B 173 25.70 29.37 41.56
CA ASN B 173 24.26 29.56 41.53
C ASN B 173 23.65 28.89 40.30
N GLY B 174 22.41 28.43 40.46
CA GLY B 174 21.72 27.76 39.38
C GLY B 174 22.33 26.42 39.02
N ASP B 175 22.70 25.62 40.02
CA ASP B 175 23.28 24.30 39.80
C ASP B 175 22.57 23.29 40.68
N ASN B 176 22.56 22.04 40.21
CA ASN B 176 21.90 20.98 40.95
C ASN B 176 22.62 20.70 42.27
N VAL B 177 21.83 20.32 43.27
CA VAL B 177 22.34 19.99 44.60
C VAL B 177 22.47 18.48 44.71
N VAL B 178 23.64 18.02 45.12
CA VAL B 178 23.93 16.59 45.22
C VAL B 178 24.01 16.21 46.69
N VAL B 179 23.69 14.95 46.98
CA VAL B 179 23.71 14.47 48.36
C VAL B 179 25.13 14.51 48.91
N GLY B 180 25.23 14.63 50.22
CA GLY B 180 26.53 14.65 50.88
C GLY B 180 27.37 15.86 50.55
N ASP B 181 26.77 17.05 50.52
CA ASP B 181 27.48 18.29 50.24
C ASP B 181 27.09 19.34 51.26
N LYS B 182 28.06 20.17 51.62
CA LYS B 182 27.84 21.22 52.60
C LYS B 182 27.22 22.44 51.94
N VAL B 183 26.16 22.98 52.55
CA VAL B 183 25.45 24.13 52.01
C VAL B 183 25.22 25.14 53.12
N ILE B 184 24.90 26.36 52.72
CA ILE B 184 24.63 27.46 53.64
C ILE B 184 23.17 27.87 53.46
N LEU B 185 22.45 27.95 54.58
CA LEU B 185 21.05 28.34 54.59
C LEU B 185 20.94 29.79 55.07
N ASN B 186 20.40 30.66 54.22
CA ASN B 186 20.25 32.07 54.53
C ASN B 186 18.77 32.42 54.59
N PRO B 187 18.22 32.82 55.74
CA PRO B 187 16.82 33.24 55.76
C PRO B 187 16.59 34.44 54.86
N VAL B 188 15.41 34.46 54.23
CA VAL B 188 15.08 35.57 53.32
C VAL B 188 14.97 36.87 54.10
N ASN B 189 14.32 36.83 55.28
CA ASN B 189 14.12 38.04 56.06
C ASN B 189 15.36 38.37 56.89
N ALA B 190 15.80 37.44 57.75
CA ALA B 190 16.95 37.71 58.59
C ALA B 190 18.21 37.91 57.77
N GLY B 191 18.40 37.09 56.74
CA GLY B 191 19.57 37.23 55.88
C GLY B 191 20.88 37.00 56.62
N GLN B 192 20.91 35.99 57.50
CA GLN B 192 22.12 35.65 58.25
C GLN B 192 22.24 34.14 58.29
N PRO B 193 23.39 33.57 57.92
CA PRO B 193 23.53 32.11 57.95
C PRO B 193 23.29 31.55 59.34
N LEU B 194 22.66 30.38 59.40
CA LEU B 194 22.40 29.72 60.66
C LEU B 194 23.72 29.34 61.33
N HIS B 195 23.82 29.58 62.63
CA HIS B 195 25.02 29.33 63.40
C HIS B 195 24.69 28.45 64.59
N ALA B 196 25.47 27.38 64.78
CA ALA B 196 25.35 26.50 65.94
C ALA B 196 26.19 27.08 67.06
N SER B 197 25.58 28.03 67.79
CA SER B 197 26.29 28.73 68.85
C SER B 197 26.78 27.75 69.91
N ASN B 198 28.01 27.97 70.38
CA ASN B 198 28.61 27.12 71.40
C ASN B 198 27.95 27.29 72.76
N TYR B 199 27.09 28.30 72.94
CA TYR B 199 26.44 28.54 74.21
C TYR B 199 25.65 27.32 74.65
N GLU B 200 26.09 26.68 75.74
CA GLU B 200 25.41 25.50 76.25
C GLU B 200 24.11 25.88 76.93
N LEU B 201 23.12 24.99 76.83
CA LEU B 201 21.82 25.21 77.45
C LEU B 201 21.86 24.76 78.91
N SER B 202 21.49 25.67 79.82
CA SER B 202 21.51 25.34 81.23
C SER B 202 20.50 24.23 81.56
N ASP B 203 19.32 24.29 80.92
CA ASP B 203 18.28 23.31 81.22
C ASP B 203 18.74 21.90 80.88
N ASN B 204 19.39 21.74 79.73
CA ASN B 204 19.85 20.43 79.26
C ASN B 204 21.35 20.53 78.98
N ALA B 205 22.14 19.78 79.75
CA ALA B 205 23.58 19.79 79.54
C ALA B 205 23.95 19.12 78.23
N GLY B 206 24.99 19.62 77.59
CA GLY B 206 25.45 19.07 76.32
C GLY B 206 24.68 19.53 75.10
N CYS B 207 23.73 20.44 75.25
CA CYS B 207 22.93 20.94 74.14
C CYS B 207 23.40 22.33 73.77
N LYS B 208 23.63 22.55 72.47
CA LYS B 208 24.09 23.82 71.95
C LYS B 208 22.98 24.46 71.12
N GLU B 209 22.63 25.69 71.47
CA GLU B 209 21.55 26.39 70.79
C GLU B 209 21.96 26.78 69.37
N VAL B 210 20.98 26.87 68.49
CA VAL B 210 21.17 27.27 67.11
C VAL B 210 20.43 28.59 66.89
N ASN B 211 21.12 29.56 66.29
CA ASN B 211 20.56 30.89 66.08
C ASN B 211 20.90 31.33 64.66
N SER B 212 20.63 32.60 64.35
CA SER B 212 20.93 33.17 63.05
C SER B 212 21.89 34.33 63.25
N VAL B 213 23.12 34.18 62.75
CA VAL B 213 24.14 35.21 62.88
C VAL B 213 25.26 34.89 61.90
N ASN B 214 25.96 35.92 61.45
CA ASN B 214 27.06 35.72 60.51
C ASN B 214 28.11 34.82 61.12
N CYS B 215 28.52 33.81 60.36
CA CYS B 215 29.53 32.84 60.79
C CYS B 215 29.97 32.05 59.57
N ASN B 216 30.76 31.00 59.80
CA ASN B 216 31.25 30.13 58.74
C ASN B 216 30.72 28.70 58.87
N THR B 217 29.71 28.47 59.71
CA THR B 217 29.18 27.13 59.89
C THR B 217 28.49 26.66 58.61
N SER B 218 28.67 25.38 58.30
CA SER B 218 28.06 24.76 57.14
C SER B 218 27.28 23.53 57.58
N TRP B 219 26.13 23.32 56.94
CA TRP B 219 25.23 22.22 57.28
C TRP B 219 25.32 21.16 56.19
N LYS B 220 25.95 20.04 56.51
CA LYS B 220 26.04 18.93 55.56
C LYS B 220 24.66 18.32 55.34
N ILE B 221 24.38 17.93 54.11
CA ILE B 221 23.09 17.36 53.72
C ILE B 221 23.30 15.87 53.52
N ASN B 222 22.61 15.06 54.32
CA ASN B 222 22.64 13.61 54.22
C ASN B 222 21.25 13.12 53.84
N LEU B 223 21.16 12.40 52.73
CA LEU B 223 19.88 11.94 52.23
C LEU B 223 19.42 10.71 53.02
N PHE B 224 18.15 10.68 53.41
CA PHE B 224 17.58 9.56 54.13
C PHE B 224 16.41 8.91 53.41
N MET B 225 15.51 9.69 52.81
CA MET B 225 14.33 9.13 52.18
C MET B 225 14.04 9.97 50.95
N GLN B 226 13.84 9.30 49.80
CA GLN B 226 13.68 9.97 48.52
C GLN B 226 12.22 10.17 48.18
N PHE B 227 11.94 11.26 47.45
CA PHE B 227 10.55 11.56 47.09
C PHE B 227 9.91 10.40 46.33
N ARG B 228 10.66 9.75 45.45
CA ARG B 228 10.13 8.61 44.72
C ARG B 228 9.82 7.45 45.66
N ASP B 229 10.70 7.23 46.64
CA ASP B 229 10.54 6.13 47.59
C ASP B 229 9.73 6.53 48.83
N HIS B 230 9.22 7.76 48.88
CA HIS B 230 8.43 8.24 50.01
C HIS B 230 6.95 7.90 49.88
N LEU B 231 6.56 7.17 48.84
CA LEU B 231 5.15 6.83 48.64
C LEU B 231 4.61 6.09 49.86
N GLU B 232 3.42 6.50 50.32
CA GLU B 232 2.81 5.86 51.47
C GLU B 232 2.27 4.47 51.14
N GLU B 233 1.97 4.20 49.87
CA GLU B 233 1.44 2.90 49.48
C GLU B 233 2.46 1.78 49.62
N VAL B 234 3.74 2.09 49.78
CA VAL B 234 4.79 1.11 49.90
C VAL B 234 5.44 1.25 51.27
N LEU B 235 5.74 0.12 51.91
CA LEU B 235 6.41 0.14 53.20
C LEU B 235 7.78 0.78 53.08
N LYS B 236 8.11 1.66 54.04
CA LYS B 236 9.37 2.38 54.05
C LYS B 236 9.97 2.31 55.44
N GLY B 237 11.30 2.41 55.50
CA GLY B 237 11.97 2.43 56.78
C GLY B 237 11.53 3.62 57.62
N GLY B 238 11.45 3.39 58.93
CA GLY B 238 11.00 4.42 59.84
C GLY B 238 9.50 4.52 60.01
N ASP B 239 8.74 3.66 59.37
CA ASP B 239 7.29 3.63 59.49
C ASP B 239 6.88 2.59 60.52
N VAL B 240 5.85 2.91 61.31
CA VAL B 240 5.41 2.06 62.41
C VAL B 240 4.10 1.38 62.00
N VAL B 241 4.03 0.07 62.23
CA VAL B 241 2.86 -0.73 61.92
C VAL B 241 2.70 -1.79 63.00
N ARG B 242 1.65 -2.59 62.88
CA ARG B 242 1.37 -3.69 63.81
C ARG B 242 1.38 -5.01 63.06
N LEU B 243 1.98 -6.03 63.68
CA LEU B 243 2.03 -7.37 63.10
C LEU B 243 0.96 -8.23 63.77
N PHE B 244 0.10 -8.82 62.96
CA PHE B 244 -1.02 -9.63 63.44
C PHE B 244 -0.89 -11.05 62.93
N HIS B 245 -1.14 -12.02 63.82
CA HIS B 245 -1.09 -13.43 63.47
C HIS B 245 -2.50 -13.92 63.15
N ALA B 246 -2.65 -14.58 62.00
CA ALA B 246 -3.96 -15.01 61.55
C ALA B 246 -4.46 -16.23 62.32
N GLU B 247 -3.66 -17.30 62.33
CA GLU B 247 -4.10 -18.53 62.99
C GLU B 247 -4.34 -18.30 64.48
N GLN B 248 -3.40 -17.64 65.15
CA GLN B 248 -3.53 -17.38 66.58
C GLN B 248 -4.50 -16.24 66.88
N GLU B 249 -4.74 -15.35 65.92
CA GLU B 249 -5.60 -14.20 66.12
C GLU B 249 -5.12 -13.37 67.32
N LYS B 250 -3.82 -13.09 67.34
CA LYS B 250 -3.18 -12.39 68.44
C LYS B 250 -2.16 -11.41 67.89
N PHE B 251 -1.73 -10.49 68.76
CA PHE B 251 -0.79 -9.43 68.39
C PHE B 251 0.54 -9.63 69.12
N LEU B 252 1.63 -9.41 68.40
CA LEU B 252 2.96 -9.46 68.99
C LEU B 252 3.23 -8.18 69.78
N THR B 253 3.93 -8.33 70.90
CA THR B 253 4.19 -7.20 71.78
C THR B 253 5.47 -7.46 72.55
N CYS B 254 6.04 -6.38 73.09
CA CYS B 254 7.20 -6.45 73.96
C CYS B 254 6.91 -5.70 75.25
N ASP B 255 7.12 -6.35 76.39
CA ASP B 255 6.79 -5.76 77.67
C ASP B 255 7.73 -6.28 78.75
N GLU B 256 7.80 -5.54 79.86
CA GLU B 256 8.63 -5.91 81.00
C GLU B 256 7.79 -6.76 81.94
N TYR B 257 7.84 -8.09 81.73
CA TYR B 257 7.02 -8.99 82.54
C TYR B 257 7.40 -8.93 84.01
N LYS B 258 8.64 -9.29 84.34
CA LYS B 258 9.12 -9.36 85.71
C LYS B 258 10.45 -8.62 85.84
N GLY B 259 10.50 -7.41 85.30
CA GLY B 259 11.70 -6.60 85.33
C GLY B 259 12.62 -6.79 84.14
N LYS B 260 12.32 -7.73 83.25
CA LYS B 260 13.11 -7.97 82.06
C LYS B 260 12.20 -7.90 80.84
N LEU B 261 12.67 -7.23 79.78
CA LEU B 261 11.88 -7.08 78.58
C LEU B 261 11.79 -8.41 77.84
N GLN B 262 10.58 -8.78 77.43
CA GLN B 262 10.33 -10.01 76.71
C GLN B 262 9.31 -9.76 75.61
N VAL B 263 9.45 -10.52 74.53
CA VAL B 263 8.57 -10.44 73.36
C VAL B 263 7.65 -11.65 73.37
N PHE B 264 6.36 -11.40 73.16
CA PHE B 264 5.37 -12.46 73.28
C PHE B 264 4.16 -12.14 72.40
N LEU B 265 3.42 -13.20 72.06
CA LEU B 265 2.17 -13.07 71.33
C LEU B 265 1.03 -13.00 72.34
N ARG B 266 0.57 -11.78 72.61
CA ARG B 266 -0.38 -11.58 73.71
C ARG B 266 -1.76 -12.11 73.33
N THR B 267 -2.36 -12.88 74.24
CA THR B 267 -3.71 -13.38 74.05
C THR B 267 -4.72 -12.32 74.48
N THR B 268 -5.85 -12.28 73.77
CA THR B 268 -6.92 -11.33 74.05
C THR B 268 -8.23 -12.07 74.27
N LEU B 269 -8.98 -11.64 75.27
CA LEU B 269 -10.30 -12.19 75.56
C LEU B 269 -11.42 -11.41 74.89
N ARG B 270 -11.10 -10.39 74.10
CA ARG B 270 -12.13 -9.61 73.42
C ARG B 270 -12.80 -10.44 72.33
N GLN B 271 -13.99 -9.99 71.93
CA GLN B 271 -14.72 -10.62 70.84
C GLN B 271 -14.28 -10.10 69.47
N SER B 272 -13.38 -9.12 69.43
CA SER B 272 -12.87 -8.57 68.17
C SER B 272 -11.36 -8.46 68.29
N ALA B 273 -10.64 -9.34 67.58
CA ALA B 273 -9.19 -9.34 67.67
C ALA B 273 -8.59 -8.03 67.16
N THR B 274 -9.15 -7.49 66.08
CA THR B 274 -8.62 -6.26 65.51
C THR B 274 -8.64 -5.11 66.51
N SER B 275 -9.59 -5.13 67.45
CA SER B 275 -9.69 -4.08 68.44
C SER B 275 -8.68 -4.24 69.58
N ALA B 276 -7.99 -5.38 69.65
CA ALA B 276 -7.01 -5.63 70.71
C ALA B 276 -5.67 -5.01 70.29
N THR B 277 -5.63 -3.69 70.32
CA THR B 277 -4.46 -2.91 69.92
C THR B 277 -3.94 -2.14 71.12
N SER B 278 -2.63 -2.20 71.34
CA SER B 278 -1.97 -1.50 72.42
C SER B 278 -0.77 -0.74 71.88
N SER B 279 -0.44 0.37 72.55
CA SER B 279 0.68 1.19 72.11
C SER B 279 1.99 0.42 72.19
N ASN B 280 2.17 -0.38 73.23
CA ASN B 280 3.39 -1.17 73.39
C ASN B 280 3.54 -2.23 72.32
N ALA B 281 2.48 -2.54 71.56
CA ALA B 281 2.54 -3.50 70.48
C ALA B 281 2.93 -2.88 69.14
N LEU B 282 3.20 -1.58 69.12
CA LEU B 282 3.59 -0.91 67.89
C LEU B 282 5.02 -1.29 67.51
N TRP B 283 5.24 -1.57 66.23
CA TRP B 283 6.56 -1.91 65.72
C TRP B 283 6.91 -1.03 64.54
N GLU B 284 8.20 -0.77 64.39
CA GLU B 284 8.74 0.06 63.32
C GLU B 284 9.67 -0.78 62.45
N VAL B 285 9.67 -0.47 61.15
CA VAL B 285 10.48 -1.19 60.17
C VAL B 285 11.70 -0.35 59.84
N GLU B 286 12.87 -0.98 59.85
CA GLU B 286 14.13 -0.33 59.52
C GLU B 286 14.75 -1.04 58.32
N VAL B 287 15.21 -0.26 57.35
CA VAL B 287 15.82 -0.79 56.14
C VAL B 287 17.34 -0.68 56.26
N VAL B 288 18.04 -1.66 55.69
CA VAL B 288 19.49 -1.72 55.72
C VAL B 288 20.02 -1.24 54.38
N HIS B 289 20.87 -0.23 54.41
CA HIS B 289 21.49 0.33 53.21
C HIS B 289 22.98 0.52 53.46
N HIS B 290 23.71 0.82 52.37
CA HIS B 290 25.14 1.03 52.49
C HIS B 290 25.45 2.21 53.41
N ASP B 291 24.71 3.30 53.26
CA ASP B 291 24.87 4.45 54.13
C ASP B 291 24.07 4.24 55.42
N PRO B 292 24.69 4.30 56.60
CA PRO B 292 23.92 4.05 57.82
C PRO B 292 22.75 5.01 58.01
N CYS B 293 22.87 6.24 57.54
CA CYS B 293 21.82 7.25 57.68
C CYS B 293 20.79 7.18 56.56
N ARG B 294 20.93 6.25 55.62
CA ARG B 294 20.02 6.12 54.49
C ARG B 294 19.04 4.98 54.77
N GLY B 295 17.75 5.30 54.77
CA GLY B 295 16.72 4.30 54.97
C GLY B 295 16.03 3.89 53.70
N GLY B 296 15.67 4.88 52.87
CA GLY B 296 15.01 4.58 51.62
C GLY B 296 13.71 3.83 51.83
N ALA B 297 13.36 3.02 50.84
CA ALA B 297 12.18 2.15 50.90
C ALA B 297 12.62 0.72 50.71
N GLY B 298 12.08 -0.17 51.55
CA GLY B 298 12.53 -1.56 51.53
C GLY B 298 12.07 -2.28 50.28
N HIS B 299 12.97 -3.07 49.70
CA HIS B 299 12.65 -3.93 48.56
C HIS B 299 12.38 -5.35 49.05
N TRP B 300 11.75 -6.14 48.19
CA TRP B 300 11.44 -7.53 48.55
C TRP B 300 12.69 -8.37 48.74
N ASN B 301 13.84 -7.91 48.25
CA ASN B 301 15.11 -8.62 48.39
C ASN B 301 16.09 -7.87 49.28
N GLY B 302 15.57 -7.09 50.23
CA GLY B 302 16.41 -6.30 51.11
C GLY B 302 16.23 -6.73 52.56
N LEU B 303 17.32 -6.62 53.32
CA LEU B 303 17.29 -6.96 54.73
C LEU B 303 16.44 -5.96 55.50
N TYR B 304 15.75 -6.46 56.53
CA TYR B 304 14.87 -5.64 57.35
C TYR B 304 15.15 -5.87 58.82
N ARG B 305 14.81 -4.86 59.62
CA ARG B 305 14.91 -4.94 61.07
C ARG B 305 13.63 -4.42 61.69
N PHE B 306 13.31 -4.92 62.87
CA PHE B 306 12.12 -4.51 63.61
C PHE B 306 12.54 -3.81 64.89
N LYS B 307 11.88 -2.68 65.18
CA LYS B 307 12.21 -1.85 66.34
C LYS B 307 10.95 -1.61 67.15
N HIS B 308 11.13 -1.46 68.46
CA HIS B 308 10.01 -1.16 69.35
C HIS B 308 9.89 0.36 69.49
N LEU B 309 8.69 0.88 69.19
CA LEU B 309 8.47 2.32 69.20
C LEU B 309 8.49 2.91 70.60
N ALA B 310 8.41 2.10 71.65
CA ALA B 310 8.39 2.59 73.02
C ALA B 310 9.67 2.24 73.77
N THR B 311 10.03 0.95 73.83
CA THR B 311 11.24 0.55 74.53
C THR B 311 12.49 0.84 73.71
N GLY B 312 12.38 0.81 72.38
CA GLY B 312 13.51 1.05 71.51
C GLY B 312 14.32 -0.17 71.18
N ASN B 313 14.02 -1.32 71.79
CA ASN B 313 14.75 -2.55 71.50
C ASN B 313 14.26 -3.15 70.18
N TYR B 314 15.15 -3.90 69.53
CA TYR B 314 14.87 -4.51 68.24
C TYR B 314 14.62 -6.00 68.41
N LEU B 315 13.72 -6.53 67.58
CA LEU B 315 13.41 -7.95 67.62
C LEU B 315 14.59 -8.77 67.13
N ALA B 316 14.81 -9.92 67.75
CA ALA B 316 15.87 -10.84 67.35
C ALA B 316 15.53 -12.22 67.88
N ALA B 317 16.34 -13.21 67.48
CA ALA B 317 16.19 -14.58 67.93
C ALA B 317 17.50 -15.04 68.57
N GLU B 318 17.40 -15.68 69.73
CA GLU B 318 18.57 -16.13 70.45
C GLU B 318 18.32 -17.54 70.98
N GLU B 319 19.41 -18.26 71.24
CA GLU B 319 19.35 -19.64 71.69
C GLU B 319 18.31 -19.82 72.78
N ASN B 320 17.33 -20.70 72.53
CA ASN B 320 16.26 -20.93 73.47
C ASN B 320 16.69 -21.95 74.52
N PRO B 321 16.61 -21.62 75.83
CA PRO B 321 16.96 -22.60 76.86
C PRO B 321 16.17 -23.91 76.73
N ILE B 350 11.90 -26.24 70.01
CA ILE B 350 12.42 -24.94 69.60
C ILE B 350 13.89 -24.83 69.97
N LYS B 351 14.70 -24.33 69.03
CA LYS B 351 16.10 -24.07 69.28
C LYS B 351 16.40 -22.59 69.53
N TYR B 352 15.59 -21.69 68.97
CA TYR B 352 15.77 -20.26 69.13
C TYR B 352 14.44 -19.62 69.51
N CYS B 353 14.49 -18.69 70.45
CA CYS B 353 13.32 -17.95 70.90
C CYS B 353 13.47 -16.48 70.57
N LEU B 354 12.34 -15.81 70.33
CA LEU B 354 12.34 -14.40 69.98
C LEU B 354 12.42 -13.55 71.24
N VAL B 355 13.32 -12.57 71.22
CA VAL B 355 13.53 -11.64 72.31
C VAL B 355 13.85 -10.26 71.74
N ALA B 356 14.07 -9.31 72.62
CA ALA B 356 14.40 -7.94 72.26
C ALA B 356 15.82 -7.62 72.69
N VAL B 357 16.55 -6.94 71.80
CA VAL B 357 17.95 -6.58 72.05
C VAL B 357 18.07 -5.07 72.09
N PRO B 358 19.05 -4.51 72.80
CA PRO B 358 19.12 -3.05 72.95
C PRO B 358 19.66 -2.33 71.72
N HIS B 359 20.53 -2.99 70.97
CA HIS B 359 21.19 -2.37 69.83
C HIS B 359 21.03 -3.26 68.59
N GLY B 360 20.97 -2.60 67.44
CA GLY B 360 20.80 -3.30 66.17
C GLY B 360 22.10 -3.45 65.41
N ASN B 361 23.23 -3.30 66.09
CA ASN B 361 24.54 -3.41 65.47
C ASN B 361 25.02 -4.86 65.33
N ASP B 362 24.12 -5.82 65.42
CA ASP B 362 24.45 -7.23 65.30
C ASP B 362 23.51 -7.90 64.30
N ILE B 363 24.02 -8.92 63.62
CA ILE B 363 23.25 -9.64 62.62
C ILE B 363 22.03 -10.33 63.21
N ALA B 364 21.96 -10.48 64.52
CA ALA B 364 20.82 -11.15 65.14
C ALA B 364 19.52 -10.39 64.85
N SER B 365 19.56 -9.06 64.93
CA SER B 365 18.35 -8.27 64.71
C SER B 365 17.88 -8.34 63.26
N LEU B 366 18.75 -8.73 62.33
CA LEU B 366 18.37 -8.75 60.93
C LEU B 366 17.25 -9.76 60.69
N PHE B 367 16.33 -9.41 59.79
CA PHE B 367 15.21 -10.28 59.44
C PHE B 367 14.86 -10.04 57.98
N GLU B 368 14.17 -11.01 57.39
CA GLU B 368 13.69 -10.90 56.02
C GLU B 368 12.21 -11.29 55.98
N LEU B 369 11.50 -10.70 55.01
CA LEU B 369 10.06 -10.91 54.85
C LEU B 369 9.84 -11.73 53.58
N ASP B 370 9.55 -13.01 53.75
CA ASP B 370 9.19 -13.86 52.63
C ASP B 370 7.74 -13.61 52.25
N PRO B 371 7.44 -13.20 51.02
CA PRO B 371 6.04 -12.96 50.66
C PRO B 371 5.24 -14.25 50.64
N THR B 372 3.99 -14.15 51.08
CA THR B 372 3.09 -15.30 51.02
C THR B 372 2.57 -15.54 49.62
N THR B 373 2.31 -14.47 48.88
CA THR B 373 1.78 -14.53 47.52
C THR B 373 2.82 -14.01 46.53
N LEU B 374 2.43 -13.95 45.26
CA LEU B 374 3.32 -13.46 44.23
C LEU B 374 3.64 -11.98 44.42
N GLN B 375 4.85 -11.60 44.04
CA GLN B 375 5.31 -10.23 44.15
C GLN B 375 5.87 -9.76 42.81
N LYS B 376 5.88 -8.45 42.62
CA LYS B 376 6.35 -7.83 41.38
C LYS B 376 7.87 -7.71 41.44
N THR B 377 8.54 -8.85 41.25
CA THR B 377 10.01 -8.95 41.23
C THR B 377 10.54 -8.28 42.50
N ASP B 378 11.46 -7.32 42.41
CA ASP B 378 12.03 -6.65 43.57
C ASP B 378 11.34 -5.33 43.88
N SER B 379 10.05 -5.23 43.59
CA SER B 379 9.32 -4.00 43.84
C SER B 379 9.21 -3.73 45.34
N PHE B 380 8.99 -2.46 45.67
CA PHE B 380 8.87 -2.08 47.07
C PHE B 380 7.71 -2.79 47.73
N VAL B 381 7.91 -3.19 48.97
CA VAL B 381 6.88 -3.97 49.68
C VAL B 381 5.65 -3.10 49.89
N PRO B 382 4.45 -3.55 49.50
CA PRO B 382 3.25 -2.76 49.77
C PRO B 382 2.81 -2.90 51.21
N ARG B 383 2.28 -1.80 51.75
CA ARG B 383 1.79 -1.81 53.12
C ARG B 383 0.54 -2.68 53.25
N ASN B 384 0.40 -3.30 54.41
CA ASN B 384 -0.73 -4.18 54.71
C ASN B 384 -0.74 -5.39 53.76
N SER B 385 0.38 -6.12 53.78
CA SER B 385 0.54 -7.32 52.97
C SER B 385 1.07 -8.45 53.85
N TYR B 386 0.51 -9.64 53.67
CA TYR B 386 0.95 -10.80 54.43
C TYR B 386 2.40 -11.13 54.13
N VAL B 387 3.16 -11.45 55.18
CA VAL B 387 4.56 -11.79 55.04
C VAL B 387 4.91 -12.85 56.08
N ARG B 388 6.05 -13.51 55.88
CA ARG B 388 6.58 -14.47 56.84
C ARG B 388 7.96 -14.01 57.29
N LEU B 389 8.16 -13.94 58.60
CA LEU B 389 9.44 -13.51 59.15
C LEU B 389 10.45 -14.64 59.07
N ARG B 390 11.66 -14.34 58.60
CA ARG B 390 12.74 -15.30 58.56
C ARG B 390 14.00 -14.69 59.15
N HIS B 391 14.70 -15.46 59.97
CA HIS B 391 15.91 -15.02 60.64
C HIS B 391 17.11 -15.53 59.85
N LEU B 392 17.80 -14.61 59.17
CA LEU B 392 18.92 -14.99 58.31
C LEU B 392 20.21 -15.21 59.07
N CYS B 393 20.30 -14.74 60.32
CA CYS B 393 21.54 -14.89 61.07
C CYS B 393 21.88 -16.36 61.30
N THR B 394 20.88 -17.17 61.65
CA THR B 394 21.08 -18.59 61.88
C THR B 394 20.27 -19.45 60.93
N ASN B 395 19.67 -18.85 59.90
CA ASN B 395 18.91 -19.58 58.88
C ASN B 395 17.83 -20.45 59.52
N THR B 396 16.98 -19.79 60.32
CA THR B 396 15.84 -20.44 60.96
C THR B 396 14.57 -19.67 60.63
N TRP B 397 13.46 -20.39 60.62
CA TRP B 397 12.16 -19.83 60.26
C TRP B 397 11.33 -19.58 61.51
N ILE B 398 10.75 -18.38 61.60
CA ILE B 398 9.95 -18.02 62.76
C ILE B 398 8.66 -18.84 62.77
N GLN B 399 8.19 -19.16 63.96
CA GLN B 399 6.95 -19.91 64.13
C GLN B 399 6.27 -19.43 65.41
N SER B 400 5.09 -19.98 65.67
CA SER B 400 4.30 -19.63 66.85
C SER B 400 3.95 -20.89 67.61
N THR B 401 3.96 -20.81 68.94
CA THR B 401 3.65 -21.92 69.82
C THR B 401 2.72 -21.46 70.92
N ASN B 402 1.97 -22.41 71.47
CA ASN B 402 1.00 -22.14 72.52
C ASN B 402 1.60 -22.18 73.91
N VAL B 403 2.90 -22.42 74.04
CA VAL B 403 3.54 -22.47 75.36
C VAL B 403 3.59 -21.05 75.92
N PRO B 404 2.96 -20.77 77.06
CA PRO B 404 3.01 -19.41 77.60
C PRO B 404 4.38 -19.06 78.15
N ILE B 405 4.68 -17.76 78.16
CA ILE B 405 5.90 -17.26 78.78
C ILE B 405 5.66 -16.83 80.23
N ASP B 406 4.40 -16.62 80.63
CA ASP B 406 4.08 -16.16 81.97
C ASP B 406 3.21 -17.19 82.69
N ILE B 407 3.60 -18.46 82.61
CA ILE B 407 2.83 -19.52 83.25
C ILE B 407 2.72 -19.31 84.75
N GLU B 408 3.59 -18.48 85.34
CA GLU B 408 3.54 -18.26 86.78
C GLU B 408 2.21 -17.65 87.22
N GLU B 409 1.59 -16.87 86.35
CA GLU B 409 0.32 -16.22 86.67
C GLU B 409 -0.84 -17.00 86.07
N GLU B 410 -1.92 -17.11 86.83
CA GLU B 410 -3.09 -17.84 86.37
C GLU B 410 -3.65 -17.20 85.09
N ARG B 411 -4.08 -18.04 84.16
CA ARG B 411 -4.58 -17.59 82.87
C ARG B 411 -3.51 -16.75 82.17
N PRO B 412 -2.40 -17.35 81.78
CA PRO B 412 -1.33 -16.57 81.15
C PRO B 412 -1.77 -15.98 79.82
N ILE B 413 -1.22 -14.82 79.49
CA ILE B 413 -1.50 -14.15 78.23
C ILE B 413 -0.29 -14.13 77.30
N ARG B 414 0.93 -14.03 77.84
CA ARG B 414 2.12 -14.03 77.00
C ARG B 414 2.37 -15.41 76.43
N LEU B 415 2.63 -15.48 75.13
CA LEU B 415 2.85 -16.74 74.43
C LEU B 415 4.21 -16.72 73.75
N MET B 416 4.90 -17.85 73.81
CA MET B 416 6.24 -17.96 73.22
C MET B 416 6.15 -18.00 71.70
N LEU B 417 7.16 -17.41 71.05
CA LEU B 417 7.28 -17.42 69.59
C LEU B 417 8.69 -17.89 69.27
N GLY B 418 8.84 -19.19 69.03
CA GLY B 418 10.12 -19.78 68.72
C GLY B 418 10.40 -19.81 67.23
N THR B 419 11.39 -20.61 66.86
CA THR B 419 11.81 -20.78 65.47
C THR B 419 11.89 -22.26 65.14
N CYS B 420 11.66 -22.57 63.87
CA CYS B 420 11.70 -23.94 63.38
C CYS B 420 12.67 -24.04 62.21
N PRO B 421 13.46 -25.11 62.12
CA PRO B 421 14.36 -25.24 60.96
C PRO B 421 13.65 -25.23 59.63
N THR B 422 12.45 -25.80 59.55
CA THR B 422 11.68 -25.84 58.32
C THR B 422 10.72 -24.64 58.25
N LYS B 423 10.17 -24.43 57.07
CA LYS B 423 9.25 -23.33 56.82
C LYS B 423 7.81 -23.81 56.87
N GLU B 424 6.96 -23.04 57.53
CA GLU B 424 5.53 -23.32 57.64
C GLU B 424 4.75 -22.19 57.00
N ASP B 425 3.81 -22.53 56.13
CA ASP B 425 3.03 -21.52 55.42
C ASP B 425 2.01 -20.85 56.32
N LYS B 426 1.64 -21.47 57.44
CA LYS B 426 0.65 -20.88 58.34
C LYS B 426 1.21 -19.75 59.18
N GLU B 427 2.53 -19.66 59.31
CA GLU B 427 3.16 -18.61 60.12
C GLU B 427 3.35 -17.35 59.27
N ALA B 428 2.23 -16.72 58.95
CA ALA B 428 2.20 -15.50 58.15
C ALA B 428 1.68 -14.35 59.02
N PHE B 429 2.39 -13.23 59.00
CA PHE B 429 2.04 -12.05 59.77
C PHE B 429 1.54 -10.96 58.84
N ALA B 430 0.39 -10.37 59.18
CA ALA B 430 -0.21 -9.30 58.40
C ALA B 430 0.16 -7.95 59.01
N ILE B 431 0.33 -6.95 58.15
CA ILE B 431 0.74 -5.61 58.55
C ILE B 431 -0.50 -4.74 58.67
N VAL B 432 -0.54 -3.90 59.70
CA VAL B 432 -1.64 -2.99 59.95
C VAL B 432 -1.08 -1.59 60.15
N SER B 433 -1.66 -0.61 59.46
CA SER B 433 -1.18 0.76 59.54
C SER B 433 -1.55 1.38 60.88
N VAL B 434 -0.88 2.49 61.20
CA VAL B 434 -1.09 3.19 62.47
C VAL B 434 -1.22 4.68 62.19
N PRO B 435 -2.21 5.37 62.75
CA PRO B 435 -2.33 6.81 62.54
C PRO B 435 -1.24 7.58 63.26
N VAL B 436 -0.95 8.78 62.74
CA VAL B 436 0.09 9.62 63.31
C VAL B 436 -0.26 10.04 64.73
N SER B 437 -1.56 10.10 65.06
CA SER B 437 -1.97 10.51 66.39
C SER B 437 -1.41 9.56 67.45
N GLU B 438 -1.45 8.25 67.16
CA GLU B 438 -0.91 7.29 68.11
C GLU B 438 0.59 7.51 68.33
N ILE B 439 1.33 7.77 67.26
CA ILE B 439 2.76 8.00 67.38
C ILE B 439 3.03 9.24 68.23
N ARG B 440 2.30 10.32 67.95
CA ARG B 440 2.49 11.55 68.72
C ARG B 440 2.18 11.32 70.20
N ASP B 441 1.07 10.64 70.48
CA ASP B 441 0.68 10.37 71.86
C ASP B 441 1.73 9.52 72.56
N LEU B 442 2.23 8.48 71.88
CA LEU B 442 3.23 7.62 72.50
C LEU B 442 4.53 8.38 72.77
N ASP B 443 4.97 9.21 71.83
CA ASP B 443 6.18 9.99 72.06
C ASP B 443 6.01 10.95 73.23
N PHE B 444 4.87 11.64 73.29
CA PHE B 444 4.62 12.55 74.39
C PHE B 444 4.59 11.79 75.72
N ALA B 445 3.93 10.63 75.74
CA ALA B 445 3.87 9.84 76.96
C ALA B 445 5.25 9.39 77.40
N ASN B 446 6.08 8.94 76.46
CA ASN B 446 7.42 8.50 76.82
C ASN B 446 8.25 9.65 77.37
N ASP B 447 8.20 10.82 76.72
CA ASP B 447 8.95 11.96 77.22
C ASP B 447 8.48 12.35 78.63
N ALA B 448 7.16 12.42 78.82
CA ALA B 448 6.61 12.79 80.12
C ALA B 448 7.01 11.77 81.18
N SER B 449 6.98 10.48 80.84
CA SER B 449 7.40 9.46 81.80
C SER B 449 8.86 9.63 82.16
N SER B 450 9.70 9.98 81.18
CA SER B 450 11.11 10.23 81.48
C SER B 450 11.27 11.37 82.47
N MET B 451 10.59 12.49 82.22
CA MET B 451 10.75 13.62 83.15
C MET B 451 10.16 13.30 84.52
N LEU B 452 9.06 12.55 84.56
CA LEU B 452 8.47 12.19 85.85
C LEU B 452 9.37 11.25 86.63
N ALA B 453 10.04 10.32 85.94
CA ALA B 453 11.02 9.48 86.62
C ALA B 453 12.18 10.31 87.16
N SER B 454 12.64 11.28 86.38
CA SER B 454 13.68 12.17 86.88
C SER B 454 13.21 12.94 88.11
N ALA B 455 11.97 13.41 88.08
CA ALA B 455 11.42 14.15 89.23
C ALA B 455 11.31 13.24 90.45
N VAL B 456 10.89 11.99 90.26
CA VAL B 456 10.82 11.06 91.38
C VAL B 456 12.19 10.81 91.96
N GLU B 457 13.20 10.64 91.10
CA GLU B 457 14.56 10.46 91.59
C GLU B 457 15.02 11.68 92.38
N LYS B 458 14.73 12.88 91.87
CA LYS B 458 15.11 14.10 92.59
C LYS B 458 14.42 14.17 93.96
N LEU B 459 13.13 13.84 94.00
CA LEU B 459 12.40 13.89 95.27
C LEU B 459 12.97 12.89 96.26
N ASN B 460 13.29 11.68 95.79
CA ASN B 460 13.86 10.67 96.68
C ASN B 460 15.21 11.08 97.22
N GLU B 461 15.91 11.99 96.54
CA GLU B 461 17.21 12.46 97.00
C GLU B 461 17.11 13.41 98.19
N GLY B 462 15.91 13.87 98.53
CA GLY B 462 15.74 14.77 99.67
C GLY B 462 15.97 16.23 99.38
N PHE B 463 16.15 16.60 98.10
CA PHE B 463 16.37 18.00 97.76
C PHE B 463 15.96 18.21 96.31
N ILE B 464 15.11 19.21 96.08
CA ILE B 464 14.65 19.58 94.75
C ILE B 464 14.76 21.09 94.60
N SER B 465 15.34 21.54 93.49
CA SER B 465 15.49 22.97 93.25
C SER B 465 14.14 23.60 92.91
N GLN B 466 14.06 24.92 93.11
CA GLN B 466 12.83 25.63 92.80
C GLN B 466 12.49 25.52 91.32
N ASN B 467 13.49 25.65 90.45
CA ASN B 467 13.25 25.51 89.01
C ASN B 467 12.78 24.11 88.68
N ASP B 468 13.37 23.09 89.32
CA ASP B 468 12.92 21.72 89.09
C ASP B 468 11.48 21.54 89.54
N ARG B 469 11.12 22.12 90.69
CA ARG B 469 9.75 22.02 91.17
C ARG B 469 8.78 22.69 90.19
N ARG B 470 9.16 23.86 89.66
CA ARG B 470 8.32 24.53 88.68
C ARG B 470 8.16 23.69 87.42
N PHE B 471 9.25 23.07 86.97
CA PHE B 471 9.16 22.21 85.78
C PHE B 471 8.24 21.03 86.04
N VAL B 472 8.34 20.41 87.22
CA VAL B 472 7.47 19.28 87.55
C VAL B 472 6.02 19.72 87.58
N ILE B 473 5.75 20.88 88.18
CA ILE B 473 4.38 21.38 88.24
C ILE B 473 3.85 21.64 86.84
N GLN B 474 4.67 22.24 85.97
CA GLN B 474 4.24 22.49 84.60
C GLN B 474 3.95 21.19 83.87
N LEU B 475 4.81 20.18 84.06
CA LEU B 475 4.58 18.89 83.42
C LEU B 475 3.28 18.26 83.89
N LEU B 476 3.01 18.34 85.19
CA LEU B 476 1.75 17.82 85.71
C LEU B 476 0.57 18.59 85.13
N GLU B 477 0.74 19.89 84.93
CA GLU B 477 -0.31 20.69 84.30
C GLU B 477 -0.59 20.20 82.88
N ASP B 478 0.46 20.00 82.09
CA ASP B 478 0.25 19.51 80.72
C ASP B 478 -0.35 18.11 80.73
N LEU B 479 0.04 17.28 81.70
CA LEU B 479 -0.53 15.95 81.80
C LEU B 479 -2.02 16.02 82.11
N VAL B 480 -2.41 16.90 83.03
CA VAL B 480 -3.82 17.08 83.33
C VAL B 480 -4.58 17.50 82.08
N PHE B 481 -4.02 18.46 81.34
CA PHE B 481 -4.68 18.91 80.12
C PHE B 481 -4.82 17.77 79.12
N PHE B 482 -3.77 16.96 78.98
CA PHE B 482 -3.80 15.85 78.03
C PHE B 482 -4.86 14.82 78.42
N VAL B 483 -4.93 14.47 79.72
CA VAL B 483 -5.93 13.49 80.16
C VAL B 483 -7.33 14.05 79.94
N SER B 484 -7.55 15.30 80.35
CA SER B 484 -8.86 15.91 80.18
C SER B 484 -9.22 16.11 78.71
N ASP B 485 -8.22 16.21 77.83
CA ASP B 485 -8.46 16.42 76.40
C ASP B 485 -9.25 17.71 76.17
N VAL B 486 -8.94 18.74 76.95
CA VAL B 486 -9.60 20.03 76.83
C VAL B 486 -8.56 21.08 76.48
N PRO B 487 -8.83 22.01 75.55
CA PRO B 487 -7.84 23.04 75.23
C PRO B 487 -7.51 23.90 76.45
N ASN B 488 -6.26 24.33 76.52
CA ASN B 488 -5.78 25.18 77.62
C ASN B 488 -6.24 26.61 77.34
N ASN B 489 -7.27 27.06 78.05
CA ASN B 489 -7.81 28.41 77.89
C ASN B 489 -7.75 29.20 79.18
N GLY B 490 -6.89 28.81 80.12
CA GLY B 490 -6.73 29.51 81.37
C GLY B 490 -7.70 29.09 82.46
N GLN B 491 -8.64 28.19 82.17
CA GLN B 491 -9.57 27.74 83.19
C GLN B 491 -8.82 26.99 84.29
N ASN B 492 -9.33 27.12 85.53
CA ASN B 492 -8.71 26.43 86.65
C ASN B 492 -8.71 24.93 86.39
N VAL B 493 -7.51 24.37 86.18
CA VAL B 493 -7.41 22.94 85.88
C VAL B 493 -7.85 22.11 87.06
N LEU B 494 -7.68 22.63 88.28
CA LEU B 494 -8.13 21.90 89.47
C LEU B 494 -9.61 21.57 89.38
N ASP B 495 -10.40 22.39 88.69
CA ASP B 495 -11.83 22.16 88.49
C ASP B 495 -12.15 21.88 87.04
N ILE B 496 -11.18 21.37 86.27
CA ILE B 496 -11.42 21.09 84.86
C ILE B 496 -12.49 20.00 84.74
N MET B 497 -13.29 20.10 83.69
CA MET B 497 -14.43 19.21 83.48
C MET B 497 -14.34 18.64 82.07
N VAL B 498 -14.37 17.31 81.98
CA VAL B 498 -14.25 16.60 80.72
C VAL B 498 -15.56 15.87 80.43
N THR B 499 -16.16 16.14 79.27
CA THR B 499 -17.45 15.56 78.96
C THR B 499 -17.34 14.08 78.62
N LYS B 500 -16.36 13.70 77.81
CA LYS B 500 -16.21 12.32 77.35
C LYS B 500 -14.75 11.91 77.54
N PRO B 501 -14.45 10.95 78.42
CA PRO B 501 -13.06 10.51 78.56
C PRO B 501 -12.55 9.84 77.30
N ASN B 502 -11.24 9.95 77.06
CA ASN B 502 -10.58 9.33 75.93
C ASN B 502 -10.01 7.99 76.39
N ARG B 503 -10.62 6.89 75.93
CA ARG B 503 -10.19 5.57 76.36
C ARG B 503 -8.76 5.28 75.93
N GLU B 504 -8.41 5.67 74.70
CA GLU B 504 -7.06 5.39 74.21
C GLU B 504 -6.01 6.10 75.06
N ARG B 505 -6.25 7.35 75.42
CA ARG B 505 -5.29 8.09 76.24
C ARG B 505 -5.13 7.43 77.60
N GLN B 506 -6.25 7.03 78.22
CA GLN B 506 -6.17 6.38 79.52
C GLN B 506 -5.41 5.07 79.45
N LYS B 507 -5.66 4.28 78.40
CA LYS B 507 -4.90 3.05 78.23
C LYS B 507 -3.43 3.33 78.05
N LEU B 508 -3.09 4.38 77.29
CA LEU B 508 -1.69 4.75 77.11
C LEU B 508 -1.06 5.12 78.44
N MET B 509 -1.76 5.88 79.27
CA MET B 509 -1.21 6.24 80.58
C MET B 509 -1.00 5.00 81.44
N ARG B 510 -1.97 4.09 81.44
CA ARG B 510 -1.86 2.89 82.28
C ARG B 510 -0.69 2.02 81.83
N GLU B 511 -0.57 1.77 80.52
CA GLU B 511 0.42 0.84 80.02
C GLU B 511 1.83 1.43 80.05
N GLN B 512 1.95 2.75 80.00
CA GLN B 512 3.26 3.41 80.01
C GLN B 512 3.76 3.72 81.41
N ASN B 513 3.03 3.30 82.44
CA ASN B 513 3.44 3.47 83.83
C ASN B 513 3.45 4.93 84.26
N ILE B 514 2.73 5.80 83.55
CA ILE B 514 2.64 7.19 83.98
C ILE B 514 1.92 7.29 85.32
N LEU B 515 0.87 6.49 85.50
CA LEU B 515 0.17 6.49 86.78
C LEU B 515 1.09 6.01 87.90
N LYS B 516 1.96 5.04 87.61
CA LYS B 516 2.95 4.63 88.60
C LYS B 516 3.88 5.76 88.96
N GLN B 517 4.28 6.56 87.97
CA GLN B 517 5.11 7.73 88.25
C GLN B 517 4.37 8.74 89.11
N VAL B 518 3.07 8.93 88.84
CA VAL B 518 2.28 9.85 89.66
C VAL B 518 2.22 9.35 91.11
N PHE B 519 2.00 8.05 91.29
CA PHE B 519 1.98 7.49 92.63
C PHE B 519 3.32 7.66 93.32
N GLY B 520 4.42 7.45 92.60
CA GLY B 520 5.74 7.65 93.17
C GLY B 520 5.96 9.10 93.58
N ILE B 521 5.50 10.03 92.76
CA ILE B 521 5.61 11.45 93.10
C ILE B 521 4.82 11.75 94.36
N LEU B 522 3.61 11.18 94.47
CA LEU B 522 2.79 11.41 95.66
C LEU B 522 3.48 10.85 96.90
N LYS B 523 4.07 9.68 96.79
CA LYS B 523 4.65 8.98 97.95
C LYS B 523 6.06 9.42 98.29
N ALA B 524 6.74 10.15 97.40
CA ALA B 524 8.16 10.43 97.63
C ALA B 524 8.37 11.50 98.69
N PRO B 525 7.78 12.69 98.60
CA PRO B 525 8.08 13.73 99.60
C PRO B 525 7.79 13.29 101.03
N PHE B 526 6.75 12.51 101.24
CA PHE B 526 6.41 12.05 102.59
C PHE B 526 7.25 10.84 102.97
N ARG B 527 7.16 9.76 102.20
CA ARG B 527 7.94 8.56 102.46
C ARG B 527 7.68 8.03 103.87
N PRO B 534 11.25 14.31 106.70
CA PRO B 534 11.41 14.13 105.26
C PRO B 534 11.30 15.45 104.49
N LEU B 535 11.19 15.35 103.17
CA LEU B 535 11.08 16.56 102.36
C LEU B 535 9.82 17.35 102.72
N VAL B 536 8.69 16.66 102.85
CA VAL B 536 7.41 17.29 103.19
C VAL B 536 6.65 16.37 104.13
N ARG B 537 5.80 16.97 104.97
CA ARG B 537 4.97 16.24 105.91
C ARG B 537 3.52 16.64 105.72
N LEU B 538 2.62 15.67 105.91
CA LEU B 538 1.19 15.93 105.74
C LEU B 538 0.71 17.00 106.70
N GLU B 539 1.15 16.93 107.96
CA GLU B 539 0.70 17.91 108.95
C GLU B 539 1.23 19.30 108.64
N GLU B 540 2.39 19.39 107.99
CA GLU B 540 3.02 20.67 107.69
C GLU B 540 2.54 21.28 106.39
N LEU B 541 1.62 20.63 105.67
CA LEU B 541 1.13 21.18 104.42
C LEU B 541 0.43 22.52 104.63
N SER B 542 -0.16 22.72 105.81
CA SER B 542 -0.85 23.98 106.07
C SER B 542 0.11 25.16 106.03
N ASP B 543 1.39 24.94 106.33
CA ASP B 543 2.37 26.01 106.30
C ASP B 543 2.52 26.54 104.87
N GLN B 544 2.71 27.85 104.76
CA GLN B 544 2.82 28.48 103.45
C GLN B 544 4.05 28.03 102.68
N LYS B 545 5.08 27.53 103.37
CA LYS B 545 6.30 27.10 102.68
C LYS B 545 5.99 26.02 101.66
N ASN B 546 5.28 24.97 102.08
CA ASN B 546 5.01 23.83 101.22
C ASN B 546 3.79 24.04 100.32
N ALA B 547 3.36 25.28 100.11
CA ALA B 547 2.21 25.53 99.25
C ALA B 547 2.43 25.04 97.83
N PRO B 548 3.56 25.30 97.17
CA PRO B 548 3.77 24.72 95.84
C PRO B 548 3.74 23.21 95.85
N TYR B 549 4.27 22.57 96.91
CA TYR B 549 4.17 21.12 97.03
C TYR B 549 2.71 20.70 97.15
N GLN B 550 1.92 21.47 97.88
CA GLN B 550 0.50 21.17 98.01
C GLN B 550 -0.18 21.23 96.65
N HIS B 551 0.15 22.25 95.85
CA HIS B 551 -0.42 22.36 94.52
C HIS B 551 0.05 21.21 93.63
N MET B 552 1.28 20.76 93.82
CA MET B 552 1.79 19.61 93.06
C MET B 552 0.99 18.35 93.38
N PHE B 553 0.73 18.10 94.67
CA PHE B 553 -0.08 16.96 95.06
C PHE B 553 -1.49 17.10 94.51
N ARG B 554 -2.01 18.32 94.53
CA ARG B 554 -3.30 18.62 93.92
C ARG B 554 -3.35 18.21 92.46
N LEU B 555 -2.33 18.62 91.69
CA LEU B 555 -2.29 18.28 90.27
C LEU B 555 -2.17 16.77 90.07
N CYS B 556 -1.38 16.12 90.91
CA CYS B 556 -1.23 14.66 90.81
C CYS B 556 -2.55 13.96 91.06
N TYR B 557 -3.30 14.40 92.06
CA TYR B 557 -4.59 13.77 92.35
C TYR B 557 -5.60 14.06 91.25
N ARG B 558 -5.54 15.25 90.65
CA ARG B 558 -6.38 15.52 89.49
C ARG B 558 -6.05 14.56 88.35
N VAL B 559 -4.75 14.32 88.11
CA VAL B 559 -4.35 13.37 87.08
C VAL B 559 -4.92 11.99 87.39
N LEU B 560 -4.81 11.57 88.65
CA LEU B 560 -5.29 10.25 89.03
C LEU B 560 -6.79 10.13 88.81
N ARG B 561 -7.55 11.16 89.19
CA ARG B 561 -8.99 11.12 89.00
C ARG B 561 -9.37 11.10 87.53
N HIS B 562 -8.66 11.86 86.68
CA HIS B 562 -9.05 11.99 85.28
C HIS B 562 -8.67 10.79 84.43
N SER B 563 -7.88 9.85 84.96
CA SER B 563 -7.47 8.68 84.21
C SER B 563 -8.31 7.45 84.51
N GLN B 564 -9.35 7.57 85.35
CA GLN B 564 -10.17 6.44 85.76
C GLN B 564 -11.65 6.75 85.61
N GLU B 565 -12.01 7.56 84.62
CA GLU B 565 -13.40 7.94 84.39
C GLU B 565 -14.04 6.91 83.46
N ASP B 566 -14.88 6.06 84.03
CA ASP B 566 -15.56 5.00 83.26
C ASP B 566 -14.57 4.11 82.54
N TYR B 567 -13.58 3.60 83.28
CA TYR B 567 -12.61 2.66 82.75
C TYR B 567 -12.22 1.71 83.88
N ARG B 568 -12.68 0.46 83.79
CA ARG B 568 -12.52 -0.48 84.90
C ARG B 568 -11.04 -0.78 85.17
N LYS B 569 -10.25 -0.97 84.12
CA LYS B 569 -8.85 -1.35 84.33
C LYS B 569 -8.08 -0.28 85.08
N ASN B 570 -8.23 0.98 84.65
CA ASN B 570 -7.55 2.07 85.35
C ASN B 570 -8.09 2.22 86.77
N GLN B 571 -9.39 2.01 86.96
CA GLN B 571 -9.97 2.11 88.30
C GLN B 571 -9.33 1.09 89.23
N GLU B 572 -9.21 -0.16 88.79
CA GLU B 572 -8.57 -1.18 89.61
C GLU B 572 -7.09 -0.87 89.82
N HIS B 573 -6.41 -0.39 88.77
CA HIS B 573 -4.99 -0.09 88.91
C HIS B 573 -4.77 0.96 89.98
N ILE B 574 -5.60 2.00 90.00
CA ILE B 574 -5.48 3.04 91.00
C ILE B 574 -5.90 2.52 92.37
N ALA B 575 -6.97 1.73 92.42
CA ALA B 575 -7.46 1.21 93.70
C ALA B 575 -6.46 0.29 94.37
N LYS B 576 -5.53 -0.30 93.61
CA LYS B 576 -4.49 -1.10 94.24
C LYS B 576 -3.71 -0.31 95.28
N GLN B 577 -3.65 1.02 95.12
CA GLN B 577 -2.97 1.90 96.07
C GLN B 577 -3.96 2.60 96.98
N PHE B 578 -5.03 1.89 97.36
CA PHE B 578 -6.05 2.49 98.22
C PHE B 578 -5.49 2.87 99.57
N GLY B 579 -4.57 2.06 100.11
CA GLY B 579 -4.00 2.39 101.41
C GLY B 579 -3.26 3.71 101.40
N MET B 580 -2.39 3.90 100.41
CA MET B 580 -1.65 5.16 100.34
C MET B 580 -2.56 6.32 100.00
N MET B 581 -3.61 6.08 99.19
CA MET B 581 -4.55 7.15 98.91
C MET B 581 -5.29 7.59 100.17
N GLN B 582 -5.70 6.62 100.99
CA GLN B 582 -6.42 6.96 102.22
C GLN B 582 -5.50 7.57 103.26
N SER B 583 -4.21 7.23 103.21
CA SER B 583 -3.27 7.82 104.17
C SER B 583 -3.27 9.34 104.09
N GLN B 584 -3.62 9.90 102.93
CA GLN B 584 -3.68 11.34 102.74
C GLN B 584 -5.08 11.91 102.95
N ILE B 585 -6.02 11.09 103.42
CA ILE B 585 -7.39 11.55 103.60
C ILE B 585 -7.42 12.68 104.63
N GLY B 586 -8.38 13.59 104.46
CA GLY B 586 -8.59 14.70 105.38
C GLY B 586 -7.87 15.98 105.00
N TYR B 587 -6.61 15.88 104.61
CA TYR B 587 -5.84 17.06 104.26
C TYR B 587 -6.35 17.66 102.94
N ASP B 588 -6.09 18.95 102.77
CA ASP B 588 -6.59 19.68 101.60
C ASP B 588 -5.76 19.30 100.38
N ILE B 589 -6.01 18.10 99.88
CA ILE B 589 -5.29 17.56 98.72
C ILE B 589 -6.31 17.05 97.71
N LEU B 590 -7.60 17.06 98.09
CA LEU B 590 -8.67 16.48 97.29
C LEU B 590 -8.43 15.02 96.97
N ALA B 591 -7.89 14.28 97.94
CA ALA B 591 -7.97 12.83 97.86
C ALA B 591 -9.40 12.35 98.12
N GLU B 592 -10.18 13.14 98.87
CA GLU B 592 -11.54 12.76 99.19
C GLU B 592 -12.38 12.61 97.92
N ASP B 593 -12.36 13.61 97.06
CA ASP B 593 -13.20 13.57 95.86
C ASP B 593 -12.77 12.45 94.92
N THR B 594 -11.46 12.27 94.75
CA THR B 594 -10.97 11.19 93.89
C THR B 594 -11.39 9.84 94.43
N ILE B 595 -11.20 9.62 95.73
CA ILE B 595 -11.58 8.35 96.34
C ILE B 595 -13.08 8.11 96.17
N THR B 596 -13.88 9.13 96.46
CA THR B 596 -15.32 8.98 96.40
C THR B 596 -15.76 8.64 94.97
N ALA B 597 -15.25 9.38 93.99
CA ALA B 597 -15.64 9.13 92.60
C ALA B 597 -15.23 7.72 92.17
N LEU B 598 -13.97 7.35 92.45
CA LEU B 598 -13.48 6.05 92.02
C LEU B 598 -14.28 4.92 92.64
N LEU B 599 -14.55 5.00 93.94
CA LEU B 599 -15.24 3.90 94.61
C LEU B 599 -16.74 3.89 94.31
N HIS B 600 -17.36 5.05 94.09
CA HIS B 600 -18.78 5.09 93.78
C HIS B 600 -19.06 4.66 92.34
N ASN B 601 -18.13 4.91 91.42
CA ASN B 601 -18.35 4.50 90.04
C ASN B 601 -18.46 2.99 89.91
N ASN B 602 -17.81 2.24 90.78
CA ASN B 602 -17.80 0.79 90.74
C ASN B 602 -18.36 0.23 92.03
N ARG B 603 -19.34 -0.67 91.91
CA ARG B 603 -19.95 -1.27 93.10
C ARG B 603 -18.97 -2.22 93.80
N LYS B 604 -18.23 -3.02 93.04
CA LYS B 604 -17.33 -4.00 93.64
C LYS B 604 -16.25 -3.32 94.48
N LEU B 605 -15.66 -2.25 93.96
CA LEU B 605 -14.62 -1.54 94.69
C LEU B 605 -15.18 -0.95 95.98
N LEU B 606 -16.38 -0.37 95.92
CA LEU B 606 -16.99 0.19 97.12
C LEU B 606 -17.25 -0.90 98.15
N GLU B 607 -17.76 -2.05 97.71
CA GLU B 607 -18.02 -3.14 98.65
C GLU B 607 -16.74 -3.65 99.28
N LYS B 608 -15.68 -3.77 98.49
CA LYS B 608 -14.44 -4.34 99.02
C LYS B 608 -13.70 -3.37 99.92
N HIS B 609 -13.67 -2.09 99.56
CA HIS B 609 -12.81 -1.12 100.25
C HIS B 609 -13.47 -0.48 101.45
N ILE B 610 -14.69 0.06 101.28
CA ILE B 610 -15.34 0.78 102.37
C ILE B 610 -15.59 -0.17 103.53
N THR B 611 -15.22 0.27 104.73
CA THR B 611 -15.40 -0.51 105.94
C THR B 611 -15.67 0.47 107.08
N LYS B 612 -15.81 -0.04 108.30
CA LYS B 612 -16.07 0.82 109.45
C LYS B 612 -15.01 1.91 109.60
N THR B 613 -13.76 1.59 109.27
CA THR B 613 -12.69 2.57 109.43
C THR B 613 -12.90 3.79 108.54
N GLU B 614 -13.28 3.56 107.27
CA GLU B 614 -13.50 4.67 106.35
C GLU B 614 -14.66 5.55 106.82
N VAL B 615 -15.76 4.93 107.26
CA VAL B 615 -16.90 5.69 107.75
C VAL B 615 -16.51 6.50 108.97
N GLU B 616 -15.75 5.89 109.89
CA GLU B 616 -15.32 6.60 111.08
C GLU B 616 -14.45 7.79 110.72
N THR B 617 -13.54 7.61 109.77
CA THR B 617 -12.68 8.72 109.34
C THR B 617 -13.52 9.84 108.72
N PHE B 618 -14.49 9.48 107.87
CA PHE B 618 -15.33 10.49 107.26
C PHE B 618 -16.14 11.26 108.31
N VAL B 619 -16.69 10.54 109.29
CA VAL B 619 -17.46 11.20 110.34
C VAL B 619 -16.56 12.13 111.14
N SER B 620 -15.34 11.67 111.47
CA SER B 620 -14.43 12.50 112.24
C SER B 620 -14.07 13.77 111.48
N LEU B 621 -13.78 13.66 110.18
CA LEU B 621 -13.36 14.84 109.43
C LEU B 621 -14.53 15.80 109.22
N VAL B 622 -15.74 15.28 109.00
CA VAL B 622 -16.88 16.18 108.86
C VAL B 622 -17.19 16.87 110.18
N ARG B 623 -17.00 16.18 111.30
CA ARG B 623 -17.14 16.84 112.60
C ARG B 623 -16.08 17.93 112.76
N LYS B 624 -14.84 17.64 112.35
CA LYS B 624 -13.77 18.62 112.49
C LYS B 624 -14.05 19.87 111.66
N ASN B 625 -14.52 19.69 110.42
CA ASN B 625 -14.77 20.79 109.51
C ASN B 625 -16.22 21.27 109.51
N ARG B 626 -17.17 20.34 109.63
CA ARG B 626 -18.60 20.69 109.63
C ARG B 626 -18.99 21.39 108.33
N GLU B 627 -18.57 20.81 107.21
CA GLU B 627 -18.88 21.35 105.90
C GLU B 627 -19.83 20.41 105.15
N PRO B 628 -20.76 20.95 104.34
CA PRO B 628 -21.72 20.08 103.65
C PRO B 628 -21.07 19.11 102.67
N ARG B 629 -19.86 19.40 102.19
CA ARG B 629 -19.27 18.55 101.15
C ARG B 629 -19.00 17.15 101.67
N PHE B 630 -18.62 17.02 102.93
CA PHE B 630 -18.37 15.69 103.49
C PHE B 630 -19.66 14.89 103.64
N LEU B 631 -20.75 15.56 104.04
CA LEU B 631 -22.05 14.90 104.05
C LEU B 631 -22.43 14.46 102.65
N ASP B 632 -22.16 15.29 101.65
CA ASP B 632 -22.43 14.89 100.27
C ASP B 632 -21.62 13.66 99.89
N TYR B 633 -20.34 13.64 100.27
CA TYR B 633 -19.50 12.48 99.96
C TYR B 633 -20.05 11.20 100.60
N LEU B 634 -20.47 11.30 101.85
CA LEU B 634 -21.12 10.16 102.49
C LEU B 634 -22.36 9.75 101.70
N SER B 635 -23.11 10.72 101.19
CA SER B 635 -24.30 10.41 100.41
C SER B 635 -23.95 9.60 99.17
N ASP B 636 -22.91 10.02 98.43
CA ASP B 636 -22.51 9.22 97.27
C ASP B 636 -22.04 7.83 97.70
N LEU B 637 -21.30 7.75 98.81
CA LEU B 637 -20.84 6.45 99.27
C LEU B 637 -22.01 5.54 99.62
N CYS B 638 -23.16 6.12 99.99
CA CYS B 638 -24.32 5.31 100.35
C CYS B 638 -24.88 4.53 99.16
N VAL B 639 -24.75 5.07 97.94
CA VAL B 639 -25.39 4.51 96.77
C VAL B 639 -24.37 4.36 95.66
N SER B 640 -24.68 3.49 94.70
CA SER B 640 -23.85 3.26 93.54
C SER B 640 -24.74 3.03 92.33
N ASN B 641 -24.58 3.84 91.29
CA ASN B 641 -25.35 3.71 90.06
C ASN B 641 -26.84 3.73 90.33
N HIS B 642 -27.26 4.62 91.23
CA HIS B 642 -28.66 4.81 91.61
C HIS B 642 -29.28 3.58 92.25
N ILE B 643 -28.46 2.61 92.66
CA ILE B 643 -28.94 1.40 93.31
C ILE B 643 -28.28 1.32 94.68
N ALA B 644 -29.08 1.21 95.73
CA ALA B 644 -28.55 1.15 97.08
C ALA B 644 -27.79 -0.15 97.30
N ILE B 645 -26.64 -0.06 97.97
CA ILE B 645 -25.84 -1.22 98.33
C ILE B 645 -26.07 -1.49 99.81
N PRO B 646 -26.70 -2.61 100.18
CA PRO B 646 -27.03 -2.81 101.59
C PRO B 646 -25.83 -2.76 102.51
N VAL B 647 -24.67 -3.25 102.07
CA VAL B 647 -23.52 -3.33 102.96
C VAL B 647 -23.07 -1.93 103.39
N THR B 648 -22.62 -1.12 102.43
CA THR B 648 -22.12 0.20 102.76
C THR B 648 -23.22 1.05 103.40
N GLN B 649 -24.47 0.87 102.97
CA GLN B 649 -25.57 1.59 103.60
C GLN B 649 -25.64 1.27 105.09
N GLU B 650 -25.57 -0.01 105.44
CA GLU B 650 -25.62 -0.39 106.85
C GLU B 650 -24.43 0.13 107.62
N LEU B 651 -23.23 0.05 107.03
CA LEU B 651 -22.05 0.56 107.72
C LEU B 651 -22.15 2.06 107.99
N ILE B 652 -22.63 2.83 107.01
CA ILE B 652 -22.77 4.26 107.21
C ILE B 652 -23.88 4.57 108.22
N CYS B 653 -24.97 3.79 108.18
CA CYS B 653 -26.06 4.01 109.12
C CYS B 653 -25.63 3.74 110.55
N LYS B 654 -24.83 2.69 110.76
CA LYS B 654 -24.41 2.34 112.12
C LYS B 654 -23.57 3.44 112.77
N CYS B 655 -22.97 4.33 111.97
CA CYS B 655 -22.09 5.37 112.48
C CYS B 655 -22.75 6.74 112.49
N VAL B 656 -23.42 7.13 111.40
CA VAL B 656 -23.99 8.47 111.32
C VAL B 656 -25.07 8.65 112.39
N LEU B 657 -25.92 7.64 112.57
CA LEU B 657 -27.03 7.74 113.51
C LEU B 657 -26.67 7.27 114.91
N ASP B 658 -25.42 6.89 115.16
CA ASP B 658 -25.03 6.45 116.48
C ASP B 658 -25.14 7.62 117.48
N PRO B 659 -25.53 7.34 118.73
CA PRO B 659 -25.65 8.43 119.70
C PRO B 659 -24.36 9.23 119.88
N LYS B 660 -23.20 8.58 119.79
CA LYS B 660 -21.94 9.30 119.96
C LYS B 660 -21.77 10.38 118.92
N ASN B 661 -22.31 10.18 117.71
CA ASN B 661 -22.22 11.15 116.63
C ASN B 661 -23.50 11.96 116.48
N SER B 662 -24.23 12.17 117.57
CA SER B 662 -25.48 12.93 117.52
C SER B 662 -25.25 14.43 117.50
N ASP B 663 -24.02 14.90 117.68
CA ASP B 663 -23.73 16.32 117.70
C ASP B 663 -23.44 16.89 116.31
N ILE B 664 -23.35 16.05 115.28
CA ILE B 664 -23.09 16.51 113.92
C ILE B 664 -24.35 16.58 113.08
N LEU B 665 -25.52 16.27 113.66
CA LEU B 665 -26.78 16.30 112.95
C LEU B 665 -27.69 17.34 113.58
N ILE B 666 -28.30 18.17 112.74
CA ILE B 666 -29.21 19.20 113.23
C ILE B 666 -30.50 18.54 113.72
N ARG B 667 -30.87 18.83 114.96
CA ARG B 667 -32.12 18.34 115.51
C ARG B 667 -33.28 19.22 115.04
N THR B 668 -34.39 18.58 114.69
CA THR B 668 -35.58 19.29 114.23
C THR B 668 -36.76 18.89 115.09
N GLU B 669 -37.60 19.86 115.45
CA GLU B 669 -38.74 19.59 116.30
C GLU B 669 -39.86 20.55 115.93
N LEU B 670 -41.06 20.25 116.45
CA LEU B 670 -42.23 21.10 116.27
C LEU B 670 -42.74 21.53 117.64
N ARG B 671 -43.05 22.81 117.77
CA ARG B 671 -43.51 23.37 119.04
C ARG B 671 -44.77 24.20 118.82
N PRO B 672 -45.60 24.34 119.86
CA PRO B 672 -46.86 25.09 119.68
C PRO B 672 -46.63 26.58 119.41
N VAL B 673 -45.85 27.22 120.28
CA VAL B 673 -45.60 28.66 120.17
C VAL B 673 -46.92 29.42 120.18
N GLU B 689 -50.38 27.20 113.82
CA GLU B 689 -50.66 26.46 115.04
C GLU B 689 -49.37 25.95 115.67
N GLU B 690 -48.49 25.39 114.83
CA GLU B 690 -47.22 24.85 115.28
C GLU B 690 -46.10 25.35 114.37
N GLU B 691 -44.92 25.49 114.94
CA GLU B 691 -43.75 25.99 114.23
C GLU B 691 -42.62 24.97 114.31
N VAL B 692 -41.85 24.87 113.23
CA VAL B 692 -40.72 23.95 113.15
C VAL B 692 -39.46 24.69 113.54
N TRP B 693 -38.71 24.13 114.48
CA TRP B 693 -37.49 24.73 115.01
C TRP B 693 -36.33 23.77 114.87
N LEU B 694 -35.17 24.31 114.47
CA LEU B 694 -33.94 23.56 114.31
C LEU B 694 -32.97 23.98 115.39
N THR B 695 -32.41 23.00 116.10
CA THR B 695 -31.39 23.21 117.12
C THR B 695 -30.13 22.48 116.72
N TRP B 696 -29.00 23.17 116.78
CA TRP B 696 -27.73 22.60 116.36
C TRP B 696 -26.62 23.06 117.29
N THR B 697 -25.55 22.27 117.37
CA THR B 697 -24.40 22.56 118.20
C THR B 697 -23.28 23.13 117.34
N ASP B 698 -22.79 24.31 117.71
CA ASP B 698 -21.73 24.96 116.96
C ASP B 698 -20.41 24.21 117.13
N LYS B 699 -19.36 24.73 116.49
CA LYS B 699 -18.05 24.11 116.60
C LYS B 699 -17.55 24.13 118.05
N ASN B 700 -17.78 25.23 118.75
CA ASN B 700 -17.37 25.37 120.14
C ASN B 700 -18.36 24.75 121.12
N ASN B 701 -19.27 23.89 120.64
CA ASN B 701 -20.23 23.20 121.49
C ASN B 701 -21.21 24.19 122.12
N GLU B 702 -21.72 25.10 121.30
CA GLU B 702 -22.71 26.08 121.74
C GLU B 702 -24.04 25.78 121.06
N HIS B 703 -25.07 25.57 121.86
CA HIS B 703 -26.39 25.27 121.32
C HIS B 703 -27.01 26.52 120.70
N HIS B 704 -27.65 26.35 119.54
CA HIS B 704 -28.34 27.43 118.85
C HIS B 704 -29.63 26.88 118.27
N GLU B 705 -30.75 27.46 118.66
CA GLU B 705 -32.07 27.04 118.20
C GLU B 705 -32.76 28.20 117.50
N LYS B 706 -33.35 27.93 116.35
CA LYS B 706 -34.03 28.96 115.58
C LYS B 706 -35.12 28.34 114.71
N SER B 707 -36.14 29.12 114.42
CA SER B 707 -37.24 28.65 113.58
C SER B 707 -36.79 28.59 112.12
N VAL B 708 -37.32 27.61 111.39
CA VAL B 708 -36.96 27.45 109.99
C VAL B 708 -37.36 28.69 109.19
N ARG B 709 -38.52 29.27 109.51
CA ARG B 709 -38.95 30.48 108.82
C ARG B 709 -37.97 31.61 109.05
N GLN B 710 -37.49 31.76 110.29
CA GLN B 710 -36.49 32.79 110.57
C GLN B 710 -35.20 32.54 109.78
N LEU B 711 -34.78 31.28 109.70
CA LEU B 711 -33.59 30.95 108.92
C LEU B 711 -33.77 31.35 107.46
N ALA B 712 -34.92 31.01 106.87
CA ALA B 712 -35.15 31.34 105.48
C ALA B 712 -35.19 32.85 105.27
N GLN B 713 -35.87 33.57 106.17
CA GLN B 713 -35.96 35.02 106.03
C GLN B 713 -34.58 35.66 106.13
N GLU B 714 -33.76 35.24 107.09
CA GLU B 714 -32.44 35.81 107.24
C GLU B 714 -31.55 35.47 106.04
N ALA B 715 -31.66 34.24 105.53
CA ALA B 715 -30.88 33.87 104.36
C ALA B 715 -31.27 34.71 103.15
N ARG B 716 -32.57 34.95 102.97
CA ARG B 716 -33.01 35.82 101.88
C ARG B 716 -32.53 37.25 102.09
N ALA B 717 -32.45 37.69 103.36
CA ALA B 717 -31.98 39.05 103.63
C ALA B 717 -30.55 39.25 103.16
N GLY B 718 -29.68 38.26 103.38
CA GLY B 718 -28.30 38.37 102.96
C GLY B 718 -27.32 37.74 103.94
N ASN B 719 -27.81 37.31 105.10
CA ASN B 719 -26.94 36.71 106.10
C ASN B 719 -26.30 35.45 105.54
N ALA B 720 -25.03 35.24 105.90
CA ALA B 720 -24.27 34.09 105.42
C ALA B 720 -24.33 32.89 106.36
N HIS B 721 -24.35 33.14 107.68
CA HIS B 721 -24.42 32.03 108.63
C HIS B 721 -25.72 31.26 108.47
N ASP B 722 -26.83 31.97 108.29
CA ASP B 722 -28.11 31.30 108.09
C ASP B 722 -28.11 30.50 106.79
N GLU B 723 -27.52 31.05 105.73
CA GLU B 723 -27.40 30.30 104.48
C GLU B 723 -26.58 29.03 104.68
N ASN B 724 -25.48 29.14 105.42
CA ASN B 724 -24.63 27.97 105.65
C ASN B 724 -25.37 26.90 106.44
N VAL B 725 -26.10 27.30 107.48
CA VAL B 725 -26.81 26.30 108.28
C VAL B 725 -27.94 25.68 107.48
N LEU B 726 -28.61 26.47 106.64
CA LEU B 726 -29.66 25.91 105.78
C LEU B 726 -29.08 24.90 104.79
N SER B 727 -27.92 25.22 104.20
CA SER B 727 -27.28 24.28 103.29
C SER B 727 -26.87 23.01 104.02
N TYR B 728 -26.34 23.14 105.23
CA TYR B 728 -25.99 21.97 106.01
C TYR B 728 -27.22 21.11 106.30
N TYR B 729 -28.33 21.74 106.65
CA TYR B 729 -29.57 21.00 106.89
C TYR B 729 -30.04 20.29 105.63
N ARG B 730 -29.96 20.97 104.49
CA ARG B 730 -30.38 20.34 103.24
C ARG B 730 -29.53 19.13 102.91
N TYR B 731 -28.21 19.24 103.09
CA TYR B 731 -27.35 18.10 102.82
C TYR B 731 -27.58 16.98 103.82
N GLN B 732 -27.88 17.32 105.07
CA GLN B 732 -28.22 16.31 106.06
C GLN B 732 -29.49 15.57 105.67
N LEU B 733 -30.50 16.30 105.19
CA LEU B 733 -31.73 15.65 104.74
C LEU B 733 -31.47 14.77 103.54
N LYS B 734 -30.62 15.21 102.62
CA LYS B 734 -30.26 14.37 101.48
C LYS B 734 -29.58 13.10 101.94
N LEU B 735 -28.67 13.21 102.91
CA LEU B 735 -28.01 12.01 103.44
C LEU B 735 -29.01 11.08 104.11
N PHE B 736 -29.94 11.64 104.88
CA PHE B 736 -30.97 10.82 105.53
C PHE B 736 -31.80 10.07 104.50
N ALA B 737 -32.21 10.77 103.44
CA ALA B 737 -32.99 10.11 102.38
C ALA B 737 -32.19 9.02 101.71
N ARG B 738 -30.91 9.29 101.43
CA ARG B 738 -30.06 8.30 100.76
C ARG B 738 -29.86 7.07 101.63
N MET B 739 -29.67 7.26 102.94
CA MET B 739 -29.46 6.13 103.84
C MET B 739 -30.69 5.23 103.94
N CYS B 740 -31.87 5.76 103.65
CA CYS B 740 -33.11 4.99 103.69
C CYS B 740 -33.50 4.43 102.33
N LEU B 741 -32.66 4.60 101.30
CA LEU B 741 -33.01 4.17 99.96
C LEU B 741 -33.20 2.65 99.92
N ASP B 742 -34.13 2.21 99.07
CA ASP B 742 -34.42 0.80 98.88
C ASP B 742 -34.83 0.12 100.19
N ARG B 743 -35.60 0.84 101.00
CA ARG B 743 -36.19 0.29 102.22
C ARG B 743 -35.12 -0.26 103.17
N GLN B 744 -34.26 0.65 103.62
CA GLN B 744 -33.27 0.33 104.65
C GLN B 744 -33.94 0.58 106.01
N TYR B 745 -34.60 -0.46 106.53
CA TYR B 745 -35.43 -0.27 107.71
C TYR B 745 -34.61 0.14 108.92
N LEU B 746 -33.32 -0.22 108.96
CA LEU B 746 -32.49 0.13 110.10
C LEU B 746 -32.45 1.64 110.31
N ALA B 747 -32.30 2.40 109.23
CA ALA B 747 -32.31 3.86 109.31
C ALA B 747 -33.71 4.44 109.23
N ILE B 748 -34.63 3.78 108.53
CA ILE B 748 -35.99 4.28 108.40
C ILE B 748 -36.65 4.32 109.78
N ASP B 749 -36.47 3.28 110.58
CA ASP B 749 -37.11 3.24 111.90
C ASP B 749 -36.64 4.41 112.75
N GLU B 750 -35.34 4.72 112.73
CA GLU B 750 -34.83 5.82 113.53
C GLU B 750 -35.28 7.17 112.99
N ILE B 751 -35.23 7.36 111.66
CA ILE B 751 -35.51 8.66 111.08
C ILE B 751 -37.00 8.99 111.19
N SER B 752 -37.87 8.00 111.04
CA SER B 752 -39.31 8.27 111.05
C SER B 752 -39.75 8.90 112.37
N GLN B 753 -39.22 8.41 113.49
CA GLN B 753 -39.60 8.96 114.78
C GLN B 753 -39.24 10.44 114.89
N GLN B 754 -38.03 10.81 114.43
CA GLN B 754 -37.60 12.20 114.53
C GLN B 754 -38.38 13.09 113.56
N LEU B 755 -38.61 12.61 112.34
CA LEU B 755 -39.28 13.38 111.30
C LEU B 755 -40.54 12.63 110.90
N GLY B 756 -41.69 13.04 111.44
CA GLY B 756 -42.94 12.39 111.12
C GLY B 756 -43.52 12.86 109.80
N VAL B 757 -44.61 12.21 109.40
CA VAL B 757 -45.27 12.57 108.15
C VAL B 757 -45.81 13.99 108.22
N ASP B 758 -46.46 14.35 109.33
CA ASP B 758 -47.04 15.68 109.46
C ASP B 758 -45.97 16.76 109.41
N LEU B 759 -44.84 16.55 110.09
CA LEU B 759 -43.78 17.55 110.09
C LEU B 759 -43.22 17.75 108.69
N ILE B 760 -42.96 16.66 107.97
CA ILE B 760 -42.40 16.78 106.63
C ILE B 760 -43.40 17.45 105.70
N PHE B 761 -44.69 17.11 105.83
CA PHE B 761 -45.71 17.75 105.00
C PHE B 761 -45.78 19.25 105.28
N LEU B 762 -45.73 19.63 106.56
CA LEU B 762 -45.76 21.04 106.90
C LEU B 762 -44.55 21.77 106.32
N CYS B 763 -43.37 21.17 106.43
CA CYS B 763 -42.17 21.80 105.91
C CYS B 763 -42.20 21.95 104.40
N MET B 764 -42.66 20.92 103.69
CA MET B 764 -42.64 20.95 102.23
C MET B 764 -43.74 21.84 101.67
N ALA B 765 -44.92 21.85 102.30
CA ALA B 765 -46.03 22.62 101.76
C ALA B 765 -45.84 24.11 101.97
N ASP B 766 -45.09 24.50 102.99
CA ASP B 766 -44.88 25.92 103.26
C ASP B 766 -44.25 26.61 102.06
N GLU B 767 -44.81 27.73 101.65
CA GLU B 767 -44.32 28.48 100.49
C GLU B 767 -43.29 29.54 100.87
N MET B 768 -43.04 29.76 102.16
CA MET B 768 -42.07 30.76 102.57
C MET B 768 -40.64 30.23 102.55
N LEU B 769 -40.47 28.91 102.59
CA LEU B 769 -39.14 28.32 102.59
C LEU B 769 -38.60 28.22 101.17
N PRO B 770 -37.27 28.19 101.00
CA PRO B 770 -36.71 28.10 99.65
C PRO B 770 -37.07 26.78 98.98
N PHE B 771 -37.12 26.81 97.64
CA PHE B 771 -37.53 25.64 96.89
C PHE B 771 -36.62 24.44 97.15
N ASP B 772 -35.33 24.69 97.39
CA ASP B 772 -34.41 23.59 97.64
C ASP B 772 -34.78 22.83 98.92
N LEU B 773 -35.13 23.55 99.98
CA LEU B 773 -35.53 22.89 101.22
C LEU B 773 -36.80 22.07 101.02
N ARG B 774 -37.78 22.62 100.31
CA ARG B 774 -39.00 21.87 100.03
C ARG B 774 -38.70 20.63 99.20
N ALA B 775 -37.79 20.75 98.23
CA ALA B 775 -37.40 19.58 97.43
C ALA B 775 -36.75 18.51 98.31
N SER B 776 -35.88 18.92 99.23
CA SER B 776 -35.26 17.95 100.13
C SER B 776 -36.30 17.26 100.99
N PHE B 777 -37.27 18.02 101.52
CA PHE B 777 -38.31 17.41 102.35
C PHE B 777 -39.17 16.46 101.54
N CYS B 778 -39.49 16.82 100.30
CA CYS B 778 -40.27 15.92 99.44
C CYS B 778 -39.50 14.63 99.18
N HIS B 779 -38.20 14.74 98.91
CA HIS B 779 -37.39 13.55 98.70
C HIS B 779 -37.38 12.67 99.94
N LEU B 780 -37.25 13.29 101.11
CA LEU B 780 -37.25 12.53 102.35
C LEU B 780 -38.58 11.82 102.57
N MET B 781 -39.70 12.51 102.30
CA MET B 781 -41.00 11.87 102.43
C MET B 781 -41.12 10.69 101.48
N LEU B 782 -40.64 10.85 100.24
CA LEU B 782 -40.72 9.76 99.28
C LEU B 782 -39.92 8.55 99.76
N HIS B 783 -38.71 8.78 100.25
CA HIS B 783 -37.77 7.70 100.53
C HIS B 783 -37.80 7.20 101.97
N VAL B 784 -38.68 7.75 102.82
CA VAL B 784 -38.77 7.36 104.22
C VAL B 784 -40.14 6.79 104.56
N HIS B 785 -41.20 7.44 104.08
CA HIS B 785 -42.56 7.08 104.46
C HIS B 785 -43.31 6.35 103.36
N VAL B 786 -43.31 6.87 102.14
CA VAL B 786 -44.08 6.25 101.06
C VAL B 786 -43.54 4.86 100.76
N ASP B 787 -42.22 4.73 100.67
CA ASP B 787 -41.59 3.45 100.35
C ASP B 787 -41.31 2.69 101.65
N ARG B 788 -42.39 2.17 102.23
CA ARG B 788 -42.36 1.45 103.50
C ARG B 788 -43.00 0.09 103.30
N ASP B 789 -43.03 -0.70 104.38
CA ASP B 789 -43.55 -2.07 104.28
C ASP B 789 -44.98 -2.13 103.77
N PRO B 790 -45.93 -1.35 104.30
CA PRO B 790 -47.33 -1.51 103.85
C PRO B 790 -47.49 -1.33 102.35
N GLN B 791 -46.75 -0.41 101.74
CA GLN B 791 -46.87 -0.18 100.30
C GLN B 791 -46.24 -1.32 99.52
N GLU B 792 -46.83 -1.65 98.38
CA GLU B 792 -46.34 -2.71 97.53
C GLU B 792 -46.69 -2.40 96.09
N LEU B 793 -45.74 -2.67 95.19
CA LEU B 793 -45.97 -2.44 93.77
C LEU B 793 -47.17 -3.25 93.28
N VAL B 794 -48.02 -2.63 92.48
CA VAL B 794 -49.24 -3.24 91.98
C VAL B 794 -49.13 -3.41 90.48
N THR B 795 -49.45 -4.60 89.98
CA THR B 795 -49.47 -4.86 88.55
C THR B 795 -50.78 -4.35 87.96
N PRO B 796 -50.76 -3.40 87.03
CA PRO B 796 -52.02 -2.85 86.52
C PRO B 796 -52.91 -3.88 85.83
N VAL B 797 -52.33 -4.91 85.21
CA VAL B 797 -53.08 -5.90 84.45
C VAL B 797 -53.00 -7.23 85.18
N LYS B 798 -54.16 -7.85 85.40
CA LYS B 798 -54.27 -9.14 86.07
C LYS B 798 -54.74 -10.18 85.07
N PHE B 799 -54.00 -11.29 84.98
CA PHE B 799 -54.32 -12.34 84.03
C PHE B 799 -55.20 -13.43 84.62
N ALA B 800 -55.09 -13.70 85.92
CA ALA B 800 -55.91 -14.69 86.59
C ALA B 800 -57.06 -13.99 87.29
N ARG B 801 -58.28 -14.30 86.89
CA ARG B 801 -59.48 -13.67 87.42
C ARG B 801 -60.50 -14.74 87.81
N LEU B 802 -61.17 -14.50 88.94
CA LEU B 802 -62.18 -15.42 89.43
C LEU B 802 -63.48 -15.25 88.66
N TRP B 803 -64.14 -16.36 88.36
CA TRP B 803 -65.41 -16.31 87.64
C TRP B 803 -66.49 -15.61 88.46
N THR B 804 -66.46 -15.78 89.78
CA THR B 804 -67.47 -15.21 90.66
C THR B 804 -67.24 -13.73 90.95
N GLU B 805 -66.10 -13.17 90.54
CA GLU B 805 -65.78 -11.78 90.81
C GLU B 805 -65.90 -10.91 89.55
N ILE B 806 -66.66 -11.36 88.57
CA ILE B 806 -66.85 -10.60 87.33
C ILE B 806 -68.26 -10.02 87.31
N PRO B 807 -68.43 -8.72 87.56
CA PRO B 807 -69.79 -8.16 87.54
C PRO B 807 -70.41 -8.23 86.15
N THR B 808 -71.75 -8.33 86.14
CA THR B 808 -72.45 -8.37 84.86
C THR B 808 -72.26 -7.08 84.09
N ALA B 809 -72.34 -5.94 84.76
CA ALA B 809 -72.11 -4.64 84.16
C ALA B 809 -71.03 -3.91 84.95
N ILE B 810 -70.06 -3.35 84.22
CA ILE B 810 -68.91 -2.68 84.84
C ILE B 810 -68.80 -1.27 84.28
N THR B 811 -68.57 -0.31 85.17
CA THR B 811 -68.28 1.06 84.80
C THR B 811 -66.99 1.48 85.48
N ILE B 812 -66.52 2.68 85.14
CA ILE B 812 -65.26 3.17 85.72
C ILE B 812 -65.39 3.27 87.23
N LYS B 813 -66.49 3.86 87.70
CA LYS B 813 -66.70 3.99 89.15
C LYS B 813 -66.77 2.62 89.80
N ASP B 814 -67.57 1.71 89.23
CA ASP B 814 -67.66 0.37 89.77
C ASP B 814 -66.34 -0.38 89.61
N TYR B 815 -65.64 -0.16 88.50
CA TYR B 815 -64.35 -0.83 88.29
C TYR B 815 -63.35 -0.46 89.38
N ASP B 816 -63.28 0.82 89.74
CA ASP B 816 -62.33 1.26 90.74
C ASP B 816 -62.83 1.10 92.17
N SER B 817 -64.08 0.68 92.36
CA SER B 817 -64.62 0.49 93.70
C SER B 817 -64.34 -0.89 94.27
N ASN B 818 -63.66 -1.76 93.51
CA ASN B 818 -63.41 -3.12 94.00
C ASN B 818 -62.55 -3.10 95.25
N LEU B 819 -61.51 -2.26 95.28
CA LEU B 819 -60.56 -2.20 96.38
C LEU B 819 -60.50 -0.80 96.98
N ASN B 820 -61.66 -0.13 97.03
CA ASN B 820 -61.71 1.21 97.59
C ASN B 820 -61.38 1.23 99.08
N ALA B 821 -61.54 0.10 99.77
CA ALA B 821 -61.27 0.08 101.21
C ALA B 821 -59.80 0.37 101.51
N SER B 822 -58.90 -0.34 100.83
CA SER B 822 -57.48 -0.11 101.04
C SER B 822 -57.06 1.28 100.60
N ARG B 823 -57.62 1.76 99.49
CA ARG B 823 -57.31 3.10 99.02
C ARG B 823 -57.71 4.14 100.06
N ASP B 824 -58.90 3.99 100.66
CA ASP B 824 -59.33 4.92 101.70
C ASP B 824 -58.46 4.79 102.93
N ASP B 825 -58.05 3.57 103.28
CA ASP B 825 -57.20 3.37 104.44
C ASP B 825 -55.88 4.10 104.29
N LYS B 826 -55.26 4.00 103.10
CA LYS B 826 -54.00 4.71 102.89
C LYS B 826 -54.22 6.20 102.69
N LYS B 827 -55.40 6.60 102.19
CA LYS B 827 -55.72 8.01 102.11
C LYS B 827 -55.79 8.63 103.49
N ASN B 828 -56.37 7.91 104.46
CA ASN B 828 -56.44 8.42 105.83
C ASN B 828 -55.09 8.96 106.30
N LYS B 829 -53.99 8.46 105.73
CA LYS B 829 -52.64 8.91 106.08
C LYS B 829 -52.06 9.89 105.06
N PHE B 830 -52.26 9.65 103.77
CA PHE B 830 -51.56 10.41 102.73
C PHE B 830 -52.48 11.39 102.00
N ALA B 831 -53.62 11.75 102.59
CA ALA B 831 -54.55 12.66 101.92
C ALA B 831 -53.94 14.04 101.74
N ASN B 832 -53.29 14.55 102.79
CA ASN B 832 -52.66 15.86 102.68
C ASN B 832 -51.59 15.87 101.60
N THR B 833 -50.77 14.82 101.55
CA THR B 833 -49.72 14.74 100.54
C THR B 833 -50.32 14.68 99.14
N MET B 834 -51.37 13.88 98.94
CA MET B 834 -51.99 13.78 97.63
C MET B 834 -52.61 15.10 97.21
N GLU B 835 -53.29 15.78 98.13
CA GLU B 835 -53.88 17.08 97.82
C GLU B 835 -52.80 18.09 97.46
N PHE B 836 -51.70 18.10 98.21
CA PHE B 836 -50.61 19.02 97.90
C PHE B 836 -50.03 18.72 96.53
N VAL B 837 -49.86 17.44 96.19
CA VAL B 837 -49.31 17.08 94.89
C VAL B 837 -50.24 17.56 93.78
N GLU B 838 -51.55 17.33 93.94
CA GLU B 838 -52.50 17.75 92.93
C GLU B 838 -52.49 19.27 92.76
N ASP B 839 -52.49 20.01 93.87
CA ASP B 839 -52.48 21.46 93.79
C ASP B 839 -51.20 21.97 93.13
N TYR B 840 -50.06 21.38 93.49
CA TYR B 840 -48.80 21.80 92.89
C TYR B 840 -48.79 21.56 91.39
N LEU B 841 -49.28 20.38 90.96
CA LEU B 841 -49.31 20.09 89.52
C LEU B 841 -50.26 21.04 88.80
N ASN B 842 -51.40 21.35 89.41
CA ASN B 842 -52.33 22.30 88.80
C ASN B 842 -51.70 23.67 88.66
N ASN B 843 -50.99 24.13 89.70
CA ASN B 843 -50.33 25.43 89.62
C ASN B 843 -49.25 25.42 88.54
N VAL B 844 -48.49 24.33 88.44
CA VAL B 844 -47.41 24.26 87.45
C VAL B 844 -47.99 24.32 86.05
N VAL B 845 -49.06 23.55 85.79
CA VAL B 845 -49.66 23.56 84.46
C VAL B 845 -50.28 24.91 84.16
N SER B 846 -50.85 25.57 85.17
CA SER B 846 -51.46 26.88 84.94
C SER B 846 -50.44 27.91 84.47
N GLU B 847 -49.18 27.79 84.91
CA GLU B 847 -48.15 28.74 84.51
C GLU B 847 -47.87 28.65 83.02
N ALA B 848 -47.58 29.80 82.41
CA ALA B 848 -47.28 29.82 80.98
C ALA B 848 -46.02 29.02 80.67
N VAL B 849 -44.99 29.17 81.49
CA VAL B 849 -43.73 28.45 81.29
C VAL B 849 -43.45 27.62 82.53
N PRO B 850 -43.90 26.36 82.58
CA PRO B 850 -43.73 25.57 83.82
C PRO B 850 -42.27 25.38 84.23
N PHE B 851 -41.35 25.32 83.27
CA PHE B 851 -39.94 25.04 83.55
C PHE B 851 -39.08 26.27 83.36
N ALA B 852 -39.59 27.44 83.75
CA ALA B 852 -38.82 28.68 83.64
C ALA B 852 -37.81 28.81 84.79
N ASN B 853 -38.32 28.81 86.02
CA ASN B 853 -37.44 28.96 87.18
C ASN B 853 -36.64 27.68 87.40
N GLU B 854 -35.32 27.82 87.57
CA GLU B 854 -34.48 26.67 87.81
C GLU B 854 -34.66 26.14 89.22
N GLU B 855 -34.85 27.03 90.20
CA GLU B 855 -35.04 26.59 91.57
C GLU B 855 -36.33 25.79 91.71
N LYS B 856 -37.41 26.24 91.08
CA LYS B 856 -38.67 25.52 91.14
C LYS B 856 -38.62 24.19 90.40
N ASN B 857 -37.66 24.01 89.49
CA ASN B 857 -37.57 22.77 88.74
C ASN B 857 -37.26 21.59 89.66
N LYS B 858 -36.42 21.81 90.67
CA LYS B 858 -36.10 20.74 91.61
C LYS B 858 -37.35 20.29 92.36
N LEU B 859 -38.13 21.26 92.88
CA LEU B 859 -39.34 20.91 93.59
C LEU B 859 -40.34 20.21 92.68
N THR B 860 -40.44 20.68 91.43
CA THR B 860 -41.33 20.03 90.48
C THR B 860 -40.91 18.59 90.24
N PHE B 861 -39.60 18.34 90.10
CA PHE B 861 -39.13 16.99 89.86
C PHE B 861 -39.44 16.09 91.06
N GLU B 862 -39.21 16.58 92.28
CA GLU B 862 -39.51 15.77 93.45
C GLU B 862 -41.01 15.50 93.57
N VAL B 863 -41.85 16.49 93.28
CA VAL B 863 -43.29 16.28 93.36
C VAL B 863 -43.72 15.25 92.32
N VAL B 864 -43.15 15.33 91.11
CA VAL B 864 -43.51 14.38 90.06
C VAL B 864 -43.07 12.98 90.44
N SER B 865 -41.87 12.83 91.02
CA SER B 865 -41.41 11.51 91.44
C SER B 865 -42.29 10.95 92.55
N LEU B 866 -42.69 11.80 93.50
CA LEU B 866 -43.59 11.37 94.55
C LEU B 866 -44.92 10.90 93.97
N ALA B 867 -45.46 11.65 93.01
CA ALA B 867 -46.71 11.25 92.35
C ALA B 867 -46.53 9.93 91.62
N HIS B 868 -45.40 9.73 90.95
CA HIS B 868 -45.14 8.49 90.25
C HIS B 868 -45.14 7.32 91.23
N ASN B 869 -44.44 7.47 92.35
CA ASN B 869 -44.37 6.40 93.34
C ASN B 869 -45.74 6.12 93.93
N LEU B 870 -46.51 7.17 94.24
CA LEU B 870 -47.85 6.96 94.77
C LEU B 870 -48.74 6.23 93.77
N ILE B 871 -48.66 6.61 92.49
CA ILE B 871 -49.48 5.96 91.47
C ILE B 871 -49.11 4.50 91.35
N TYR B 872 -47.81 4.21 91.30
CA TYR B 872 -47.37 2.82 91.15
C TYR B 872 -47.69 1.96 92.36
N PHE B 873 -48.05 2.56 93.50
CA PHE B 873 -48.46 1.82 94.68
C PHE B 873 -49.97 1.70 94.79
N GLY B 874 -50.71 2.09 93.76
CA GLY B 874 -52.16 1.99 93.78
C GLY B 874 -52.84 2.92 94.76
N PHE B 875 -52.38 4.16 94.86
CA PHE B 875 -53.00 5.16 95.72
C PHE B 875 -54.12 5.92 95.03
N TYR B 876 -54.29 5.76 93.72
CA TYR B 876 -55.30 6.47 92.96
C TYR B 876 -56.18 5.47 92.21
N SER B 877 -57.44 5.84 92.01
CA SER B 877 -58.35 5.04 91.22
C SER B 877 -58.26 5.44 89.75
N PHE B 878 -58.97 4.70 88.90
CA PHE B 878 -58.89 4.94 87.46
C PHE B 878 -59.38 6.33 87.10
N SER B 879 -60.46 6.79 87.74
CA SER B 879 -61.00 8.11 87.43
C SER B 879 -60.00 9.20 87.80
N GLU B 880 -59.37 9.10 88.97
CA GLU B 880 -58.39 10.09 89.36
C GLU B 880 -57.17 10.06 88.44
N LEU B 881 -56.75 8.86 88.01
CA LEU B 881 -55.65 8.78 87.06
C LEU B 881 -56.01 9.44 85.74
N LEU B 882 -57.23 9.21 85.27
CA LEU B 882 -57.67 9.86 84.04
C LEU B 882 -57.69 11.38 84.19
N ARG B 883 -58.15 11.87 85.33
CA ARG B 883 -58.15 13.31 85.57
C ARG B 883 -56.73 13.85 85.59
N LEU B 884 -55.80 13.12 86.23
CA LEU B 884 -54.42 13.59 86.34
C LEU B 884 -53.67 13.51 85.03
N THR B 885 -54.09 12.64 84.10
CA THR B 885 -53.43 12.57 82.81
C THR B 885 -53.50 13.90 82.07
N ARG B 886 -54.65 14.58 82.16
CA ARG B 886 -54.78 15.88 81.48
C ARG B 886 -53.76 16.87 82.02
N THR B 887 -53.63 16.97 83.35
CA THR B 887 -52.66 17.88 83.93
C THR B 887 -51.24 17.50 83.55
N LEU B 888 -50.92 16.21 83.61
CA LEU B 888 -49.57 15.77 83.29
C LEU B 888 -49.21 16.09 81.85
N LEU B 889 -50.14 15.86 80.92
CA LEU B 889 -49.89 16.19 79.52
C LEU B 889 -49.78 17.70 79.32
N GLY B 890 -50.62 18.47 80.02
CA GLY B 890 -50.53 19.91 79.89
C GLY B 890 -49.21 20.47 80.39
N ILE B 891 -48.64 19.86 81.42
CA ILE B 891 -47.36 20.33 81.94
C ILE B 891 -46.28 20.25 80.87
N ILE B 892 -46.24 19.14 80.13
CA ILE B 892 -45.20 18.90 79.14
C ILE B 892 -45.71 19.22 77.73
N ASP B 893 -46.77 20.01 77.60
CA ASP B 893 -47.29 20.38 76.30
C ASP B 893 -46.57 21.61 75.76
N CYS B 894 -46.73 21.85 74.46
CA CYS B 894 -46.13 22.99 73.81
C CYS B 894 -46.81 24.29 74.25
N ASP B 961 -32.15 21.23 80.33
CA ASP B 961 -31.65 20.85 81.65
C ASP B 961 -31.98 19.39 81.94
N ILE B 962 -31.10 18.73 82.69
CA ILE B 962 -31.31 17.32 83.00
C ILE B 962 -32.54 17.13 83.88
N VAL B 963 -32.81 18.09 84.78
CA VAL B 963 -33.96 17.95 85.67
C VAL B 963 -35.26 17.90 84.86
N VAL B 964 -35.37 18.75 83.85
CA VAL B 964 -36.58 18.76 83.02
C VAL B 964 -36.73 17.43 82.30
N MET B 965 -35.64 16.89 81.77
CA MET B 965 -35.70 15.61 81.06
C MET B 965 -36.12 14.50 82.01
N GLU B 966 -35.59 14.49 83.23
CA GLU B 966 -35.99 13.47 84.20
C GLU B 966 -37.46 13.60 84.56
N THR B 967 -37.94 14.83 84.73
CA THR B 967 -39.36 15.04 85.03
C THR B 967 -40.22 14.52 83.89
N LYS B 968 -39.83 14.80 82.65
CA LYS B 968 -40.59 14.31 81.50
C LYS B 968 -40.56 12.79 81.42
N LEU B 969 -39.43 12.18 81.75
CA LEU B 969 -39.35 10.72 81.78
C LEU B 969 -40.31 10.14 82.83
N LYS B 970 -40.36 10.74 84.01
CA LYS B 970 -41.27 10.27 85.04
C LYS B 970 -42.72 10.42 84.59
N ILE B 971 -43.04 11.54 83.94
CA ILE B 971 -44.39 11.74 83.42
C ILE B 971 -44.72 10.66 82.40
N LEU B 972 -43.77 10.34 81.53
CA LEU B 972 -44.00 9.28 80.54
C LEU B 972 -44.24 7.94 81.20
N GLU B 973 -43.48 7.63 82.26
CA GLU B 973 -43.69 6.37 82.97
C GLU B 973 -45.08 6.33 83.61
N ILE B 974 -45.52 7.44 84.19
CA ILE B 974 -46.88 7.52 84.73
C ILE B 974 -47.89 7.26 83.63
N LEU B 975 -47.65 7.82 82.44
CA LEU B 975 -48.55 7.61 81.32
C LEU B 975 -48.61 6.14 80.93
N GLN B 976 -47.46 5.46 80.91
CA GLN B 976 -47.45 4.03 80.61
C GLN B 976 -48.27 3.26 81.63
N PHE B 977 -48.10 3.58 82.91
CA PHE B 977 -48.87 2.88 83.94
C PHE B 977 -50.37 3.10 83.74
N ILE B 978 -50.77 4.33 83.45
CA ILE B 978 -52.19 4.62 83.29
C ILE B 978 -52.74 3.93 82.05
N LEU B 979 -51.94 3.84 80.99
CA LEU B 979 -52.38 3.12 79.80
C LEU B 979 -52.56 1.63 80.10
N ASN B 980 -51.67 1.06 80.91
CA ASN B 980 -51.85 -0.33 81.31
C ASN B 980 -53.12 -0.50 82.13
N VAL B 981 -53.43 0.47 82.99
CA VAL B 981 -54.67 0.41 83.77
C VAL B 981 -55.87 0.45 82.84
N ARG B 982 -55.81 1.30 81.80
CA ARG B 982 -56.89 1.36 80.83
C ARG B 982 -57.05 0.02 80.10
N LEU B 983 -55.93 -0.62 79.75
CA LEU B 983 -56.00 -1.93 79.12
C LEU B 983 -56.66 -2.94 80.04
N ASP B 984 -56.32 -2.92 81.32
CA ASP B 984 -56.97 -3.82 82.28
C ASP B 984 -58.46 -3.54 82.35
N TYR B 985 -58.85 -2.27 82.33
CA TYR B 985 -60.28 -1.93 82.36
C TYR B 985 -60.99 -2.46 81.12
N ARG B 986 -60.34 -2.35 79.95
CA ARG B 986 -60.96 -2.87 78.73
C ARG B 986 -61.13 -4.38 78.80
N ILE B 987 -60.13 -5.08 79.32
CA ILE B 987 -60.24 -6.53 79.47
C ILE B 987 -61.37 -6.87 80.42
N SER B 988 -61.49 -6.14 81.52
CA SER B 988 -62.57 -6.39 82.47
C SER B 988 -63.93 -6.14 81.83
N TYR B 989 -64.06 -5.09 81.03
CA TYR B 989 -65.31 -4.81 80.34
C TYR B 989 -65.68 -5.93 79.38
N LEU B 990 -64.70 -6.42 78.62
CA LEU B 990 -64.97 -7.53 77.71
C LEU B 990 -65.41 -8.78 78.47
N LEU B 991 -64.73 -9.07 79.59
CA LEU B 991 -65.10 -10.23 80.39
C LEU B 991 -66.51 -10.08 80.95
N SER B 992 -66.86 -8.87 81.41
CA SER B 992 -68.20 -8.65 81.94
C SER B 992 -69.26 -8.85 80.86
N VAL B 993 -69.01 -8.34 79.66
CA VAL B 993 -69.96 -8.53 78.57
C VAL B 993 -70.13 -10.01 78.26
N PHE B 994 -69.01 -10.74 78.19
CA PHE B 994 -69.08 -12.16 77.89
C PHE B 994 -69.85 -12.91 78.98
N LYS B 995 -69.60 -12.57 80.24
CA LYS B 995 -70.30 -13.25 81.34
C LYS B 995 -71.79 -12.94 81.30
N LYS B 996 -72.16 -11.70 81.02
CA LYS B 996 -73.57 -11.35 80.94
C LYS B 996 -74.25 -12.14 79.84
N GLU B 997 -73.62 -12.22 78.66
CA GLU B 997 -74.24 -12.95 77.56
C GLU B 997 -74.34 -14.44 77.89
N PHE B 998 -73.30 -15.01 78.51
CA PHE B 998 -73.33 -16.42 78.89
C PHE B 998 -74.45 -16.69 79.88
N VAL B 999 -74.59 -15.83 80.89
CA VAL B 999 -75.66 -16.02 81.87
C VAL B 999 -77.02 -15.92 81.20
N GLU B 1000 -77.19 -14.96 80.28
CA GLU B 1000 -78.47 -14.82 79.59
C GLU B 1000 -78.79 -16.07 78.77
N VAL B 1001 -77.79 -16.59 78.05
CA VAL B 1001 -78.03 -17.75 77.19
C VAL B 1001 -78.26 -19.00 78.02
N PHE B 1002 -77.47 -19.19 79.09
CA PHE B 1002 -77.52 -20.39 79.92
C PHE B 1002 -77.86 -19.98 81.35
N PRO B 1003 -79.14 -19.87 81.70
CA PRO B 1003 -79.48 -19.53 83.09
C PRO B 1003 -78.94 -20.52 84.11
N MET B 1004 -78.88 -21.80 83.76
CA MET B 1004 -78.37 -22.82 84.68
C MET B 1004 -76.90 -22.56 84.99
N ASN B 1022 -78.27 -20.26 71.80
CA ASN B 1022 -77.06 -19.87 71.08
C ASN B 1022 -76.51 -18.55 71.61
N MET B 1023 -75.31 -18.19 71.16
CA MET B 1023 -74.65 -16.96 71.57
C MET B 1023 -74.75 -15.93 70.47
N ASN B 1024 -75.11 -14.69 70.85
CA ASN B 1024 -75.22 -13.58 69.90
C ASN B 1024 -73.85 -12.90 69.82
N LEU B 1025 -72.96 -13.51 69.05
CA LEU B 1025 -71.61 -12.99 68.91
C LEU B 1025 -71.58 -11.62 68.22
N ASP B 1026 -72.61 -11.29 67.43
CA ASP B 1026 -72.63 -9.99 66.77
C ASP B 1026 -72.70 -8.86 67.78
N ARG B 1027 -73.55 -9.02 68.81
CA ARG B 1027 -73.66 -7.98 69.84
C ARG B 1027 -72.34 -7.81 70.58
N ILE B 1028 -71.67 -8.92 70.93
CA ILE B 1028 -70.41 -8.82 71.64
C ILE B 1028 -69.35 -8.15 70.77
N GLY B 1029 -69.30 -8.50 69.48
CA GLY B 1029 -68.39 -7.82 68.58
C GLY B 1029 -68.66 -6.34 68.48
N GLU B 1030 -69.94 -5.97 68.42
CA GLU B 1030 -70.29 -4.55 68.35
C GLU B 1030 -69.86 -3.82 69.61
N GLN B 1031 -70.07 -4.44 70.78
CA GLN B 1031 -69.65 -3.81 72.03
C GLN B 1031 -68.13 -3.67 72.09
N ALA B 1032 -67.41 -4.70 71.65
CA ALA B 1032 -65.94 -4.62 71.63
C ALA B 1032 -65.47 -3.50 70.71
N GLU B 1033 -66.08 -3.39 69.54
CA GLU B 1033 -65.71 -2.31 68.62
C GLU B 1033 -66.02 -0.94 69.25
N ALA B 1034 -67.17 -0.82 69.91
CA ALA B 1034 -67.54 0.46 70.50
C ALA B 1034 -66.58 0.86 71.61
N MET B 1035 -66.14 -0.10 72.42
CA MET B 1035 -65.29 0.23 73.57
C MET B 1035 -63.96 0.83 73.17
N PHE B 1036 -63.56 0.70 71.90
CA PHE B 1036 -62.30 1.26 71.42
C PHE B 1036 -62.47 2.65 70.82
N GLY B 1037 -63.68 3.19 70.81
CA GLY B 1037 -63.93 4.50 70.22
C GLY B 1037 -63.04 5.58 70.80
N SER B 1043 -64.58 8.99 74.01
CA SER B 1043 -64.96 8.17 75.16
C SER B 1043 -64.26 8.65 76.43
N MET B 1044 -64.76 8.22 77.58
CA MET B 1044 -64.18 8.61 78.85
C MET B 1044 -62.79 8.03 79.09
N LEU B 1045 -62.38 7.02 78.31
CA LEU B 1045 -61.07 6.41 78.48
C LEU B 1045 -59.95 7.20 77.83
N GLU B 1046 -60.27 8.25 77.09
CA GLU B 1046 -59.23 9.05 76.44
C GLU B 1046 -58.39 9.78 77.49
N VAL B 1047 -57.10 9.96 77.16
CA VAL B 1047 -56.17 10.59 78.08
C VAL B 1047 -56.13 12.11 77.96
N ASP B 1048 -56.99 12.69 77.12
CA ASP B 1048 -57.03 14.14 76.96
C ASP B 1048 -58.41 14.52 76.42
N ASP B 1049 -58.72 15.81 76.51
CA ASP B 1049 -59.99 16.34 76.04
C ASP B 1049 -60.01 16.63 74.55
N GLU B 1050 -58.88 16.43 73.85
CA GLU B 1050 -58.78 16.68 72.43
C GLU B 1050 -58.86 15.39 71.60
N GLY B 1051 -59.38 14.32 72.18
CA GLY B 1051 -59.49 13.07 71.46
C GLY B 1051 -58.16 12.49 71.05
N GLY B 1052 -57.15 12.62 71.91
CA GLY B 1052 -55.83 12.08 71.63
C GLY B 1052 -54.92 12.99 70.85
N ARG B 1053 -55.41 14.15 70.40
CA ARG B 1053 -54.55 15.06 69.65
C ARG B 1053 -53.42 15.60 70.52
N MET B 1054 -53.73 15.98 71.76
CA MET B 1054 -52.71 16.50 72.65
C MET B 1054 -51.67 15.44 72.98
N PHE B 1055 -52.12 14.19 73.18
CA PHE B 1055 -51.18 13.11 73.47
C PHE B 1055 -50.22 12.90 72.30
N LEU B 1056 -50.74 12.88 71.08
CA LEU B 1056 -49.88 12.72 69.90
C LEU B 1056 -48.92 13.89 69.76
N ARG B 1057 -49.41 15.11 69.97
CA ARG B 1057 -48.55 16.28 69.87
C ARG B 1057 -47.42 16.22 70.89
N VAL B 1058 -47.74 15.85 72.14
CA VAL B 1058 -46.72 15.74 73.17
C VAL B 1058 -45.71 14.67 72.80
N LEU B 1059 -46.19 13.52 72.29
CA LEU B 1059 -45.26 12.46 71.92
C LEU B 1059 -44.31 12.90 70.82
N ILE B 1060 -44.84 13.59 69.80
CA ILE B 1060 -43.98 14.07 68.72
C ILE B 1060 -42.96 15.08 69.25
N HIS B 1061 -43.42 16.02 70.08
CA HIS B 1061 -42.51 17.02 70.62
C HIS B 1061 -41.40 16.37 71.44
N LEU B 1062 -41.75 15.38 72.27
CA LEU B 1062 -40.73 14.67 73.05
C LEU B 1062 -39.77 13.91 72.14
N THR B 1063 -40.30 13.29 71.09
CA THR B 1063 -39.44 12.61 70.13
C THR B 1063 -38.46 13.57 69.48
N MET B 1064 -38.83 14.84 69.35
CA MET B 1064 -37.91 15.84 68.80
C MET B 1064 -36.78 16.19 69.75
N HIS B 1065 -36.84 15.77 71.02
CA HIS B 1065 -35.80 16.12 71.98
C HIS B 1065 -34.56 15.27 71.76
N ASP B 1066 -33.48 15.66 72.45
CA ASP B 1066 -32.18 15.01 72.28
C ASP B 1066 -31.95 13.88 73.28
N TYR B 1067 -32.48 13.99 74.50
CA TYR B 1067 -32.26 12.97 75.51
C TYR B 1067 -32.72 11.61 75.00
N ALA B 1068 -31.78 10.68 74.85
CA ALA B 1068 -32.10 9.40 74.23
C ALA B 1068 -33.19 8.63 74.96
N PRO B 1069 -33.15 8.48 76.28
CA PRO B 1069 -34.24 7.74 76.96
C PRO B 1069 -35.61 8.37 76.73
N LEU B 1070 -35.68 9.70 76.73
CA LEU B 1070 -36.95 10.37 76.50
C LEU B 1070 -37.47 10.08 75.10
N VAL B 1071 -36.59 10.14 74.10
CA VAL B 1071 -37.02 9.86 72.73
C VAL B 1071 -37.47 8.40 72.61
N SER B 1072 -36.74 7.49 73.24
CA SER B 1072 -37.12 6.08 73.18
C SER B 1072 -38.50 5.84 73.80
N GLY B 1073 -38.73 6.44 74.97
CA GLY B 1073 -40.03 6.30 75.60
C GLY B 1073 -41.15 6.90 74.77
N ALA B 1074 -40.91 8.08 74.20
CA ALA B 1074 -41.91 8.71 73.35
C ALA B 1074 -42.22 7.85 72.15
N LEU B 1075 -41.19 7.26 71.52
CA LEU B 1075 -41.42 6.41 70.36
C LEU B 1075 -42.20 5.16 70.75
N GLN B 1076 -41.86 4.55 71.90
CA GLN B 1076 -42.60 3.39 72.35
C GLN B 1076 -44.07 3.71 72.57
N LEU B 1077 -44.35 4.84 73.24
CA LEU B 1077 -45.74 5.23 73.47
C LEU B 1077 -46.45 5.52 72.15
N LEU B 1078 -45.76 6.17 71.21
CA LEU B 1078 -46.36 6.46 69.91
C LEU B 1078 -46.73 5.17 69.18
N PHE B 1079 -45.83 4.20 69.18
CA PHE B 1079 -46.12 2.93 68.51
C PHE B 1079 -47.27 2.19 69.20
N LYS B 1080 -47.30 2.22 70.54
CA LYS B 1080 -48.39 1.56 71.26
C LYS B 1080 -49.72 2.27 71.05
N HIS B 1081 -49.71 3.56 70.73
CA HIS B 1081 -50.96 4.30 70.58
C HIS B 1081 -51.81 3.73 69.45
N PHE B 1082 -51.18 3.38 68.33
CA PHE B 1082 -51.90 2.90 67.15
C PHE B 1082 -51.98 1.37 67.10
N SER B 1083 -51.95 0.71 68.24
CA SER B 1083 -52.06 -0.75 68.31
C SER B 1083 -52.96 -1.18 69.46
N GLN B 1084 -53.93 -0.34 69.82
CA GLN B 1084 -54.75 -0.61 71.00
C GLN B 1084 -55.59 -1.86 70.82
N ARG B 1085 -56.21 -2.03 69.65
CA ARG B 1085 -57.04 -3.21 69.41
C ARG B 1085 -56.21 -4.48 69.43
N GLN B 1086 -55.04 -4.46 68.79
CA GLN B 1086 -54.17 -5.62 68.79
C GLN B 1086 -53.71 -5.96 70.21
N GLU B 1087 -53.32 -4.95 70.99
CA GLU B 1087 -52.89 -5.20 72.36
C GLU B 1087 -54.03 -5.75 73.20
N ALA B 1088 -55.24 -5.21 73.02
CA ALA B 1088 -56.38 -5.71 73.79
C ALA B 1088 -56.68 -7.16 73.46
N MET B 1089 -56.65 -7.51 72.16
CA MET B 1089 -56.89 -8.91 71.78
C MET B 1089 -55.79 -9.82 72.33
N HIS B 1090 -54.54 -9.40 72.24
CA HIS B 1090 -53.44 -10.21 72.76
C HIS B 1090 -53.59 -10.44 74.25
N THR B 1091 -53.94 -9.39 75.01
CA THR B 1091 -54.13 -9.55 76.44
C THR B 1091 -55.34 -10.43 76.75
N PHE B 1092 -56.41 -10.29 75.98
CA PHE B 1092 -57.60 -11.12 76.20
C PHE B 1092 -57.31 -12.58 75.94
N LYS B 1093 -56.44 -12.89 74.97
CA LYS B 1093 -56.09 -14.27 74.72
C LYS B 1093 -55.49 -14.94 75.95
N GLN B 1094 -54.70 -14.19 76.72
CA GLN B 1094 -53.96 -14.74 77.85
C GLN B 1094 -54.78 -14.78 79.14
N VAL B 1095 -56.02 -14.30 79.13
CA VAL B 1095 -56.82 -14.29 80.34
C VAL B 1095 -57.09 -15.73 80.78
N GLN B 1096 -56.93 -15.99 82.07
CA GLN B 1096 -57.18 -17.30 82.66
C GLN B 1096 -58.35 -17.18 83.62
N LEU B 1097 -59.33 -18.08 83.45
CA LEU B 1097 -60.55 -18.07 84.25
C LEU B 1097 -60.49 -19.22 85.26
N LEU B 1098 -60.78 -18.90 86.53
CA LEU B 1098 -60.83 -19.88 87.61
C LEU B 1098 -62.28 -20.08 88.01
N ILE B 1099 -62.83 -21.24 87.68
CA ILE B 1099 -64.25 -21.53 87.92
C ILE B 1099 -64.43 -22.68 88.92
N SER B 1100 -63.60 -23.72 88.81
CA SER B 1100 -63.73 -24.84 89.72
C SER B 1100 -63.42 -24.43 91.15
N ALA B 1101 -64.08 -25.09 92.10
CA ALA B 1101 -63.85 -24.78 93.52
C ALA B 1101 -62.41 -25.08 93.90
N GLN B 1102 -61.84 -26.17 93.39
CA GLN B 1102 -60.45 -26.48 93.66
C GLN B 1102 -59.53 -25.38 93.13
N ASP B 1103 -59.84 -24.85 91.94
CA ASP B 1103 -59.04 -23.76 91.40
C ASP B 1103 -59.12 -22.52 92.29
N VAL B 1104 -60.31 -22.20 92.78
CA VAL B 1104 -60.47 -21.04 93.65
C VAL B 1104 -59.68 -21.22 94.94
N GLU B 1105 -59.75 -22.42 95.53
CA GLU B 1105 -59.00 -22.68 96.75
C GLU B 1105 -57.50 -22.58 96.50
N ASN B 1106 -57.03 -23.13 95.38
CA ASN B 1106 -55.62 -23.02 95.05
C ASN B 1106 -55.20 -21.57 94.88
N TYR B 1107 -56.04 -20.77 94.21
CA TYR B 1107 -55.74 -19.36 94.02
C TYR B 1107 -55.63 -18.64 95.36
N LYS B 1108 -56.59 -18.87 96.26
CA LYS B 1108 -56.56 -18.21 97.56
C LYS B 1108 -55.33 -18.62 98.36
N VAL B 1109 -55.02 -19.91 98.38
CA VAL B 1109 -53.87 -20.39 99.14
C VAL B 1109 -52.58 -19.81 98.60
N ILE B 1110 -52.43 -19.80 97.27
CA ILE B 1110 -51.22 -19.27 96.66
C ILE B 1110 -51.10 -17.78 96.96
N LYS B 1111 -52.20 -17.04 96.84
CA LYS B 1111 -52.16 -15.61 97.13
C LYS B 1111 -51.71 -15.36 98.56
N SER B 1112 -52.32 -16.06 99.52
CA SER B 1112 -51.97 -15.84 100.92
C SER B 1112 -50.51 -16.19 101.18
N GLU B 1113 -50.06 -17.35 100.69
CA GLU B 1113 -48.70 -17.77 100.94
C GLU B 1113 -47.70 -16.80 100.33
N LEU B 1114 -47.94 -16.38 99.08
CA LEU B 1114 -47.02 -15.45 98.44
C LEU B 1114 -47.00 -14.11 99.14
N ASP B 1115 -48.16 -13.61 99.58
CA ASP B 1115 -48.20 -12.33 100.29
C ASP B 1115 -47.40 -12.41 101.58
N ARG B 1116 -47.60 -13.50 102.35
CA ARG B 1116 -46.86 -13.63 103.61
C ARG B 1116 -45.36 -13.77 103.36
N LEU B 1117 -44.98 -14.54 102.34
CA LEU B 1117 -43.56 -14.71 102.03
C LEU B 1117 -42.93 -13.38 101.63
N ARG B 1118 -43.63 -12.60 100.80
CA ARG B 1118 -43.11 -11.29 100.40
C ARG B 1118 -42.97 -10.38 101.61
N THR B 1119 -43.98 -10.35 102.47
CA THR B 1119 -43.92 -9.49 103.65
C THR B 1119 -42.75 -9.88 104.55
N MET B 1120 -42.54 -11.19 104.74
CA MET B 1120 -41.44 -11.62 105.62
C MET B 1120 -40.09 -11.35 104.99
N VAL B 1121 -39.97 -11.53 103.67
CA VAL B 1121 -38.70 -11.28 103.00
C VAL B 1121 -38.35 -9.79 103.04
N GLU B 1122 -39.37 -8.93 102.93
CA GLU B 1122 -39.11 -7.48 102.94
C GLU B 1122 -38.44 -7.04 104.24
N LYS B 1123 -38.62 -7.78 105.32
CA LYS B 1123 -38.04 -7.46 106.62
C LYS B 1123 -36.84 -8.35 106.94
N SER B 1124 -36.01 -8.65 105.94
CA SER B 1124 -34.93 -9.59 106.14
C SER B 1124 -34.00 -9.15 107.27
N GLU B 1125 -33.66 -7.86 107.31
CA GLU B 1125 -32.71 -7.38 108.32
C GLU B 1125 -33.21 -7.59 109.74
N LEU B 1126 -34.53 -7.75 109.93
CA LEU B 1126 -35.06 -7.87 111.29
C LEU B 1126 -34.77 -9.24 111.89
N TRP B 1127 -34.91 -10.30 111.10
CA TRP B 1127 -34.78 -11.66 111.61
C TRP B 1127 -33.57 -12.41 111.08
N VAL B 1128 -32.91 -11.92 110.03
CA VAL B 1128 -31.75 -12.61 109.50
C VAL B 1128 -30.62 -12.55 110.52
N ASP B 1129 -29.98 -13.69 110.76
CA ASP B 1129 -28.88 -13.77 111.72
C ASP B 1129 -27.67 -12.99 111.21
N SER B 1166 -35.43 -17.66 115.74
CA SER B 1166 -36.74 -17.03 115.76
C SER B 1166 -37.75 -17.86 114.99
N GLU B 1167 -39.04 -17.54 115.18
CA GLU B 1167 -40.10 -18.27 114.51
C GLU B 1167 -40.16 -17.97 113.01
N ASN B 1168 -39.44 -16.95 112.54
CA ASN B 1168 -39.48 -16.61 111.12
C ASN B 1168 -38.97 -17.76 110.26
N TYR B 1169 -37.88 -18.40 110.68
CA TYR B 1169 -37.29 -19.47 109.88
C TYR B 1169 -38.26 -20.63 109.70
N GLN B 1170 -38.92 -21.04 110.78
CA GLN B 1170 -39.84 -22.17 110.68
C GLN B 1170 -41.03 -21.84 109.78
N ILE B 1171 -41.59 -20.64 109.92
CA ILE B 1171 -42.73 -20.25 109.09
C ILE B 1171 -42.32 -20.19 107.63
N VAL B 1172 -41.14 -19.63 107.35
CA VAL B 1172 -40.66 -19.55 105.97
C VAL B 1172 -40.47 -20.95 105.39
N LYS B 1173 -39.90 -21.87 106.18
CA LYS B 1173 -39.69 -23.23 105.71
C LYS B 1173 -41.02 -23.91 105.42
N GLY B 1174 -42.01 -23.72 106.30
CA GLY B 1174 -43.33 -24.28 106.04
C GLY B 1174 -43.94 -23.71 104.77
N ILE B 1175 -43.77 -22.41 104.54
CA ILE B 1175 -44.32 -21.80 103.34
C ILE B 1175 -43.67 -22.37 102.08
N LEU B 1176 -42.34 -22.52 102.10
CA LEU B 1176 -41.66 -23.12 100.94
C LEU B 1176 -42.14 -24.55 100.71
N GLU B 1177 -42.24 -25.35 101.76
CA GLU B 1177 -42.72 -26.73 101.58
C GLU B 1177 -44.14 -26.74 101.02
N ARG B 1178 -45.00 -25.87 101.55
CA ARG B 1178 -46.38 -25.81 101.06
C ARG B 1178 -46.43 -25.43 99.58
N LEU B 1179 -45.62 -24.46 99.17
CA LEU B 1179 -45.59 -24.08 97.77
C LEU B 1179 -45.06 -25.22 96.90
N ASN B 1180 -44.02 -25.91 97.36
CA ASN B 1180 -43.47 -27.03 96.60
C ASN B 1180 -44.52 -28.13 96.42
N LYS B 1181 -45.27 -28.44 97.47
CA LYS B 1181 -46.35 -29.40 97.34
C LYS B 1181 -47.46 -28.88 96.43
N MET B 1182 -47.67 -27.56 96.43
CA MET B 1182 -48.71 -26.94 95.61
C MET B 1182 -48.34 -26.92 94.13
N CYS B 1183 -47.05 -27.06 93.81
CA CYS B 1183 -46.64 -27.05 92.40
C CYS B 1183 -47.39 -28.10 91.59
N GLY B 1184 -47.78 -29.21 92.20
CA GLY B 1184 -48.61 -30.19 91.57
C GLY B 1184 -47.83 -31.33 90.93
N VAL B 1185 -48.54 -32.41 90.63
CA VAL B 1185 -47.98 -33.60 90.00
C VAL B 1185 -48.89 -33.99 88.85
N GLY B 1186 -48.30 -34.34 87.72
CA GLY B 1186 -49.04 -34.69 86.53
C GLY B 1186 -48.87 -33.63 85.45
N GLU B 1187 -48.83 -34.08 84.20
CA GLU B 1187 -48.53 -33.16 83.10
C GLU B 1187 -49.54 -32.03 83.03
N GLN B 1188 -50.83 -32.36 82.97
CA GLN B 1188 -51.85 -31.32 82.89
C GLN B 1188 -51.92 -30.51 84.18
N MET B 1189 -51.90 -31.20 85.33
CA MET B 1189 -51.91 -30.48 86.60
C MET B 1189 -50.67 -29.62 86.76
N ARG B 1190 -49.50 -30.15 86.38
CA ARG B 1190 -48.27 -29.37 86.49
C ARG B 1190 -48.32 -28.14 85.60
N LYS B 1191 -48.80 -28.28 84.37
CA LYS B 1191 -48.88 -27.14 83.47
C LYS B 1191 -49.85 -26.08 84.01
N LYS B 1192 -51.02 -26.52 84.49
CA LYS B 1192 -51.99 -25.57 85.03
C LYS B 1192 -51.43 -24.84 86.24
N GLN B 1193 -50.79 -25.57 87.15
CA GLN B 1193 -50.24 -24.95 88.35
C GLN B 1193 -49.10 -24.00 87.99
N GLN B 1194 -48.27 -24.36 87.00
CA GLN B 1194 -47.20 -23.47 86.58
C GLN B 1194 -47.76 -22.19 85.99
N ARG B 1195 -48.80 -22.30 85.17
CA ARG B 1195 -49.42 -21.11 84.61
C ARG B 1195 -50.00 -20.24 85.72
N LEU B 1196 -50.68 -20.85 86.69
CA LEU B 1196 -51.24 -20.07 87.79
C LEU B 1196 -50.15 -19.37 88.58
N LEU B 1197 -49.07 -20.09 88.89
CA LEU B 1197 -47.98 -19.48 89.66
C LEU B 1197 -47.34 -18.34 88.88
N LYS B 1198 -47.18 -18.50 87.57
CA LYS B 1198 -46.68 -17.40 86.75
C LYS B 1198 -47.61 -16.19 86.82
N ASN B 1199 -48.92 -16.43 86.78
CA ASN B 1199 -49.87 -15.33 86.82
C ASN B 1199 -49.83 -14.62 88.17
N MET B 1200 -49.45 -15.33 89.24
CA MET B 1200 -49.38 -14.73 90.57
C MET B 1200 -48.01 -14.22 90.93
N ASP B 1201 -47.05 -14.26 90.01
CA ASP B 1201 -45.71 -13.69 90.22
C ASP B 1201 -45.02 -14.31 91.43
N ALA B 1202 -45.07 -15.63 91.52
CA ALA B 1202 -44.31 -16.31 92.57
C ALA B 1202 -42.81 -16.33 92.27
N HIS B 1203 -42.45 -16.41 90.99
CA HIS B 1203 -41.05 -16.43 90.62
C HIS B 1203 -40.34 -15.16 91.06
N LYS B 1204 -41.01 -14.01 90.95
CA LYS B 1204 -40.41 -12.77 91.42
C LYS B 1204 -40.12 -12.83 92.91
N VAL B 1205 -41.06 -13.36 93.69
CA VAL B 1205 -40.85 -13.47 95.13
C VAL B 1205 -39.67 -14.39 95.42
N MET B 1206 -39.59 -15.52 94.71
CA MET B 1206 -38.48 -16.44 94.95
C MET B 1206 -37.14 -15.80 94.59
N LEU B 1207 -37.09 -15.11 93.45
CA LEU B 1207 -35.84 -14.46 93.05
C LEU B 1207 -35.44 -13.38 94.05
N ASP B 1208 -36.41 -12.61 94.55
CA ASP B 1208 -36.10 -11.62 95.59
C ASP B 1208 -35.59 -12.31 96.85
N LEU B 1209 -36.16 -13.46 97.19
CA LEU B 1209 -35.67 -14.20 98.36
C LEU B 1209 -34.22 -14.65 98.15
N LEU B 1210 -33.88 -15.07 96.93
CA LEU B 1210 -32.50 -15.49 96.66
C LEU B 1210 -31.52 -14.37 96.93
N GLN B 1211 -31.89 -13.13 96.61
CA GLN B 1211 -31.01 -11.98 96.80
C GLN B 1211 -30.82 -11.62 98.26
N ILE B 1212 -31.58 -12.22 99.17
CA ILE B 1212 -31.51 -11.84 100.58
C ILE B 1212 -30.08 -12.01 101.08
N PRO B 1213 -29.50 -11.04 101.80
CA PRO B 1213 -28.16 -11.25 102.37
C PRO B 1213 -28.22 -12.18 103.57
N TYR B 1214 -27.19 -13.00 103.71
CA TYR B 1214 -27.15 -13.98 104.79
C TYR B 1214 -25.71 -14.39 105.04
N ASP B 1215 -25.48 -14.99 106.20
CA ASP B 1215 -24.18 -15.52 106.56
C ASP B 1215 -24.02 -16.94 106.03
N LYS B 1216 -22.77 -17.38 105.93
CA LYS B 1216 -22.44 -18.69 105.39
C LYS B 1216 -22.47 -19.79 106.45
N GLY B 1217 -22.76 -19.46 107.70
CA GLY B 1217 -22.76 -20.44 108.77
C GLY B 1217 -24.12 -20.66 109.39
N ASP B 1218 -25.17 -20.64 108.56
CA ASP B 1218 -26.54 -20.85 109.01
C ASP B 1218 -27.14 -21.99 108.22
N ALA B 1219 -27.27 -23.16 108.87
CA ALA B 1219 -27.84 -24.32 108.18
C ALA B 1219 -29.29 -24.10 107.80
N LYS B 1220 -30.05 -23.41 108.66
CA LYS B 1220 -31.45 -23.15 108.36
C LYS B 1220 -31.60 -22.33 107.09
N MET B 1221 -30.76 -21.31 106.92
CA MET B 1221 -30.81 -20.50 105.71
C MET B 1221 -30.42 -21.33 104.49
N MET B 1222 -29.46 -22.24 104.64
CA MET B 1222 -29.10 -23.12 103.54
C MET B 1222 -30.27 -24.00 103.14
N GLU B 1223 -31.00 -24.54 104.13
CA GLU B 1223 -32.18 -25.34 103.82
C GLU B 1223 -33.25 -24.51 103.12
N ILE B 1224 -33.44 -23.26 103.58
CA ILE B 1224 -34.43 -22.39 102.95
C ILE B 1224 -34.05 -22.13 101.49
N LEU B 1225 -32.77 -21.86 101.23
CA LEU B 1225 -32.33 -21.63 99.87
C LEU B 1225 -32.45 -22.88 99.02
N ARG B 1226 -32.19 -24.05 99.60
CA ARG B 1226 -32.38 -25.31 98.88
C ARG B 1226 -33.84 -25.49 98.47
N TYR B 1227 -34.76 -25.20 99.40
CA TYR B 1227 -36.18 -25.31 99.08
C TYR B 1227 -36.57 -24.31 98.00
N THR B 1228 -36.04 -23.09 98.08
CA THR B 1228 -36.32 -22.08 97.06
C THR B 1228 -35.84 -22.54 95.70
N HIS B 1229 -34.64 -23.11 95.63
CA HIS B 1229 -34.13 -23.60 94.35
C HIS B 1229 -34.95 -24.77 93.84
N GLN B 1230 -35.41 -25.65 94.74
CA GLN B 1230 -36.27 -26.74 94.31
C GLN B 1230 -37.57 -26.20 93.71
N PHE B 1231 -38.17 -25.20 94.36
CA PHE B 1231 -39.38 -24.61 93.81
C PHE B 1231 -39.12 -23.97 92.45
N LEU B 1232 -38.00 -23.27 92.32
CA LEU B 1232 -37.68 -22.64 91.04
C LEU B 1232 -37.51 -23.68 89.95
N GLN B 1233 -36.82 -24.78 90.26
CA GLN B 1233 -36.64 -25.84 89.28
C GLN B 1233 -37.98 -26.45 88.88
N LYS B 1234 -38.87 -26.68 89.85
CA LYS B 1234 -40.20 -27.22 89.53
C LYS B 1234 -41.00 -26.22 88.71
N PHE B 1235 -40.76 -24.92 88.90
CA PHE B 1235 -41.54 -23.90 88.21
C PHE B 1235 -41.34 -23.97 86.70
N CYS B 1236 -40.10 -24.15 86.26
CA CYS B 1236 -39.77 -24.17 84.83
C CYS B 1236 -39.57 -25.58 84.29
N ALA B 1237 -39.97 -26.61 85.03
CA ALA B 1237 -39.78 -27.98 84.61
C ALA B 1237 -40.70 -28.27 83.43
N GLY B 1238 -40.13 -28.33 82.23
CA GLY B 1238 -40.89 -28.66 81.05
C GLY B 1238 -41.70 -27.54 80.46
N ASN B 1239 -41.55 -26.31 80.98
CA ASN B 1239 -42.32 -25.17 80.49
C ASN B 1239 -41.38 -24.18 79.81
N PRO B 1240 -41.36 -24.12 78.47
CA PRO B 1240 -40.47 -23.16 77.81
C PRO B 1240 -40.71 -21.72 78.23
N GLY B 1241 -41.97 -21.33 78.45
CA GLY B 1241 -42.26 -19.96 78.83
C GLY B 1241 -41.62 -19.60 80.16
N ASN B 1242 -41.81 -20.45 81.17
CA ASN B 1242 -41.18 -20.21 82.47
C ASN B 1242 -39.67 -20.33 82.37
N GLN B 1243 -39.17 -21.21 81.51
CA GLN B 1243 -37.73 -21.33 81.32
C GLN B 1243 -37.14 -20.01 80.82
N ALA B 1244 -37.79 -19.40 79.83
CA ALA B 1244 -37.33 -18.10 79.34
C ALA B 1244 -37.51 -17.02 80.40
N LEU B 1245 -38.60 -17.08 81.15
CA LEU B 1245 -38.84 -16.09 82.19
C LEU B 1245 -37.70 -16.11 83.22
N LEU B 1246 -37.25 -17.30 83.61
CA LEU B 1246 -36.14 -17.40 84.54
C LEU B 1246 -34.80 -17.09 83.87
N HIS B 1247 -34.63 -17.46 82.61
CA HIS B 1247 -33.44 -17.08 81.87
C HIS B 1247 -33.28 -15.58 81.76
N LYS B 1248 -34.38 -14.84 81.85
CA LYS B 1248 -34.29 -13.39 81.83
C LYS B 1248 -33.50 -12.83 83.01
N HIS B 1249 -33.27 -13.64 84.05
CA HIS B 1249 -32.57 -13.21 85.26
C HIS B 1249 -31.39 -14.14 85.54
N LEU B 1250 -30.58 -14.40 84.51
CA LEU B 1250 -29.47 -15.34 84.65
C LEU B 1250 -28.45 -14.87 85.69
N HIS B 1251 -28.21 -13.56 85.75
CA HIS B 1251 -27.07 -13.05 86.52
C HIS B 1251 -27.10 -13.53 87.96
N LEU B 1252 -28.28 -13.74 88.54
CA LEU B 1252 -28.36 -14.21 89.92
C LEU B 1252 -27.75 -15.60 90.06
N PHE B 1253 -28.02 -16.48 89.10
CA PHE B 1253 -27.60 -17.88 89.20
C PHE B 1253 -26.14 -18.10 88.84
N LEU B 1254 -25.48 -17.11 88.24
CA LEU B 1254 -24.07 -17.26 87.83
C LEU B 1254 -23.18 -16.96 89.04
N THR B 1255 -23.18 -17.90 89.97
CA THR B 1255 -22.40 -17.80 91.20
C THR B 1255 -21.78 -19.16 91.50
N PRO B 1256 -20.70 -19.19 92.29
CA PRO B 1256 -20.04 -20.47 92.61
C PRO B 1256 -20.80 -21.32 93.63
N GLY B 1257 -21.78 -22.07 93.14
CA GLY B 1257 -22.57 -22.92 94.00
C GLY B 1257 -23.10 -24.13 93.25
N LEU B 1258 -23.44 -25.16 94.01
CA LEU B 1258 -23.99 -26.38 93.42
C LEU B 1258 -25.48 -26.23 93.12
N LEU B 1259 -26.24 -25.65 94.05
CA LEU B 1259 -27.66 -25.43 93.81
C LEU B 1259 -27.89 -24.50 92.63
N GLU B 1260 -27.05 -23.47 92.50
CA GLU B 1260 -27.16 -22.57 91.36
C GLU B 1260 -26.90 -23.32 90.06
N ALA B 1261 -25.92 -24.22 90.05
CA ALA B 1261 -25.65 -25.03 88.87
C ALA B 1261 -26.84 -25.92 88.53
N GLU B 1262 -27.46 -26.53 89.55
CA GLU B 1262 -28.64 -27.36 89.30
C GLU B 1262 -29.78 -26.53 88.72
N THR B 1263 -29.99 -25.32 89.26
CA THR B 1263 -31.05 -24.47 88.75
C THR B 1263 -30.78 -24.05 87.31
N MET B 1264 -29.52 -23.73 86.99
CA MET B 1264 -29.16 -23.41 85.61
C MET B 1264 -29.42 -24.59 84.69
N GLN B 1265 -29.05 -25.80 85.13
CA GLN B 1265 -29.30 -26.99 84.33
C GLN B 1265 -30.80 -27.15 84.07
N HIS B 1266 -31.62 -26.96 85.10
CA HIS B 1266 -33.07 -27.10 84.92
C HIS B 1266 -33.60 -26.02 83.99
N ILE B 1267 -33.08 -24.80 84.10
CA ILE B 1267 -33.53 -23.72 83.22
C ILE B 1267 -33.22 -24.05 81.76
N PHE B 1268 -32.02 -24.56 81.50
CA PHE B 1268 -31.59 -24.88 80.14
C PHE B 1268 -32.01 -26.26 79.68
N LEU B 1269 -32.60 -27.07 80.56
CA LEU B 1269 -32.95 -28.44 80.19
C LEU B 1269 -33.99 -28.44 79.08
N ASN B 1270 -33.72 -29.19 78.02
CA ASN B 1270 -34.64 -29.37 76.89
C ASN B 1270 -35.18 -28.02 76.41
N ASN B 1271 -34.27 -27.17 75.95
CA ASN B 1271 -34.64 -25.85 75.43
C ASN B 1271 -33.65 -25.50 74.31
N TYR B 1272 -34.04 -25.77 73.07
CA TYR B 1272 -33.19 -25.43 71.94
C TYR B 1272 -33.01 -23.92 71.82
N GLN B 1273 -34.09 -23.16 72.02
CA GLN B 1273 -33.99 -21.71 71.86
C GLN B 1273 -32.99 -21.09 72.82
N LEU B 1274 -32.83 -21.68 74.01
CA LEU B 1274 -31.88 -21.16 74.98
C LEU B 1274 -30.50 -21.80 74.83
N CYS B 1275 -30.46 -23.12 74.66
CA CYS B 1275 -29.17 -23.80 74.53
C CYS B 1275 -28.42 -23.34 73.29
N SER B 1276 -29.13 -23.25 72.16
CA SER B 1276 -28.46 -22.90 70.91
C SER B 1276 -27.87 -21.49 70.97
N GLU B 1277 -28.61 -20.54 71.55
CA GLU B 1277 -28.18 -19.16 71.62
C GLU B 1277 -27.44 -18.84 72.92
N ILE B 1278 -26.89 -19.83 73.60
CA ILE B 1278 -26.17 -19.60 74.85
C ILE B 1278 -24.95 -18.74 74.56
N SER B 1279 -24.74 -17.70 75.36
CA SER B 1279 -23.64 -16.78 75.14
C SER B 1279 -22.32 -17.39 75.59
N GLU B 1280 -21.23 -16.86 75.06
CA GLU B 1280 -19.91 -17.39 75.37
C GLU B 1280 -19.57 -17.29 76.85
N PRO B 1281 -19.74 -16.16 77.53
CA PRO B 1281 -19.33 -16.09 78.94
C PRO B 1281 -20.05 -17.09 79.82
N VAL B 1282 -21.32 -17.41 79.52
CA VAL B 1282 -22.03 -18.40 80.32
C VAL B 1282 -21.33 -19.74 80.23
N LEU B 1283 -20.93 -20.13 79.03
CA LEU B 1283 -20.23 -21.41 78.87
C LEU B 1283 -18.86 -21.37 79.53
N GLN B 1284 -18.13 -20.27 79.38
CA GLN B 1284 -16.82 -20.18 80.02
C GLN B 1284 -16.92 -20.16 81.55
N HIS B 1285 -18.05 -19.75 82.10
CA HIS B 1285 -18.18 -19.67 83.55
C HIS B 1285 -17.97 -21.05 84.19
N PHE B 1286 -18.60 -22.08 83.62
CA PHE B 1286 -18.54 -23.39 84.26
C PHE B 1286 -17.16 -24.02 84.11
N VAL B 1287 -16.51 -23.84 82.96
CA VAL B 1287 -15.15 -24.36 82.81
C VAL B 1287 -14.21 -23.62 83.75
N HIS B 1288 -14.43 -22.31 83.95
CA HIS B 1288 -13.62 -21.57 84.91
C HIS B 1288 -13.79 -22.14 86.31
N LEU B 1289 -15.04 -22.41 86.71
CA LEU B 1289 -15.28 -22.99 88.02
C LEU B 1289 -14.61 -24.36 88.14
N LEU B 1290 -14.71 -25.18 87.10
CA LEU B 1290 -14.07 -26.48 87.13
C LEU B 1290 -12.55 -26.34 87.30
N ALA B 1291 -11.95 -25.40 86.57
CA ALA B 1291 -10.50 -25.22 86.64
C ALA B 1291 -10.07 -24.76 88.03
N THR B 1292 -10.79 -23.80 88.61
CA THR B 1292 -10.39 -23.25 89.90
C THR B 1292 -10.95 -24.02 91.08
N HIS B 1293 -12.20 -24.49 91.00
CA HIS B 1293 -12.84 -25.20 92.10
C HIS B 1293 -12.94 -26.70 91.83
N GLY B 1294 -13.60 -27.08 90.73
CA GLY B 1294 -13.81 -28.49 90.47
C GLY B 1294 -14.55 -29.18 91.59
N ARG B 1295 -15.58 -28.53 92.14
CA ARG B 1295 -16.24 -29.04 93.34
C ARG B 1295 -16.84 -30.42 93.10
N HIS B 1296 -17.74 -30.52 92.12
CA HIS B 1296 -18.46 -31.76 91.86
C HIS B 1296 -18.79 -31.85 90.38
N VAL B 1297 -19.71 -32.76 90.04
CA VAL B 1297 -20.02 -33.04 88.64
C VAL B 1297 -21.19 -32.18 88.16
N GLN B 1298 -21.59 -31.20 88.98
CA GLN B 1298 -22.72 -30.35 88.61
C GLN B 1298 -22.41 -29.56 87.34
N TYR B 1299 -21.20 -29.01 87.24
CA TYR B 1299 -20.84 -28.24 86.04
C TYR B 1299 -20.82 -29.13 84.80
N LEU B 1300 -20.27 -30.34 84.93
CA LEU B 1300 -20.26 -31.26 83.81
C LEU B 1300 -21.68 -31.63 83.41
N ASP B 1301 -22.56 -31.84 84.38
CA ASP B 1301 -23.96 -32.14 84.07
C ASP B 1301 -24.60 -30.98 83.33
N PHE B 1302 -24.36 -29.75 83.78
CA PHE B 1302 -24.93 -28.60 83.10
C PHE B 1302 -24.46 -28.52 81.66
N LEU B 1303 -23.16 -28.72 81.43
CA LEU B 1303 -22.63 -28.68 80.08
C LEU B 1303 -23.26 -29.78 79.22
N HIS B 1304 -23.38 -30.99 79.78
CA HIS B 1304 -23.96 -32.10 79.04
C HIS B 1304 -25.39 -31.80 78.62
N THR B 1305 -26.21 -31.26 79.54
CA THR B 1305 -27.58 -30.90 79.17
C THR B 1305 -27.61 -29.76 78.19
N VAL B 1306 -26.67 -28.82 78.27
CA VAL B 1306 -26.64 -27.72 77.31
C VAL B 1306 -26.30 -28.22 75.91
N ILE B 1307 -25.50 -29.28 75.81
CA ILE B 1307 -25.05 -29.75 74.50
C ILE B 1307 -26.25 -30.16 73.63
N LYS B 1308 -27.18 -30.93 74.20
CA LYS B 1308 -28.31 -31.47 73.46
C LYS B 1308 -29.61 -30.83 73.94
N ALA B 1309 -30.53 -30.61 73.01
CA ALA B 1309 -31.83 -30.03 73.32
C ALA B 1309 -32.85 -30.45 72.28
N GLU B 1310 -34.00 -30.92 72.75
CA GLU B 1310 -35.10 -31.33 71.87
C GLU B 1310 -34.64 -32.37 70.86
N GLY B 1311 -33.84 -33.32 71.31
CA GLY B 1311 -33.34 -34.35 70.42
C GLY B 1311 -32.54 -33.78 69.26
N LYS B 1312 -31.78 -32.72 69.51
CA LYS B 1312 -30.96 -32.10 68.48
C LYS B 1312 -29.63 -31.72 69.10
N TYR B 1313 -28.61 -31.62 68.24
CA TYR B 1313 -27.25 -31.35 68.66
C TYR B 1313 -26.83 -29.94 68.26
N VAL B 1314 -26.27 -29.21 69.20
CA VAL B 1314 -25.78 -27.85 68.98
C VAL B 1314 -24.29 -27.95 68.69
N LYS B 1315 -23.92 -27.84 67.41
CA LYS B 1315 -22.52 -27.99 67.03
C LYS B 1315 -21.65 -26.95 67.69
N LYS B 1316 -22.10 -25.70 67.70
CA LYS B 1316 -21.30 -24.61 68.25
C LYS B 1316 -21.03 -24.80 69.74
N CYS B 1317 -22.04 -25.24 70.50
CA CYS B 1317 -21.82 -25.49 71.92
C CYS B 1317 -20.79 -26.59 72.14
N GLN B 1318 -20.88 -27.66 71.35
CA GLN B 1318 -19.88 -28.73 71.46
C GLN B 1318 -18.49 -28.20 71.16
N ASP B 1319 -18.36 -27.38 70.11
CA ASP B 1319 -17.06 -26.84 69.74
C ASP B 1319 -16.47 -26.03 70.89
N MET B 1320 -17.24 -25.07 71.43
CA MET B 1320 -16.69 -24.24 72.50
C MET B 1320 -16.39 -25.07 73.74
N ILE B 1321 -17.23 -26.05 74.07
CA ILE B 1321 -16.96 -26.88 75.24
C ILE B 1321 -15.64 -27.60 75.05
N MET B 1322 -15.40 -28.16 73.86
CA MET B 1322 -14.17 -28.90 73.63
C MET B 1322 -12.96 -27.98 73.74
N THR B 1323 -13.02 -26.80 73.10
CA THR B 1323 -11.87 -25.89 73.17
C THR B 1323 -11.62 -25.43 74.60
N GLU B 1324 -12.68 -25.10 75.33
CA GLU B 1324 -12.51 -24.64 76.71
C GLU B 1324 -11.90 -25.74 77.56
N LEU B 1325 -12.37 -26.97 77.41
CA LEU B 1325 -11.80 -28.06 78.19
C LEU B 1325 -10.33 -28.28 77.87
N THR B 1326 -9.97 -28.22 76.57
CA THR B 1326 -8.58 -28.46 76.19
C THR B 1326 -7.66 -27.36 76.70
N ASN B 1327 -8.00 -26.09 76.43
CA ASN B 1327 -7.13 -24.99 76.86
C ASN B 1327 -7.21 -24.70 78.35
N ALA B 1328 -8.19 -25.25 79.06
CA ALA B 1328 -8.22 -25.07 80.51
C ALA B 1328 -7.04 -25.76 81.17
N GLY B 1329 -6.69 -26.94 80.71
CA GLY B 1329 -5.57 -27.70 81.24
C GLY B 1329 -6.04 -28.96 81.96
N ASP B 1330 -5.08 -29.57 82.68
CA ASP B 1330 -5.37 -30.78 83.42
C ASP B 1330 -6.32 -30.56 84.59
N ASP B 1331 -6.56 -29.30 84.97
CA ASP B 1331 -7.42 -29.04 86.12
C ASP B 1331 -8.84 -29.53 85.88
N VAL B 1332 -9.38 -29.27 84.69
CA VAL B 1332 -10.77 -29.62 84.41
C VAL B 1332 -10.89 -31.05 83.89
N VAL B 1333 -9.97 -31.47 83.02
CA VAL B 1333 -9.97 -32.81 82.45
C VAL B 1333 -8.88 -33.62 83.14
N VAL B 1334 -9.26 -34.74 83.73
CA VAL B 1334 -8.33 -35.66 84.38
C VAL B 1334 -8.52 -37.04 83.78
N PHE B 1335 -7.43 -37.62 83.28
CA PHE B 1335 -7.46 -38.94 82.67
C PHE B 1335 -6.39 -39.80 83.32
N TYR B 1336 -6.77 -41.01 83.72
CA TYR B 1336 -5.85 -41.94 84.36
C TYR B 1336 -5.09 -42.75 83.30
N ASN B 1337 -4.41 -42.02 82.42
CA ASN B 1337 -3.65 -42.64 81.34
C ASN B 1337 -2.27 -43.08 81.79
N ASP B 1338 -1.71 -42.44 82.83
CA ASP B 1338 -0.39 -42.81 83.32
C ASP B 1338 -0.45 -44.14 84.07
N LYS B 1339 0.70 -44.80 84.14
CA LYS B 1339 0.77 -46.09 84.83
C LYS B 1339 0.40 -45.93 86.31
N ALA B 1340 0.96 -44.93 86.98
CA ALA B 1340 0.59 -44.68 88.37
C ALA B 1340 -0.86 -44.25 88.49
N SER B 1341 -1.31 -43.38 87.58
CA SER B 1341 -2.72 -42.98 87.58
C SER B 1341 -3.62 -44.18 87.30
N LEU B 1342 -3.21 -45.05 86.37
CA LEU B 1342 -3.99 -46.25 86.11
C LEU B 1342 -4.06 -47.15 87.34
N ALA B 1343 -2.95 -47.29 88.06
CA ALA B 1343 -2.97 -48.09 89.28
C ALA B 1343 -3.89 -47.48 90.33
N HIS B 1344 -3.86 -46.16 90.47
CA HIS B 1344 -4.76 -45.50 91.41
C HIS B 1344 -6.22 -45.71 91.02
N LEU B 1345 -6.52 -45.59 89.73
CA LEU B 1345 -7.88 -45.85 89.26
C LEU B 1345 -8.29 -47.28 89.55
N LEU B 1346 -7.39 -48.24 89.33
CA LEU B 1346 -7.67 -49.64 89.63
C LEU B 1346 -7.98 -49.82 91.11
N ASP B 1347 -7.17 -49.21 91.98
CA ASP B 1347 -7.38 -49.36 93.42
C ASP B 1347 -8.72 -48.77 93.85
N MET B 1348 -9.03 -47.56 93.36
CA MET B 1348 -10.30 -46.93 93.74
C MET B 1348 -11.48 -47.73 93.21
N MET B 1349 -11.36 -48.27 91.99
CA MET B 1349 -12.43 -49.08 91.43
C MET B 1349 -12.64 -50.35 92.25
N LYS B 1350 -11.54 -50.99 92.66
CA LYS B 1350 -11.67 -52.19 93.49
C LYS B 1350 -12.32 -51.84 94.83
N ALA B 1351 -11.93 -50.71 95.42
CA ALA B 1351 -12.58 -50.28 96.65
C ALA B 1351 -14.04 -49.93 96.45
N ALA B 1352 -14.47 -49.69 95.20
CA ALA B 1352 -15.85 -49.35 94.88
C ALA B 1352 -16.61 -50.56 94.34
N ARG B 1353 -16.31 -51.75 94.84
CA ARG B 1353 -16.98 -52.95 94.35
C ARG B 1353 -18.48 -52.88 94.59
N ASP B 1354 -18.90 -52.43 95.77
CA ASP B 1354 -20.32 -52.36 96.08
C ASP B 1354 -21.04 -51.40 95.14
N GLY B 1355 -20.43 -50.25 94.87
CA GLY B 1355 -21.05 -49.28 93.98
C GLY B 1355 -20.19 -48.03 93.89
N VAL B 1356 -20.73 -47.05 93.17
CA VAL B 1356 -20.06 -45.77 92.95
C VAL B 1356 -20.74 -44.71 93.81
N GLU B 1357 -19.95 -44.00 94.61
CA GLU B 1357 -20.50 -42.95 95.46
C GLU B 1357 -20.94 -41.76 94.61
N ASP B 1358 -21.84 -40.96 95.19
CA ASP B 1358 -22.42 -39.84 94.45
C ASP B 1358 -21.36 -38.81 94.07
N HIS B 1359 -20.45 -38.51 94.99
CA HIS B 1359 -19.48 -37.42 94.80
C HIS B 1359 -18.04 -37.94 94.78
N SER B 1360 -17.83 -39.23 94.59
CA SER B 1360 -16.49 -39.77 94.54
C SER B 1360 -15.79 -39.33 93.26
N PRO B 1361 -14.45 -39.32 93.25
CA PRO B 1361 -13.74 -38.93 92.01
C PRO B 1361 -14.04 -39.86 90.85
N LEU B 1362 -14.39 -41.12 91.11
CA LEU B 1362 -14.77 -42.01 90.03
C LEU B 1362 -16.01 -41.50 89.30
N MET B 1363 -16.99 -40.99 90.06
CA MET B 1363 -18.17 -40.42 89.43
C MET B 1363 -17.80 -39.22 88.57
N TYR B 1364 -16.89 -38.37 89.05
CA TYR B 1364 -16.46 -37.22 88.26
C TYR B 1364 -15.79 -37.67 86.97
N HIS B 1365 -14.92 -38.68 87.04
CA HIS B 1365 -14.26 -39.18 85.84
C HIS B 1365 -15.27 -39.76 84.85
N ILE B 1366 -16.24 -40.52 85.35
CA ILE B 1366 -17.27 -41.08 84.48
C ILE B 1366 -18.06 -39.97 83.80
N SER B 1367 -18.44 -38.94 84.57
CA SER B 1367 -19.18 -37.83 84.00
C SER B 1367 -18.35 -37.09 82.95
N LEU B 1368 -17.05 -36.91 83.21
CA LEU B 1368 -16.20 -36.25 82.23
C LEU B 1368 -16.11 -37.06 80.94
N VAL B 1369 -15.96 -38.38 81.06
CA VAL B 1369 -15.88 -39.22 79.87
C VAL B 1369 -17.20 -39.17 79.10
N ASP B 1370 -18.32 -39.20 79.82
CA ASP B 1370 -19.62 -39.10 79.17
C ASP B 1370 -19.79 -37.76 78.46
N LEU B 1371 -19.35 -36.68 79.09
CA LEU B 1371 -19.44 -35.37 78.46
C LEU B 1371 -18.60 -35.32 77.19
N LEU B 1372 -17.38 -35.85 77.24
CA LEU B 1372 -16.54 -35.87 76.05
C LEU B 1372 -17.17 -36.70 74.94
N ALA B 1373 -17.73 -37.86 75.29
CA ALA B 1373 -18.39 -38.70 74.28
C ALA B 1373 -19.58 -37.96 73.65
N ALA B 1374 -20.38 -37.29 74.48
CA ALA B 1374 -21.52 -36.55 73.95
C ALA B 1374 -21.05 -35.40 73.06
N CYS B 1375 -19.98 -34.71 73.45
CA CYS B 1375 -19.45 -33.64 72.63
C CYS B 1375 -18.99 -34.16 71.28
N ALA B 1376 -18.30 -35.31 71.27
CA ALA B 1376 -17.84 -35.89 70.02
C ALA B 1376 -18.99 -36.37 69.15
N GLU B 1377 -20.17 -36.57 69.72
CA GLU B 1377 -21.31 -37.03 68.93
C GLU B 1377 -21.73 -35.97 67.93
N GLY B 1378 -22.52 -36.39 66.95
CA GLY B 1378 -22.99 -35.50 65.91
C GLY B 1378 -22.23 -35.59 64.60
N LYS B 1379 -21.45 -36.65 64.39
CA LYS B 1379 -20.67 -36.84 63.17
C LYS B 1379 -20.00 -35.53 62.74
N ASN B 1380 -19.13 -35.02 63.61
CA ASN B 1380 -18.36 -33.82 63.35
C ASN B 1380 -16.89 -34.19 63.20
N VAL B 1381 -16.07 -33.20 62.86
CA VAL B 1381 -14.64 -33.40 62.75
C VAL B 1381 -13.85 -32.51 63.70
N TYR B 1382 -14.36 -31.33 64.06
CA TYR B 1382 -13.60 -30.44 64.94
C TYR B 1382 -13.38 -31.10 66.30
N THR B 1383 -14.45 -31.59 66.93
CA THR B 1383 -14.36 -32.11 68.29
C THR B 1383 -13.89 -33.56 68.33
N GLU B 1384 -14.20 -34.36 67.30
CA GLU B 1384 -13.88 -35.78 67.36
C GLU B 1384 -12.39 -36.03 67.34
N ILE B 1385 -11.66 -35.26 66.51
CA ILE B 1385 -10.21 -35.44 66.45
C ILE B 1385 -9.58 -35.13 67.80
N LYS B 1386 -10.00 -34.04 68.44
CA LYS B 1386 -9.45 -33.69 69.74
C LYS B 1386 -9.82 -34.72 70.79
N CYS B 1387 -11.05 -35.21 70.76
CA CYS B 1387 -11.47 -36.22 71.72
C CYS B 1387 -10.63 -37.48 71.58
N THR B 1388 -10.40 -37.92 70.34
CA THR B 1388 -9.57 -39.10 70.10
C THR B 1388 -8.14 -38.86 70.56
N SER B 1389 -7.62 -37.67 70.29
CA SER B 1389 -6.26 -37.34 70.71
C SER B 1389 -6.12 -37.37 72.22
N LEU B 1390 -7.15 -36.90 72.94
CA LEU B 1390 -7.07 -36.88 74.40
C LEU B 1390 -6.95 -38.29 74.97
N LEU B 1391 -7.71 -39.23 74.44
CA LEU B 1391 -7.73 -40.60 74.92
C LEU B 1391 -7.42 -41.58 73.79
N PRO B 1392 -6.26 -42.24 73.79
CA PRO B 1392 -5.98 -43.21 72.74
C PRO B 1392 -6.62 -44.57 73.05
N LEU B 1393 -6.66 -45.42 72.03
CA LEU B 1393 -7.31 -46.72 72.16
C LEU B 1393 -6.57 -47.63 73.13
N GLU B 1394 -5.25 -47.45 73.26
CA GLU B 1394 -4.48 -48.34 74.14
C GLU B 1394 -4.96 -48.23 75.58
N ASP B 1395 -5.18 -47.00 76.07
CA ASP B 1395 -5.65 -46.83 77.43
C ASP B 1395 -7.05 -47.38 77.61
N VAL B 1396 -7.91 -47.20 76.61
CA VAL B 1396 -9.27 -47.76 76.69
C VAL B 1396 -9.21 -49.28 76.81
N VAL B 1397 -8.36 -49.92 76.01
CA VAL B 1397 -8.22 -51.36 76.10
C VAL B 1397 -7.66 -51.77 77.46
N SER B 1398 -6.65 -51.05 77.94
CA SER B 1398 -6.04 -51.41 79.21
C SER B 1398 -7.04 -51.33 80.36
N VAL B 1399 -7.86 -50.28 80.38
CA VAL B 1399 -8.79 -50.10 81.50
C VAL B 1399 -9.99 -51.02 81.35
N VAL B 1400 -10.57 -51.11 80.16
CA VAL B 1400 -11.78 -51.90 79.97
C VAL B 1400 -11.48 -53.39 80.08
N THR B 1401 -10.35 -53.83 79.53
CA THR B 1401 -10.03 -55.25 79.46
C THR B 1401 -9.43 -55.79 80.75
N HIS B 1402 -9.22 -54.95 81.75
CA HIS B 1402 -8.67 -55.43 83.01
C HIS B 1402 -9.65 -56.40 83.68
N GLU B 1403 -9.11 -57.43 84.30
CA GLU B 1403 -9.94 -58.45 84.95
C GLU B 1403 -10.96 -57.80 85.89
N ASP B 1404 -10.53 -56.83 86.69
CA ASP B 1404 -11.40 -56.15 87.62
C ASP B 1404 -11.85 -54.82 87.04
N CYS B 1405 -13.17 -54.61 87.02
CA CYS B 1405 -13.74 -53.39 86.48
C CYS B 1405 -15.16 -53.24 87.02
N ILE B 1406 -15.79 -52.13 86.65
CA ILE B 1406 -17.15 -51.81 87.10
C ILE B 1406 -17.98 -51.46 85.87
N THR B 1407 -19.30 -51.64 86.01
CA THR B 1407 -20.19 -51.46 84.86
C THR B 1407 -20.17 -50.02 84.36
N GLU B 1408 -20.17 -49.04 85.27
CA GLU B 1408 -20.25 -47.64 84.85
C GLU B 1408 -19.05 -47.24 84.00
N VAL B 1409 -17.85 -47.63 84.42
CA VAL B 1409 -16.65 -47.27 83.66
C VAL B 1409 -16.68 -47.94 82.29
N LYS B 1410 -17.08 -49.21 82.24
CA LYS B 1410 -17.20 -49.90 80.96
C LYS B 1410 -18.18 -49.17 80.05
N MET B 1411 -19.33 -48.78 80.59
CA MET B 1411 -20.32 -48.06 79.79
C MET B 1411 -19.74 -46.76 79.24
N ALA B 1412 -19.08 -46.00 80.10
CA ALA B 1412 -18.53 -44.71 79.68
C ALA B 1412 -17.49 -44.89 78.58
N TYR B 1413 -16.57 -45.84 78.77
CA TYR B 1413 -15.51 -46.02 77.79
C TYR B 1413 -16.04 -46.57 76.48
N VAL B 1414 -17.00 -47.49 76.54
CA VAL B 1414 -17.59 -48.03 75.32
C VAL B 1414 -18.33 -46.93 74.55
N ASN B 1415 -19.08 -46.08 75.27
CA ASN B 1415 -19.75 -44.97 74.61
C ASN B 1415 -18.74 -44.01 73.98
N PHE B 1416 -17.64 -43.74 74.68
CA PHE B 1416 -16.61 -42.86 74.13
C PHE B 1416 -16.04 -43.45 72.85
N VAL B 1417 -15.74 -44.76 72.86
CA VAL B 1417 -15.21 -45.39 71.65
C VAL B 1417 -16.22 -45.33 70.52
N ASN B 1418 -17.49 -45.61 70.82
CA ASN B 1418 -18.49 -45.63 69.77
C ASN B 1418 -18.65 -44.24 69.14
N HIS B 1419 -18.68 -43.19 69.95
CA HIS B 1419 -18.97 -41.86 69.46
C HIS B 1419 -17.73 -41.08 69.04
N CYS B 1420 -16.53 -41.61 69.27
CA CYS B 1420 -15.30 -40.92 68.89
C CYS B 1420 -14.39 -41.71 67.98
N TYR B 1421 -14.53 -43.03 67.91
CA TYR B 1421 -13.70 -43.87 67.05
C TYR B 1421 -14.52 -44.59 65.97
N VAL B 1422 -15.56 -45.31 66.36
CA VAL B 1422 -16.31 -46.10 65.39
C VAL B 1422 -17.12 -45.20 64.47
N ASP B 1423 -17.79 -44.18 65.02
CA ASP B 1423 -18.68 -43.32 64.26
C ASP B 1423 -17.99 -42.04 63.80
N THR B 1424 -16.68 -42.08 63.59
CA THR B 1424 -15.96 -40.90 63.15
C THR B 1424 -16.42 -40.44 61.77
N GLU B 1425 -16.50 -39.14 61.58
CA GLU B 1425 -16.83 -38.59 60.27
C GLU B 1425 -15.66 -38.69 59.30
N VAL B 1426 -14.43 -38.73 59.82
CA VAL B 1426 -13.22 -38.80 59.01
C VAL B 1426 -12.54 -40.13 59.26
N GLU B 1427 -12.05 -40.75 58.19
CA GLU B 1427 -11.39 -42.03 58.30
C GLU B 1427 -10.18 -41.94 59.23
N MET B 1428 -10.01 -42.96 60.06
CA MET B 1428 -8.82 -43.10 60.90
C MET B 1428 -8.29 -44.51 60.74
N LYS B 1429 -7.01 -44.62 60.41
CA LYS B 1429 -6.42 -45.93 60.13
C LYS B 1429 -6.16 -46.74 61.40
N GLU B 1430 -5.90 -46.06 62.52
CA GLU B 1430 -5.46 -46.76 63.73
C GLU B 1430 -6.54 -47.64 64.33
N ILE B 1431 -7.80 -47.51 63.90
CA ILE B 1431 -8.89 -48.29 64.47
C ILE B 1431 -9.00 -49.62 63.75
N TYR B 1432 -9.30 -49.58 62.45
CA TYR B 1432 -9.58 -50.79 61.69
C TYR B 1432 -8.32 -51.55 61.27
N THR B 1433 -7.17 -51.22 61.83
CA THR B 1433 -5.90 -51.89 61.54
C THR B 1433 -5.15 -52.17 62.83
N SER B 1434 -5.85 -52.70 63.83
CA SER B 1434 -5.26 -52.99 65.12
C SER B 1434 -6.12 -54.02 65.84
N ASN B 1435 -5.54 -54.62 66.89
CA ASN B 1435 -6.21 -55.63 67.69
C ASN B 1435 -6.91 -55.04 68.90
N HIS B 1436 -6.94 -53.72 69.06
CA HIS B 1436 -7.59 -53.12 70.22
C HIS B 1436 -9.09 -53.43 70.23
N ILE B 1437 -9.78 -53.13 69.13
CA ILE B 1437 -11.21 -53.35 69.07
C ILE B 1437 -11.56 -54.82 69.08
N TRP B 1438 -10.67 -55.69 68.60
CA TRP B 1438 -10.93 -57.12 68.70
C TRP B 1438 -10.85 -57.61 70.14
N THR B 1439 -9.90 -57.06 70.91
CA THR B 1439 -9.87 -57.34 72.35
C THR B 1439 -11.15 -56.83 73.00
N LEU B 1440 -11.60 -55.64 72.60
CA LEU B 1440 -12.85 -55.10 73.11
C LEU B 1440 -14.01 -56.04 72.80
N PHE B 1441 -14.03 -56.60 71.58
CA PHE B 1441 -15.11 -57.49 71.20
C PHE B 1441 -15.07 -58.80 71.98
N GLU B 1442 -13.87 -59.31 72.27
CA GLU B 1442 -13.80 -60.51 73.10
C GLU B 1442 -14.32 -60.21 74.51
N ASN B 1443 -14.05 -59.01 75.02
CA ASN B 1443 -14.62 -58.62 76.31
C ASN B 1443 -16.14 -58.53 76.23
N PHE B 1444 -16.66 -58.01 75.11
CA PHE B 1444 -18.11 -57.98 74.91
C PHE B 1444 -18.70 -59.39 74.93
N THR B 1445 -18.04 -60.33 74.26
CA THR B 1445 -18.51 -61.71 74.27
C THR B 1445 -18.46 -62.29 75.68
N LEU B 1446 -17.39 -61.97 76.43
CA LEU B 1446 -17.30 -62.43 77.81
C LEU B 1446 -18.45 -61.86 78.65
N ASP B 1447 -18.79 -60.60 78.45
CA ASP B 1447 -19.89 -60.00 79.19
C ASP B 1447 -21.22 -60.66 78.83
N MET B 1448 -21.42 -60.96 77.55
CA MET B 1448 -22.64 -61.65 77.13
C MET B 1448 -22.72 -63.04 77.78
N ALA B 1449 -21.59 -63.75 77.82
CA ALA B 1449 -21.56 -65.06 78.47
C ALA B 1449 -21.85 -64.93 79.96
N ARG B 1450 -21.33 -63.87 80.59
CA ARG B 1450 -21.62 -63.63 82.00
C ARG B 1450 -23.12 -63.40 82.21
N VAL B 1451 -23.74 -62.62 81.33
CA VAL B 1451 -25.17 -62.39 81.44
C VAL B 1451 -25.93 -63.69 81.31
N CYS B 1452 -25.54 -64.52 80.34
CA CYS B 1452 -26.22 -65.79 80.14
C CYS B 1452 -26.08 -66.70 81.36
N SER B 1453 -24.86 -66.77 81.91
CA SER B 1453 -24.64 -67.60 83.09
C SER B 1453 -25.45 -67.08 84.28
N LYS B 1454 -25.50 -65.76 84.46
CA LYS B 1454 -26.26 -65.19 85.55
C LYS B 1454 -27.75 -65.50 85.41
N ARG B 1455 -28.28 -65.40 84.19
CA ARG B 1455 -29.66 -65.78 83.96
C ARG B 1455 -29.88 -67.28 84.12
N GLU B 1456 -28.83 -68.09 83.97
CA GLU B 1456 -28.95 -69.52 84.22
C GLU B 1456 -29.29 -69.78 85.68
N LYS B 1457 -28.68 -69.01 86.59
CA LYS B 1457 -28.94 -69.13 88.02
C LYS B 1457 -30.11 -68.28 88.49
N ARG B 1458 -30.80 -67.60 87.58
CA ARG B 1458 -31.94 -66.73 87.87
C ARG B 1458 -31.56 -65.52 88.69
N VAL B 1459 -30.28 -65.23 88.85
CA VAL B 1459 -29.80 -64.05 89.57
C VAL B 1459 -28.84 -63.30 88.65
N ALA B 1460 -29.19 -62.07 88.31
CA ALA B 1460 -28.38 -61.26 87.41
C ALA B 1460 -28.38 -59.81 87.89
N ASP B 1461 -27.31 -59.10 87.54
CA ASP B 1461 -27.19 -57.68 87.89
C ASP B 1461 -27.81 -56.83 86.79
N PRO B 1462 -28.80 -55.99 87.10
CA PRO B 1462 -29.42 -55.18 86.03
C PRO B 1462 -28.44 -54.27 85.31
N THR B 1463 -27.44 -53.75 86.01
CA THR B 1463 -26.49 -52.85 85.37
C THR B 1463 -25.72 -53.55 84.26
N LEU B 1464 -25.27 -54.78 84.51
CA LEU B 1464 -24.54 -55.51 83.49
C LEU B 1464 -25.42 -55.81 82.28
N GLU B 1465 -26.68 -56.16 82.52
CA GLU B 1465 -27.61 -56.38 81.42
C GLU B 1465 -27.81 -55.11 80.60
N LYS B 1466 -27.96 -53.97 81.28
CA LYS B 1466 -28.11 -52.70 80.58
C LYS B 1466 -26.87 -52.38 79.75
N TYR B 1467 -25.68 -52.63 80.31
CA TYR B 1467 -24.45 -52.40 79.57
C TYR B 1467 -24.39 -53.28 78.33
N VAL B 1468 -24.77 -54.56 78.47
CA VAL B 1468 -24.71 -55.48 77.33
C VAL B 1468 -25.77 -55.12 76.29
N LEU B 1469 -26.88 -54.51 76.71
CA LEU B 1469 -27.99 -54.28 75.79
C LEU B 1469 -27.92 -52.93 75.08
N SER B 1470 -27.46 -51.88 75.76
CA SER B 1470 -27.56 -50.52 75.23
C SER B 1470 -26.32 -50.12 74.43
N VAL B 1471 -25.15 -50.12 75.07
CA VAL B 1471 -23.95 -49.65 74.40
C VAL B 1471 -23.22 -50.76 73.66
N VAL B 1472 -23.25 -51.99 74.18
CA VAL B 1472 -22.55 -53.09 73.54
C VAL B 1472 -23.12 -53.33 72.14
N LEU B 1473 -24.44 -53.45 72.04
CA LEU B 1473 -25.07 -53.70 70.75
C LEU B 1473 -24.85 -52.52 69.81
N ASP B 1474 -24.96 -51.30 70.33
CA ASP B 1474 -24.77 -50.13 69.48
C ASP B 1474 -23.36 -50.08 68.91
N THR B 1475 -22.35 -50.34 69.74
CA THR B 1475 -20.98 -50.34 69.25
C THR B 1475 -20.75 -51.47 68.24
N ILE B 1476 -21.29 -52.66 68.51
CA ILE B 1476 -21.11 -53.76 67.58
C ILE B 1476 -21.74 -53.41 66.23
N ASN B 1477 -22.94 -52.84 66.24
CA ASN B 1477 -23.58 -52.44 65.00
C ASN B 1477 -22.78 -51.37 64.27
N ALA B 1478 -22.28 -50.37 65.02
CA ALA B 1478 -21.54 -49.29 64.39
C ALA B 1478 -20.26 -49.80 63.74
N PHE B 1479 -19.55 -50.70 64.42
CA PHE B 1479 -18.30 -51.22 63.86
C PHE B 1479 -18.54 -52.01 62.58
N PHE B 1480 -19.62 -52.79 62.55
CA PHE B 1480 -19.94 -53.65 61.41
C PHE B 1480 -20.98 -53.03 60.50
N SER B 1481 -21.21 -51.71 60.60
CA SER B 1481 -22.16 -51.05 59.71
C SER B 1481 -21.63 -49.70 59.21
N SER B 1482 -20.33 -49.45 59.37
CA SER B 1482 -19.78 -48.17 58.91
C SER B 1482 -19.17 -48.33 57.53
N PRO B 1483 -19.26 -47.31 56.68
CA PRO B 1483 -18.67 -47.43 55.34
C PRO B 1483 -17.17 -47.69 55.37
N PHE B 1484 -16.46 -47.15 56.36
CA PHE B 1484 -15.02 -47.30 56.42
C PHE B 1484 -14.57 -48.65 56.96
N SER B 1485 -15.48 -49.43 57.55
CA SER B 1485 -15.16 -50.75 58.07
C SER B 1485 -15.37 -51.85 57.05
N GLU B 1486 -15.91 -51.53 55.87
CA GLU B 1486 -16.19 -52.56 54.87
C GLU B 1486 -14.93 -53.21 54.32
N ASN B 1487 -13.77 -52.59 54.52
CA ASN B 1487 -12.50 -53.08 53.98
C ASN B 1487 -11.54 -53.50 55.09
N SER B 1488 -12.08 -54.02 56.19
CA SER B 1488 -11.23 -54.46 57.28
C SER B 1488 -10.28 -55.56 56.80
N THR B 1489 -8.99 -55.41 57.11
CA THR B 1489 -7.98 -56.34 56.65
C THR B 1489 -7.72 -57.49 57.62
N SER B 1490 -8.16 -57.35 58.87
CA SER B 1490 -7.92 -58.37 59.89
C SER B 1490 -9.16 -59.21 60.17
N LEU B 1491 -10.21 -59.08 59.36
CA LEU B 1491 -11.41 -59.90 59.57
C LEU B 1491 -11.12 -61.38 59.36
N GLN B 1492 -10.37 -61.71 58.30
CA GLN B 1492 -10.11 -63.11 57.99
C GLN B 1492 -9.33 -63.80 59.10
N THR B 1493 -8.33 -63.11 59.66
CA THR B 1493 -7.54 -63.70 60.74
C THR B 1493 -8.31 -63.76 62.05
N HIS B 1494 -9.39 -62.99 62.19
CA HIS B 1494 -10.18 -62.92 63.41
C HIS B 1494 -11.59 -63.43 63.15
N GLN B 1495 -11.72 -64.52 62.39
CA GLN B 1495 -13.04 -65.10 62.16
C GLN B 1495 -13.63 -65.64 63.46
N THR B 1496 -12.85 -66.42 64.21
CA THR B 1496 -13.41 -67.08 65.39
C THR B 1496 -14.13 -66.08 66.27
N ILE B 1497 -13.48 -64.97 66.62
CA ILE B 1497 -14.09 -64.02 67.53
C ILE B 1497 -15.45 -63.57 67.01
N VAL B 1498 -15.53 -63.19 65.73
CA VAL B 1498 -16.81 -62.70 65.24
C VAL B 1498 -17.84 -63.83 65.32
N VAL B 1499 -17.44 -65.04 64.97
CA VAL B 1499 -18.35 -66.18 65.12
C VAL B 1499 -18.82 -66.25 66.57
N GLN B 1500 -17.88 -66.19 67.51
CA GLN B 1500 -18.26 -66.20 68.92
C GLN B 1500 -19.28 -65.10 69.19
N LEU B 1501 -19.00 -63.88 68.71
CA LEU B 1501 -19.96 -62.80 68.92
C LEU B 1501 -21.33 -63.22 68.45
N LEU B 1502 -21.43 -63.71 67.21
CA LEU B 1502 -22.73 -64.15 66.70
C LEU B 1502 -23.35 -65.15 67.66
N GLN B 1503 -22.59 -66.19 68.03
CA GLN B 1503 -23.13 -67.18 68.96
C GLN B 1503 -23.66 -66.48 70.21
N SER B 1504 -22.83 -65.64 70.83
CA SER B 1504 -23.28 -64.94 72.03
C SER B 1504 -24.59 -64.22 71.76
N THR B 1505 -24.64 -63.43 70.69
CA THR B 1505 -25.86 -62.69 70.40
C THR B 1505 -27.04 -63.64 70.28
N THR B 1506 -26.86 -64.75 69.56
CA THR B 1506 -27.94 -65.72 69.42
C THR B 1506 -28.44 -66.14 70.79
N ARG B 1507 -27.52 -66.52 71.68
CA ARG B 1507 -27.93 -66.94 73.01
C ARG B 1507 -28.68 -65.83 73.72
N LEU B 1508 -28.20 -64.59 73.59
CA LEU B 1508 -28.88 -63.47 74.23
C LEU B 1508 -30.29 -63.32 73.68
N LEU B 1509 -30.49 -63.65 72.40
CA LEU B 1509 -31.82 -63.56 71.83
C LEU B 1509 -32.69 -64.72 72.26
N GLU B 1510 -32.08 -65.83 72.69
CA GLU B 1510 -32.86 -67.00 73.09
C GLU B 1510 -33.57 -66.81 74.42
N CYS B 1511 -33.13 -65.84 75.22
CA CYS B 1511 -33.76 -65.61 76.51
C CYS B 1511 -35.17 -65.05 76.34
N PRO B 1512 -36.09 -65.37 77.25
CA PRO B 1512 -37.48 -64.88 77.10
C PRO B 1512 -37.70 -63.48 77.68
N TRP B 1513 -36.88 -63.10 78.66
CA TRP B 1513 -37.08 -61.84 79.35
C TRP B 1513 -36.82 -60.62 78.47
N LEU B 1514 -36.21 -60.80 77.29
CA LEU B 1514 -35.93 -59.68 76.42
C LEU B 1514 -37.21 -58.95 76.05
N GLN B 1515 -37.16 -57.63 76.07
CA GLN B 1515 -38.32 -56.81 75.75
C GLN B 1515 -38.46 -56.65 74.24
N GLN B 1516 -39.60 -56.11 73.82
CA GLN B 1516 -39.86 -55.95 72.39
C GLN B 1516 -38.84 -55.02 71.75
N GLN B 1517 -38.57 -53.87 72.37
CA GLN B 1517 -37.55 -52.97 71.84
C GLN B 1517 -36.18 -53.63 71.87
N HIS B 1518 -35.84 -54.30 72.98
CA HIS B 1518 -34.59 -55.04 73.06
C HIS B 1518 -34.55 -56.15 72.02
N LYS B 1519 -35.68 -56.83 71.82
CA LYS B 1519 -35.74 -57.87 70.81
C LYS B 1519 -35.43 -57.31 69.43
N GLY B 1520 -36.03 -56.17 69.10
CA GLY B 1520 -35.77 -55.57 67.79
C GLY B 1520 -34.32 -55.13 67.65
N SER B 1521 -33.75 -54.53 68.70
CA SER B 1521 -32.37 -54.10 68.63
C SER B 1521 -31.43 -55.29 68.44
N VAL B 1522 -31.66 -56.37 69.19
CA VAL B 1522 -30.82 -57.57 69.06
C VAL B 1522 -30.98 -58.18 67.67
N GLU B 1523 -32.20 -58.19 67.15
CA GLU B 1523 -32.43 -58.72 65.80
C GLU B 1523 -31.67 -57.89 64.76
N ALA B 1524 -31.71 -56.57 64.90
CA ALA B 1524 -30.98 -55.72 63.96
C ALA B 1524 -29.49 -55.96 64.05
N CYS B 1525 -28.96 -56.09 65.27
CA CYS B 1525 -27.54 -56.36 65.44
C CYS B 1525 -27.15 -57.69 64.82
N ILE B 1526 -27.97 -58.72 65.04
CA ILE B 1526 -27.69 -60.04 64.46
C ILE B 1526 -27.74 -59.96 62.94
N ARG B 1527 -28.70 -59.22 62.38
CA ARG B 1527 -28.79 -59.08 60.94
C ARG B 1527 -27.55 -58.40 60.38
N THR B 1528 -27.09 -57.34 61.04
CA THR B 1528 -25.87 -56.66 60.58
C THR B 1528 -24.67 -57.59 60.66
N LEU B 1529 -24.54 -58.34 61.75
CA LEU B 1529 -23.42 -59.26 61.89
C LEU B 1529 -23.45 -60.33 60.79
N ALA B 1530 -24.63 -60.88 60.52
CA ALA B 1530 -24.75 -61.88 59.47
C ALA B 1530 -24.42 -61.30 58.11
N MET B 1531 -24.90 -60.09 57.82
CA MET B 1531 -24.62 -59.46 56.54
C MET B 1531 -23.11 -59.25 56.38
N VAL B 1532 -22.44 -58.77 57.42
CA VAL B 1532 -20.99 -58.64 57.37
C VAL B 1532 -20.31 -60.01 57.39
N ALA B 1533 -20.99 -61.04 57.89
CA ALA B 1533 -20.44 -62.38 58.00
C ALA B 1533 -20.83 -63.27 56.84
N LYS B 1534 -21.42 -62.71 55.78
CA LYS B 1534 -21.81 -63.53 54.63
C LYS B 1534 -20.62 -64.28 54.07
N GLY B 1535 -19.63 -63.55 53.54
CA GLY B 1535 -18.41 -64.17 53.06
C GLY B 1535 -17.16 -63.49 53.56
N ARG B 1536 -16.38 -64.19 54.38
CA ARG B 1536 -15.05 -63.76 54.79
C ARG B 1536 -14.13 -64.97 54.89
N ALA B 1537 -14.21 -65.87 53.92
CA ALA B 1537 -13.54 -67.17 53.99
C ALA B 1537 -14.01 -67.95 55.21
N ILE B 1538 -15.29 -67.80 55.57
CA ILE B 1538 -15.85 -68.40 56.77
C ILE B 1538 -17.19 -69.04 56.42
N LEU B 1539 -17.63 -69.95 57.28
CA LEU B 1539 -18.92 -70.61 57.13
C LEU B 1539 -19.62 -70.66 58.48
N LEU B 1540 -20.95 -70.68 58.45
CA LEU B 1540 -21.73 -70.72 59.67
C LEU B 1540 -21.81 -72.16 60.18
N PRO B 1541 -21.37 -72.44 61.41
CA PRO B 1541 -21.48 -73.82 61.92
C PRO B 1541 -22.93 -74.27 61.94
N MET B 1542 -23.13 -75.56 61.62
CA MET B 1542 -24.49 -76.09 61.51
C MET B 1542 -25.24 -76.01 62.83
N ASP B 1543 -24.57 -76.35 63.95
CA ASP B 1543 -25.23 -76.21 65.24
C ASP B 1543 -25.61 -74.75 65.50
N LEU B 1544 -24.71 -73.83 65.18
CA LEU B 1544 -25.03 -72.41 65.32
C LEU B 1544 -26.03 -71.97 64.27
N ASP B 1545 -25.94 -72.53 63.05
CA ASP B 1545 -26.83 -72.13 61.97
C ASP B 1545 -28.26 -72.61 62.19
N ALA B 1546 -28.47 -73.56 63.09
CA ALA B 1546 -29.82 -74.08 63.33
C ALA B 1546 -30.79 -72.95 63.66
N HIS B 1547 -30.39 -72.05 64.56
CA HIS B 1547 -31.23 -70.92 64.93
C HIS B 1547 -31.05 -69.72 64.00
N ILE B 1548 -29.89 -69.60 63.34
CA ILE B 1548 -29.70 -68.51 62.40
C ILE B 1548 -30.66 -68.65 61.23
N SER B 1549 -30.94 -69.89 60.81
CA SER B 1549 -31.92 -70.10 59.75
C SER B 1549 -33.29 -69.57 60.15
N SER B 1550 -33.72 -69.87 61.38
CA SER B 1550 -35.00 -69.36 61.86
C SER B 1550 -34.99 -67.85 61.96
N MET B 1551 -33.88 -67.27 62.42
CA MET B 1551 -33.77 -65.82 62.51
C MET B 1551 -33.90 -65.19 61.12
N LEU B 1552 -33.22 -65.77 60.13
CA LEU B 1552 -33.32 -65.25 58.76
C LEU B 1552 -34.74 -65.38 58.23
N SER B 1553 -35.40 -66.51 58.51
CA SER B 1553 -36.78 -66.68 58.07
C SER B 1553 -37.68 -65.63 58.69
N SER B 1554 -37.52 -65.36 59.98
CA SER B 1554 -38.32 -64.34 60.64
C SER B 1554 -38.04 -62.96 60.06
N GLY B 1555 -36.76 -62.65 59.83
CA GLY B 1555 -36.43 -61.35 59.26
C GLY B 1555 -37.00 -61.15 57.87
N ALA B 1556 -36.99 -62.21 57.06
CA ALA B 1556 -37.56 -62.11 55.72
C ALA B 1556 -39.05 -61.79 55.78
N SER B 1557 -39.75 -62.40 56.72
CA SER B 1557 -41.19 -62.16 56.89
C SER B 1557 -41.45 -60.69 57.19
N TRP B 1586 -71.40 -24.54 87.81
CA TRP B 1586 -70.87 -23.85 86.63
C TRP B 1586 -70.23 -24.85 85.66
N ASP B 1587 -70.45 -24.64 84.37
CA ASP B 1587 -69.90 -25.51 83.33
C ASP B 1587 -68.51 -25.01 82.98
N TYR B 1588 -67.49 -25.60 83.62
CA TYR B 1588 -66.12 -25.16 83.41
C TYR B 1588 -65.70 -25.36 81.96
N LYS B 1589 -65.90 -26.57 81.43
CA LYS B 1589 -65.51 -26.84 80.05
C LYS B 1589 -66.33 -26.01 79.07
N ASN B 1590 -67.64 -25.91 79.31
CA ASN B 1590 -68.49 -25.13 78.43
C ASN B 1590 -68.11 -23.65 78.46
N ILE B 1591 -67.82 -23.13 79.66
CA ILE B 1591 -67.43 -21.72 79.78
C ILE B 1591 -66.13 -21.48 79.02
N ILE B 1592 -65.16 -22.38 79.17
CA ILE B 1592 -63.88 -22.20 78.47
C ILE B 1592 -64.10 -22.26 76.96
N GLU B 1593 -64.92 -23.20 76.49
CA GLU B 1593 -65.17 -23.32 75.06
C GLU B 1593 -65.84 -22.07 74.50
N LYS B 1594 -66.83 -21.53 75.23
CA LYS B 1594 -67.49 -20.32 74.77
C LYS B 1594 -66.53 -19.14 74.77
N LEU B 1595 -65.66 -19.05 75.78
CA LEU B 1595 -64.68 -17.98 75.81
C LEU B 1595 -63.73 -18.08 74.63
N GLN B 1596 -63.29 -19.30 74.30
CA GLN B 1596 -62.41 -19.47 73.15
C GLN B 1596 -63.11 -19.09 71.85
N ASP B 1597 -64.37 -19.49 71.70
CA ASP B 1597 -65.13 -19.13 70.50
C ASP B 1597 -65.26 -17.62 70.38
N ILE B 1598 -65.56 -16.94 71.49
CA ILE B 1598 -65.69 -15.49 71.46
C ILE B 1598 -64.36 -14.83 71.12
N ILE B 1599 -63.27 -15.37 71.67
CA ILE B 1599 -61.94 -14.82 71.36
C ILE B 1599 -61.67 -14.94 69.87
N THR B 1600 -61.96 -16.12 69.29
CA THR B 1600 -61.72 -16.31 67.86
C THR B 1600 -62.57 -15.36 67.03
N ALA B 1601 -63.85 -15.19 67.40
CA ALA B 1601 -64.72 -14.31 66.64
C ALA B 1601 -64.23 -12.86 66.72
N LEU B 1602 -63.84 -12.40 67.90
CA LEU B 1602 -63.33 -11.04 68.05
C LEU B 1602 -62.04 -10.86 67.25
N GLU B 1603 -61.15 -11.85 67.29
CA GLU B 1603 -59.92 -11.76 66.51
C GLU B 1603 -60.22 -11.64 65.03
N GLU B 1604 -61.15 -12.44 64.53
CA GLU B 1604 -61.51 -12.38 63.11
C GLU B 1604 -62.13 -11.03 62.77
N ARG B 1605 -62.97 -10.49 63.66
CA ARG B 1605 -63.73 -9.29 63.33
C ARG B 1605 -62.84 -8.05 63.25
N LEU B 1606 -61.88 -7.93 64.16
CA LEU B 1606 -61.14 -6.67 64.34
C LEU B 1606 -59.92 -6.55 63.43
N LYS B 1607 -59.62 -7.55 62.61
CA LYS B 1607 -58.41 -7.48 61.79
C LYS B 1607 -58.39 -6.27 60.86
N PRO B 1608 -59.44 -5.99 60.06
CA PRO B 1608 -59.40 -4.78 59.23
C PRO B 1608 -59.27 -3.51 60.04
N LEU B 1609 -59.92 -3.44 61.21
CA LEU B 1609 -59.79 -2.26 62.06
C LEU B 1609 -58.36 -2.11 62.55
N VAL B 1610 -57.72 -3.22 62.92
CA VAL B 1610 -56.32 -3.16 63.34
C VAL B 1610 -55.45 -2.64 62.20
N GLN B 1611 -55.68 -3.15 60.99
CA GLN B 1611 -54.88 -2.71 59.84
C GLN B 1611 -55.09 -1.22 59.58
N ALA B 1612 -56.33 -0.74 59.63
CA ALA B 1612 -56.58 0.68 59.39
C ALA B 1612 -55.94 1.54 60.47
N GLU B 1613 -56.05 1.12 61.73
CA GLU B 1613 -55.44 1.88 62.82
C GLU B 1613 -53.93 1.96 62.65
N LEU B 1614 -53.29 0.85 62.27
CA LEU B 1614 -51.86 0.86 62.02
C LEU B 1614 -51.52 1.77 60.83
N SER B 1615 -52.36 1.75 59.80
CA SER B 1615 -52.10 2.57 58.62
C SER B 1615 -52.15 4.06 58.96
N VAL B 1616 -53.06 4.45 59.85
CA VAL B 1616 -53.18 5.87 60.20
C VAL B 1616 -51.86 6.42 60.73
N LEU B 1617 -51.03 5.55 61.33
CA LEU B 1617 -49.73 6.00 61.82
C LEU B 1617 -48.86 6.49 60.67
N VAL B 1618 -48.94 5.84 59.51
CA VAL B 1618 -48.15 6.27 58.36
C VAL B 1618 -48.56 7.68 57.94
N ASP B 1619 -49.87 7.95 57.89
CA ASP B 1619 -50.33 9.29 57.55
C ASP B 1619 -49.88 10.30 58.59
N VAL B 1620 -49.93 9.94 59.87
CA VAL B 1620 -49.48 10.85 60.92
C VAL B 1620 -48.00 11.19 60.73
N LEU B 1621 -47.19 10.17 60.42
CA LEU B 1621 -45.76 10.41 60.20
C LEU B 1621 -45.51 11.21 58.93
N HIS B 1622 -46.41 11.12 57.95
CA HIS B 1622 -46.23 11.87 56.71
C HIS B 1622 -46.35 13.37 56.95
N TRP B 1623 -47.34 13.79 57.74
CA TRP B 1623 -47.64 15.20 57.95
C TRP B 1623 -47.72 15.48 59.45
N PRO B 1624 -46.60 15.35 60.16
CA PRO B 1624 -46.63 15.65 61.61
C PRO B 1624 -46.97 17.10 61.91
N GLU B 1625 -46.58 18.04 61.04
CA GLU B 1625 -46.78 19.46 61.33
C GLU B 1625 -48.25 19.78 61.53
N LEU B 1626 -49.16 19.01 60.91
CA LEU B 1626 -50.58 19.27 61.04
C LEU B 1626 -51.06 19.10 62.47
N LEU B 1627 -50.32 18.36 63.30
CA LEU B 1627 -50.69 18.22 64.70
C LEU B 1627 -50.51 19.52 65.47
N PHE B 1628 -49.53 20.33 65.07
CA PHE B 1628 -49.23 21.58 65.75
C PHE B 1628 -49.99 22.73 65.09
N LEU B 1629 -49.78 23.94 65.61
CA LEU B 1629 -50.41 25.14 65.09
C LEU B 1629 -49.48 25.86 64.13
N GLU B 1630 -50.04 26.32 63.01
CA GLU B 1630 -49.23 26.98 61.99
C GLU B 1630 -48.54 28.21 62.58
N GLY B 1631 -47.28 28.39 62.20
CA GLY B 1631 -46.48 29.50 62.67
C GLY B 1631 -45.70 29.23 63.94
N SER B 1632 -45.89 28.07 64.56
CA SER B 1632 -45.17 27.73 65.77
C SER B 1632 -43.81 27.15 65.44
N GLU B 1633 -42.95 27.08 66.46
CA GLU B 1633 -41.63 26.51 66.25
C GLU B 1633 -41.72 25.02 65.91
N ALA B 1634 -42.58 24.29 66.61
CA ALA B 1634 -42.74 22.87 66.31
C ALA B 1634 -43.28 22.67 64.90
N TYR B 1635 -44.19 23.54 64.47
CA TYR B 1635 -44.70 23.46 63.11
C TYR B 1635 -43.58 23.65 62.09
N GLN B 1636 -42.71 24.63 62.32
CA GLN B 1636 -41.59 24.84 61.40
C GLN B 1636 -40.65 23.63 61.40
N ARG B 1637 -40.37 23.06 62.58
CA ARG B 1637 -39.50 21.89 62.64
C ARG B 1637 -40.10 20.72 61.88
N CYS B 1638 -41.40 20.49 62.04
CA CYS B 1638 -42.04 19.36 61.36
C CYS B 1638 -42.10 19.57 59.86
N GLU B 1639 -42.46 20.78 59.42
CA GLU B 1639 -42.69 21.01 57.99
C GLU B 1639 -41.43 20.78 57.18
N SER B 1640 -40.29 21.24 57.67
CA SER B 1640 -39.02 21.11 56.95
C SER B 1640 -38.49 19.68 56.93
N GLY B 1641 -39.22 18.69 57.42
CA GLY B 1641 -38.72 17.33 57.47
C GLY B 1641 -37.81 17.05 58.64
N GLY B 1642 -37.69 17.97 59.59
CA GLY B 1642 -36.82 17.75 60.72
C GLY B 1642 -37.22 16.55 61.54
N PHE B 1643 -38.53 16.31 61.67
CA PHE B 1643 -39.00 15.17 62.45
C PHE B 1643 -38.50 13.86 61.86
N LEU B 1644 -38.64 13.69 60.54
CA LEU B 1644 -38.20 12.45 59.91
C LEU B 1644 -36.69 12.28 60.00
N SER B 1645 -35.94 13.36 59.80
CA SER B 1645 -34.48 13.26 59.91
C SER B 1645 -34.05 12.87 61.32
N LYS B 1646 -34.69 13.48 62.32
CA LYS B 1646 -34.38 13.12 63.71
C LYS B 1646 -34.76 11.67 63.98
N LEU B 1647 -35.89 11.22 63.46
CA LEU B 1647 -36.28 9.82 63.64
C LEU B 1647 -35.26 8.88 63.02
N ILE B 1648 -34.78 9.20 61.83
CA ILE B 1648 -33.79 8.36 61.17
C ILE B 1648 -32.48 8.35 61.95
N GLN B 1649 -32.04 9.51 62.43
CA GLN B 1649 -30.82 9.57 63.22
C GLN B 1649 -30.95 8.74 64.50
N HIS B 1650 -32.10 8.85 65.17
CA HIS B 1650 -32.30 8.09 66.39
C HIS B 1650 -32.36 6.59 66.09
N THR B 1651 -32.98 6.22 64.98
CA THR B 1651 -33.00 4.82 64.56
C THR B 1651 -31.58 4.29 64.37
N LYS B 1652 -30.73 5.09 63.73
CA LYS B 1652 -29.33 4.69 63.61
C LYS B 1652 -28.68 4.54 64.98
N ASP B 1653 -28.99 5.46 65.90
CA ASP B 1653 -28.37 5.42 67.21
C ASP B 1653 -28.82 4.22 68.02
N LEU B 1654 -30.10 3.85 67.93
CA LEU B 1654 -30.67 2.82 68.79
C LEU B 1654 -30.49 1.40 68.24
N MET B 1655 -29.61 1.21 67.25
CA MET B 1655 -29.46 -0.11 66.67
C MET B 1655 -29.03 -1.13 67.72
N GLU B 1656 -28.11 -0.75 68.59
CA GLU B 1656 -27.63 -1.64 69.64
C GLU B 1656 -28.44 -1.55 70.92
N SER B 1657 -28.99 -0.37 71.23
CA SER B 1657 -29.71 -0.20 72.48
C SER B 1657 -31.01 -1.01 72.48
N GLU B 1658 -31.81 -0.88 71.42
CA GLU B 1658 -33.10 -1.56 71.34
C GLU B 1658 -33.27 -2.07 69.91
N GLU B 1659 -33.04 -3.37 69.71
CA GLU B 1659 -33.21 -3.96 68.39
C GLU B 1659 -34.67 -3.97 67.97
N LYS B 1660 -35.57 -4.24 68.92
CA LYS B 1660 -37.00 -4.29 68.58
C LYS B 1660 -37.50 -2.95 68.09
N LEU B 1661 -37.10 -1.86 68.74
CA LEU B 1661 -37.51 -0.53 68.29
C LEU B 1661 -36.95 -0.23 66.91
N CYS B 1662 -35.70 -0.62 66.65
CA CYS B 1662 -35.13 -0.42 65.33
C CYS B 1662 -35.92 -1.18 64.27
N ILE B 1663 -36.29 -2.42 64.55
CA ILE B 1663 -37.08 -3.20 63.60
C ILE B 1663 -38.43 -2.54 63.37
N LYS B 1664 -39.07 -2.08 64.44
CA LYS B 1664 -40.36 -1.43 64.30
C LYS B 1664 -40.27 -0.18 63.44
N VAL B 1665 -39.24 0.63 63.65
CA VAL B 1665 -39.11 1.87 62.88
C VAL B 1665 -38.80 1.56 61.42
N LEU B 1666 -37.96 0.55 61.17
CA LEU B 1666 -37.68 0.17 59.79
C LEU B 1666 -38.93 -0.33 59.08
N ARG B 1667 -39.74 -1.14 59.77
CA ARG B 1667 -40.99 -1.59 59.19
C ARG B 1667 -41.93 -0.43 58.93
N THR B 1668 -41.98 0.55 59.85
CA THR B 1668 -42.82 1.71 59.65
C THR B 1668 -42.38 2.51 58.43
N LEU B 1669 -41.07 2.68 58.25
CA LEU B 1669 -40.57 3.37 57.07
C LEU B 1669 -40.95 2.61 55.79
N GLN B 1670 -40.78 1.29 55.81
CA GLN B 1670 -41.15 0.50 54.64
C GLN B 1670 -42.63 0.65 54.32
N GLN B 1671 -43.49 0.65 55.35
CA GLN B 1671 -44.91 0.89 55.13
C GLN B 1671 -45.15 2.28 54.56
N MET B 1672 -44.41 3.27 55.06
CA MET B 1672 -44.52 4.62 54.53
C MET B 1672 -44.18 4.67 53.04
N LEU B 1673 -43.28 3.81 52.59
CA LEU B 1673 -42.87 3.78 51.19
C LEU B 1673 -43.78 2.93 50.32
N LEU B 1674 -44.82 2.31 50.88
CA LEU B 1674 -45.67 1.40 50.14
C LEU B 1674 -46.90 2.12 49.59
N LYS B 1675 -47.56 1.47 48.64
CA LYS B 1675 -48.77 2.01 48.04
C LYS B 1675 -49.96 1.89 48.99
N LYS B 1676 -50.94 2.76 48.81
CA LYS B 1676 -52.13 2.74 49.65
C LYS B 1676 -52.94 1.47 49.40
N THR B 1677 -53.65 1.04 50.43
CA THR B 1677 -54.46 -0.18 50.37
C THR B 1677 -55.81 0.07 51.00
N LYS B 1678 -56.79 -0.73 50.59
CA LYS B 1678 -58.14 -0.66 51.11
C LYS B 1678 -58.37 -1.75 52.15
N TYR B 1679 -59.07 -1.41 53.23
CA TYR B 1679 -59.29 -2.32 54.35
C TYR B 1679 -60.77 -2.60 54.56
N GLY B 1680 -61.56 -2.54 53.49
CA GLY B 1680 -62.99 -2.76 53.59
C GLY B 1680 -63.73 -1.51 54.02
N ASP B 1681 -65.06 -1.62 54.04
CA ASP B 1681 -65.89 -0.48 54.40
C ASP B 1681 -65.62 -0.02 55.82
N ARG B 1682 -65.62 -0.97 56.77
CA ARG B 1682 -65.38 -0.62 58.16
C ARG B 1682 -63.98 -0.04 58.36
N GLY B 1683 -62.99 -0.65 57.71
CA GLY B 1683 -61.63 -0.14 57.84
C GLY B 1683 -61.49 1.26 57.28
N ASN B 1684 -62.10 1.52 56.11
CA ASN B 1684 -62.05 2.87 55.54
C ASN B 1684 -62.76 3.86 56.44
N GLN B 1685 -63.90 3.49 57.00
CA GLN B 1685 -64.62 4.40 57.90
C GLN B 1685 -63.76 4.74 59.11
N LEU B 1686 -63.15 3.72 59.72
CA LEU B 1686 -62.30 3.96 60.89
C LEU B 1686 -61.11 4.84 60.53
N ARG B 1687 -60.47 4.56 59.38
CA ARG B 1687 -59.32 5.35 58.96
C ARG B 1687 -59.72 6.81 58.73
N LYS B 1688 -60.85 7.04 58.06
CA LYS B 1688 -61.30 8.41 57.82
C LYS B 1688 -61.61 9.12 59.12
N MET B 1689 -62.28 8.43 60.06
CA MET B 1689 -62.59 9.05 61.35
C MET B 1689 -61.32 9.42 62.09
N LEU B 1690 -60.34 8.51 62.12
CA LEU B 1690 -59.09 8.81 62.83
C LEU B 1690 -58.34 9.96 62.17
N LEU B 1691 -58.30 9.98 60.83
CA LEU B 1691 -57.61 11.06 60.14
C LEU B 1691 -58.28 12.40 60.41
N GLN B 1692 -59.61 12.42 60.41
CA GLN B 1692 -60.33 13.66 60.73
C GLN B 1692 -60.02 14.10 62.16
N ASN B 1693 -60.02 13.15 63.10
CA ASN B 1693 -59.77 13.49 64.50
C ASN B 1693 -58.37 14.06 64.68
N TYR B 1694 -57.36 13.44 64.08
CA TYR B 1694 -55.98 13.88 64.28
C TYR B 1694 -55.63 15.04 63.37
N LEU B 1695 -55.71 14.83 62.05
CA LEU B 1695 -55.50 15.89 61.08
C LEU B 1695 -56.86 16.51 60.77
N GLN B 1696 -57.08 17.73 61.23
CA GLN B 1696 -58.41 18.33 61.20
C GLN B 1696 -58.99 18.35 59.79
N ASN B 1697 -58.41 19.17 58.90
CA ASN B 1697 -58.83 19.17 57.50
C ASN B 1697 -57.67 19.37 56.54
N ARG B 1698 -56.43 19.43 57.01
CA ARG B 1698 -55.29 19.69 56.14
C ARG B 1698 -54.78 18.41 55.51
N TRP B 1718 -47.36 6.12 40.71
CA TRP B 1718 -45.94 5.95 40.99
C TRP B 1718 -45.29 7.28 41.32
N SER B 1719 -45.91 8.37 40.90
CA SER B 1719 -45.37 9.70 41.18
C SER B 1719 -45.33 9.95 42.69
N ALA B 1720 -46.39 9.59 43.40
CA ALA B 1720 -46.40 9.74 44.85
C ALA B 1720 -45.32 8.90 45.51
N ILE B 1721 -45.15 7.65 45.04
CA ILE B 1721 -44.12 6.79 45.59
C ILE B 1721 -42.74 7.37 45.33
N ALA B 1722 -42.51 7.89 44.12
CA ALA B 1722 -41.22 8.50 43.82
C ALA B 1722 -40.96 9.71 44.70
N ALA B 1723 -41.98 10.54 44.90
CA ALA B 1723 -41.81 11.71 45.76
C ALA B 1723 -41.49 11.30 47.19
N THR B 1724 -42.19 10.27 47.71
CA THR B 1724 -41.91 9.79 49.05
C THR B 1724 -40.50 9.23 49.16
N GLN B 1725 -40.06 8.49 48.15
CA GLN B 1725 -38.70 7.96 48.15
C GLN B 1725 -37.68 9.08 48.16
N CYS B 1726 -37.89 10.11 47.34
CA CYS B 1726 -36.96 11.24 47.31
C CYS B 1726 -36.94 11.96 48.64
N ARG B 1727 -38.11 12.14 49.26
CA ARG B 1727 -38.15 12.81 50.57
C ARG B 1727 -37.41 12.00 51.62
N LEU B 1728 -37.61 10.69 51.65
CA LEU B 1728 -36.92 9.85 52.63
C LEU B 1728 -35.42 9.86 52.39
N ASP B 1729 -35.00 9.84 51.11
CA ASP B 1729 -33.58 9.93 50.81
C ASP B 1729 -33.01 11.26 51.29
N LYS B 1730 -33.76 12.35 51.10
CA LYS B 1730 -33.33 13.65 51.59
C LYS B 1730 -33.16 13.63 53.11
N GLU B 1731 -34.08 12.99 53.81
CA GLU B 1731 -33.98 12.90 55.27
C GLU B 1731 -32.86 11.96 55.72
N GLY B 1732 -32.29 11.17 54.81
CA GLY B 1732 -31.14 10.34 55.14
C GLY B 1732 -31.44 8.87 55.27
N ALA B 1733 -32.49 8.40 54.58
CA ALA B 1733 -32.83 6.98 54.64
C ALA B 1733 -31.74 6.12 54.02
N THR B 1734 -31.18 6.55 52.90
CA THR B 1734 -30.15 5.76 52.22
C THR B 1734 -28.92 5.59 53.10
N LYS B 1735 -28.47 6.67 53.74
CA LYS B 1735 -27.32 6.57 54.63
C LYS B 1735 -27.62 5.65 55.81
N LEU B 1736 -28.83 5.74 56.36
CA LEU B 1736 -29.22 4.84 57.45
C LEU B 1736 -29.16 3.39 57.01
N VAL B 1737 -29.68 3.10 55.81
CA VAL B 1737 -29.68 1.73 55.30
C VAL B 1737 -28.24 1.23 55.14
N CYS B 1738 -27.39 2.06 54.55
CA CYS B 1738 -26.00 1.66 54.35
C CYS B 1738 -25.30 1.40 55.69
N ASP B 1739 -25.51 2.29 56.66
CA ASP B 1739 -24.88 2.12 57.96
C ASP B 1739 -25.36 0.86 58.65
N LEU B 1740 -26.68 0.61 58.61
CA LEU B 1740 -27.22 -0.59 59.25
C LEU B 1740 -26.67 -1.85 58.59
N ILE B 1741 -26.62 -1.88 57.25
CA ILE B 1741 -26.10 -3.05 56.57
C ILE B 1741 -24.64 -3.27 56.92
N THR B 1742 -23.86 -2.19 57.00
CA THR B 1742 -22.43 -2.33 57.25
C THR B 1742 -22.16 -2.77 58.68
N SER B 1743 -22.93 -2.27 59.65
CA SER B 1743 -22.59 -2.44 61.06
C SER B 1743 -23.44 -3.47 61.79
N THR B 1744 -24.70 -3.66 61.38
CA THR B 1744 -25.59 -4.51 62.15
C THR B 1744 -25.11 -5.95 62.19
N LYS B 1745 -25.24 -6.59 63.34
CA LYS B 1745 -24.98 -8.02 63.52
C LYS B 1745 -26.26 -8.81 63.74
N ASN B 1746 -27.42 -8.16 63.64
CA ASN B 1746 -28.71 -8.81 63.86
C ASN B 1746 -29.31 -9.16 62.51
N GLU B 1747 -29.75 -10.42 62.37
CA GLU B 1747 -30.31 -10.86 61.10
C GLU B 1747 -31.58 -10.09 60.75
N LYS B 1748 -32.46 -9.88 61.73
CA LYS B 1748 -33.70 -9.16 61.46
C LYS B 1748 -33.43 -7.73 61.02
N ILE B 1749 -32.47 -7.06 61.66
CA ILE B 1749 -32.15 -5.70 61.27
C ILE B 1749 -31.59 -5.66 59.85
N PHE B 1750 -30.74 -6.63 59.50
CA PHE B 1750 -30.21 -6.69 58.15
C PHE B 1750 -31.33 -6.91 57.13
N GLN B 1751 -32.26 -7.81 57.43
CA GLN B 1751 -33.38 -8.05 56.53
C GLN B 1751 -34.21 -6.79 56.35
N GLU B 1752 -34.50 -6.08 57.46
CA GLU B 1752 -35.30 -4.86 57.36
C GLU B 1752 -34.56 -3.79 56.58
N SER B 1753 -33.24 -3.68 56.76
CA SER B 1753 -32.47 -2.71 56.00
C SER B 1753 -32.51 -3.01 54.52
N ILE B 1754 -32.38 -4.29 54.15
CA ILE B 1754 -32.45 -4.66 52.74
C ILE B 1754 -33.83 -4.37 52.18
N GLY B 1755 -34.88 -4.66 52.96
CA GLY B 1755 -36.23 -4.36 52.51
C GLY B 1755 -36.46 -2.87 52.32
N LEU B 1756 -35.93 -2.06 53.23
CA LEU B 1756 -36.05 -0.61 53.09
C LEU B 1756 -35.29 -0.12 51.86
N ALA B 1757 -34.13 -0.70 51.59
CA ALA B 1757 -33.40 -0.35 50.38
C ALA B 1757 -34.21 -0.69 49.14
N ILE B 1758 -34.83 -1.87 49.12
CA ILE B 1758 -35.65 -2.26 47.98
C ILE B 1758 -36.81 -1.30 47.79
N HIS B 1759 -37.48 -0.95 48.90
CA HIS B 1759 -38.61 -0.03 48.82
C HIS B 1759 -38.18 1.35 48.32
N LEU B 1760 -37.03 1.83 48.78
CA LEU B 1760 -36.52 3.11 48.31
C LEU B 1760 -36.19 3.07 46.82
N LEU B 1761 -35.58 1.98 46.37
CA LEU B 1761 -35.17 1.84 44.98
C LEU B 1761 -36.27 1.27 44.08
N ASP B 1762 -37.42 0.91 44.64
CA ASP B 1762 -38.46 0.26 43.84
C ASP B 1762 -38.89 1.17 42.70
N GLY B 1763 -39.13 0.57 41.54
CA GLY B 1763 -39.52 1.30 40.36
C GLY B 1763 -38.38 1.91 39.57
N GLY B 1764 -37.14 1.72 40.00
CA GLY B 1764 -36.01 2.28 39.30
C GLY B 1764 -35.89 3.78 39.45
N ASN B 1765 -35.68 4.25 40.67
CA ASN B 1765 -35.56 5.68 40.94
C ASN B 1765 -34.12 6.11 40.66
N THR B 1766 -33.96 7.02 39.69
CA THR B 1766 -32.62 7.48 39.32
C THR B 1766 -31.96 8.24 40.47
N GLU B 1767 -32.74 9.06 41.19
CA GLU B 1767 -32.16 9.84 42.29
C GLU B 1767 -31.64 8.92 43.39
N ILE B 1768 -32.40 7.87 43.73
CA ILE B 1768 -31.95 6.94 44.76
C ILE B 1768 -30.69 6.22 44.31
N GLN B 1769 -30.63 5.82 43.04
CA GLN B 1769 -29.42 5.17 42.53
C GLN B 1769 -28.23 6.11 42.61
N LYS B 1770 -28.42 7.38 42.26
CA LYS B 1770 -27.33 8.34 42.33
C LYS B 1770 -26.88 8.53 43.78
N SER B 1771 -27.82 8.60 44.71
CA SER B 1771 -27.45 8.72 46.12
C SER B 1771 -26.67 7.50 46.60
N PHE B 1772 -27.10 6.31 46.21
CA PHE B 1772 -26.38 5.10 46.58
C PHE B 1772 -24.97 5.12 46.02
N HIS B 1773 -24.82 5.50 44.75
CA HIS B 1773 -23.49 5.56 44.14
C HIS B 1773 -22.60 6.59 44.83
N ASN B 1774 -23.16 7.75 45.16
CA ASN B 1774 -22.38 8.78 45.85
C ASN B 1774 -21.92 8.28 47.21
N LEU B 1775 -22.82 7.62 47.95
CA LEU B 1775 -22.43 7.08 49.24
C LEU B 1775 -21.36 6.01 49.11
N MET B 1776 -21.49 5.14 48.10
CA MET B 1776 -20.50 4.08 47.91
C MET B 1776 -19.14 4.66 47.54
N MET B 1777 -19.12 5.74 46.74
CA MET B 1777 -17.86 6.31 46.31
C MET B 1777 -17.22 7.16 47.40
N SER B 1778 -17.91 8.22 47.83
CA SER B 1778 -17.31 9.15 48.78
C SER B 1778 -17.02 8.49 50.12
N ASP B 1779 -17.97 7.70 50.62
CA ASP B 1779 -17.81 7.10 51.95
C ASP B 1779 -16.64 6.12 51.96
N LYS B 1780 -15.96 6.08 53.11
CA LYS B 1780 -14.79 5.22 53.28
C LYS B 1780 -15.14 3.80 53.69
N LYS B 1781 -16.40 3.53 54.02
CA LYS B 1781 -16.81 2.20 54.47
C LYS B 1781 -17.53 1.40 53.39
N SER B 1782 -17.51 1.88 52.14
CA SER B 1782 -18.08 1.10 51.05
C SER B 1782 -17.39 -0.25 50.91
N GLU B 1783 -16.10 -0.31 51.24
CA GLU B 1783 -15.38 -1.57 51.21
C GLU B 1783 -16.03 -2.58 52.14
N ARG B 1784 -16.40 -2.15 53.35
CA ARG B 1784 -17.07 -3.05 54.29
C ARG B 1784 -18.44 -3.46 53.78
N PHE B 1785 -19.17 -2.54 53.15
CA PHE B 1785 -20.47 -2.86 52.58
C PHE B 1785 -20.36 -3.98 51.55
N PHE B 1786 -19.44 -3.82 50.60
CA PHE B 1786 -19.27 -4.83 49.57
C PHE B 1786 -18.71 -6.13 50.14
N LYS B 1787 -17.84 -6.04 51.15
CA LYS B 1787 -17.34 -7.26 51.79
C LYS B 1787 -18.47 -8.03 52.47
N VAL B 1788 -19.38 -7.32 53.13
CA VAL B 1788 -20.51 -7.98 53.78
C VAL B 1788 -21.38 -8.66 52.74
N LEU B 1789 -21.68 -7.96 51.64
CA LEU B 1789 -22.50 -8.56 50.59
C LEU B 1789 -21.83 -9.79 50.01
N HIS B 1790 -20.52 -9.71 49.73
CA HIS B 1790 -19.79 -10.83 49.18
C HIS B 1790 -19.77 -12.01 50.14
N ASP B 1791 -19.56 -11.74 51.43
CA ASP B 1791 -19.54 -12.82 52.41
C ASP B 1791 -20.88 -13.52 52.49
N ARG B 1792 -21.98 -12.75 52.47
CA ARG B 1792 -23.30 -13.38 52.49
C ARG B 1792 -23.54 -14.20 51.22
N MET B 1793 -23.10 -13.69 50.07
CA MET B 1793 -23.25 -14.46 48.84
C MET B 1793 -22.48 -15.79 48.93
N LYS B 1794 -21.24 -15.74 49.44
CA LYS B 1794 -20.44 -16.95 49.55
C LYS B 1794 -21.06 -17.93 50.54
N ARG B 1795 -21.59 -17.42 51.66
CA ARG B 1795 -22.23 -18.31 52.62
C ARG B 1795 -23.46 -18.98 52.00
N ALA B 1796 -24.25 -18.23 51.25
CA ALA B 1796 -25.40 -18.82 50.57
C ALA B 1796 -24.96 -19.89 49.58
N GLN B 1797 -23.89 -19.62 48.83
CA GLN B 1797 -23.38 -20.61 47.88
C GLN B 1797 -22.94 -21.88 48.59
N GLN B 1798 -22.21 -21.73 49.71
CA GLN B 1798 -21.75 -22.90 50.45
C GLN B 1798 -22.91 -23.69 51.01
N GLU B 1799 -23.92 -23.01 51.56
CA GLU B 1799 -25.08 -23.71 52.09
C GLU B 1799 -25.83 -24.46 50.99
N THR B 1800 -25.99 -23.82 49.83
CA THR B 1800 -26.66 -24.48 48.72
C THR B 1800 -25.87 -25.70 48.25
N LYS B 1801 -24.54 -25.58 48.18
CA LYS B 1801 -23.72 -26.72 47.78
C LYS B 1801 -23.85 -27.87 48.77
N SER B 1802 -23.84 -27.55 50.07
CA SER B 1802 -23.99 -28.60 51.08
C SER B 1802 -25.35 -29.27 50.98
N THR B 1803 -26.41 -28.48 50.78
CA THR B 1803 -27.74 -29.07 50.65
C THR B 1803 -27.83 -29.96 49.41
N VAL B 1804 -27.25 -29.52 48.30
CA VAL B 1804 -27.25 -30.32 47.09
C VAL B 1804 -26.50 -31.62 47.31
N ALA B 1805 -25.35 -31.56 47.98
CA ALA B 1805 -24.58 -32.78 48.26
C ALA B 1805 -25.38 -33.72 49.16
N VAL B 1806 -26.09 -33.18 50.16
CA VAL B 1806 -26.90 -34.03 51.03
C VAL B 1806 -27.98 -34.73 50.22
N ASN B 1807 -28.66 -33.99 49.35
CA ASN B 1807 -29.72 -34.56 48.52
C ASN B 1807 -29.15 -35.15 47.24
N MET B 1863 -35.47 -23.47 53.46
CA MET B 1863 -34.28 -24.12 52.91
C MET B 1863 -33.02 -23.40 53.38
N GLY B 1864 -33.07 -22.87 54.60
CA GLY B 1864 -31.93 -22.17 55.16
C GLY B 1864 -32.06 -20.66 55.03
N THR B 1865 -31.88 -19.94 56.14
CA THR B 1865 -31.99 -18.49 56.11
C THR B 1865 -30.93 -17.87 55.21
N SER B 1866 -29.72 -18.42 55.21
CA SER B 1866 -28.65 -17.87 54.38
C SER B 1866 -28.99 -17.97 52.91
N VAL B 1867 -29.82 -18.94 52.51
CA VAL B 1867 -30.24 -19.05 51.12
C VAL B 1867 -31.50 -18.23 50.86
N LEU B 1868 -32.41 -18.13 51.84
CA LEU B 1868 -33.61 -17.32 51.66
C LEU B 1868 -33.27 -15.84 51.54
N ILE B 1869 -32.20 -15.39 52.21
CA ILE B 1869 -31.80 -13.99 52.15
C ILE B 1869 -31.28 -13.60 50.77
N MET B 1870 -31.00 -14.56 49.89
CA MET B 1870 -30.47 -14.23 48.58
C MET B 1870 -31.50 -13.51 47.73
N GLN B 1871 -32.78 -13.87 47.87
CA GLN B 1871 -33.81 -13.22 47.05
C GLN B 1871 -33.84 -11.71 47.29
N PRO B 1872 -33.96 -11.20 48.51
CA PRO B 1872 -33.91 -9.74 48.69
C PRO B 1872 -32.60 -9.12 48.22
N ILE B 1873 -31.47 -9.79 48.43
CA ILE B 1873 -30.19 -9.23 48.01
C ILE B 1873 -30.12 -9.14 46.49
N LEU B 1874 -30.55 -10.19 45.80
CA LEU B 1874 -30.56 -10.17 44.34
C LEU B 1874 -31.51 -9.11 43.83
N ARG B 1875 -32.67 -8.96 44.47
CA ARG B 1875 -33.61 -7.91 44.06
C ARG B 1875 -33.01 -6.53 44.25
N PHE B 1876 -32.31 -6.31 45.37
CA PHE B 1876 -31.68 -5.01 45.61
C PHE B 1876 -30.60 -4.74 44.57
N LEU B 1877 -29.78 -5.74 44.25
CA LEU B 1877 -28.74 -5.56 43.25
C LEU B 1877 -29.34 -5.26 41.88
N GLN B 1878 -30.43 -5.95 41.53
CA GLN B 1878 -31.11 -5.68 40.26
C GLN B 1878 -31.67 -4.25 40.24
N LEU B 1879 -32.25 -3.81 41.36
CA LEU B 1879 -32.81 -2.47 41.41
C LEU B 1879 -31.72 -1.40 41.34
N LEU B 1880 -30.51 -1.72 41.81
CA LEU B 1880 -29.41 -0.78 41.68
C LEU B 1880 -29.10 -0.49 40.21
N CYS B 1881 -29.13 -1.53 39.37
CA CYS B 1881 -28.76 -1.43 37.97
C CYS B 1881 -29.96 -1.21 37.06
N GLU B 1882 -31.15 -1.01 37.61
CA GLU B 1882 -32.35 -0.87 36.80
C GLU B 1882 -32.24 0.36 35.89
N ASN B 1883 -32.90 0.26 34.73
CA ASN B 1883 -32.89 1.32 33.71
C ASN B 1883 -31.50 1.48 33.08
N HIS B 1884 -30.69 0.43 33.12
CA HIS B 1884 -29.37 0.43 32.49
C HIS B 1884 -28.51 1.56 33.04
N ASN B 1885 -28.32 1.55 34.36
CA ASN B 1885 -27.46 2.52 35.02
C ASN B 1885 -26.01 2.07 34.85
N ARG B 1886 -25.29 2.71 33.93
CA ARG B 1886 -23.94 2.28 33.61
C ARG B 1886 -23.01 2.38 34.80
N ASP B 1887 -23.12 3.48 35.57
CA ASP B 1887 -22.24 3.68 36.71
C ASP B 1887 -22.40 2.55 37.73
N LEU B 1888 -23.65 2.25 38.09
CA LEU B 1888 -23.88 1.16 39.04
C LEU B 1888 -23.51 -0.19 38.45
N GLN B 1889 -23.78 -0.38 37.15
CA GLN B 1889 -23.44 -1.65 36.52
C GLN B 1889 -21.95 -1.92 36.58
N ASN B 1890 -21.13 -0.89 36.33
CA ASN B 1890 -19.69 -1.07 36.38
C ASN B 1890 -19.19 -1.15 37.82
N PHE B 1891 -19.82 -0.40 38.73
CA PHE B 1891 -19.36 -0.40 40.11
C PHE B 1891 -19.53 -1.76 40.77
N LEU B 1892 -20.65 -2.44 40.48
CA LEU B 1892 -20.88 -3.75 41.09
C LEU B 1892 -19.83 -4.77 40.68
N ARG B 1893 -19.13 -4.53 39.57
CA ARG B 1893 -18.05 -5.41 39.15
C ARG B 1893 -16.71 -5.00 39.75
N CYS B 1894 -16.40 -3.70 39.70
CA CYS B 1894 -15.17 -3.16 40.27
C CYS B 1894 -15.50 -1.89 41.05
N GLN B 1895 -15.03 -1.82 42.30
CA GLN B 1895 -15.32 -0.69 43.16
C GLN B 1895 -14.13 0.27 43.31
N ASN B 1896 -12.98 -0.05 42.71
CA ASN B 1896 -11.79 0.79 42.77
C ASN B 1896 -11.27 0.96 44.20
N ASN B 1897 -11.65 0.07 45.11
CA ASN B 1897 -11.14 0.09 46.47
C ASN B 1897 -9.87 -0.74 46.57
N LYS B 1898 -9.33 -0.87 47.78
CA LYS B 1898 -8.13 -1.67 47.98
C LYS B 1898 -8.38 -3.12 47.61
N THR B 1899 -9.51 -3.68 48.05
CA THR B 1899 -9.95 -5.01 47.64
C THR B 1899 -11.31 -4.86 46.97
N ASN B 1900 -11.46 -5.47 45.80
CA ASN B 1900 -12.65 -5.35 44.99
C ASN B 1900 -13.42 -6.66 45.01
N TYR B 1901 -14.74 -6.58 45.19
CA TYR B 1901 -15.62 -7.73 45.19
C TYR B 1901 -16.51 -7.66 43.95
N ASN B 1902 -16.38 -8.65 43.07
CA ASN B 1902 -17.15 -8.70 41.83
C ASN B 1902 -18.46 -9.43 42.12
N LEU B 1903 -19.55 -8.66 42.26
CA LEU B 1903 -20.83 -9.25 42.58
C LEU B 1903 -21.46 -9.94 41.37
N VAL B 1904 -21.11 -9.52 40.15
CA VAL B 1904 -21.62 -10.18 38.95
C VAL B 1904 -21.10 -11.62 38.89
N CYS B 1905 -19.81 -11.80 39.13
CA CYS B 1905 -19.22 -13.14 39.13
C CYS B 1905 -19.83 -13.99 40.22
N GLU B 1906 -20.06 -13.41 41.40
CA GLU B 1906 -20.67 -14.17 42.50
C GLU B 1906 -22.11 -14.56 42.17
N THR B 1907 -22.85 -13.69 41.50
CA THR B 1907 -24.20 -14.04 41.09
C THR B 1907 -24.19 -15.19 40.09
N LEU B 1908 -23.26 -15.15 39.12
CA LEU B 1908 -23.15 -16.25 38.18
C LEU B 1908 -22.77 -17.54 38.88
N GLN B 1909 -21.85 -17.47 39.85
CA GLN B 1909 -21.46 -18.65 40.61
C GLN B 1909 -22.65 -19.22 41.39
N PHE B 1910 -23.45 -18.34 42.00
CA PHE B 1910 -24.63 -18.80 42.71
C PHE B 1910 -25.60 -19.50 41.78
N LEU B 1911 -25.81 -18.93 40.59
CA LEU B 1911 -26.69 -19.59 39.62
C LEU B 1911 -26.13 -20.95 39.24
N ASP B 1912 -24.82 -21.04 39.01
CA ASP B 1912 -24.22 -22.31 38.61
C ASP B 1912 -24.36 -23.36 39.72
N ILE B 1913 -24.12 -22.98 40.97
CA ILE B 1913 -24.21 -23.93 42.06
C ILE B 1913 -25.65 -24.35 42.30
N MET B 1914 -26.59 -23.41 42.17
CA MET B 1914 -27.99 -23.74 42.41
C MET B 1914 -28.49 -24.80 41.42
N CYS B 1915 -28.06 -24.70 40.17
CA CYS B 1915 -28.53 -25.59 39.12
C CYS B 1915 -27.78 -26.90 39.06
N GLY B 1916 -26.77 -27.11 39.92
CA GLY B 1916 -26.04 -28.35 39.98
C GLY B 1916 -24.72 -28.36 39.26
N SER B 1917 -24.28 -27.23 38.71
CA SER B 1917 -22.98 -27.14 38.05
C SER B 1917 -22.95 -27.99 36.79
N THR B 1918 -21.80 -28.64 36.51
CA THR B 1918 -21.66 -29.39 35.28
C THR B 1918 -22.68 -30.52 35.19
N THR B 1919 -22.97 -31.18 36.31
CA THR B 1919 -23.94 -32.27 36.30
C THR B 1919 -25.29 -31.78 35.82
N GLY B 1920 -25.73 -30.62 36.31
CA GLY B 1920 -26.99 -30.06 35.83
C GLY B 1920 -26.95 -29.76 34.34
N GLY B 1921 -25.83 -29.22 33.85
CA GLY B 1921 -25.71 -28.95 32.43
C GLY B 1921 -25.77 -30.20 31.58
N LEU B 1922 -25.25 -31.32 32.09
CA LEU B 1922 -25.26 -32.56 31.31
C LEU B 1922 -26.67 -33.00 30.97
N GLY B 1923 -27.66 -32.61 31.79
CA GLY B 1923 -29.03 -32.99 31.53
C GLY B 1923 -29.80 -33.33 32.79
N LEU B 1924 -29.12 -33.31 33.93
CA LEU B 1924 -29.76 -33.58 35.22
C LEU B 1924 -30.32 -32.31 35.86
N LEU B 1925 -30.59 -31.28 35.07
CA LEU B 1925 -31.07 -30.02 35.62
C LEU B 1925 -32.41 -30.17 36.32
N GLY B 1926 -33.23 -31.13 35.89
CA GLY B 1926 -34.56 -31.25 36.44
C GLY B 1926 -34.57 -31.54 37.93
N LEU B 1927 -33.67 -32.41 38.39
CA LEU B 1927 -33.66 -32.78 39.80
C LEU B 1927 -33.32 -31.59 40.69
N TYR B 1928 -32.34 -30.79 40.29
CA TYR B 1928 -31.88 -29.69 41.14
C TYR B 1928 -32.94 -28.61 41.28
N ILE B 1929 -33.66 -28.31 40.21
CA ILE B 1929 -34.67 -27.25 40.21
C ILE B 1929 -36.01 -27.85 40.60
N ASN B 1930 -36.66 -27.23 41.59
CA ASN B 1930 -37.96 -27.67 42.07
C ASN B 1930 -38.82 -26.44 42.32
N GLU B 1931 -40.03 -26.67 42.84
CA GLU B 1931 -40.97 -25.57 43.05
C GLU B 1931 -40.45 -24.57 44.06
N ASP B 1932 -39.80 -25.05 45.13
CA ASP B 1932 -39.38 -24.15 46.20
C ASP B 1932 -38.33 -23.15 45.71
N ASN B 1933 -37.34 -23.61 44.93
CA ASN B 1933 -36.20 -22.80 44.56
C ASN B 1933 -36.32 -22.17 43.17
N VAL B 1934 -37.43 -22.40 42.46
CA VAL B 1934 -37.56 -21.88 41.11
C VAL B 1934 -37.57 -20.35 41.11
N GLY B 1935 -38.28 -19.75 42.07
CA GLY B 1935 -38.33 -18.31 42.12
C GLY B 1935 -36.97 -17.66 42.31
N LEU B 1936 -36.11 -18.28 43.12
CA LEU B 1936 -34.77 -17.75 43.32
C LEU B 1936 -33.96 -17.82 42.02
N VAL B 1937 -34.11 -18.89 41.26
CA VAL B 1937 -33.42 -18.98 39.97
C VAL B 1937 -33.92 -17.92 39.02
N ILE B 1938 -35.24 -17.68 39.01
CA ILE B 1938 -35.79 -16.64 38.15
C ILE B 1938 -35.22 -15.28 38.55
N GLN B 1939 -35.15 -15.01 39.86
CA GLN B 1939 -34.59 -13.74 40.32
C GLN B 1939 -33.13 -13.61 39.92
N THR B 1940 -32.36 -14.69 40.03
CA THR B 1940 -30.96 -14.65 39.63
C THR B 1940 -30.81 -14.35 38.14
N LEU B 1941 -31.64 -14.98 37.32
CA LEU B 1941 -31.60 -14.70 35.88
C LEU B 1941 -31.95 -13.25 35.59
N GLU B 1942 -32.97 -12.73 36.27
CA GLU B 1942 -33.35 -11.33 36.09
C GLU B 1942 -32.22 -10.39 36.49
N THR B 1943 -31.55 -10.70 37.61
CA THR B 1943 -30.44 -9.87 38.06
C THR B 1943 -29.30 -9.88 37.05
N LEU B 1944 -28.97 -11.06 36.52
CA LEU B 1944 -27.92 -11.12 35.50
C LEU B 1944 -28.30 -10.34 34.25
N THR B 1945 -29.56 -10.45 33.83
CA THR B 1945 -30.01 -9.69 32.67
C THR B 1945 -29.90 -8.19 32.92
N GLU B 1946 -30.28 -7.73 34.12
CA GLU B 1946 -30.15 -6.32 34.45
C GLU B 1946 -28.68 -5.90 34.49
N TYR B 1947 -27.80 -6.80 34.92
CA TYR B 1947 -26.37 -6.50 34.87
C TYR B 1947 -25.91 -6.27 33.44
N CYS B 1948 -26.34 -7.12 32.51
CA CYS B 1948 -25.80 -7.10 31.16
C CYS B 1948 -26.51 -6.12 30.22
N GLN B 1949 -27.76 -5.80 30.46
CA GLN B 1949 -28.51 -4.96 29.55
C GLN B 1949 -28.02 -3.51 29.61
N GLY B 1950 -28.23 -2.79 28.51
CA GLY B 1950 -27.88 -1.38 28.43
C GLY B 1950 -27.14 -0.99 27.17
N PRO B 1951 -26.16 -1.79 26.71
CA PRO B 1951 -25.51 -2.96 27.32
C PRO B 1951 -24.29 -2.56 28.15
N CYS B 1952 -23.81 -3.47 29.00
CA CYS B 1952 -22.54 -3.31 29.70
C CYS B 1952 -21.60 -4.37 29.15
N HIS B 1953 -20.69 -3.95 28.27
CA HIS B 1953 -19.83 -4.91 27.57
C HIS B 1953 -18.95 -5.67 28.55
N GLU B 1954 -18.42 -4.99 29.57
CA GLU B 1954 -17.55 -5.66 30.53
C GLU B 1954 -18.29 -6.75 31.28
N ASN B 1955 -19.53 -6.48 31.69
CA ASN B 1955 -20.32 -7.51 32.38
C ASN B 1955 -20.63 -8.67 31.45
N GLN B 1956 -20.93 -8.38 30.18
CA GLN B 1956 -21.17 -9.45 29.22
C GLN B 1956 -19.95 -10.34 29.07
N THR B 1957 -18.77 -9.72 28.95
CA THR B 1957 -17.53 -10.50 28.84
C THR B 1957 -17.29 -11.31 30.10
N CYS B 1958 -17.55 -10.71 31.27
CA CYS B 1958 -17.35 -11.42 32.53
C CYS B 1958 -18.22 -12.66 32.60
N ILE B 1959 -19.50 -12.53 32.22
CA ILE B 1959 -20.41 -13.67 32.31
C ILE B 1959 -20.06 -14.72 31.27
N VAL B 1960 -19.79 -14.29 30.03
CA VAL B 1960 -19.58 -15.25 28.95
C VAL B 1960 -18.31 -16.05 29.16
N THR B 1961 -17.23 -15.38 29.59
CA THR B 1961 -15.92 -16.00 29.70
C THR B 1961 -15.61 -16.48 31.12
N HIS B 1962 -16.63 -16.56 31.98
CA HIS B 1962 -16.39 -16.99 33.36
C HIS B 1962 -15.85 -18.40 33.39
N GLU B 1963 -14.93 -18.65 34.33
CA GLU B 1963 -14.31 -19.97 34.44
C GLU B 1963 -15.32 -21.04 34.87
N SER B 1964 -16.35 -20.65 35.60
CA SER B 1964 -17.35 -21.61 36.07
C SER B 1964 -18.19 -22.18 34.94
N ASN B 1965 -18.14 -21.59 33.75
CA ASN B 1965 -18.93 -22.03 32.60
C ASN B 1965 -20.43 -22.00 32.94
N GLY B 1966 -20.86 -20.86 33.47
CA GLY B 1966 -22.28 -20.69 33.79
C GLY B 1966 -23.16 -20.46 32.60
N ILE B 1967 -22.59 -20.12 31.44
CA ILE B 1967 -23.38 -19.96 30.23
C ILE B 1967 -24.00 -21.28 29.82
N ASP B 1968 -23.25 -22.38 30.02
CA ASP B 1968 -23.81 -23.70 29.75
C ASP B 1968 -25.05 -23.98 30.58
N ILE B 1969 -25.08 -23.46 31.82
CA ILE B 1969 -26.26 -23.64 32.66
C ILE B 1969 -27.46 -22.95 32.02
N ILE B 1970 -27.27 -21.75 31.50
CA ILE B 1970 -28.38 -21.01 30.88
C ILE B 1970 -28.85 -21.73 29.62
N THR B 1971 -27.90 -22.22 28.80
CA THR B 1971 -28.29 -22.93 27.60
C THR B 1971 -29.05 -24.20 27.94
N ALA B 1972 -28.62 -24.92 28.98
CA ALA B 1972 -29.35 -26.10 29.42
C ALA B 1972 -30.74 -25.72 29.92
N LEU B 1973 -30.84 -24.63 30.68
CA LEU B 1973 -32.14 -24.16 31.15
C LEU B 1973 -33.10 -23.97 29.97
N ILE B 1974 -32.59 -23.37 28.89
CA ILE B 1974 -33.44 -23.19 27.71
C ILE B 1974 -33.79 -24.54 27.08
N LEU B 1975 -32.78 -25.40 26.90
CA LEU B 1975 -32.99 -26.66 26.19
C LEU B 1975 -33.71 -27.69 27.05
N ASN B 1976 -33.33 -27.82 28.32
CA ASN B 1976 -33.88 -28.88 29.15
C ASN B 1976 -35.37 -28.66 29.41
N ASP B 1977 -36.07 -29.76 29.67
CA ASP B 1977 -37.50 -29.75 29.91
C ASP B 1977 -37.88 -29.62 31.37
N ILE B 1978 -36.93 -29.83 32.30
CA ILE B 1978 -37.23 -29.83 33.73
C ILE B 1978 -38.36 -30.83 33.97
N SER B 1979 -38.05 -32.12 33.85
CA SER B 1979 -39.10 -33.13 33.87
C SER B 1979 -39.94 -33.12 35.14
N PRO B 1980 -39.37 -33.07 36.34
CA PRO B 1980 -40.22 -33.10 37.54
C PRO B 1980 -41.14 -31.91 37.66
N LEU B 1981 -40.61 -30.69 37.53
CA LEU B 1981 -41.40 -29.49 37.78
C LEU B 1981 -42.39 -29.22 36.66
N CYS B 1982 -41.98 -29.45 35.40
CA CYS B 1982 -42.83 -29.09 34.28
C CYS B 1982 -44.16 -29.84 34.31
N LYS B 1983 -44.17 -31.07 34.82
CA LYS B 1983 -45.40 -31.84 34.87
C LYS B 1983 -46.44 -31.17 35.76
N TYR B 1984 -46.00 -30.64 36.90
CA TYR B 1984 -46.94 -30.06 37.87
C TYR B 1984 -47.16 -28.56 37.64
N ARG B 1985 -46.09 -27.81 37.37
CA ARG B 1985 -46.17 -26.35 37.20
C ARG B 1985 -45.43 -25.98 35.92
N MET B 1986 -46.16 -25.99 34.80
CA MET B 1986 -45.57 -25.64 33.52
C MET B 1986 -45.36 -24.13 33.37
N ASP B 1987 -46.17 -23.32 34.06
CA ASP B 1987 -46.04 -21.87 33.96
C ASP B 1987 -44.68 -21.41 34.48
N LEU B 1988 -44.23 -21.99 35.60
CA LEU B 1988 -42.92 -21.62 36.14
C LEU B 1988 -41.80 -22.03 35.20
N VAL B 1989 -41.93 -23.19 34.56
CA VAL B 1989 -40.91 -23.62 33.59
C VAL B 1989 -40.88 -22.66 32.40
N LEU B 1990 -42.05 -22.24 31.92
CA LEU B 1990 -42.10 -21.28 30.82
C LEU B 1990 -41.47 -19.95 31.23
N GLN B 1991 -41.74 -19.50 32.45
CA GLN B 1991 -41.12 -18.26 32.94
C GLN B 1991 -39.61 -18.40 33.01
N LEU B 1992 -39.13 -19.54 33.49
CA LEU B 1992 -37.69 -19.78 33.55
C LEU B 1992 -37.07 -19.74 32.16
N LYS B 1993 -37.70 -20.40 31.19
CA LYS B 1993 -37.18 -20.39 29.83
C LYS B 1993 -37.18 -18.99 29.25
N ASP B 1994 -38.24 -18.21 29.50
CA ASP B 1994 -38.30 -16.84 29.00
C ASP B 1994 -37.18 -16.00 29.60
N ASN B 1995 -36.95 -16.13 30.91
CA ASN B 1995 -35.88 -15.37 31.54
C ASN B 1995 -34.52 -15.78 31.00
N ALA B 1996 -34.30 -17.07 30.79
CA ALA B 1996 -33.02 -17.52 30.24
C ALA B 1996 -32.80 -16.96 28.84
N SER B 1997 -33.85 -16.98 28.01
CA SER B 1997 -33.74 -16.42 26.67
C SER B 1997 -33.45 -14.93 26.72
N LYS B 1998 -34.10 -14.21 27.63
CA LYS B 1998 -33.83 -12.78 27.77
C LYS B 1998 -32.38 -12.53 28.17
N LEU B 1999 -31.87 -13.34 29.11
CA LEU B 1999 -30.48 -13.19 29.52
C LEU B 1999 -29.52 -13.45 28.37
N LEU B 2000 -29.79 -14.51 27.59
CA LEU B 2000 -28.92 -14.81 26.45
C LEU B 2000 -28.97 -13.68 25.43
N LEU B 2001 -30.15 -13.13 25.17
CA LEU B 2001 -30.25 -12.00 24.24
C LEU B 2001 -29.48 -10.79 24.77
N ALA B 2002 -29.59 -10.51 26.07
CA ALA B 2002 -28.87 -9.38 26.64
C ALA B 2002 -27.36 -9.59 26.57
N LEU B 2003 -26.90 -10.84 26.63
CA LEU B 2003 -25.48 -11.12 26.52
C LEU B 2003 -24.91 -10.78 25.15
N MET B 2004 -25.76 -10.54 24.15
CA MET B 2004 -25.32 -10.25 22.79
C MET B 2004 -26.02 -9.01 22.26
N GLU B 2005 -26.29 -8.03 23.11
CA GLU B 2005 -27.14 -6.91 22.73
C GLU B 2005 -26.53 -6.11 21.58
N SER B 2006 -25.28 -5.67 21.73
CA SER B 2006 -24.63 -4.82 20.73
C SER B 2006 -23.22 -5.29 20.46
N ARG B 2007 -23.03 -6.60 20.31
CA ARG B 2007 -21.73 -7.20 20.06
C ARG B 2007 -21.64 -7.58 18.60
N HIS B 2008 -20.85 -6.82 17.83
CA HIS B 2008 -20.68 -7.12 16.41
C HIS B 2008 -19.81 -8.34 16.20
N ASP B 2009 -18.86 -8.59 17.11
CA ASP B 2009 -18.04 -9.79 17.02
C ASP B 2009 -18.86 -11.03 17.36
N SER B 2010 -18.34 -12.18 16.95
CA SER B 2010 -19.03 -13.45 17.12
C SER B 2010 -18.60 -14.21 18.37
N GLU B 2011 -17.72 -13.65 19.19
CA GLU B 2011 -17.17 -14.40 20.31
C GLU B 2011 -18.29 -14.93 21.22
N ASN B 2012 -19.18 -14.05 21.66
CA ASN B 2012 -20.28 -14.48 22.52
C ASN B 2012 -21.21 -15.42 21.79
N ALA B 2013 -21.49 -15.14 20.50
CA ALA B 2013 -22.37 -16.00 19.73
C ALA B 2013 -21.80 -17.40 19.59
N GLU B 2014 -20.51 -17.51 19.28
CA GLU B 2014 -19.89 -18.82 19.16
C GLU B 2014 -19.85 -19.54 20.51
N ARG B 2015 -19.56 -18.81 21.59
CA ARG B 2015 -19.54 -19.44 22.90
C ARG B 2015 -20.92 -19.99 23.26
N ILE B 2016 -21.98 -19.23 22.99
CA ILE B 2016 -23.32 -19.71 23.26
C ILE B 2016 -23.67 -20.90 22.37
N LEU B 2017 -23.31 -20.83 21.10
CA LEU B 2017 -23.62 -21.92 20.17
C LEU B 2017 -22.86 -23.19 20.49
N ILE B 2018 -21.74 -23.09 21.21
CA ILE B 2018 -21.01 -24.29 21.60
C ILE B 2018 -21.93 -25.25 22.36
N SER B 2019 -22.71 -24.74 23.29
CA SER B 2019 -23.62 -25.56 24.09
C SER B 2019 -25.06 -25.53 23.59
N LEU B 2020 -25.45 -24.49 22.86
CA LEU B 2020 -26.83 -24.37 22.35
C LEU B 2020 -26.81 -24.79 20.88
N ARG B 2021 -26.98 -26.10 20.66
CA ARG B 2021 -26.95 -26.63 19.31
C ARG B 2021 -28.19 -26.20 18.53
N PRO B 2022 -28.08 -26.04 17.20
CA PRO B 2022 -29.21 -25.48 16.44
C PRO B 2022 -30.40 -26.41 16.34
N GLN B 2023 -30.18 -27.70 16.12
CA GLN B 2023 -31.30 -28.62 15.95
C GLN B 2023 -32.17 -28.67 17.20
N GLU B 2024 -31.54 -28.76 18.37
CA GLU B 2024 -32.30 -28.78 19.62
C GLU B 2024 -33.03 -27.47 19.83
N LEU B 2025 -32.41 -26.35 19.48
CA LEU B 2025 -33.07 -25.06 19.62
C LEU B 2025 -34.32 -24.98 18.74
N VAL B 2026 -34.22 -25.44 17.49
CA VAL B 2026 -35.36 -25.41 16.60
C VAL B 2026 -36.45 -26.34 17.12
N ASP B 2027 -36.07 -27.52 17.62
CA ASP B 2027 -37.06 -28.42 18.19
C ASP B 2027 -37.76 -27.80 19.38
N VAL B 2028 -37.02 -27.09 20.23
CA VAL B 2028 -37.61 -26.43 21.38
C VAL B 2028 -38.59 -25.35 20.92
N ILE B 2029 -38.22 -24.59 19.89
CA ILE B 2029 -39.10 -23.55 19.37
C ILE B 2029 -40.40 -24.17 18.87
N LYS B 2030 -40.28 -25.26 18.10
CA LYS B 2030 -41.46 -25.90 17.56
C LYS B 2030 -42.35 -26.47 18.66
N LYS B 2031 -41.74 -27.08 19.67
CA LYS B 2031 -42.51 -27.62 20.79
C LYS B 2031 -43.23 -26.51 21.55
N ALA B 2032 -42.55 -25.39 21.76
CA ALA B 2032 -43.19 -24.26 22.44
C ALA B 2032 -44.36 -23.73 21.63
N TYR B 2033 -44.20 -23.64 20.32
CA TYR B 2033 -45.31 -23.19 19.47
C TYR B 2033 -46.49 -24.16 19.57
N LEU B 2034 -46.22 -25.46 19.50
CA LEU B 2034 -47.29 -26.44 19.52
C LEU B 2034 -47.95 -26.55 20.90
N GLN B 2035 -47.24 -26.17 21.97
CA GLN B 2035 -47.80 -26.25 23.31
C GLN B 2035 -48.94 -25.27 23.53
N GLU B 2036 -49.15 -24.31 22.62
CA GLU B 2036 -50.20 -23.33 22.82
C GLU B 2036 -51.58 -23.98 22.92
N GLU B 2037 -51.84 -24.96 22.06
CA GLU B 2037 -53.13 -25.65 22.10
C GLU B 2037 -53.34 -26.34 23.45
N GLU B 2038 -52.25 -26.75 24.11
CA GLU B 2038 -52.31 -27.35 25.43
C GLU B 2038 -52.18 -26.32 26.55
N ARG B 2039 -52.09 -25.04 26.21
CA ARG B 2039 -51.90 -24.01 27.22
C ARG B 2039 -53.09 -23.93 28.16
N GLU B 2040 -52.81 -23.70 29.43
CA GLU B 2040 -53.83 -23.44 30.44
C GLU B 2040 -53.81 -21.96 30.82
N ASN B 2041 -54.93 -21.50 31.36
CA ASN B 2041 -55.07 -20.09 31.73
C ASN B 2041 -53.93 -19.67 32.66
N SER B 2042 -53.07 -18.78 32.18
CA SER B 2042 -51.95 -18.31 32.98
C SER B 2042 -51.38 -17.06 32.32
N GLU B 2043 -50.61 -16.30 33.11
CA GLU B 2043 -50.01 -15.08 32.59
C GLU B 2043 -49.00 -15.38 31.49
N VAL B 2044 -48.21 -16.42 31.66
CA VAL B 2044 -47.19 -16.79 30.67
C VAL B 2044 -47.82 -17.63 29.58
N SER B 2045 -47.44 -17.36 28.33
CA SER B 2045 -47.96 -18.07 27.18
C SER B 2045 -46.82 -18.79 26.46
N PRO B 2046 -46.97 -20.06 26.12
CA PRO B 2046 -45.89 -20.75 25.38
C PRO B 2046 -45.55 -20.08 24.07
N ARG B 2047 -46.52 -19.44 23.41
CA ARG B 2047 -46.25 -18.80 22.13
C ARG B 2047 -45.24 -17.67 22.28
N GLU B 2048 -45.38 -16.86 23.32
CA GLU B 2048 -44.44 -15.76 23.53
C GLU B 2048 -43.03 -16.27 23.83
N VAL B 2049 -42.92 -17.32 24.64
CA VAL B 2049 -41.62 -17.90 24.93
C VAL B 2049 -40.99 -18.45 23.66
N GLY B 2050 -41.80 -19.13 22.84
CA GLY B 2050 -41.29 -19.64 21.58
C GLY B 2050 -40.83 -18.52 20.65
N HIS B 2051 -41.57 -17.42 20.63
CA HIS B 2051 -41.18 -16.29 19.79
C HIS B 2051 -39.86 -15.67 20.28
N ASN B 2052 -39.70 -15.55 21.59
CA ASN B 2052 -38.44 -15.03 22.13
C ASN B 2052 -37.28 -15.94 21.78
N ILE B 2053 -37.48 -17.26 21.92
CA ILE B 2053 -36.42 -18.21 21.58
C ILE B 2053 -36.12 -18.15 20.09
N TYR B 2054 -37.15 -17.93 19.27
CA TYR B 2054 -36.95 -17.82 17.84
C TYR B 2054 -36.14 -16.57 17.49
N ILE B 2055 -36.41 -15.45 18.18
CA ILE B 2055 -35.61 -14.25 17.96
C ILE B 2055 -34.16 -14.48 18.36
N LEU B 2056 -33.94 -15.16 19.49
CA LEU B 2056 -32.58 -15.51 19.88
C LEU B 2056 -31.91 -16.38 18.84
N ALA B 2057 -32.64 -17.37 18.30
CA ALA B 2057 -32.08 -18.23 17.27
C ALA B 2057 -31.74 -17.44 16.01
N LEU B 2058 -32.60 -16.51 15.63
CA LEU B 2058 -32.32 -15.66 14.48
C LEU B 2058 -31.05 -14.86 14.69
N GLN B 2059 -30.89 -14.28 15.88
CA GLN B 2059 -29.66 -13.52 16.16
C GLN B 2059 -28.44 -14.42 16.11
N LEU B 2060 -28.55 -15.64 16.64
CA LEU B 2060 -27.40 -16.55 16.65
C LEU B 2060 -27.07 -17.06 15.26
N SER B 2061 -28.07 -17.18 14.38
CA SER B 2061 -27.85 -17.75 13.06
C SER B 2061 -26.92 -16.90 12.21
N ARG B 2062 -26.70 -15.64 12.57
CA ARG B 2062 -25.79 -14.80 11.81
C ARG B 2062 -24.38 -15.36 11.80
N HIS B 2063 -24.04 -16.25 12.74
CA HIS B 2063 -22.73 -16.86 12.81
C HIS B 2063 -22.80 -18.39 12.71
N ASN B 2064 -23.87 -18.92 12.11
CA ASN B 2064 -24.02 -20.38 11.98
C ASN B 2064 -24.92 -20.65 10.78
N LYS B 2065 -24.36 -21.29 9.75
CA LYS B 2065 -25.13 -21.57 8.55
C LYS B 2065 -26.16 -22.68 8.77
N GLN B 2066 -25.84 -23.67 9.60
CA GLN B 2066 -26.79 -24.74 9.86
C GLN B 2066 -28.06 -24.20 10.50
N LEU B 2067 -27.92 -23.29 11.46
CA LEU B 2067 -29.09 -22.68 12.08
C LEU B 2067 -29.88 -21.87 11.07
N GLN B 2068 -29.18 -21.15 10.18
CA GLN B 2068 -29.87 -20.40 9.13
C GLN B 2068 -30.71 -21.32 8.27
N HIS B 2069 -30.14 -22.46 7.86
CA HIS B 2069 -30.89 -23.40 7.04
C HIS B 2069 -32.08 -23.98 7.81
N LEU B 2070 -31.87 -24.33 9.08
CA LEU B 2070 -32.93 -24.97 9.85
C LEU B 2070 -34.08 -24.01 10.14
N LEU B 2071 -33.79 -22.72 10.30
CA LEU B 2071 -34.84 -21.75 10.60
C LEU B 2071 -35.70 -21.42 9.41
N LYS B 2072 -35.30 -21.80 8.21
CA LYS B 2072 -36.09 -21.49 7.02
C LYS B 2072 -37.38 -22.31 7.02
N PRO B 2073 -38.54 -21.68 6.88
CA PRO B 2073 -39.79 -22.46 6.82
C PRO B 2073 -39.83 -23.35 5.60
N VAL B 2074 -40.54 -24.47 5.73
CA VAL B 2074 -40.69 -25.42 4.63
C VAL B 2074 -41.37 -24.73 3.44
N GLU B 2111 -49.80 -23.14 10.32
CA GLU B 2111 -49.46 -24.54 10.54
C GLU B 2111 -47.99 -24.70 10.90
N ASP B 2112 -47.13 -23.97 10.18
CA ASP B 2112 -45.69 -24.09 10.39
C ASP B 2112 -45.24 -23.10 11.46
N PRO B 2113 -44.70 -23.57 12.58
CA PRO B 2113 -44.19 -22.63 13.59
C PRO B 2113 -43.18 -21.64 13.06
N LEU B 2114 -42.23 -22.10 12.22
CA LEU B 2114 -41.28 -21.15 11.65
C LEU B 2114 -41.99 -20.11 10.78
N ALA B 2115 -42.97 -20.52 9.98
CA ALA B 2115 -43.65 -19.57 9.11
C ALA B 2115 -44.41 -18.54 9.94
N TYR B 2116 -45.08 -18.98 11.01
CA TYR B 2116 -45.79 -18.04 11.87
C TYR B 2116 -44.84 -17.05 12.51
N TYR B 2117 -43.76 -17.55 13.11
CA TYR B 2117 -42.79 -16.65 13.73
C TYR B 2117 -42.19 -15.70 12.70
N GLU B 2118 -42.05 -16.15 11.45
CA GLU B 2118 -41.43 -15.31 10.43
C GLU B 2118 -42.38 -14.24 9.95
N ASN B 2119 -43.69 -14.56 9.92
CA ASN B 2119 -44.67 -13.55 9.56
C ASN B 2119 -44.94 -12.59 10.70
N HIS B 2120 -44.53 -12.93 11.93
CA HIS B 2120 -44.76 -12.06 13.08
C HIS B 2120 -43.48 -11.41 13.61
N THR B 2121 -42.33 -11.70 13.00
CA THR B 2121 -41.07 -11.07 13.38
C THR B 2121 -40.72 -9.98 12.37
N SER B 2122 -40.13 -8.89 12.87
CA SER B 2122 -39.71 -7.77 12.04
C SER B 2122 -38.30 -7.34 12.45
N GLN B 2123 -37.68 -6.51 11.60
CA GLN B 2123 -36.35 -6.02 11.89
C GLN B 2123 -36.17 -4.60 11.35
N ILE B 2124 -35.35 -3.82 12.04
CA ILE B 2124 -35.07 -2.44 11.66
C ILE B 2124 -33.60 -2.15 11.90
N GLU B 2125 -33.14 -1.01 11.39
CA GLU B 2125 -31.79 -0.53 11.59
C GLU B 2125 -31.84 0.82 12.29
N ILE B 2126 -31.02 0.98 13.34
CA ILE B 2126 -31.00 2.21 14.11
C ILE B 2126 -29.56 2.69 14.22
N VAL B 2127 -29.42 3.98 14.52
CA VAL B 2127 -28.12 4.62 14.70
C VAL B 2127 -27.99 5.03 16.15
N ARG B 2128 -26.96 4.54 16.83
CA ARG B 2128 -26.74 4.83 18.23
C ARG B 2128 -26.02 6.17 18.39
N GLN B 2129 -25.85 6.60 19.65
CA GLN B 2129 -25.14 7.84 19.93
C GLN B 2129 -23.78 7.88 19.24
N ASP B 2130 -23.07 6.75 19.17
CA ASP B 2130 -21.73 6.70 18.61
C ASP B 2130 -21.71 6.62 17.08
N ARG B 2131 -22.77 7.07 16.43
CA ARG B 2131 -23.01 6.94 15.00
C ARG B 2131 -22.83 5.52 14.48
N SER B 2132 -23.05 4.51 15.32
CA SER B 2132 -22.90 3.13 14.88
C SER B 2132 -24.26 2.51 14.59
N MET B 2133 -24.31 1.71 13.53
CA MET B 2133 -25.55 1.13 13.04
C MET B 2133 -25.77 -0.24 13.67
N GLU B 2134 -26.98 -0.47 14.20
CA GLU B 2134 -27.34 -1.71 14.84
C GLU B 2134 -28.64 -2.23 14.23
N GLN B 2135 -28.72 -3.56 14.09
CA GLN B 2135 -29.92 -4.22 13.60
C GLN B 2135 -30.70 -4.75 14.79
N ILE B 2136 -31.96 -4.34 14.89
CA ILE B 2136 -32.84 -4.74 15.98
C ILE B 2136 -33.89 -5.67 15.40
N VAL B 2137 -34.10 -6.82 16.04
CA VAL B 2137 -35.14 -7.75 15.66
C VAL B 2137 -36.11 -7.87 16.83
N PHE B 2138 -37.38 -7.65 16.56
CA PHE B 2138 -38.42 -7.60 17.58
C PHE B 2138 -39.67 -8.31 17.06
N PRO B 2139 -40.55 -8.74 17.95
CA PRO B 2139 -41.84 -9.28 17.50
C PRO B 2139 -42.86 -8.18 17.26
N VAL B 2140 -43.73 -8.40 16.29
CA VAL B 2140 -44.69 -7.37 15.89
C VAL B 2140 -45.82 -7.32 16.90
N PRO B 2141 -46.15 -6.15 17.45
CA PRO B 2141 -47.29 -6.08 18.39
C PRO B 2141 -48.58 -6.50 17.71
N GLY B 2142 -49.48 -7.09 18.51
CA GLY B 2142 -50.74 -7.57 17.96
C GLY B 2142 -51.62 -6.44 17.44
N ILE B 2143 -51.57 -5.27 18.10
CA ILE B 2143 -52.42 -4.16 17.66
C ILE B 2143 -52.02 -3.69 16.27
N CYS B 2144 -50.85 -4.11 15.78
CA CYS B 2144 -50.36 -3.59 14.51
C CYS B 2144 -51.03 -4.24 13.32
N GLN B 2145 -51.69 -5.39 13.55
CA GLN B 2145 -52.38 -6.10 12.48
C GLN B 2145 -53.65 -5.40 12.03
N PHE B 2146 -54.06 -4.33 12.71
CA PHE B 2146 -55.30 -3.63 12.40
C PHE B 2146 -55.07 -2.37 11.57
N LEU B 2147 -53.87 -2.17 11.03
CA LEU B 2147 -53.59 -1.02 10.19
C LEU B 2147 -54.19 -1.25 8.81
N THR B 2148 -54.81 -0.22 8.25
CA THR B 2148 -55.55 -0.37 7.01
C THR B 2148 -54.68 -0.04 5.81
N GLU B 2149 -54.89 -0.81 4.74
CA GLU B 2149 -54.15 -0.61 3.51
C GLU B 2149 -54.47 0.74 2.89
N GLU B 2150 -55.71 1.23 3.06
CA GLU B 2150 -55.97 2.59 2.58
C GLU B 2150 -55.15 3.62 3.33
N THR B 2151 -55.02 3.47 4.66
CA THR B 2151 -54.26 4.45 5.44
C THR B 2151 -52.79 4.36 5.08
N LYS B 2152 -52.29 3.14 4.85
CA LYS B 2152 -50.89 2.97 4.49
C LYS B 2152 -50.58 3.61 3.15
N HIS B 2153 -51.43 3.33 2.15
CA HIS B 2153 -51.23 3.94 0.83
C HIS B 2153 -51.32 5.46 0.91
N ARG B 2154 -52.30 5.98 1.66
CA ARG B 2154 -52.47 7.42 1.74
C ARG B 2154 -51.25 8.08 2.34
N LEU B 2155 -50.73 7.51 3.44
CA LEU B 2155 -49.53 8.07 4.05
C LEU B 2155 -48.35 8.01 3.09
N PHE B 2156 -48.17 6.85 2.43
CA PHE B 2156 -46.99 6.63 1.62
C PHE B 2156 -46.99 7.57 0.41
N THR B 2157 -48.18 7.95 -0.05
CA THR B 2157 -48.35 8.77 -1.24
C THR B 2157 -48.48 10.25 -0.91
N THR B 2158 -48.77 10.60 0.35
CA THR B 2158 -48.92 12.00 0.70
C THR B 2158 -47.75 12.57 1.49
N THR B 2159 -46.92 11.72 2.10
CA THR B 2159 -45.87 12.23 2.97
C THR B 2159 -44.94 13.15 2.18
N GLU B 2160 -44.67 14.33 2.73
CA GLU B 2160 -43.91 15.34 2.01
C GLU B 2160 -42.51 15.49 2.62
N GLN B 2161 -41.54 15.80 1.75
CA GLN B 2161 -40.17 15.99 2.20
C GLN B 2161 -40.01 17.31 2.93
N ASP B 2162 -38.99 17.39 3.78
CA ASP B 2162 -38.71 18.61 4.52
C ASP B 2162 -37.56 19.35 3.84
N GLU B 2163 -37.06 20.43 4.46
CA GLU B 2163 -36.04 21.23 3.77
C GLU B 2163 -34.81 20.40 3.49
N GLN B 2164 -34.47 19.48 4.39
CA GLN B 2164 -33.33 18.58 4.19
C GLN B 2164 -33.65 17.43 3.25
N GLY B 2165 -34.88 17.35 2.74
CA GLY B 2165 -35.27 16.27 1.87
C GLY B 2165 -35.51 14.94 2.55
N SER B 2166 -36.21 14.93 3.67
CA SER B 2166 -36.40 13.73 4.49
C SER B 2166 -37.85 13.66 4.93
N LYS B 2167 -38.47 12.51 4.72
CA LYS B 2167 -39.87 12.28 5.07
C LYS B 2167 -40.03 11.73 6.47
N VAL B 2168 -38.93 11.50 7.18
CA VAL B 2168 -38.98 10.91 8.51
C VAL B 2168 -39.75 11.81 9.47
N SER B 2169 -39.60 13.13 9.34
CA SER B 2169 -40.28 14.03 10.27
C SER B 2169 -41.79 13.82 10.22
N ASP B 2170 -42.37 13.87 9.03
CA ASP B 2170 -43.82 13.75 8.91
C ASP B 2170 -44.27 12.33 9.24
N PHE B 2171 -43.48 11.34 8.81
CA PHE B 2171 -43.86 9.95 8.99
C PHE B 2171 -43.91 9.62 10.48
N PHE B 2172 -43.01 10.24 11.26
CA PHE B 2172 -42.96 10.01 12.69
C PHE B 2172 -44.05 10.83 13.39
N ASP B 2173 -44.34 12.02 12.87
CA ASP B 2173 -45.37 12.86 13.44
C ASP B 2173 -46.74 12.20 13.32
N GLN B 2174 -46.94 11.37 12.31
CA GLN B 2174 -48.20 10.67 12.12
C GLN B 2174 -48.31 9.39 12.95
N SER B 2175 -47.34 9.11 13.82
CA SER B 2175 -47.32 7.81 14.51
C SER B 2175 -48.46 7.69 15.50
N SER B 2176 -48.72 8.74 16.28
CA SER B 2176 -49.80 8.67 17.26
C SER B 2176 -51.15 8.51 16.57
N PHE B 2177 -51.35 9.22 15.46
CA PHE B 2177 -52.57 9.05 14.69
C PHE B 2177 -52.68 7.63 14.17
N LEU B 2178 -51.56 7.05 13.72
CA LEU B 2178 -51.59 5.67 13.26
C LEU B 2178 -52.02 4.74 14.38
N HIS B 2179 -51.54 4.99 15.60
CA HIS B 2179 -51.83 4.07 16.70
C HIS B 2179 -53.29 4.20 17.11
N ASN B 2180 -53.80 5.44 17.10
CA ASN B 2180 -55.21 5.68 17.42
C ASN B 2180 -56.09 5.01 16.37
N GLU B 2181 -55.66 5.03 15.10
CA GLU B 2181 -56.43 4.38 14.05
C GLU B 2181 -56.43 2.87 14.23
N MET B 2182 -55.29 2.29 14.61
CA MET B 2182 -55.26 0.86 14.90
C MET B 2182 -56.24 0.51 16.01
N GLU B 2183 -56.25 1.30 17.08
CA GLU B 2183 -57.17 1.02 18.18
C GLU B 2183 -58.63 1.21 17.75
N TRP B 2184 -58.91 2.23 16.93
CA TRP B 2184 -60.28 2.33 16.44
C TRP B 2184 -60.67 1.13 15.59
N GLN B 2185 -59.75 0.65 14.76
CA GLN B 2185 -60.08 -0.47 13.88
C GLN B 2185 -60.34 -1.73 14.70
N ARG B 2186 -59.56 -1.91 15.77
CA ARG B 2186 -59.73 -3.07 16.62
C ARG B 2186 -61.06 -3.00 17.36
N LYS B 2187 -61.44 -1.81 17.83
CA LYS B 2187 -62.74 -1.65 18.47
C LYS B 2187 -63.87 -1.89 17.47
N LEU B 2188 -63.70 -1.40 16.24
CA LEU B 2188 -64.76 -1.45 15.23
C LEU B 2188 -65.03 -2.88 14.78
N ARG B 2189 -63.97 -3.66 14.58
CA ARG B 2189 -64.14 -5.01 14.09
C ARG B 2189 -64.92 -5.88 15.07
N SER B 2190 -65.07 -5.44 16.32
CA SER B 2190 -65.89 -6.14 17.29
C SER B 2190 -67.39 -5.86 17.11
N MET B 2191 -67.75 -4.86 16.31
CA MET B 2191 -69.14 -4.52 16.09
C MET B 2191 -69.54 -4.96 14.69
N PRO B 2192 -70.25 -6.09 14.51
CA PRO B 2192 -70.34 -6.67 13.17
C PRO B 2192 -71.15 -5.81 12.21
N LEU B 2193 -72.36 -5.41 12.62
CA LEU B 2193 -73.19 -4.59 11.74
C LEU B 2193 -72.45 -3.33 11.29
N ILE B 2194 -71.90 -2.57 12.24
CA ILE B 2194 -71.28 -1.29 11.88
C ILE B 2194 -70.07 -1.51 10.99
N TYR B 2195 -69.30 -2.57 11.25
CA TYR B 2195 -68.17 -2.88 10.39
C TYR B 2195 -68.64 -3.19 8.97
N TRP B 2196 -69.72 -3.96 8.85
CA TRP B 2196 -70.26 -4.31 7.54
C TRP B 2196 -70.73 -3.08 6.79
N PHE B 2197 -71.39 -2.16 7.49
CA PHE B 2197 -71.81 -0.90 6.90
C PHE B 2197 -70.61 -0.06 6.47
N SER B 2198 -69.55 -0.05 7.30
CA SER B 2198 -68.35 0.72 6.98
C SER B 2198 -67.61 0.10 5.79
N ARG B 2199 -67.87 -1.17 5.51
CA ARG B 2199 -67.14 -1.85 4.44
C ARG B 2199 -67.68 -1.55 3.05
N ARG B 2200 -68.82 -0.87 2.95
CA ARG B 2200 -69.48 -0.59 1.67
C ARG B 2200 -69.62 0.90 1.44
N MET B 2201 -68.61 1.67 1.85
CA MET B 2201 -68.63 3.12 1.64
C MET B 2201 -68.67 3.46 0.15
N THR B 2202 -67.85 2.77 -0.65
CA THR B 2202 -67.85 3.01 -2.08
C THR B 2202 -69.20 2.69 -2.70
N LEU B 2203 -69.83 1.59 -2.25
CA LEU B 2203 -71.15 1.24 -2.75
C LEU B 2203 -72.17 2.33 -2.40
N TRP B 2204 -72.12 2.82 -1.16
CA TRP B 2204 -73.07 3.87 -0.75
C TRP B 2204 -72.87 5.13 -1.60
N GLY B 2205 -71.60 5.50 -1.84
CA GLY B 2205 -71.33 6.68 -2.65
C GLY B 2205 -71.76 6.53 -4.09
N SER B 2206 -71.50 5.37 -4.69
CA SER B 2206 -71.93 5.14 -6.06
C SER B 2206 -73.45 5.17 -6.15
N ILE B 2207 -74.15 4.57 -5.19
CA ILE B 2207 -75.60 4.59 -5.20
C ILE B 2207 -76.12 6.02 -5.12
N SER B 2208 -75.54 6.81 -4.22
CA SER B 2208 -75.93 8.21 -4.06
C SER B 2208 -75.70 8.99 -5.35
N PHE B 2209 -74.54 8.82 -5.99
CA PHE B 2209 -74.26 9.56 -7.21
C PHE B 2209 -75.24 9.18 -8.31
N ASN B 2210 -75.54 7.88 -8.43
CA ASN B 2210 -76.45 7.42 -9.47
C ASN B 2210 -77.85 7.96 -9.22
N LEU B 2211 -78.30 7.95 -7.96
CA LEU B 2211 -79.61 8.52 -7.67
C LEU B 2211 -79.65 10.00 -8.02
N ALA B 2212 -78.56 10.73 -7.76
CA ALA B 2212 -78.58 12.16 -7.99
C ALA B 2212 -78.59 12.45 -9.48
N VAL B 2213 -77.81 11.70 -10.26
CA VAL B 2213 -77.79 11.88 -11.70
C VAL B 2213 -79.16 11.57 -12.29
N PHE B 2214 -79.79 10.49 -11.83
CA PHE B 2214 -81.11 10.15 -12.37
C PHE B 2214 -82.15 11.19 -12.01
N ILE B 2215 -82.13 11.67 -10.75
CA ILE B 2215 -83.09 12.69 -10.34
C ILE B 2215 -82.92 13.95 -11.18
N ASN B 2216 -81.67 14.38 -11.39
CA ASN B 2216 -81.44 15.59 -12.16
C ASN B 2216 -81.85 15.41 -13.61
N ILE B 2217 -81.59 14.24 -14.19
CA ILE B 2217 -82.01 13.98 -15.56
C ILE B 2217 -83.53 14.06 -15.68
N ILE B 2218 -84.24 13.43 -14.74
CA ILE B 2218 -85.69 13.47 -14.76
C ILE B 2218 -86.19 14.90 -14.64
N ILE B 2219 -85.60 15.68 -13.73
CA ILE B 2219 -86.03 17.06 -13.55
C ILE B 2219 -85.82 17.86 -14.83
N ALA B 2220 -84.63 17.73 -15.41
CA ALA B 2220 -84.28 18.43 -16.64
C ALA B 2220 -85.27 18.10 -17.76
N PHE B 2221 -85.63 16.82 -17.88
CA PHE B 2221 -86.44 16.39 -19.02
C PHE B 2221 -87.94 16.55 -18.79
N PHE B 2222 -88.39 16.79 -17.55
CA PHE B 2222 -89.82 16.83 -17.28
C PHE B 2222 -90.24 18.09 -16.55
N TYR B 2223 -89.29 18.83 -15.99
CA TYR B 2223 -89.64 20.06 -15.28
C TYR B 2223 -89.92 21.17 -16.29
N PRO B 2224 -91.04 21.90 -16.15
CA PRO B 2224 -92.11 21.75 -15.16
C PRO B 2224 -93.09 20.64 -15.53
N TYR B 2225 -93.73 20.02 -14.56
CA TYR B 2225 -94.68 18.94 -14.81
C TYR B 2225 -95.94 19.15 -13.98
N MET B 2226 -97.09 18.81 -14.56
CA MET B 2226 -98.37 18.94 -13.89
C MET B 2226 -98.54 20.34 -13.30
N SER B 2260 -74.31 -4.51 -16.72
CA SER B 2260 -74.47 -3.69 -15.52
C SER B 2260 -75.93 -3.66 -15.10
N ILE B 2261 -76.19 -3.33 -13.83
CA ILE B 2261 -77.58 -3.18 -13.38
C ILE B 2261 -78.18 -1.83 -13.77
N ARG B 2262 -77.37 -0.90 -14.26
CA ARG B 2262 -77.91 0.43 -14.58
C ARG B 2262 -79.03 0.38 -15.61
N PRO B 2263 -78.96 -0.41 -16.68
CA PRO B 2263 -80.13 -0.55 -17.55
C PRO B 2263 -81.36 -1.05 -16.82
N LEU B 2264 -81.21 -2.00 -15.89
CA LEU B 2264 -82.35 -2.43 -15.10
C LEU B 2264 -82.92 -1.29 -14.28
N ILE B 2265 -82.05 -0.47 -13.68
CA ILE B 2265 -82.50 0.65 -12.86
C ILE B 2265 -83.25 1.66 -13.71
N VAL B 2266 -82.73 1.93 -14.91
CA VAL B 2266 -83.39 2.85 -15.83
C VAL B 2266 -84.76 2.31 -16.24
N ALA B 2267 -84.84 1.00 -16.47
CA ALA B 2267 -86.13 0.40 -16.80
C ALA B 2267 -87.12 0.53 -15.66
N LEU B 2268 -86.66 0.29 -14.43
CA LEU B 2268 -87.54 0.44 -13.27
C LEU B 2268 -88.00 1.88 -13.11
N ILE B 2269 -87.12 2.84 -13.41
CA ILE B 2269 -87.51 4.24 -13.31
C ILE B 2269 -88.50 4.59 -14.40
N LEU B 2270 -88.31 4.08 -15.62
CA LEU B 2270 -89.32 4.34 -16.64
C LEU B 2270 -90.65 3.73 -16.26
N ARG B 2271 -90.63 2.57 -15.62
CA ARG B 2271 -91.89 1.90 -15.29
C ARG B 2271 -92.59 2.64 -14.15
N SER B 2272 -91.82 3.12 -13.18
CA SER B 2272 -92.38 3.87 -12.07
C SER B 2272 -92.97 5.18 -12.58
N ILE B 2273 -92.32 5.81 -13.55
CA ILE B 2273 -92.82 7.07 -14.10
C ILE B 2273 -94.13 6.81 -14.85
N TYR B 2274 -94.15 5.76 -15.66
CA TYR B 2274 -95.30 5.43 -16.48
C TYR B 2274 -96.51 5.08 -15.61
N TYR B 2275 -96.29 4.35 -14.52
CA TYR B 2275 -97.38 3.89 -13.67
C TYR B 2275 -97.77 4.91 -12.61
N LEU B 2276 -96.84 5.24 -11.71
CA LEU B 2276 -97.17 6.11 -10.59
C LEU B 2276 -97.18 7.58 -11.00
N GLY B 2277 -96.14 8.06 -11.66
CA GLY B 2277 -96.06 9.44 -12.08
C GLY B 2277 -94.71 10.06 -11.78
N ILE B 2278 -94.50 11.24 -12.35
CA ILE B 2278 -93.21 11.90 -12.21
C ILE B 2278 -93.02 12.37 -10.77
N GLY B 2279 -94.06 12.94 -10.15
CA GLY B 2279 -93.94 13.37 -8.78
C GLY B 2279 -93.62 12.25 -7.83
N PRO B 2280 -94.42 11.18 -7.85
CA PRO B 2280 -94.11 10.03 -6.99
C PRO B 2280 -92.76 9.38 -7.27
N THR B 2281 -92.39 9.23 -8.54
CA THR B 2281 -91.04 8.72 -8.82
C THR B 2281 -89.97 9.62 -8.21
N LEU B 2282 -90.12 10.94 -8.36
CA LEU B 2282 -89.12 11.85 -7.81
C LEU B 2282 -89.08 11.76 -6.30
N ASN B 2283 -90.24 11.55 -5.67
CA ASN B 2283 -90.27 11.49 -4.21
C ASN B 2283 -89.60 10.24 -3.70
N ILE B 2284 -89.87 9.10 -4.36
CA ILE B 2284 -89.22 7.85 -3.99
C ILE B 2284 -87.72 7.96 -4.18
N LEU B 2285 -87.29 8.53 -5.31
CA LEU B 2285 -85.86 8.68 -5.57
C LEU B 2285 -85.20 9.58 -4.53
N GLY B 2286 -85.86 10.67 -4.15
CA GLY B 2286 -85.30 11.55 -3.13
C GLY B 2286 -85.20 10.88 -1.78
N ALA B 2287 -86.24 10.14 -1.38
CA ALA B 2287 -86.18 9.42 -0.11
C ALA B 2287 -85.05 8.40 -0.11
N LEU B 2288 -84.90 7.66 -1.21
CA LEU B 2288 -83.81 6.70 -1.31
C LEU B 2288 -82.46 7.41 -1.24
N ASN B 2289 -82.32 8.54 -1.94
CA ASN B 2289 -81.06 9.28 -1.90
C ASN B 2289 -80.74 9.72 -0.49
N LEU B 2290 -81.75 10.15 0.27
CA LEU B 2290 -81.52 10.66 1.61
C LEU B 2290 -81.11 9.53 2.55
N THR B 2291 -81.84 8.40 2.49
CA THR B 2291 -81.47 7.25 3.31
C THR B 2291 -80.06 6.79 2.98
N ASN B 2292 -79.72 6.78 1.69
CA ASN B 2292 -78.41 6.27 1.28
C ASN B 2292 -77.31 7.22 1.71
N LYS B 2293 -77.56 8.53 1.65
CA LYS B 2293 -76.55 9.49 2.11
C LYS B 2293 -76.38 9.38 3.63
N ILE B 2294 -77.44 9.03 4.35
CA ILE B 2294 -77.32 8.92 5.79
C ILE B 2294 -76.49 7.69 6.14
N VAL B 2295 -76.77 6.57 5.47
CA VAL B 2295 -75.97 5.38 5.63
C VAL B 2295 -74.52 5.65 5.25
N PHE B 2296 -74.31 6.43 4.19
CA PHE B 2296 -72.97 6.73 3.74
C PHE B 2296 -72.21 7.56 4.77
N VAL B 2297 -72.88 8.53 5.40
CA VAL B 2297 -72.21 9.34 6.40
C VAL B 2297 -71.89 8.51 7.64
N VAL B 2298 -72.81 7.62 8.03
CA VAL B 2298 -72.53 6.73 9.16
C VAL B 2298 -71.33 5.86 8.85
N SER B 2299 -71.26 5.34 7.62
CA SER B 2299 -70.12 4.51 7.22
C SER B 2299 -68.84 5.32 7.19
N PHE B 2300 -68.92 6.56 6.68
CA PHE B 2300 -67.74 7.41 6.57
C PHE B 2300 -67.15 7.67 7.95
N VAL B 2301 -67.99 8.01 8.91
CA VAL B 2301 -67.47 8.30 10.25
C VAL B 2301 -66.96 7.03 10.88
N GLY B 2302 -67.72 5.93 10.80
CA GLY B 2302 -67.27 4.70 11.41
C GLY B 2302 -65.91 4.26 10.89
N ASN B 2303 -65.68 4.42 9.58
CA ASN B 2303 -64.43 3.97 8.97
C ASN B 2303 -63.29 4.95 9.25
N ARG B 2304 -63.45 6.21 8.83
CA ARG B 2304 -62.35 7.16 8.95
C ARG B 2304 -62.00 7.45 10.40
N GLY B 2305 -62.90 7.18 11.34
CA GLY B 2305 -62.59 7.45 12.73
C GLY B 2305 -62.17 8.87 12.99
N THR B 2306 -62.92 9.85 12.47
CA THR B 2306 -62.49 11.23 12.56
C THR B 2306 -62.85 11.81 13.93
N PHE B 2307 -63.85 11.22 14.59
CA PHE B 2307 -64.20 11.53 15.97
C PHE B 2307 -63.09 11.12 16.93
N ILE B 2308 -62.14 10.28 16.50
CA ILE B 2308 -61.06 9.85 17.38
C ILE B 2308 -60.21 11.04 17.79
N ARG B 2309 -60.00 11.99 16.87
CA ARG B 2309 -59.25 13.19 17.22
C ARG B 2309 -60.06 14.09 18.15
N GLY B 2310 -61.35 14.20 17.89
CA GLY B 2310 -62.22 15.00 18.74
C GLY B 2310 -63.37 15.58 17.92
N TYR B 2311 -64.37 16.09 18.63
CA TYR B 2311 -65.48 16.76 17.95
C TYR B 2311 -64.99 18.00 17.23
N LYS B 2312 -64.04 18.72 17.83
CA LYS B 2312 -63.47 19.89 17.16
C LYS B 2312 -62.79 19.49 15.85
N ALA B 2313 -62.03 18.40 15.87
CA ALA B 2313 -61.30 17.99 14.68
C ALA B 2313 -62.26 17.52 13.60
N MET B 2314 -63.27 16.76 13.99
CA MET B 2314 -64.29 16.26 13.07
C MET B 2314 -65.02 17.43 12.40
N VAL B 2315 -65.38 18.45 13.18
CA VAL B 2315 -66.01 19.62 12.60
C VAL B 2315 -65.03 20.34 11.66
N MET B 2316 -63.76 20.44 12.06
CA MET B 2316 -62.77 21.08 11.20
C MET B 2316 -62.58 20.33 9.89
N ASP B 2317 -62.91 19.02 9.88
CA ASP B 2317 -62.64 18.21 8.70
C ASP B 2317 -63.49 18.68 7.53
N MET B 2318 -62.83 18.96 6.41
CA MET B 2318 -63.54 19.51 5.25
C MET B 2318 -64.45 18.47 4.63
N GLU B 2319 -64.02 17.21 4.57
CA GLU B 2319 -64.84 16.18 3.96
C GLU B 2319 -66.16 16.00 4.71
N PHE B 2320 -66.12 16.15 6.03
CA PHE B 2320 -67.31 15.89 6.84
C PHE B 2320 -68.31 17.02 6.65
N LEU B 2321 -67.82 18.26 6.59
CA LEU B 2321 -68.69 19.39 6.29
C LEU B 2321 -69.25 19.30 4.88
N TYR B 2322 -68.45 18.81 3.93
CA TYR B 2322 -68.96 18.63 2.58
C TYR B 2322 -70.09 17.61 2.54
N HIS B 2323 -69.93 16.51 3.29
CA HIS B 2323 -71.00 15.51 3.34
C HIS B 2323 -72.24 16.06 4.04
N VAL B 2324 -72.05 16.86 5.10
CA VAL B 2324 -73.19 17.47 5.78
C VAL B 2324 -73.94 18.41 4.83
N GLY B 2325 -73.19 19.20 4.05
CA GLY B 2325 -73.80 20.05 3.05
C GLY B 2325 -74.54 19.26 1.98
N TYR B 2326 -73.94 18.15 1.54
CA TYR B 2326 -74.69 17.22 0.68
C TYR B 2326 -76.01 16.81 1.31
N ILE B 2327 -75.99 16.46 2.61
CA ILE B 2327 -77.19 15.96 3.26
C ILE B 2327 -78.24 17.07 3.32
N LEU B 2328 -77.81 18.29 3.66
CA LEU B 2328 -78.72 19.42 3.71
C LEU B 2328 -79.30 19.73 2.35
N THR B 2329 -78.48 19.66 1.29
CA THR B 2329 -78.99 19.90 -0.04
C THR B 2329 -80.02 18.84 -0.43
N SER B 2330 -79.80 17.60 0.02
CA SER B 2330 -80.71 16.53 -0.33
C SER B 2330 -82.04 16.71 0.39
N VAL B 2331 -81.98 17.13 1.67
CA VAL B 2331 -83.19 17.42 2.42
C VAL B 2331 -83.96 18.57 1.76
N LEU B 2332 -83.24 19.61 1.34
CA LEU B 2332 -83.90 20.74 0.68
C LEU B 2332 -84.54 20.31 -0.63
N GLY B 2333 -83.84 19.47 -1.41
CA GLY B 2333 -84.44 18.96 -2.62
C GLY B 2333 -85.70 18.14 -2.35
N LEU B 2334 -85.68 17.36 -1.27
CA LEU B 2334 -86.83 16.50 -0.97
C LEU B 2334 -88.02 17.28 -0.46
N PHE B 2335 -87.80 18.33 0.35
CA PHE B 2335 -88.90 19.03 1.01
C PHE B 2335 -89.17 20.43 0.48
N ALA B 2336 -88.14 21.27 0.34
CA ALA B 2336 -88.37 22.65 -0.07
C ALA B 2336 -88.66 22.76 -1.56
N HIS B 2337 -87.70 22.40 -2.39
CA HIS B 2337 -87.87 22.51 -3.85
C HIS B 2337 -86.94 21.54 -4.53
N GLU B 2338 -87.47 20.76 -5.49
CA GLU B 2338 -86.66 19.77 -6.17
C GLU B 2338 -85.46 20.39 -6.88
N LEU B 2339 -85.54 21.67 -7.24
CA LEU B 2339 -84.47 22.28 -8.02
C LEU B 2339 -83.17 22.36 -7.24
N PHE B 2340 -83.21 22.15 -5.93
CA PHE B 2340 -81.99 22.09 -5.14
C PHE B 2340 -81.19 20.83 -5.45
N TYR B 2341 -81.77 19.93 -6.26
CA TYR B 2341 -81.10 18.67 -6.56
C TYR B 2341 -79.98 18.88 -7.57
N SER B 2342 -80.00 20.01 -8.29
CA SER B 2342 -78.96 20.30 -9.27
C SER B 2342 -77.60 20.49 -8.60
N ILE B 2343 -77.60 21.06 -7.38
CA ILE B 2343 -76.34 21.30 -6.69
C ILE B 2343 -75.60 20.00 -6.42
N LEU B 2344 -76.34 18.90 -6.27
CA LEU B 2344 -75.70 17.61 -6.02
C LEU B 2344 -74.82 17.17 -7.19
N LEU B 2345 -75.04 17.72 -8.38
CA LEU B 2345 -74.20 17.36 -9.53
C LEU B 2345 -72.75 17.74 -9.29
N PHE B 2346 -72.49 18.64 -8.35
CA PHE B 2346 -71.10 19.01 -8.03
C PHE B 2346 -70.33 17.85 -7.43
N ASP B 2347 -71.01 16.77 -7.03
CA ASP B 2347 -70.31 15.63 -6.46
C ASP B 2347 -69.40 14.96 -7.47
N LEU B 2348 -69.56 15.27 -8.76
CA LEU B 2348 -68.74 14.71 -9.82
C LEU B 2348 -67.28 15.10 -9.60
N ILE B 2349 -67.04 16.35 -9.22
CA ILE B 2349 -65.69 16.79 -8.91
C ILE B 2349 -65.13 16.00 -7.74
N TYR B 2350 -65.94 15.79 -6.70
CA TYR B 2350 -65.48 15.01 -5.56
C TYR B 2350 -65.15 13.58 -5.97
N ARG B 2351 -65.88 13.04 -6.95
CA ARG B 2351 -65.77 11.62 -7.25
C ARG B 2351 -64.61 11.37 -8.22
N GLU B 2352 -64.25 12.38 -9.01
CA GLU B 2352 -63.30 12.23 -10.11
C GLU B 2352 -62.00 12.93 -9.73
N GLU B 2353 -60.88 12.23 -9.88
CA GLU B 2353 -59.59 12.80 -9.50
C GLU B 2353 -59.00 13.54 -10.68
N THR B 2354 -59.42 13.21 -11.91
CA THR B 2354 -58.81 13.92 -13.03
C THR B 2354 -59.44 15.30 -13.17
N LEU B 2355 -60.75 15.37 -13.03
CA LEU B 2355 -61.47 16.63 -13.08
C LEU B 2355 -61.04 17.54 -11.95
N PHE B 2356 -60.78 16.98 -10.77
CA PHE B 2356 -60.25 17.76 -9.67
C PHE B 2356 -58.90 18.35 -10.00
N ASN B 2357 -58.03 17.58 -10.66
CA ASN B 2357 -56.74 18.12 -11.08
C ASN B 2357 -56.92 19.22 -12.13
N VAL B 2358 -57.86 19.03 -13.05
CA VAL B 2358 -58.13 20.05 -14.06
C VAL B 2358 -58.60 21.34 -13.39
N ILE B 2359 -59.44 21.23 -12.36
CA ILE B 2359 -59.90 22.41 -11.63
C ILE B 2359 -58.76 23.01 -10.82
N LYS B 2360 -57.87 22.16 -10.30
CA LYS B 2360 -56.71 22.66 -9.58
C LYS B 2360 -55.82 23.51 -10.47
N SER B 2361 -55.66 23.10 -11.72
CA SER B 2361 -54.95 23.88 -12.73
C SER B 2361 -55.41 25.34 -12.74
N VAL B 2362 -56.65 25.60 -12.32
CA VAL B 2362 -57.19 26.96 -12.30
C VAL B 2362 -57.16 27.54 -10.88
N THR B 2363 -57.31 26.70 -9.87
CA THR B 2363 -57.41 27.21 -8.50
C THR B 2363 -56.06 27.34 -7.82
N ARG B 2364 -54.97 26.94 -8.47
CA ARG B 2364 -53.66 27.05 -7.84
C ARG B 2364 -53.13 28.48 -7.92
N ASN B 2365 -53.40 29.18 -9.04
CA ASN B 2365 -53.00 30.57 -9.22
C ASN B 2365 -54.24 31.46 -9.38
N GLY B 2366 -55.26 31.18 -8.57
CA GLY B 2366 -56.45 32.00 -8.57
C GLY B 2366 -56.17 33.43 -8.18
N ARG B 2367 -55.21 33.65 -7.28
CA ARG B 2367 -54.81 35.02 -6.95
C ARG B 2367 -54.30 35.74 -8.19
N SER B 2368 -53.50 35.05 -9.01
CA SER B 2368 -52.97 35.64 -10.23
C SER B 2368 -54.10 35.96 -11.19
N ILE B 2369 -55.06 35.04 -11.34
CA ILE B 2369 -56.19 35.28 -12.23
C ILE B 2369 -56.99 36.49 -11.76
N LEU B 2370 -57.24 36.59 -10.45
CA LEU B 2370 -58.02 37.70 -9.93
C LEU B 2370 -57.29 39.02 -10.09
N LEU B 2371 -55.97 39.03 -9.92
CA LEU B 2371 -55.22 40.26 -10.15
C LEU B 2371 -55.25 40.65 -11.62
N THR B 2372 -55.20 39.67 -12.53
CA THR B 2372 -55.32 39.98 -13.93
C THR B 2372 -56.70 40.58 -14.23
N ALA B 2373 -57.73 40.07 -13.55
CA ALA B 2373 -59.08 40.57 -13.77
C ALA B 2373 -59.23 41.99 -13.24
N LEU B 2374 -58.61 42.27 -12.09
CA LEU B 2374 -58.60 43.63 -11.57
C LEU B 2374 -57.86 44.57 -12.52
N LEU B 2375 -56.84 44.06 -13.21
CA LEU B 2375 -56.09 44.91 -14.13
C LEU B 2375 -56.93 45.22 -15.36
N ALA B 2376 -57.65 44.21 -15.86
CA ALA B 2376 -58.63 44.39 -16.91
C ALA B 2376 -59.66 45.43 -16.51
N LEU B 2377 -60.15 45.36 -15.27
CA LEU B 2377 -61.14 46.32 -14.80
C LEU B 2377 -60.58 47.73 -14.76
N ILE B 2378 -59.33 47.89 -14.35
CA ILE B 2378 -58.71 49.21 -14.33
C ILE B 2378 -58.55 49.74 -15.76
N LEU B 2379 -58.16 48.87 -16.71
CA LEU B 2379 -58.09 49.37 -18.08
C LEU B 2379 -59.47 49.73 -18.61
N VAL B 2380 -60.50 49.01 -18.18
CA VAL B 2380 -61.85 49.33 -18.62
C VAL B 2380 -62.29 50.67 -18.04
N TYR B 2381 -61.94 50.93 -16.77
CA TYR B 2381 -62.25 52.21 -16.16
C TYR B 2381 -61.58 53.35 -16.90
N LEU B 2382 -60.30 53.19 -17.25
CA LEU B 2382 -59.60 54.24 -17.98
C LEU B 2382 -60.21 54.47 -19.35
N PHE B 2383 -60.51 53.40 -20.09
CA PHE B 2383 -61.11 53.55 -21.40
C PHE B 2383 -62.48 54.19 -21.32
N SER B 2384 -63.26 53.85 -20.29
CA SER B 2384 -64.57 54.47 -20.10
C SER B 2384 -64.42 55.95 -19.79
N ILE B 2385 -63.42 56.32 -18.99
CA ILE B 2385 -63.18 57.74 -18.73
C ILE B 2385 -62.89 58.48 -20.03
N VAL B 2386 -62.02 57.90 -20.85
CA VAL B 2386 -61.67 58.55 -22.12
C VAL B 2386 -62.91 58.69 -23.00
N GLY B 2387 -63.69 57.61 -23.11
CA GLY B 2387 -64.88 57.66 -23.95
C GLY B 2387 -65.89 58.69 -23.46
N PHE B 2388 -66.10 58.76 -22.16
CA PHE B 2388 -67.01 59.76 -21.59
C PHE B 2388 -66.49 61.17 -21.88
N LEU B 2389 -65.18 61.37 -21.82
CA LEU B 2389 -64.63 62.70 -22.05
C LEU B 2389 -64.70 63.10 -23.51
N PHE B 2390 -64.63 62.13 -24.43
CA PHE B 2390 -64.41 62.46 -25.83
C PHE B 2390 -65.33 61.74 -26.81
N LEU B 2391 -65.92 60.60 -26.44
CA LEU B 2391 -66.78 59.86 -27.37
C LEU B 2391 -68.15 59.60 -26.77
N LYS B 2392 -68.73 60.61 -26.11
CA LYS B 2392 -69.99 60.39 -25.43
C LYS B 2392 -71.11 60.04 -26.41
N ASP B 2393 -71.15 60.72 -27.55
CA ASP B 2393 -72.24 60.61 -28.52
C ASP B 2393 -72.25 59.27 -29.23
N ASP B 2394 -71.19 58.47 -29.10
CA ASP B 2394 -71.00 57.25 -29.86
C ASP B 2394 -71.54 56.03 -29.14
N PHE B 2395 -71.94 56.17 -27.88
CA PHE B 2395 -72.44 55.06 -27.09
C PHE B 2395 -73.95 54.99 -27.21
N ILE B 2396 -74.39 54.51 -28.36
CA ILE B 2396 -75.80 54.29 -28.66
C ILE B 2396 -76.02 52.78 -28.72
N LEU B 2397 -76.92 52.28 -27.88
CA LEU B 2397 -77.17 50.85 -27.76
C LEU B 2397 -78.61 50.56 -28.14
N GLU B 2398 -78.81 49.51 -28.94
CA GLU B 2398 -80.17 49.15 -29.32
C GLU B 2398 -80.82 48.33 -28.20
N VAL B 2399 -82.11 48.55 -27.99
CA VAL B 2399 -82.80 47.96 -26.85
C VAL B 2399 -84.17 47.45 -27.30
N ASP B 2400 -84.50 46.24 -26.88
CA ASP B 2400 -85.79 45.62 -27.14
C ASP B 2400 -86.69 45.89 -25.95
N ARG B 2401 -87.57 46.87 -26.08
CA ARG B 2401 -88.42 47.29 -24.97
C ARG B 2401 -89.61 46.36 -24.83
N LEU B 2402 -89.86 45.90 -23.61
CA LEU B 2402 -91.00 45.03 -23.37
C LEU B 2402 -92.30 45.82 -23.48
N PRO B 2403 -93.42 45.15 -23.82
CA PRO B 2403 -94.70 45.84 -23.95
C PRO B 2403 -95.28 46.28 -22.61
N ASP B 2449 -88.60 54.71 -28.15
CA ASP B 2449 -87.49 54.63 -29.09
C ASP B 2449 -86.75 53.30 -28.93
N SER B 2450 -86.03 52.90 -29.99
CA SER B 2450 -85.36 51.61 -29.99
C SER B 2450 -83.87 51.71 -29.65
N THR B 2451 -83.38 52.91 -29.33
CA THR B 2451 -81.97 53.13 -29.00
C THR B 2451 -81.88 53.99 -27.76
N GLU B 2452 -80.80 53.79 -27.00
CA GLU B 2452 -80.59 54.55 -25.77
C GLU B 2452 -79.12 54.94 -25.66
N ARG B 2453 -78.88 56.03 -24.93
CA ARG B 2453 -77.54 56.52 -24.68
C ARG B 2453 -76.96 55.80 -23.47
N ALA B 2454 -75.78 55.19 -23.65
CA ALA B 2454 -75.18 54.37 -22.61
C ALA B 2454 -73.94 55.00 -22.00
N CYS B 2455 -73.68 56.29 -22.28
CA CYS B 2455 -72.53 56.95 -21.67
C CYS B 2455 -72.89 58.34 -21.15
N ASP B 2456 -74.10 58.49 -20.63
CA ASP B 2456 -74.51 59.78 -20.09
C ASP B 2456 -73.89 60.01 -18.71
N THR B 2457 -73.53 58.94 -18.01
CA THR B 2457 -72.87 59.01 -16.72
C THR B 2457 -71.70 58.02 -16.70
N LEU B 2458 -70.70 58.34 -15.87
CA LEU B 2458 -69.46 57.57 -15.91
C LEU B 2458 -69.71 56.13 -15.48
N LEU B 2459 -70.57 55.94 -14.49
CA LEU B 2459 -70.90 54.61 -14.02
C LEU B 2459 -71.51 53.81 -15.15
N MET B 2460 -72.46 54.39 -15.88
CA MET B 2460 -73.11 53.58 -16.89
C MET B 2460 -72.19 53.24 -18.04
N CYS B 2461 -71.35 54.19 -18.39
CA CYS B 2461 -70.35 53.98 -19.42
C CYS B 2461 -69.40 52.86 -19.02
N ILE B 2462 -68.96 52.85 -17.76
CA ILE B 2462 -68.10 51.77 -17.29
C ILE B 2462 -68.82 50.44 -17.41
N VAL B 2463 -70.10 50.42 -17.02
CA VAL B 2463 -70.89 49.19 -17.11
C VAL B 2463 -70.99 48.72 -18.56
N THR B 2464 -71.26 49.66 -19.47
CA THR B 2464 -71.38 49.30 -20.88
C THR B 2464 -70.07 48.74 -21.42
N VAL B 2465 -68.96 49.42 -21.16
CA VAL B 2465 -67.68 48.94 -21.64
C VAL B 2465 -67.39 47.56 -21.08
N MET B 2466 -67.49 47.42 -19.75
CA MET B 2466 -67.15 46.14 -19.13
C MET B 2466 -68.02 45.00 -19.66
N ASN B 2467 -69.30 45.28 -19.88
CA ASN B 2467 -70.25 44.24 -20.28
C ASN B 2467 -70.06 43.84 -21.74
N HIS B 2468 -69.84 44.81 -22.62
CA HIS B 2468 -69.85 44.55 -24.05
C HIS B 2468 -68.47 44.40 -24.68
N GLY B 2469 -67.52 45.28 -24.34
CA GLY B 2469 -66.20 45.21 -24.96
C GLY B 2469 -65.45 43.95 -24.58
N LEU B 2470 -65.53 43.55 -23.31
CA LEU B 2470 -64.94 42.28 -22.93
C LEU B 2470 -65.61 41.09 -23.61
N ARG B 2471 -66.93 41.13 -23.78
CA ARG B 2471 -67.65 39.99 -24.33
C ARG B 2471 -67.68 39.97 -25.85
N ASN B 2472 -67.23 41.03 -26.51
CA ASN B 2472 -67.16 41.09 -27.96
C ASN B 2472 -65.76 40.77 -28.44
N GLY B 2473 -65.67 39.97 -29.50
CA GLY B 2473 -64.36 39.61 -30.03
C GLY B 2473 -63.56 40.81 -30.48
N GLY B 2474 -64.22 41.77 -31.13
CA GLY B 2474 -63.56 42.96 -31.60
C GLY B 2474 -63.39 44.06 -30.58
N GLY B 2475 -63.97 43.91 -29.40
CA GLY B 2475 -63.77 44.89 -28.35
C GLY B 2475 -64.94 45.85 -28.21
N VAL B 2476 -64.63 47.03 -27.67
CA VAL B 2476 -65.67 48.03 -27.45
C VAL B 2476 -66.14 48.63 -28.76
N GLY B 2477 -65.26 48.70 -29.77
CA GLY B 2477 -65.63 49.28 -31.04
C GLY B 2477 -66.78 48.57 -31.74
N ASP B 2478 -67.04 47.32 -31.38
CA ASP B 2478 -68.12 46.57 -32.03
C ASP B 2478 -69.47 47.22 -31.78
N ILE B 2479 -69.72 47.69 -30.55
CA ILE B 2479 -71.02 48.23 -30.20
C ILE B 2479 -71.15 49.72 -30.46
N LEU B 2480 -70.05 50.43 -30.67
CA LEU B 2480 -70.11 51.87 -30.85
C LEU B 2480 -70.73 52.22 -32.21
N ARG B 2481 -71.36 53.39 -32.24
CA ARG B 2481 -71.87 53.93 -33.50
C ARG B 2481 -70.80 53.88 -34.58
N LYS B 2482 -71.20 53.53 -35.79
CA LYS B 2482 -70.26 53.39 -36.89
C LYS B 2482 -69.94 54.76 -37.47
N PRO B 2483 -68.67 55.21 -37.46
CA PRO B 2483 -68.37 56.57 -37.89
C PRO B 2483 -68.06 56.65 -39.38
N SER B 2484 -68.34 57.82 -39.94
CA SER B 2484 -68.05 58.09 -41.35
C SER B 2484 -66.62 58.58 -41.50
N LYS B 2485 -65.98 58.18 -42.60
CA LYS B 2485 -64.60 58.59 -42.81
C LYS B 2485 -64.46 60.11 -42.81
N ASP B 2486 -65.49 60.83 -43.26
CA ASP B 2486 -65.36 62.29 -43.36
C ASP B 2486 -65.38 62.97 -42.00
N GLU B 2487 -65.68 62.23 -40.93
CA GLU B 2487 -65.82 62.84 -39.62
C GLU B 2487 -64.45 63.24 -39.10
N SER B 2488 -64.42 64.29 -38.26
CA SER B 2488 -63.12 64.78 -37.81
C SER B 2488 -62.56 63.93 -36.68
N LEU B 2489 -63.41 63.09 -36.08
CA LEU B 2489 -63.01 62.19 -35.01
C LEU B 2489 -62.78 60.76 -35.51
N PHE B 2490 -62.78 60.53 -36.82
CA PHE B 2490 -62.59 59.18 -37.34
C PHE B 2490 -61.23 58.60 -36.96
N PRO B 2491 -60.11 59.32 -37.12
CA PRO B 2491 -58.84 58.75 -36.66
C PRO B 2491 -58.80 58.50 -35.17
N ALA B 2492 -59.35 59.41 -34.37
CA ALA B 2492 -59.46 59.16 -32.94
C ALA B 2492 -60.23 57.88 -32.65
N ARG B 2493 -61.35 57.66 -33.33
CA ARG B 2493 -62.14 56.45 -33.09
C ARG B 2493 -61.38 55.21 -33.50
N VAL B 2494 -60.68 55.26 -34.63
CA VAL B 2494 -59.89 54.11 -35.07
C VAL B 2494 -58.82 53.78 -34.04
N VAL B 2495 -58.12 54.81 -33.55
CA VAL B 2495 -57.08 54.59 -32.55
C VAL B 2495 -57.69 54.03 -31.26
N TYR B 2496 -58.85 54.56 -30.87
CA TYR B 2496 -59.55 54.06 -29.68
C TYR B 2496 -59.85 52.57 -29.81
N ASP B 2497 -60.43 52.18 -30.95
CA ASP B 2497 -60.87 50.80 -31.12
C ASP B 2497 -59.66 49.86 -31.18
N LEU B 2498 -58.63 50.23 -31.96
CA LEU B 2498 -57.47 49.37 -32.07
C LEU B 2498 -56.76 49.28 -30.73
N LEU B 2499 -56.73 50.36 -29.95
CA LEU B 2499 -56.02 50.33 -28.68
C LEU B 2499 -56.75 49.44 -27.70
N PHE B 2500 -58.09 49.47 -27.73
CA PHE B 2500 -58.84 48.65 -26.79
C PHE B 2500 -58.70 47.18 -27.15
N PHE B 2501 -58.80 46.88 -28.45
CA PHE B 2501 -58.75 45.49 -28.89
C PHE B 2501 -57.38 44.88 -28.63
N PHE B 2502 -56.32 45.67 -28.82
CA PHE B 2502 -54.95 45.19 -28.59
C PHE B 2502 -54.71 45.08 -27.08
N ILE B 2503 -54.88 46.17 -26.32
CA ILE B 2503 -54.48 46.13 -24.91
C ILE B 2503 -55.34 45.16 -24.12
N VAL B 2504 -56.65 45.19 -24.30
CA VAL B 2504 -57.56 44.44 -23.42
C VAL B 2504 -57.80 43.02 -23.93
N ILE B 2505 -58.13 42.86 -25.20
CA ILE B 2505 -58.54 41.55 -25.70
C ILE B 2505 -57.33 40.68 -26.01
N ILE B 2506 -56.37 41.21 -26.77
CA ILE B 2506 -55.26 40.38 -27.24
C ILE B 2506 -54.33 40.01 -26.10
N ILE B 2507 -54.05 40.95 -25.21
CA ILE B 2507 -53.03 40.73 -24.18
C ILE B 2507 -53.68 40.35 -22.86
N VAL B 2508 -54.52 41.25 -22.31
CA VAL B 2508 -55.00 41.07 -20.96
C VAL B 2508 -55.89 39.83 -20.85
N LEU B 2509 -56.80 39.64 -21.81
CA LEU B 2509 -57.69 38.50 -21.73
C LEU B 2509 -56.92 37.19 -21.92
N ASN B 2510 -55.78 37.24 -22.61
CA ASN B 2510 -54.97 36.05 -22.81
C ASN B 2510 -54.03 35.80 -21.65
N LEU B 2511 -53.88 36.76 -20.72
CA LEU B 2511 -53.04 36.46 -19.56
C LEU B 2511 -53.68 35.42 -18.66
N ILE B 2512 -55.01 35.34 -18.62
CA ILE B 2512 -55.65 34.36 -17.76
C ILE B 2512 -55.42 32.95 -18.31
N PHE B 2513 -55.58 32.79 -19.62
CA PHE B 2513 -55.32 31.50 -20.24
C PHE B 2513 -53.85 31.13 -20.15
N GLY B 2514 -52.95 32.11 -20.29
CA GLY B 2514 -51.54 31.83 -20.10
C GLY B 2514 -51.21 31.37 -18.69
N VAL B 2515 -51.82 32.02 -17.69
CA VAL B 2515 -51.64 31.59 -16.31
C VAL B 2515 -52.15 30.17 -16.12
N ILE B 2516 -53.29 29.84 -16.73
CA ILE B 2516 -53.83 28.50 -16.61
C ILE B 2516 -52.88 27.48 -17.23
N ILE B 2517 -52.31 27.80 -18.38
CA ILE B 2517 -51.40 26.87 -19.06
C ILE B 2517 -50.15 26.65 -18.21
N ASP B 2518 -49.54 27.74 -17.75
CA ASP B 2518 -48.40 27.70 -16.85
C ASP B 2518 -48.70 26.84 -15.63
N THR B 2519 -49.88 27.01 -15.04
CA THR B 2519 -50.25 26.19 -13.90
C THR B 2519 -50.34 24.72 -14.29
N PHE B 2520 -50.84 24.46 -15.50
CA PHE B 2520 -50.94 23.08 -15.98
C PHE B 2520 -49.56 22.44 -15.97
N ALA B 2521 -48.59 23.17 -16.51
CA ALA B 2521 -47.24 22.66 -16.68
C ALA B 2521 -46.57 22.46 -15.32
N ASP B 2522 -46.81 23.40 -14.41
CA ASP B 2522 -46.28 23.34 -13.05
C ASP B 2522 -46.80 22.10 -12.32
N LEU B 2523 -48.11 21.84 -12.43
CA LEU B 2523 -48.67 20.64 -11.81
C LEU B 2523 -48.07 19.39 -12.44
N ARG B 2524 -47.86 19.41 -13.75
CA ARG B 2524 -47.30 18.24 -14.41
C ARG B 2524 -45.89 17.95 -13.88
N SER B 2525 -45.09 19.00 -13.74
CA SER B 2525 -43.70 18.85 -13.35
C SER B 2525 -43.59 18.43 -11.90
N GLU B 2526 -44.40 19.05 -11.02
CA GLU B 2526 -44.39 18.65 -9.62
C GLU B 2526 -44.80 17.19 -9.47
N LYS B 2527 -45.82 16.76 -10.20
CA LYS B 2527 -46.31 15.40 -10.05
C LYS B 2527 -45.25 14.41 -10.53
N GLN B 2528 -44.61 14.72 -11.66
CA GLN B 2528 -43.56 13.84 -12.18
C GLN B 2528 -42.40 13.75 -11.20
N LYS B 2529 -41.96 14.88 -10.64
CA LYS B 2529 -40.85 14.85 -9.71
C LYS B 2529 -41.19 14.04 -8.46
N LYS B 2530 -42.39 14.25 -7.90
CA LYS B 2530 -42.79 13.50 -6.72
C LYS B 2530 -42.85 12.01 -7.01
N GLU B 2531 -43.43 11.63 -8.14
CA GLU B 2531 -43.50 10.22 -8.49
C GLU B 2531 -42.10 9.62 -8.64
N GLU B 2532 -41.20 10.35 -9.29
CA GLU B 2532 -39.86 9.82 -9.50
C GLU B 2532 -39.16 9.60 -8.16
N ILE B 2533 -39.27 10.57 -7.26
CA ILE B 2533 -38.61 10.46 -5.96
C ILE B 2533 -39.17 9.25 -5.22
N LEU B 2534 -40.50 9.14 -5.19
CA LEU B 2534 -41.14 8.04 -4.45
C LEU B 2534 -40.73 6.69 -5.02
N LYS B 2535 -40.67 6.57 -6.34
CA LYS B 2535 -40.40 5.27 -6.95
C LYS B 2535 -38.92 4.89 -6.84
N THR B 2536 -38.01 5.86 -6.94
CA THR B 2536 -36.59 5.58 -7.07
C THR B 2536 -35.79 6.02 -5.85
N THR B 2537 -36.44 6.26 -4.71
CA THR B 2537 -35.70 6.61 -3.50
C THR B 2537 -36.28 5.85 -2.30
N CYS B 2538 -35.38 5.42 -1.41
CA CYS B 2538 -35.81 4.84 -0.15
C CYS B 2538 -36.59 5.86 0.67
N PHE B 2539 -37.69 5.40 1.27
CA PHE B 2539 -38.51 6.30 2.08
C PHE B 2539 -37.78 6.73 3.35
N ILE B 2540 -37.04 5.82 3.97
CA ILE B 2540 -36.42 6.07 5.26
C ILE B 2540 -35.05 6.70 5.09
N CYS B 2541 -34.14 5.97 4.44
CA CYS B 2541 -32.75 6.43 4.35
C CYS B 2541 -32.54 7.41 3.21
N GLY B 2542 -33.40 7.38 2.19
CA GLY B 2542 -33.29 8.28 1.07
C GLY B 2542 -32.24 7.91 0.03
N LEU B 2543 -31.64 6.73 0.13
CA LEU B 2543 -30.68 6.30 -0.86
C LEU B 2543 -31.38 5.94 -2.17
N GLU B 2544 -30.69 6.19 -3.28
CA GLU B 2544 -31.23 5.93 -4.61
C GLU B 2544 -31.02 4.48 -5.01
N ARG B 2545 -31.58 4.10 -6.16
CA ARG B 2545 -31.46 2.73 -6.62
C ARG B 2545 -30.05 2.43 -7.11
N ASP B 2546 -29.32 3.46 -7.53
CA ASP B 2546 -28.05 3.28 -8.20
C ASP B 2546 -26.95 2.94 -7.20
N LYS B 2547 -27.20 3.20 -5.91
CA LYS B 2547 -26.25 2.76 -4.89
C LYS B 2547 -26.27 1.26 -4.68
N PHE B 2548 -27.35 0.58 -5.06
CA PHE B 2548 -27.49 -0.86 -4.80
C PHE B 2548 -27.16 -1.71 -6.03
N ASP B 2549 -26.66 -1.09 -7.10
CA ASP B 2549 -26.32 -1.86 -8.29
C ASP B 2549 -25.11 -2.75 -8.03
N ASN B 2550 -25.17 -3.99 -8.50
CA ASN B 2550 -24.08 -4.95 -8.31
C ASN B 2550 -23.81 -5.17 -6.82
N LYS B 2551 -24.87 -5.31 -6.04
CA LYS B 2551 -24.76 -5.57 -4.61
C LYS B 2551 -25.52 -6.85 -4.28
N THR B 2552 -24.98 -7.61 -3.32
CA THR B 2552 -25.67 -8.81 -2.85
C THR B 2552 -27.14 -8.54 -2.58
N VAL B 2553 -27.44 -7.43 -1.88
CA VAL B 2553 -28.80 -7.07 -1.53
C VAL B 2553 -29.30 -6.04 -2.53
N SER B 2554 -30.48 -6.29 -3.11
CA SER B 2554 -31.02 -5.39 -4.12
C SER B 2554 -31.85 -4.28 -3.46
N PHE B 2555 -32.21 -3.28 -4.27
CA PHE B 2555 -32.90 -2.12 -3.71
C PHE B 2555 -34.26 -2.54 -3.17
N GLU B 2556 -34.90 -3.49 -3.87
CA GLU B 2556 -36.23 -3.97 -3.48
C GLU B 2556 -36.15 -4.67 -2.14
N GLU B 2557 -35.08 -5.43 -1.91
CA GLU B 2557 -34.92 -6.13 -0.64
C GLU B 2557 -34.57 -5.12 0.45
N HIS B 2558 -33.84 -4.08 0.08
CA HIS B 2558 -33.51 -3.03 1.05
C HIS B 2558 -34.78 -2.35 1.54
N ILE B 2559 -35.75 -2.17 0.64
CA ILE B 2559 -36.98 -1.46 1.02
C ILE B 2559 -38.02 -2.42 1.57
N LYS B 2560 -37.86 -3.73 1.35
CA LYS B 2560 -38.84 -4.70 1.80
C LYS B 2560 -38.50 -5.30 3.16
N LEU B 2561 -37.23 -5.31 3.55
CA LEU B 2561 -36.76 -6.12 4.67
C LEU B 2561 -35.86 -5.38 5.64
N GLU B 2562 -35.18 -4.33 5.19
CA GLU B 2562 -34.09 -3.71 5.92
C GLU B 2562 -34.48 -2.34 6.44
N HIS B 2563 -35.18 -1.55 5.62
CA HIS B 2563 -35.61 -0.21 6.00
C HIS B 2563 -37.11 -0.05 5.80
N ASN B 2564 -37.91 -1.01 6.28
CA ASN B 2564 -39.35 -0.96 6.09
C ASN B 2564 -39.97 0.07 7.03
N MET B 2565 -40.55 1.12 6.43
CA MET B 2565 -41.17 2.18 7.22
C MET B 2565 -42.23 1.61 8.16
N TRP B 2566 -42.97 0.61 7.71
CA TRP B 2566 -43.97 -0.01 8.57
C TRP B 2566 -43.33 -0.80 9.70
N ASN B 2567 -42.15 -1.38 9.47
CA ASN B 2567 -41.42 -1.99 10.57
C ASN B 2567 -40.98 -0.94 11.58
N TYR B 2568 -40.57 0.24 11.12
CA TYR B 2568 -40.24 1.32 12.04
C TYR B 2568 -41.48 1.74 12.85
N LEU B 2569 -42.64 1.82 12.19
CA LEU B 2569 -43.88 2.13 12.89
C LEU B 2569 -44.20 1.07 13.93
N TYR B 2570 -43.98 -0.20 13.59
CA TYR B 2570 -44.21 -1.28 14.53
C TYR B 2570 -43.26 -1.17 15.72
N PHE B 2571 -42.01 -0.77 15.48
CA PHE B 2571 -41.11 -0.56 16.61
C PHE B 2571 -41.59 0.60 17.49
N ILE B 2572 -42.11 1.66 16.88
CA ILE B 2572 -42.55 2.81 17.67
C ILE B 2572 -43.73 2.40 18.54
N VAL B 2573 -44.67 1.64 17.95
CA VAL B 2573 -45.82 1.16 18.70
C VAL B 2573 -45.37 0.22 19.82
N LEU B 2574 -44.38 -0.62 19.56
CA LEU B 2574 -43.89 -1.52 20.59
C LEU B 2574 -43.27 -0.74 21.74
N VAL B 2575 -42.50 0.32 21.42
CA VAL B 2575 -41.91 1.15 22.46
C VAL B 2575 -42.99 1.85 23.26
N ARG B 2576 -44.10 2.20 22.60
CA ARG B 2576 -45.20 2.88 23.29
C ARG B 2576 -45.95 1.92 24.20
N VAL B 2577 -46.12 0.67 23.77
CA VAL B 2577 -46.96 -0.27 24.53
C VAL B 2577 -46.17 -0.98 25.60
N LYS B 2578 -44.84 -1.06 25.44
CA LYS B 2578 -44.04 -1.84 26.38
C LYS B 2578 -43.76 -1.06 27.65
N ASN B 2579 -43.86 -1.77 28.78
CA ASN B 2579 -43.57 -1.16 30.07
C ASN B 2579 -42.14 -0.65 30.11
N LYS B 2580 -41.92 0.45 30.83
CA LYS B 2580 -40.57 0.99 30.95
C LYS B 2580 -39.60 0.00 31.59
N THR B 2581 -40.08 -0.82 32.53
CA THR B 2581 -39.16 -1.63 33.32
C THR B 2581 -38.54 -2.73 32.47
N ASP B 2582 -39.23 -3.17 31.43
CA ASP B 2582 -38.83 -4.32 30.64
C ASP B 2582 -38.02 -3.95 29.41
N TYR B 2583 -37.69 -2.67 29.24
CA TYR B 2583 -37.04 -2.22 28.02
C TYR B 2583 -35.66 -2.86 27.91
N THR B 2584 -35.21 -3.09 26.68
CA THR B 2584 -33.83 -3.47 26.47
C THR B 2584 -32.99 -2.23 26.22
N GLY B 2585 -31.72 -2.43 25.89
CA GLY B 2585 -30.83 -1.34 25.60
C GLY B 2585 -31.33 -0.45 24.48
N PRO B 2586 -31.49 -1.03 23.29
CA PRO B 2586 -31.99 -0.24 22.16
C PRO B 2586 -33.40 0.30 22.36
N GLU B 2587 -34.30 -0.49 22.94
CA GLU B 2587 -35.63 0.03 23.26
C GLU B 2587 -35.53 1.27 24.15
N SER B 2588 -34.68 1.24 25.17
CA SER B 2588 -34.55 2.40 26.05
C SER B 2588 -33.93 3.58 25.31
N TYR B 2589 -32.94 3.33 24.47
CA TYR B 2589 -32.32 4.40 23.70
C TYR B 2589 -33.35 5.07 22.79
N VAL B 2590 -34.15 4.27 22.09
CA VAL B 2590 -35.14 4.82 21.17
C VAL B 2590 -36.22 5.56 21.94
N ALA B 2591 -36.63 5.03 23.09
CA ALA B 2591 -37.62 5.72 23.91
C ALA B 2591 -37.11 7.06 24.39
N GLN B 2592 -35.85 7.11 24.84
CA GLN B 2592 -35.27 8.37 25.27
C GLN B 2592 -35.18 9.36 24.11
N MET B 2593 -34.86 8.86 22.91
CA MET B 2593 -34.75 9.74 21.76
C MET B 2593 -36.11 10.32 21.40
N ILE B 2594 -37.14 9.48 21.42
CA ILE B 2594 -38.51 9.95 21.16
C ILE B 2594 -38.91 10.98 22.19
N LYS B 2595 -38.60 10.72 23.47
CA LYS B 2595 -38.94 11.69 24.52
C LYS B 2595 -38.23 13.02 24.31
N ASN B 2596 -36.96 12.96 23.91
CA ASN B 2596 -36.18 14.17 23.66
C ASN B 2596 -36.47 14.81 22.32
N LYS B 2597 -37.32 14.19 21.51
CA LYS B 2597 -37.68 14.73 20.19
C LYS B 2597 -36.47 14.76 19.27
N ASN B 2598 -35.78 13.63 19.17
CA ASN B 2598 -34.58 13.50 18.36
C ASN B 2598 -34.80 12.37 17.36
N LEU B 2599 -34.59 12.67 16.08
CA LEU B 2599 -34.76 11.71 15.00
C LEU B 2599 -33.44 11.18 14.47
N ASP B 2600 -32.34 11.35 15.22
CA ASP B 2600 -31.05 10.92 14.72
C ASP B 2600 -30.90 9.40 14.69
N TRP B 2601 -31.88 8.68 15.27
CA TRP B 2601 -31.80 7.22 15.33
C TRP B 2601 -32.33 6.58 14.05
N PHE B 2602 -33.09 7.34 13.27
CA PHE B 2602 -33.44 6.90 11.93
C PHE B 2602 -32.22 6.99 11.04
N PRO B 2603 -31.86 5.94 10.30
CA PRO B 2603 -30.72 6.05 9.39
C PRO B 2603 -30.95 7.09 8.30
N ARG B 2604 -29.86 7.63 7.78
CA ARG B 2604 -29.91 8.70 6.80
C ARG B 2604 -28.76 8.54 5.82
N MET B 2605 -29.07 8.17 4.58
CA MET B 2605 -28.06 8.03 3.54
C MET B 2605 -27.03 6.94 3.89
N ARG B 2606 -27.41 6.01 4.75
CA ARG B 2606 -26.53 4.94 5.20
C ARG B 2606 -27.28 3.63 5.18
N ALA B 2607 -26.59 2.55 4.81
CA ALA B 2607 -27.19 1.23 4.79
C ALA B 2607 -26.17 0.19 5.23
N MET B 2608 -26.58 -0.63 6.21
CA MET B 2608 -25.68 -1.67 6.72
C MET B 2608 -25.26 -2.62 5.62
N SER B 2609 -26.19 -3.00 4.75
CA SER B 2609 -25.86 -3.88 3.64
C SER B 2609 -24.86 -3.22 2.69
N LEU B 2610 -25.02 -1.91 2.46
CA LEU B 2610 -24.11 -1.22 1.54
C LEU B 2610 -22.71 -1.13 2.12
N VAL B 2611 -22.60 -0.78 3.41
CA VAL B 2611 -21.28 -0.62 4.03
C VAL B 2611 -20.68 -1.94 4.48
N SER B 2612 -21.44 -3.03 4.46
CA SER B 2612 -20.93 -4.33 4.89
C SER B 2612 -21.70 -5.47 4.21
N SER C 5 50.59 10.69 -4.52
CA SER C 5 50.47 11.21 -5.87
C SER C 5 49.04 11.64 -6.16
N SER C 6 48.89 12.72 -6.92
CA SER C 6 47.58 13.24 -7.28
C SER C 6 47.68 13.95 -8.62
N PHE C 7 46.52 14.13 -9.25
CA PHE C 7 46.45 14.80 -10.54
C PHE C 7 46.53 16.31 -10.36
N LEU C 8 46.98 16.98 -11.42
CA LEU C 8 47.08 18.44 -11.41
C LEU C 8 45.72 19.05 -11.77
N HIS C 9 45.38 20.14 -11.07
CA HIS C 9 44.12 20.83 -11.27
C HIS C 9 44.38 22.32 -11.47
N ILE C 10 43.50 22.97 -12.22
CA ILE C 10 43.63 24.39 -12.47
C ILE C 10 43.52 25.16 -11.17
N GLY C 11 44.40 26.15 -10.99
CA GLY C 11 44.44 26.95 -9.79
C GLY C 11 45.43 26.49 -8.74
N ASP C 12 45.99 25.29 -8.89
CA ASP C 12 46.98 24.81 -7.94
C ASP C 12 48.26 25.64 -8.05
N ILE C 13 48.92 25.83 -6.91
CA ILE C 13 50.18 26.55 -6.84
C ILE C 13 51.29 25.53 -6.70
N VAL C 14 52.19 25.50 -7.69
CA VAL C 14 53.26 24.51 -7.78
C VAL C 14 54.57 25.23 -8.04
N SER C 15 55.66 24.53 -7.77
CA SER C 15 57.01 25.04 -7.97
C SER C 15 57.64 24.36 -9.18
N LEU C 16 58.33 25.16 -10.00
CA LEU C 16 58.97 24.66 -11.21
C LEU C 16 60.47 24.54 -10.97
N TYR C 17 61.01 23.35 -11.21
CA TYR C 17 62.43 23.08 -11.05
C TYR C 17 63.03 22.75 -12.41
N ALA C 18 64.07 23.48 -12.79
CA ALA C 18 64.73 23.27 -14.07
C ALA C 18 65.59 22.01 -14.04
N GLU C 19 65.59 21.28 -15.15
CA GLU C 19 66.39 20.08 -15.30
C GLU C 19 67.12 20.13 -16.63
N GLY C 20 68.44 19.90 -16.60
CA GLY C 20 69.24 19.95 -17.80
C GLY C 20 70.64 20.48 -17.56
N SER C 21 71.07 21.44 -18.37
CA SER C 21 72.41 22.00 -18.20
C SER C 21 72.54 22.68 -16.84
N VAL C 22 71.52 23.43 -16.43
CA VAL C 22 71.51 24.11 -15.14
C VAL C 22 70.25 23.68 -14.40
N ASN C 23 70.40 23.27 -13.14
CA ASN C 23 69.30 22.80 -12.32
C ASN C 23 69.02 23.80 -11.21
N GLY C 24 67.76 24.21 -11.10
CA GLY C 24 67.37 25.17 -10.07
C GLY C 24 65.95 25.62 -10.29
N PHE C 25 65.45 26.37 -9.31
CA PHE C 25 64.10 26.90 -9.35
C PHE C 25 64.08 28.26 -10.05
N ILE C 26 62.90 28.62 -10.56
CA ILE C 26 62.71 29.91 -11.21
C ILE C 26 62.46 30.97 -10.16
N SER C 27 63.25 32.05 -10.22
CA SER C 27 63.15 33.14 -9.26
C SER C 27 63.13 34.47 -10.00
N THR C 28 62.73 35.52 -9.29
CA THR C 28 62.64 36.86 -9.83
C THR C 28 63.56 37.79 -9.04
N LEU C 29 64.24 38.68 -9.74
CA LEU C 29 65.16 39.60 -9.09
C LEU C 29 64.40 40.55 -8.17
N GLY C 30 65.16 41.38 -7.45
CA GLY C 30 64.56 42.31 -6.52
C GLY C 30 63.91 43.49 -7.21
N LEU C 31 63.26 44.32 -6.40
CA LEU C 31 62.56 45.50 -6.90
C LEU C 31 61.44 45.09 -7.85
N VAL C 32 61.04 45.99 -8.74
CA VAL C 32 59.96 45.73 -9.67
C VAL C 32 60.50 45.04 -10.93
N ASP C 33 61.75 44.63 -10.89
CA ASP C 33 62.35 43.96 -12.04
C ASP C 33 61.55 42.72 -12.40
N ASP C 34 61.25 42.58 -13.70
CA ASP C 34 60.46 41.46 -14.20
C ASP C 34 61.31 40.31 -14.72
N ARG C 35 62.64 40.41 -14.61
CA ARG C 35 63.50 39.35 -15.12
C ARG C 35 63.32 38.07 -14.30
N CYS C 36 63.32 36.94 -15.00
CA CYS C 36 63.23 35.62 -14.38
C CYS C 36 64.52 34.87 -14.64
N VAL C 37 65.12 34.32 -13.57
CA VAL C 37 66.40 33.65 -13.64
C VAL C 37 66.32 32.35 -12.84
N VAL C 38 67.43 31.62 -12.81
CA VAL C 38 67.55 30.39 -12.05
C VAL C 38 68.87 30.45 -11.29
N GLU C 39 68.83 30.09 -10.01
CA GLU C 39 70.00 30.14 -9.13
C GLU C 39 70.30 28.74 -8.62
N PRO C 40 71.16 27.99 -9.31
CA PRO C 40 71.49 26.64 -8.81
C PRO C 40 72.11 26.63 -7.43
N ALA C 41 72.91 27.65 -7.10
CA ALA C 41 73.55 27.69 -5.79
C ALA C 41 72.58 28.05 -4.67
N ALA C 42 71.42 28.62 -5.01
CA ALA C 42 70.46 29.00 -3.97
C ALA C 42 69.97 27.77 -3.22
N GLY C 43 69.66 26.70 -3.94
CA GLY C 43 69.18 25.49 -3.28
C GLY C 43 68.84 24.44 -4.32
N ASP C 44 68.30 23.33 -3.83
CA ASP C 44 67.89 22.21 -4.67
C ASP C 44 66.59 21.64 -4.11
N LEU C 45 66.14 20.54 -4.72
CA LEU C 45 64.90 19.91 -4.26
C LEU C 45 65.04 19.42 -2.83
N ASP C 46 66.18 18.81 -2.50
CA ASP C 46 66.38 18.34 -1.12
C ASP C 46 66.42 19.49 -0.14
N ASN C 47 67.08 20.59 -0.51
CA ASN C 47 67.24 21.76 0.34
C ASN C 47 66.68 22.97 -0.39
N PRO C 48 65.40 23.28 -0.23
CA PRO C 48 64.83 24.43 -0.93
C PRO C 48 65.50 25.71 -0.47
N PRO C 49 65.58 26.71 -1.35
CA PRO C 49 66.23 27.97 -0.96
C PRO C 49 65.45 28.69 0.13
N LYS C 50 66.19 29.50 0.90
CA LYS C 50 65.55 30.25 1.99
C LYS C 50 64.47 31.18 1.46
N LYS C 51 64.76 31.88 0.36
CA LYS C 51 63.78 32.77 -0.27
C LYS C 51 62.90 31.98 -1.24
N PHE C 52 62.26 30.93 -0.69
CA PHE C 52 61.43 30.06 -1.51
C PHE C 52 60.16 30.74 -2.00
N ARG C 53 59.74 31.83 -1.36
CA ARG C 53 58.49 32.49 -1.75
C ARG C 53 58.54 32.96 -3.20
N ASP C 54 59.73 33.24 -3.72
CA ASP C 54 59.87 33.70 -5.10
C ASP C 54 59.78 32.56 -6.11
N CYS C 55 59.74 31.30 -5.67
CA CYS C 55 59.73 30.15 -6.55
C CYS C 55 58.36 29.47 -6.59
N LEU C 56 57.30 30.17 -6.24
CA LEU C 56 55.94 29.64 -6.25
C LEU C 56 55.17 30.23 -7.43
N PHE C 57 54.53 29.36 -8.21
CA PHE C 57 53.75 29.76 -9.36
C PHE C 57 52.37 29.10 -9.30
N LYS C 58 51.35 29.83 -9.75
CA LYS C 58 49.99 29.35 -9.77
C LYS C 58 49.57 29.07 -11.22
N VAL C 59 48.85 27.98 -11.41
CA VAL C 59 48.40 27.55 -12.72
C VAL C 59 47.02 28.16 -12.99
N CYS C 60 46.86 28.77 -14.15
CA CYS C 60 45.61 29.40 -14.55
C CYS C 60 45.20 28.90 -15.93
N PRO C 61 43.91 28.95 -16.25
CA PRO C 61 43.45 28.44 -17.55
C PRO C 61 43.59 29.47 -18.66
N MET C 62 43.09 29.13 -19.85
CA MET C 62 43.16 30.04 -20.99
C MET C 62 42.46 31.35 -20.66
N ASN C 63 43.07 32.45 -21.09
CA ASN C 63 42.52 33.79 -20.89
C ASN C 63 42.46 34.50 -22.24
N ARG C 64 41.31 35.09 -22.54
CA ARG C 64 41.11 35.82 -23.79
C ARG C 64 41.61 37.24 -23.65
N TYR C 65 42.42 37.68 -24.62
CA TYR C 65 42.99 39.02 -24.62
C TYR C 65 42.77 39.74 -25.95
N SER C 66 41.82 39.28 -26.76
CA SER C 66 41.59 39.90 -28.06
C SER C 66 41.15 41.35 -27.90
N ALA C 67 40.14 41.59 -27.07
CA ALA C 67 39.67 42.96 -26.85
C ALA C 67 40.76 43.82 -26.22
N GLN C 68 41.48 43.27 -25.23
CA GLN C 68 42.55 44.03 -24.60
C GLN C 68 43.65 44.35 -25.60
N LYS C 69 44.03 43.38 -26.43
CA LYS C 69 45.06 43.63 -27.44
C LYS C 69 44.61 44.70 -28.43
N GLN C 70 43.35 44.64 -28.87
CA GLN C 70 42.85 45.64 -29.80
C GLN C 70 42.85 47.03 -29.17
N TYR C 71 42.42 47.12 -27.91
CA TYR C 71 42.43 48.41 -27.23
C TYR C 71 43.85 48.95 -27.08
N TRP C 72 44.80 48.08 -26.72
CA TRP C 72 46.18 48.52 -26.58
C TRP C 72 46.74 49.00 -27.92
N LYS C 73 46.43 48.28 -29.00
CA LYS C 73 46.89 48.71 -30.31
C LYS C 73 46.29 50.06 -30.70
N ALA C 74 44.99 50.24 -30.44
CA ALA C 74 44.35 51.50 -30.77
C ALA C 74 44.94 52.65 -29.97
N LYS C 75 45.19 52.43 -28.68
CA LYS C 75 45.74 53.49 -27.84
C LYS C 75 47.12 53.92 -28.32
N GLN C 76 47.96 52.96 -28.68
CA GLN C 76 49.31 53.26 -29.16
C GLN C 76 49.27 53.78 -30.59
N ASP C 86 38.58 60.16 -32.03
CA ASP C 86 38.31 58.75 -31.74
C ASP C 86 38.08 58.53 -30.25
N VAL C 87 37.63 59.59 -29.57
CA VAL C 87 37.37 59.48 -28.13
C VAL C 87 36.26 58.48 -27.87
N VAL C 88 35.18 58.54 -28.65
CA VAL C 88 34.08 57.59 -28.49
C VAL C 88 34.56 56.17 -28.77
N LEU C 89 35.37 56.00 -29.82
CA LEU C 89 35.92 54.69 -30.13
C LEU C 89 36.81 54.19 -29.00
N LEU C 90 37.63 55.08 -28.43
CA LEU C 90 38.48 54.67 -27.31
C LEU C 90 37.65 54.25 -26.10
N GLN C 91 36.58 54.99 -25.81
CA GLN C 91 35.71 54.62 -24.69
C GLN C 91 35.04 53.26 -24.94
N LYS C 92 34.58 53.04 -26.18
CA LYS C 92 33.97 51.75 -26.51
C LYS C 92 34.99 50.61 -26.37
N LEU C 93 36.23 50.85 -26.80
CA LEU C 93 37.26 49.84 -26.66
C LEU C 93 37.55 49.56 -25.19
N GLN C 94 37.59 50.60 -24.36
CA GLN C 94 37.80 50.41 -22.94
C GLN C 94 36.67 49.59 -22.32
N HIS C 95 35.43 49.90 -22.69
CA HIS C 95 34.29 49.13 -22.19
C HIS C 95 34.38 47.67 -22.63
N ALA C 96 34.75 47.44 -23.88
CA ALA C 96 34.89 46.07 -24.38
C ALA C 96 35.98 45.33 -23.62
N ALA C 97 37.11 46.00 -23.35
CA ALA C 97 38.19 45.37 -22.60
C ALA C 97 37.75 45.04 -21.18
N GLN C 98 37.01 45.93 -20.54
CA GLN C 98 36.50 45.65 -19.20
C GLN C 98 35.55 44.46 -19.21
N MET C 99 34.66 44.40 -20.22
CA MET C 99 33.74 43.27 -20.32
C MET C 99 34.51 41.97 -20.54
N GLU C 100 35.54 42.00 -21.38
CA GLU C 100 36.34 40.81 -21.62
C GLU C 100 37.06 40.37 -20.35
N GLN C 101 37.59 41.33 -19.58
CA GLN C 101 38.23 40.98 -18.32
C GLN C 101 37.24 40.35 -17.35
N LYS C 102 36.04 40.90 -17.26
CA LYS C 102 35.03 40.32 -16.38
C LYS C 102 34.65 38.92 -16.84
N GLN C 103 34.51 38.71 -18.15
CA GLN C 103 34.19 37.38 -18.66
C GLN C 103 35.31 36.40 -18.36
N ASN C 104 36.56 36.83 -18.51
CA ASN C 104 37.68 35.96 -18.19
C ASN C 104 37.70 35.59 -16.71
N ASP C 105 37.42 36.57 -15.84
CA ASP C 105 37.37 36.28 -14.41
C ASP C 105 36.26 35.28 -14.11
N THR C 106 35.09 35.45 -14.73
CA THR C 106 33.98 34.52 -14.51
C THR C 106 34.35 33.13 -14.99
N GLU C 107 35.00 33.03 -16.15
CA GLU C 107 35.42 31.74 -16.66
C GLU C 107 36.43 31.08 -15.73
N ASN C 108 37.39 31.85 -15.22
CA ASN C 108 38.36 31.30 -14.28
C ASN C 108 37.67 30.79 -13.02
N LYS C 109 36.71 31.55 -12.50
CA LYS C 109 35.99 31.11 -11.31
C LYS C 109 35.21 29.84 -11.59
N LYS C 110 34.54 29.76 -12.74
CA LYS C 110 33.72 28.58 -13.06
C LYS C 110 34.60 27.35 -13.27
N VAL C 111 35.67 27.50 -14.06
CA VAL C 111 36.53 26.35 -14.39
C VAL C 111 37.52 26.02 -13.29
N HIS C 112 37.46 26.72 -12.16
CA HIS C 112 38.40 26.47 -11.08
C HIS C 112 38.28 25.03 -10.59
N GLY C 113 39.44 24.40 -10.39
CA GLY C 113 39.50 23.05 -9.88
C GLY C 113 39.46 21.95 -10.92
N ASP C 114 39.28 22.29 -12.20
CA ASP C 114 39.25 21.28 -13.25
C ASP C 114 40.63 20.65 -13.42
N VAL C 115 40.65 19.36 -13.73
CA VAL C 115 41.91 18.64 -13.89
C VAL C 115 42.65 19.19 -15.10
N VAL C 116 43.98 19.18 -15.02
CA VAL C 116 44.84 19.62 -16.11
C VAL C 116 45.21 18.42 -16.96
N LYS C 117 45.02 18.54 -18.27
CA LYS C 117 45.30 17.46 -19.22
C LYS C 117 46.50 17.80 -20.07
N TYR C 118 47.32 16.80 -20.37
CA TYR C 118 48.49 17.00 -21.20
C TYR C 118 48.08 17.56 -22.56
N GLY C 119 48.86 18.51 -23.05
CA GLY C 119 48.56 19.18 -24.30
C GLY C 119 47.60 20.35 -24.18
N SER C 120 47.13 20.64 -22.98
CA SER C 120 46.24 21.78 -22.78
C SER C 120 47.06 23.07 -22.63
N VAL C 121 46.36 24.19 -22.57
CA VAL C 121 46.97 25.50 -22.46
C VAL C 121 46.82 26.00 -21.03
N ILE C 122 47.94 26.35 -20.40
CA ILE C 122 47.96 26.84 -19.03
C ILE C 122 48.87 28.06 -18.97
N GLN C 123 48.67 28.87 -17.92
CA GLN C 123 49.45 30.07 -17.69
C GLN C 123 50.00 30.04 -16.28
N LEU C 124 51.18 30.64 -16.10
CA LEU C 124 51.86 30.68 -14.81
C LEU C 124 51.79 32.10 -14.25
N LEU C 125 51.32 32.21 -13.02
CA LEU C 125 51.20 33.50 -12.33
C LEU C 125 52.12 33.51 -11.13
N HIS C 126 52.90 34.58 -10.99
CA HIS C 126 53.80 34.75 -9.85
C HIS C 126 53.00 35.31 -8.68
N MET C 127 52.81 34.50 -7.64
CA MET C 127 51.99 34.93 -6.50
C MET C 127 52.62 36.14 -5.81
N LYS C 128 53.94 36.13 -5.62
CA LYS C 128 54.60 37.23 -4.93
C LYS C 128 54.48 38.53 -5.73
N SER C 129 54.65 38.45 -7.05
CA SER C 129 54.59 39.62 -7.90
C SER C 129 53.23 39.84 -8.55
N ASN C 130 52.38 38.81 -8.60
CA ASN C 130 51.07 38.90 -9.24
C ASN C 130 51.21 39.32 -10.70
N LYS C 131 52.22 38.79 -11.37
CA LYS C 131 52.49 39.07 -12.78
C LYS C 131 52.56 37.77 -13.56
N TYR C 132 51.83 37.71 -14.67
CA TYR C 132 51.83 36.51 -15.50
C TYR C 132 53.10 36.43 -16.33
N LEU C 133 53.69 35.24 -16.40
CA LEU C 133 54.85 35.03 -17.25
C LEU C 133 54.41 34.99 -18.72
N THR C 134 55.18 35.65 -19.58
CA THR C 134 54.88 35.71 -21.00
C THR C 134 56.18 35.73 -21.78
N VAL C 135 56.09 35.40 -23.05
CA VAL C 135 57.23 35.37 -23.97
C VAL C 135 56.97 36.41 -25.05
N ASN C 136 57.90 37.35 -25.21
CA ASN C 136 57.75 38.42 -26.18
C ASN C 136 58.36 37.98 -27.50
N LYS C 137 57.54 37.96 -28.55
CA LYS C 137 57.96 37.47 -29.86
C LYS C 137 58.53 38.56 -30.76
N ARG C 138 58.51 39.82 -30.33
CA ARG C 138 58.98 40.93 -31.14
C ARG C 138 60.30 41.51 -30.65
N LEU C 139 60.90 40.91 -29.62
CA LEU C 139 62.19 41.36 -29.13
C LEU C 139 63.01 40.15 -28.69
N PRO C 140 64.33 40.22 -28.77
CA PRO C 140 65.17 39.10 -28.30
C PRO C 140 65.57 39.26 -26.83
N ALA C 141 66.18 38.21 -26.31
CA ALA C 141 66.64 38.23 -24.93
C ALA C 141 67.79 39.22 -24.76
N LEU C 142 67.93 39.75 -23.55
CA LEU C 142 68.93 40.77 -23.29
C LEU C 142 70.35 40.23 -23.51
N LEU C 143 70.63 39.03 -23.02
CA LEU C 143 71.97 38.46 -23.10
C LEU C 143 72.13 37.59 -24.34
N GLU C 144 71.32 36.55 -24.46
CA GLU C 144 71.39 35.63 -25.60
C GLU C 144 70.57 36.22 -26.74
N LYS C 145 71.24 36.89 -27.67
CA LYS C 145 70.53 37.56 -28.76
C LYS C 145 69.75 36.56 -29.61
N ASN C 146 70.36 35.40 -29.89
CA ASN C 146 69.67 34.39 -30.70
C ASN C 146 68.46 33.81 -29.98
N ALA C 147 68.36 33.99 -28.67
CA ALA C 147 67.23 33.47 -27.91
C ALA C 147 66.07 34.45 -27.98
N MET C 148 65.04 34.22 -27.16
CA MET C 148 63.84 35.04 -27.16
C MET C 148 63.49 35.39 -25.72
N ARG C 149 63.03 36.62 -25.51
CA ARG C 149 62.88 37.15 -24.16
C ARG C 149 61.59 36.68 -23.50
N VAL C 150 61.69 36.36 -22.21
CA VAL C 150 60.55 36.00 -21.37
C VAL C 150 60.52 36.96 -20.19
N THR C 151 59.35 37.53 -19.93
CA THR C 151 59.22 38.54 -18.88
C THR C 151 57.86 38.43 -18.21
N LEU C 152 57.75 39.03 -17.03
CA LEU C 152 56.51 39.05 -16.26
C LEU C 152 55.75 40.33 -16.57
N ASP C 153 54.46 40.19 -16.88
CA ASP C 153 53.59 41.30 -17.21
C ASP C 153 52.43 41.34 -16.23
N ALA C 154 52.11 42.55 -15.74
CA ALA C 154 51.03 42.68 -14.76
C ALA C 154 49.70 42.26 -15.35
N THR C 155 49.41 42.67 -16.58
CA THR C 155 48.15 42.35 -17.22
C THR C 155 48.22 41.13 -18.13
N GLY C 156 49.40 40.78 -18.62
CA GLY C 156 49.54 39.64 -19.51
C GLY C 156 49.17 39.96 -20.94
N ASN C 157 49.27 38.94 -21.78
CA ASN C 157 48.96 39.05 -23.20
C ASN C 157 48.84 37.63 -23.75
N GLU C 158 48.77 37.52 -25.08
CA GLU C 158 48.67 36.20 -25.71
C GLU C 158 49.88 35.34 -25.41
N GLY C 159 51.00 35.92 -25.00
CA GLY C 159 52.18 35.15 -24.66
C GLY C 159 52.03 34.32 -23.41
N SER C 160 51.06 34.67 -22.55
CA SER C 160 50.83 33.89 -21.33
C SER C 160 50.47 32.45 -21.65
N TRP C 161 49.76 32.22 -22.77
CA TRP C 161 49.37 30.88 -23.14
C TRP C 161 50.60 30.00 -23.34
N LEU C 162 50.56 28.80 -22.75
CA LEU C 162 51.70 27.89 -22.81
C LEU C 162 51.16 26.46 -22.83
N PHE C 163 51.36 25.78 -23.96
CA PHE C 163 51.01 24.37 -24.05
C PHE C 163 51.94 23.54 -23.17
N ILE C 164 51.38 22.52 -22.53
CA ILE C 164 52.13 21.62 -21.66
C ILE C 164 52.20 20.26 -22.34
N GLN C 165 53.41 19.72 -22.45
CA GLN C 165 53.62 18.44 -23.11
C GLN C 165 54.43 17.51 -22.24
N PRO C 166 54.25 16.20 -22.38
CA PRO C 166 55.06 15.26 -21.58
C PRO C 166 56.53 15.32 -21.95
N PHE C 167 57.37 15.03 -20.97
CA PHE C 167 58.81 14.98 -21.19
C PHE C 167 59.31 13.57 -21.50
N TRP C 168 58.60 12.54 -21.04
CA TRP C 168 58.95 11.16 -21.29
C TRP C 168 57.97 10.55 -22.28
N LYS C 169 58.26 9.30 -22.68
CA LYS C 169 57.42 8.58 -23.61
C LYS C 169 56.28 7.83 -22.92
N LEU C 170 56.28 7.75 -21.59
CA LEU C 170 55.21 7.04 -20.90
C LEU C 170 53.87 7.72 -21.11
N ARG C 171 53.84 9.05 -21.07
CA ARG C 171 52.61 9.81 -21.22
C ARG C 171 52.39 10.20 -22.68
N SER C 172 51.18 10.68 -22.97
CA SER C 172 50.82 11.10 -24.31
C SER C 172 49.82 12.25 -24.21
N ASN C 173 49.42 12.77 -25.35
CA ASN C 173 48.48 13.88 -25.38
C ASN C 173 47.12 13.43 -24.85
N GLY C 174 46.41 14.36 -24.24
CA GLY C 174 45.11 14.07 -23.65
C GLY C 174 45.19 13.13 -22.47
N ASP C 175 46.15 13.33 -21.57
CA ASP C 175 46.31 12.51 -20.39
C ASP C 175 46.47 13.40 -19.16
N ASN C 176 46.06 12.88 -18.01
CA ASN C 176 46.13 13.64 -16.78
C ASN C 176 47.59 13.89 -16.39
N VAL C 177 47.82 15.04 -15.76
CA VAL C 177 49.15 15.44 -15.30
C VAL C 177 49.25 15.13 -13.81
N VAL C 178 50.31 14.42 -13.43
CA VAL C 178 50.51 14.00 -12.05
C VAL C 178 51.66 14.80 -11.46
N VAL C 179 51.61 14.99 -10.13
CA VAL C 179 52.65 15.76 -9.45
C VAL C 179 53.99 15.05 -9.58
N GLY C 180 55.06 15.83 -9.50
CA GLY C 180 56.40 15.28 -9.57
C GLY C 180 56.76 14.67 -10.91
N ASP C 181 56.39 15.33 -12.00
CA ASP C 181 56.69 14.86 -13.35
C ASP C 181 57.25 16.00 -14.18
N LYS C 182 58.20 15.66 -15.05
CA LYS C 182 58.84 16.65 -15.90
C LYS C 182 57.98 16.92 -17.13
N VAL C 183 57.77 18.20 -17.44
CA VAL C 183 56.94 18.62 -18.55
C VAL C 183 57.68 19.68 -19.35
N ILE C 184 57.22 19.90 -20.58
CA ILE C 184 57.78 20.90 -21.48
C ILE C 184 56.71 21.96 -21.73
N LEU C 185 57.09 23.22 -21.56
CA LEU C 185 56.20 24.35 -21.78
C LEU C 185 56.55 25.01 -23.11
N ASN C 186 55.59 25.04 -24.03
CA ASN C 186 55.78 25.62 -25.34
C ASN C 186 54.88 26.84 -25.50
N PRO C 187 55.41 28.06 -25.65
CA PRO C 187 54.53 29.20 -25.89
C PRO C 187 53.75 29.03 -27.19
N VAL C 188 52.49 29.50 -27.16
CA VAL C 188 51.65 29.39 -28.36
C VAL C 188 52.22 30.22 -29.49
N ASN C 189 52.68 31.43 -29.20
CA ASN C 189 53.19 32.32 -30.24
C ASN C 189 54.64 31.98 -30.58
N ALA C 190 55.54 32.03 -29.59
CA ALA C 190 56.94 31.75 -29.85
C ALA C 190 57.15 30.32 -30.34
N GLY C 191 56.46 29.37 -29.71
CA GLY C 191 56.59 27.97 -30.11
C GLY C 191 57.99 27.42 -29.92
N GLN C 192 58.63 27.77 -28.81
CA GLN C 192 59.97 27.28 -28.50
C GLN C 192 60.01 26.92 -27.02
N PRO C 193 60.47 25.72 -26.66
CA PRO C 193 60.52 25.35 -25.24
C PRO C 193 61.39 26.30 -24.45
N LEU C 194 60.97 26.59 -23.22
CA LEU C 194 61.73 27.47 -22.34
C LEU C 194 63.08 26.82 -22.01
N HIS C 195 64.14 27.63 -22.06
CA HIS C 195 65.50 27.17 -21.83
C HIS C 195 66.15 28.01 -20.74
N ALA C 196 66.75 27.32 -19.77
CA ALA C 196 67.51 28.00 -18.71
C ALA C 196 68.93 28.20 -19.20
N SER C 197 69.12 29.30 -19.94
CA SER C 197 70.42 29.57 -20.55
C SER C 197 71.50 29.69 -19.48
N ASN C 198 72.67 29.11 -19.77
CA ASN C 198 73.80 29.16 -18.85
C ASN C 198 74.40 30.54 -18.72
N TYR C 199 74.02 31.48 -19.59
CA TYR C 199 74.56 32.84 -19.54
C TYR C 199 74.33 33.47 -18.18
N GLU C 200 75.41 33.72 -17.44
CA GLU C 200 75.30 34.32 -16.13
C GLU C 200 74.98 35.80 -16.24
N LEU C 201 74.22 36.30 -15.26
CA LEU C 201 73.86 37.71 -15.23
C LEU C 201 74.97 38.52 -14.57
N SER C 202 75.45 39.55 -15.27
CA SER C 202 76.52 40.37 -14.73
C SER C 202 76.06 41.12 -13.48
N ASP C 203 74.81 41.62 -13.49
CA ASP C 203 74.32 42.39 -12.37
C ASP C 203 74.30 41.56 -11.09
N ASN C 204 73.84 40.31 -11.18
CA ASN C 204 73.74 39.42 -10.03
C ASN C 204 74.51 38.14 -10.34
N ALA C 205 75.58 37.89 -9.59
CA ALA C 205 76.36 36.69 -9.79
C ALA C 205 75.58 35.46 -9.38
N GLY C 206 75.80 34.36 -10.10
CA GLY C 206 75.12 33.11 -9.81
C GLY C 206 73.71 32.99 -10.36
N CYS C 207 73.24 33.97 -11.12
CA CYS C 207 71.91 33.96 -11.69
C CYS C 207 71.98 33.64 -13.17
N LYS C 208 71.16 32.68 -13.61
CA LYS C 208 71.12 32.25 -14.99
C LYS C 208 69.80 32.68 -15.62
N GLU C 209 69.88 33.40 -16.73
CA GLU C 209 68.69 33.90 -17.39
C GLU C 209 67.91 32.77 -18.05
N VAL C 210 66.61 32.96 -18.16
CA VAL C 210 65.70 32.01 -18.80
C VAL C 210 65.10 32.68 -20.03
N ASN C 211 65.15 31.97 -21.15
CA ASN C 211 64.68 32.51 -22.42
C ASN C 211 63.84 31.44 -23.12
N SER C 212 63.49 31.69 -24.37
CA SER C 212 62.72 30.73 -25.17
C SER C 212 63.54 30.37 -26.41
N VAL C 213 63.97 29.11 -26.47
CA VAL C 213 64.77 28.62 -27.59
C VAL C 213 64.75 27.10 -27.55
N ASN C 214 64.91 26.49 -28.71
CA ASN C 214 64.91 25.03 -28.80
C ASN C 214 66.01 24.45 -27.93
N CYS C 215 65.67 23.47 -27.12
CA CYS C 215 66.62 22.81 -26.22
C CYS C 215 65.95 21.55 -25.69
N ASN C 216 66.60 20.91 -24.71
CA ASN C 216 66.07 19.70 -24.08
C ASN C 216 65.77 19.91 -22.60
N THR C 217 65.74 21.15 -22.13
CA THR C 217 65.47 21.40 -20.72
C THR C 217 64.03 21.02 -20.38
N SER C 218 63.86 20.45 -19.19
CA SER C 218 62.55 20.03 -18.69
C SER C 218 62.33 20.67 -17.33
N TRP C 219 61.08 21.09 -17.08
CA TRP C 219 60.71 21.77 -15.84
C TRP C 219 59.90 20.81 -14.98
N LYS C 220 60.51 20.32 -13.91
CA LYS C 220 59.80 19.44 -12.98
C LYS C 220 58.71 20.22 -12.25
N ILE C 221 57.58 19.57 -12.03
CA ILE C 221 56.42 20.17 -11.38
C ILE C 221 56.34 19.61 -9.97
N ASN C 222 56.46 20.48 -8.97
CA ASN C 222 56.34 20.11 -7.57
C ASN C 222 55.13 20.82 -6.99
N LEU C 223 54.20 20.04 -6.45
CA LEU C 223 52.97 20.60 -5.91
C LEU C 223 53.21 21.21 -4.53
N PHE C 224 52.68 22.40 -4.31
CA PHE C 224 52.80 23.07 -3.02
C PHE C 224 51.47 23.36 -2.35
N MET C 225 50.46 23.80 -3.11
CA MET C 225 49.19 24.18 -2.52
C MET C 225 48.09 23.77 -3.49
N GLN C 226 47.07 23.07 -3.00
CA GLN C 226 46.03 22.50 -3.83
C GLN C 226 44.82 23.41 -3.91
N PHE C 227 44.13 23.37 -5.06
CA PHE C 227 42.97 24.23 -5.25
C PHE C 227 41.93 24.01 -4.15
N ARG C 228 41.73 22.76 -3.75
CA ARG C 228 40.78 22.48 -2.68
C ARG C 228 41.24 23.09 -1.35
N ASP C 229 42.54 23.01 -1.08
CA ASP C 229 43.12 23.52 0.15
C ASP C 229 43.54 24.99 0.05
N HIS C 230 43.29 25.64 -1.08
CA HIS C 230 43.65 27.03 -1.28
C HIS C 230 42.58 28.00 -0.80
N LEU C 231 41.50 27.49 -0.20
CA LEU C 231 40.42 28.36 0.27
C LEU C 231 40.96 29.40 1.25
N GLU C 232 40.54 30.65 1.05
CA GLU C 232 40.99 31.72 1.94
C GLU C 232 40.33 31.65 3.31
N GLU C 233 39.17 31.01 3.41
CA GLU C 233 38.47 30.92 4.69
C GLU C 233 39.19 30.03 5.69
N VAL C 234 40.16 29.23 5.26
CA VAL C 234 40.90 28.33 6.12
C VAL C 234 42.36 28.75 6.11
N LEU C 235 42.99 28.71 7.29
CA LEU C 235 44.41 29.04 7.39
C LEU C 235 45.24 28.05 6.57
N LYS C 236 46.21 28.59 5.84
CA LYS C 236 47.07 27.79 4.99
C LYS C 236 48.52 28.21 5.19
N GLY C 237 49.44 27.26 4.94
CA GLY C 237 50.84 27.59 5.04
C GLY C 237 51.24 28.68 4.07
N GLY C 238 52.17 29.53 4.50
CA GLY C 238 52.61 30.64 3.69
C GLY C 238 51.75 31.89 3.79
N ASP C 239 50.74 31.89 4.63
CA ASP C 239 49.88 33.05 4.84
C ASP C 239 50.35 33.81 6.08
N VAL C 240 50.29 35.14 6.00
CA VAL C 240 50.80 36.00 7.06
C VAL C 240 49.61 36.60 7.82
N VAL C 241 49.68 36.55 9.14
CA VAL C 241 48.65 37.06 10.02
C VAL C 241 49.32 37.67 11.25
N ARG C 242 48.50 38.23 12.14
CA ARG C 242 48.98 38.82 13.39
C ARG C 242 48.36 38.08 14.57
N LEU C 243 49.18 37.83 15.59
CA LEU C 243 48.72 37.17 16.81
C LEU C 243 48.49 38.23 17.89
N PHE C 244 47.29 38.25 18.44
CA PHE C 244 46.89 39.24 19.44
C PHE C 244 46.52 38.55 20.75
N HIS C 245 46.99 39.11 21.86
CA HIS C 245 46.70 38.59 23.19
C HIS C 245 45.52 39.34 23.78
N ALA C 246 44.52 38.60 24.26
CA ALA C 246 43.31 39.21 24.77
C ALA C 246 43.52 39.84 26.14
N GLU C 247 44.01 39.04 27.10
CA GLU C 247 44.17 39.56 28.46
C GLU C 247 45.14 40.73 28.50
N GLN C 248 46.29 40.58 27.84
CA GLN C 248 47.30 41.64 27.83
C GLN C 248 46.94 42.77 26.87
N GLU C 249 46.09 42.50 25.89
CA GLU C 249 45.73 43.50 24.88
C GLU C 249 46.99 44.06 24.20
N LYS C 250 47.86 43.15 23.78
CA LYS C 250 49.14 43.51 23.19
C LYS C 250 49.43 42.58 22.02
N PHE C 251 50.41 42.98 21.20
CA PHE C 251 50.79 42.26 20.00
C PHE C 251 52.20 41.69 20.15
N LEU C 252 52.38 40.45 19.69
CA LEU C 252 53.69 39.83 19.67
C LEU C 252 54.51 40.37 18.51
N THR C 253 55.81 40.53 18.74
CA THR C 253 56.70 41.11 17.75
C THR C 253 58.11 40.60 17.97
N CYS C 254 58.94 40.71 16.93
CA CYS C 254 60.34 40.38 17.00
C CYS C 254 61.16 41.57 16.49
N ASP C 255 62.13 42.00 17.29
CA ASP C 255 62.91 43.18 16.95
C ASP C 255 64.32 43.06 17.50
N GLU C 256 65.23 43.85 16.95
CA GLU C 256 66.63 43.90 17.40
C GLU C 256 66.74 44.95 18.48
N TYR C 257 66.57 44.54 19.74
CA TYR C 257 66.61 45.48 20.84
C TYR C 257 67.97 46.15 20.97
N LYS C 258 69.01 45.36 21.24
CA LYS C 258 70.36 45.86 21.45
C LYS C 258 71.36 45.10 20.60
N GLY C 259 71.03 44.94 19.32
CA GLY C 259 71.87 44.22 18.39
C GLY C 259 71.57 42.74 18.28
N LYS C 260 70.66 42.22 19.10
CA LYS C 260 70.25 40.82 19.06
C LYS C 260 68.75 40.74 18.90
N LEU C 261 68.29 39.84 18.03
CA LEU C 261 66.87 39.70 17.79
C LEU C 261 66.20 39.04 18.99
N GLN C 262 65.07 39.62 19.41
CA GLN C 262 64.32 39.11 20.55
C GLN C 262 62.83 39.22 20.25
N VAL C 263 62.07 38.28 20.81
CA VAL C 263 60.62 38.21 20.65
C VAL C 263 59.98 38.68 21.95
N PHE C 264 58.99 39.56 21.83
CA PHE C 264 58.38 40.18 23.00
C PHE C 264 56.93 40.57 22.70
N LEU C 265 56.16 40.72 23.76
CA LEU C 265 54.79 41.21 23.67
C LEU C 265 54.82 42.73 23.89
N ARG C 266 54.77 43.48 22.79
CA ARG C 266 54.99 44.91 22.88
C ARG C 266 53.78 45.61 23.51
N THR C 267 54.04 46.49 24.47
CA THR C 267 53.00 47.28 25.09
C THR C 267 52.70 48.52 24.24
N THR C 268 51.43 48.91 24.22
CA THR C 268 50.98 50.07 23.46
C THR C 268 50.26 51.05 24.37
N LEU C 269 50.55 52.32 24.18
CA LEU C 269 49.88 53.40 24.93
C LEU C 269 48.67 53.96 24.20
N ARG C 270 48.33 53.41 23.04
CA ARG C 270 47.17 53.89 22.29
C ARG C 270 45.88 53.54 23.01
N GLN C 271 44.82 54.26 22.65
CA GLN C 271 43.49 54.00 23.18
C GLN C 271 42.76 52.90 22.40
N SER C 272 43.36 52.38 21.33
CA SER C 272 42.77 51.32 20.53
C SER C 272 43.85 50.28 20.27
N ALA C 273 43.75 49.12 20.93
CA ALA C 273 44.76 48.09 20.78
C ALA C 273 44.82 47.58 19.35
N THR C 274 43.65 47.40 18.72
CA THR C 274 43.63 46.88 17.36
C THR C 274 44.42 47.75 16.38
N SER C 275 44.51 49.05 16.66
CA SER C 275 45.24 49.97 15.80
C SER C 275 46.75 49.90 16.02
N ALA C 276 47.21 49.21 17.06
CA ALA C 276 48.64 49.10 17.35
C ALA C 276 49.23 47.95 16.53
N THR C 277 49.32 48.20 15.23
CA THR C 277 49.82 47.22 14.27
C THR C 277 51.10 47.74 13.64
N SER C 278 52.12 46.88 13.57
CA SER C 278 53.40 47.21 12.99
C SER C 278 53.81 46.11 12.00
N SER C 279 54.57 46.51 10.98
CA SER C 279 55.00 45.54 9.98
C SER C 279 55.89 44.46 10.60
N ASN C 280 56.76 44.85 11.53
CA ASN C 280 57.64 43.88 12.18
C ASN C 280 56.89 42.88 13.04
N ALA C 281 55.61 43.13 13.34
CA ALA C 281 54.79 42.21 14.12
C ALA C 281 54.06 41.20 13.25
N LEU C 282 54.27 41.23 11.94
CA LEU C 282 53.63 40.29 11.04
C LEU C 282 54.26 38.90 11.19
N TRP C 283 53.43 37.87 11.24
CA TRP C 283 53.88 36.50 11.34
C TRP C 283 53.26 35.65 10.25
N GLU C 284 54.01 34.64 9.82
CA GLU C 284 53.58 33.71 8.78
C GLU C 284 53.49 32.30 9.34
N VAL C 285 52.52 31.54 8.85
CA VAL C 285 52.28 30.17 9.30
C VAL C 285 52.86 29.21 8.28
N GLU C 286 53.61 28.22 8.77
CA GLU C 286 54.21 27.19 7.93
C GLU C 286 53.68 25.83 8.37
N VAL C 287 53.28 25.02 7.40
CA VAL C 287 52.73 23.69 7.65
C VAL C 287 53.82 22.65 7.39
N VAL C 288 53.81 21.58 8.18
CA VAL C 288 54.78 20.51 8.07
C VAL C 288 54.13 19.34 7.33
N HIS C 289 54.76 18.91 6.23
CA HIS C 289 54.28 17.80 5.43
C HIS C 289 55.44 16.88 5.11
N HIS C 290 55.11 15.70 4.56
CA HIS C 290 56.14 14.75 4.20
C HIS C 290 57.09 15.33 3.15
N ASP C 291 56.54 15.99 2.14
CA ASP C 291 57.36 16.64 1.13
C ASP C 291 57.79 18.01 1.63
N PRO C 292 59.09 18.32 1.69
CA PRO C 292 59.50 19.62 2.22
C PRO C 292 58.92 20.80 1.44
N CYS C 293 58.69 20.65 0.14
CA CYS C 293 58.16 21.71 -0.69
C CYS C 293 56.63 21.76 -0.68
N ARG C 294 55.98 20.88 0.06
CA ARG C 294 54.53 20.82 0.12
C ARG C 294 54.04 21.51 1.40
N GLY C 295 53.22 22.54 1.24
CA GLY C 295 52.66 23.24 2.37
C GLY C 295 51.22 22.87 2.65
N GLY C 296 50.41 22.80 1.61
CA GLY C 296 49.01 22.43 1.77
C GLY C 296 48.30 23.41 2.70
N ALA C 297 47.29 22.89 3.38
CA ALA C 297 46.52 23.63 4.37
C ALA C 297 46.61 22.92 5.71
N GLY C 298 46.85 23.68 6.77
CA GLY C 298 47.07 23.07 8.07
C GLY C 298 45.80 22.48 8.64
N HIS C 299 45.91 21.29 9.22
CA HIS C 299 44.81 20.65 9.93
C HIS C 299 44.95 20.88 11.42
N TRP C 300 43.84 20.66 12.14
CA TRP C 300 43.86 20.85 13.59
C TRP C 300 44.78 19.87 14.30
N ASN C 301 45.19 18.80 13.64
CA ASN C 301 46.09 17.80 14.21
C ASN C 301 47.44 17.77 13.50
N GLY C 302 47.85 18.92 12.94
CA GLY C 302 49.09 19.00 12.21
C GLY C 302 50.05 19.96 12.87
N LEU C 303 51.34 19.66 12.76
CA LEU C 303 52.37 20.52 13.32
C LEU C 303 52.44 21.84 12.55
N TYR C 304 52.75 22.90 13.28
CA TYR C 304 52.83 24.24 12.71
C TYR C 304 54.12 24.92 13.13
N ARG C 305 54.54 25.88 12.30
CA ARG C 305 55.70 26.72 12.60
C ARG C 305 55.35 28.17 12.33
N PHE C 306 56.02 29.06 13.05
CA PHE C 306 55.82 30.50 12.91
C PHE C 306 57.09 31.13 12.36
N LYS C 307 56.92 32.02 11.38
CA LYS C 307 58.05 32.67 10.71
C LYS C 307 57.85 34.17 10.75
N HIS C 308 58.96 34.90 10.78
CA HIS C 308 58.92 36.36 10.76
C HIS C 308 59.00 36.83 9.31
N LEU C 309 58.02 37.63 8.89
CA LEU C 309 57.93 38.08 7.51
C LEU C 309 59.04 39.07 7.14
N ALA C 310 59.75 39.64 8.11
CA ALA C 310 60.79 40.62 7.84
C ALA C 310 62.17 40.07 8.15
N THR C 311 62.40 39.60 9.39
CA THR C 311 63.71 39.07 9.74
C THR C 311 63.91 37.66 9.19
N GLY C 312 62.84 36.89 9.01
CA GLY C 312 62.93 35.54 8.52
C GLY C 312 63.15 34.49 9.57
N ASN C 313 63.37 34.88 10.82
CA ASN C 313 63.58 33.92 11.90
C ASN C 313 62.24 33.33 12.34
N TYR C 314 62.30 32.11 12.87
CA TYR C 314 61.11 31.38 13.30
C TYR C 314 61.01 31.40 14.81
N LEU C 315 59.77 31.44 15.31
CA LEU C 315 59.55 31.42 16.75
C LEU C 315 59.91 30.07 17.34
N ALA C 316 60.47 30.09 18.54
CA ALA C 316 60.82 28.86 19.25
C ALA C 316 60.95 29.19 20.73
N ALA C 317 61.13 28.14 21.54
CA ALA C 317 61.32 28.28 22.97
C ALA C 317 62.63 27.61 23.37
N GLU C 318 63.42 28.30 24.18
CA GLU C 318 64.71 27.81 24.61
C GLU C 318 64.89 28.06 26.10
N GLU C 319 65.77 27.26 26.72
CA GLU C 319 66.01 27.34 28.16
C GLU C 319 66.15 28.78 28.62
N ASN C 320 65.29 29.18 29.56
CA ASN C 320 65.28 30.54 30.06
C ASN C 320 66.32 30.68 31.17
N PRO C 321 67.27 31.64 31.06
CA PRO C 321 68.24 31.85 32.14
C PRO C 321 67.57 32.10 33.50
N ILE C 350 59.59 30.58 35.25
CA ILE C 350 59.68 30.18 33.84
C ILE C 350 60.93 29.34 33.62
N LYS C 351 60.77 28.24 32.88
CA LYS C 351 61.88 27.38 32.49
C LYS C 351 62.32 27.60 31.06
N TYR C 352 61.41 28.02 30.18
CA TYR C 352 61.72 28.27 28.78
C TYR C 352 61.15 29.62 28.37
N CYS C 353 61.94 30.36 27.60
CA CYS C 353 61.55 31.67 27.08
C CYS C 353 61.46 31.62 25.56
N LEU C 354 60.57 32.44 25.01
CA LEU C 354 60.36 32.49 23.57
C LEU C 354 61.40 33.40 22.92
N VAL C 355 62.01 32.90 21.85
CA VAL C 355 63.02 33.61 21.08
C VAL C 355 62.85 33.27 19.61
N ALA C 356 63.70 33.85 18.78
CA ALA C 356 63.69 33.64 17.35
C ALA C 356 64.96 32.90 16.92
N VAL C 357 64.80 31.92 16.05
CA VAL C 357 65.92 31.11 15.56
C VAL C 357 66.09 31.33 14.07
N PRO C 358 67.29 31.16 13.52
CA PRO C 358 67.51 31.48 12.10
C PRO C 358 66.97 30.43 11.15
N HIS C 359 66.94 29.17 11.57
CA HIS C 359 66.53 28.07 10.71
C HIS C 359 65.45 27.24 11.40
N GLY C 360 64.56 26.67 10.59
CA GLY C 360 63.48 25.86 11.09
C GLY C 360 63.73 24.37 10.97
N ASN C 361 65.00 23.99 10.80
CA ASN C 361 65.38 22.60 10.65
C ASN C 361 65.53 21.87 11.99
N ASP C 362 64.96 22.42 13.06
CA ASP C 362 65.03 21.83 14.38
C ASP C 362 63.64 21.76 14.99
N ILE C 363 63.41 20.76 15.83
CA ILE C 363 62.12 20.57 16.46
C ILE C 363 61.74 21.72 17.38
N ALA C 364 62.68 22.58 17.75
CA ALA C 364 62.37 23.70 18.63
C ALA C 364 61.34 24.62 17.99
N SER C 365 61.48 24.91 16.70
CA SER C 365 60.56 25.81 16.02
C SER C 365 59.15 25.23 15.93
N LEU C 366 59.00 23.92 16.06
CA LEU C 366 57.69 23.30 15.91
C LEU C 366 56.73 23.80 16.99
N PHE C 367 55.47 23.98 16.61
CA PHE C 367 54.44 24.42 17.54
C PHE C 367 53.11 23.81 17.12
N GLU C 368 52.18 23.77 18.07
CA GLU C 368 50.83 23.28 17.80
C GLU C 368 49.82 24.28 18.35
N LEU C 369 48.65 24.31 17.71
CA LEU C 369 47.58 25.24 18.06
C LEU C 369 46.44 24.44 18.69
N ASP C 370 46.32 24.53 20.01
CA ASP C 370 45.21 23.92 20.71
C ASP C 370 43.99 24.81 20.57
N PRO C 371 42.88 24.33 20.01
CA PRO C 371 41.70 25.20 19.88
C PRO C 371 41.11 25.53 21.24
N THR C 372 40.62 26.77 21.36
CA THR C 372 39.95 27.19 22.58
C THR C 372 38.53 26.64 22.66
N THR C 373 37.85 26.56 21.52
CA THR C 373 36.48 26.09 21.44
C THR C 373 36.43 24.77 20.65
N LEU C 374 35.22 24.28 20.44
CA LEU C 374 35.03 23.04 19.70
C LEU C 374 35.45 23.22 18.24
N GLN C 375 35.97 22.14 17.66
CA GLN C 375 36.42 22.12 16.28
C GLN C 375 35.79 20.95 15.55
N LYS C 376 35.71 21.07 14.22
CA LYS C 376 35.10 20.04 13.37
C LYS C 376 36.15 18.97 13.08
N THR C 377 36.39 18.13 14.10
CA THR C 377 37.33 17.00 14.01
C THR C 377 38.67 17.54 13.49
N ASP C 378 39.24 16.98 12.43
CA ASP C 378 40.51 17.41 11.89
C ASP C 378 40.36 18.38 10.73
N SER C 379 39.29 19.18 10.73
CA SER C 379 39.05 20.12 9.65
C SER C 379 40.13 21.20 9.63
N PHE C 380 40.29 21.82 8.47
CA PHE C 380 41.29 22.87 8.31
C PHE C 380 41.00 24.03 9.26
N VAL C 381 42.05 24.59 9.82
CA VAL C 381 41.89 25.66 10.81
C VAL C 381 41.28 26.88 10.15
N PRO C 382 40.18 27.44 10.66
CA PRO C 382 39.63 28.66 10.07
C PRO C 382 40.42 29.89 10.48
N ARG C 383 40.53 30.83 9.55
CA ARG C 383 41.25 32.06 9.83
C ARG C 383 40.50 32.91 10.84
N ASN C 384 41.26 33.64 11.66
CA ASN C 384 40.70 34.51 12.70
C ASN C 384 39.93 33.68 13.74
N SER C 385 40.64 32.72 14.33
CA SER C 385 40.09 31.86 15.37
C SER C 385 41.05 31.80 16.54
N TYR C 386 40.50 31.88 17.75
CA TYR C 386 41.31 31.82 18.95
C TYR C 386 42.02 30.47 19.06
N VAL C 387 43.30 30.51 19.44
CA VAL C 387 44.10 29.30 19.59
C VAL C 387 45.06 29.51 20.76
N ARG C 388 45.63 28.41 21.24
CA ARG C 388 46.66 28.43 22.27
C ARG C 388 47.92 27.78 21.73
N LEU C 389 49.05 28.47 21.84
CA LEU C 389 50.31 27.95 21.35
C LEU C 389 50.87 26.93 22.33
N ARG C 390 51.31 25.78 21.82
CA ARG C 390 51.94 24.75 22.63
C ARG C 390 53.25 24.31 21.96
N HIS C 391 54.29 24.16 22.77
CA HIS C 391 55.61 23.77 22.30
C HIS C 391 55.77 22.27 22.53
N LEU C 392 55.74 21.49 21.45
CA LEU C 392 55.80 20.03 21.56
C LEU C 392 57.22 19.51 21.73
N CYS C 393 58.24 20.33 21.46
CA CYS C 393 59.61 19.86 21.57
C CYS C 393 59.95 19.47 23.01
N THR C 394 59.53 20.28 23.98
CA THR C 394 59.78 20.01 25.38
C THR C 394 58.48 19.85 26.18
N ASN C 395 57.34 19.76 25.50
CA ASN C 395 56.04 19.54 26.15
C ASN C 395 55.78 20.59 27.23
N THR C 396 55.86 21.86 26.81
CA THR C 396 55.58 22.99 27.68
C THR C 396 54.53 23.87 27.02
N TRP C 397 53.77 24.56 27.86
CA TRP C 397 52.67 25.41 27.40
C TRP C 397 53.07 26.87 27.45
N ILE C 398 52.82 27.59 26.35
CA ILE C 398 53.19 29.00 26.27
C ILE C 398 52.32 29.81 27.23
N GLN C 399 52.90 30.86 27.79
CA GLN C 399 52.19 31.76 28.69
C GLN C 399 52.73 33.16 28.50
N SER C 400 52.13 34.11 29.22
CA SER C 400 52.52 35.52 29.16
C SER C 400 52.81 36.02 30.56
N THR C 401 53.83 36.87 30.67
CA THR C 401 54.24 37.45 31.95
C THR C 401 54.49 38.93 31.77
N ASN C 402 54.38 39.67 32.88
CA ASN C 402 54.55 41.11 32.89
C ASN C 402 55.99 41.54 33.07
N VAL C 403 56.93 40.61 33.18
CA VAL C 403 58.34 40.95 33.35
C VAL C 403 58.86 41.54 32.05
N PRO C 404 59.32 42.79 32.02
CA PRO C 404 59.82 43.36 30.77
C PRO C 404 61.14 42.75 30.35
N ILE C 405 61.40 42.78 29.05
CA ILE C 405 62.68 42.36 28.51
C ILE C 405 63.64 43.54 28.33
N ASP C 406 63.13 44.78 28.34
CA ASP C 406 63.96 45.95 28.13
C ASP C 406 63.89 46.86 29.35
N ILE C 407 64.03 46.29 30.55
CA ILE C 407 63.96 47.07 31.78
C ILE C 407 65.04 48.15 31.82
N GLU C 408 66.09 48.03 31.00
CA GLU C 408 67.15 49.02 31.02
C GLU C 408 66.64 50.41 30.64
N GLU C 409 65.61 50.47 29.80
CA GLU C 409 65.05 51.75 29.37
C GLU C 409 63.81 52.08 30.18
N GLU C 410 63.67 53.36 30.53
CA GLU C 410 62.52 53.79 31.31
C GLU C 410 61.22 53.52 30.55
N ARG C 411 60.20 53.10 31.29
CA ARG C 411 58.92 52.74 30.70
C ARG C 411 59.12 51.65 29.64
N PRO C 412 59.53 50.46 30.04
CA PRO C 412 59.78 49.40 29.04
C PRO C 412 58.51 49.01 28.31
N ILE C 413 58.68 48.60 27.05
CA ILE C 413 57.57 48.14 26.24
C ILE C 413 57.66 46.65 25.93
N ARG C 414 58.86 46.09 25.78
CA ARG C 414 59.01 44.67 25.50
C ARG C 414 58.68 43.86 26.74
N LEU C 415 57.86 42.82 26.58
CA LEU C 415 57.43 41.98 27.67
C LEU C 415 57.80 40.53 27.39
N MET C 416 58.25 39.83 28.42
CA MET C 416 58.67 38.44 28.28
C MET C 416 57.46 37.53 28.10
N LEU C 417 57.65 36.48 27.30
CA LEU C 417 56.64 35.45 27.06
C LEU C 417 57.29 34.10 27.31
N GLY C 418 57.16 33.59 28.53
CA GLY C 418 57.73 32.33 28.91
C GLY C 418 56.78 31.16 28.68
N THR C 419 57.13 30.03 29.28
CA THR C 419 56.34 28.81 29.19
C THR C 419 56.08 28.26 30.58
N CYS C 420 54.95 27.56 30.72
CA CYS C 420 54.56 26.96 31.97
C CYS C 420 54.30 25.47 31.77
N PRO C 421 54.70 24.61 32.72
CA PRO C 421 54.41 23.18 32.55
C PRO C 421 52.93 22.87 32.42
N THR C 422 52.07 23.61 33.11
CA THR C 422 50.64 23.39 33.05
C THR C 422 50.01 24.29 31.98
N LYS C 423 48.76 24.00 31.65
CA LYS C 423 48.02 24.73 30.64
C LYS C 423 47.09 25.75 31.28
N GLU C 424 47.07 26.96 30.73
CA GLU C 424 46.21 28.04 31.19
C GLU C 424 45.26 28.43 30.07
N ASP C 425 43.97 28.52 30.39
CA ASP C 425 42.98 28.85 29.38
C ASP C 425 43.01 30.31 28.98
N LYS C 426 43.59 31.17 29.80
CA LYS C 426 43.65 32.60 29.49
C LYS C 426 44.70 32.93 28.44
N GLU C 427 45.67 32.04 28.21
CA GLU C 427 46.74 32.29 27.24
C GLU C 427 46.27 31.85 25.85
N ALA C 428 45.32 32.60 25.31
CA ALA C 428 44.75 32.35 24.00
C ALA C 428 45.11 33.50 23.07
N PHE C 429 45.60 33.17 21.88
CA PHE C 429 46.02 34.16 20.88
C PHE C 429 45.03 34.15 19.73
N ALA C 430 44.56 35.34 19.34
CA ALA C 430 43.62 35.49 18.24
C ALA C 430 44.38 35.86 16.97
N ILE C 431 43.88 35.37 15.83
CA ILE C 431 44.50 35.58 14.53
C ILE C 431 43.83 36.75 13.84
N VAL C 432 44.62 37.60 13.19
CA VAL C 432 44.13 38.75 12.46
C VAL C 432 44.70 38.72 11.05
N SER C 433 43.84 38.90 10.05
CA SER C 433 44.26 38.86 8.67
C SER C 433 45.07 40.11 8.31
N VAL C 434 45.79 40.02 7.19
CA VAL C 434 46.65 41.11 6.72
C VAL C 434 46.41 41.33 5.23
N PRO C 435 46.21 42.56 4.77
CA PRO C 435 46.04 42.78 3.33
C PRO C 435 47.33 42.57 2.56
N VAL C 436 47.16 42.25 1.27
CA VAL C 436 48.32 42.00 0.41
C VAL C 436 49.18 43.24 0.27
N SER C 437 48.58 44.43 0.41
CA SER C 437 49.34 45.67 0.26
C SER C 437 50.46 45.74 1.30
N GLU C 438 50.17 45.34 2.54
CA GLU C 438 51.20 45.35 3.57
C GLU C 438 52.35 44.42 3.21
N ILE C 439 52.04 43.23 2.69
CA ILE C 439 53.08 42.28 2.32
C ILE C 439 53.94 42.85 1.21
N ARG C 440 53.30 43.43 0.19
CA ARG C 440 54.06 44.02 -0.91
C ARG C 440 54.96 45.14 -0.42
N ASP C 441 54.42 46.02 0.42
CA ASP C 441 55.20 47.13 0.94
C ASP C 441 56.38 46.63 1.76
N LEU C 442 56.15 45.63 2.62
CA LEU C 442 57.24 45.11 3.44
C LEU C 442 58.32 44.46 2.59
N ASP C 443 57.93 43.69 1.57
CA ASP C 443 58.92 43.07 0.70
C ASP C 443 59.73 44.13 -0.04
N PHE C 444 59.07 45.16 -0.58
CA PHE C 444 59.78 46.22 -1.27
C PHE C 444 60.73 46.94 -0.31
N ALA C 445 60.27 47.22 0.90
CA ALA C 445 61.11 47.90 1.88
C ALA C 445 62.34 47.05 2.23
N ASN C 446 62.14 45.75 2.42
CA ASN C 446 63.27 44.88 2.75
C ASN C 446 64.28 44.84 1.62
N ASP C 447 63.80 44.69 0.38
CA ASP C 447 64.72 44.66 -0.76
C ASP C 447 65.49 45.98 -0.86
N ALA C 448 64.78 47.10 -0.74
CA ALA C 448 65.42 48.40 -0.84
C ALA C 448 66.44 48.60 0.27
N SER C 449 66.11 48.16 1.49
CA SER C 449 67.06 48.26 2.59
C SER C 449 68.30 47.42 2.31
N SER C 450 68.12 46.24 1.72
CA SER C 450 69.28 45.42 1.35
C SER C 450 70.18 46.16 0.37
N MET C 451 69.60 46.72 -0.69
CA MET C 451 70.45 47.40 -1.66
C MET C 451 71.08 48.65 -1.08
N LEU C 452 70.37 49.36 -0.20
CA LEU C 452 70.93 50.55 0.42
C LEU C 452 72.08 50.20 1.36
N ALA C 453 71.96 49.08 2.08
CA ALA C 453 73.07 48.62 2.90
C ALA C 453 74.28 48.25 2.03
N SER C 454 74.03 47.60 0.90
CA SER C 454 75.12 47.29 -0.02
C SER C 454 75.78 48.58 -0.52
N ALA C 455 74.97 49.59 -0.84
CA ALA C 455 75.51 50.87 -1.32
C ALA C 455 76.32 51.55 -0.23
N VAL C 456 75.85 51.50 1.02
CA VAL C 456 76.61 52.09 2.12
C VAL C 456 77.94 51.39 2.29
N GLU C 457 77.94 50.05 2.20
CA GLU C 457 79.19 49.31 2.29
C GLU C 457 80.13 49.70 1.17
N LYS C 458 79.61 49.83 -0.05
CA LYS C 458 80.46 50.24 -1.18
C LYS C 458 81.04 51.63 -0.97
N LEU C 459 80.22 52.56 -0.48
CA LEU C 459 80.70 53.92 -0.24
C LEU C 459 81.78 53.93 0.84
N ASN C 460 81.58 53.17 1.91
CA ASN C 460 82.58 53.12 2.97
C ASN C 460 83.89 52.52 2.49
N GLU C 461 83.88 51.74 1.41
CA GLU C 461 85.10 51.15 0.87
C GLU C 461 85.97 52.17 0.14
N GLY C 462 85.46 53.37 -0.13
CA GLY C 462 86.24 54.39 -0.80
C GLY C 462 86.24 54.31 -2.31
N PHE C 463 85.41 53.44 -2.90
CA PHE C 463 85.34 53.32 -4.35
C PHE C 463 84.00 52.75 -4.74
N ILE C 464 83.30 53.43 -5.65
CA ILE C 464 82.02 52.99 -6.16
C ILE C 464 82.04 53.11 -7.68
N SER C 465 81.60 52.06 -8.37
CA SER C 465 81.57 52.06 -9.82
C SER C 465 80.46 52.98 -10.34
N GLN C 466 80.61 53.41 -11.59
CA GLN C 466 79.60 54.27 -12.20
C GLN C 466 78.26 53.56 -12.28
N ASN C 467 78.26 52.28 -12.66
CA ASN C 467 77.01 51.53 -12.72
C ASN C 467 76.40 51.41 -11.33
N ASP C 468 77.22 51.18 -10.30
CA ASP C 468 76.70 51.10 -8.94
C ASP C 468 76.09 52.44 -8.52
N ARG C 469 76.75 53.54 -8.88
CA ARG C 469 76.21 54.86 -8.54
C ARG C 469 74.86 55.08 -9.24
N ARG C 470 74.76 54.68 -10.51
CA ARG C 470 73.50 54.82 -11.22
C ARG C 470 72.41 53.98 -10.58
N PHE C 471 72.74 52.75 -10.16
CA PHE C 471 71.76 51.90 -9.50
C PHE C 471 71.29 52.52 -8.19
N VAL C 472 72.23 53.09 -7.41
CA VAL C 472 71.87 53.73 -6.15
C VAL C 472 70.96 54.92 -6.41
N ILE C 473 71.29 55.72 -7.42
CA ILE C 473 70.46 56.88 -7.74
C ILE C 473 69.06 56.44 -8.16
N GLN C 474 68.97 55.39 -8.97
CA GLN C 474 67.66 54.89 -9.38
C GLN C 474 66.87 54.39 -8.18
N LEU C 475 67.53 53.68 -7.27
CA LEU C 475 66.84 53.20 -6.07
C LEU C 475 66.33 54.35 -5.23
N LEU C 476 67.14 55.39 -5.07
CA LEU C 476 66.68 56.56 -4.33
C LEU C 476 65.50 57.22 -5.04
N GLU C 477 65.52 57.22 -6.37
CA GLU C 477 64.39 57.76 -7.13
C GLU C 477 63.11 56.97 -6.83
N ASP C 478 63.19 55.65 -6.89
CA ASP C 478 62.00 54.84 -6.59
C ASP C 478 61.56 55.03 -5.15
N LEU C 479 62.51 55.18 -4.23
CA LEU C 479 62.15 55.42 -2.84
C LEU C 479 61.42 56.75 -2.68
N VAL C 480 61.90 57.80 -3.36
CA VAL C 480 61.21 59.07 -3.33
C VAL C 480 59.79 58.92 -3.85
N PHE C 481 59.64 58.22 -4.96
CA PHE C 481 58.30 58.03 -5.52
C PHE C 481 57.40 57.27 -4.54
N PHE C 482 57.95 56.24 -3.88
CA PHE C 482 57.17 55.46 -2.94
C PHE C 482 56.73 56.30 -1.75
N VAL C 483 57.64 57.10 -1.19
CA VAL C 483 57.29 57.94 -0.06
C VAL C 483 56.23 58.96 -0.46
N SER C 484 56.44 59.62 -1.59
CA SER C 484 55.48 60.61 -2.07
C SER C 484 54.16 59.99 -2.45
N ASP C 485 54.14 58.71 -2.81
CA ASP C 485 52.91 58.02 -3.21
C ASP C 485 52.28 58.71 -4.42
N VAL C 486 53.11 59.16 -5.34
CA VAL C 486 52.65 59.84 -6.55
C VAL C 486 53.11 59.03 -7.76
N PRO C 487 52.27 58.82 -8.77
CA PRO C 487 52.71 58.07 -9.96
C PRO C 487 53.88 58.76 -10.65
N ASN C 488 54.77 57.95 -11.21
CA ASN C 488 55.95 58.46 -11.93
C ASN C 488 55.50 58.89 -13.32
N ASN C 489 55.39 60.21 -13.52
CA ASN C 489 54.96 60.76 -14.80
C ASN C 489 56.02 61.69 -15.40
N GLY C 490 57.27 61.56 -14.96
CA GLY C 490 58.35 62.38 -15.48
C GLY C 490 58.52 63.71 -14.78
N GLN C 491 57.65 64.06 -13.83
CA GLN C 491 57.80 65.32 -13.12
C GLN C 491 59.09 65.32 -12.30
N ASN C 492 59.69 66.51 -12.18
CA ASN C 492 60.92 66.63 -11.40
C ASN C 492 60.66 66.17 -9.97
N VAL C 493 61.27 65.04 -9.59
CA VAL C 493 61.04 64.50 -8.25
C VAL C 493 61.61 65.42 -7.20
N LEU C 494 62.66 66.17 -7.53
CA LEU C 494 63.24 67.12 -6.59
C LEU C 494 62.19 68.11 -6.10
N ASP C 495 61.19 68.42 -6.92
CA ASP C 495 60.10 69.31 -6.55
C ASP C 495 58.77 68.57 -6.46
N ILE C 496 58.80 67.26 -6.20
CA ILE C 496 57.57 66.49 -6.11
C ILE C 496 56.74 67.01 -4.94
N MET C 497 55.43 66.96 -5.11
CA MET C 497 54.48 67.51 -4.14
C MET C 497 53.46 66.44 -3.81
N VAL C 498 53.31 66.15 -2.51
CA VAL C 498 52.40 65.12 -2.03
C VAL C 498 51.30 65.78 -1.20
N THR C 499 50.05 65.54 -1.59
CA THR C 499 48.94 66.20 -0.91
C THR C 499 48.69 65.63 0.47
N LYS C 500 48.70 64.30 0.61
CA LYS C 500 48.40 63.63 1.88
C LYS C 500 49.48 62.58 2.14
N PRO C 501 50.30 62.73 3.18
CA PRO C 501 51.30 61.70 3.46
C PRO C 501 50.65 60.39 3.87
N ASN C 502 51.33 59.28 3.56
CA ASN C 502 50.88 57.95 3.92
C ASN C 502 51.54 57.56 5.24
N ARG C 503 50.75 57.51 6.31
CA ARG C 503 51.31 57.21 7.63
C ARG C 503 51.90 55.81 7.68
N GLU C 504 51.21 54.84 7.06
CA GLU C 504 51.71 53.47 7.10
C GLU C 504 53.06 53.35 6.42
N ARG C 505 53.23 54.00 5.27
CA ARG C 505 54.51 53.95 4.57
C ARG C 505 55.62 54.57 5.40
N GLN C 506 55.34 55.73 6.02
CA GLN C 506 56.35 56.37 6.85
C GLN C 506 56.74 55.50 8.04
N LYS C 507 55.75 54.87 8.67
CA LYS C 507 56.06 53.97 9.77
C LYS C 507 56.90 52.80 9.29
N LEU C 508 56.59 52.27 8.11
CA LEU C 508 57.38 51.18 7.55
C LEU C 508 58.82 51.62 7.33
N MET C 509 59.03 52.82 6.79
CA MET C 509 60.39 53.31 6.57
C MET C 509 61.12 53.46 7.90
N ARG C 510 60.45 54.01 8.91
CA ARG C 510 61.11 54.23 10.20
C ARG C 510 61.49 52.91 10.85
N GLU C 511 60.57 51.94 10.87
CA GLU C 511 60.81 50.70 11.59
C GLU C 511 61.77 49.78 10.85
N GLN C 512 61.87 49.91 9.53
CA GLN C 512 62.75 49.06 8.73
C GLN C 512 64.16 49.63 8.59
N ASN C 513 64.44 50.75 9.25
CA ASN C 513 65.76 51.37 9.25
C ASN C 513 66.16 51.92 7.89
N ILE C 514 65.19 52.16 7.01
CA ILE C 514 65.51 52.77 5.72
C ILE C 514 66.06 54.18 5.91
N LEU C 515 65.47 54.93 6.85
CA LEU C 515 65.99 56.26 7.14
C LEU C 515 67.41 56.19 7.67
N LYS C 516 67.72 55.17 8.47
CA LYS C 516 69.09 54.98 8.92
C LYS C 516 70.03 54.74 7.75
N GLN C 517 69.57 53.96 6.76
CA GLN C 517 70.38 53.74 5.57
C GLN C 517 70.58 55.03 4.79
N VAL C 518 69.54 55.87 4.72
CA VAL C 518 69.68 57.16 4.04
C VAL C 518 70.71 58.03 4.76
N PHE C 519 70.65 58.06 6.09
CA PHE C 519 71.63 58.83 6.86
C PHE C 519 73.04 58.29 6.63
N GLY C 520 73.20 56.96 6.61
CA GLY C 520 74.50 56.39 6.33
C GLY C 520 75.02 56.75 4.95
N ILE C 521 74.13 56.75 3.95
CA ILE C 521 74.52 57.16 2.61
C ILE C 521 74.97 58.61 2.61
N LEU C 522 74.24 59.47 3.32
CA LEU C 522 74.61 60.88 3.38
C LEU C 522 75.98 61.05 4.04
N LYS C 523 76.24 60.32 5.11
CA LYS C 523 77.45 60.49 5.90
C LYS C 523 78.65 59.73 5.36
N ALA C 524 78.46 58.80 4.42
CA ALA C 524 79.57 57.94 4.03
C ALA C 524 80.56 58.65 3.11
N PRO C 525 80.15 59.27 2.00
CA PRO C 525 81.15 59.88 1.10
C PRO C 525 82.02 60.92 1.79
N PHE C 526 81.46 61.69 2.71
CA PHE C 526 82.24 62.71 3.41
C PHE C 526 83.03 62.09 4.56
N ARG C 527 82.34 61.46 5.50
CA ARG C 527 83.00 60.82 6.64
C ARG C 527 83.87 61.80 7.39
N PRO C 534 88.61 62.14 1.27
CA PRO C 534 87.62 61.06 1.20
C PRO C 534 87.02 60.91 -0.20
N LEU C 535 85.94 60.13 -0.30
CA LEU C 535 85.31 59.93 -1.60
C LEU C 535 84.78 61.25 -2.16
N VAL C 536 84.12 62.05 -1.34
CA VAL C 536 83.58 63.34 -1.76
C VAL C 536 83.75 64.33 -0.61
N ARG C 537 83.85 65.61 -0.98
CA ARG C 537 83.99 66.69 -0.01
C ARG C 537 82.92 67.74 -0.26
N LEU C 538 82.43 68.35 0.83
CA LEU C 538 81.38 69.35 0.71
C LEU C 538 81.84 70.53 -0.13
N GLU C 539 83.07 70.99 0.09
CA GLU C 539 83.57 72.14 -0.67
C GLU C 539 83.74 71.81 -2.14
N GLU C 540 84.01 70.54 -2.47
CA GLU C 540 84.25 70.13 -3.85
C GLU C 540 82.97 69.78 -4.60
N LEU C 541 81.80 69.89 -3.96
CA LEU C 541 80.56 69.56 -4.64
C LEU C 541 80.32 70.48 -5.83
N SER C 542 80.83 71.70 -5.78
CA SER C 542 80.63 72.62 -6.89
C SER C 542 81.27 72.10 -8.17
N ASP C 543 82.33 71.31 -8.05
CA ASP C 543 82.99 70.75 -9.23
C ASP C 543 82.03 69.83 -9.98
N GLN C 544 82.14 69.87 -11.31
CA GLN C 544 81.23 69.07 -12.15
C GLN C 544 81.44 67.58 -11.97
N LYS C 545 82.61 67.16 -11.49
CA LYS C 545 82.87 65.73 -11.32
C LYS C 545 81.85 65.10 -10.38
N ASN C 546 81.66 65.69 -9.21
CA ASN C 546 80.78 65.13 -8.19
C ASN C 546 79.32 65.51 -8.39
N ALA C 547 78.94 65.93 -9.60
CA ALA C 547 77.54 66.30 -9.83
C ALA C 547 76.59 65.13 -9.60
N PRO C 548 76.84 63.93 -10.10
CA PRO C 548 75.95 62.81 -9.76
C PRO C 548 75.87 62.55 -8.27
N TYR C 549 76.99 62.70 -7.54
CA TYR C 549 76.96 62.58 -6.09
C TYR C 549 76.08 63.67 -5.48
N GLN C 550 76.15 64.87 -6.03
CA GLN C 550 75.30 65.96 -5.55
C GLN C 550 73.84 65.61 -5.74
N HIS C 551 73.49 65.05 -6.90
CA HIS C 551 72.11 64.65 -7.15
C HIS C 551 71.69 63.51 -6.22
N MET C 552 72.63 62.63 -5.89
CA MET C 552 72.34 61.55 -4.95
C MET C 552 72.01 62.11 -3.57
N PHE C 553 72.80 63.07 -3.09
CA PHE C 553 72.52 63.71 -1.81
C PHE C 553 71.18 64.44 -1.87
N ARG C 554 70.91 65.08 -3.00
CA ARG C 554 69.62 65.72 -3.24
C ARG C 554 68.47 64.74 -3.07
N LEU C 555 68.56 63.57 -3.70
CA LEU C 555 67.50 62.57 -3.60
C LEU C 555 67.37 62.07 -2.16
N CYS C 556 68.50 61.88 -1.48
CA CYS C 556 68.45 61.43 -0.09
C CYS C 556 67.75 62.44 0.80
N TYR C 557 68.04 63.73 0.61
CA TYR C 557 67.39 64.75 1.43
C TYR C 557 65.90 64.86 1.09
N ARG C 558 65.54 64.66 -0.18
CA ARG C 558 64.14 64.61 -0.53
C ARG C 558 63.44 63.46 0.20
N VAL C 559 64.10 62.29 0.24
CA VAL C 559 63.54 61.15 0.96
C VAL C 559 63.35 61.51 2.43
N LEU C 560 64.36 62.15 3.03
CA LEU C 560 64.28 62.49 4.44
C LEU C 560 63.12 63.45 4.70
N ARG C 561 62.96 64.46 3.84
CA ARG C 561 61.87 65.41 4.01
C ARG C 561 60.50 64.75 3.85
N HIS C 562 60.36 63.83 2.89
CA HIS C 562 59.06 63.25 2.59
C HIS C 562 58.61 62.21 3.59
N SER C 563 59.49 61.76 4.50
CA SER C 563 59.14 60.75 5.48
C SER C 563 58.77 61.34 6.84
N GLN C 564 58.73 62.68 6.97
CA GLN C 564 58.46 63.33 8.24
C GLN C 564 57.39 64.42 8.08
N GLU C 565 56.43 64.20 7.18
CA GLU C 565 55.37 65.17 6.93
C GLU C 565 54.21 64.86 7.88
N ASP C 566 54.05 65.68 8.91
CA ASP C 566 52.98 65.51 9.90
C ASP C 566 53.05 64.13 10.54
N TYR C 567 54.24 63.77 11.04
CA TYR C 567 54.43 62.53 11.77
C TYR C 567 55.50 62.78 12.83
N ARG C 568 55.07 62.82 14.10
CA ARG C 568 55.98 63.23 15.16
C ARG C 568 57.14 62.24 15.33
N LYS C 569 56.85 60.94 15.26
CA LYS C 569 57.90 59.95 15.51
C LYS C 569 59.02 60.06 14.48
N ASN C 570 58.65 60.14 13.20
CA ASN C 570 59.67 60.29 12.16
C ASN C 570 60.40 61.62 12.29
N GLN C 571 59.69 62.68 12.68
CA GLN C 571 60.32 63.97 12.85
C GLN C 571 61.40 63.90 13.93
N GLU C 572 61.10 63.29 15.07
CA GLU C 572 62.09 63.13 16.13
C GLU C 572 63.23 62.23 15.68
N HIS C 573 62.91 61.14 14.97
CA HIS C 573 63.95 60.22 14.52
C HIS C 573 64.95 60.94 13.63
N ILE C 574 64.46 61.77 12.72
CA ILE C 574 65.34 62.51 11.83
C ILE C 574 66.08 63.60 12.61
N ALA C 575 65.39 64.29 13.53
CA ALA C 575 66.01 65.36 14.29
C ALA C 575 67.13 64.86 15.17
N LYS C 576 67.14 63.57 15.53
CA LYS C 576 68.26 63.05 16.29
C LYS C 576 69.59 63.27 15.58
N GLN C 577 69.57 63.38 14.25
CA GLN C 577 70.77 63.64 13.45
C GLN C 577 70.84 65.09 13.03
N PHE C 578 70.40 66.00 13.91
CA PHE C 578 70.39 67.41 13.57
C PHE C 578 71.81 67.94 13.34
N GLY C 579 72.78 67.44 14.12
CA GLY C 579 74.14 67.89 13.93
C GLY C 579 74.68 67.59 12.54
N MET C 580 74.51 66.35 12.10
CA MET C 580 74.99 65.99 10.77
C MET C 580 74.19 66.68 9.68
N MET C 581 72.88 66.90 9.91
CA MET C 581 72.10 67.63 8.93
C MET C 581 72.58 69.07 8.79
N GLN C 582 72.90 69.72 9.91
CA GLN C 582 73.37 71.10 9.86
C GLN C 582 74.79 71.18 9.31
N SER C 583 75.58 70.13 9.48
CA SER C 583 76.94 70.14 8.94
C SER C 583 76.94 70.39 7.44
N GLN C 584 75.86 70.02 6.75
CA GLN C 584 75.73 70.22 5.31
C GLN C 584 75.01 71.51 4.96
N ILE C 585 74.70 72.35 5.95
CA ILE C 585 73.97 73.58 5.68
C ILE C 585 74.78 74.47 4.74
N GLY C 586 74.06 75.25 3.93
CA GLY C 586 74.66 76.21 3.01
C GLY C 586 74.90 75.67 1.61
N TYR C 587 75.42 74.45 1.50
CA TYR C 587 75.71 73.88 0.19
C TYR C 587 74.41 73.54 -0.53
N ASP C 588 74.50 73.49 -1.86
CA ASP C 588 73.32 73.25 -2.71
C ASP C 588 72.93 71.79 -2.61
N ILE C 589 72.34 71.43 -1.48
CA ILE C 589 71.91 70.06 -1.21
C ILE C 589 70.46 70.08 -0.75
N LEU C 590 69.90 71.28 -0.56
CA LEU C 590 68.57 71.46 0.01
C LEU C 590 68.43 70.80 1.37
N ALA C 591 69.48 70.88 2.18
CA ALA C 591 69.30 70.60 3.61
C ALA C 591 68.55 71.75 4.28
N GLU C 592 68.64 72.95 3.71
CA GLU C 592 67.98 74.10 4.29
C GLU C 592 66.47 73.90 4.34
N ASP C 593 65.86 73.52 3.22
CA ASP C 593 64.41 73.39 3.17
C ASP C 593 63.94 72.25 4.08
N THR C 594 64.65 71.13 4.08
CA THR C 594 64.27 70.01 4.94
C THR C 594 64.36 70.41 6.41
N ILE C 595 65.45 71.06 6.80
CA ILE C 595 65.61 71.48 8.18
C ILE C 595 64.50 72.45 8.57
N THR C 596 64.24 73.43 7.71
CA THR C 596 63.24 74.44 8.01
C THR C 596 61.86 73.80 8.18
N ALA C 597 61.48 72.94 7.24
CA ALA C 597 60.17 72.30 7.32
C ALA C 597 60.05 71.44 8.58
N LEU C 598 61.07 70.61 8.84
CA LEU C 598 61.01 69.72 9.99
C LEU C 598 60.90 70.49 11.29
N LEU C 599 61.71 71.54 11.44
CA LEU C 599 61.73 72.27 12.71
C LEU C 599 60.52 73.20 12.85
N HIS C 600 60.00 73.75 11.74
CA HIS C 600 58.83 74.62 11.83
C HIS C 600 57.55 73.83 12.06
N ASN C 601 57.48 72.60 11.56
CA ASN C 601 56.27 71.81 11.77
C ASN C 601 56.03 71.52 13.25
N ASN C 602 57.09 71.44 14.04
CA ASN C 602 57.00 71.12 15.45
C ASN C 602 57.59 72.26 16.27
N ARG C 603 56.82 72.75 17.25
CA ARG C 603 57.29 73.84 18.10
C ARG C 603 58.43 73.38 19.02
N LYS C 604 58.30 72.19 19.60
CA LYS C 604 59.30 71.72 20.55
C LYS C 604 60.67 71.57 19.89
N LEU C 605 60.70 70.99 18.69
CA LEU C 605 61.96 70.82 17.99
C LEU C 605 62.60 72.17 17.67
N LEU C 606 61.79 73.14 17.23
CA LEU C 606 62.33 74.47 16.94
C LEU C 606 62.89 75.11 18.20
N GLU C 607 62.18 74.99 19.32
CA GLU C 607 62.67 75.58 20.57
C GLU C 607 63.96 74.93 21.02
N LYS C 608 64.06 73.60 20.88
CA LYS C 608 65.23 72.89 21.39
C LYS C 608 66.45 73.11 20.48
N HIS C 609 66.25 73.11 19.17
CA HIS C 609 67.37 73.08 18.23
C HIS C 609 67.87 74.46 17.86
N ILE C 610 66.97 75.37 17.45
CA ILE C 610 67.40 76.68 16.99
C ILE C 610 68.07 77.43 18.13
N THR C 611 69.24 78.00 17.84
CA THR C 611 70.00 78.76 18.82
C THR C 611 70.74 79.87 18.06
N LYS C 612 71.54 80.65 18.77
CA LYS C 612 72.27 81.74 18.13
C LYS C 612 73.13 81.25 16.97
N THR C 613 73.69 80.04 17.07
CA THR C 613 74.55 79.53 16.02
C THR C 613 73.78 79.35 14.71
N GLU C 614 72.56 78.79 14.78
CA GLU C 614 71.78 78.58 13.57
C GLU C 614 71.40 79.92 12.93
N VAL C 615 70.99 80.90 13.74
CA VAL C 615 70.65 82.21 13.20
C VAL C 615 71.87 82.85 12.55
N GLU C 616 73.02 82.75 13.20
CA GLU C 616 74.24 83.32 12.64
C GLU C 616 74.59 82.66 11.30
N THR C 617 74.45 81.34 11.23
CA THR C 617 74.74 80.65 9.98
C THR C 617 73.77 81.09 8.88
N PHE C 618 72.48 81.20 9.21
CA PHE C 618 71.51 81.64 8.22
C PHE C 618 71.80 83.06 7.73
N VAL C 619 72.15 83.95 8.66
CA VAL C 619 72.47 85.32 8.26
C VAL C 619 73.71 85.33 7.36
N SER C 620 74.73 84.55 7.73
CA SER C 620 75.94 84.51 6.93
C SER C 620 75.66 84.01 5.52
N LEU C 621 74.86 82.94 5.39
CA LEU C 621 74.62 82.37 4.07
C LEU C 621 73.74 83.30 3.23
N VAL C 622 72.76 83.97 3.85
CA VAL C 622 71.94 84.89 3.08
C VAL C 622 72.77 86.10 2.64
N ARG C 623 73.71 86.54 3.48
CA ARG C 623 74.63 87.60 3.05
C ARG C 623 75.48 87.11 1.87
N LYS C 624 75.98 85.87 1.96
CA LYS C 624 76.82 85.35 0.88
C LYS C 624 76.06 85.27 -0.43
N ASN C 625 74.81 84.80 -0.40
CA ASN C 625 74.01 84.61 -1.60
C ASN C 625 73.08 85.79 -1.89
N ARG C 626 72.51 86.40 -0.85
CA ARG C 626 71.59 87.53 -1.01
C ARG C 626 70.39 87.14 -1.87
N GLU C 627 69.79 85.99 -1.53
CA GLU C 627 68.61 85.50 -2.22
C GLU C 627 67.39 85.56 -1.30
N PRO C 628 66.20 85.83 -1.85
CA PRO C 628 65.01 85.95 -0.99
C PRO C 628 64.65 84.66 -0.26
N ARG C 629 65.08 83.50 -0.76
CA ARG C 629 64.65 82.23 -0.17
C ARG C 629 65.16 82.10 1.26
N PHE C 630 66.36 82.59 1.54
CA PHE C 630 66.89 82.51 2.91
C PHE C 630 66.13 83.42 3.85
N LEU C 631 65.75 84.61 3.39
CA LEU C 631 64.88 85.47 4.19
C LEU C 631 63.54 84.77 4.46
N ASP C 632 63.00 84.10 3.45
CA ASP C 632 61.77 83.35 3.65
C ASP C 632 61.96 82.26 4.71
N TYR C 633 63.08 81.54 4.64
CA TYR C 633 63.35 80.49 5.63
C TYR C 633 63.42 81.06 7.04
N LEU C 634 64.09 82.20 7.20
CA LEU C 634 64.10 82.88 8.49
C LEU C 634 62.68 83.22 8.92
N SER C 635 61.85 83.64 7.97
CA SER C 635 60.46 83.98 8.29
C SER C 635 59.72 82.78 8.85
N ASP C 636 59.86 81.61 8.21
CA ASP C 636 59.21 80.42 8.76
C ASP C 636 59.79 80.08 10.13
N LEU C 637 61.11 80.21 10.30
CA LEU C 637 61.70 79.91 11.59
C LEU C 637 61.16 80.84 12.68
N CYS C 638 60.71 82.04 12.30
CA CYS C 638 60.20 82.98 13.29
C CYS C 638 58.90 82.49 13.92
N VAL C 639 58.09 81.73 13.20
CA VAL C 639 56.76 81.35 13.65
C VAL C 639 56.58 79.85 13.50
N SER C 640 55.62 79.31 14.24
CA SER C 640 55.27 77.90 14.17
C SER C 640 53.76 77.76 14.32
N ASN C 641 53.12 77.14 13.35
CA ASN C 641 51.68 76.90 13.38
C ASN C 641 50.91 78.20 13.57
N HIS C 642 51.35 79.25 12.89
CA HIS C 642 50.73 80.58 12.92
C HIS C 642 50.76 81.22 14.31
N ILE C 643 51.56 80.68 15.23
CA ILE C 643 51.69 81.22 16.57
C ILE C 643 53.16 81.57 16.78
N ALA C 644 53.42 82.83 17.15
CA ALA C 644 54.78 83.27 17.35
C ALA C 644 55.39 82.60 18.58
N ILE C 645 56.65 82.18 18.45
CA ILE C 645 57.40 81.58 19.55
C ILE C 645 58.36 82.64 20.08
N PRO C 646 58.18 83.14 21.31
CA PRO C 646 59.02 84.25 21.77
C PRO C 646 60.51 83.95 21.71
N VAL C 647 60.91 82.70 21.98
CA VAL C 647 62.33 82.39 22.07
C VAL C 647 63.00 82.59 20.72
N THR C 648 62.61 81.80 19.73
CA THR C 648 63.24 81.90 18.41
C THR C 648 63.04 83.28 17.81
N GLN C 649 61.89 83.91 18.07
CA GLN C 649 61.68 85.27 17.59
C GLN C 649 62.74 86.21 18.14
N GLU C 650 63.00 86.13 19.45
CA GLU C 650 64.02 87.00 20.05
C GLU C 650 65.41 86.70 19.51
N LEU C 651 65.74 85.41 19.36
CA LEU C 651 67.06 85.06 18.83
C LEU C 651 67.25 85.60 17.41
N ILE C 652 66.23 85.48 16.56
CA ILE C 652 66.35 85.98 15.20
C ILE C 652 66.39 87.51 15.19
N CYS C 653 65.63 88.15 16.07
CA CYS C 653 65.63 89.60 16.13
C CYS C 653 66.99 90.14 16.57
N LYS C 654 67.63 89.48 17.54
CA LYS C 654 68.91 89.96 18.05
C LYS C 654 69.99 89.96 16.97
N CYS C 655 69.82 89.18 15.91
CA CYS C 655 70.82 89.04 14.85
C CYS C 655 70.46 89.80 13.59
N VAL C 656 69.21 89.68 13.12
CA VAL C 656 68.84 90.32 11.86
C VAL C 656 68.94 91.83 11.98
N LEU C 657 68.49 92.39 13.10
CA LEU C 657 68.48 93.84 13.28
C LEU C 657 69.75 94.37 13.92
N ASP C 658 70.74 93.52 14.18
CA ASP C 658 71.97 93.99 14.77
C ASP C 658 72.71 94.92 13.79
N PRO C 659 73.39 95.96 14.31
CA PRO C 659 74.09 96.87 13.40
C PRO C 659 75.09 96.18 12.50
N LYS C 660 75.76 95.12 12.98
CA LYS C 660 76.74 94.43 12.16
C LYS C 660 76.11 93.84 10.90
N ASN C 661 74.84 93.44 10.98
CA ASN C 661 74.12 92.88 9.85
C ASN C 661 73.20 93.89 9.18
N SER C 662 73.56 95.17 9.23
CA SER C 662 72.74 96.22 8.63
C SER C 662 72.94 96.32 7.12
N ASP C 663 73.89 95.60 6.55
CA ASP C 663 74.16 95.67 5.12
C ASP C 663 73.32 94.68 4.32
N ILE C 664 72.56 93.80 4.97
CA ILE C 664 71.73 92.83 4.27
C ILE C 664 70.27 93.25 4.22
N LEU C 665 69.93 94.43 4.76
CA LEU C 665 68.57 94.93 4.77
C LEU C 665 68.50 96.21 3.95
N ILE C 666 67.50 96.29 3.07
CA ILE C 666 67.32 97.48 2.25
C ILE C 666 66.82 98.63 3.12
N ARG C 667 67.52 99.75 3.08
CA ARG C 667 67.10 100.94 3.79
C ARG C 667 66.03 101.67 2.99
N THR C 668 65.01 102.16 3.69
CA THR C 668 63.92 102.89 3.07
C THR C 668 63.78 104.25 3.74
N GLU C 669 63.54 105.28 2.94
CA GLU C 669 63.43 106.63 3.47
C GLU C 669 62.46 107.42 2.60
N LEU C 670 62.06 108.58 3.11
CA LEU C 670 61.20 109.51 2.39
C LEU C 670 61.91 110.84 2.25
N ARG C 671 61.86 111.41 1.05
CA ARG C 671 62.55 112.66 0.75
C ARG C 671 61.59 113.62 0.05
N PRO C 672 61.84 114.94 0.17
CA PRO C 672 60.91 115.90 -0.45
C PRO C 672 60.92 115.85 -1.97
N VAL C 673 62.11 115.93 -2.57
CA VAL C 673 62.25 115.95 -4.01
C VAL C 673 61.44 117.10 -4.60
N GLU C 689 54.27 115.21 -3.02
CA GLU C 689 54.98 116.05 -2.07
C GLU C 689 56.27 115.39 -1.61
N GLU C 690 56.20 114.09 -1.30
CA GLU C 690 57.34 113.33 -0.85
C GLU C 690 57.40 112.01 -1.61
N GLU C 691 58.61 111.51 -1.81
CA GLU C 691 58.86 110.28 -2.54
C GLU C 691 59.62 109.29 -1.66
N VAL C 692 59.30 108.02 -1.82
CA VAL C 692 59.93 106.94 -1.06
C VAL C 692 61.08 106.39 -1.88
N TRP C 693 62.26 106.32 -1.27
CA TRP C 693 63.48 105.86 -1.92
C TRP C 693 64.10 104.72 -1.14
N LEU C 694 64.58 103.70 -1.86
CA LEU C 694 65.23 102.54 -1.30
C LEU C 694 66.70 102.58 -1.66
N THR C 695 67.56 102.42 -0.65
CA THR C 695 69.00 102.35 -0.82
C THR C 695 69.49 101.01 -0.31
N TRP C 696 70.31 100.33 -1.12
CA TRP C 696 70.79 99.01 -0.77
C TRP C 696 72.24 98.86 -1.21
N THR C 697 72.97 97.96 -0.54
CA THR C 697 74.36 97.69 -0.84
C THR C 697 74.47 96.41 -1.66
N ASP C 698 75.12 96.50 -2.81
CA ASP C 698 75.26 95.35 -3.70
C ASP C 698 76.22 94.33 -3.09
N LYS C 699 76.45 93.24 -3.83
CA LYS C 699 77.37 92.21 -3.35
C LYS C 699 78.78 92.76 -3.20
N ASN C 700 79.21 93.59 -4.15
CA ASN C 700 80.53 94.20 -4.12
C ASN C 700 80.60 95.43 -3.23
N ASN C 701 79.60 95.64 -2.35
CA ASN C 701 79.59 96.77 -1.43
C ASN C 701 79.48 98.10 -2.19
N GLU C 702 78.56 98.14 -3.16
CA GLU C 702 78.29 99.34 -3.94
C GLU C 702 76.90 99.85 -3.59
N HIS C 703 76.82 101.09 -3.14
CA HIS C 703 75.53 101.67 -2.78
C HIS C 703 74.71 101.97 -4.03
N HIS C 704 73.41 101.69 -3.96
CA HIS C 704 72.49 101.97 -5.05
C HIS C 704 71.18 102.46 -4.45
N GLU C 705 70.76 103.66 -4.82
CA GLU C 705 69.54 104.27 -4.33
C GLU C 705 68.61 104.57 -5.49
N LYS C 706 67.34 104.22 -5.34
CA LYS C 706 66.36 104.44 -6.39
C LYS C 706 64.97 104.58 -5.79
N SER C 707 64.10 105.31 -6.49
CA SER C 707 62.73 105.51 -6.02
C SER C 707 61.92 104.23 -6.24
N VAL C 708 60.98 103.97 -5.33
CA VAL C 708 60.14 102.78 -5.43
C VAL C 708 59.34 102.82 -6.73
N ARG C 709 58.85 104.00 -7.11
CA ARG C 709 58.09 104.11 -8.35
C ARG C 709 58.96 103.74 -9.54
N GLN C 710 60.21 104.20 -9.55
CA GLN C 710 61.12 103.83 -10.63
C GLN C 710 61.36 102.32 -10.66
N LEU C 711 61.52 101.71 -9.49
CA LEU C 711 61.69 100.26 -9.43
C LEU C 711 60.49 99.54 -10.03
N ALA C 712 59.28 99.96 -9.65
CA ALA C 712 58.08 99.31 -10.16
C ALA C 712 57.97 99.50 -11.67
N GLN C 713 58.23 100.71 -12.16
CA GLN C 713 58.13 100.97 -13.59
C GLN C 713 59.13 100.12 -14.38
N GLU C 714 60.37 100.04 -13.90
CA GLU C 714 61.38 99.25 -14.60
C GLU C 714 61.03 97.77 -14.55
N ALA C 715 60.53 97.28 -13.42
CA ALA C 715 60.13 95.89 -13.32
C ALA C 715 59.00 95.57 -14.29
N ARG C 716 58.02 96.47 -14.40
CA ARG C 716 56.95 96.27 -15.37
C ARG C 716 57.48 96.33 -16.80
N ALA C 717 58.51 97.15 -17.04
CA ALA C 717 59.08 97.24 -18.39
C ALA C 717 59.67 95.91 -18.83
N GLY C 718 60.36 95.21 -17.93
CA GLY C 718 60.95 93.93 -18.26
C GLY C 718 62.30 93.69 -17.61
N ASN C 719 62.84 94.72 -16.95
CA ASN C 719 64.14 94.59 -16.31
C ASN C 719 64.08 93.51 -15.22
N ALA C 720 65.18 92.75 -15.11
CA ALA C 720 65.26 91.66 -14.16
C ALA C 720 65.89 92.07 -12.83
N HIS C 721 66.88 92.97 -12.86
CA HIS C 721 67.51 93.42 -11.62
C HIS C 721 66.50 94.14 -10.73
N ASP C 722 65.66 94.99 -11.32
CA ASP C 722 64.65 95.70 -10.55
C ASP C 722 63.64 94.72 -9.96
N GLU C 723 63.25 93.70 -10.74
CA GLU C 723 62.35 92.68 -10.21
C GLU C 723 62.98 91.95 -9.04
N ASN C 724 64.27 91.62 -9.16
CA ASN C 724 64.94 90.90 -8.07
C ASN C 724 65.01 91.75 -6.81
N VAL C 725 65.34 93.04 -6.96
CA VAL C 725 65.44 93.89 -5.77
C VAL C 725 64.07 94.11 -5.15
N LEU C 726 63.03 94.23 -5.98
CA LEU C 726 61.67 94.36 -5.43
C LEU C 726 61.26 93.10 -4.67
N SER C 727 61.58 91.92 -5.22
CA SER C 727 61.27 90.69 -4.51
C SER C 727 62.04 90.60 -3.20
N TYR C 728 63.31 91.00 -3.20
CA TYR C 728 64.08 91.01 -1.97
C TYR C 728 63.46 91.94 -0.94
N TYR C 729 63.02 93.12 -1.37
CA TYR C 729 62.37 94.06 -0.46
C TYR C 729 61.08 93.48 0.09
N ARG C 730 60.29 92.82 -0.76
CA ARG C 730 59.05 92.22 -0.29
C ARG C 730 59.31 91.15 0.75
N TYR C 731 60.31 90.29 0.51
CA TYR C 731 60.62 89.25 1.48
C TYR C 731 61.18 89.86 2.77
N GLN C 732 61.94 90.94 2.66
CA GLN C 732 62.42 91.63 3.85
C GLN C 732 61.27 92.19 4.66
N LEU C 733 60.28 92.78 3.99
CA LEU C 733 59.11 93.29 4.70
C LEU C 733 58.33 92.16 5.35
N LYS C 734 58.21 91.03 4.66
CA LYS C 734 57.55 89.87 5.28
C LYS C 734 58.29 89.41 6.52
N LEU C 735 59.62 89.37 6.45
CA LEU C 735 60.41 88.99 7.63
C LEU C 735 60.22 89.98 8.76
N PHE C 736 60.21 91.28 8.44
CA PHE C 736 60.00 92.30 9.47
C PHE C 736 58.64 92.12 10.15
N ALA C 737 57.60 91.89 9.35
CA ALA C 737 56.27 91.68 9.92
C ALA C 737 56.24 90.44 10.78
N ARG C 738 56.88 89.35 10.33
CA ARG C 738 56.88 88.11 11.10
C ARG C 738 57.61 88.27 12.42
N MET C 739 58.74 89.00 12.41
CA MET C 739 59.51 89.20 13.63
C MET C 739 58.75 90.02 14.68
N CYS C 740 57.78 90.81 14.25
CA CYS C 740 56.96 91.62 15.16
C CYS C 740 55.66 90.94 15.54
N LEU C 741 55.44 89.69 15.12
CA LEU C 741 54.18 89.01 15.37
C LEU C 741 53.96 88.84 16.87
N ASP C 742 52.69 88.92 17.28
CA ASP C 742 52.30 88.74 18.67
C ASP C 742 52.99 89.75 19.59
N ARG C 743 53.13 90.98 19.10
CA ARG C 743 53.64 92.09 19.90
C ARG C 743 55.04 91.79 20.46
N GLN C 744 55.98 91.60 19.54
CA GLN C 744 57.39 91.47 19.89
C GLN C 744 57.99 92.87 19.94
N TYR C 745 57.91 93.49 21.12
CA TYR C 745 58.27 94.91 21.22
C TYR C 745 59.74 95.14 20.91
N LEU C 746 60.60 94.13 21.12
CA LEU C 746 62.01 94.31 20.85
C LEU C 746 62.26 94.70 19.40
N ALA C 747 61.57 94.04 18.47
CA ALA C 747 61.69 94.38 17.05
C ALA C 747 60.74 95.48 16.63
N ILE C 748 59.57 95.59 17.29
CA ILE C 748 58.62 96.64 16.93
C ILE C 748 59.23 98.01 17.18
N ASP C 749 59.91 98.19 18.31
CA ASP C 749 60.48 99.49 18.62
C ASP C 749 61.49 99.91 17.55
N GLU C 750 62.33 98.98 17.10
CA GLU C 750 63.32 99.33 16.08
C GLU C 750 62.66 99.56 14.73
N ILE C 751 61.70 98.72 14.33
CA ILE C 751 61.13 98.81 13.00
C ILE C 751 60.26 100.06 12.86
N SER C 752 59.54 100.43 13.92
CA SER C 752 58.62 101.56 13.81
C SER C 752 59.35 102.85 13.46
N GLN C 753 60.53 103.06 14.05
CA GLN C 753 61.28 104.28 13.76
C GLN C 753 61.66 104.36 12.28
N GLN C 754 62.11 103.24 11.71
CA GLN C 754 62.53 103.24 10.31
C GLN C 754 61.33 103.38 9.38
N LEU C 755 60.23 102.68 9.68
CA LEU C 755 59.04 102.67 8.84
C LEU C 755 57.87 103.21 9.67
N GLY C 756 57.55 104.49 9.48
CA GLY C 756 56.47 105.11 10.21
C GLY C 756 55.11 104.79 9.61
N VAL C 757 54.07 105.23 10.32
CA VAL C 757 52.71 104.99 9.85
C VAL C 757 52.47 105.72 8.53
N ASP C 758 52.90 106.97 8.43
CA ASP C 758 52.68 107.75 7.21
C ASP C 758 53.38 107.12 6.02
N LEU C 759 54.62 106.67 6.20
CA LEU C 759 55.36 106.07 5.09
C LEU C 759 54.68 104.79 4.61
N ILE C 760 54.26 103.93 5.54
CA ILE C 760 53.61 102.68 5.15
C ILE C 760 52.28 102.98 4.46
N PHE C 761 51.52 103.95 4.98
CA PHE C 761 50.26 104.31 4.33
C PHE C 761 50.49 104.82 2.92
N LEU C 762 51.50 105.67 2.74
CA LEU C 762 51.80 106.18 1.41
C LEU C 762 52.18 105.05 0.46
N CYS C 763 53.01 104.12 0.93
CA CYS C 763 53.43 103.02 0.08
C CYS C 763 52.27 102.11 -0.30
N MET C 764 51.39 101.80 0.66
CA MET C 764 50.30 100.86 0.40
C MET C 764 49.20 101.50 -0.43
N ALA C 765 48.90 102.78 -0.20
CA ALA C 765 47.80 103.42 -0.91
C ALA C 765 48.15 103.70 -2.37
N ASP C 766 49.43 103.86 -2.68
CA ASP C 766 49.82 104.15 -4.05
C ASP C 766 49.36 103.04 -4.99
N GLU C 767 48.73 103.41 -6.09
CA GLU C 767 48.21 102.46 -7.06
C GLU C 767 49.21 102.13 -8.16
N MET C 768 50.36 102.79 -8.21
CA MET C 768 51.34 102.51 -9.24
C MET C 768 52.24 101.34 -8.88
N LEU C 769 52.33 100.99 -7.60
CA LEU C 769 53.17 99.88 -7.19
C LEU C 769 52.44 98.54 -7.37
N PRO C 770 53.18 97.45 -7.53
CA PRO C 770 52.52 96.15 -7.71
C PRO C 770 51.73 95.74 -6.48
N PHE C 771 50.69 94.93 -6.72
CA PHE C 771 49.80 94.55 -5.63
C PHE C 771 50.54 93.80 -4.53
N ASP C 772 51.58 93.04 -4.88
CA ASP C 772 52.33 92.29 -3.87
C ASP C 772 53.01 93.24 -2.88
N LEU C 773 53.61 94.32 -3.38
CA LEU C 773 54.27 95.27 -2.50
C LEU C 773 53.25 95.94 -1.58
N ARG C 774 52.10 96.32 -2.11
CA ARG C 774 51.06 96.92 -1.27
C ARG C 774 50.56 95.92 -0.22
N ALA C 775 50.44 94.66 -0.59
CA ALA C 775 50.05 93.63 0.38
C ALA C 775 51.08 93.50 1.49
N SER C 776 52.36 93.51 1.13
CA SER C 776 53.41 93.44 2.15
C SER C 776 53.36 94.63 3.08
N PHE C 777 53.15 95.83 2.53
CA PHE C 777 53.07 97.02 3.37
C PHE C 777 51.86 96.97 4.29
N CYS C 778 50.72 96.49 3.78
CA CYS C 778 49.54 96.36 4.61
C CYS C 778 49.78 95.37 5.76
N HIS C 779 50.43 94.24 5.45
CA HIS C 779 50.76 93.28 6.48
C HIS C 779 51.66 93.89 7.55
N LEU C 780 52.66 94.66 7.10
CA LEU C 780 53.56 95.30 8.04
C LEU C 780 52.82 96.29 8.93
N MET C 781 51.93 97.10 8.34
CA MET C 781 51.15 98.03 9.14
C MET C 781 50.30 97.30 10.17
N LEU C 782 49.68 96.18 9.76
CA LEU C 782 48.86 95.42 10.69
C LEU C 782 49.70 94.89 11.85
N HIS C 783 50.87 94.35 11.56
CA HIS C 783 51.64 93.61 12.56
C HIS C 783 52.69 94.46 13.27
N VAL C 784 52.79 95.76 12.97
CA VAL C 784 53.77 96.64 13.58
C VAL C 784 53.10 97.77 14.35
N HIS C 785 52.08 98.39 13.76
CA HIS C 785 51.46 99.58 14.34
C HIS C 785 50.11 99.30 14.98
N VAL C 786 49.21 98.62 14.27
CA VAL C 786 47.86 98.39 14.80
C VAL C 786 47.94 97.54 16.05
N ASP C 787 48.72 96.46 16.01
CA ASP C 787 48.84 95.54 17.14
C ASP C 787 49.97 96.02 18.07
N ARG C 788 49.68 97.10 18.79
CA ARG C 788 50.63 97.74 19.68
C ARG C 788 50.00 97.84 21.07
N ASP C 789 50.76 98.38 22.02
CA ASP C 789 50.30 98.45 23.40
C ASP C 789 48.98 99.19 23.55
N PRO C 790 48.79 100.38 22.98
CA PRO C 790 47.53 101.11 23.22
C PRO C 790 46.29 100.31 22.84
N GLN C 791 46.35 99.55 21.76
CA GLN C 791 45.20 98.77 21.31
C GLN C 791 44.98 97.59 22.24
N GLU C 792 43.71 97.24 22.46
CA GLU C 792 43.35 96.13 23.31
C GLU C 792 42.04 95.53 22.81
N LEU C 793 41.97 94.20 22.83
CA LEU C 793 40.75 93.51 22.41
C LEU C 793 39.57 93.94 23.28
N VAL C 794 38.43 94.18 22.63
CA VAL C 794 37.23 94.67 23.30
C VAL C 794 36.16 93.60 23.22
N THR C 795 35.53 93.29 24.35
CA THR C 795 34.42 92.35 24.37
C THR C 795 33.15 93.05 23.94
N PRO C 796 32.49 92.62 22.86
CA PRO C 796 31.30 93.35 22.40
C PRO C 796 30.16 93.38 23.41
N VAL C 797 30.02 92.36 24.25
CA VAL C 797 28.92 92.24 25.19
C VAL C 797 29.46 92.39 26.60
N LYS C 798 28.85 93.28 27.37
CA LYS C 798 29.23 93.55 28.75
C LYS C 798 28.12 93.06 29.68
N PHE C 799 28.49 92.24 30.67
CA PHE C 799 27.52 91.68 31.58
C PHE C 799 27.35 92.50 32.85
N ALA C 800 28.39 93.19 33.30
CA ALA C 800 28.32 94.04 34.48
C ALA C 800 28.13 95.48 34.03
N ARG C 801 27.02 96.08 34.42
CA ARG C 801 26.66 97.44 34.03
C ARG C 801 26.25 98.25 35.25
N LEU C 802 26.67 99.51 35.28
CA LEU C 802 26.34 100.40 36.38
C LEU C 802 24.92 100.92 36.23
N TRP C 803 24.21 101.01 37.36
CA TRP C 803 22.84 101.51 37.34
C TRP C 803 22.79 102.97 36.92
N THR C 804 23.80 103.76 37.28
CA THR C 804 23.82 105.18 36.98
C THR C 804 24.25 105.47 35.55
N GLU C 805 24.72 104.47 34.80
CA GLU C 805 25.18 104.66 33.43
C GLU C 805 24.19 104.12 32.41
N ILE C 806 22.92 103.97 32.78
CA ILE C 806 21.90 103.47 31.86
C ILE C 806 21.00 104.63 31.46
N PRO C 807 21.12 105.16 30.25
CA PRO C 807 20.25 106.28 29.85
C PRO C 807 18.79 105.85 29.78
N THR C 808 17.89 106.81 30.04
CA THR C 808 16.47 106.52 29.96
C THR C 808 16.07 106.13 28.55
N ALA C 809 16.57 106.84 27.54
CA ALA C 809 16.32 106.53 26.14
C ALA C 809 17.65 106.36 25.43
N ILE C 810 17.76 105.29 24.65
CA ILE C 810 19.01 104.95 23.96
C ILE C 810 18.71 104.78 22.47
N THR C 811 19.58 105.36 21.65
CA THR C 811 19.55 105.17 20.21
C THR C 811 20.92 104.71 19.75
N ILE C 812 21.02 104.37 18.46
CA ILE C 812 22.30 103.90 17.92
C ILE C 812 23.36 104.97 18.08
N LYS C 813 23.03 106.20 17.70
CA LYS C 813 23.98 107.30 17.83
C LYS C 813 24.37 107.51 19.28
N ASP C 814 23.38 107.57 20.18
CA ASP C 814 23.68 107.72 21.59
C ASP C 814 24.39 106.50 22.14
N TYR C 815 24.02 105.31 21.67
CA TYR C 815 24.67 104.09 22.14
C TYR C 815 26.16 104.09 21.84
N ASP C 816 26.54 104.52 20.62
CA ASP C 816 27.93 104.52 20.23
C ASP C 816 28.68 105.78 20.67
N SER C 817 27.99 106.76 21.26
CA SER C 817 28.64 107.98 21.72
C SER C 817 29.19 107.86 23.14
N ASN C 818 29.04 106.71 23.79
CA ASN C 818 29.51 106.57 25.17
C ASN C 818 31.02 106.73 25.24
N LEU C 819 31.75 106.13 24.30
CA LEU C 819 33.20 106.12 24.31
C LEU C 819 33.76 106.74 23.02
N ASN C 820 33.06 107.76 22.50
CA ASN C 820 33.52 108.41 21.28
C ASN C 820 34.86 109.11 21.45
N ALA C 821 35.23 109.46 22.69
CA ALA C 821 36.49 110.17 22.90
C ALA C 821 37.68 109.31 22.49
N SER C 822 37.73 108.07 22.97
CA SER C 822 38.84 107.19 22.62
C SER C 822 38.83 106.86 21.14
N ARG C 823 37.64 106.67 20.56
CA ARG C 823 37.55 106.39 19.13
C ARG C 823 38.12 107.55 18.32
N ASP C 824 37.78 108.78 18.70
CA ASP C 824 38.32 109.94 18.00
C ASP C 824 39.83 110.06 18.22
N ASP C 825 40.30 109.74 19.42
CA ASP C 825 41.73 109.81 19.70
C ASP C 825 42.51 108.86 18.80
N LYS C 826 42.01 107.62 18.65
CA LYS C 826 42.70 106.68 17.77
C LYS C 826 42.47 107.01 16.30
N LYS C 827 41.34 107.64 15.97
CA LYS C 827 41.13 108.10 14.61
C LYS C 827 42.15 109.15 14.23
N ASN C 828 42.48 110.06 15.15
CA ASN C 828 43.49 111.08 14.87
C ASN C 828 44.74 110.47 14.26
N LYS C 829 45.01 109.19 14.52
CA LYS C 829 46.17 108.49 13.98
C LYS C 829 45.83 107.60 12.80
N PHE C 830 44.71 106.87 12.86
CA PHE C 830 44.42 105.85 11.86
C PHE C 830 43.30 106.25 10.90
N ALA C 831 43.02 107.55 10.77
CA ALA C 831 41.93 107.99 9.89
C ALA C 831 42.26 107.69 8.44
N ASN C 832 43.50 107.96 8.02
CA ASN C 832 43.88 107.67 6.64
C ASN C 832 43.77 106.19 6.34
N THR C 833 44.22 105.34 7.27
CA THR C 833 44.14 103.90 7.06
C THR C 833 42.69 103.45 6.97
N MET C 834 41.82 103.96 7.85
CA MET C 834 40.42 103.56 7.82
C MET C 834 39.75 104.01 6.52
N GLU C 835 40.04 105.24 6.08
CA GLU C 835 39.46 105.73 4.82
C GLU C 835 39.94 104.89 3.66
N PHE C 836 41.23 104.54 3.62
CA PHE C 836 41.75 103.70 2.55
C PHE C 836 41.07 102.33 2.56
N VAL C 837 40.87 101.76 3.75
CA VAL C 837 40.24 100.45 3.84
C VAL C 837 38.81 100.53 3.30
N GLU C 838 38.07 101.57 3.71
CA GLU C 838 36.69 101.71 3.24
C GLU C 838 36.64 101.88 1.73
N ASP C 839 37.51 102.73 1.18
CA ASP C 839 37.52 102.95 -0.26
C ASP C 839 37.88 101.68 -1.01
N TYR C 840 38.86 100.93 -0.52
CA TYR C 840 39.25 99.69 -1.17
C TYR C 840 38.11 98.69 -1.16
N LEU C 841 37.42 98.55 -0.03
CA LEU C 841 36.30 97.62 0.04
C LEU C 841 35.18 98.04 -0.89
N ASN C 842 34.91 99.34 -0.96
CA ASN C 842 33.87 99.83 -1.88
C ASN C 842 34.24 99.53 -3.32
N ASN C 843 35.51 99.76 -3.69
CA ASN C 843 35.94 99.45 -5.05
C ASN C 843 35.83 97.96 -5.34
N VAL C 844 36.20 97.12 -4.37
CA VAL C 844 36.15 95.67 -4.59
C VAL C 844 34.71 95.22 -4.79
N VAL C 845 33.79 95.71 -3.96
CA VAL C 845 32.39 95.31 -4.11
C VAL C 845 31.82 95.84 -5.40
N SER C 846 32.24 97.04 -5.83
CA SER C 846 31.72 97.60 -7.08
C SER C 846 32.07 96.73 -8.28
N GLU C 847 33.22 96.05 -8.24
CA GLU C 847 33.63 95.21 -9.36
C GLU C 847 32.69 94.04 -9.53
N ALA C 848 32.46 93.65 -10.79
CA ALA C 848 31.58 92.52 -11.07
C ALA C 848 32.12 91.22 -10.48
N VAL C 849 33.43 91.00 -10.61
CA VAL C 849 34.07 89.79 -10.10
C VAL C 849 35.15 90.21 -9.11
N PRO C 850 34.85 90.34 -7.82
CA PRO C 850 35.87 90.85 -6.88
C PRO C 850 37.12 89.99 -6.80
N PHE C 851 37.00 88.68 -6.99
CA PHE C 851 38.12 87.75 -6.84
C PHE C 851 38.59 87.22 -8.18
N ALA C 852 38.60 88.07 -9.21
CA ALA C 852 39.07 87.67 -10.53
C ALA C 852 40.60 87.67 -10.59
N ASN C 853 41.20 88.83 -10.34
CA ASN C 853 42.66 88.94 -10.41
C ASN C 853 43.29 88.23 -9.22
N GLU C 854 44.29 87.38 -9.50
CA GLU C 854 44.97 86.69 -8.42
C GLU C 854 45.90 87.62 -7.66
N GLU C 855 46.56 88.55 -8.36
CA GLU C 855 47.45 89.48 -7.69
C GLU C 855 46.67 90.38 -6.73
N LYS C 856 45.51 90.87 -7.14
CA LYS C 856 44.70 91.72 -6.27
C LYS C 856 44.12 90.95 -5.10
N ASN C 857 44.05 89.62 -5.18
CA ASN C 857 43.49 88.84 -4.09
C ASN C 857 44.34 88.97 -2.82
N LYS C 858 45.66 89.03 -2.98
CA LYS C 858 46.53 89.18 -1.82
C LYS C 858 46.27 90.51 -1.12
N LEU C 859 46.20 91.60 -1.89
CA LEU C 859 45.93 92.90 -1.30
C LEU C 859 44.56 92.93 -0.64
N THR C 860 43.57 92.30 -1.28
CA THR C 860 42.24 92.23 -0.69
C THR C 860 42.26 91.49 0.64
N PHE C 861 43.01 90.38 0.71
CA PHE C 861 43.08 89.62 1.95
C PHE C 861 43.75 90.44 3.05
N GLU C 862 44.84 91.14 2.73
CA GLU C 862 45.49 91.95 3.74
C GLU C 862 44.59 93.09 4.21
N VAL C 863 43.87 93.73 3.28
CA VAL C 863 42.97 94.81 3.68
C VAL C 863 41.86 94.28 4.58
N VAL C 864 41.33 93.10 4.24
CA VAL C 864 40.26 92.53 5.05
C VAL C 864 40.78 92.16 6.43
N SER C 865 41.99 91.61 6.52
CA SER C 865 42.55 91.29 7.83
C SER C 865 42.80 92.54 8.66
N LEU C 866 43.29 93.60 8.01
CA LEU C 866 43.48 94.87 8.71
C LEU C 866 42.15 95.41 9.24
N ALA C 867 41.10 95.33 8.41
CA ALA C 867 39.78 95.77 8.85
C ALA C 867 39.28 94.93 10.01
N HIS C 868 39.50 93.62 9.96
CA HIS C 868 39.09 92.74 11.05
C HIS C 868 39.78 93.13 12.35
N ASN C 869 41.10 93.35 12.29
CA ASN C 869 41.83 93.73 13.49
C ASN C 869 41.38 95.08 14.01
N LEU C 870 41.15 96.05 13.12
CA LEU C 870 40.67 97.35 13.57
C LEU C 870 39.31 97.24 14.23
N ILE C 871 38.41 96.44 13.66
CA ILE C 871 37.08 96.27 14.22
C ILE C 871 37.16 95.64 15.60
N TYR C 872 37.97 94.59 15.72
CA TYR C 872 38.08 93.90 17.01
C TYR C 872 38.75 94.74 18.08
N PHE C 873 39.40 95.85 17.71
CA PHE C 873 39.99 96.76 18.67
C PHE C 873 39.09 97.95 18.98
N GLY C 874 37.83 97.91 18.53
CA GLY C 874 36.90 99.00 18.80
C GLY C 874 37.24 100.30 18.12
N PHE C 875 37.67 100.25 16.85
CA PHE C 875 37.95 101.45 16.09
C PHE C 875 36.73 102.00 15.37
N TYR C 876 35.63 101.27 15.34
CA TYR C 876 34.42 101.67 14.64
C TYR C 876 33.24 101.67 15.61
N SER C 877 32.28 102.55 15.36
CA SER C 877 31.05 102.58 16.13
C SER C 877 30.02 101.65 15.50
N PHE C 878 28.88 101.51 16.18
CA PHE C 878 27.85 100.57 15.72
C PHE C 878 27.32 100.98 14.35
N SER C 879 27.12 102.28 14.13
CA SER C 879 26.59 102.74 12.85
C SER C 879 27.56 102.43 11.72
N GLU C 880 28.86 102.68 11.93
CA GLU C 880 29.83 102.38 10.89
C GLU C 880 29.93 100.89 10.64
N LEU C 881 29.83 100.07 11.69
CA LEU C 881 29.83 98.63 11.50
C LEU C 881 28.63 98.18 10.69
N LEU C 882 27.46 98.75 10.97
CA LEU C 882 26.27 98.43 10.20
C LEU C 882 26.43 98.82 8.74
N ARG C 883 27.01 99.99 8.49
CA ARG C 883 27.26 100.41 7.12
C ARG C 883 28.22 99.46 6.41
N LEU C 884 29.28 99.03 7.12
CA LEU C 884 30.29 98.17 6.53
C LEU C 884 29.78 96.76 6.31
N THR C 885 28.77 96.32 7.07
CA THR C 885 28.22 94.98 6.85
C THR C 885 27.67 94.83 5.45
N ARG C 886 27.02 95.87 4.93
CA ARG C 886 26.48 95.79 3.57
C ARG C 886 27.59 95.55 2.55
N THR C 887 28.68 96.32 2.66
CA THR C 887 29.79 96.14 1.73
C THR C 887 30.42 94.76 1.88
N LEU C 888 30.62 94.32 3.12
CA LEU C 888 31.24 93.01 3.34
C LEU C 888 30.40 91.89 2.76
N LEU C 889 29.08 91.96 2.95
CA LEU C 889 28.20 90.94 2.38
C LEU C 889 28.18 91.02 0.86
N GLY C 890 28.19 92.24 0.31
CA GLY C 890 28.22 92.37 -1.14
C GLY C 890 29.48 91.80 -1.76
N ILE C 891 30.61 91.91 -1.07
CA ILE C 891 31.85 91.38 -1.60
C ILE C 891 31.75 89.87 -1.82
N ILE C 892 31.17 89.17 -0.85
CA ILE C 892 31.08 87.71 -0.89
C ILE C 892 29.70 87.24 -1.37
N ASP C 893 28.95 88.11 -2.04
CA ASP C 893 27.64 87.75 -2.54
C ASP C 893 27.75 87.10 -3.92
N CYS C 894 26.67 86.44 -4.33
CA CYS C 894 26.62 85.79 -5.63
C CYS C 894 26.57 86.83 -6.75
N ASP C 961 40.62 79.15 -4.53
CA ASP C 961 41.92 79.54 -4.00
C ASP C 961 41.86 79.70 -2.49
N ILE C 962 42.98 79.38 -1.83
CA ILE C 962 43.02 79.47 -0.37
C ILE C 962 42.87 80.91 0.09
N VAL C 963 43.41 81.87 -0.67
CA VAL C 963 43.33 83.27 -0.27
C VAL C 963 41.87 83.72 -0.19
N VAL C 964 41.06 83.32 -1.17
CA VAL C 964 39.65 83.70 -1.16
C VAL C 964 38.95 83.10 0.05
N MET C 965 39.24 81.84 0.37
CA MET C 965 38.61 81.20 1.52
C MET C 965 39.00 81.90 2.81
N GLU C 966 40.27 82.28 2.94
CA GLU C 966 40.70 82.99 4.15
C GLU C 966 40.02 84.35 4.24
N THR C 967 39.89 85.06 3.12
CA THR C 967 39.20 86.35 3.13
C THR C 967 37.75 86.17 3.57
N LYS C 968 37.08 85.14 3.05
CA LYS C 968 35.70 84.89 3.44
C LYS C 968 35.58 84.53 4.91
N LEU C 969 36.56 83.77 5.43
CA LEU C 969 36.56 83.45 6.86
C LEU C 969 36.70 84.72 7.70
N LYS C 970 37.60 85.62 7.29
CA LYS C 970 37.75 86.87 8.03
C LYS C 970 36.48 87.70 7.98
N ILE C 971 35.82 87.74 6.82
CA ILE C 971 34.56 88.46 6.71
C ILE C 971 33.52 87.85 7.64
N LEU C 972 33.48 86.52 7.71
CA LEU C 972 32.53 85.86 8.62
C LEU C 972 32.82 86.21 10.06
N GLU C 973 34.10 86.26 10.45
CA GLU C 973 34.45 86.63 11.82
C GLU C 973 34.02 88.06 12.12
N ILE C 974 34.22 88.97 11.17
CA ILE C 974 33.75 90.35 11.34
C ILE C 974 32.24 90.35 11.55
N LEU C 975 31.52 89.52 10.77
CA LEU C 975 30.08 89.45 10.92
C LEU C 975 29.68 88.97 12.30
N GLN C 976 30.39 87.96 12.83
CA GLN C 976 30.11 87.48 14.18
C GLN C 976 30.31 88.60 15.20
N PHE C 977 31.40 89.36 15.07
CA PHE C 977 31.65 90.45 16.00
C PHE C 977 30.53 91.48 15.93
N ILE C 978 30.10 91.84 14.73
CA ILE C 978 29.06 92.85 14.58
C ILE C 978 27.74 92.34 15.13
N LEU C 979 27.46 91.05 14.96
CA LEU C 979 26.24 90.49 15.53
C LEU C 979 26.29 90.53 17.06
N ASN C 980 27.46 90.27 17.65
CA ASN C 980 27.58 90.39 19.09
C ASN C 980 27.37 91.84 19.54
N VAL C 981 27.86 92.80 18.76
CA VAL C 981 27.63 94.21 19.09
C VAL C 981 26.14 94.52 19.04
N ARG C 982 25.44 93.98 18.04
CA ARG C 982 23.99 94.17 17.96
C ARG C 982 23.28 93.57 19.16
N LEU C 983 23.72 92.40 19.61
CA LEU C 983 23.15 91.79 20.81
C LEU C 983 23.37 92.69 22.02
N ASP C 984 24.56 93.25 22.16
CA ASP C 984 24.83 94.17 23.26
C ASP C 984 23.92 95.39 23.18
N TYR C 985 23.70 95.91 21.97
CA TYR C 985 22.80 97.06 21.82
C TYR C 985 21.38 96.70 22.23
N ARG C 986 20.92 95.50 21.86
CA ARG C 986 19.58 95.08 22.25
C ARG C 986 19.46 94.97 23.77
N ILE C 987 20.47 94.42 24.42
CA ILE C 987 20.45 94.31 25.88
C ILE C 987 20.42 95.70 26.49
N SER C 988 21.20 96.63 25.96
CA SER C 988 21.21 98.00 26.48
C SER C 988 19.84 98.65 26.29
N TYR C 989 19.20 98.43 25.15
CA TYR C 989 17.87 98.99 24.92
C TYR C 989 16.86 98.44 25.91
N LEU C 990 16.90 97.14 26.16
CA LEU C 990 15.99 96.54 27.13
C LEU C 990 16.23 97.12 28.53
N LEU C 991 17.50 97.26 28.91
CA LEU C 991 17.81 97.83 30.22
C LEU C 991 17.33 99.27 30.32
N SER C 992 17.50 100.05 29.25
CA SER C 992 17.03 101.43 29.28
C SER C 992 15.51 101.50 29.42
N VAL C 993 14.79 100.64 28.70
CA VAL C 993 13.34 100.62 28.83
C VAL C 993 12.93 100.27 30.26
N PHE C 994 13.57 99.26 30.83
CA PHE C 994 13.25 98.85 32.19
C PHE C 994 13.53 99.98 33.18
N LYS C 995 14.67 100.65 33.02
CA LYS C 995 15.01 101.74 33.93
C LYS C 995 14.02 102.89 33.81
N LYS C 996 13.63 103.22 32.58
CA LYS C 996 12.65 104.29 32.39
C LYS C 996 11.34 103.96 33.08
N GLU C 997 10.86 102.73 32.90
CA GLU C 997 9.60 102.34 33.52
C GLU C 997 9.72 102.34 35.04
N PHE C 998 10.84 101.85 35.56
CA PHE C 998 11.05 101.85 37.02
C PHE C 998 11.06 103.26 37.57
N VAL C 999 11.76 104.18 36.90
CA VAL C 999 11.80 105.56 37.37
C VAL C 999 10.40 106.17 37.33
N GLU C 1000 9.64 105.90 36.26
CA GLU C 1000 8.29 106.44 36.17
C GLU C 1000 7.41 105.92 37.30
N VAL C 1001 7.49 104.61 37.58
CA VAL C 1001 6.64 104.03 38.62
C VAL C 1001 7.06 104.49 40.00
N PHE C 1002 8.37 104.54 40.26
CA PHE C 1002 8.92 104.88 41.57
C PHE C 1002 9.80 106.12 41.43
N PRO C 1003 9.23 107.32 41.53
CA PRO C 1003 10.08 108.52 41.46
C PRO C 1003 11.16 108.57 42.51
N MET C 1004 10.88 108.07 43.71
CA MET C 1004 11.87 108.07 44.79
C MET C 1004 13.08 107.23 44.42
N ASN C 1022 2.31 100.31 40.26
CA ASN C 1022 2.56 99.02 39.63
C ASN C 1022 3.38 99.19 38.35
N MET C 1023 3.84 98.08 37.78
CA MET C 1023 4.63 98.08 36.57
C MET C 1023 3.77 97.65 35.39
N ASN C 1024 3.88 98.40 34.29
CA ASN C 1024 3.14 98.09 33.06
C ASN C 1024 4.00 97.15 32.21
N LEU C 1025 3.97 95.87 32.58
CA LEU C 1025 4.77 94.86 31.89
C LEU C 1025 4.32 94.67 30.44
N ASP C 1026 3.06 94.99 30.13
CA ASP C 1026 2.60 94.84 28.75
C ASP C 1026 3.37 95.76 27.81
N ARG C 1027 3.59 97.02 28.22
CA ARG C 1027 4.34 97.94 27.38
C ARG C 1027 5.78 97.47 27.16
N ILE C 1028 6.43 96.98 28.23
CA ILE C 1028 7.79 96.51 28.09
C ILE C 1028 7.86 95.29 27.18
N GLY C 1029 6.90 94.37 27.31
CA GLY C 1029 6.84 93.24 26.40
C GLY C 1029 6.65 93.66 24.97
N GLU C 1030 5.78 94.64 24.73
CA GLU C 1030 5.56 95.14 23.38
C GLU C 1030 6.83 95.75 22.81
N GLN C 1031 7.55 96.54 23.62
CA GLN C 1031 8.79 97.14 23.15
C GLN C 1031 9.84 96.06 22.84
N ALA C 1032 9.94 95.05 23.70
CA ALA C 1032 10.88 93.97 23.45
C ALA C 1032 10.54 93.24 22.15
N GLU C 1033 9.26 92.96 21.92
CA GLU C 1033 8.85 92.32 20.68
C GLU C 1033 9.18 93.20 19.48
N ALA C 1034 8.94 94.50 19.59
CA ALA C 1034 9.19 95.41 18.47
C ALA C 1034 10.68 95.48 18.14
N MET C 1035 11.53 95.47 19.16
CA MET C 1035 12.97 95.63 18.92
C MET C 1035 13.56 94.49 18.11
N PHE C 1036 12.86 93.37 17.99
CA PHE C 1036 13.34 92.22 17.22
C PHE C 1036 12.84 92.24 15.78
N GLY C 1037 12.06 93.24 15.40
CA GLY C 1037 11.51 93.30 14.05
C GLY C 1037 12.57 93.21 12.96
N SER C 1043 14.14 97.05 10.31
CA SER C 1043 14.72 97.91 11.34
C SER C 1043 16.16 98.28 10.98
N MET C 1044 16.68 99.30 11.65
CA MET C 1044 18.05 99.76 11.39
C MET C 1044 19.10 98.75 11.83
N LEU C 1045 18.74 97.76 12.65
CA LEU C 1045 19.70 96.78 13.12
C LEU C 1045 19.97 95.66 12.12
N GLU C 1046 19.25 95.63 11.00
CA GLU C 1046 19.47 94.61 10.00
C GLU C 1046 20.85 94.78 9.35
N VAL C 1047 21.44 93.65 8.97
CA VAL C 1047 22.77 93.66 8.39
C VAL C 1047 22.76 93.83 6.88
N ASP C 1048 21.59 94.05 6.27
CA ASP C 1048 21.51 94.27 4.83
C ASP C 1048 20.22 95.02 4.54
N ASP C 1049 20.14 95.56 3.32
CA ASP C 1049 18.98 96.31 2.88
C ASP C 1049 17.85 95.43 2.37
N GLU C 1050 18.05 94.11 2.32
CA GLU C 1050 17.05 93.17 1.84
C GLU C 1050 16.32 92.47 2.98
N GLY C 1051 16.38 93.02 4.19
CA GLY C 1051 15.70 92.40 5.32
C GLY C 1051 16.24 91.03 5.67
N GLY C 1052 17.56 90.85 5.55
CA GLY C 1052 18.18 89.58 5.88
C GLY C 1052 18.23 88.58 4.75
N ARG C 1053 17.61 88.88 3.61
CA ARG C 1053 17.65 87.94 2.50
C ARG C 1053 19.06 87.75 1.97
N MET C 1054 19.82 88.85 1.82
CA MET C 1054 21.18 88.74 1.33
C MET C 1054 22.06 87.97 2.31
N PHE C 1055 21.87 88.19 3.61
CA PHE C 1055 22.64 87.47 4.61
C PHE C 1055 22.39 85.97 4.51
N LEU C 1056 21.12 85.58 4.41
CA LEU C 1056 20.79 84.16 4.28
C LEU C 1056 21.35 83.57 3.00
N ARG C 1057 21.25 84.31 1.90
CA ARG C 1057 21.78 83.83 0.63
C ARG C 1057 23.29 83.62 0.71
N VAL C 1058 24.01 84.57 1.31
CA VAL C 1058 25.45 84.44 1.46
C VAL C 1058 25.79 83.26 2.33
N LEU C 1059 25.04 83.06 3.42
CA LEU C 1059 25.32 81.94 4.31
C LEU C 1059 25.13 80.61 3.59
N ILE C 1060 24.04 80.49 2.82
CA ILE C 1060 23.81 79.25 2.08
C ILE C 1060 24.92 79.02 1.06
N HIS C 1061 25.28 80.06 0.32
CA HIS C 1061 26.33 79.92 -0.69
C HIS C 1061 27.64 79.49 -0.06
N LEU C 1062 28.00 80.09 1.09
CA LEU C 1062 29.23 79.68 1.77
C LEU C 1062 29.14 78.25 2.28
N THR C 1063 27.97 77.85 2.78
CA THR C 1063 27.77 76.47 3.20
C THR C 1063 27.97 75.51 2.04
N MET C 1064 27.68 75.94 0.81
CA MET C 1064 27.90 75.10 -0.36
C MET C 1064 29.38 74.92 -0.69
N HIS C 1065 30.27 75.69 -0.07
CA HIS C 1065 31.70 75.60 -0.38
C HIS C 1065 32.31 74.37 0.27
N ASP C 1066 33.55 74.07 -0.13
CA ASP C 1066 34.24 72.87 0.33
C ASP C 1066 35.10 73.12 1.56
N TYR C 1067 35.69 74.30 1.70
CA TYR C 1067 36.55 74.59 2.84
C TYR C 1067 35.81 74.35 4.14
N ALA C 1068 36.27 73.38 4.93
CA ALA C 1068 35.53 72.98 6.12
C ALA C 1068 35.35 74.11 7.12
N PRO C 1069 36.36 74.89 7.47
CA PRO C 1069 36.14 76.00 8.43
C PRO C 1069 35.10 76.99 7.94
N LEU C 1070 35.11 77.30 6.63
CA LEU C 1070 34.13 78.23 6.09
C LEU C 1070 32.71 77.68 6.22
N VAL C 1071 32.53 76.39 5.91
CA VAL C 1071 31.21 75.79 6.01
C VAL C 1071 30.76 75.77 7.48
N SER C 1072 31.68 75.45 8.39
CA SER C 1072 31.32 75.43 9.80
C SER C 1072 30.89 76.80 10.29
N GLY C 1073 31.64 77.84 9.92
CA GLY C 1073 31.27 79.19 10.31
C GLY C 1073 29.94 79.61 9.72
N ALA C 1074 29.71 79.29 8.44
CA ALA C 1074 28.44 79.63 7.81
C ALA C 1074 27.29 78.93 8.51
N LEU C 1075 27.46 77.64 8.86
CA LEU C 1075 26.40 76.92 9.55
C LEU C 1075 26.13 77.51 10.93
N GLN C 1076 27.19 77.87 11.66
CA GLN C 1076 27.00 78.48 12.97
C GLN C 1076 26.23 79.79 12.85
N LEU C 1077 26.59 80.63 11.89
CA LEU C 1077 25.87 81.89 11.70
C LEU C 1077 24.43 81.65 11.29
N LEU C 1078 24.20 80.66 10.42
CA LEU C 1078 22.84 80.34 10.01
C LEU C 1078 21.98 79.90 11.20
N PHE C 1079 22.54 79.04 12.05
CA PHE C 1079 21.79 78.59 13.22
C PHE C 1079 21.53 79.75 14.19
N LYS C 1080 22.51 80.62 14.38
CA LYS C 1080 22.32 81.77 15.25
C LYS C 1080 21.32 82.77 14.69
N HIS C 1081 21.14 82.81 13.37
CA HIS C 1081 20.24 83.79 12.78
C HIS C 1081 18.82 83.60 13.26
N PHE C 1082 18.36 82.35 13.35
CA PHE C 1082 16.98 82.04 13.72
C PHE C 1082 16.83 81.78 15.22
N SER C 1083 17.69 82.36 16.05
CA SER C 1083 17.60 82.20 17.50
C SER C 1083 17.86 83.53 18.21
N GLN C 1084 17.54 84.64 17.54
CA GLN C 1084 17.88 85.96 18.10
C GLN C 1084 17.14 86.23 19.40
N ARG C 1085 15.84 85.92 19.46
CA ARG C 1085 15.07 86.16 20.67
C ARG C 1085 15.58 85.31 21.82
N GLN C 1086 15.86 84.03 21.57
CA GLN C 1086 16.38 83.16 22.61
C GLN C 1086 17.74 83.65 23.10
N GLU C 1087 18.62 84.05 22.19
CA GLU C 1087 19.93 84.55 22.59
C GLU C 1087 19.79 85.83 23.41
N ALA C 1088 18.89 86.72 22.99
CA ALA C 1088 18.71 87.97 23.73
C ALA C 1088 18.20 87.71 25.14
N MET C 1089 17.24 86.79 25.28
CA MET C 1089 16.73 86.47 26.61
C MET C 1089 17.82 85.82 27.46
N HIS C 1090 18.59 84.90 26.88
CA HIS C 1090 19.66 84.26 27.64
C HIS C 1090 20.69 85.28 28.11
N THR C 1091 21.07 86.22 27.25
CA THR C 1091 22.03 87.24 27.64
C THR C 1091 21.43 88.18 28.70
N PHE C 1092 20.16 88.52 28.57
CA PHE C 1092 19.51 89.38 29.55
C PHE C 1092 19.45 88.72 30.91
N LYS C 1093 19.27 87.40 30.96
CA LYS C 1093 19.25 86.71 32.24
C LYS C 1093 20.54 86.92 33.01
N GLN C 1094 21.67 86.96 32.31
CA GLN C 1094 22.98 87.02 32.93
C GLN C 1094 23.42 88.44 33.27
N VAL C 1095 22.62 89.46 32.95
CA VAL C 1095 23.02 90.82 33.22
C VAL C 1095 23.11 91.03 34.73
N GLN C 1096 24.18 91.69 35.16
CA GLN C 1096 24.42 92.00 36.57
C GLN C 1096 24.37 93.50 36.75
N LEU C 1097 23.57 93.96 37.71
CA LEU C 1097 23.38 95.38 37.97
C LEU C 1097 24.14 95.76 39.25
N LEU C 1098 24.91 96.84 39.17
CA LEU C 1098 25.66 97.37 40.31
C LEU C 1098 25.01 98.68 40.73
N ILE C 1099 24.35 98.67 41.88
CA ILE C 1099 23.59 99.82 42.38
C ILE C 1099 24.18 100.36 43.67
N SER C 1100 24.60 99.49 44.58
CA SER C 1100 25.16 99.95 45.84
C SER C 1100 26.46 100.71 45.62
N ALA C 1101 26.72 101.68 46.49
CA ALA C 1101 27.95 102.46 46.39
C ALA C 1101 29.17 101.57 46.57
N GLN C 1102 29.11 100.62 47.49
CA GLN C 1102 30.21 99.69 47.67
C GLN C 1102 30.45 98.88 46.41
N ASP C 1103 29.38 98.45 45.74
CA ASP C 1103 29.54 97.71 44.49
C ASP C 1103 30.20 98.58 43.43
N VAL C 1104 29.81 99.85 43.32
CA VAL C 1104 30.41 100.74 42.34
C VAL C 1104 31.90 100.92 42.63
N GLU C 1105 32.25 101.12 43.91
CA GLU C 1105 33.65 101.30 44.26
C GLU C 1105 34.44 100.03 43.95
N ASN C 1106 33.88 98.86 44.26
CA ASN C 1106 34.56 97.61 43.93
C ASN C 1106 34.77 97.47 42.43
N TYR C 1107 33.74 97.82 41.65
CA TYR C 1107 33.86 97.75 40.19
C TYR C 1107 34.97 98.66 39.69
N LYS C 1108 35.00 99.90 40.17
CA LYS C 1108 36.04 100.83 39.72
C LYS C 1108 37.43 100.34 40.10
N VAL C 1109 37.59 99.88 41.33
CA VAL C 1109 38.90 99.41 41.78
C VAL C 1109 39.36 98.22 40.97
N ILE C 1110 38.45 97.25 40.75
CA ILE C 1110 38.80 96.06 39.98
C ILE C 1110 39.18 96.45 38.56
N LYS C 1111 38.40 97.34 37.95
CA LYS C 1111 38.70 97.77 36.58
C LYS C 1111 40.09 98.39 36.51
N SER C 1112 40.38 99.32 37.41
CA SER C 1112 41.68 99.99 37.38
C SER C 1112 42.82 98.99 37.59
N GLU C 1113 42.69 98.13 38.60
CA GLU C 1113 43.75 97.18 38.89
C GLU C 1113 43.98 96.23 37.72
N LEU C 1114 42.90 95.70 37.14
CA LEU C 1114 43.05 94.78 36.03
C LEU C 1114 43.66 95.47 34.81
N ASP C 1115 43.25 96.71 34.53
CA ASP C 1115 43.81 97.43 33.40
C ASP C 1115 45.31 97.65 33.58
N ARG C 1116 45.72 98.07 34.79
CA ARG C 1116 47.14 98.30 35.03
C ARG C 1116 47.93 96.99 34.95
N LEU C 1117 47.37 95.91 35.50
CA LEU C 1117 48.06 94.62 35.44
C LEU C 1117 48.23 94.15 34.01
N ARG C 1118 47.18 94.30 33.19
CA ARG C 1118 47.26 93.90 31.79
C ARG C 1118 48.31 94.74 31.06
N THR C 1119 48.30 96.05 31.29
CA THR C 1119 49.27 96.92 30.63
C THR C 1119 50.70 96.54 31.00
N MET C 1120 50.93 96.26 32.30
CA MET C 1120 52.28 95.91 32.73
C MET C 1120 52.70 94.55 32.21
N VAL C 1121 51.78 93.59 32.16
CA VAL C 1121 52.11 92.26 31.66
C VAL C 1121 52.43 92.30 30.17
N GLU C 1122 51.72 93.16 29.42
CA GLU C 1122 51.95 93.25 27.99
C GLU C 1122 53.39 93.65 27.67
N LYS C 1123 54.07 94.34 28.59
CA LYS C 1123 55.44 94.79 28.40
C LYS C 1123 56.43 93.93 29.18
N SER C 1124 56.20 92.62 29.23
CA SER C 1124 57.02 91.75 30.05
C SER C 1124 58.50 91.87 29.69
N GLU C 1125 58.81 91.88 28.39
CA GLU C 1125 60.21 91.90 27.96
C GLU C 1125 60.95 93.14 28.45
N LEU C 1126 60.22 94.21 28.79
CA LEU C 1126 60.90 95.45 29.18
C LEU C 1126 61.48 95.36 30.58
N TRP C 1127 60.75 94.75 31.52
CA TRP C 1127 61.17 94.73 32.92
C TRP C 1127 61.53 93.34 33.43
N VAL C 1128 61.18 92.28 32.71
CA VAL C 1128 61.51 90.94 33.17
C VAL C 1128 63.02 90.75 33.13
N ASP C 1129 63.57 90.21 34.22
CA ASP C 1129 65.01 89.98 34.31
C ASP C 1129 65.45 88.90 33.33
N SER C 1166 63.62 96.69 39.52
CA SER C 1166 62.80 97.81 39.06
C SER C 1166 61.52 97.92 39.87
N GLU C 1167 60.84 99.06 39.75
CA GLU C 1167 59.60 99.29 40.48
C GLU C 1167 58.45 98.44 39.96
N ASN C 1168 58.60 97.79 38.80
CA ASN C 1168 57.52 96.98 38.25
C ASN C 1168 57.16 95.83 39.19
N TYR C 1169 58.15 95.17 39.75
CA TYR C 1169 57.89 94.01 40.60
C TYR C 1169 57.07 94.40 41.82
N GLN C 1170 57.44 95.50 42.48
CA GLN C 1170 56.71 95.92 43.68
C GLN C 1170 55.27 96.30 43.35
N ILE C 1171 55.06 97.03 42.26
CA ILE C 1171 53.71 97.43 41.89
C ILE C 1171 52.87 96.21 41.55
N VAL C 1172 53.45 95.25 40.82
CA VAL C 1172 52.73 94.03 40.47
C VAL C 1172 52.36 93.25 41.73
N LYS C 1173 53.30 93.16 42.68
CA LYS C 1173 53.02 92.44 43.93
C LYS C 1173 51.90 93.12 44.70
N GLY C 1174 51.93 94.46 44.77
CA GLY C 1174 50.84 95.17 45.42
C GLY C 1174 49.51 94.93 44.75
N ILE C 1175 49.50 94.90 43.42
CA ILE C 1175 48.25 94.67 42.70
C ILE C 1175 47.71 93.27 42.98
N LEU C 1176 48.58 92.26 42.98
CA LEU C 1176 48.13 90.91 43.31
C LEU C 1176 47.58 90.83 44.72
N GLU C 1177 48.27 91.44 45.69
CA GLU C 1177 47.76 91.41 47.06
C GLU C 1177 46.42 92.12 47.16
N ARG C 1178 46.29 93.26 46.48
CA ARG C 1178 45.02 94.00 46.51
C ARG C 1178 43.89 93.17 45.92
N LEU C 1179 44.15 92.48 44.81
CA LEU C 1179 43.11 91.63 44.22
C LEU C 1179 42.76 90.48 45.13
N ASN C 1180 43.76 89.86 45.76
CA ASN C 1180 43.50 88.76 46.67
C ASN C 1180 42.63 89.21 47.84
N LYS C 1181 42.93 90.38 48.40
CA LYS C 1181 42.07 90.92 49.45
C LYS C 1181 40.69 91.27 48.93
N MET C 1182 40.61 91.69 47.66
CA MET C 1182 39.33 92.06 47.05
C MET C 1182 38.46 90.84 46.76
N CYS C 1183 39.05 89.65 46.69
CA CYS C 1183 38.25 88.45 46.41
C CYS C 1183 37.10 88.29 47.40
N GLY C 1184 37.27 88.76 48.63
CA GLY C 1184 36.20 88.79 49.60
C GLY C 1184 36.19 87.58 50.51
N VAL C 1185 35.45 87.72 51.62
CA VAL C 1185 35.29 86.68 52.62
C VAL C 1185 33.81 86.55 52.93
N GLY C 1186 33.32 85.32 53.03
CA GLY C 1186 31.93 85.05 53.27
C GLY C 1186 31.27 84.44 52.04
N GLU C 1187 30.32 83.53 52.29
CA GLU C 1187 29.72 82.78 51.19
C GLU C 1187 29.06 83.71 50.18
N GLN C 1188 28.16 84.58 50.64
CA GLN C 1188 27.48 85.49 49.74
C GLN C 1188 28.44 86.51 49.14
N MET C 1189 29.30 87.08 49.99
CA MET C 1189 30.28 88.05 49.49
C MET C 1189 31.25 87.39 48.52
N ARG C 1190 31.71 86.17 48.85
CA ARG C 1190 32.62 85.47 47.96
C ARG C 1190 31.97 85.18 46.62
N LYS C 1191 30.71 84.72 46.63
CA LYS C 1191 30.03 84.43 45.37
C LYS C 1191 29.85 85.70 44.54
N LYS C 1192 29.44 86.79 45.18
CA LYS C 1192 29.25 88.04 44.44
C LYS C 1192 30.56 88.54 43.85
N GLN C 1193 31.64 88.50 44.63
CA GLN C 1193 32.92 88.96 44.13
C GLN C 1193 33.44 88.07 43.02
N GLN C 1194 33.22 86.75 43.13
CA GLN C 1194 33.64 85.85 42.06
C GLN C 1194 32.87 86.14 40.78
N ARG C 1195 31.57 86.37 40.88
CA ARG C 1195 30.79 86.71 39.70
C ARG C 1195 31.29 88.01 39.08
N LEU C 1196 31.55 89.02 39.91
CA LEU C 1196 32.05 90.29 39.39
C LEU C 1196 33.39 90.11 38.70
N LEU C 1197 34.30 89.36 39.32
CA LEU C 1197 35.62 89.15 38.72
C LEU C 1197 35.50 88.40 37.40
N LYS C 1198 34.60 87.41 37.34
CA LYS C 1198 34.36 86.72 36.07
C LYS C 1198 33.85 87.70 35.01
N ASN C 1199 32.95 88.60 35.39
CA ASN C 1199 32.42 89.55 34.43
C ASN C 1199 33.49 90.52 33.93
N MET C 1200 34.52 90.78 34.75
CA MET C 1200 35.59 91.69 34.37
C MET C 1200 36.78 90.98 33.76
N ASP C 1201 36.71 89.67 33.55
CA ASP C 1201 37.76 88.92 32.86
C ASP C 1201 39.11 89.05 33.57
N ALA C 1202 39.09 88.89 34.89
CA ALA C 1202 40.35 88.86 35.63
C ALA C 1202 41.10 87.55 35.43
N HIS C 1203 40.37 86.45 35.26
CA HIS C 1203 41.00 85.15 35.06
C HIS C 1203 41.85 85.14 33.80
N LYS C 1204 41.38 85.81 32.74
CA LYS C 1204 42.18 85.89 31.52
C LYS C 1204 43.49 86.61 31.78
N VAL C 1205 43.45 87.71 32.53
CA VAL C 1205 44.66 88.44 32.85
C VAL C 1205 45.62 87.57 33.64
N MET C 1206 45.09 86.84 34.64
CA MET C 1206 45.95 85.99 35.44
C MET C 1206 46.59 84.88 34.60
N LEU C 1207 45.79 84.25 33.73
CA LEU C 1207 46.32 83.19 32.89
C LEU C 1207 47.39 83.73 31.94
N ASP C 1208 47.16 84.92 31.38
CA ASP C 1208 48.19 85.54 30.54
C ASP C 1208 49.45 85.82 31.34
N LEU C 1209 49.29 86.25 32.60
CA LEU C 1209 50.46 86.48 33.45
C LEU C 1209 51.23 85.18 33.69
N LEU C 1210 50.51 84.07 33.86
CA LEU C 1210 51.19 82.79 34.08
C LEU C 1210 52.09 82.43 32.89
N GLN C 1211 51.65 82.75 31.68
CA GLN C 1211 52.42 82.43 30.48
C GLN C 1211 53.66 83.28 30.33
N ILE C 1212 53.83 84.32 31.15
CA ILE C 1212 54.96 85.23 30.99
C ILE C 1212 56.27 84.45 31.07
N PRO C 1213 57.22 84.65 30.15
CA PRO C 1213 58.52 83.98 30.30
C PRO C 1213 59.35 84.61 31.40
N TYR C 1214 60.09 83.77 32.11
CA TYR C 1214 60.89 84.24 33.23
C TYR C 1214 62.01 83.24 33.51
N ASP C 1215 63.01 83.70 34.25
CA ASP C 1215 64.11 82.85 34.66
C ASP C 1215 63.76 82.12 35.96
N LYS C 1216 64.47 81.04 36.23
CA LYS C 1216 64.23 80.20 37.39
C LYS C 1216 64.96 80.69 38.64
N GLY C 1217 65.74 81.76 38.54
CA GLY C 1217 66.50 82.25 39.68
C GLY C 1217 66.08 83.63 40.14
N ASP C 1218 64.76 83.89 40.12
CA ASP C 1218 64.20 85.16 40.55
C ASP C 1218 63.16 84.89 41.63
N ALA C 1219 63.52 85.17 42.89
CA ALA C 1219 62.58 84.94 43.99
C ALA C 1219 61.36 85.82 43.88
N LYS C 1220 61.53 87.07 43.43
CA LYS C 1220 60.40 87.97 43.29
C LYS C 1220 59.38 87.44 42.31
N MET C 1221 59.84 86.90 41.18
CA MET C 1221 58.93 86.32 40.20
C MET C 1221 58.22 85.09 40.78
N MET C 1222 58.93 84.30 41.58
CA MET C 1222 58.29 83.15 42.23
C MET C 1222 57.19 83.62 43.17
N GLU C 1223 57.44 84.68 43.94
CA GLU C 1223 56.40 85.22 44.81
C GLU C 1223 55.21 85.73 44.01
N ILE C 1224 55.48 86.40 42.89
CA ILE C 1224 54.40 86.91 42.05
C ILE C 1224 53.55 85.74 41.53
N LEU C 1225 54.21 84.68 41.07
CA LEU C 1225 53.47 83.52 40.58
C LEU C 1225 52.70 82.84 41.69
N ARG C 1226 53.26 82.79 42.89
CA ARG C 1226 52.53 82.23 44.03
C ARG C 1226 51.27 83.03 44.32
N TYR C 1227 51.38 84.36 44.30
CA TYR C 1227 50.20 85.20 44.52
C TYR C 1227 49.18 85.00 43.41
N THR C 1228 49.64 84.89 42.16
CA THR C 1228 48.72 84.64 41.05
C THR C 1228 47.99 83.33 41.24
N HIS C 1229 48.69 82.28 41.64
CA HIS C 1229 48.05 80.98 41.86
C HIS C 1229 47.07 81.05 43.02
N GLN C 1230 47.41 81.80 44.08
CA GLN C 1230 46.48 81.97 45.19
C GLN C 1230 45.21 82.66 44.72
N PHE C 1231 45.34 83.71 43.91
CA PHE C 1231 44.16 84.38 43.38
C PHE C 1231 43.33 83.45 42.51
N LEU C 1232 44.00 82.66 41.67
CA LEU C 1232 43.26 81.72 40.82
C LEU C 1232 42.50 80.70 41.65
N GLN C 1233 43.14 80.18 42.70
CA GLN C 1233 42.47 79.22 43.56
C GLN C 1233 41.27 79.85 44.26
N LYS C 1234 41.42 81.08 44.74
CA LYS C 1234 40.29 81.77 45.36
C LYS C 1234 39.18 82.04 44.36
N PHE C 1235 39.54 82.23 43.09
CA PHE C 1235 38.54 82.57 42.07
C PHE C 1235 37.53 81.44 41.88
N CYS C 1236 38.01 80.20 41.84
CA CYS C 1236 37.14 79.05 41.60
C CYS C 1236 36.80 78.29 42.87
N ALA C 1237 37.06 78.86 44.04
CA ALA C 1237 36.81 78.18 45.30
C ALA C 1237 35.31 78.07 45.52
N GLY C 1238 34.77 76.87 45.32
CA GLY C 1238 33.36 76.62 45.55
C GLY C 1238 32.43 77.07 44.45
N ASN C 1239 32.97 77.52 43.31
CA ASN C 1239 32.15 78.00 42.20
C ASN C 1239 32.29 77.06 41.02
N PRO C 1240 31.30 76.20 40.75
CA PRO C 1240 31.42 75.30 39.59
C PRO C 1240 31.64 76.02 38.28
N GLY C 1241 30.99 77.17 38.08
CA GLY C 1241 31.15 77.90 36.83
C GLY C 1241 32.59 78.33 36.61
N ASN C 1242 33.20 78.96 37.62
CA ASN C 1242 34.59 79.36 37.51
C ASN C 1242 35.51 78.14 37.44
N GLN C 1243 35.14 77.05 38.12
CA GLN C 1243 35.94 75.83 38.02
C GLN C 1243 35.99 75.32 36.59
N ALA C 1244 34.85 75.29 35.91
CA ALA C 1244 34.83 74.88 34.50
C ALA C 1244 35.56 75.89 33.62
N LEU C 1245 35.42 77.19 33.94
CA LEU C 1245 36.09 78.21 33.15
C LEU C 1245 37.61 78.01 33.20
N LEU C 1246 38.15 77.70 34.37
CA LEU C 1246 39.57 77.44 34.49
C LEU C 1246 39.96 76.08 33.92
N HIS C 1247 39.09 75.07 34.07
CA HIS C 1247 39.33 73.78 33.44
C HIS C 1247 39.42 73.88 31.93
N LYS C 1248 38.80 74.90 31.35
CA LYS C 1248 38.90 75.09 29.90
C LYS C 1248 40.33 75.36 29.45
N HIS C 1249 41.23 75.69 30.37
CA HIS C 1249 42.62 76.02 30.07
C HIS C 1249 43.57 75.14 30.89
N LEU C 1250 43.31 73.83 30.88
CA LEU C 1250 44.09 72.91 31.70
C LEU C 1250 45.57 72.90 31.28
N HIS C 1251 45.83 73.01 29.98
CA HIS C 1251 47.17 72.74 29.47
C HIS C 1251 48.23 73.59 30.16
N LEU C 1252 47.88 74.80 30.60
CA LEU C 1252 48.86 75.65 31.28
C LEU C 1252 49.30 75.02 32.60
N PHE C 1253 48.36 74.44 33.34
CA PHE C 1253 48.65 73.92 34.68
C PHE C 1253 49.32 72.56 34.66
N LEU C 1254 49.34 71.87 33.53
CA LEU C 1254 49.95 70.53 33.44
C LEU C 1254 51.45 70.68 33.23
N THR C 1255 52.13 71.10 34.30
CA THR C 1255 53.56 71.31 34.30
C THR C 1255 54.14 70.79 35.61
N PRO C 1256 55.45 70.48 35.63
CA PRO C 1256 56.06 69.94 36.86
C PRO C 1256 56.30 70.99 37.94
N GLY C 1257 55.26 71.28 38.71
CA GLY C 1257 55.35 72.25 39.78
C GLY C 1257 54.39 71.93 40.91
N LEU C 1258 54.70 72.48 42.08
CA LEU C 1258 53.85 72.28 43.24
C LEU C 1258 52.66 73.23 43.23
N LEU C 1259 52.89 74.50 42.89
CA LEU C 1259 51.78 75.46 42.81
C LEU C 1259 50.78 75.06 41.74
N GLU C 1260 51.28 74.54 40.61
CA GLU C 1260 50.38 74.07 39.56
C GLU C 1260 49.53 72.91 40.07
N ALA C 1261 50.13 71.99 40.84
CA ALA C 1261 49.38 70.89 41.41
C ALA C 1261 48.31 71.39 42.37
N GLU C 1262 48.64 72.38 43.20
CA GLU C 1262 47.66 72.95 44.10
C GLU C 1262 46.51 73.60 43.34
N THR C 1263 46.83 74.33 42.27
CA THR C 1263 45.78 74.96 41.47
C THR C 1263 44.89 73.92 40.81
N MET C 1264 45.48 72.84 40.30
CA MET C 1264 44.69 71.75 39.73
C MET C 1264 43.78 71.14 40.78
N GLN C 1265 44.30 70.91 41.98
CA GLN C 1265 43.48 70.36 43.05
C GLN C 1265 42.29 71.28 43.35
N HIS C 1266 42.55 72.59 43.42
CA HIS C 1266 41.46 73.52 43.69
C HIS C 1266 40.46 73.54 42.55
N ILE C 1267 40.92 73.45 41.32
CA ILE C 1267 40.01 73.43 40.17
C ILE C 1267 39.10 72.22 40.23
N PHE C 1268 39.67 71.05 40.55
CA PHE C 1268 38.90 69.81 40.60
C PHE C 1268 38.23 69.57 41.94
N LEU C 1269 38.47 70.42 42.94
CA LEU C 1269 37.91 70.18 44.26
C LEU C 1269 36.39 70.26 44.21
N ASN C 1270 35.73 69.23 44.75
CA ASN C 1270 34.27 69.17 44.86
C ASN C 1270 33.60 69.53 43.53
N ASN C 1271 33.90 68.71 42.51
CA ASN C 1271 33.31 68.90 41.19
C ASN C 1271 33.13 67.53 40.55
N TYR C 1272 31.92 66.98 40.66
CA TYR C 1272 31.64 65.69 40.06
C TYR C 1272 31.72 65.77 38.53
N GLN C 1273 31.21 66.85 37.94
CA GLN C 1273 31.21 66.95 36.48
C GLN C 1273 32.62 66.93 35.91
N LEU C 1274 33.59 67.45 36.64
CA LEU C 1274 34.97 67.46 36.18
C LEU C 1274 35.73 66.21 36.62
N CYS C 1275 35.58 65.82 37.89
CA CYS C 1275 36.29 64.64 38.39
C CYS C 1275 35.86 63.38 37.65
N SER C 1276 34.55 63.21 37.47
CA SER C 1276 34.05 61.98 36.84
C SER C 1276 34.54 61.85 35.41
N GLU C 1277 34.54 62.95 34.66
CA GLU C 1277 34.94 62.94 33.26
C GLU C 1277 36.41 63.26 33.05
N ILE C 1278 37.24 63.09 34.09
CA ILE C 1278 38.67 63.40 33.96
C ILE C 1278 39.28 62.46 32.93
N SER C 1279 40.07 63.02 32.01
CA SER C 1279 40.66 62.23 30.95
C SER C 1279 41.84 61.42 31.46
N GLU C 1280 42.17 60.36 30.72
CA GLU C 1280 43.24 59.46 31.12
C GLU C 1280 44.58 60.17 31.24
N PRO C 1281 45.03 60.95 30.24
CA PRO C 1281 46.37 61.55 30.35
C PRO C 1281 46.53 62.47 31.55
N VAL C 1282 45.46 63.16 31.97
CA VAL C 1282 45.56 64.02 33.15
C VAL C 1282 45.89 63.18 34.37
N LEU C 1283 45.23 62.04 34.52
CA LEU C 1283 45.51 61.17 35.66
C LEU C 1283 46.91 60.57 35.57
N GLN C 1284 47.32 60.14 34.37
CA GLN C 1284 48.67 59.58 34.24
C GLN C 1284 49.75 60.63 34.47
N HIS C 1285 49.45 61.91 34.27
CA HIS C 1285 50.47 62.94 34.45
C HIS C 1285 51.03 62.93 35.87
N PHE C 1286 50.15 62.84 36.87
CA PHE C 1286 50.61 62.95 38.25
C PHE C 1286 51.37 61.71 38.68
N VAL C 1287 50.93 60.52 38.24
CA VAL C 1287 51.69 59.31 38.57
C VAL C 1287 53.04 59.34 37.88
N HIS C 1288 53.10 59.88 36.66
CA HIS C 1288 54.39 60.03 35.98
C HIS C 1288 55.31 60.94 36.78
N LEU C 1289 54.79 62.08 37.25
CA LEU C 1289 55.60 62.98 38.06
C LEU C 1289 56.07 62.30 39.34
N LEU C 1290 55.18 61.54 39.99
CA LEU C 1290 55.57 60.84 41.20
C LEU C 1290 56.69 59.84 40.91
N ALA C 1291 56.57 59.10 39.81
CA ALA C 1291 57.59 58.11 39.47
C ALA C 1291 58.93 58.75 39.19
N THR C 1292 58.94 59.85 38.42
CA THR C 1292 60.20 60.47 38.02
C THR C 1292 60.69 61.50 39.04
N HIS C 1293 59.79 62.29 39.63
CA HIS C 1293 60.18 63.33 40.57
C HIS C 1293 59.85 62.95 42.02
N GLY C 1294 58.57 62.66 42.29
CA GLY C 1294 58.17 62.39 43.67
C GLY C 1294 58.51 63.52 44.60
N ARG C 1295 58.28 64.77 44.17
CA ARG C 1295 58.73 65.93 44.94
C ARG C 1295 58.10 65.96 46.32
N HIS C 1296 56.76 65.98 46.37
CA HIS C 1296 56.06 66.13 47.63
C HIS C 1296 54.72 65.42 47.53
N VAL C 1297 53.82 65.71 48.47
CA VAL C 1297 52.55 65.00 48.57
C VAL C 1297 51.46 65.73 47.78
N GLN C 1298 51.86 66.75 47.00
CA GLN C 1298 50.88 67.51 46.24
C GLN C 1298 50.15 66.63 45.23
N TYR C 1299 50.88 65.76 44.54
CA TYR C 1299 50.25 64.89 43.55
C TYR C 1299 49.29 63.91 44.23
N LEU C 1300 49.69 63.35 45.37
CA LEU C 1300 48.81 62.45 46.10
C LEU C 1300 47.56 63.18 46.57
N ASP C 1301 47.72 64.42 47.03
CA ASP C 1301 46.56 65.21 47.43
C ASP C 1301 45.63 65.45 46.26
N PHE C 1302 46.18 65.79 45.10
CA PHE C 1302 45.34 66.00 43.92
C PHE C 1302 44.56 64.75 43.57
N LEU C 1303 45.23 63.59 43.57
CA LEU C 1303 44.55 62.35 43.26
C LEU C 1303 43.45 62.06 44.28
N HIS C 1304 43.75 62.28 45.57
CA HIS C 1304 42.76 62.02 46.60
C HIS C 1304 41.52 62.89 46.42
N THR C 1305 41.70 64.18 46.13
CA THR C 1305 40.55 65.04 45.89
C THR C 1305 39.82 64.66 44.60
N VAL C 1306 40.55 64.19 43.60
CA VAL C 1306 39.88 63.77 42.36
C VAL C 1306 39.02 62.53 42.60
N ILE C 1307 39.43 61.66 43.53
CA ILE C 1307 38.71 60.41 43.73
C ILE C 1307 37.26 60.67 44.14
N LYS C 1308 37.05 61.58 45.08
CA LYS C 1308 35.72 61.85 45.64
C LYS C 1308 35.27 63.26 45.24
N ALA C 1309 33.97 63.39 44.98
CA ALA C 1309 33.38 64.67 44.61
C ALA C 1309 31.91 64.69 44.99
N GLU C 1310 31.49 65.76 45.66
CA GLU C 1310 30.09 65.95 46.05
C GLU C 1310 29.59 64.76 46.86
N GLY C 1311 30.41 64.27 47.76
CA GLY C 1311 30.02 63.13 48.57
C GLY C 1311 29.69 61.91 47.75
N LYS C 1312 30.41 61.69 46.66
CA LYS C 1312 30.20 60.55 45.79
C LYS C 1312 31.55 60.02 45.36
N TYR C 1313 31.58 58.73 45.00
CA TYR C 1313 32.79 58.03 44.65
C TYR C 1313 32.82 57.73 43.16
N VAL C 1314 33.93 58.05 42.51
CA VAL C 1314 34.14 57.80 41.09
C VAL C 1314 34.89 56.48 40.97
N LYS C 1315 34.17 55.42 40.62
CA LYS C 1315 34.79 54.10 40.54
C LYS C 1315 35.90 54.07 39.52
N LYS C 1316 35.67 54.65 38.34
CA LYS C 1316 36.65 54.61 37.27
C LYS C 1316 37.94 55.32 37.66
N CYS C 1317 37.84 56.47 38.33
CA CYS C 1317 39.05 57.16 38.77
C CYS C 1317 39.84 56.32 39.75
N GLN C 1318 39.14 55.68 40.70
CA GLN C 1318 39.83 54.80 41.65
C GLN C 1318 40.54 53.66 40.91
N ASP C 1319 39.86 53.07 39.94
CA ASP C 1319 40.46 51.96 39.19
C ASP C 1319 41.75 52.40 38.51
N MET C 1320 41.68 53.49 37.74
CA MET C 1320 42.89 53.93 37.03
C MET C 1320 43.99 54.33 38.00
N ILE C 1321 43.64 54.99 39.11
CA ILE C 1321 44.68 55.37 40.07
C ILE C 1321 45.37 54.12 40.60
N MET C 1322 44.60 53.09 40.93
CA MET C 1322 45.20 51.87 41.47
C MET C 1322 46.11 51.22 40.45
N THR C 1323 45.64 51.08 39.20
CA THR C 1323 46.47 50.44 38.19
C THR C 1323 47.74 51.25 37.92
N GLU C 1324 47.62 52.57 37.84
CA GLU C 1324 48.78 53.39 37.58
C GLU C 1324 49.79 53.28 38.72
N LEU C 1325 49.31 53.30 39.97
CA LEU C 1325 50.23 53.16 41.09
C LEU C 1325 50.93 51.81 41.08
N THR C 1326 50.19 50.73 40.77
CA THR C 1326 50.80 49.41 40.79
C THR C 1326 51.83 49.25 39.68
N ASN C 1327 51.46 49.58 38.44
CA ASN C 1327 52.40 49.41 37.32
C ASN C 1327 53.48 50.46 37.28
N ALA C 1328 53.36 51.55 38.04
CA ALA C 1328 54.44 52.53 38.10
C ALA C 1328 55.69 51.94 38.73
N GLY C 1329 55.52 51.16 39.78
CA GLY C 1329 56.62 50.52 40.48
C GLY C 1329 56.81 51.08 41.87
N ASP C 1330 57.94 50.70 42.48
CA ASP C 1330 58.26 51.15 43.82
C ASP C 1330 58.54 52.65 43.89
N ASP C 1331 58.73 53.32 42.74
CA ASP C 1331 59.04 54.74 42.76
C ASP C 1331 57.91 55.56 43.38
N VAL C 1332 56.67 55.25 43.00
CA VAL C 1332 55.53 56.04 43.47
C VAL C 1332 55.00 55.53 44.79
N VAL C 1333 54.93 54.21 44.97
CA VAL C 1333 54.44 53.59 46.20
C VAL C 1333 55.64 53.06 46.97
N VAL C 1334 55.80 53.51 48.20
CA VAL C 1334 56.86 53.05 49.09
C VAL C 1334 56.22 52.55 50.38
N PHE C 1335 56.53 51.30 50.74
CA PHE C 1335 55.99 50.68 51.94
C PHE C 1335 57.15 50.14 52.77
N TYR C 1336 57.15 50.44 54.06
CA TYR C 1336 58.20 49.98 54.96
C TYR C 1336 57.86 48.59 55.50
N ASN C 1337 57.67 47.66 54.57
CA ASN C 1337 57.32 46.29 54.92
C ASN C 1337 58.55 45.46 55.26
N ASP C 1338 59.72 45.81 54.73
CA ASP C 1338 60.94 45.08 55.01
C ASP C 1338 61.41 45.34 56.44
N LYS C 1339 62.19 44.40 56.96
CA LYS C 1339 62.71 44.54 58.32
C LYS C 1339 63.58 45.79 58.45
N ALA C 1340 64.50 45.97 57.50
CA ALA C 1340 65.33 47.19 57.51
C ALA C 1340 64.48 48.44 57.29
N SER C 1341 63.54 48.36 56.35
CA SER C 1341 62.64 49.49 56.12
C SER C 1341 61.78 49.76 57.35
N LEU C 1342 61.32 48.69 58.02
CA LEU C 1342 60.55 48.87 59.25
C LEU C 1342 61.40 49.55 60.33
N ALA C 1343 62.67 49.15 60.45
CA ALA C 1343 63.54 49.78 61.43
C ALA C 1343 63.75 51.26 61.10
N HIS C 1344 63.94 51.58 59.82
CA HIS C 1344 64.09 52.98 59.43
C HIS C 1344 62.84 53.78 59.74
N LEU C 1345 61.66 53.20 59.46
CA LEU C 1345 60.41 53.87 59.80
C LEU C 1345 60.30 54.09 61.30
N LEU C 1346 60.69 53.09 62.09
CA LEU C 1346 60.67 53.23 63.55
C LEU C 1346 61.58 54.37 64.00
N ASP C 1347 62.79 54.43 63.44
CA ASP C 1347 63.74 55.47 63.83
C ASP C 1347 63.20 56.85 63.47
N MET C 1348 62.69 57.01 62.25
CA MET C 1348 62.18 58.33 61.85
C MET C 1348 60.97 58.72 62.68
N MET C 1349 60.10 57.74 63.00
CA MET C 1349 58.94 58.04 63.84
C MET C 1349 59.37 58.47 65.24
N LYS C 1350 60.37 57.79 65.80
CA LYS C 1350 60.87 58.19 67.12
C LYS C 1350 61.47 59.59 67.07
N ALA C 1351 62.21 59.89 66.00
CA ALA C 1351 62.75 61.24 65.85
C ALA C 1351 61.65 62.27 65.65
N ALA C 1352 60.44 61.84 65.26
CA ALA C 1352 59.31 62.74 65.05
C ALA C 1352 58.35 62.73 66.23
N ARG C 1353 58.88 62.60 67.45
CA ARG C 1353 58.02 62.56 68.63
C ARG C 1353 57.22 63.84 68.78
N ASP C 1354 57.86 64.99 68.56
CA ASP C 1354 57.17 66.27 68.71
C ASP C 1354 56.03 66.39 67.70
N GLY C 1355 56.27 65.99 66.47
CA GLY C 1355 55.23 66.06 65.45
C GLY C 1355 55.78 65.61 64.11
N VAL C 1356 54.92 65.74 63.09
CA VAL C 1356 55.25 65.34 61.73
C VAL C 1356 55.50 66.60 60.91
N GLU C 1357 56.65 66.65 60.24
CA GLU C 1357 56.97 67.81 59.41
C GLU C 1357 56.10 67.83 58.16
N ASP C 1358 55.97 69.02 57.57
CA ASP C 1358 55.08 69.19 56.43
C ASP C 1358 55.54 68.36 55.23
N HIS C 1359 56.85 68.32 54.97
CA HIS C 1359 57.38 67.69 53.76
C HIS C 1359 58.28 66.49 54.09
N SER C 1360 58.22 65.97 55.31
CA SER C 1360 59.03 64.83 55.67
C SER C 1360 58.53 63.57 54.97
N PRO C 1361 59.41 62.57 54.79
CA PRO C 1361 58.96 61.33 54.13
C PRO C 1361 57.84 60.63 54.89
N LEU C 1362 57.75 60.82 56.21
CA LEU C 1362 56.65 60.24 56.97
C LEU C 1362 55.32 60.81 56.50
N MET C 1363 55.27 62.11 56.22
CA MET C 1363 54.05 62.71 55.70
C MET C 1363 53.69 62.13 54.35
N TYR C 1364 54.68 61.90 53.49
CA TYR C 1364 54.41 61.30 52.19
C TYR C 1364 53.86 59.89 52.34
N HIS C 1365 54.43 59.10 53.25
CA HIS C 1365 53.94 57.75 53.48
C HIS C 1365 52.51 57.76 54.01
N ILE C 1366 52.22 58.66 54.94
CA ILE C 1366 50.86 58.77 55.48
C ILE C 1366 49.88 59.14 54.38
N SER C 1367 50.26 60.11 53.54
CA SER C 1367 49.39 60.51 52.44
C SER C 1367 49.17 59.37 51.45
N LEU C 1368 50.21 58.59 51.17
CA LEU C 1368 50.07 57.46 50.27
C LEU C 1368 49.11 56.42 50.85
N VAL C 1369 49.25 56.12 52.14
CA VAL C 1369 48.36 55.15 52.77
C VAL C 1369 46.93 55.65 52.75
N ASP C 1370 46.73 56.95 53.03
CA ASP C 1370 45.40 57.53 52.99
C ASP C 1370 44.81 57.46 51.59
N LEU C 1371 45.61 57.74 50.57
CA LEU C 1371 45.13 57.65 49.19
C LEU C 1371 44.73 56.23 48.85
N LEU C 1372 45.53 55.24 49.24
CA LEU C 1372 45.19 53.85 48.97
C LEU C 1372 43.90 53.47 49.69
N ALA C 1373 43.74 53.88 50.95
CA ALA C 1373 42.52 53.57 51.68
C ALA C 1373 41.30 54.20 51.01
N ALA C 1374 41.43 55.46 50.57
CA ALA C 1374 40.32 56.11 49.90
C ALA C 1374 39.99 55.41 48.58
N CYS C 1375 41.02 55.00 47.83
CA CYS C 1375 40.79 54.28 46.59
C CYS C 1375 40.05 52.98 46.84
N ALA C 1376 40.45 52.24 47.88
CA ALA C 1376 39.77 50.99 48.21
C ALA C 1376 38.35 51.20 48.67
N GLU C 1377 38.00 52.41 49.10
CA GLU C 1377 36.64 52.68 49.56
C GLU C 1377 35.66 52.56 48.41
N GLY C 1378 34.38 52.44 48.77
CA GLY C 1378 33.32 52.30 47.79
C GLY C 1378 32.82 50.89 47.58
N LYS C 1379 33.13 49.97 48.49
CA LYS C 1379 32.71 48.57 48.40
C LYS C 1379 32.88 48.05 46.97
N ASN C 1380 34.12 48.05 46.51
CA ASN C 1380 34.48 47.53 45.19
C ASN C 1380 35.31 46.27 45.36
N VAL C 1381 35.63 45.62 44.24
CA VAL C 1381 36.47 44.45 44.25
C VAL C 1381 37.75 44.63 43.43
N TYR C 1382 37.73 45.47 42.39
CA TYR C 1382 38.93 45.63 41.57
C TYR C 1382 40.08 46.20 42.41
N THR C 1383 39.83 47.31 43.10
CA THR C 1383 40.90 48.00 43.81
C THR C 1383 41.18 47.40 45.18
N GLU C 1384 40.16 46.83 45.85
CA GLU C 1384 40.35 46.36 47.21
C GLU C 1384 41.31 45.18 47.27
N ILE C 1385 41.19 44.26 46.31
CA ILE C 1385 42.08 43.10 46.31
C ILE C 1385 43.52 43.54 46.15
N LYS C 1386 43.78 44.47 45.23
CA LYS C 1386 45.14 44.96 45.01
C LYS C 1386 45.65 45.71 46.23
N CYS C 1387 44.80 46.52 46.85
CA CYS C 1387 45.21 47.24 48.04
C CYS C 1387 45.60 46.28 49.15
N THR C 1388 44.79 45.23 49.37
CA THR C 1388 45.11 44.25 50.39
C THR C 1388 46.40 43.51 50.06
N SER C 1389 46.59 43.17 48.78
CA SER C 1389 47.80 42.49 48.37
C SER C 1389 49.03 43.34 48.63
N LEU C 1390 48.93 44.66 48.39
CA LEU C 1390 50.08 45.53 48.59
C LEU C 1390 50.53 45.53 50.05
N LEU C 1391 49.59 45.59 50.97
CA LEU C 1391 49.89 45.65 52.40
C LEU C 1391 49.20 44.51 53.14
N PRO C 1392 49.92 43.52 53.65
CA PRO C 1392 49.27 42.45 54.41
C PRO C 1392 49.04 42.87 55.86
N LEU C 1393 48.20 42.08 56.54
CA LEU C 1393 47.82 42.41 57.91
C LEU C 1393 49.00 42.30 58.88
N GLU C 1394 49.97 41.43 58.57
CA GLU C 1394 51.10 41.24 59.48
C GLU C 1394 51.88 42.54 59.65
N ASP C 1395 52.15 43.24 58.56
CA ASP C 1395 52.89 44.50 58.65
C ASP C 1395 52.08 45.56 59.39
N VAL C 1396 50.77 45.60 59.16
CA VAL C 1396 49.92 46.55 59.88
C VAL C 1396 49.99 46.30 61.38
N VAL C 1397 49.92 45.03 61.78
CA VAL C 1397 50.01 44.71 63.19
C VAL C 1397 51.38 45.08 63.74
N SER C 1398 52.44 44.77 62.99
CA SER C 1398 53.79 45.05 63.47
C SER C 1398 54.01 46.54 63.68
N VAL C 1399 53.53 47.37 62.76
CA VAL C 1399 53.78 48.81 62.86
C VAL C 1399 52.84 49.44 63.88
N VAL C 1400 51.55 49.09 63.86
CA VAL C 1400 50.59 49.73 64.74
C VAL C 1400 50.81 49.29 66.19
N THR C 1401 51.11 48.01 66.41
CA THR C 1401 51.21 47.46 67.75
C THR C 1401 52.54 47.72 68.41
N HIS C 1402 53.48 48.37 67.72
CA HIS C 1402 54.77 48.67 68.32
C HIS C 1402 54.59 49.64 69.48
N GLU C 1403 55.38 49.43 70.53
CA GLU C 1403 55.29 50.27 71.72
C GLU C 1403 55.35 51.75 71.36
N ASP C 1404 56.28 52.12 70.48
CA ASP C 1404 56.45 53.50 70.06
C ASP C 1404 55.76 53.72 68.71
N CYS C 1405 54.90 54.73 68.66
CA CYS C 1405 54.16 55.04 67.45
C CYS C 1405 53.66 56.49 67.55
N ILE C 1406 53.01 56.93 66.48
CA ILE C 1406 52.47 58.29 66.39
C ILE C 1406 51.02 58.20 65.96
N THR C 1407 50.26 59.24 66.31
CA THR C 1407 48.82 59.21 66.06
C THR C 1407 48.50 59.16 64.57
N GLU C 1408 49.24 59.92 63.75
CA GLU C 1408 48.92 59.98 62.32
C GLU C 1408 49.08 58.62 61.65
N VAL C 1409 50.17 57.91 61.96
CA VAL C 1409 50.39 56.60 61.35
C VAL C 1409 49.31 55.62 61.79
N LYS C 1410 48.95 55.65 63.09
CA LYS C 1410 47.88 54.79 63.57
C LYS C 1410 46.58 55.08 62.83
N MET C 1411 46.25 56.36 62.67
CA MET C 1411 45.03 56.74 61.95
C MET C 1411 45.05 56.20 60.53
N ALA C 1412 46.17 56.40 59.83
CA ALA C 1412 46.26 55.97 58.44
C ALA C 1412 46.11 54.45 58.32
N TYR C 1413 46.81 53.71 59.17
CA TYR C 1413 46.75 52.25 59.08
C TYR C 1413 45.38 51.71 59.48
N VAL C 1414 44.77 52.30 60.50
CA VAL C 1414 43.44 51.86 60.91
C VAL C 1414 42.42 52.13 59.79
N ASN C 1415 42.51 53.30 59.16
CA ASN C 1415 41.62 53.61 58.05
C ASN C 1415 41.85 52.63 56.89
N PHE C 1416 43.10 52.31 56.60
CA PHE C 1416 43.40 51.35 55.54
C PHE C 1416 42.77 50.00 55.85
N VAL C 1417 42.92 49.53 57.09
CA VAL C 1417 42.34 48.25 57.47
C VAL C 1417 40.82 48.29 57.34
N ASN C 1418 40.21 49.38 57.82
CA ASN C 1418 38.76 49.47 57.79
C ASN C 1418 38.24 49.45 56.36
N HIS C 1419 38.87 50.18 55.45
CA HIS C 1419 38.37 50.33 54.10
C HIS C 1419 38.89 49.29 53.12
N CYS C 1420 39.83 48.43 53.54
CA CYS C 1420 40.38 47.41 52.66
C CYS C 1420 40.25 46.00 53.19
N TYR C 1421 40.04 45.81 54.49
CA TYR C 1421 39.90 44.48 55.08
C TYR C 1421 38.53 44.27 55.70
N VAL C 1422 38.11 45.16 56.61
CA VAL C 1422 36.85 44.96 57.31
C VAL C 1422 35.66 45.14 56.39
N ASP C 1423 35.68 46.19 55.55
CA ASP C 1423 34.56 46.54 54.69
C ASP C 1423 34.72 45.98 53.28
N THR C 1424 35.41 44.86 53.13
CA THR C 1424 35.61 44.26 51.82
C THR C 1424 34.27 43.81 51.22
N GLU C 1425 34.14 44.00 49.91
CA GLU C 1425 32.95 43.52 49.22
C GLU C 1425 32.98 42.01 49.03
N VAL C 1426 34.17 41.42 48.99
CA VAL C 1426 34.35 39.98 48.80
C VAL C 1426 34.93 39.38 50.06
N GLU C 1427 34.41 38.21 50.44
CA GLU C 1427 34.88 37.54 51.63
C GLU C 1427 36.36 37.25 51.55
N MET C 1428 37.07 37.45 52.66
CA MET C 1428 38.47 37.07 52.79
C MET C 1428 38.64 36.31 54.09
N LYS C 1429 39.22 35.11 53.99
CA LYS C 1429 39.34 34.25 55.17
C LYS C 1429 40.44 34.70 56.12
N GLU C 1430 41.48 35.35 55.61
CA GLU C 1430 42.65 35.66 56.43
C GLU C 1430 42.36 36.69 57.51
N ILE C 1431 41.23 37.37 57.46
CA ILE C 1431 40.91 38.40 58.45
C ILE C 1431 40.24 37.77 59.65
N TYR C 1432 39.06 37.17 59.45
CA TYR C 1432 38.25 36.67 60.55
C TYR C 1432 38.72 35.31 61.07
N THR C 1433 39.92 34.88 60.70
CA THR C 1433 40.50 33.62 61.16
C THR C 1433 41.95 33.83 61.55
N SER C 1434 42.22 34.88 62.32
CA SER C 1434 43.58 35.20 62.73
C SER C 1434 43.52 36.10 63.96
N ASN C 1435 44.66 36.22 64.62
CA ASN C 1435 44.79 37.04 65.83
C ASN C 1435 45.27 38.46 65.53
N HIS C 1436 45.42 38.83 64.26
CA HIS C 1436 45.90 40.17 63.92
C HIS C 1436 44.92 41.23 64.40
N ILE C 1437 43.65 41.10 64.03
CA ILE C 1437 42.66 42.10 64.39
C ILE C 1437 42.38 42.09 65.89
N TRP C 1438 42.56 40.95 66.56
CA TRP C 1438 42.40 40.93 68.01
C TRP C 1438 43.53 41.69 68.70
N THR C 1439 44.75 41.58 68.17
CA THR C 1439 45.84 42.42 68.67
C THR C 1439 45.52 43.89 68.41
N LEU C 1440 44.98 44.19 67.23
CA LEU C 1440 44.57 45.56 66.94
C LEU C 1440 43.54 46.05 67.95
N PHE C 1441 42.59 45.18 68.31
CA PHE C 1441 41.55 45.57 69.25
C PHE C 1441 42.11 45.79 70.65
N GLU C 1442 43.09 44.99 71.06
CA GLU C 1442 43.72 45.23 72.35
C GLU C 1442 44.45 46.57 72.34
N ASN C 1443 45.07 46.92 71.21
CA ASN C 1443 45.69 48.24 71.09
C ASN C 1443 44.64 49.34 71.16
N PHE C 1444 43.47 49.13 70.55
CA PHE C 1444 42.38 50.08 70.66
C PHE C 1444 41.94 50.27 72.11
N THR C 1445 41.83 49.17 72.86
CA THR C 1445 41.47 49.27 74.27
C THR C 1445 42.55 50.02 75.05
N LEU C 1446 43.82 49.76 74.73
CA LEU C 1446 44.91 50.48 75.39
C LEU C 1446 44.82 51.98 75.09
N ASP C 1447 44.50 52.34 73.86
CA ASP C 1447 44.36 53.75 73.52
C ASP C 1447 43.19 54.39 74.27
N MET C 1448 42.08 53.67 74.38
CA MET C 1448 40.95 54.19 75.14
C MET C 1448 41.32 54.39 76.61
N ALA C 1449 42.05 53.43 77.19
CA ALA C 1449 42.51 53.58 78.56
C ALA C 1449 43.46 54.77 78.70
N ARG C 1450 44.32 54.98 77.71
CA ARG C 1450 45.20 56.14 77.72
C ARG C 1450 44.40 57.44 77.70
N VAL C 1451 43.36 57.49 76.88
CA VAL C 1451 42.51 58.68 76.82
C VAL C 1451 41.87 58.91 78.18
N CYS C 1452 41.35 57.84 78.80
CA CYS C 1452 40.70 57.98 80.09
C CYS C 1452 41.68 58.47 81.15
N SER C 1453 42.89 57.91 81.17
CA SER C 1453 43.89 58.34 82.14
C SER C 1453 44.28 59.80 81.92
N LYS C 1454 44.44 60.20 80.65
CA LYS C 1454 44.79 61.57 80.35
C LYS C 1454 43.70 62.53 80.82
N ARG C 1455 42.43 62.18 80.59
CA ARG C 1455 41.34 62.99 81.09
C ARG C 1455 41.26 62.97 82.60
N GLU C 1456 41.79 61.93 83.25
CA GLU C 1456 41.85 61.92 84.71
C GLU C 1456 42.72 63.04 85.23
N LYS C 1457 43.84 63.32 84.55
CA LYS C 1457 44.74 64.39 84.92
C LYS C 1457 44.37 65.73 84.29
N ARG C 1458 43.26 65.79 83.56
CA ARG C 1458 42.77 66.99 82.89
C ARG C 1458 43.69 67.47 81.79
N VAL C 1459 44.66 66.67 81.38
CA VAL C 1459 45.57 66.99 80.28
C VAL C 1459 45.53 65.84 79.28
N ALA C 1460 45.10 66.11 78.06
CA ALA C 1460 44.97 65.09 77.04
C ALA C 1460 45.40 65.67 75.69
N ASP C 1461 45.86 64.78 74.81
CA ASP C 1461 46.27 65.19 73.46
C ASP C 1461 45.06 65.12 72.53
N PRO C 1462 44.69 66.21 71.86
CA PRO C 1462 43.50 66.15 70.99
C PRO C 1462 43.64 65.13 69.86
N THR C 1463 44.85 64.93 69.34
CA THR C 1463 45.02 63.99 68.24
C THR C 1463 44.66 62.56 68.66
N LEU C 1464 45.09 62.16 69.86
CA LEU C 1464 44.76 60.82 70.34
C LEU C 1464 43.26 60.66 70.54
N GLU C 1465 42.61 61.68 71.07
CA GLU C 1465 41.16 61.63 71.23
C GLU C 1465 40.46 61.51 69.87
N LYS C 1466 40.93 62.27 68.88
CA LYS C 1466 40.34 62.18 67.54
C LYS C 1466 40.54 60.78 66.96
N TYR C 1467 41.73 60.21 67.15
CA TYR C 1467 41.98 58.86 66.66
C TYR C 1467 41.05 57.85 67.33
N VAL C 1468 40.86 57.98 68.64
CA VAL C 1468 40.00 57.04 69.36
C VAL C 1468 38.54 57.24 68.97
N LEU C 1469 38.15 58.45 68.57
CA LEU C 1469 36.74 58.74 68.33
C LEU C 1469 36.31 58.50 66.89
N SER C 1470 37.17 58.79 65.91
CA SER C 1470 36.76 58.78 64.51
C SER C 1470 36.98 57.42 63.85
N VAL C 1471 38.22 56.95 63.81
CA VAL C 1471 38.53 55.72 63.10
C VAL C 1471 38.39 54.49 63.99
N VAL C 1472 38.72 54.61 65.28
CA VAL C 1472 38.64 53.46 66.18
C VAL C 1472 37.20 52.96 66.25
N LEU C 1473 36.26 53.86 66.52
CA LEU C 1473 34.87 53.47 66.63
C LEU C 1473 34.34 52.92 65.31
N ASP C 1474 34.71 53.57 64.20
CA ASP C 1474 34.25 53.11 62.89
C ASP C 1474 34.74 51.70 62.59
N THR C 1475 36.01 51.43 62.86
CA THR C 1475 36.54 50.09 62.62
C THR C 1475 35.88 49.06 63.54
N ILE C 1476 35.68 49.41 64.81
CA ILE C 1476 35.05 48.48 65.74
C ILE C 1476 33.63 48.15 65.26
N ASN C 1477 32.88 49.17 64.83
CA ASN C 1477 31.54 48.93 64.33
C ASN C 1477 31.56 48.08 63.07
N ALA C 1478 32.49 48.37 62.15
CA ALA C 1478 32.54 47.62 60.90
C ALA C 1478 32.86 46.15 61.16
N PHE C 1479 33.81 45.88 62.05
CA PHE C 1479 34.18 44.49 62.33
C PHE C 1479 33.02 43.72 62.94
N PHE C 1480 32.26 44.35 63.82
CA PHE C 1480 31.15 43.70 64.52
C PHE C 1480 29.81 44.02 63.90
N SER C 1481 29.79 44.50 62.65
CA SER C 1481 28.53 44.78 61.97
C SER C 1481 28.56 44.32 60.51
N SER C 1482 29.53 43.49 60.13
CA SER C 1482 29.60 43.03 58.75
C SER C 1482 28.95 41.67 58.60
N PRO C 1483 28.28 41.40 57.49
CA PRO C 1483 27.66 40.07 57.32
C PRO C 1483 28.64 38.93 57.41
N PHE C 1484 29.88 39.12 56.95
CA PHE C 1484 30.87 38.05 56.93
C PHE C 1484 31.50 37.81 58.30
N SER C 1485 31.33 38.72 59.26
CA SER C 1485 31.87 38.55 60.59
C SER C 1485 30.92 37.86 61.55
N GLU C 1486 29.69 37.57 61.11
CA GLU C 1486 28.71 36.95 61.99
C GLU C 1486 29.09 35.53 62.40
N ASN C 1487 30.03 34.90 61.67
CA ASN C 1487 30.42 33.53 61.93
C ASN C 1487 31.87 33.42 62.40
N SER C 1488 32.33 34.43 63.15
CA SER C 1488 33.69 34.40 63.65
C SER C 1488 33.89 33.18 64.54
N THR C 1489 34.98 32.44 64.29
CA THR C 1489 35.26 31.21 65.02
C THR C 1489 36.11 31.42 66.26
N SER C 1490 36.77 32.56 66.38
CA SER C 1490 37.65 32.84 67.51
C SER C 1490 37.03 33.79 68.52
N LEU C 1491 35.73 34.08 68.39
CA LEU C 1491 35.07 34.96 69.37
C LEU C 1491 35.04 34.32 70.75
N GLN C 1492 34.72 33.03 70.81
CA GLN C 1492 34.59 32.36 72.11
C GLN C 1492 35.91 32.36 72.87
N THR C 1493 37.01 32.10 72.17
CA THR C 1493 38.33 32.08 72.82
C THR C 1493 38.81 33.48 73.17
N HIS C 1494 38.25 34.52 72.56
CA HIS C 1494 38.65 35.90 72.78
C HIS C 1494 37.52 36.70 73.40
N GLN C 1495 36.81 36.10 74.36
CA GLN C 1495 35.75 36.83 75.06
C GLN C 1495 36.32 37.99 75.86
N THR C 1496 37.37 37.74 76.65
CA THR C 1496 37.87 38.78 77.54
C THR C 1496 38.11 40.07 76.79
N ILE C 1497 38.84 40.02 75.68
CA ILE C 1497 39.17 41.24 74.96
C ILE C 1497 37.90 42.00 74.61
N VAL C 1498 36.90 41.33 74.03
CA VAL C 1498 35.72 42.07 73.63
C VAL C 1498 35.06 42.67 74.87
N VAL C 1499 35.00 41.91 75.96
CA VAL C 1499 34.48 42.47 77.20
C VAL C 1499 35.26 43.74 77.55
N GLN C 1500 36.59 43.64 77.54
CA GLN C 1500 37.40 44.82 77.80
C GLN C 1500 36.99 45.97 76.89
N LEU C 1501 36.86 45.68 75.59
CA LEU C 1501 36.44 46.74 74.67
C LEU C 1501 35.16 47.39 75.17
N LEU C 1502 34.14 46.58 75.47
CA LEU C 1502 32.90 47.14 75.98
C LEU C 1502 33.17 48.03 77.18
N GLN C 1503 33.90 47.50 78.17
CA GLN C 1503 34.22 48.30 79.34
C GLN C 1503 34.84 49.62 78.92
N SER C 1504 35.88 49.56 78.09
CA SER C 1504 36.53 50.79 77.65
C SER C 1504 35.50 51.74 77.06
N THR C 1505 34.68 51.25 76.12
CA THR C 1505 33.70 52.11 75.49
C THR C 1505 32.80 52.74 76.55
N THR C 1506 32.33 51.93 77.50
CA THR C 1506 31.48 52.47 78.55
C THR C 1506 32.16 53.64 79.24
N ARG C 1507 33.42 53.44 79.64
CA ARG C 1507 34.15 54.52 80.31
C ARG C 1507 34.24 55.74 79.42
N LEU C 1508 34.51 55.53 78.13
CA LEU C 1508 34.59 56.66 77.20
C LEU C 1508 33.27 57.39 77.14
N LEU C 1509 32.15 56.66 77.28
CA LEU C 1509 30.85 57.32 77.26
C LEU C 1509 30.56 58.02 78.58
N GLU C 1510 31.25 57.63 79.66
CA GLU C 1510 30.98 58.24 80.96
C GLU C 1510 31.53 59.65 81.05
N CYS C 1511 32.47 60.02 80.19
CA CYS C 1511 33.04 61.36 80.24
C CYS C 1511 32.02 62.40 79.82
N PRO C 1512 32.09 63.61 80.39
CA PRO C 1512 31.09 64.65 80.05
C PRO C 1512 31.44 65.45 78.80
N TRP C 1513 32.73 65.53 78.48
CA TRP C 1513 33.18 66.36 77.36
C TRP C 1513 32.73 65.84 76.01
N LEU C 1514 32.23 64.60 75.93
CA LEU C 1514 31.80 64.05 74.66
C LEU C 1514 30.71 64.91 74.05
N GLN C 1515 30.82 65.14 72.74
CA GLN C 1515 29.86 65.96 72.02
C GLN C 1515 28.63 65.13 71.64
N GLN C 1516 27.59 65.82 71.19
CA GLN C 1516 26.34 65.15 70.84
C GLN C 1516 26.57 64.14 69.70
N GLN C 1517 27.26 64.56 68.65
CA GLN C 1517 27.56 63.63 67.56
C GLN C 1517 28.45 62.50 68.05
N HIS C 1518 29.48 62.83 68.84
CA HIS C 1518 30.33 61.79 69.42
C HIS C 1518 29.53 60.90 70.35
N LYS C 1519 28.61 61.49 71.12
CA LYS C 1519 27.76 60.69 71.99
C LYS C 1519 26.94 59.68 71.19
N GLY C 1520 26.35 60.14 70.09
CA GLY C 1520 25.56 59.23 69.26
C GLY C 1520 26.41 58.14 68.64
N SER C 1521 27.60 58.50 68.15
CA SER C 1521 28.48 57.50 67.56
C SER C 1521 28.89 56.45 68.59
N VAL C 1522 29.26 56.90 69.79
CA VAL C 1522 29.66 55.95 70.84
C VAL C 1522 28.49 55.08 71.24
N GLU C 1523 27.29 55.65 71.31
CA GLU C 1523 26.10 54.86 71.65
C GLU C 1523 25.85 53.80 70.59
N ALA C 1524 25.98 54.16 69.31
CA ALA C 1524 25.78 53.18 68.25
C ALA C 1524 26.82 52.08 68.33
N CYS C 1525 28.08 52.44 68.58
CA CYS C 1525 29.12 51.42 68.71
C CYS C 1525 28.85 50.49 69.87
N ILE C 1526 28.44 51.04 71.01
CA ILE C 1526 28.13 50.22 72.18
C ILE C 1526 26.94 49.29 71.87
N ARG C 1527 25.93 49.81 71.17
CA ARG C 1527 24.79 48.98 70.82
C ARG C 1527 25.20 47.83 69.92
N THR C 1528 26.05 48.11 68.93
CA THR C 1528 26.53 47.04 68.05
C THR C 1528 27.33 46.01 68.83
N LEU C 1529 28.21 46.46 69.72
CA LEU C 1529 29.01 45.53 70.51
C LEU C 1529 28.11 44.66 71.39
N ALA C 1530 27.12 45.26 72.03
CA ALA C 1530 26.20 44.49 72.86
C ALA C 1530 25.41 43.48 72.04
N MET C 1531 24.93 43.90 70.87
CA MET C 1531 24.17 42.99 70.02
C MET C 1531 25.04 41.80 69.60
N VAL C 1532 26.30 42.05 69.22
CA VAL C 1532 27.20 40.96 68.91
C VAL C 1532 27.61 40.21 70.18
N ALA C 1533 27.50 40.84 71.35
CA ALA C 1533 27.89 40.23 72.61
C ALA C 1533 26.71 39.62 73.36
N LYS C 1534 25.55 39.50 72.71
CA LYS C 1534 24.39 38.91 73.38
C LYS C 1534 24.72 37.51 73.88
N GLY C 1535 24.99 36.57 72.97
CA GLY C 1535 25.40 35.24 73.36
C GLY C 1535 26.62 34.74 72.62
N ARG C 1536 27.73 34.56 73.35
CA ARG C 1536 28.92 33.90 72.83
C ARG C 1536 29.55 33.05 73.92
N ALA C 1537 28.71 32.32 74.67
CA ALA C 1537 29.16 31.62 75.87
C ALA C 1537 29.75 32.59 76.89
N ILE C 1538 29.19 33.81 76.95
CA ILE C 1538 29.70 34.87 77.79
C ILE C 1538 28.53 35.53 78.52
N LEU C 1539 28.86 36.24 79.60
CA LEU C 1539 27.88 36.98 80.37
C LEU C 1539 28.44 38.35 80.72
N LEU C 1540 27.55 39.32 80.88
CA LEU C 1540 27.96 40.67 81.21
C LEU C 1540 28.24 40.78 82.71
N PRO C 1541 29.43 41.18 83.12
CA PRO C 1541 29.69 41.33 84.56
C PRO C 1541 28.74 42.34 85.18
N MET C 1542 28.31 42.04 86.42
CA MET C 1542 27.32 42.88 87.08
C MET C 1542 27.83 44.30 87.29
N ASP C 1543 29.10 44.45 87.73
CA ASP C 1543 29.66 45.78 87.87
C ASP C 1543 29.67 46.51 86.53
N LEU C 1544 30.04 45.81 85.45
CA LEU C 1544 30.00 46.41 84.13
C LEU C 1544 28.57 46.58 83.65
N ASP C 1545 27.68 45.62 84.00
CA ASP C 1545 26.30 45.68 83.55
C ASP C 1545 25.52 46.80 84.22
N ALA C 1546 26.02 47.35 85.32
CA ALA C 1546 25.30 48.41 86.02
C ALA C 1546 24.96 49.57 85.08
N HIS C 1547 25.94 50.01 84.29
CA HIS C 1547 25.72 51.08 83.33
C HIS C 1547 25.18 50.58 81.99
N ILE C 1548 25.45 49.33 81.64
CA ILE C 1548 24.91 48.79 80.40
C ILE C 1548 23.38 48.73 80.47
N SER C 1549 22.84 48.45 81.66
CA SER C 1549 21.38 48.47 81.81
C SER C 1549 20.81 49.85 81.52
N SER C 1550 21.45 50.89 82.05
CA SER C 1550 20.99 52.25 81.78
C SER C 1550 21.15 52.60 80.30
N MET C 1551 22.24 52.16 79.68
CA MET C 1551 22.44 52.41 78.25
C MET C 1551 21.34 51.76 77.44
N LEU C 1552 21.00 50.50 77.77
CA LEU C 1552 19.93 49.81 77.06
C LEU C 1552 18.59 50.51 77.28
N SER C 1553 18.32 50.96 78.51
CA SER C 1553 17.09 51.68 78.77
C SER C 1553 17.00 52.95 77.94
N SER C 1554 18.10 53.71 77.86
CA SER C 1554 18.11 54.92 77.05
C SER C 1554 17.92 54.60 75.58
N GLY C 1555 18.59 53.56 75.08
CA GLY C 1555 18.44 53.20 73.68
C GLY C 1555 17.02 52.78 73.34
N ALA C 1556 16.36 52.05 74.24
CA ALA C 1556 14.99 51.64 74.00
C ALA C 1556 14.07 52.86 73.89
N SER C 1557 14.30 53.87 74.71
CA SER C 1557 13.50 55.09 74.66
C SER C 1557 13.62 55.76 73.30
N TRP C 1586 18.71 104.52 46.15
CA TRP C 1586 18.19 103.51 45.22
C TRP C 1586 17.84 102.23 45.98
N ASP C 1587 16.72 101.61 45.60
CA ASP C 1587 16.27 100.37 46.23
C ASP C 1587 16.93 99.20 45.52
N TYR C 1588 18.06 98.74 46.08
CA TYR C 1588 18.81 97.66 45.45
C TYR C 1588 17.97 96.39 45.37
N LYS C 1589 17.40 95.97 46.49
CA LYS C 1589 16.60 94.75 46.50
C LYS C 1589 15.36 94.90 45.63
N ASN C 1590 14.68 96.05 45.73
CA ASN C 1590 13.49 96.27 44.91
C ASN C 1590 13.83 96.29 43.43
N ILE C 1591 14.95 96.94 43.07
CA ILE C 1591 15.35 96.98 41.67
C ILE C 1591 15.64 95.59 41.16
N ILE C 1592 16.35 94.78 41.95
CA ILE C 1592 16.66 93.41 41.52
C ILE C 1592 15.37 92.60 41.36
N GLU C 1593 14.44 92.74 42.31
CA GLU C 1593 13.20 91.99 42.23
C GLU C 1593 12.39 92.38 40.99
N LYS C 1594 12.31 93.69 40.70
CA LYS C 1594 11.59 94.11 39.52
C LYS C 1594 12.26 93.62 38.24
N LEU C 1595 13.60 93.64 38.22
CA LEU C 1595 14.31 93.12 37.05
C LEU C 1595 14.02 91.64 36.86
N GLN C 1596 14.02 90.87 37.94
CA GLN C 1596 13.71 89.45 37.84
C GLN C 1596 12.29 89.22 37.34
N ASP C 1597 11.33 89.99 37.86
CA ASP C 1597 9.95 89.86 37.40
C ASP C 1597 9.83 90.18 35.92
N ILE C 1598 10.50 91.24 35.46
CA ILE C 1598 10.45 91.59 34.05
C ILE C 1598 11.10 90.50 33.20
N ILE C 1599 12.20 89.93 33.68
CA ILE C 1599 12.86 88.85 32.94
C ILE C 1599 11.91 87.67 32.79
N THR C 1600 11.23 87.30 33.89
CA THR C 1600 10.30 86.18 33.83
C THR C 1600 9.16 86.47 32.86
N ALA C 1601 8.60 87.68 32.92
CA ALA C 1601 7.50 88.03 32.03
C ALA C 1601 7.94 87.98 30.57
N LEU C 1602 9.11 88.53 30.25
CA LEU C 1602 9.60 88.50 28.89
C LEU C 1602 9.85 87.07 28.43
N GLU C 1603 10.43 86.23 29.30
CA GLU C 1603 10.65 84.84 28.94
C GLU C 1603 9.34 84.13 28.62
N GLU C 1604 8.32 84.37 29.45
CA GLU C 1604 7.01 83.75 29.20
C GLU C 1604 6.40 84.25 27.90
N ARG C 1605 6.55 85.54 27.61
CA ARG C 1605 5.85 86.14 26.47
C ARG C 1605 6.43 85.66 25.14
N LEU C 1606 7.75 85.54 25.04
CA LEU C 1606 8.42 85.34 23.76
C LEU C 1606 8.53 83.88 23.35
N LYS C 1607 8.07 82.94 24.17
CA LYS C 1607 8.24 81.52 23.83
C LYS C 1607 7.60 81.15 22.50
N PRO C 1608 6.33 81.48 22.23
CA PRO C 1608 5.77 81.15 20.91
C PRO C 1608 6.52 81.81 19.77
N LEU C 1609 6.99 83.05 19.96
CA LEU C 1609 7.76 83.73 18.92
C LEU C 1609 9.07 83.00 18.68
N VAL C 1610 9.73 82.54 19.75
CA VAL C 1610 10.96 81.77 19.59
C VAL C 1610 10.68 80.49 18.80
N GLN C 1611 9.60 79.80 19.14
CA GLN C 1611 9.27 78.56 18.43
C GLN C 1611 9.00 78.83 16.95
N ALA C 1612 8.25 79.88 16.64
CA ALA C 1612 7.96 80.19 15.24
C ALA C 1612 9.24 80.56 14.49
N GLU C 1613 10.10 81.36 15.11
CA GLU C 1613 11.35 81.74 14.46
C GLU C 1613 12.21 80.52 14.18
N LEU C 1614 12.30 79.60 15.14
CA LEU C 1614 13.04 78.37 14.91
C LEU C 1614 12.40 77.53 13.80
N SER C 1615 11.08 77.50 13.76
CA SER C 1615 10.39 76.70 12.73
C SER C 1615 10.67 77.25 11.34
N VAL C 1616 10.77 78.57 11.20
CA VAL C 1616 11.01 79.14 9.88
C VAL C 1616 12.30 78.60 9.26
N LEU C 1617 13.26 78.20 10.11
CA LEU C 1617 14.50 77.62 9.59
C LEU C 1617 14.22 76.34 8.83
N VAL C 1618 13.26 75.53 9.30
CA VAL C 1618 12.92 74.29 8.60
C VAL C 1618 12.40 74.61 7.21
N ASP C 1619 11.51 75.60 7.09
CA ASP C 1619 11.01 75.99 5.78
C ASP C 1619 12.14 76.50 4.89
N VAL C 1620 13.06 77.29 5.45
CA VAL C 1620 14.18 77.79 4.67
C VAL C 1620 15.02 76.63 4.14
N LEU C 1621 15.27 75.63 4.99
CA LEU C 1621 16.05 74.47 4.55
C LEU C 1621 15.29 73.63 3.53
N HIS C 1622 13.95 73.65 3.58
CA HIS C 1622 13.17 72.88 2.63
C HIS C 1622 13.33 73.41 1.21
N TRP C 1623 13.30 74.73 1.04
CA TRP C 1623 13.32 75.36 -0.28
C TRP C 1623 14.42 76.42 -0.31
N PRO C 1624 15.68 76.02 -0.21
CA PRO C 1624 16.77 77.01 -0.27
C PRO C 1624 16.83 77.74 -1.60
N GLU C 1625 16.47 77.07 -2.70
CA GLU C 1625 16.61 77.67 -4.02
C GLU C 1625 15.82 78.96 -4.14
N LEU C 1626 14.72 79.10 -3.37
CA LEU C 1626 13.91 80.29 -3.45
C LEU C 1626 14.67 81.53 -3.00
N LEU C 1627 15.75 81.36 -2.23
CA LEU C 1627 16.55 82.51 -1.83
C LEU C 1627 17.31 83.09 -3.01
N PHE C 1628 17.69 82.27 -3.97
CA PHE C 1628 18.44 82.72 -5.13
C PHE C 1628 17.50 83.09 -6.28
N LEU C 1629 18.08 83.49 -7.41
CA LEU C 1629 17.33 83.87 -8.59
C LEU C 1629 17.24 82.69 -9.55
N GLU C 1630 16.05 82.49 -10.11
CA GLU C 1630 15.83 81.36 -11.02
C GLU C 1630 16.78 81.46 -12.21
N GLY C 1631 17.32 80.30 -12.60
CA GLY C 1631 18.25 80.22 -13.71
C GLY C 1631 19.70 80.39 -13.33
N SER C 1632 20.00 80.70 -12.07
CA SER C 1632 21.37 80.88 -11.64
C SER C 1632 21.99 79.53 -11.28
N GLU C 1633 23.32 79.52 -11.16
CA GLU C 1633 24.00 78.29 -10.78
C GLU C 1633 23.62 77.86 -9.38
N ALA C 1634 23.55 78.81 -8.44
CA ALA C 1634 23.16 78.47 -7.07
C ALA C 1634 21.74 77.94 -7.04
N TYR C 1635 20.85 78.52 -7.85
CA TYR C 1635 19.49 78.01 -7.92
C TYR C 1635 19.46 76.56 -8.40
N GLN C 1636 20.24 76.24 -9.42
CA GLN C 1636 20.29 74.86 -9.90
C GLN C 1636 20.85 73.93 -8.83
N ARG C 1637 21.89 74.36 -8.12
CA ARG C 1637 22.46 73.52 -7.07
C ARG C 1637 21.45 73.27 -5.97
N CYS C 1638 20.71 74.30 -5.56
CA CYS C 1638 19.73 74.13 -4.48
C CYS C 1638 18.56 73.26 -4.92
N GLU C 1639 18.05 73.48 -6.13
CA GLU C 1639 16.83 72.79 -6.55
C GLU C 1639 17.03 71.28 -6.61
N SER C 1640 18.17 70.83 -7.11
CA SER C 1640 18.44 69.40 -7.24
C SER C 1640 18.72 68.72 -5.91
N GLY C 1641 18.56 69.39 -4.77
CA GLY C 1641 18.87 68.78 -3.50
C GLY C 1641 20.34 68.79 -3.15
N GLY C 1642 21.18 69.48 -3.92
CA GLY C 1642 22.59 69.51 -3.62
C GLY C 1642 22.90 70.10 -2.27
N PHE C 1643 22.13 71.12 -1.86
CA PHE C 1643 22.37 71.75 -0.57
C PHE C 1643 22.19 70.75 0.57
N LEU C 1644 21.10 69.98 0.54
CA LEU C 1644 20.86 69.01 1.61
C LEU C 1644 21.90 67.91 1.62
N SER C 1645 22.29 67.43 0.44
CA SER C 1645 23.32 66.39 0.38
C SER C 1645 24.65 66.89 0.93
N LYS C 1646 25.02 68.12 0.57
CA LYS C 1646 26.25 68.71 1.10
C LYS C 1646 26.15 68.88 2.61
N LEU C 1647 25.00 69.30 3.11
CA LEU C 1647 24.82 69.45 4.55
C LEU C 1647 24.98 68.12 5.25
N ILE C 1648 24.40 67.05 4.69
CA ILE C 1648 24.52 65.73 5.30
C ILE C 1648 25.97 65.26 5.28
N GLN C 1649 26.66 65.45 4.16
CA GLN C 1649 28.06 65.05 4.09
C GLN C 1649 28.90 65.80 5.11
N HIS C 1650 28.67 67.11 5.24
CA HIS C 1650 29.43 67.90 6.21
C HIS C 1650 29.09 67.45 7.64
N THR C 1651 27.83 67.14 7.90
CA THR C 1651 27.45 66.63 9.21
C THR C 1651 28.21 65.35 9.53
N LYS C 1652 28.31 64.45 8.55
CA LYS C 1652 29.12 63.25 8.76
C LYS C 1652 30.58 63.61 9.04
N ASP C 1653 31.11 64.61 8.32
CA ASP C 1653 32.51 64.97 8.49
C ASP C 1653 32.77 65.59 9.85
N LEU C 1654 31.85 66.42 10.35
CA LEU C 1654 32.08 67.19 11.56
C LEU C 1654 31.73 66.43 12.84
N MET C 1655 31.55 65.12 12.77
CA MET C 1655 31.15 64.38 13.96
C MET C 1655 32.18 64.51 15.07
N GLU C 1656 33.46 64.47 14.72
CA GLU C 1656 34.52 64.60 15.71
C GLU C 1656 34.97 66.04 15.91
N SER C 1657 34.88 66.87 14.87
CA SER C 1657 35.37 68.24 14.99
C SER C 1657 34.49 69.07 15.93
N GLU C 1658 33.17 69.02 15.73
CA GLU C 1658 32.24 69.80 16.54
C GLU C 1658 31.02 68.92 16.84
N GLU C 1659 30.98 68.37 18.05
CA GLU C 1659 29.84 67.54 18.44
C GLU C 1659 28.57 68.37 18.56
N LYS C 1660 28.69 69.60 19.08
CA LYS C 1660 27.50 70.44 19.25
C LYS C 1660 26.85 70.75 17.91
N LEU C 1661 27.65 71.07 16.90
CA LEU C 1661 27.10 71.35 15.57
C LEU C 1661 26.43 70.11 14.99
N CYS C 1662 27.04 68.94 15.19
CA CYS C 1662 26.42 67.71 14.72
C CYS C 1662 25.07 67.48 15.38
N ILE C 1663 24.99 67.70 16.70
CA ILE C 1663 23.72 67.53 17.41
C ILE C 1663 22.69 68.52 16.89
N LYS C 1664 23.10 69.77 16.67
CA LYS C 1664 22.18 70.78 16.17
C LYS C 1664 21.64 70.39 14.80
N VAL C 1665 22.51 69.91 13.91
CA VAL C 1665 22.06 69.56 12.56
C VAL C 1665 21.15 68.35 12.60
N LEU C 1666 21.47 67.36 13.46
CA LEU C 1666 20.59 66.20 13.57
C LEU C 1666 19.22 66.60 14.10
N ARG C 1667 19.17 67.49 15.10
CA ARG C 1667 17.90 67.97 15.60
C ARG C 1667 17.14 68.73 14.53
N THR C 1668 17.84 69.54 13.73
CA THR C 1668 17.19 70.26 12.65
C THR C 1668 16.59 69.31 11.62
N LEU C 1669 17.32 68.25 11.28
CA LEU C 1669 16.78 67.25 10.36
C LEU C 1669 15.54 66.58 10.94
N GLN C 1670 15.60 66.21 12.23
CA GLN C 1670 14.43 65.59 12.87
C GLN C 1670 13.24 66.52 12.83
N GLN C 1671 13.46 67.82 13.10
CA GLN C 1671 12.37 68.78 13.00
C GLN C 1671 11.85 68.88 11.57
N MET C 1672 12.75 68.83 10.59
CA MET C 1672 12.33 68.83 9.20
C MET C 1672 11.43 67.64 8.88
N LEU C 1673 11.65 66.51 9.55
CA LEU C 1673 10.85 65.31 9.31
C LEU C 1673 9.56 65.28 10.12
N LEU C 1674 9.28 66.29 10.93
CA LEU C 1674 8.13 66.29 11.80
C LEU C 1674 6.93 66.99 11.16
N LYS C 1675 5.76 66.75 11.73
CA LYS C 1675 4.54 67.39 11.25
C LYS C 1675 4.48 68.85 11.66
N LYS C 1676 3.74 69.64 10.88
CA LYS C 1676 3.59 71.06 11.18
C LYS C 1676 2.82 71.26 12.47
N THR C 1677 3.11 72.37 13.15
CA THR C 1677 2.50 72.70 14.43
C THR C 1677 2.10 74.17 14.44
N LYS C 1678 1.11 74.48 15.28
CA LYS C 1678 0.63 75.84 15.44
C LYS C 1678 1.22 76.45 16.71
N TYR C 1679 1.59 77.73 16.62
CA TYR C 1679 2.26 78.43 17.71
C TYR C 1679 1.44 79.62 18.19
N GLY C 1680 0.12 79.55 18.07
CA GLY C 1680 -0.75 80.64 18.47
C GLY C 1680 -0.87 81.70 17.39
N ASP C 1681 -1.72 82.69 17.66
CA ASP C 1681 -1.94 83.75 16.69
C ASP C 1681 -0.67 84.55 16.44
N ARG C 1682 0.01 84.97 17.51
CA ARG C 1682 1.23 85.74 17.35
C ARG C 1682 2.31 84.93 16.65
N GLY C 1683 2.45 83.66 17.04
CA GLY C 1683 3.45 82.82 16.40
C GLY C 1683 3.18 82.63 14.92
N ASN C 1684 1.92 82.39 14.56
CA ASN C 1684 1.57 82.25 13.14
C ASN C 1684 1.83 83.53 12.38
N GLN C 1685 1.49 84.68 12.97
CA GLN C 1685 1.74 85.96 12.30
C GLN C 1685 3.23 86.16 12.06
N LEU C 1686 4.05 85.90 13.08
CA LEU C 1686 5.49 86.05 12.93
C LEU C 1686 6.04 85.09 11.87
N ARG C 1687 5.57 83.84 11.89
CA ARG C 1687 6.04 82.86 10.91
C ARG C 1687 5.67 83.28 9.49
N LYS C 1688 4.44 83.75 9.30
CA LYS C 1688 4.02 84.19 7.97
C LYS C 1688 4.83 85.39 7.51
N MET C 1689 5.07 86.35 8.41
CA MET C 1689 5.86 87.52 8.05
C MET C 1689 7.28 87.12 7.64
N LEU C 1690 7.90 86.23 8.43
CA LEU C 1690 9.26 85.79 8.11
C LEU C 1690 9.30 85.04 6.78
N LEU C 1691 8.32 84.16 6.55
CA LEU C 1691 8.29 83.41 5.30
C LEU C 1691 8.11 84.34 4.11
N GLN C 1692 7.24 85.34 4.24
CA GLN C 1692 7.07 86.32 3.16
C GLN C 1692 8.36 87.08 2.92
N ASN C 1693 9.04 87.50 4.00
CA ASN C 1693 10.27 88.26 3.85
C ASN C 1693 11.36 87.44 3.15
N TYR C 1694 11.54 86.19 3.55
CA TYR C 1694 12.61 85.37 2.98
C TYR C 1694 12.19 84.75 1.66
N LEU C 1695 11.13 83.93 1.67
CA LEU C 1695 10.58 83.36 0.46
C LEU C 1695 9.48 84.29 -0.03
N GLN C 1696 9.74 84.98 -1.15
CA GLN C 1696 8.87 86.08 -1.57
C GLN C 1696 7.43 85.61 -1.74
N ASN C 1697 7.17 84.78 -2.75
CA ASN C 1697 5.84 84.20 -2.93
C ASN C 1697 5.88 82.75 -3.41
N ARG C 1698 7.04 82.14 -3.54
CA ARG C 1698 7.14 80.79 -4.06
C ARG C 1698 6.95 79.75 -2.96
N TRP C 1718 0.09 62.44 5.91
CA TRP C 1718 1.22 61.54 5.96
C TRP C 1718 1.96 61.51 4.62
N SER C 1719 1.27 61.92 3.56
CA SER C 1719 1.90 61.95 2.23
C SER C 1719 3.08 62.92 2.22
N ALA C 1720 2.90 64.10 2.81
CA ALA C 1720 4.00 65.05 2.88
C ALA C 1720 5.16 64.50 3.69
N ILE C 1721 4.87 63.85 4.82
CA ILE C 1721 5.92 63.25 5.64
C ILE C 1721 6.66 62.18 4.86
N ALA C 1722 5.91 61.34 4.13
CA ALA C 1722 6.55 60.28 3.34
C ALA C 1722 7.44 60.89 2.26
N ALA C 1723 6.96 61.94 1.59
CA ALA C 1723 7.77 62.58 0.56
C ALA C 1723 9.04 63.18 1.15
N THR C 1724 8.94 63.82 2.31
CA THR C 1724 10.11 64.38 2.96
C THR C 1724 11.09 63.29 3.36
N GLN C 1725 10.58 62.17 3.88
CA GLN C 1725 11.45 61.06 4.25
C GLN C 1725 12.17 60.52 3.03
N CYS C 1726 11.46 60.35 1.91
CA CYS C 1726 12.08 59.85 0.69
C CYS C 1726 13.14 60.82 0.19
N ARG C 1727 12.85 62.12 0.24
CA ARG C 1727 13.84 63.11 -0.20
C ARG C 1727 15.09 63.07 0.67
N LEU C 1728 14.92 62.99 1.98
CA LEU C 1728 16.08 62.93 2.87
C LEU C 1728 16.88 61.65 2.65
N ASP C 1729 16.18 60.53 2.43
CA ASP C 1729 16.89 59.29 2.12
C ASP C 1729 17.68 59.42 0.83
N LYS C 1730 17.08 60.08 -0.18
CA LYS C 1730 17.80 60.31 -1.43
C LYS C 1730 19.05 61.14 -1.20
N GLU C 1731 18.96 62.17 -0.35
CA GLU C 1731 20.12 62.99 -0.04
C GLU C 1731 21.15 62.26 0.82
N GLY C 1732 20.81 61.11 1.38
CA GLY C 1732 21.77 60.30 2.11
C GLY C 1732 21.61 60.33 3.61
N ALA C 1733 20.39 60.59 4.08
CA ALA C 1733 20.14 60.61 5.52
C ALA C 1733 20.36 59.23 6.15
N THR C 1734 19.89 58.18 5.48
CA THR C 1734 20.02 56.83 6.03
C THR C 1734 21.48 56.44 6.19
N LYS C 1735 22.31 56.72 5.18
CA LYS C 1735 23.73 56.40 5.28
C LYS C 1735 24.38 57.20 6.40
N LEU C 1736 24.01 58.47 6.54
CA LEU C 1736 24.55 59.28 7.63
C LEU C 1736 24.19 58.68 8.99
N VAL C 1737 22.93 58.25 9.14
CA VAL C 1737 22.49 57.67 10.41
C VAL C 1737 23.28 56.40 10.70
N CYS C 1738 23.43 55.53 9.69
CA CYS C 1738 24.17 54.30 9.90
C CYS C 1738 25.62 54.58 10.28
N ASP C 1739 26.27 55.52 9.57
CA ASP C 1739 27.65 55.84 9.88
C ASP C 1739 27.80 56.40 11.28
N LEU C 1740 26.91 57.31 11.67
CA LEU C 1740 26.98 57.89 13.01
C LEU C 1740 26.79 56.83 14.07
N ILE C 1741 25.82 55.93 13.89
CA ILE C 1741 25.58 54.88 14.87
C ILE C 1741 26.80 53.97 14.97
N THR C 1742 27.40 53.64 13.83
CA THR C 1742 28.52 52.71 13.85
C THR C 1742 29.77 53.33 14.47
N SER C 1743 30.02 54.61 14.21
CA SER C 1743 31.29 55.23 14.56
C SER C 1743 31.25 56.14 15.78
N THR C 1744 30.11 56.77 16.06
CA THR C 1744 30.08 57.78 17.11
C THR C 1744 30.35 57.15 18.48
N LYS C 1745 31.12 57.87 19.30
CA LYS C 1745 31.36 57.51 20.68
C LYS C 1745 30.66 58.45 21.65
N ASN C 1746 29.86 59.39 21.14
CA ASN C 1746 29.15 60.37 21.97
C ASN C 1746 27.72 59.90 22.18
N GLU C 1747 27.28 59.89 23.43
CA GLU C 1747 25.93 59.42 23.74
C GLU C 1747 24.87 60.29 23.08
N LYS C 1748 25.04 61.62 23.12
CA LYS C 1748 24.06 62.51 22.52
C LYS C 1748 23.97 62.30 21.02
N ILE C 1749 25.10 62.12 20.35
CA ILE C 1749 25.08 61.90 18.91
C ILE C 1749 24.37 60.58 18.59
N PHE C 1750 24.62 59.54 19.38
CA PHE C 1750 23.94 58.26 19.17
C PHE C 1750 22.43 58.41 19.35
N GLN C 1751 22.01 59.13 20.40
CA GLN C 1751 20.59 59.35 20.62
C GLN C 1751 19.97 60.10 19.46
N GLU C 1752 20.65 61.15 18.97
CA GLU C 1752 20.09 61.92 17.86
C GLU C 1752 20.04 61.08 16.59
N SER C 1753 21.04 60.23 16.36
CA SER C 1753 21.01 59.35 15.19
C SER C 1753 19.85 58.38 15.27
N ILE C 1754 19.60 57.81 16.45
CA ILE C 1754 18.48 56.89 16.60
C ILE C 1754 17.16 57.63 16.39
N GLY C 1755 17.05 58.85 16.92
CA GLY C 1755 15.84 59.63 16.71
C GLY C 1755 15.61 59.96 15.25
N LEU C 1756 16.68 60.31 14.53
CA LEU C 1756 16.56 60.57 13.10
C LEU C 1756 16.14 59.33 12.35
N ALA C 1757 16.68 58.17 12.73
CA ALA C 1757 16.25 56.92 12.12
C ALA C 1757 14.77 56.68 12.35
N ILE C 1758 14.30 56.90 13.58
CA ILE C 1758 12.88 56.72 13.88
C ILE C 1758 12.03 57.65 13.04
N HIS C 1759 12.45 58.92 12.95
CA HIS C 1759 11.68 59.89 12.17
C HIS C 1759 11.64 59.51 10.69
N LEU C 1760 12.76 59.03 10.15
CA LEU C 1760 12.79 58.60 8.77
C LEU C 1760 11.88 57.40 8.54
N LEU C 1761 11.89 56.45 9.47
CA LEU C 1761 11.09 55.23 9.34
C LEU C 1761 9.68 55.38 9.88
N ASP C 1762 9.34 56.53 10.46
CA ASP C 1762 8.03 56.67 11.09
C ASP C 1762 6.92 56.44 10.08
N GLY C 1763 5.86 55.77 10.51
CA GLY C 1763 4.75 55.45 9.65
C GLY C 1763 4.92 54.21 8.80
N GLY C 1764 6.05 53.52 8.91
CA GLY C 1764 6.29 52.33 8.12
C GLY C 1764 6.53 52.63 6.66
N ASN C 1765 7.61 53.34 6.36
CA ASN C 1765 7.96 53.69 4.99
C ASN C 1765 8.70 52.52 4.35
N THR C 1766 8.11 51.96 3.28
CA THR C 1766 8.73 50.81 2.62
C THR C 1766 10.06 51.19 1.98
N GLU C 1767 10.13 52.38 1.37
CA GLU C 1767 11.37 52.80 0.72
C GLU C 1767 12.50 52.93 1.73
N ILE C 1768 12.22 53.51 2.89
CA ILE C 1768 13.25 53.66 3.92
C ILE C 1768 13.71 52.29 4.41
N GLN C 1769 12.77 51.37 4.59
CA GLN C 1769 13.15 50.01 5.01
C GLN C 1769 14.03 49.35 3.96
N LYS C 1770 13.69 49.51 2.69
CA LYS C 1770 14.50 48.93 1.62
C LYS C 1770 15.89 49.55 1.61
N SER C 1771 15.99 50.86 1.80
CA SER C 1771 17.29 51.50 1.86
C SER C 1771 18.11 50.99 3.03
N PHE C 1772 17.49 50.83 4.20
CA PHE C 1772 18.19 50.30 5.35
C PHE C 1772 18.68 48.89 5.09
N HIS C 1773 17.84 48.04 4.49
CA HIS C 1773 18.25 46.67 4.19
C HIS C 1773 19.40 46.65 3.18
N ASN C 1774 19.33 47.49 2.15
CA ASN C 1774 20.40 47.53 1.17
C ASN C 1774 21.71 47.97 1.81
N LEU C 1775 21.66 48.99 2.68
CA LEU C 1775 22.87 49.42 3.36
C LEU C 1775 23.42 48.32 4.26
N MET C 1776 22.53 47.61 4.97
CA MET C 1776 22.99 46.55 5.86
C MET C 1776 23.63 45.40 5.07
N MET C 1777 23.08 45.10 3.90
CA MET C 1777 23.60 43.98 3.12
C MET C 1777 24.89 44.36 2.38
N SER C 1778 24.81 45.35 1.49
CA SER C 1778 25.95 45.69 0.66
C SER C 1778 27.13 46.20 1.48
N ASP C 1779 26.85 47.07 2.45
CA ASP C 1779 27.93 47.69 3.22
C ASP C 1779 28.67 46.63 4.04
N LYS C 1780 29.97 46.84 4.18
CA LYS C 1780 30.83 45.91 4.91
C LYS C 1780 30.85 46.16 6.42
N LYS C 1781 30.27 47.27 6.88
CA LYS C 1781 30.28 47.61 8.30
C LYS C 1781 28.97 47.30 9.00
N SER C 1782 28.05 46.58 8.34
CA SER C 1782 26.83 46.17 9.00
C SER C 1782 27.11 45.31 10.22
N GLU C 1783 28.20 44.54 10.17
CA GLU C 1783 28.60 43.74 11.32
C GLU C 1783 28.83 44.63 12.53
N ARG C 1784 29.53 45.75 12.34
CA ARG C 1784 29.77 46.68 13.45
C ARG C 1784 28.46 47.30 13.94
N PHE C 1785 27.55 47.62 13.02
CA PHE C 1785 26.26 48.18 13.40
C PHE C 1785 25.51 47.22 14.33
N PHE C 1786 25.39 45.96 13.91
CA PHE C 1786 24.68 44.99 14.72
C PHE C 1786 25.43 44.68 16.02
N LYS C 1787 26.76 44.70 15.98
CA LYS C 1787 27.52 44.49 17.22
C LYS C 1787 27.25 45.62 18.22
N VAL C 1788 27.20 46.86 17.73
CA VAL C 1788 26.92 47.99 18.62
C VAL C 1788 25.53 47.84 19.22
N LEU C 1789 24.54 47.51 18.40
CA LEU C 1789 23.19 47.34 18.92
C LEU C 1789 23.14 46.23 19.96
N HIS C 1790 23.79 45.10 19.68
CA HIS C 1790 23.79 43.98 20.62
C HIS C 1790 24.48 44.35 21.92
N ASP C 1791 25.61 45.07 21.83
CA ASP C 1791 26.32 45.47 23.03
C ASP C 1791 25.47 46.39 23.89
N ARG C 1792 24.77 47.34 23.26
CA ARG C 1792 23.90 48.22 24.03
C ARG C 1792 22.75 47.44 24.67
N MET C 1793 22.19 46.48 23.94
CA MET C 1793 21.13 45.65 24.52
C MET C 1793 21.64 44.89 25.74
N LYS C 1794 22.84 44.30 25.63
CA LYS C 1794 23.39 43.54 26.74
C LYS C 1794 23.70 44.44 27.93
N ARG C 1795 24.21 45.65 27.67
CA ARG C 1795 24.49 46.57 28.76
C ARG C 1795 23.19 46.97 29.47
N ALA C 1796 22.13 47.22 28.71
CA ALA C 1796 20.84 47.54 29.31
C ALA C 1796 20.34 46.37 30.16
N GLN C 1797 20.49 45.15 29.65
CA GLN C 1797 20.06 43.97 30.42
C GLN C 1797 20.83 43.85 31.72
N GLN C 1798 22.16 44.05 31.66
CA GLN C 1798 22.97 43.95 32.87
C GLN C 1798 22.60 45.03 33.87
N GLU C 1799 22.39 46.26 33.40
CA GLU C 1799 22.00 47.33 34.32
C GLU C 1799 20.65 47.05 34.96
N THR C 1800 19.69 46.55 34.18
CA THR C 1800 18.39 46.22 34.73
C THR C 1800 18.50 45.10 35.76
N LYS C 1801 19.32 44.09 35.48
CA LYS C 1801 19.50 43.00 36.44
C LYS C 1801 20.12 43.51 37.73
N SER C 1802 21.12 44.39 37.62
CA SER C 1802 21.75 44.94 38.82
C SER C 1802 20.75 45.77 39.63
N THR C 1803 19.94 46.59 38.95
CA THR C 1803 18.95 47.38 39.66
C THR C 1803 17.92 46.49 40.35
N VAL C 1804 17.47 45.43 39.68
CA VAL C 1804 16.52 44.51 40.28
C VAL C 1804 17.13 43.85 41.50
N ALA C 1805 18.39 43.43 41.41
CA ALA C 1805 19.05 42.80 42.55
C ALA C 1805 19.17 43.78 43.71
N VAL C 1806 19.49 45.04 43.41
CA VAL C 1806 19.58 46.05 44.48
C VAL C 1806 18.23 46.21 45.17
N ASN C 1807 17.16 46.30 44.40
CA ASN C 1807 15.82 46.46 44.94
C ASN C 1807 15.20 45.11 45.25
N MET C 1863 16.26 56.02 35.52
CA MET C 1863 16.60 54.65 35.92
C MET C 1863 17.81 54.15 35.14
N GLY C 1864 18.72 55.06 34.82
CA GLY C 1864 19.91 54.70 34.08
C GLY C 1864 19.80 55.01 32.60
N THR C 1865 20.78 55.71 32.05
CA THR C 1865 20.74 56.05 30.63
C THR C 1865 20.78 54.81 29.76
N SER C 1866 21.55 53.80 30.16
CA SER C 1866 21.65 52.58 29.37
C SER C 1866 20.31 51.87 29.27
N VAL C 1867 19.42 52.05 30.25
CA VAL C 1867 18.09 51.47 30.20
C VAL C 1867 17.11 52.40 29.50
N LEU C 1868 17.26 53.72 29.66
CA LEU C 1868 16.37 54.65 28.99
C LEU C 1868 16.57 54.60 27.47
N ILE C 1869 17.79 54.32 27.01
CA ILE C 1869 18.06 54.25 25.58
C ILE C 1869 17.38 53.06 24.92
N MET C 1870 16.85 52.11 25.70
CA MET C 1870 16.23 50.94 25.11
C MET C 1870 14.94 51.31 24.38
N GLN C 1871 14.19 52.28 24.90
CA GLN C 1871 12.93 52.67 24.27
C GLN C 1871 13.15 53.12 22.82
N PRO C 1872 14.02 54.08 22.53
CA PRO C 1872 14.25 54.44 21.13
C PRO C 1872 14.78 53.28 20.28
N ILE C 1873 15.64 52.44 20.85
CA ILE C 1873 16.18 51.32 20.08
C ILE C 1873 15.09 50.32 19.74
N LEU C 1874 14.23 50.00 20.72
CA LEU C 1874 13.13 49.09 20.47
C LEU C 1874 12.16 49.68 19.46
N ARG C 1875 11.90 50.98 19.55
CA ARG C 1875 11.03 51.62 18.58
C ARG C 1875 11.61 51.55 17.18
N PHE C 1876 12.93 51.79 17.05
CA PHE C 1876 13.57 51.71 15.74
C PHE C 1876 13.50 50.30 15.18
N LEU C 1877 13.75 49.30 16.02
CA LEU C 1877 13.68 47.91 15.56
C LEU C 1877 12.27 47.54 15.14
N GLN C 1878 11.27 48.01 15.88
CA GLN C 1878 9.88 47.76 15.49
C GLN C 1878 9.56 48.44 14.16
N LEU C 1879 10.03 49.67 13.97
CA LEU C 1879 9.76 50.38 12.72
C LEU C 1879 10.46 49.72 11.55
N LEU C 1880 11.60 49.06 11.78
CA LEU C 1880 12.26 48.33 10.71
C LEU C 1880 11.36 47.21 10.17
N CYS C 1881 10.67 46.50 11.06
CA CYS C 1881 9.85 45.35 10.70
C CYS C 1881 8.39 45.72 10.48
N GLU C 1882 8.04 47.00 10.51
CA GLU C 1882 6.65 47.40 10.38
C GLU C 1882 6.08 46.98 9.03
N ASN C 1883 4.77 46.72 9.02
CA ASN C 1883 4.06 46.27 7.82
C ASN C 1883 4.49 44.86 7.40
N HIS C 1884 5.00 44.07 8.35
CA HIS C 1884 5.39 42.69 8.09
C HIS C 1884 6.42 42.60 6.96
N ASN C 1885 7.54 43.30 7.16
CA ASN C 1885 8.64 43.26 6.21
C ASN C 1885 9.44 41.98 6.46
N ARG C 1886 9.24 40.99 5.60
CA ARG C 1886 9.85 39.68 5.82
C ARG C 1886 11.38 39.77 5.78
N ASP C 1887 11.93 40.55 4.84
CA ASP C 1887 13.38 40.66 4.72
C ASP C 1887 13.99 41.21 6.01
N LEU C 1888 13.43 42.31 6.51
CA LEU C 1888 13.96 42.89 7.75
C LEU C 1888 13.70 41.97 8.93
N GLN C 1889 12.53 41.32 8.95
CA GLN C 1889 12.22 40.42 10.06
C GLN C 1889 13.24 39.29 10.15
N ASN C 1890 13.62 38.71 9.01
CA ASN C 1890 14.59 37.63 9.02
C ASN C 1890 16.00 38.16 9.27
N PHE C 1891 16.32 39.35 8.76
CA PHE C 1891 17.66 39.88 8.91
C PHE C 1891 17.99 40.17 10.37
N LEU C 1892 17.01 40.69 11.12
CA LEU C 1892 17.26 41.01 12.52
C LEU C 1892 17.60 39.77 13.34
N ARG C 1893 17.23 38.58 12.85
CA ARG C 1893 17.57 37.33 13.52
C ARG C 1893 18.92 36.79 13.05
N CYS C 1894 19.14 36.78 11.73
CA CYS C 1894 20.40 36.32 11.15
C CYS C 1894 20.82 37.31 10.06
N GLN C 1895 22.07 37.77 10.14
CA GLN C 1895 22.59 38.75 9.19
C GLN C 1895 23.52 38.14 8.14
N ASN C 1896 23.80 36.84 8.23
CA ASN C 1896 24.66 36.14 7.27
C ASN C 1896 26.09 36.69 7.27
N ASN C 1897 26.49 37.39 8.32
CA ASN C 1897 27.86 37.88 8.45
C ASN C 1897 28.72 36.83 9.14
N LYS C 1898 29.99 37.17 9.38
CA LYS C 1898 30.89 36.24 10.06
C LYS C 1898 30.38 35.92 11.46
N THR C 1899 29.96 36.94 12.21
CA THR C 1899 29.30 36.76 13.50
C THR C 1899 27.91 37.38 13.41
N ASN C 1900 26.91 36.62 13.84
CA ASN C 1900 25.52 37.03 13.73
C ASN C 1900 24.98 37.37 15.12
N TYR C 1901 24.26 38.48 15.22
CA TYR C 1901 23.63 38.92 16.45
C TYR C 1901 22.12 38.81 16.30
N ASN C 1902 21.50 37.96 17.11
CA ASN C 1902 20.05 37.75 17.06
C ASN C 1902 19.39 38.77 17.98
N LEU C 1903 18.82 39.82 17.37
CA LEU C 1903 18.19 40.87 18.15
C LEU C 1903 16.84 40.43 18.71
N VAL C 1904 16.17 39.48 18.07
CA VAL C 1904 14.90 38.97 18.59
C VAL C 1904 15.12 38.27 19.93
N CYS C 1905 16.15 37.42 19.99
CA CYS C 1905 16.47 36.73 21.24
C CYS C 1905 16.86 37.72 22.32
N GLU C 1906 17.64 38.75 21.95
CA GLU C 1906 18.03 39.76 22.94
C GLU C 1906 16.83 40.54 23.44
N THR C 1907 15.87 40.85 22.57
CA THR C 1907 14.66 41.53 23.01
C THR C 1907 13.87 40.66 23.98
N LEU C 1908 13.75 39.36 23.68
CA LEU C 1908 13.06 38.47 24.60
C LEU C 1908 13.78 38.38 25.93
N GLN C 1909 15.12 38.33 25.90
CA GLN C 1909 15.89 38.29 27.14
C GLN C 1909 15.69 39.57 27.95
N PHE C 1910 15.66 40.71 27.28
CA PHE C 1910 15.42 41.97 27.98
C PHE C 1910 14.05 41.97 28.64
N LEU C 1911 13.03 41.48 27.92
CA LEU C 1911 11.70 41.39 28.51
C LEU C 1911 11.71 40.48 29.73
N ASP C 1912 12.39 39.33 29.63
CA ASP C 1912 12.43 38.39 30.74
C ASP C 1912 13.13 39.00 31.96
N ILE C 1913 14.25 39.68 31.74
CA ILE C 1913 14.98 40.26 32.86
C ILE C 1913 14.20 41.41 33.49
N MET C 1914 13.52 42.21 32.65
CA MET C 1914 12.78 43.35 33.18
C MET C 1914 11.67 42.89 34.12
N CYS C 1915 11.00 41.80 33.77
CA CYS C 1915 9.86 41.31 34.54
C CYS C 1915 10.25 40.45 35.73
N GLY C 1916 11.55 40.21 35.95
CA GLY C 1916 12.02 39.46 37.09
C GLY C 1916 12.35 38.02 36.83
N SER C 1917 12.26 37.56 35.59
CA SER C 1917 12.62 36.19 35.24
C SER C 1917 11.65 35.19 35.88
N THR C 1918 12.16 34.04 36.33
CA THR C 1918 11.29 33.00 36.87
C THR C 1918 10.51 33.49 38.07
N THR C 1919 11.14 34.30 38.93
CA THR C 1919 10.45 34.80 40.12
C THR C 1919 9.22 35.61 39.72
N GLY C 1920 9.36 36.47 38.71
CA GLY C 1920 8.20 37.20 38.22
C GLY C 1920 7.11 36.30 37.70
N GLY C 1921 7.49 35.25 36.96
CA GLY C 1921 6.51 34.30 36.47
C GLY C 1921 5.77 33.57 37.56
N LEU C 1922 6.45 33.29 38.67
CA LEU C 1922 5.81 32.57 39.78
C LEU C 1922 4.60 33.32 40.32
N GLY C 1923 4.60 34.65 40.18
CA GLY C 1923 3.49 35.45 40.67
C GLY C 1923 3.92 36.75 41.30
N LEU C 1924 5.24 36.98 41.38
CA LEU C 1924 5.78 38.22 41.92
C LEU C 1924 5.95 39.29 40.84
N LEU C 1925 5.22 39.19 39.73
CA LEU C 1925 5.37 40.14 38.64
C LEU C 1925 5.02 41.56 39.05
N GLY C 1926 4.12 41.71 40.02
CA GLY C 1926 3.66 43.04 40.39
C GLY C 1926 4.77 43.93 40.90
N LEU C 1927 5.67 43.38 41.72
CA LEU C 1927 6.72 44.21 42.30
C LEU C 1927 7.67 44.74 41.24
N TYR C 1928 8.05 43.91 40.27
CA TYR C 1928 9.03 44.32 39.27
C TYR C 1928 8.49 45.41 38.36
N ILE C 1929 7.22 45.32 37.98
CA ILE C 1929 6.61 46.28 37.06
C ILE C 1929 6.00 47.41 37.87
N ASN C 1930 6.35 48.64 37.50
CA ASN C 1930 5.84 49.84 38.15
C ASN C 1930 5.53 50.88 37.08
N GLU C 1931 5.12 52.07 37.54
CA GLU C 1931 4.71 53.12 36.60
C GLU C 1931 5.86 53.56 35.72
N ASP C 1932 7.07 53.66 36.27
CA ASP C 1932 8.19 54.19 35.50
C ASP C 1932 8.55 53.29 34.33
N ASN C 1933 8.58 51.97 34.55
CA ASN C 1933 9.08 51.03 33.55
C ASN C 1933 7.98 50.36 32.74
N VAL C 1934 6.71 50.70 32.98
CA VAL C 1934 5.62 50.02 32.27
C VAL C 1934 5.68 50.34 30.78
N GLY C 1935 5.97 51.59 30.42
CA GLY C 1935 6.03 51.94 29.02
C GLY C 1935 7.08 51.16 28.26
N LEU C 1936 8.24 50.92 28.89
CA LEU C 1936 9.28 50.14 28.25
C LEU C 1936 8.83 48.70 28.01
N VAL C 1937 8.11 48.12 28.97
CA VAL C 1937 7.58 46.76 28.78
C VAL C 1937 6.59 46.74 27.64
N ILE C 1938 5.73 47.77 27.56
CA ILE C 1938 4.77 47.83 26.46
C ILE C 1938 5.49 47.92 25.13
N GLN C 1939 6.54 48.75 25.06
CA GLN C 1939 7.31 48.86 23.82
C GLN C 1939 7.97 47.54 23.46
N THR C 1940 8.50 46.83 24.45
CA THR C 1940 9.12 45.53 24.17
C THR C 1940 8.10 44.54 23.63
N LEU C 1941 6.91 44.52 24.22
CA LEU C 1941 5.86 43.62 23.73
C LEU C 1941 5.48 43.98 22.29
N GLU C 1942 5.35 45.28 22.01
CA GLU C 1942 5.01 45.70 20.65
C GLU C 1942 6.10 45.30 19.66
N THR C 1943 7.37 45.45 20.06
CA THR C 1943 8.47 45.06 19.18
C THR C 1943 8.45 43.57 18.91
N LEU C 1944 8.22 42.75 19.93
CA LEU C 1944 8.14 41.30 19.71
C LEU C 1944 6.97 40.95 18.80
N THR C 1945 5.83 41.60 18.99
CA THR C 1945 4.69 41.35 18.11
C THR C 1945 5.01 41.71 16.67
N GLU C 1946 5.68 42.84 16.46
CA GLU C 1946 6.08 43.22 15.11
C GLU C 1946 7.09 42.24 14.53
N TYR C 1947 7.95 41.67 15.38
CA TYR C 1947 8.86 40.63 14.90
C TYR C 1947 8.08 39.43 14.40
N CYS C 1948 7.07 39.00 15.14
CA CYS C 1948 6.40 37.73 14.84
C CYS C 1948 5.27 37.85 13.83
N GLN C 1949 4.65 39.01 13.69
CA GLN C 1949 3.50 39.14 12.80
C GLN C 1949 3.93 39.09 11.34
N GLY C 1950 2.99 38.69 10.49
CA GLY C 1950 3.22 38.65 9.06
C GLY C 1950 2.77 37.37 8.38
N PRO C 1951 3.03 36.19 8.99
CA PRO C 1951 3.87 35.87 10.15
C PRO C 1951 5.31 35.56 9.75
N CYS C 1952 6.22 35.56 10.71
CA CYS C 1952 7.59 35.09 10.52
C CYS C 1952 7.74 33.84 11.37
N HIS C 1953 7.69 32.68 10.70
CA HIS C 1953 7.68 31.41 11.44
C HIS C 1953 8.96 31.22 12.23
N GLU C 1954 10.11 31.61 11.66
CA GLU C 1954 11.38 31.43 12.35
C GLU C 1954 11.41 32.26 13.64
N ASN C 1955 10.92 33.50 13.58
CA ASN C 1955 10.89 34.33 14.79
C ASN C 1955 9.94 33.75 15.82
N GLN C 1956 8.79 33.22 15.38
CA GLN C 1956 7.86 32.59 16.30
C GLN C 1956 8.51 31.41 17.01
N THR C 1957 9.21 30.57 16.24
CA THR C 1957 9.91 29.43 16.85
C THR C 1957 10.99 29.89 17.81
N CYS C 1958 11.73 30.94 17.43
CA CYS C 1958 12.78 31.46 18.30
C CYS C 1958 12.21 31.93 19.63
N ILE C 1959 11.09 32.66 19.60
CA ILE C 1959 10.52 33.18 20.84
C ILE C 1959 9.92 32.05 21.66
N VAL C 1960 9.17 31.15 21.01
CA VAL C 1960 8.45 30.12 21.76
C VAL C 1960 9.41 29.15 22.42
N THR C 1961 10.47 28.75 21.71
CA THR C 1961 11.39 27.72 22.19
C THR C 1961 12.63 28.30 22.84
N HIS C 1962 12.62 29.59 23.17
CA HIS C 1962 13.80 30.20 23.77
C HIS C 1962 14.12 29.56 25.11
N GLU C 1963 15.42 29.42 25.39
CA GLU C 1963 15.85 28.78 26.63
C GLU C 1963 15.47 29.59 27.86
N SER C 1964 15.37 30.91 27.72
CA SER C 1964 15.02 31.77 28.84
C SER C 1964 13.59 31.56 29.33
N ASN C 1965 12.76 30.88 28.55
CA ASN C 1965 11.35 30.67 28.91
C ASN C 1965 10.63 32.00 29.10
N GLY C 1966 10.80 32.89 28.12
CA GLY C 1966 10.12 34.18 28.17
C GLY C 1966 8.65 34.13 27.86
N ILE C 1967 8.17 33.03 27.28
CA ILE C 1967 6.74 32.88 27.03
C ILE C 1967 5.97 32.82 28.34
N ASP C 1968 6.56 32.19 29.35
CA ASP C 1968 5.94 32.18 30.67
C ASP C 1968 5.75 33.58 31.22
N ILE C 1969 6.69 34.49 30.91
CA ILE C 1969 6.54 35.88 31.36
C ILE C 1969 5.31 36.50 30.72
N ILE C 1970 5.09 36.26 29.44
CA ILE C 1970 3.92 36.83 28.75
C ILE C 1970 2.64 36.25 29.32
N THR C 1971 2.61 34.92 29.55
CA THR C 1971 1.42 34.31 30.11
C THR C 1971 1.13 34.86 31.50
N ALA C 1972 2.17 35.06 32.31
CA ALA C 1972 1.98 35.66 33.62
C ALA C 1972 1.46 37.09 33.50
N LEU C 1973 2.01 37.86 32.55
CA LEU C 1973 1.54 39.21 32.32
C LEU C 1973 0.03 39.22 32.06
N ILE C 1974 -0.43 38.26 31.26
CA ILE C 1974 -1.87 38.18 30.99
C ILE C 1974 -2.63 37.79 32.25
N LEU C 1975 -2.14 36.75 32.95
CA LEU C 1975 -2.87 36.22 34.10
C LEU C 1975 -2.74 37.11 35.32
N ASN C 1976 -1.53 37.61 35.61
CA ASN C 1976 -1.30 38.35 36.84
C ASN C 1976 -2.07 39.67 36.84
N ASP C 1977 -2.38 40.15 38.05
CA ASP C 1977 -3.13 41.36 38.23
C ASP C 1977 -2.27 42.60 38.39
N ILE C 1978 -0.96 42.44 38.63
CA ILE C 1978 -0.08 43.58 38.88
C ILE C 1978 -0.67 44.39 40.03
N SER C 1979 -0.61 43.83 41.24
CA SER C 1979 -1.33 44.44 42.37
C SER C 1979 -0.91 45.88 42.65
N PRO C 1980 0.37 46.22 42.72
CA PRO C 1980 0.72 47.61 43.04
C PRO C 1980 0.26 48.60 41.99
N LEU C 1981 0.56 48.36 40.72
CA LEU C 1981 0.29 49.34 39.68
C LEU C 1981 -1.21 49.41 39.35
N CYS C 1982 -1.89 48.27 39.33
CA CYS C 1982 -3.29 48.26 38.91
C CYS C 1982 -4.16 49.13 39.80
N LYS C 1983 -3.83 49.22 41.09
CA LYS C 1983 -4.63 50.03 42.00
C LYS C 1983 -4.61 51.49 41.60
N TYR C 1984 -3.44 52.00 41.21
CA TYR C 1984 -3.29 53.42 40.89
C TYR C 1984 -3.55 53.72 39.42
N ARG C 1985 -3.02 52.91 38.51
CA ARG C 1985 -3.15 53.13 37.07
C ARG C 1985 -3.61 51.84 36.42
N MET C 1986 -4.93 51.67 36.33
CA MET C 1986 -5.50 50.48 35.72
C MET C 1986 -5.42 50.52 34.20
N ASP C 1987 -5.40 51.72 33.60
CA ASP C 1987 -5.32 51.83 32.15
C ASP C 1987 -4.02 51.24 31.62
N LEU C 1988 -2.90 51.50 32.31
CA LEU C 1988 -1.62 50.94 31.88
C LEU C 1988 -1.62 49.42 32.00
N VAL C 1989 -2.24 48.87 33.05
CA VAL C 1989 -2.32 47.43 33.20
C VAL C 1989 -3.16 46.83 32.07
N LEU C 1990 -4.27 47.48 31.72
CA LEU C 1990 -5.09 47.00 30.62
C LEU C 1990 -4.31 47.05 29.31
N GLN C 1991 -3.55 48.11 29.08
CA GLN C 1991 -2.74 48.19 27.87
C GLN C 1991 -1.69 47.08 27.83
N LEU C 1992 -1.07 46.81 28.98
CA LEU C 1992 -0.09 45.73 29.06
C LEU C 1992 -0.73 44.39 28.72
N LYS C 1993 -1.90 44.12 29.29
CA LYS C 1993 -2.59 42.86 29.01
C LYS C 1993 -2.97 42.76 27.54
N ASP C 1994 -3.45 43.86 26.95
CA ASP C 1994 -3.81 43.84 25.54
C ASP C 1994 -2.59 43.56 24.67
N ASN C 1995 -1.45 44.19 24.98
CA ASN C 1995 -0.24 43.94 24.20
C ASN C 1995 0.23 42.50 24.35
N ALA C 1996 0.16 41.96 25.56
CA ALA C 1996 0.55 40.56 25.77
C ALA C 1996 -0.34 39.62 24.98
N SER C 1997 -1.66 39.87 24.99
CA SER C 1997 -2.57 39.04 24.22
C SER C 1997 -2.28 39.14 22.73
N LYS C 1998 -1.99 40.34 22.24
CA LYS C 1998 -1.64 40.50 20.84
C LYS C 1998 -0.38 39.72 20.48
N LEU C 1999 0.63 39.78 21.36
CA LEU C 1999 1.85 39.03 21.11
C LEU C 1999 1.59 37.53 21.08
N LEU C 2000 0.79 37.04 22.02
CA LEU C 2000 0.48 35.60 22.04
C LEU C 2000 -0.28 35.20 20.78
N LEU C 2001 -1.22 36.02 20.33
CA LEU C 2001 -1.94 35.73 19.09
C LEU C 2001 -0.99 35.72 17.90
N ALA C 2002 -0.07 36.68 17.84
CA ALA C 2002 0.89 36.72 16.74
C ALA C 2002 1.81 35.51 16.75
N LEU C 2003 2.10 34.97 17.93
CA LEU C 2003 2.94 33.78 18.03
C LEU C 2003 2.29 32.55 17.41
N MET C 2004 0.99 32.59 17.12
CA MET C 2004 0.26 31.45 16.57
C MET C 2004 -0.55 31.87 15.35
N GLU C 2005 -0.04 32.80 14.56
CA GLU C 2005 -0.84 33.41 13.50
C GLU C 2005 -1.28 32.38 12.47
N SER C 2006 -0.33 31.62 11.92
CA SER C 2006 -0.62 30.67 10.85
C SER C 2006 0.08 29.35 11.10
N ARG C 2007 0.03 28.86 12.34
CA ARG C 2007 0.67 27.62 12.73
C ARG C 2007 -0.40 26.54 12.87
N HIS C 2008 -0.43 25.62 11.91
CA HIS C 2008 -1.40 24.53 11.96
C HIS C 2008 -1.04 23.50 13.02
N ASP C 2009 0.25 23.32 13.30
CA ASP C 2009 0.67 22.42 14.36
C ASP C 2009 0.33 23.01 15.72
N SER C 2010 0.33 22.15 16.73
CA SER C 2010 -0.06 22.53 18.09
C SER C 2010 1.13 22.86 18.99
N GLU C 2011 2.36 22.83 18.45
CA GLU C 2011 3.54 22.99 19.30
C GLU C 2011 3.46 24.30 20.09
N ASN C 2012 3.25 25.42 19.40
CA ASN C 2012 3.17 26.71 20.08
C ASN C 2012 1.97 26.76 21.01
N ALA C 2013 0.83 26.20 20.56
CA ALA C 2013 -0.37 26.21 21.38
C ALA C 2013 -0.16 25.43 22.67
N GLU C 2014 0.44 24.24 22.58
CA GLU C 2014 0.70 23.45 23.77
C GLU C 2014 1.71 24.14 24.68
N ARG C 2015 2.76 24.74 24.10
CA ARG C 2015 3.74 25.45 24.93
C ARG C 2015 3.08 26.60 25.69
N ILE C 2016 2.22 27.36 25.02
CA ILE C 2016 1.52 28.45 25.69
C ILE C 2016 0.58 27.92 26.76
N LEU C 2017 -0.16 26.85 26.45
CA LEU C 2017 -1.10 26.29 27.41
C LEU C 2017 -0.41 25.68 28.61
N ILE C 2018 0.87 25.32 28.50
CA ILE C 2018 1.59 24.79 29.65
C ILE C 2018 1.52 25.78 30.82
N SER C 2019 1.74 27.06 30.55
CA SER C 2019 1.71 28.09 31.59
C SER C 2019 0.40 28.85 31.65
N LEU C 2020 -0.37 28.88 30.57
CA LEU C 2020 -1.65 29.61 30.53
C LEU C 2020 -2.77 28.58 30.71
N ARG C 2021 -3.10 28.31 31.98
CA ARG C 2021 -4.12 27.32 32.28
C ARG C 2021 -5.50 27.84 31.88
N PRO C 2022 -6.43 26.95 31.51
CA PRO C 2022 -7.72 27.42 30.98
C PRO C 2022 -8.61 28.07 32.01
N GLN C 2023 -8.69 27.51 33.22
CA GLN C 2023 -9.59 28.06 34.23
C GLN C 2023 -9.21 29.50 34.57
N GLU C 2024 -7.92 29.76 34.76
CA GLU C 2024 -7.48 31.11 35.08
C GLU C 2024 -7.74 32.06 33.91
N LEU C 2025 -7.55 31.57 32.67
CA LEU C 2025 -7.82 32.41 31.52
C LEU C 2025 -9.29 32.80 31.44
N VAL C 2026 -10.19 31.83 31.68
CA VAL C 2026 -11.62 32.13 31.66
C VAL C 2026 -11.97 33.10 32.78
N ASP C 2027 -11.39 32.92 33.97
CA ASP C 2027 -11.66 33.83 35.07
C ASP C 2027 -11.18 35.24 34.72
N VAL C 2028 -10.02 35.36 34.07
CA VAL C 2028 -9.52 36.67 33.66
C VAL C 2028 -10.46 37.30 32.66
N ILE C 2029 -10.96 36.52 31.70
CA ILE C 2029 -11.88 37.05 30.71
C ILE C 2029 -13.15 37.57 31.39
N LYS C 2030 -13.69 36.79 32.32
CA LYS C 2030 -14.91 37.21 33.01
C LYS C 2030 -14.67 38.47 33.84
N LYS C 2031 -13.53 38.54 34.53
CA LYS C 2031 -13.22 39.72 35.32
C LYS C 2031 -13.06 40.95 34.43
N ALA C 2032 -12.40 40.80 33.28
CA ALA C 2032 -12.26 41.92 32.36
C ALA C 2032 -13.62 42.39 31.86
N TYR C 2033 -14.50 41.44 31.53
CA TYR C 2033 -15.85 41.83 31.10
C TYR C 2033 -16.59 42.58 32.19
N LEU C 2034 -16.52 42.09 33.43
CA LEU C 2034 -17.24 42.72 34.53
C LEU C 2034 -16.64 44.06 34.92
N GLN C 2035 -15.35 44.29 34.64
CA GLN C 2035 -14.70 45.55 34.99
C GLN C 2035 -15.24 46.72 34.19
N GLU C 2036 -16.03 46.49 33.14
CA GLU C 2036 -16.52 47.58 32.32
C GLU C 2036 -17.38 48.55 33.15
N GLU C 2037 -18.24 48.01 34.01
CA GLU C 2037 -19.07 48.88 34.85
C GLU C 2037 -18.22 49.76 35.75
N GLU C 2038 -17.03 49.28 36.13
CA GLU C 2038 -16.10 50.06 36.93
C GLU C 2038 -15.12 50.87 36.08
N ARG C 2039 -15.27 50.83 34.76
CA ARG C 2039 -14.33 51.52 33.88
C ARG C 2039 -14.40 53.02 34.10
N GLU C 2040 -13.25 53.67 34.03
CA GLU C 2040 -13.13 55.12 34.06
C GLU C 2040 -12.77 55.63 32.67
N ASN C 2041 -13.08 56.90 32.42
CA ASN C 2041 -12.83 57.51 31.12
C ASN C 2041 -11.37 57.33 30.72
N SER C 2042 -11.13 56.55 29.67
CA SER C 2042 -9.77 56.31 29.19
C SER C 2042 -9.84 55.71 27.80
N GLU C 2043 -8.72 55.78 27.09
CA GLU C 2043 -8.66 55.23 25.74
C GLU C 2043 -8.86 53.72 25.75
N VAL C 2044 -8.25 53.02 26.70
CA VAL C 2044 -8.34 51.57 26.79
C VAL C 2044 -9.62 51.19 27.52
N SER C 2045 -10.30 50.16 27.01
CA SER C 2045 -11.54 49.68 27.59
C SER C 2045 -11.37 48.24 28.05
N PRO C 2046 -11.78 47.88 29.27
CA PRO C 2046 -11.66 46.48 29.69
C PRO C 2046 -12.41 45.52 28.79
N ARG C 2047 -13.51 45.95 28.18
CA ARG C 2047 -14.28 45.06 27.32
C ARG C 2047 -13.45 44.61 26.12
N GLU C 2048 -12.72 45.53 25.49
CA GLU C 2048 -11.90 45.18 24.34
C GLU C 2048 -10.78 44.21 24.72
N VAL C 2049 -10.14 44.44 25.86
CA VAL C 2049 -9.09 43.54 26.33
C VAL C 2049 -9.66 42.16 26.60
N GLY C 2050 -10.84 42.11 27.23
CA GLY C 2050 -11.49 40.83 27.46
C GLY C 2050 -11.84 40.12 26.18
N HIS C 2051 -12.29 40.86 25.17
CA HIS C 2051 -12.62 40.26 23.89
C HIS C 2051 -11.37 39.70 23.21
N ASN C 2052 -10.26 40.43 23.28
CA ASN C 2052 -9.01 39.93 22.70
C ASN C 2052 -8.56 38.66 23.41
N ILE C 2053 -8.64 38.66 24.75
CA ILE C 2053 -8.24 37.46 25.50
C ILE C 2053 -9.17 36.31 25.17
N TYR C 2054 -10.45 36.60 24.95
CA TYR C 2054 -11.40 35.55 24.58
C TYR C 2054 -11.08 34.97 23.22
N ILE C 2055 -10.69 35.82 22.26
CA ILE C 2055 -10.28 35.31 20.95
C ILE C 2055 -9.05 34.44 21.07
N LEU C 2056 -8.08 34.86 21.89
CA LEU C 2056 -6.90 34.03 22.14
C LEU C 2056 -7.29 32.70 22.74
N ALA C 2057 -8.21 32.71 23.71
CA ALA C 2057 -8.67 31.48 24.34
C ALA C 2057 -9.36 30.58 23.33
N LEU C 2058 -10.17 31.15 22.45
CA LEU C 2058 -10.83 30.37 21.41
C LEU C 2058 -9.80 29.70 20.50
N GLN C 2059 -8.77 30.45 20.10
CA GLN C 2059 -7.73 29.86 19.26
C GLN C 2059 -7.00 28.74 19.98
N LEU C 2060 -6.73 28.93 21.28
CA LEU C 2060 -6.01 27.91 22.04
C LEU C 2060 -6.87 26.67 22.28
N SER C 2061 -8.19 26.84 22.38
CA SER C 2061 -9.06 25.72 22.71
C SER C 2061 -9.07 24.65 21.64
N ARG C 2062 -8.60 24.96 20.43
CA ARG C 2062 -8.54 23.95 19.38
C ARG C 2062 -7.65 22.78 19.75
N HIS C 2063 -6.76 22.96 20.74
CA HIS C 2063 -5.87 21.90 21.20
C HIS C 2063 -6.06 21.61 22.69
N ASN C 2064 -7.23 21.92 23.24
CA ASN C 2064 -7.49 21.67 24.66
C ASN C 2064 -9.00 21.53 24.85
N LYS C 2065 -9.43 20.34 25.26
CA LYS C 2065 -10.87 20.09 25.44
C LYS C 2065 -11.41 20.79 26.68
N GLN C 2066 -10.62 20.89 27.73
CA GLN C 2066 -11.09 21.57 28.94
C GLN C 2066 -11.41 23.03 28.66
N LEU C 2067 -10.55 23.71 27.90
CA LEU C 2067 -10.82 25.09 27.54
C LEU C 2067 -12.07 25.19 26.68
N GLN C 2068 -12.25 24.24 25.75
CA GLN C 2068 -13.47 24.23 24.93
C GLN C 2068 -14.71 24.14 25.80
N HIS C 2069 -14.69 23.24 26.79
CA HIS C 2069 -15.84 23.10 27.68
C HIS C 2069 -16.05 24.36 28.50
N LEU C 2070 -14.97 24.95 29.01
CA LEU C 2070 -15.11 26.11 29.89
C LEU C 2070 -15.61 27.34 29.13
N LEU C 2071 -15.24 27.47 27.85
CA LEU C 2071 -15.65 28.63 27.08
C LEU C 2071 -17.11 28.58 26.66
N LYS C 2072 -17.77 27.43 26.80
CA LYS C 2072 -19.18 27.34 26.41
C LYS C 2072 -20.05 28.15 27.36
N PRO C 2073 -20.89 29.05 26.86
CA PRO C 2073 -21.78 29.79 27.76
C PRO C 2073 -22.77 28.88 28.45
N VAL C 2074 -23.18 29.27 29.65
CA VAL C 2074 -24.14 28.51 30.43
C VAL C 2074 -25.46 28.40 29.65
N GLU C 2111 -25.70 39.37 30.16
CA GLU C 2111 -25.37 38.99 31.52
C GLU C 2111 -24.14 38.09 31.55
N ASP C 2112 -24.10 37.14 30.63
CA ASP C 2112 -23.00 36.17 30.61
C ASP C 2112 -21.85 36.70 29.75
N PRO C 2113 -20.68 36.92 30.32
CA PRO C 2113 -19.54 37.36 29.50
C PRO C 2113 -19.24 36.44 28.33
N LEU C 2114 -19.28 35.12 28.54
CA LEU C 2114 -19.05 34.23 27.41
C LEU C 2114 -20.12 34.41 26.33
N ALA C 2115 -21.39 34.55 26.73
CA ALA C 2115 -22.45 34.69 25.74
C ALA C 2115 -22.28 35.98 24.94
N TYR C 2116 -21.92 37.07 25.63
CA TYR C 2116 -21.70 38.33 24.92
C TYR C 2116 -20.55 38.22 23.94
N TYR C 2117 -19.41 37.69 24.39
CA TYR C 2117 -18.27 37.54 23.49
C TYR C 2117 -18.62 36.62 22.33
N GLU C 2118 -19.49 35.64 22.56
CA GLU C 2118 -19.82 34.68 21.51
C GLU C 2118 -20.76 35.29 20.49
N ASN C 2119 -21.65 36.18 20.95
CA ASN C 2119 -22.53 36.89 20.02
C ASN C 2119 -21.79 38.00 19.29
N HIS C 2120 -20.62 38.41 19.77
CA HIS C 2120 -19.86 39.47 19.12
C HIS C 2120 -18.60 38.98 18.41
N THR C 2121 -18.31 37.68 18.47
CA THR C 2121 -17.18 37.09 17.76
C THR C 2121 -17.67 36.39 16.50
N SER C 2122 -16.86 36.48 15.44
CA SER C 2122 -17.17 35.85 14.16
C SER C 2122 -15.93 35.13 13.64
N GLN C 2123 -16.12 34.30 12.61
CA GLN C 2123 -15.01 33.58 12.02
C GLN C 2123 -15.24 33.38 10.53
N ILE C 2124 -14.16 33.35 9.77
CA ILE C 2124 -14.20 33.16 8.33
C ILE C 2124 -13.04 32.27 7.91
N GLU C 2125 -13.08 31.82 6.66
CA GLU C 2125 -12.03 31.03 6.06
C GLU C 2125 -11.48 31.77 4.84
N ILE C 2126 -10.15 31.84 4.76
CA ILE C 2126 -9.49 32.56 3.67
C ILE C 2126 -8.45 31.64 3.04
N VAL C 2127 -8.08 31.98 1.81
CA VAL C 2127 -7.07 31.24 1.06
C VAL C 2127 -5.87 32.15 0.87
N ARG C 2128 -4.70 31.71 1.33
CA ARG C 2128 -3.49 32.50 1.24
C ARG C 2128 -2.84 32.31 -0.14
N GLN C 2129 -1.76 33.06 -0.37
CA GLN C 2129 -1.04 32.94 -1.63
C GLN C 2129 -0.66 31.50 -1.94
N ASP C 2130 -0.30 30.72 -0.93
CA ASP C 2130 0.15 29.35 -1.13
C ASP C 2130 -0.99 28.35 -1.29
N ARG C 2131 -2.16 28.81 -1.71
CA ARG C 2131 -3.40 28.05 -1.77
C ARG C 2131 -3.74 27.32 -0.48
N SER C 2132 -3.29 27.82 0.67
CA SER C 2132 -3.59 27.17 1.93
C SER C 2132 -4.72 27.89 2.66
N MET C 2133 -5.59 27.09 3.28
CA MET C 2133 -6.79 27.59 3.92
C MET C 2133 -6.51 27.91 5.39
N GLU C 2134 -6.91 29.10 5.83
CA GLU C 2134 -6.72 29.54 7.20
C GLU C 2134 -8.05 30.03 7.76
N GLN C 2135 -8.26 29.74 9.05
CA GLN C 2135 -9.45 30.19 9.77
C GLN C 2135 -9.08 31.43 10.57
N ILE C 2136 -9.80 32.53 10.32
CA ILE C 2136 -9.58 33.80 10.99
C ILE C 2136 -10.74 34.03 11.93
N VAL C 2137 -10.43 34.38 13.19
CA VAL C 2137 -11.45 34.74 14.17
C VAL C 2137 -11.20 36.19 14.58
N PHE C 2138 -12.23 37.01 14.47
CA PHE C 2138 -12.13 38.45 14.70
C PHE C 2138 -13.36 38.91 15.46
N PRO C 2139 -13.29 40.06 16.13
CA PRO C 2139 -14.50 40.63 16.74
C PRO C 2139 -15.30 41.45 15.75
N VAL C 2140 -16.61 41.43 15.91
CA VAL C 2140 -17.50 42.10 14.95
C VAL C 2140 -17.46 43.60 15.19
N PRO C 2141 -17.21 44.43 14.17
CA PRO C 2141 -17.25 45.88 14.39
C PRO C 2141 -18.63 46.34 14.84
N GLY C 2142 -18.63 47.40 15.65
CA GLY C 2142 -19.89 47.91 16.18
C GLY C 2142 -20.81 48.45 15.10
N ILE C 2143 -20.23 49.06 14.05
CA ILE C 2143 -21.07 49.62 12.99
C ILE C 2143 -21.83 48.53 12.26
N CYS C 2144 -21.46 47.26 12.46
CA CYS C 2144 -22.08 46.19 11.69
C CYS C 2144 -23.45 45.81 12.23
N GLN C 2145 -23.75 46.22 13.46
CA GLN C 2145 -25.04 45.93 14.08
C GLN C 2145 -26.18 46.73 13.47
N PHE C 2146 -25.89 47.67 12.58
CA PHE C 2146 -26.91 48.53 11.99
C PHE C 2146 -27.33 48.08 10.60
N LEU C 2147 -26.95 46.87 10.18
CA LEU C 2147 -27.35 46.35 8.89
C LEU C 2147 -28.80 45.87 8.97
N THR C 2148 -29.58 46.18 7.94
CA THR C 2148 -31.01 45.91 7.98
C THR C 2148 -31.34 44.56 7.37
N GLU C 2149 -32.31 43.90 7.98
CA GLU C 2149 -32.75 42.60 7.51
C GLU C 2149 -33.37 42.70 6.12
N GLU C 2150 -34.03 43.83 5.81
CA GLU C 2150 -34.51 43.98 4.44
C GLU C 2150 -33.36 44.04 3.45
N THR C 2151 -32.28 44.75 3.78
CA THR C 2151 -31.16 44.87 2.86
C THR C 2151 -30.47 43.53 2.71
N LYS C 2152 -30.37 42.78 3.82
CA LYS C 2152 -29.73 41.47 3.77
C LYS C 2152 -30.51 40.51 2.89
N HIS C 2153 -31.84 40.45 3.11
CA HIS C 2153 -32.68 39.58 2.28
C HIS C 2153 -32.61 39.99 0.82
N ARG C 2154 -32.67 41.29 0.54
CA ARG C 2154 -32.66 41.75 -0.84
C ARG C 2154 -31.37 41.34 -1.54
N LEU C 2155 -30.23 41.55 -0.87
CA LEU C 2155 -28.96 41.15 -1.47
C LEU C 2155 -28.92 39.64 -1.69
N PHE C 2156 -29.35 38.86 -0.68
CA PHE C 2156 -29.20 37.42 -0.73
C PHE C 2156 -30.07 36.84 -1.84
N THR C 2157 -31.18 37.51 -2.15
CA THR C 2157 -32.15 37.03 -3.12
C THR C 2157 -31.93 37.63 -4.50
N THR C 2158 -31.15 38.70 -4.61
CA THR C 2158 -30.93 39.30 -5.92
C THR C 2158 -29.55 39.04 -6.49
N THR C 2159 -28.58 38.65 -5.66
CA THR C 2159 -27.21 38.52 -6.14
C THR C 2159 -27.16 37.49 -7.28
N GLU C 2160 -26.52 37.86 -8.38
CA GLU C 2160 -26.52 37.03 -9.58
C GLU C 2160 -25.15 36.40 -9.79
N GLN C 2161 -25.15 35.18 -10.34
CA GLN C 2161 -23.91 34.47 -10.63
C GLN C 2161 -23.20 35.08 -11.82
N ASP C 2162 -21.89 34.86 -11.89
CA ASP C 2162 -21.10 35.36 -13.01
C ASP C 2162 -20.83 34.21 -13.98
N GLU C 2163 -19.99 34.43 -14.99
CA GLU C 2163 -19.81 33.39 -16.00
C GLU C 2163 -19.24 32.13 -15.38
N GLN C 2164 -18.39 32.27 -14.37
CA GLN C 2164 -17.83 31.12 -13.66
C GLN C 2164 -18.80 30.54 -12.64
N GLY C 2165 -19.99 31.12 -12.50
CA GLY C 2165 -20.95 30.65 -11.53
C GLY C 2165 -20.65 31.01 -10.08
N SER C 2166 -20.25 32.25 -9.82
CA SER C 2166 -19.82 32.68 -8.49
C SER C 2166 -20.43 34.04 -8.19
N LYS C 2167 -21.05 34.14 -7.01
CA LYS C 2167 -21.70 35.36 -6.57
C LYS C 2167 -20.77 36.28 -5.80
N VAL C 2168 -19.52 35.86 -5.59
CA VAL C 2168 -18.58 36.63 -4.80
C VAL C 2168 -18.32 37.98 -5.44
N SER C 2169 -18.26 38.05 -6.77
CA SER C 2169 -17.97 39.32 -7.43
C SER C 2169 -18.99 40.38 -7.05
N ASP C 2170 -20.28 40.06 -7.22
CA ASP C 2170 -21.32 41.05 -6.95
C ASP C 2170 -21.42 41.32 -5.46
N PHE C 2171 -21.27 40.26 -4.65
CA PHE C 2171 -21.44 40.40 -3.21
C PHE C 2171 -20.36 41.32 -2.66
N PHE C 2172 -19.16 41.25 -3.24
CA PHE C 2172 -18.05 42.09 -2.80
C PHE C 2172 -18.20 43.50 -3.36
N ASP C 2173 -18.73 43.62 -4.58
CA ASP C 2173 -18.95 44.92 -5.19
C ASP C 2173 -19.95 45.74 -4.39
N GLN C 2174 -20.89 45.08 -3.72
CA GLN C 2174 -21.88 45.78 -2.91
C GLN C 2174 -21.38 46.14 -1.52
N SER C 2175 -20.10 45.92 -1.22
CA SER C 2175 -19.62 46.08 0.15
C SER C 2175 -19.62 47.55 0.57
N SER C 2176 -19.16 48.43 -0.31
CA SER C 2176 -19.12 49.86 0.03
C SER C 2176 -20.53 50.39 0.24
N PHE C 2177 -21.47 49.97 -0.61
CA PHE C 2177 -22.86 50.37 -0.41
C PHE C 2177 -23.39 49.85 0.92
N LEU C 2178 -23.02 48.61 1.28
CA LEU C 2178 -23.44 48.08 2.57
C LEU C 2178 -22.91 48.94 3.71
N HIS C 2179 -21.67 49.40 3.59
CA HIS C 2179 -21.06 50.14 4.69
C HIS C 2179 -21.71 51.52 4.81
N ASN C 2180 -21.99 52.13 3.65
CA ASN C 2180 -22.66 53.43 3.63
C ASN C 2180 -24.06 53.30 4.22
N GLU C 2181 -24.74 52.18 3.96
CA GLU C 2181 -26.06 51.96 4.52
C GLU C 2181 -25.99 51.78 6.03
N MET C 2182 -24.97 51.06 6.52
CA MET C 2182 -24.80 50.95 7.97
C MET C 2182 -24.62 52.32 8.60
N GLU C 2183 -23.78 53.16 8.00
CA GLU C 2183 -23.56 54.50 8.55
C GLU C 2183 -24.83 55.34 8.46
N TRP C 2184 -25.59 55.24 7.37
CA TRP C 2184 -26.85 55.96 7.36
C TRP C 2184 -27.80 55.49 8.45
N GLN C 2185 -27.85 54.17 8.69
CA GLN C 2185 -28.78 53.65 9.69
C GLN C 2185 -28.37 54.13 11.07
N ARG C 2186 -27.07 54.19 11.33
CA ARG C 2186 -26.59 54.64 12.62
C ARG C 2186 -26.89 56.11 12.82
N LYS C 2187 -26.73 56.91 11.76
CA LYS C 2187 -27.10 58.33 11.87
C LYS C 2187 -28.59 58.50 12.08
N LEU C 2188 -29.40 57.69 11.39
CA LEU C 2188 -30.85 57.83 11.41
C LEU C 2188 -31.43 57.47 12.77
N ARG C 2189 -30.92 56.39 13.38
CA ARG C 2189 -31.46 55.95 14.65
C ARG C 2189 -31.27 57.00 15.74
N SER C 2190 -30.40 57.99 15.52
CA SER C 2190 -30.24 59.08 16.47
C SER C 2190 -31.33 60.15 16.34
N MET C 2191 -32.13 60.10 15.27
CA MET C 2191 -33.20 61.06 15.07
C MET C 2191 -34.53 60.38 15.33
N PRO C 2192 -35.18 60.59 16.49
CA PRO C 2192 -36.27 59.69 16.86
C PRO C 2192 -37.50 59.85 15.97
N LEU C 2193 -37.96 61.09 15.78
CA LEU C 2193 -39.13 61.32 14.93
C LEU C 2193 -38.93 60.72 13.54
N ILE C 2194 -37.83 61.04 12.88
CA ILE C 2194 -37.64 60.60 11.50
C ILE C 2194 -37.53 59.09 11.43
N TYR C 2195 -36.87 58.48 12.42
CA TYR C 2195 -36.80 57.02 12.46
C TYR C 2195 -38.19 56.41 12.60
N TRP C 2196 -39.02 57.00 13.45
CA TRP C 2196 -40.38 56.50 13.66
C TRP C 2196 -41.21 56.62 12.39
N PHE C 2197 -41.06 57.73 11.67
CA PHE C 2197 -41.74 57.90 10.40
C PHE C 2197 -41.24 56.90 9.37
N SER C 2198 -39.92 56.64 9.36
CA SER C 2198 -39.35 55.68 8.42
C SER C 2198 -39.79 54.25 8.75
N ARG C 2199 -40.22 54.02 9.98
CA ARG C 2199 -40.58 52.67 10.40
C ARG C 2199 -41.98 52.25 9.94
N ARG C 2200 -42.77 53.17 9.40
CA ARG C 2200 -44.14 52.89 9.01
C ARG C 2200 -44.36 53.14 7.51
N MET C 2201 -43.36 52.79 6.71
CA MET C 2201 -43.47 52.95 5.26
C MET C 2201 -44.60 52.10 4.70
N THR C 2202 -44.70 50.85 5.16
CA THR C 2202 -45.77 49.98 4.70
C THR C 2202 -47.14 50.54 5.07
N LEU C 2203 -47.26 51.09 6.29
CA LEU C 2203 -48.51 51.69 6.71
C LEU C 2203 -48.86 52.88 5.82
N TRP C 2204 -47.88 53.73 5.53
CA TRP C 2204 -48.14 54.89 4.67
C TRP C 2204 -48.60 54.44 3.28
N GLY C 2205 -47.94 53.42 2.73
CA GLY C 2205 -48.32 52.93 1.42
C GLY C 2205 -49.70 52.30 1.39
N SER C 2206 -50.03 51.51 2.40
CA SER C 2206 -51.36 50.91 2.47
C SER C 2206 -52.42 52.00 2.60
N ILE C 2207 -52.17 53.01 3.42
CA ILE C 2207 -53.13 54.10 3.57
C ILE C 2207 -53.35 54.80 2.24
N SER C 2208 -52.25 55.10 1.54
CA SER C 2208 -52.32 55.76 0.24
C SER C 2208 -53.12 54.92 -0.75
N PHE C 2209 -52.86 53.61 -0.82
CA PHE C 2209 -53.57 52.77 -1.77
C PHE C 2209 -55.05 52.73 -1.45
N ASN C 2210 -55.39 52.62 -0.16
CA ASN C 2210 -56.79 52.56 0.23
C ASN C 2210 -57.51 53.86 -0.09
N LEU C 2211 -56.84 55.00 0.16
CA LEU C 2211 -57.45 56.27 -0.20
C LEU C 2211 -57.68 56.36 -1.70
N ALA C 2212 -56.74 55.86 -2.50
CA ALA C 2212 -56.86 56.00 -3.94
C ALA C 2212 -57.99 55.11 -4.46
N VAL C 2213 -58.10 53.89 -3.93
CA VAL C 2213 -59.17 52.99 -4.34
C VAL C 2213 -60.52 53.58 -3.96
N PHE C 2214 -60.63 54.14 -2.75
CA PHE C 2214 -61.92 54.72 -2.35
C PHE C 2214 -62.27 55.93 -3.19
N ILE C 2215 -61.30 56.80 -3.47
CA ILE C 2215 -61.57 57.98 -4.30
C ILE C 2215 -62.03 57.56 -5.68
N ASN C 2216 -61.36 56.57 -6.28
CA ASN C 2216 -61.74 56.14 -7.62
C ASN C 2216 -63.11 55.48 -7.62
N ILE C 2217 -63.43 54.70 -6.59
CA ILE C 2217 -64.75 54.09 -6.51
C ILE C 2217 -65.83 55.17 -6.42
N ILE C 2218 -65.61 56.19 -5.57
CA ILE C 2218 -66.58 57.26 -5.44
C ILE C 2218 -66.75 57.98 -6.77
N ILE C 2219 -65.64 58.27 -7.45
CA ILE C 2219 -65.73 58.97 -8.73
C ILE C 2219 -66.54 58.15 -9.73
N ALA C 2220 -66.20 56.87 -9.85
CA ALA C 2220 -66.87 55.96 -10.77
C ALA C 2220 -68.37 55.92 -10.49
N PHE C 2221 -68.76 55.85 -9.22
CA PHE C 2221 -70.16 55.68 -8.87
C PHE C 2221 -70.96 56.97 -8.82
N PHE C 2222 -70.31 58.14 -8.81
CA PHE C 2222 -71.04 59.39 -8.64
C PHE C 2222 -70.71 60.41 -9.71
N TYR C 2223 -69.63 60.19 -10.46
CA TYR C 2223 -69.27 61.14 -11.52
C TYR C 2223 -70.17 60.92 -12.73
N PRO C 2224 -70.77 61.98 -13.30
CA PRO C 2224 -70.73 63.38 -12.87
C PRO C 2224 -71.69 63.66 -11.73
N TYR C 2225 -71.40 64.66 -10.89
CA TYR C 2225 -72.26 65.00 -9.75
C TYR C 2225 -72.44 66.50 -9.68
N MET C 2226 -73.65 66.92 -9.30
CA MET C 2226 -73.97 68.34 -9.17
C MET C 2226 -73.59 69.10 -10.44
N SER C 2260 -61.38 44.07 10.55
CA SER C 2260 -60.54 45.11 9.95
C SER C 2260 -61.18 46.48 10.16
N ILE C 2261 -60.37 47.54 10.07
CA ILE C 2261 -60.93 48.89 10.14
C ILE C 2261 -61.55 49.35 8.84
N ARG C 2262 -61.36 48.61 7.74
CA ARG C 2262 -61.90 49.06 6.45
C ARG C 2262 -63.42 49.24 6.48
N PRO C 2263 -64.21 48.35 7.08
CA PRO C 2263 -65.64 48.65 7.22
C PRO C 2263 -65.91 49.95 7.97
N LEU C 2264 -65.14 50.23 9.02
CA LEU C 2264 -65.31 51.51 9.71
C LEU C 2264 -65.02 52.68 8.78
N ILE C 2265 -63.96 52.56 7.97
CA ILE C 2265 -63.58 53.64 7.06
C ILE C 2265 -64.68 53.85 6.02
N VAL C 2266 -65.24 52.75 5.51
CA VAL C 2266 -66.32 52.84 4.54
C VAL C 2266 -67.55 53.49 5.17
N ALA C 2267 -67.83 53.16 6.42
CA ALA C 2267 -68.95 53.80 7.11
C ALA C 2267 -68.72 55.29 7.28
N LEU C 2268 -67.51 55.68 7.65
CA LEU C 2268 -67.20 57.10 7.79
C LEU C 2268 -67.32 57.82 6.45
N ILE C 2269 -66.93 57.16 5.37
CA ILE C 2269 -67.05 57.78 4.05
C ILE C 2269 -68.52 57.90 3.66
N LEU C 2270 -69.33 56.88 3.94
CA LEU C 2270 -70.75 57.03 3.64
C LEU C 2270 -71.35 58.16 4.46
N ARG C 2271 -70.91 58.33 5.70
CA ARG C 2271 -71.51 59.35 6.56
C ARG C 2271 -71.07 60.74 6.09
N SER C 2272 -69.81 60.88 5.68
CA SER C 2272 -69.32 62.14 5.17
C SER C 2272 -70.04 62.50 3.89
N ILE C 2273 -70.31 61.52 3.04
CA ILE C 2273 -71.00 61.79 1.78
C ILE C 2273 -72.43 62.25 2.07
N TYR C 2274 -73.11 61.54 2.98
CA TYR C 2274 -74.49 61.83 3.31
C TYR C 2274 -74.63 63.21 3.93
N TYR C 2275 -73.70 63.59 4.79
CA TYR C 2275 -73.79 64.87 5.50
C TYR C 2275 -73.19 66.03 4.71
N LEU C 2276 -71.90 65.97 4.41
CA LEU C 2276 -71.22 67.09 3.77
C LEU C 2276 -71.49 67.12 2.28
N GLY C 2277 -71.28 66.01 1.58
CA GLY C 2277 -71.49 65.96 0.15
C GLY C 2277 -70.36 65.25 -0.56
N ILE C 2278 -70.61 64.94 -1.84
CA ILE C 2278 -69.62 64.21 -2.62
C ILE C 2278 -68.39 65.07 -2.88
N GLY C 2279 -68.59 66.34 -3.21
CA GLY C 2279 -67.45 67.21 -3.44
C GLY C 2279 -66.56 67.36 -2.23
N PRO C 2280 -67.15 67.74 -1.09
CA PRO C 2280 -66.35 67.84 0.14
C PRO C 2280 -65.70 66.53 0.57
N THR C 2281 -66.43 65.41 0.48
CA THR C 2281 -65.78 64.13 0.77
C THR C 2281 -64.58 63.90 -0.14
N LEU C 2282 -64.74 64.16 -1.44
CA LEU C 2282 -63.63 63.94 -2.36
C LEU C 2282 -62.47 64.85 -2.04
N ASN C 2283 -62.75 66.08 -1.60
CA ASN C 2283 -61.68 67.02 -1.32
C ASN C 2283 -60.91 66.60 -0.08
N ILE C 2284 -61.63 66.17 0.96
CA ILE C 2284 -60.97 65.68 2.17
C ILE C 2284 -60.13 64.45 1.85
N LEU C 2285 -60.68 63.52 1.06
CA LEU C 2285 -59.94 62.32 0.71
C LEU C 2285 -58.68 62.66 -0.08
N GLY C 2286 -58.78 63.60 -1.02
CA GLY C 2286 -57.61 63.99 -1.79
C GLY C 2286 -56.55 64.65 -0.94
N ALA C 2287 -56.96 65.54 -0.03
CA ALA C 2287 -55.99 66.17 0.87
C ALA C 2287 -55.30 65.12 1.74
N LEU C 2288 -56.06 64.17 2.27
CA LEU C 2288 -55.46 63.11 3.06
C LEU C 2288 -54.50 62.28 2.23
N ASN C 2289 -54.88 61.95 1.00
CA ASN C 2289 -54.01 61.17 0.14
C ASN C 2289 -52.71 61.91 -0.12
N LEU C 2290 -52.78 63.24 -0.31
CA LEU C 2290 -51.59 64.01 -0.62
C LEU C 2290 -50.66 64.09 0.58
N THR C 2291 -51.23 64.38 1.76
CA THR C 2291 -50.42 64.41 2.98
C THR C 2291 -49.77 63.05 3.22
N ASN C 2292 -50.51 61.98 2.98
CA ASN C 2292 -50.00 60.64 3.26
C ASN C 2292 -48.91 60.27 2.27
N LYS C 2293 -49.07 60.66 1.00
CA LYS C 2293 -48.02 60.40 0.02
C LYS C 2293 -46.77 61.20 0.35
N ILE C 2294 -46.92 62.38 0.92
CA ILE C 2294 -45.76 63.20 1.24
C ILE C 2294 -45.00 62.57 2.41
N VAL C 2295 -45.75 62.14 3.43
CA VAL C 2295 -45.14 61.41 4.53
C VAL C 2295 -44.48 60.13 4.03
N PHE C 2296 -45.11 59.45 3.08
CA PHE C 2296 -44.56 58.21 2.55
C PHE C 2296 -43.25 58.47 1.81
N VAL C 2297 -43.17 59.55 1.04
CA VAL C 2297 -41.94 59.84 0.32
C VAL C 2297 -40.84 60.22 1.29
N VAL C 2298 -41.18 61.00 2.33
CA VAL C 2298 -40.18 61.34 3.35
C VAL C 2298 -39.67 60.07 4.02
N SER C 2299 -40.57 59.14 4.33
CA SER C 2299 -40.16 57.88 4.94
C SER C 2299 -39.31 57.05 3.98
N PHE C 2300 -39.71 57.03 2.71
CA PHE C 2300 -38.98 56.24 1.72
C PHE C 2300 -37.54 56.72 1.61
N VAL C 2301 -37.35 58.03 1.52
CA VAL C 2301 -35.98 58.55 1.38
C VAL C 2301 -35.22 58.33 2.67
N GLY C 2302 -35.83 58.63 3.82
CA GLY C 2302 -35.12 58.44 5.08
C GLY C 2302 -34.66 57.01 5.27
N ASN C 2303 -35.48 56.04 4.88
CA ASN C 2303 -35.14 54.64 5.08
C ASN C 2303 -34.15 54.15 4.03
N ARG C 2304 -34.51 54.24 2.75
CA ARG C 2304 -33.67 53.67 1.70
C ARG C 2304 -32.33 54.39 1.60
N GLY C 2305 -32.22 55.60 2.12
CA GLY C 2305 -30.96 56.31 2.04
C GLY C 2305 -30.42 56.44 0.63
N THR C 2306 -31.27 56.85 -0.32
CA THR C 2306 -30.86 56.85 -1.72
C THR C 2306 -30.04 58.10 -2.02
N PHE C 2307 -30.21 59.15 -1.23
CA PHE C 2307 -29.38 60.35 -1.27
C PHE C 2307 -27.95 60.05 -0.86
N ILE C 2308 -27.70 58.91 -0.21
CA ILE C 2308 -26.34 58.58 0.22
C ILE C 2308 -25.43 58.43 -0.98
N ARG C 2309 -25.94 57.87 -2.08
CA ARG C 2309 -25.13 57.76 -3.29
C ARG C 2309 -24.93 59.13 -3.93
N GLY C 2310 -25.96 59.96 -3.93
CA GLY C 2310 -25.86 61.29 -4.49
C GLY C 2310 -27.20 61.73 -5.04
N TYR C 2311 -27.30 63.03 -5.30
CA TYR C 2311 -28.50 63.57 -5.94
C TYR C 2311 -28.68 62.97 -7.33
N LYS C 2312 -27.58 62.78 -8.05
CA LYS C 2312 -27.66 62.16 -9.37
C LYS C 2312 -28.22 60.75 -9.27
N ALA C 2313 -27.76 59.97 -8.28
CA ALA C 2313 -28.20 58.59 -8.15
C ALA C 2313 -29.66 58.53 -7.75
N MET C 2314 -30.06 59.40 -6.82
CA MET C 2314 -31.44 59.48 -6.35
C MET C 2314 -32.37 59.82 -7.52
N VAL C 2315 -31.98 60.78 -8.36
CA VAL C 2315 -32.78 61.10 -9.53
C VAL C 2315 -32.82 59.92 -10.49
N MET C 2316 -31.69 59.24 -10.68
CA MET C 2316 -31.66 58.07 -11.55
C MET C 2316 -32.56 56.96 -11.04
N ASP C 2317 -32.83 56.94 -9.73
CA ASP C 2317 -33.58 55.84 -9.15
C ASP C 2317 -35.00 55.82 -9.68
N MET C 2318 -35.41 54.67 -10.21
CA MET C 2318 -36.73 54.57 -10.85
C MET C 2318 -37.84 54.65 -9.81
N GLU C 2319 -37.65 54.05 -8.65
CA GLU C 2319 -38.69 54.09 -7.63
C GLU C 2319 -38.99 55.51 -7.19
N PHE C 2320 -37.96 56.36 -7.12
CA PHE C 2320 -38.14 57.71 -6.61
C PHE C 2320 -38.89 58.55 -7.63
N LEU C 2321 -38.57 58.38 -8.91
CA LEU C 2321 -39.31 59.06 -9.97
C LEU C 2321 -40.75 58.57 -10.03
N TYR C 2322 -40.97 57.27 -9.80
CA TYR C 2322 -42.32 56.75 -9.77
C TYR C 2322 -43.13 57.38 -8.63
N HIS C 2323 -42.51 57.53 -7.46
CA HIS C 2323 -43.21 58.17 -6.35
C HIS C 2323 -43.47 59.65 -6.63
N VAL C 2324 -42.51 60.32 -7.28
CA VAL C 2324 -42.71 61.73 -7.64
C VAL C 2324 -43.88 61.87 -8.62
N GLY C 2325 -43.95 60.97 -9.60
CA GLY C 2325 -45.07 60.95 -10.52
C GLY C 2325 -46.39 60.66 -9.82
N TYR C 2326 -46.39 59.73 -8.86
CA TYR C 2326 -47.55 59.56 -8.01
C TYR C 2326 -47.96 60.87 -7.34
N ILE C 2327 -46.98 61.61 -6.80
CA ILE C 2327 -47.30 62.84 -6.07
C ILE C 2327 -47.89 63.87 -7.03
N LEU C 2328 -47.31 63.99 -8.22
CA LEU C 2328 -47.81 64.93 -9.22
C LEU C 2328 -49.21 64.55 -9.66
N THR C 2329 -49.47 63.25 -9.86
CA THR C 2329 -50.81 62.83 -10.24
C THR C 2329 -51.81 63.16 -9.14
N SER C 2330 -51.39 63.04 -7.88
CA SER C 2330 -52.29 63.30 -6.77
C SER C 2330 -52.60 64.79 -6.69
N VAL C 2331 -51.58 65.63 -6.90
CA VAL C 2331 -51.79 67.07 -6.93
C VAL C 2331 -52.74 67.44 -8.07
N LEU C 2332 -52.55 66.83 -9.24
CA LEU C 2332 -53.43 67.12 -10.38
C LEU C 2332 -54.86 66.68 -10.07
N GLY C 2333 -55.02 65.51 -9.46
CA GLY C 2333 -56.35 65.09 -9.07
C GLY C 2333 -57.00 66.05 -8.08
N LEU C 2334 -56.21 66.58 -7.15
CA LEU C 2334 -56.76 67.46 -6.13
C LEU C 2334 -57.13 68.83 -6.67
N PHE C 2335 -56.33 69.37 -7.60
CA PHE C 2335 -56.52 70.75 -8.05
C PHE C 2335 -57.04 70.88 -9.48
N ALA C 2336 -56.44 70.18 -10.44
CA ALA C 2336 -56.83 70.36 -11.84
C ALA C 2336 -58.14 69.64 -12.15
N HIS C 2337 -58.17 68.33 -12.03
CA HIS C 2337 -59.37 67.56 -12.35
C HIS C 2337 -59.33 66.23 -11.60
N GLU C 2338 -60.42 65.88 -10.94
CA GLU C 2338 -60.45 64.65 -10.16
C GLU C 2338 -60.18 63.42 -11.02
N LEU C 2339 -60.45 63.50 -12.33
CA LEU C 2339 -60.32 62.31 -13.18
C LEU C 2339 -58.87 61.85 -13.29
N PHE C 2340 -57.92 62.68 -12.87
CA PHE C 2340 -56.52 62.25 -12.83
C PHE C 2340 -56.30 61.21 -11.73
N TYR C 2341 -57.32 60.96 -10.91
CA TYR C 2341 -57.17 60.03 -9.79
C TYR C 2341 -57.18 58.59 -10.30
N SER C 2342 -57.70 58.37 -11.51
CA SER C 2342 -57.74 57.02 -12.07
C SER C 2342 -56.34 56.47 -12.31
N ILE C 2343 -55.40 57.35 -12.68
CA ILE C 2343 -54.03 56.89 -12.96
C ILE C 2343 -53.41 56.26 -11.73
N LEU C 2344 -53.83 56.70 -10.54
CA LEU C 2344 -53.27 56.13 -9.31
C LEU C 2344 -53.60 54.65 -9.16
N LEU C 2345 -54.62 54.16 -9.87
CA LEU C 2345 -54.95 52.73 -9.79
C LEU C 2345 -53.81 51.88 -10.29
N PHE C 2346 -52.89 52.45 -11.06
CA PHE C 2346 -51.73 51.68 -11.54
C PHE C 2346 -50.82 51.26 -10.40
N ASP C 2347 -51.00 51.83 -9.20
CA ASP C 2347 -50.16 51.45 -8.07
C ASP C 2347 -50.37 49.98 -7.68
N LEU C 2348 -51.43 49.36 -8.17
CA LEU C 2348 -51.72 47.96 -7.88
C LEU C 2348 -50.58 47.09 -8.40
N ILE C 2349 -50.08 47.38 -9.59
CA ILE C 2349 -48.94 46.66 -10.14
C ILE C 2349 -47.73 46.83 -9.25
N TYR C 2350 -47.48 48.06 -8.78
CA TYR C 2350 -46.35 48.29 -7.89
C TYR C 2350 -46.51 47.50 -6.60
N ARG C 2351 -47.74 47.32 -6.14
CA ARG C 2351 -47.97 46.77 -4.80
C ARG C 2351 -47.95 45.25 -4.84
N GLU C 2352 -48.27 44.67 -5.99
CA GLU C 2352 -48.48 43.24 -6.13
C GLU C 2352 -47.32 42.64 -6.91
N GLU C 2353 -46.73 41.57 -6.38
CA GLU C 2353 -45.58 40.96 -7.03
C GLU C 2353 -46.05 39.90 -8.01
N THR C 2354 -47.27 39.37 -7.83
CA THR C 2354 -47.68 38.34 -8.78
C THR C 2354 -48.15 38.99 -10.08
N LEU C 2355 -48.90 40.07 -9.97
CA LEU C 2355 -49.35 40.82 -11.13
C LEU C 2355 -48.17 41.39 -11.90
N PHE C 2356 -47.15 41.83 -11.18
CA PHE C 2356 -45.93 42.29 -11.85
C PHE C 2356 -45.28 41.17 -12.65
N ASN C 2357 -45.24 39.96 -12.08
CA ASN C 2357 -44.69 38.83 -12.84
C ASN C 2357 -45.55 38.51 -14.06
N VAL C 2358 -46.87 38.59 -13.91
CA VAL C 2358 -47.77 38.35 -15.03
C VAL C 2358 -47.52 39.37 -16.13
N ILE C 2359 -47.29 40.63 -15.76
CA ILE C 2359 -46.99 41.66 -16.75
C ILE C 2359 -45.60 41.45 -17.35
N LYS C 2360 -44.67 40.95 -16.54
CA LYS C 2360 -43.34 40.63 -17.06
C LYS C 2360 -43.40 39.56 -18.14
N SER C 2361 -44.26 38.57 -17.94
CA SER C 2361 -44.53 37.55 -18.95
C SER C 2361 -44.77 38.17 -20.32
N VAL C 2362 -45.26 39.40 -20.37
CA VAL C 2362 -45.53 40.08 -21.64
C VAL C 2362 -44.42 41.06 -22.00
N THR C 2363 -43.78 41.66 -20.99
CA THR C 2363 -42.80 42.71 -21.26
C THR C 2363 -41.39 42.16 -21.45
N ARG C 2364 -41.19 40.86 -21.29
CA ARG C 2364 -39.85 40.29 -21.45
C ARG C 2364 -39.51 40.12 -22.93
N ASN C 2365 -40.50 39.75 -23.75
CA ASN C 2365 -40.32 39.60 -25.19
C ASN C 2365 -41.21 40.59 -25.95
N GLY C 2366 -41.28 41.81 -25.42
CA GLY C 2366 -42.02 42.86 -26.09
C GLY C 2366 -41.48 43.18 -27.47
N ARG C 2367 -40.16 43.07 -27.66
CA ARG C 2367 -39.61 43.24 -28.98
C ARG C 2367 -40.18 42.21 -29.95
N SER C 2368 -40.29 40.96 -29.49
CA SER C 2368 -40.85 39.90 -30.33
C SER C 2368 -42.30 40.20 -30.66
N ILE C 2369 -43.08 40.64 -29.67
CA ILE C 2369 -44.48 40.96 -29.91
C ILE C 2369 -44.60 42.10 -30.92
N LEU C 2370 -43.77 43.13 -30.80
CA LEU C 2370 -43.83 44.26 -31.71
C LEU C 2370 -43.42 43.86 -33.12
N LEU C 2371 -42.43 42.99 -33.25
CA LEU C 2371 -42.06 42.51 -34.58
C LEU C 2371 -43.18 41.68 -35.19
N THR C 2372 -43.87 40.87 -34.37
CA THR C 2372 -45.01 40.13 -34.88
C THR C 2372 -46.11 41.08 -35.36
N ALA C 2373 -46.28 42.19 -34.63
CA ALA C 2373 -47.32 43.16 -34.99
C ALA C 2373 -46.95 43.88 -36.29
N LEU C 2374 -45.67 44.20 -36.45
CA LEU C 2374 -45.21 44.79 -37.71
C LEU C 2374 -45.41 43.81 -38.87
N LEU C 2375 -45.28 42.51 -38.59
CA LEU C 2375 -45.45 41.53 -39.66
C LEU C 2375 -46.92 41.43 -40.06
N ALA C 2376 -47.80 41.46 -39.05
CA ALA C 2376 -49.23 41.55 -39.28
C ALA C 2376 -49.56 42.78 -40.12
N LEU C 2377 -48.94 43.92 -39.80
CA LEU C 2377 -49.20 45.14 -40.55
C LEU C 2377 -48.74 45.02 -41.99
N ILE C 2378 -47.60 44.37 -42.23
CA ILE C 2378 -47.13 44.16 -43.61
C ILE C 2378 -48.09 43.25 -44.36
N LEU C 2379 -48.58 42.19 -43.70
CA LEU C 2379 -49.56 41.35 -44.41
C LEU C 2379 -50.84 42.12 -44.69
N VAL C 2380 -51.22 43.03 -43.79
CA VAL C 2380 -52.42 43.82 -44.02
C VAL C 2380 -52.21 44.77 -45.19
N TYR C 2381 -51.02 45.36 -45.28
CA TYR C 2381 -50.70 46.23 -46.41
C TYR C 2381 -50.78 45.48 -47.73
N LEU C 2382 -50.22 44.27 -47.77
CA LEU C 2382 -50.26 43.48 -49.00
C LEU C 2382 -51.69 43.11 -49.37
N PHE C 2383 -52.48 42.66 -48.39
CA PHE C 2383 -53.87 42.30 -48.67
C PHE C 2383 -54.67 43.51 -49.13
N SER C 2384 -54.42 44.68 -48.54
CA SER C 2384 -55.10 45.89 -48.96
C SER C 2384 -54.71 46.25 -50.39
N ILE C 2385 -53.44 46.09 -50.75
CA ILE C 2385 -53.02 46.35 -52.12
C ILE C 2385 -53.79 45.44 -53.08
N VAL C 2386 -53.86 44.16 -52.75
CA VAL C 2386 -54.57 43.21 -53.62
C VAL C 2386 -56.04 43.61 -53.75
N GLY C 2387 -56.68 43.92 -52.62
CA GLY C 2387 -58.08 44.29 -52.66
C GLY C 2387 -58.33 45.55 -53.48
N PHE C 2388 -57.48 46.55 -53.32
CA PHE C 2388 -57.61 47.77 -54.10
C PHE C 2388 -57.42 47.48 -55.59
N LEU C 2389 -56.51 46.57 -55.93
CA LEU C 2389 -56.27 46.28 -57.34
C LEU C 2389 -57.40 45.47 -57.95
N PHE C 2390 -58.09 44.65 -57.15
CA PHE C 2390 -59.00 43.65 -57.71
C PHE C 2390 -60.37 43.58 -57.05
N LEU C 2391 -60.52 44.05 -55.81
CA LEU C 2391 -61.81 43.95 -55.12
C LEU C 2391 -62.27 45.31 -54.61
N LYS C 2392 -62.11 46.36 -55.43
CA LYS C 2392 -62.43 47.69 -54.97
C LYS C 2392 -63.91 47.84 -54.65
N ASP C 2393 -64.77 47.27 -55.48
CA ASP C 2393 -66.22 47.45 -55.40
C ASP C 2393 -66.82 46.75 -54.20
N ASP C 2394 -66.06 45.89 -53.52
CA ASP C 2394 -66.56 45.03 -52.46
C ASP C 2394 -66.43 45.65 -51.08
N PHE C 2395 -65.73 46.78 -50.99
CA PHE C 2395 -65.50 47.45 -49.71
C PHE C 2395 -66.58 48.49 -49.48
N ILE C 2396 -67.77 47.98 -49.13
CA ILE C 2396 -68.92 48.81 -48.80
C ILE C 2396 -69.17 48.66 -47.31
N LEU C 2397 -69.14 49.77 -46.58
CA LEU C 2397 -69.27 49.75 -45.13
C LEU C 2397 -70.52 50.54 -44.73
N GLU C 2398 -71.30 49.98 -43.81
CA GLU C 2398 -72.49 50.68 -43.35
C GLU C 2398 -72.11 51.72 -42.30
N VAL C 2399 -72.77 52.87 -42.32
CA VAL C 2399 -72.38 54.00 -41.49
C VAL C 2399 -73.64 54.64 -40.90
N ASP C 2400 -73.59 54.92 -39.60
CA ASP C 2400 -74.66 55.60 -38.88
C ASP C 2400 -74.33 57.08 -38.86
N ARG C 2401 -74.97 57.85 -39.74
CA ARG C 2401 -74.66 59.27 -39.88
C ARG C 2401 -75.38 60.07 -38.80
N LEU C 2402 -74.64 60.94 -38.13
CA LEU C 2402 -75.23 61.78 -37.11
C LEU C 2402 -76.13 62.83 -37.74
N PRO C 2403 -77.15 63.33 -37.01
CA PRO C 2403 -78.06 64.34 -37.56
C PRO C 2403 -77.40 65.70 -37.71
N ASP C 2449 -76.88 58.79 -47.64
CA ASP C 2449 -76.86 57.34 -47.84
C ASP C 2449 -76.32 56.63 -46.59
N SER C 2450 -76.66 55.36 -46.44
CA SER C 2450 -76.28 54.60 -45.26
C SER C 2450 -75.05 53.73 -45.48
N THR C 2451 -74.43 53.79 -46.66
CA THR C 2451 -73.26 52.99 -46.99
C THR C 2451 -72.22 53.87 -47.66
N GLU C 2452 -70.95 53.52 -47.47
CA GLU C 2452 -69.85 54.28 -48.05
C GLU C 2452 -68.80 53.33 -48.58
N ARG C 2453 -68.04 53.82 -49.56
CA ARG C 2453 -66.95 53.07 -50.17
C ARG C 2453 -65.69 53.27 -49.34
N ALA C 2454 -65.08 52.16 -48.91
CA ALA C 2454 -63.93 52.22 -48.01
C ALA C 2454 -62.64 51.78 -48.69
N CYS C 2455 -62.62 51.67 -50.02
CA CYS C 2455 -61.38 51.32 -50.70
C CYS C 2455 -61.17 52.18 -51.94
N ASP C 2456 -61.55 53.45 -51.87
CA ASP C 2456 -61.36 54.35 -53.01
C ASP C 2456 -59.91 54.81 -53.09
N THR C 2457 -59.19 54.77 -51.97
CA THR C 2457 -57.78 55.11 -51.92
C THR C 2457 -57.04 54.07 -51.08
N LEU C 2458 -55.75 53.91 -51.38
CA LEU C 2458 -55.00 52.81 -50.78
C LEU C 2458 -54.90 52.99 -49.27
N LEU C 2459 -54.72 54.22 -48.83
CA LEU C 2459 -54.63 54.51 -47.42
C LEU C 2459 -55.92 54.11 -46.73
N MET C 2460 -57.07 54.46 -47.31
CA MET C 2460 -58.29 54.14 -46.60
C MET C 2460 -58.58 52.67 -46.55
N CYS C 2461 -58.25 52.00 -47.63
CA CYS C 2461 -58.38 50.56 -47.70
C CYS C 2461 -57.51 49.89 -46.65
N ILE C 2462 -56.27 50.35 -46.50
CA ILE C 2462 -55.40 49.81 -45.46
C ILE C 2462 -56.01 50.02 -44.10
N VAL C 2463 -56.56 51.21 -43.86
CA VAL C 2463 -57.19 51.51 -42.58
C VAL C 2463 -58.37 50.58 -42.34
N THR C 2464 -59.20 50.38 -43.36
CA THR C 2464 -60.36 49.50 -43.22
C THR C 2464 -59.94 48.07 -42.91
N VAL C 2465 -58.98 47.54 -43.67
CA VAL C 2465 -58.53 46.18 -43.42
C VAL C 2465 -57.97 46.06 -42.02
N MET C 2466 -57.05 46.95 -41.65
CA MET C 2466 -56.40 46.85 -40.35
C MET C 2466 -57.42 46.94 -39.20
N ASN C 2467 -58.42 47.82 -39.36
CA ASN C 2467 -59.38 48.08 -38.30
C ASN C 2467 -60.38 46.93 -38.15
N HIS C 2468 -60.85 46.39 -39.27
CA HIS C 2468 -61.95 45.44 -39.23
C HIS C 2468 -61.53 43.97 -39.36
N GLY C 2469 -60.62 43.65 -40.27
CA GLY C 2469 -60.23 42.26 -40.45
C GLY C 2469 -59.50 41.69 -39.26
N LEU C 2470 -58.62 42.49 -38.64
CA LEU C 2470 -57.99 42.04 -37.41
C LEU C 2470 -59.00 41.89 -36.27
N ARG C 2471 -59.98 42.77 -36.19
CA ARG C 2471 -60.92 42.74 -35.06
C ARG C 2471 -62.08 41.79 -35.28
N ASN C 2472 -62.24 41.24 -36.47
CA ASN C 2472 -63.30 40.28 -36.77
C ASN C 2472 -62.75 38.87 -36.69
N GLY C 2473 -63.53 37.97 -36.09
CA GLY C 2473 -63.10 36.59 -35.97
C GLY C 2473 -62.86 35.93 -37.31
N GLY C 2474 -63.74 36.19 -38.28
CA GLY C 2474 -63.62 35.63 -39.59
C GLY C 2474 -62.69 36.36 -40.53
N GLY C 2475 -62.18 37.51 -40.14
CA GLY C 2475 -61.21 38.22 -40.96
C GLY C 2475 -61.83 39.37 -41.73
N VAL C 2476 -61.17 39.71 -42.84
CA VAL C 2476 -61.64 40.81 -43.67
C VAL C 2476 -62.92 40.44 -44.40
N GLY C 2477 -63.11 39.16 -44.73
CA GLY C 2477 -64.29 38.74 -45.46
C GLY C 2477 -65.60 39.01 -44.74
N ASP C 2478 -65.54 39.21 -43.42
CA ASP C 2478 -66.77 39.45 -42.67
C ASP C 2478 -67.43 40.75 -43.10
N ILE C 2479 -66.66 41.80 -43.33
CA ILE C 2479 -67.21 43.11 -43.66
C ILE C 2479 -67.43 43.32 -45.15
N LEU C 2480 -66.84 42.50 -46.01
CA LEU C 2480 -66.96 42.70 -47.44
C LEU C 2480 -68.37 42.37 -47.93
N ARG C 2481 -68.76 43.05 -49.01
CA ARG C 2481 -70.03 42.73 -49.66
C ARG C 2481 -70.14 41.23 -49.92
N LYS C 2482 -71.33 40.70 -49.71
CA LYS C 2482 -71.55 39.27 -49.86
C LYS C 2482 -71.73 38.92 -51.33
N PRO C 2483 -70.87 38.07 -51.92
CA PRO C 2483 -70.95 37.83 -53.36
C PRO C 2483 -71.86 36.66 -53.70
N SER C 2484 -72.42 36.74 -54.90
CA SER C 2484 -73.29 35.68 -55.42
C SER C 2484 -72.45 34.60 -56.09
N LYS C 2485 -72.88 33.35 -55.95
CA LYS C 2485 -72.12 32.27 -56.55
C LYS C 2485 -71.96 32.45 -58.06
N ASP C 2486 -72.95 33.07 -58.71
CA ASP C 2486 -72.87 33.19 -60.17
C ASP C 2486 -71.83 34.20 -60.62
N GLU C 2487 -71.25 34.97 -59.70
CA GLU C 2487 -70.32 36.02 -60.07
C GLU C 2487 -69.02 35.40 -60.54
N SER C 2488 -68.33 36.10 -61.44
CA SER C 2488 -67.11 35.52 -62.01
C SER C 2488 -65.93 35.66 -61.06
N LEU C 2489 -66.06 36.51 -60.05
CA LEU C 2489 -65.03 36.71 -59.04
C LEU C 2489 -65.32 35.96 -57.75
N PHE C 2490 -66.32 35.09 -57.73
CA PHE C 2490 -66.65 34.35 -56.51
C PHE C 2490 -65.50 33.46 -56.05
N PRO C 2491 -64.86 32.66 -56.90
CA PRO C 2491 -63.70 31.89 -56.43
C PRO C 2491 -62.55 32.76 -55.95
N ALA C 2492 -62.27 33.86 -56.65
CA ALA C 2492 -61.27 34.81 -56.17
C ALA C 2492 -61.61 35.32 -54.78
N ARG C 2493 -62.86 35.69 -54.54
CA ARG C 2493 -63.25 36.20 -53.23
C ARG C 2493 -63.11 35.13 -52.16
N VAL C 2494 -63.51 33.89 -52.48
CA VAL C 2494 -63.38 32.81 -51.50
C VAL C 2494 -61.91 32.60 -51.15
N VAL C 2495 -61.04 32.58 -52.16
CA VAL C 2495 -59.61 32.40 -51.91
C VAL C 2495 -59.07 33.57 -51.08
N TYR C 2496 -59.50 34.79 -51.41
CA TYR C 2496 -59.08 35.97 -50.65
C TYR C 2496 -59.44 35.82 -49.17
N ASP C 2497 -60.69 35.46 -48.90
CA ASP C 2497 -61.17 35.42 -47.52
C ASP C 2497 -60.46 34.30 -46.75
N LEU C 2498 -60.37 33.11 -47.36
CA LEU C 2498 -59.72 31.99 -46.68
C LEU C 2498 -58.25 32.30 -46.45
N LEU C 2499 -57.59 32.98 -47.40
CA LEU C 2499 -56.18 33.24 -47.24
C LEU C 2499 -55.95 34.26 -46.14
N PHE C 2500 -56.84 35.24 -46.01
CA PHE C 2500 -56.65 36.25 -44.98
C PHE C 2500 -56.90 35.63 -43.60
N PHE C 2501 -57.96 34.82 -43.50
CA PHE C 2501 -58.32 34.24 -42.21
C PHE C 2501 -57.25 33.26 -41.74
N PHE C 2502 -56.68 32.50 -42.67
CA PHE C 2502 -55.62 31.53 -42.33
C PHE C 2502 -54.33 32.29 -42.01
N ILE C 2503 -53.82 33.11 -42.93
CA ILE C 2503 -52.50 33.70 -42.73
C ILE C 2503 -52.50 34.66 -41.55
N VAL C 2504 -53.49 35.53 -41.45
CA VAL C 2504 -53.45 36.62 -40.48
C VAL C 2504 -54.05 36.21 -39.13
N ILE C 2505 -55.24 35.61 -39.13
CA ILE C 2505 -55.94 35.36 -37.88
C ILE C 2505 -55.41 34.09 -37.22
N ILE C 2506 -55.34 32.99 -37.97
CA ILE C 2506 -55.01 31.70 -37.36
C ILE C 2506 -53.55 31.66 -36.93
N ILE C 2507 -52.65 32.19 -37.74
CA ILE C 2507 -51.22 32.05 -37.49
C ILE C 2507 -50.67 33.30 -36.84
N VAL C 2508 -50.76 34.44 -37.54
CA VAL C 2508 -50.06 35.64 -37.09
C VAL C 2508 -50.61 36.13 -35.75
N LEU C 2509 -51.94 36.16 -35.61
CA LEU C 2509 -52.51 36.65 -34.36
C LEU C 2509 -52.20 35.72 -33.20
N ASN C 2510 -51.98 34.44 -33.50
CA ASN C 2510 -51.65 33.47 -32.45
C ASN C 2510 -50.17 33.47 -32.14
N LEU C 2511 -49.33 34.12 -32.95
CA LEU C 2511 -47.92 34.17 -32.58
C LEU C 2511 -47.69 35.03 -31.34
N ILE C 2512 -48.55 36.03 -31.09
CA ILE C 2512 -48.35 36.87 -29.93
C ILE C 2512 -48.67 36.08 -28.67
N PHE C 2513 -49.77 35.33 -28.69
CA PHE C 2513 -50.13 34.50 -27.55
C PHE C 2513 -49.11 33.39 -27.35
N GLY C 2514 -48.59 32.81 -28.43
CA GLY C 2514 -47.54 31.82 -28.29
C GLY C 2514 -46.27 32.39 -27.66
N VAL C 2515 -45.89 33.60 -28.07
CA VAL C 2515 -44.74 34.27 -27.46
C VAL C 2515 -44.99 34.49 -25.98
N ILE C 2516 -46.21 34.90 -25.62
CA ILE C 2516 -46.53 35.12 -24.22
C ILE C 2516 -46.42 33.82 -23.43
N ILE C 2517 -46.92 32.72 -23.98
CA ILE C 2517 -46.86 31.44 -23.28
C ILE C 2517 -45.42 31.00 -23.09
N ASP C 2518 -44.63 31.05 -24.16
CA ASP C 2518 -43.20 30.75 -24.12
C ASP C 2518 -42.51 31.59 -23.04
N THR C 2519 -42.83 32.89 -22.98
CA THR C 2519 -42.24 33.73 -21.95
C THR C 2519 -42.66 33.26 -20.56
N PHE C 2520 -43.91 32.82 -20.43
CA PHE C 2520 -44.39 32.33 -19.15
C PHE C 2520 -43.51 31.17 -18.68
N ALA C 2521 -43.26 30.25 -19.59
CA ALA C 2521 -42.52 29.04 -19.27
C ALA C 2521 -41.07 29.36 -18.95
N ASP C 2522 -40.49 30.30 -19.71
CA ASP C 2522 -39.12 30.75 -19.49
C ASP C 2522 -38.97 31.37 -18.10
N LEU C 2523 -39.92 32.23 -17.71
CA LEU C 2523 -39.86 32.81 -16.37
C LEU C 2523 -40.00 31.73 -15.32
N ARG C 2524 -40.86 30.74 -15.56
CA ARG C 2524 -41.03 29.68 -14.58
C ARG C 2524 -39.72 28.91 -14.38
N SER C 2525 -39.05 28.60 -15.49
CA SER C 2525 -37.86 27.77 -15.44
C SER C 2525 -36.70 28.54 -14.82
N GLU C 2526 -36.54 29.82 -15.19
CA GLU C 2526 -35.49 30.63 -14.58
C GLU C 2526 -35.71 30.75 -13.08
N LYS C 2527 -36.94 30.97 -12.65
CA LYS C 2527 -37.21 31.17 -11.23
C LYS C 2527 -36.92 29.88 -10.46
N GLN C 2528 -37.35 28.75 -11.02
CA GLN C 2528 -37.09 27.46 -10.36
C GLN C 2528 -35.59 27.20 -10.25
N LYS C 2529 -34.84 27.44 -11.32
CA LYS C 2529 -33.40 27.20 -11.28
C LYS C 2529 -32.72 28.09 -10.26
N LYS C 2530 -33.07 29.38 -10.23
CA LYS C 2530 -32.47 30.29 -9.27
C LYS C 2530 -32.79 29.87 -7.84
N GLU C 2531 -34.04 29.51 -7.57
CA GLU C 2531 -34.41 29.08 -6.24
C GLU C 2531 -33.64 27.81 -5.84
N GLU C 2532 -33.50 26.87 -6.76
CA GLU C 2532 -32.81 25.62 -6.44
C GLU C 2532 -31.35 25.91 -6.09
N ILE C 2533 -30.70 26.75 -6.90
CA ILE C 2533 -29.30 27.07 -6.66
C ILE C 2533 -29.15 27.73 -5.29
N LEU C 2534 -30.00 28.72 -5.01
CA LEU C 2534 -29.91 29.46 -3.75
C LEU C 2534 -30.12 28.54 -2.56
N LYS C 2535 -31.09 27.63 -2.65
CA LYS C 2535 -31.42 26.79 -1.51
C LYS C 2535 -30.39 25.67 -1.30
N THR C 2536 -29.84 25.12 -2.37
CA THR C 2536 -29.02 23.92 -2.29
C THR C 2536 -27.55 24.18 -2.62
N THR C 2537 -27.11 25.44 -2.60
CA THR C 2537 -25.70 25.72 -2.84
C THR C 2537 -25.20 26.76 -1.83
N CYS C 2538 -23.96 26.59 -1.39
CA CYS C 2538 -23.31 27.59 -0.57
C CYS C 2538 -23.15 28.89 -1.35
N PHE C 2539 -23.44 30.01 -0.69
CA PHE C 2539 -23.32 31.31 -1.34
C PHE C 2539 -21.87 31.65 -1.65
N ILE C 2540 -20.96 31.32 -0.74
CA ILE C 2540 -19.57 31.73 -0.86
C ILE C 2540 -18.77 30.70 -1.67
N CYS C 2541 -18.69 29.48 -1.16
CA CYS C 2541 -17.85 28.46 -1.78
C CYS C 2541 -18.53 27.78 -2.95
N GLY C 2542 -19.86 27.76 -2.97
CA GLY C 2542 -20.60 27.14 -4.06
C GLY C 2542 -20.71 25.63 -3.97
N LEU C 2543 -20.29 25.02 -2.87
CA LEU C 2543 -20.43 23.57 -2.72
C LEU C 2543 -21.89 23.21 -2.48
N GLU C 2544 -22.27 22.03 -2.98
CA GLU C 2544 -23.64 21.54 -2.88
C GLU C 2544 -23.87 20.85 -1.53
N ARG C 2545 -25.12 20.47 -1.28
CA ARG C 2545 -25.45 19.83 -0.01
C ARG C 2545 -24.91 18.40 0.04
N ASP C 2546 -24.71 17.79 -1.13
CA ASP C 2546 -24.40 16.36 -1.21
C ASP C 2546 -22.93 16.13 -0.85
N LYS C 2547 -22.10 17.18 -0.88
CA LYS C 2547 -20.73 17.03 -0.40
C LYS C 2547 -20.65 16.90 1.11
N PHE C 2548 -21.67 17.33 1.85
CA PHE C 2548 -21.64 17.32 3.32
C PHE C 2548 -22.37 16.13 3.92
N ASP C 2549 -22.84 15.19 3.09
CA ASP C 2549 -23.54 14.04 3.62
C ASP C 2549 -22.59 13.13 4.39
N ASN C 2550 -23.04 12.64 5.54
CA ASN C 2550 -22.23 11.77 6.38
C ASN C 2550 -20.93 12.47 6.80
N LYS C 2551 -21.03 13.73 7.18
CA LYS C 2551 -19.89 14.51 7.65
C LYS C 2551 -20.19 15.05 9.04
N THR C 2552 -19.15 15.10 9.88
CA THR C 2552 -19.29 15.69 11.20
C THR C 2552 -20.04 17.01 11.14
N VAL C 2553 -19.66 17.89 10.21
CA VAL C 2553 -20.27 19.21 10.07
C VAL C 2553 -21.31 19.14 8.97
N SER C 2554 -22.53 19.60 9.26
CA SER C 2554 -23.61 19.54 8.28
C SER C 2554 -23.60 20.78 7.40
N PHE C 2555 -24.40 20.73 6.33
CA PHE C 2555 -24.39 21.82 5.37
C PHE C 2555 -24.89 23.11 6.02
N GLU C 2556 -25.88 22.96 6.91
CA GLU C 2556 -26.47 24.11 7.60
C GLU C 2556 -25.43 24.77 8.49
N GLU C 2557 -24.59 23.97 9.15
CA GLU C 2557 -23.55 24.52 10.01
C GLU C 2557 -22.46 25.15 9.15
N HIS C 2558 -22.21 24.57 7.98
CA HIS C 2558 -21.22 25.13 7.06
C HIS C 2558 -21.66 26.52 6.62
N ILE C 2559 -22.96 26.72 6.42
CA ILE C 2559 -23.45 28.01 5.93
C ILE C 2559 -23.76 28.95 7.08
N LYS C 2560 -23.87 28.45 8.31
CA LYS C 2560 -24.21 29.28 9.45
C LYS C 2560 -22.98 29.78 10.21
N LEU C 2561 -21.86 29.07 10.13
CA LEU C 2561 -20.74 29.28 11.04
C LEU C 2561 -19.39 29.36 10.36
N GLU C 2562 -19.24 28.77 9.18
CA GLU C 2562 -17.95 28.53 8.56
C GLU C 2562 -17.75 29.42 7.34
N HIS C 2563 -18.80 29.57 6.53
CA HIS C 2563 -18.75 30.39 5.32
C HIS C 2563 -19.87 31.42 5.31
N ASN C 2564 -20.06 32.13 6.42
CA ASN C 2564 -21.14 33.09 6.51
C ASN C 2564 -20.81 34.35 5.72
N MET C 2565 -21.59 34.61 4.67
CA MET C 2565 -21.35 35.78 3.82
C MET C 2565 -21.35 37.06 4.65
N TRP C 2566 -22.23 37.13 5.65
CA TRP C 2566 -22.25 38.32 6.51
C TRP C 2566 -21.01 38.41 7.38
N ASN C 2567 -20.43 37.26 7.77
CA ASN C 2567 -19.16 37.29 8.46
C ASN C 2567 -18.06 37.81 7.54
N TYR C 2568 -18.09 37.44 6.27
CA TYR C 2568 -17.13 37.99 5.31
C TYR C 2568 -17.32 39.51 5.16
N LEU C 2569 -18.57 39.96 5.13
CA LEU C 2569 -18.83 41.40 5.07
C LEU C 2569 -18.30 42.10 6.31
N TYR C 2570 -18.48 41.47 7.49
CA TYR C 2570 -17.95 42.04 8.71
C TYR C 2570 -16.43 42.10 8.68
N PHE C 2571 -15.78 41.09 8.10
CA PHE C 2571 -14.32 41.19 7.97
C PHE C 2571 -13.93 42.32 7.02
N ILE C 2572 -14.68 42.52 5.94
CA ILE C 2572 -14.33 43.58 5.00
C ILE C 2572 -14.46 44.93 5.68
N VAL C 2573 -15.54 45.12 6.43
CA VAL C 2573 -15.75 46.37 7.16
C VAL C 2573 -14.65 46.56 8.20
N LEU C 2574 -14.23 45.49 8.87
CA LEU C 2574 -13.17 45.61 9.85
C LEU C 2574 -11.86 46.02 9.18
N VAL C 2575 -11.56 45.45 8.02
CA VAL C 2575 -10.35 45.82 7.29
C VAL C 2575 -10.43 47.28 6.86
N ARG C 2576 -11.64 47.75 6.55
CA ARG C 2576 -11.81 49.14 6.12
C ARG C 2576 -11.64 50.11 7.28
N VAL C 2577 -12.13 49.72 8.46
CA VAL C 2577 -12.15 50.65 9.60
C VAL C 2577 -10.85 50.60 10.37
N LYS C 2578 -10.11 49.49 10.27
CA LYS C 2578 -8.91 49.33 11.09
C LYS C 2578 -7.73 50.09 10.49
N ASN C 2579 -6.97 50.74 11.37
CA ASN C 2579 -5.78 51.46 10.94
C ASN C 2579 -4.80 50.51 10.28
N LYS C 2580 -4.06 51.03 9.29
CA LYS C 2580 -3.07 50.19 8.62
C LYS C 2580 -2.00 49.68 9.58
N THR C 2581 -1.63 50.48 10.57
CA THR C 2581 -0.46 50.14 11.38
C THR C 2581 -0.75 48.93 12.26
N ASP C 2582 -2.01 48.70 12.62
CA ASP C 2582 -2.38 47.68 13.57
C ASP C 2582 -2.77 46.36 12.92
N TYR C 2583 -2.63 46.25 11.60
CA TYR C 2583 -3.11 45.07 10.89
C TYR C 2583 -2.32 43.85 11.34
N THR C 2584 -2.96 42.69 11.32
CA THR C 2584 -2.24 41.46 11.50
C THR C 2584 -1.82 40.90 10.15
N GLY C 2585 -1.26 39.70 10.14
CA GLY C 2585 -0.84 39.07 8.92
C GLY C 2585 -1.98 38.89 7.94
N PRO C 2586 -3.01 38.15 8.34
CA PRO C 2586 -4.16 37.95 7.44
C PRO C 2586 -4.90 39.23 7.11
N GLU C 2587 -5.08 40.13 8.08
CA GLU C 2587 -5.69 41.42 7.78
C GLU C 2587 -4.90 42.15 6.69
N SER C 2588 -3.57 42.16 6.78
CA SER C 2588 -2.78 42.84 5.76
C SER C 2588 -2.89 42.14 4.42
N TYR C 2589 -2.88 40.81 4.42
CA TYR C 2589 -3.01 40.07 3.17
C TYR C 2589 -4.35 40.37 2.49
N VAL C 2590 -5.44 40.38 3.27
CA VAL C 2590 -6.75 40.64 2.70
C VAL C 2590 -6.85 42.09 2.21
N ALA C 2591 -6.27 43.02 2.97
CA ALA C 2591 -6.27 44.41 2.54
C ALA C 2591 -5.51 44.59 1.23
N GLN C 2592 -4.35 43.94 1.11
CA GLN C 2592 -3.59 44.03 -0.13
C GLN C 2592 -4.37 43.41 -1.29
N MET C 2593 -5.08 42.31 -1.02
CA MET C 2593 -5.84 41.66 -2.09
C MET C 2593 -6.99 42.56 -2.54
N ILE C 2594 -7.68 43.19 -1.60
CA ILE C 2594 -8.75 44.13 -1.94
C ILE C 2594 -8.19 45.29 -2.74
N LYS C 2595 -7.03 45.82 -2.33
CA LYS C 2595 -6.42 46.92 -3.07
C LYS C 2595 -6.06 46.50 -4.48
N ASN C 2596 -5.53 45.30 -4.65
CA ASN C 2596 -5.15 44.79 -5.96
C ASN C 2596 -6.34 44.27 -6.77
N LYS C 2597 -7.54 44.27 -6.18
CA LYS C 2597 -8.74 43.81 -6.88
C LYS C 2597 -8.64 42.33 -7.19
N ASN C 2598 -8.32 41.54 -6.18
CA ASN C 2598 -8.15 40.09 -6.32
C ASN C 2598 -9.10 39.40 -5.34
N LEU C 2599 -9.91 38.49 -5.87
CA LEU C 2599 -10.88 37.75 -5.07
C LEU C 2599 -10.44 36.33 -4.78
N ASP C 2600 -9.15 36.01 -4.96
CA ASP C 2600 -8.70 34.65 -4.78
C ASP C 2600 -8.69 34.23 -3.31
N TRP C 2601 -8.92 35.18 -2.39
CA TRP C 2601 -8.89 34.89 -0.96
C TRP C 2601 -10.22 34.35 -0.48
N PHE C 2602 -11.28 34.57 -1.25
CA PHE C 2602 -12.54 33.89 -0.99
C PHE C 2602 -12.41 32.42 -1.36
N PRO C 2603 -12.79 31.50 -0.48
CA PRO C 2603 -12.72 30.09 -0.86
C PRO C 2603 -13.65 29.76 -2.02
N ARG C 2604 -13.31 28.71 -2.77
CA ARG C 2604 -14.04 28.34 -3.96
C ARG C 2604 -14.03 26.83 -4.09
N MET C 2605 -15.19 26.20 -3.89
CA MET C 2605 -15.32 24.75 -4.03
C MET C 2605 -14.43 24.00 -3.04
N ARG C 2606 -14.07 24.65 -1.94
CA ARG C 2606 -13.19 24.07 -0.93
C ARG C 2606 -13.76 24.37 0.45
N ALA C 2607 -13.63 23.41 1.36
CA ALA C 2607 -14.10 23.60 2.73
C ALA C 2607 -13.14 22.92 3.69
N MET C 2608 -12.70 23.69 4.70
CA MET C 2608 -11.77 23.14 5.69
C MET C 2608 -12.37 21.95 6.41
N SER C 2609 -13.65 22.02 6.75
CA SER C 2609 -14.30 20.89 7.40
C SER C 2609 -14.34 19.67 6.49
N LEU C 2610 -14.56 19.89 5.18
CA LEU C 2610 -14.64 18.76 4.26
C LEU C 2610 -13.28 18.10 4.10
N VAL C 2611 -12.22 18.90 3.94
CA VAL C 2611 -10.88 18.34 3.73
C VAL C 2611 -10.21 17.92 5.02
N SER C 2612 -10.77 18.27 6.18
CA SER C 2612 -10.16 17.92 7.45
C SER C 2612 -11.22 17.85 8.56
N SER D 5 30.05 -38.70 -17.18
CA SER D 5 28.95 -39.38 -17.89
C SER D 5 27.82 -38.40 -18.19
N SER D 6 27.19 -38.58 -19.35
CA SER D 6 26.09 -37.71 -19.76
C SER D 6 25.17 -38.49 -20.69
N PHE D 7 23.94 -38.00 -20.82
CA PHE D 7 22.96 -38.64 -21.67
C PHE D 7 23.21 -38.30 -23.14
N LEU D 8 22.73 -39.17 -24.02
CA LEU D 8 22.85 -38.95 -25.45
C LEU D 8 21.73 -38.06 -25.95
N HIS D 9 22.08 -37.15 -26.86
CA HIS D 9 21.14 -36.20 -27.43
C HIS D 9 21.22 -36.25 -28.95
N ILE D 10 20.09 -35.93 -29.60
CA ILE D 10 20.05 -35.92 -31.05
C ILE D 10 21.01 -34.86 -31.58
N GLY D 11 21.76 -35.21 -32.62
CA GLY D 11 22.72 -34.33 -33.23
C GLY D 11 24.14 -34.50 -32.73
N ASP D 12 24.35 -35.24 -31.65
CA ASP D 12 25.69 -35.46 -31.14
C ASP D 12 26.48 -36.33 -32.12
N ILE D 13 27.78 -36.06 -32.21
CA ILE D 13 28.68 -36.83 -33.06
C ILE D 13 29.48 -37.77 -32.16
N VAL D 14 29.31 -39.07 -32.40
CA VAL D 14 29.90 -40.11 -31.56
C VAL D 14 30.59 -41.13 -32.47
N SER D 15 31.47 -41.91 -31.87
CA SER D 15 32.22 -42.95 -32.56
C SER D 15 31.69 -44.31 -32.16
N LEU D 16 31.55 -45.20 -33.15
CA LEU D 16 31.04 -46.54 -32.93
C LEU D 16 32.19 -47.54 -32.94
N TYR D 17 32.31 -48.33 -31.88
CA TYR D 17 33.35 -49.34 -31.76
C TYR D 17 32.69 -50.72 -31.72
N ALA D 18 33.12 -51.60 -32.63
CA ALA D 18 32.56 -52.94 -32.70
C ALA D 18 33.10 -53.80 -31.56
N GLU D 19 32.23 -54.65 -31.02
CA GLU D 19 32.59 -55.57 -29.96
C GLU D 19 32.06 -56.96 -30.31
N GLY D 20 32.93 -57.96 -30.23
CA GLY D 20 32.55 -59.33 -30.56
C GLY D 20 33.66 -60.11 -31.20
N SER D 21 33.37 -60.77 -32.33
CA SER D 21 34.40 -61.55 -33.01
C SER D 21 35.54 -60.66 -33.48
N VAL D 22 35.23 -59.50 -34.03
CA VAL D 22 36.22 -58.53 -34.48
C VAL D 22 35.94 -57.20 -33.80
N ASN D 23 36.97 -56.59 -33.22
CA ASN D 23 36.85 -55.33 -32.50
C ASN D 23 37.55 -54.23 -33.28
N GLY D 24 36.83 -53.14 -33.51
CA GLY D 24 37.39 -52.02 -34.24
C GLY D 24 36.32 -51.00 -34.54
N PHE D 25 36.77 -49.87 -35.08
CA PHE D 25 35.88 -48.78 -35.44
C PHE D 25 35.40 -48.93 -36.88
N ILE D 26 34.26 -48.31 -37.17
CA ILE D 26 33.70 -48.34 -38.52
C ILE D 26 34.38 -47.28 -39.36
N SER D 27 34.89 -47.70 -40.52
CA SER D 27 35.60 -46.80 -41.43
C SER D 27 35.07 -47.01 -42.85
N THR D 28 35.40 -46.06 -43.72
CA THR D 28 34.99 -46.08 -45.12
C THR D 28 36.23 -46.07 -46.00
N LEU D 29 36.18 -46.87 -47.07
CA LEU D 29 37.31 -46.96 -47.98
C LEU D 29 37.56 -45.63 -48.67
N GLY D 30 38.62 -45.58 -49.46
CA GLY D 30 38.99 -44.36 -50.16
C GLY D 30 38.08 -44.09 -51.34
N LEU D 31 38.31 -42.93 -51.96
CA LEU D 31 37.53 -42.50 -53.11
C LEU D 31 36.06 -42.34 -52.72
N VAL D 32 35.15 -42.44 -53.70
CA VAL D 32 33.73 -42.26 -53.45
C VAL D 32 33.11 -43.59 -53.04
N ASP D 33 33.93 -44.60 -52.79
CA ASP D 33 33.43 -45.90 -52.38
C ASP D 33 32.58 -45.77 -51.13
N ASP D 34 31.40 -46.40 -51.15
CA ASP D 34 30.45 -46.33 -50.05
C ASP D 34 30.57 -47.52 -49.10
N ARG D 35 31.52 -48.42 -49.33
CA ARG D 35 31.65 -49.59 -48.48
C ARG D 35 32.09 -49.18 -47.08
N CYS D 36 31.52 -49.84 -46.07
CA CYS D 36 31.87 -49.64 -44.68
C CYS D 36 32.50 -50.92 -44.13
N VAL D 37 33.66 -50.79 -43.50
CA VAL D 37 34.42 -51.92 -43.00
C VAL D 37 34.91 -51.60 -41.60
N VAL D 38 35.63 -52.56 -41.01
CA VAL D 38 36.25 -52.41 -39.70
C VAL D 38 37.68 -52.90 -39.79
N GLU D 39 38.61 -52.12 -39.23
CA GLU D 39 40.05 -52.42 -39.28
C GLU D 39 40.56 -52.60 -37.87
N PRO D 40 40.57 -53.83 -37.33
CA PRO D 40 41.10 -54.01 -35.97
C PRO D 40 42.55 -53.61 -35.82
N ALA D 41 43.37 -53.80 -36.86
CA ALA D 41 44.78 -53.44 -36.77
C ALA D 41 45.00 -51.94 -36.83
N ALA D 42 44.02 -51.17 -37.31
CA ALA D 42 44.19 -49.72 -37.41
C ALA D 42 44.39 -49.10 -36.03
N GLY D 43 43.60 -49.54 -35.06
CA GLY D 43 43.72 -49.00 -33.71
C GLY D 43 42.67 -49.60 -32.80
N ASP D 44 42.64 -49.10 -31.57
CA ASP D 44 41.70 -49.54 -30.56
C ASP D 44 41.25 -48.33 -29.75
N LEU D 45 40.44 -48.58 -28.72
CA LEU D 45 39.96 -47.49 -27.88
C LEU D 45 41.11 -46.77 -27.20
N ASP D 46 42.09 -47.53 -26.68
CA ASP D 46 43.23 -46.91 -26.02
C ASP D 46 44.05 -46.09 -27.00
N ASN D 47 44.25 -46.61 -28.22
CA ASN D 47 45.05 -45.96 -29.26
C ASN D 47 44.17 -45.77 -30.49
N PRO D 48 43.48 -44.65 -30.61
CA PRO D 48 42.63 -44.44 -31.78
C PRO D 48 43.46 -44.41 -33.05
N PRO D 49 42.90 -44.84 -34.18
CA PRO D 49 43.66 -44.84 -35.43
C PRO D 49 44.01 -43.43 -35.88
N LYS D 50 45.11 -43.33 -36.63
CA LYS D 50 45.55 -42.02 -37.12
C LYS D 50 44.48 -41.37 -37.98
N LYS D 51 43.87 -42.15 -38.87
CA LYS D 51 42.79 -41.64 -39.73
C LYS D 51 41.44 -41.75 -39.00
N PHE D 52 41.41 -41.12 -37.83
CA PHE D 52 40.21 -41.19 -36.99
C PHE D 52 39.03 -40.42 -37.58
N ARG D 53 39.30 -39.49 -38.51
CA ARG D 53 38.22 -38.69 -39.06
C ARG D 53 37.17 -39.54 -39.76
N ASP D 54 37.56 -40.72 -40.26
CA ASP D 54 36.63 -41.60 -40.93
C ASP D 54 35.76 -42.40 -39.97
N CYS D 55 36.02 -42.33 -38.67
CA CYS D 55 35.28 -43.10 -37.67
C CYS D 55 34.34 -42.24 -36.84
N LEU D 56 33.93 -41.08 -37.36
CA LEU D 56 33.02 -40.18 -36.68
C LEU D 56 31.66 -40.24 -37.35
N PHE D 57 30.61 -40.41 -36.54
CA PHE D 57 29.24 -40.48 -37.02
C PHE D 57 28.37 -39.55 -36.21
N LYS D 58 27.40 -38.92 -36.87
CA LYS D 58 26.46 -38.01 -36.24
C LYS D 58 25.09 -38.66 -36.14
N VAL D 59 24.42 -38.46 -35.01
CA VAL D 59 23.11 -39.03 -34.76
C VAL D 59 22.05 -38.06 -35.23
N CYS D 60 21.08 -38.55 -35.99
CA CYS D 60 19.99 -37.75 -36.52
C CYS D 60 18.66 -38.42 -36.21
N PRO D 61 17.57 -37.64 -36.14
CA PRO D 61 16.27 -38.22 -35.79
C PRO D 61 15.56 -38.84 -37.00
N MET D 62 14.33 -39.29 -36.79
CA MET D 62 13.55 -39.88 -37.86
C MET D 62 13.38 -38.90 -39.01
N ASN D 63 13.52 -39.42 -40.24
CA ASN D 63 13.35 -38.62 -41.45
C ASN D 63 12.33 -39.29 -42.35
N ARG D 64 11.38 -38.51 -42.85
CA ARG D 64 10.34 -39.02 -43.73
C ARG D 64 10.83 -39.03 -45.16
N TYR D 65 10.64 -40.17 -45.84
CA TYR D 65 11.07 -40.34 -47.23
C TYR D 65 9.95 -40.89 -48.11
N SER D 66 8.70 -40.77 -47.67
CA SER D 66 7.59 -41.31 -48.46
C SER D 66 7.48 -40.60 -49.81
N ALA D 67 7.47 -39.27 -49.80
CA ALA D 67 7.38 -38.52 -51.05
C ALA D 67 8.60 -38.76 -51.91
N GLN D 68 9.79 -38.78 -51.31
CA GLN D 68 11.00 -39.04 -52.08
C GLN D 68 10.99 -40.43 -52.68
N LYS D 69 10.56 -41.44 -51.91
CA LYS D 69 10.47 -42.79 -52.43
C LYS D 69 9.48 -42.88 -53.58
N GLN D 70 8.32 -42.23 -53.43
CA GLN D 70 7.33 -42.25 -54.51
C GLN D 70 7.88 -41.59 -55.76
N TYR D 71 8.56 -40.45 -55.61
CA TYR D 71 9.13 -39.77 -56.77
C TYR D 71 10.19 -40.64 -57.45
N TRP D 72 11.05 -41.29 -56.65
CA TRP D 72 12.06 -42.15 -57.22
C TRP D 72 11.44 -43.32 -57.97
N LYS D 73 10.40 -43.92 -57.40
CA LYS D 73 9.72 -45.02 -58.08
C LYS D 73 9.09 -44.55 -59.39
N ALA D 74 8.45 -43.38 -59.37
CA ALA D 74 7.83 -42.87 -60.59
C ALA D 74 8.88 -42.58 -61.66
N LYS D 75 10.01 -41.99 -61.27
CA LYS D 75 11.05 -41.66 -62.25
C LYS D 75 11.60 -42.92 -62.90
N GLN D 76 11.84 -43.97 -62.11
CA GLN D 76 12.36 -45.21 -62.64
C GLN D 76 11.27 -45.99 -63.37
N ASP D 86 3.48 -37.69 -68.59
CA ASP D 86 3.46 -37.57 -67.14
C ASP D 86 4.43 -36.50 -66.66
N VAL D 87 4.70 -35.51 -67.53
CA VAL D 87 5.62 -34.44 -67.16
C VAL D 87 5.04 -33.62 -66.01
N VAL D 88 3.76 -33.30 -66.07
CA VAL D 88 3.12 -32.56 -64.98
C VAL D 88 3.15 -33.38 -63.70
N LEU D 89 2.89 -34.68 -63.79
CA LEU D 89 2.95 -35.54 -62.61
C LEU D 89 4.36 -35.58 -62.05
N LEU D 90 5.37 -35.66 -62.93
CA LEU D 90 6.75 -35.67 -62.46
C LEU D 90 7.10 -34.36 -61.76
N GLN D 91 6.66 -33.23 -62.31
CA GLN D 91 6.92 -31.95 -61.66
C GLN D 91 6.25 -31.86 -60.30
N LYS D 92 5.00 -32.34 -60.22
CA LYS D 92 4.30 -32.35 -58.93
C LYS D 92 5.02 -33.23 -57.93
N LEU D 93 5.50 -34.39 -58.36
CA LEU D 93 6.24 -35.27 -57.46
C LEU D 93 7.54 -34.61 -57.00
N GLN D 94 8.22 -33.91 -57.90
CA GLN D 94 9.44 -33.20 -57.51
C GLN D 94 9.14 -32.12 -56.47
N HIS D 95 8.05 -31.37 -56.69
CA HIS D 95 7.67 -30.35 -55.72
C HIS D 95 7.32 -30.96 -54.37
N ALA D 96 6.61 -32.09 -54.38
CA ALA D 96 6.27 -32.76 -53.14
C ALA D 96 7.52 -33.25 -52.42
N ALA D 97 8.49 -33.79 -53.17
CA ALA D 97 9.73 -34.24 -52.57
C ALA D 97 10.51 -33.08 -51.96
N GLN D 98 10.55 -31.94 -52.66
CA GLN D 98 11.22 -30.77 -52.10
C GLN D 98 10.53 -30.30 -50.83
N MET D 99 9.20 -30.28 -50.82
CA MET D 99 8.48 -29.88 -49.63
C MET D 99 8.74 -30.84 -48.47
N GLU D 100 8.79 -32.14 -48.76
CA GLU D 100 9.07 -33.11 -47.72
C GLU D 100 10.49 -32.93 -47.17
N GLN D 101 11.45 -32.65 -48.05
CA GLN D 101 12.81 -32.40 -47.59
C GLN D 101 12.88 -31.17 -46.70
N LYS D 102 12.18 -30.10 -47.09
CA LYS D 102 12.16 -28.90 -46.27
C LYS D 102 11.52 -29.17 -44.91
N GLN D 103 10.42 -29.94 -44.90
CA GLN D 103 9.76 -30.28 -43.65
C GLN D 103 10.69 -31.12 -42.76
N ASN D 104 11.41 -32.07 -43.36
CA ASN D 104 12.35 -32.88 -42.59
C ASN D 104 13.46 -32.03 -42.00
N ASP D 105 13.97 -31.07 -42.78
CA ASP D 105 15.01 -30.18 -42.26
C ASP D 105 14.48 -29.34 -41.11
N THR D 106 13.25 -28.82 -41.24
CA THR D 106 12.66 -28.05 -40.16
C THR D 106 12.47 -28.89 -38.91
N GLU D 107 12.01 -30.14 -39.08
CA GLU D 107 11.84 -31.02 -37.93
C GLU D 107 13.18 -31.31 -37.26
N ASN D 108 14.23 -31.56 -38.06
CA ASN D 108 15.55 -31.79 -37.48
C ASN D 108 16.02 -30.58 -36.70
N LYS D 109 15.82 -29.39 -37.25
CA LYS D 109 16.23 -28.17 -36.55
C LYS D 109 15.46 -28.01 -35.24
N LYS D 110 14.15 -28.25 -35.28
CA LYS D 110 13.34 -28.07 -34.08
C LYS D 110 13.69 -29.09 -33.01
N VAL D 111 13.79 -30.37 -33.40
CA VAL D 111 14.05 -31.44 -32.43
C VAL D 111 15.52 -31.54 -32.05
N HIS D 112 16.37 -30.65 -32.56
CA HIS D 112 17.78 -30.71 -32.25
C HIS D 112 18.02 -30.60 -30.75
N GLY D 113 18.89 -31.45 -30.23
CA GLY D 113 19.28 -31.43 -28.83
C GLY D 113 18.41 -32.28 -27.92
N ASP D 114 17.34 -32.89 -28.44
CA ASP D 114 16.49 -33.72 -27.60
C ASP D 114 17.23 -34.99 -27.18
N VAL D 115 16.96 -35.44 -25.96
CA VAL D 115 17.62 -36.63 -25.43
C VAL D 115 17.21 -37.85 -26.25
N VAL D 116 18.13 -38.80 -26.38
CA VAL D 116 17.89 -40.05 -27.09
C VAL D 116 17.44 -41.09 -26.08
N LYS D 117 16.33 -41.77 -26.38
CA LYS D 117 15.74 -42.77 -25.51
C LYS D 117 15.92 -44.15 -26.12
N TYR D 118 16.16 -45.14 -25.27
CA TYR D 118 16.31 -46.52 -25.75
C TYR D 118 15.04 -46.97 -26.46
N GLY D 119 15.22 -47.68 -27.56
CA GLY D 119 14.11 -48.11 -28.38
C GLY D 119 13.62 -47.10 -29.39
N SER D 120 14.23 -45.91 -29.43
CA SER D 120 13.85 -44.91 -30.42
C SER D 120 14.55 -45.19 -31.75
N VAL D 121 14.19 -44.40 -32.76
CA VAL D 121 14.73 -44.55 -34.11
C VAL D 121 15.73 -43.42 -34.34
N ILE D 122 16.96 -43.80 -34.72
CA ILE D 122 18.03 -42.85 -34.99
C ILE D 122 18.72 -43.25 -36.29
N GLN D 123 19.41 -42.29 -36.89
CA GLN D 123 20.15 -42.49 -38.12
C GLN D 123 21.58 -42.02 -37.94
N LEU D 124 22.50 -42.67 -38.63
CA LEU D 124 23.92 -42.36 -38.55
C LEU D 124 24.36 -41.67 -39.85
N LEU D 125 24.99 -40.52 -39.72
CA LEU D 125 25.48 -39.74 -40.85
C LEU D 125 27.01 -39.67 -40.78
N HIS D 126 27.66 -39.96 -41.91
CA HIS D 126 29.11 -39.87 -41.99
C HIS D 126 29.49 -38.43 -42.27
N MET D 127 30.13 -37.78 -41.29
CA MET D 127 30.48 -36.37 -41.43
C MET D 127 31.45 -36.17 -42.59
N LYS D 128 32.46 -37.03 -42.70
CA LYS D 128 33.46 -36.87 -43.75
C LYS D 128 32.83 -37.04 -45.13
N SER D 129 31.95 -38.02 -45.28
CA SER D 129 31.31 -38.30 -46.57
C SER D 129 29.94 -37.65 -46.72
N ASN D 130 29.31 -37.24 -45.61
CA ASN D 130 27.98 -36.65 -45.65
C ASN D 130 26.97 -37.60 -46.31
N LYS D 131 27.10 -38.89 -46.01
CA LYS D 131 26.23 -39.91 -46.54
C LYS D 131 25.63 -40.71 -45.40
N TYR D 132 24.31 -40.89 -45.42
CA TYR D 132 23.63 -41.66 -44.37
C TYR D 132 23.83 -43.15 -44.59
N LEU D 133 24.10 -43.86 -43.50
CA LEU D 133 24.21 -45.30 -43.56
C LEU D 133 22.81 -45.92 -43.69
N THR D 134 22.70 -46.91 -44.57
CA THR D 134 21.43 -47.57 -44.81
C THR D 134 21.69 -49.04 -45.11
N VAL D 135 20.64 -49.84 -44.97
CA VAL D 135 20.69 -51.28 -45.23
C VAL D 135 19.76 -51.57 -46.38
N ASN D 136 20.29 -52.20 -47.44
CA ASN D 136 19.49 -52.50 -48.63
C ASN D 136 18.86 -53.87 -48.47
N LYS D 137 17.54 -53.93 -48.52
CA LYS D 137 16.81 -55.17 -48.29
C LYS D 137 16.55 -55.96 -49.57
N ARG D 138 16.90 -55.42 -50.74
CA ARG D 138 16.64 -56.08 -52.01
C ARG D 138 17.90 -56.65 -52.65
N LEU D 139 19.05 -56.57 -51.97
CA LEU D 139 20.29 -57.13 -52.49
C LEU D 139 21.10 -57.69 -51.33
N PRO D 140 21.91 -58.72 -51.57
CA PRO D 140 22.75 -59.26 -50.51
C PRO D 140 24.13 -58.60 -50.48
N ALA D 141 24.89 -58.92 -49.43
CA ALA D 141 26.24 -58.38 -49.29
C ALA D 141 27.15 -58.96 -50.38
N LEU D 142 28.18 -58.18 -50.71
CA LEU D 142 29.07 -58.57 -51.81
C LEU D 142 29.80 -59.87 -51.48
N LEU D 143 30.31 -60.00 -50.25
CA LEU D 143 31.10 -61.17 -49.86
C LEU D 143 30.24 -62.25 -49.22
N GLU D 144 29.56 -61.92 -48.12
CA GLU D 144 28.71 -62.87 -47.41
C GLU D 144 27.34 -62.86 -48.07
N LYS D 145 27.10 -63.83 -48.95
CA LYS D 145 25.84 -63.87 -49.70
C LYS D 145 24.65 -64.02 -48.76
N ASN D 146 24.78 -64.87 -47.74
CA ASN D 146 23.68 -65.06 -46.79
C ASN D 146 23.41 -63.81 -45.96
N ALA D 147 24.34 -62.87 -45.92
CA ALA D 147 24.15 -61.64 -45.16
C ALA D 147 23.38 -60.62 -46.00
N MET D 148 23.32 -59.38 -45.52
CA MET D 148 22.57 -58.32 -46.18
C MET D 148 23.46 -57.08 -46.26
N ARG D 149 23.38 -56.37 -47.39
CA ARG D 149 24.32 -55.29 -47.67
C ARG D 149 23.95 -54.00 -46.94
N VAL D 150 24.98 -53.31 -46.45
CA VAL D 150 24.86 -52.00 -45.83
C VAL D 150 25.77 -51.05 -46.58
N THR D 151 25.23 -49.89 -46.96
CA THR D 151 25.98 -48.94 -47.77
C THR D 151 25.59 -47.52 -47.39
N LEU D 152 26.43 -46.57 -47.79
CA LEU D 152 26.21 -45.15 -47.54
C LEU D 152 25.54 -44.52 -48.75
N ASP D 153 24.45 -43.79 -48.51
CA ASP D 153 23.68 -43.13 -49.55
C ASP D 153 23.67 -41.63 -49.30
N ALA D 154 23.89 -40.85 -50.37
CA ALA D 154 23.94 -39.39 -50.22
C ALA D 154 22.60 -38.85 -49.74
N THR D 155 21.49 -39.34 -50.29
CA THR D 155 20.17 -38.86 -49.93
C THR D 155 19.48 -39.73 -48.89
N GLY D 156 19.86 -40.99 -48.76
CA GLY D 156 19.24 -41.88 -47.80
C GLY D 156 17.93 -42.45 -48.30
N ASN D 157 17.32 -43.25 -47.44
CA ASN D 157 16.04 -43.90 -47.73
C ASN D 157 15.49 -44.43 -46.42
N GLU D 158 14.43 -45.25 -46.51
CA GLU D 158 13.83 -45.81 -45.30
C GLU D 158 14.81 -46.70 -44.54
N GLY D 159 15.88 -47.18 -45.19
CA GLY D 159 16.87 -47.99 -44.52
C GLY D 159 17.69 -47.24 -43.50
N SER D 160 17.71 -45.89 -43.58
CA SER D 160 18.45 -45.10 -42.60
C SER D 160 17.91 -45.32 -41.19
N TRP D 161 16.60 -45.54 -41.07
CA TRP D 161 16.00 -45.74 -39.75
C TRP D 161 16.63 -46.95 -39.08
N LEU D 162 17.00 -46.78 -37.80
CA LEU D 162 17.66 -47.84 -37.05
C LEU D 162 17.22 -47.74 -35.60
N PHE D 163 16.47 -48.73 -35.12
CA PHE D 163 16.12 -48.79 -33.71
C PHE D 163 17.35 -49.09 -32.88
N ILE D 164 17.43 -48.46 -31.71
CA ILE D 164 18.54 -48.64 -30.78
C ILE D 164 18.01 -49.38 -29.56
N GLN D 165 18.69 -50.47 -29.18
CA GLN D 165 18.26 -51.29 -28.07
C GLN D 165 19.43 -51.52 -27.11
N PRO D 166 19.15 -51.72 -25.82
CA PRO D 166 20.23 -52.00 -24.88
C PRO D 166 20.91 -53.32 -25.18
N PHE D 167 22.20 -53.39 -24.83
CA PHE D 167 22.97 -54.62 -24.97
C PHE D 167 22.99 -55.46 -23.71
N TRP D 168 22.85 -54.84 -22.55
CA TRP D 168 22.82 -55.52 -21.26
C TRP D 168 21.41 -55.54 -20.71
N LYS D 169 21.25 -56.23 -19.58
CA LYS D 169 19.95 -56.34 -18.92
C LYS D 169 19.70 -55.20 -17.95
N LEU D 170 20.70 -54.36 -17.66
CA LEU D 170 20.51 -53.26 -16.73
C LEU D 170 19.49 -52.26 -17.27
N ARG D 171 19.56 -51.96 -18.57
CA ARG D 171 18.68 -50.99 -19.18
C ARG D 171 17.45 -51.68 -19.77
N SER D 172 16.47 -50.86 -20.15
CA SER D 172 15.22 -51.35 -20.72
C SER D 172 14.71 -50.32 -21.72
N ASN D 173 13.60 -50.66 -22.37
CA ASN D 173 13.00 -49.75 -23.34
C ASN D 173 12.51 -48.48 -22.65
N GLY D 174 12.54 -47.38 -23.39
CA GLY D 174 12.13 -46.10 -22.86
C GLY D 174 13.03 -45.58 -21.75
N ASP D 175 14.35 -45.70 -21.93
CA ASP D 175 15.32 -45.23 -20.95
C ASP D 175 16.38 -44.39 -21.66
N ASN D 176 16.97 -43.45 -20.92
CA ASN D 176 17.98 -42.58 -21.48
C ASN D 176 19.24 -43.38 -21.83
N VAL D 177 19.91 -42.93 -22.90
CA VAL D 177 21.14 -43.56 -23.37
C VAL D 177 22.32 -42.75 -22.84
N VAL D 178 23.27 -43.43 -22.21
CA VAL D 178 24.43 -42.80 -21.61
C VAL D 178 25.67 -43.13 -22.44
N VAL D 179 26.64 -42.22 -22.41
CA VAL D 179 27.86 -42.40 -23.18
C VAL D 179 28.61 -43.62 -22.66
N GLY D 180 29.40 -44.22 -23.54
CA GLY D 180 30.20 -45.38 -23.17
C GLY D 180 29.39 -46.61 -22.83
N ASP D 181 28.35 -46.91 -23.60
CA ASP D 181 27.51 -48.07 -23.38
C ASP D 181 27.30 -48.81 -24.70
N LYS D 182 27.24 -50.13 -24.62
CA LYS D 182 27.06 -50.96 -25.80
C LYS D 182 25.58 -51.04 -26.15
N VAL D 183 25.27 -50.85 -27.43
CA VAL D 183 23.89 -50.86 -27.91
C VAL D 183 23.82 -51.70 -29.18
N ILE D 184 22.60 -52.09 -29.53
CA ILE D 184 22.32 -52.89 -30.71
C ILE D 184 21.48 -52.06 -31.67
N LEU D 185 21.91 -51.98 -32.92
CA LEU D 185 21.21 -51.24 -33.96
C LEU D 185 20.47 -52.23 -34.85
N ASN D 186 19.14 -52.08 -34.91
CA ASN D 186 18.30 -52.94 -35.72
C ASN D 186 17.64 -52.14 -36.82
N PRO D 187 17.93 -52.39 -38.09
CA PRO D 187 17.22 -51.67 -39.16
C PRO D 187 15.72 -51.93 -39.10
N VAL D 188 14.94 -50.90 -39.41
CA VAL D 188 13.48 -51.03 -39.39
C VAL D 188 13.02 -52.03 -40.44
N ASN D 189 13.60 -51.96 -41.65
CA ASN D 189 13.19 -52.83 -42.74
C ASN D 189 13.86 -54.20 -42.64
N ALA D 190 15.20 -54.22 -42.63
CA ALA D 190 15.91 -55.50 -42.57
C ALA D 190 15.61 -56.23 -41.27
N GLY D 191 15.60 -55.50 -40.15
CA GLY D 191 15.32 -56.12 -38.86
C GLY D 191 16.35 -57.16 -38.46
N GLN D 192 17.63 -56.87 -38.69
CA GLN D 192 18.71 -57.77 -38.33
C GLN D 192 19.85 -56.93 -37.75
N PRO D 193 20.37 -57.28 -36.57
CA PRO D 193 21.46 -56.47 -35.99
C PRO D 193 22.67 -56.44 -36.91
N LEU D 194 23.33 -55.29 -36.94
CA LEU D 194 24.54 -55.15 -37.75
C LEU D 194 25.64 -56.06 -37.23
N HIS D 195 26.32 -56.72 -38.16
CA HIS D 195 27.36 -57.69 -37.83
C HIS D 195 28.64 -57.32 -38.55
N ALA D 196 29.76 -57.28 -37.81
CA ALA D 196 31.07 -57.05 -38.39
C ALA D 196 31.64 -58.40 -38.83
N SER D 197 31.25 -58.80 -40.04
CA SER D 197 31.65 -60.10 -40.57
C SER D 197 33.17 -60.21 -40.63
N ASN D 198 33.69 -61.38 -40.26
CA ASN D 198 35.12 -61.63 -40.29
C ASN D 198 35.66 -61.73 -41.70
N TYR D 199 34.80 -61.81 -42.72
CA TYR D 199 35.24 -61.94 -44.10
C TYR D 199 36.15 -60.77 -44.47
N GLU D 200 37.43 -61.07 -44.72
CA GLU D 200 38.38 -60.03 -45.09
C GLU D 200 38.15 -59.59 -46.54
N LEU D 201 38.42 -58.30 -46.78
CA LEU D 201 38.26 -57.73 -48.11
C LEU D 201 39.52 -57.99 -48.94
N SER D 202 39.34 -58.61 -50.11
CA SER D 202 40.49 -58.89 -50.96
C SER D 202 41.16 -57.61 -51.45
N ASP D 203 40.36 -56.59 -51.79
CA ASP D 203 40.93 -55.36 -52.32
C ASP D 203 41.84 -54.70 -51.29
N ASN D 204 41.42 -54.65 -50.03
CA ASN D 204 42.19 -54.02 -48.96
C ASN D 204 42.40 -55.04 -47.85
N ALA D 205 43.65 -55.41 -47.62
CA ALA D 205 43.97 -56.37 -46.56
C ALA D 205 43.72 -55.74 -45.19
N GLY D 206 43.26 -56.57 -44.25
CA GLY D 206 42.99 -56.13 -42.90
C GLY D 206 41.66 -55.44 -42.71
N CYS D 207 40.81 -55.39 -43.74
CA CYS D 207 39.51 -54.74 -43.65
C CYS D 207 38.42 -55.80 -43.58
N LYS D 208 37.51 -55.66 -42.62
CA LYS D 208 36.42 -56.59 -42.40
C LYS D 208 35.11 -55.91 -42.76
N GLU D 209 34.35 -56.55 -43.65
CA GLU D 209 33.09 -55.97 -44.11
C GLU D 209 32.04 -56.02 -43.01
N VAL D 210 31.10 -55.08 -43.06
CA VAL D 210 30.00 -54.99 -42.12
C VAL D 210 28.70 -55.20 -42.89
N ASN D 211 27.85 -56.07 -42.39
CA ASN D 211 26.60 -56.42 -43.06
C ASN D 211 25.49 -56.44 -42.02
N SER D 212 24.32 -56.93 -42.42
CA SER D 212 23.17 -57.05 -41.52
C SER D 212 22.77 -58.51 -41.45
N VAL D 213 22.94 -59.12 -40.28
CA VAL D 213 22.59 -60.52 -40.07
C VAL D 213 22.54 -60.77 -38.57
N ASN D 214 21.74 -61.75 -38.16
CA ASN D 214 21.62 -62.08 -36.76
C ASN D 214 22.96 -62.47 -36.18
N CYS D 215 23.32 -61.89 -35.05
CA CYS D 215 24.58 -62.15 -34.38
C CYS D 215 24.51 -61.56 -32.98
N ASN D 216 25.64 -61.54 -32.27
CA ASN D 216 25.72 -60.98 -30.93
C ASN D 216 26.65 -59.77 -30.86
N THR D 217 27.05 -59.21 -32.00
CA THR D 217 27.94 -58.07 -32.00
C THR D 217 27.25 -56.85 -31.40
N SER D 218 28.01 -56.08 -30.63
CA SER D 218 27.52 -54.86 -29.99
C SER D 218 28.42 -53.70 -30.38
N TRP D 219 27.82 -52.54 -30.60
CA TRP D 219 28.54 -51.34 -31.03
C TRP D 219 28.62 -50.37 -29.85
N LYS D 220 29.81 -50.24 -29.27
CA LYS D 220 30.02 -49.30 -28.19
C LYS D 220 29.90 -47.86 -28.71
N ILE D 221 29.28 -47.01 -27.90
CA ILE D 221 29.05 -45.60 -28.25
C ILE D 221 30.04 -44.76 -27.47
N ASN D 222 30.91 -44.05 -28.18
CA ASN D 222 31.89 -43.15 -27.59
C ASN D 222 31.56 -41.73 -28.05
N LEU D 223 31.32 -40.84 -27.09
CA LEU D 223 30.96 -39.46 -27.41
C LEU D 223 32.19 -38.67 -27.81
N PHE D 224 32.06 -37.88 -28.88
CA PHE D 224 33.14 -37.03 -29.36
C PHE D 224 32.79 -35.56 -29.37
N MET D 225 31.58 -35.20 -29.82
CA MET D 225 31.20 -33.79 -29.94
C MET D 225 29.73 -33.68 -29.56
N GLN D 226 29.42 -32.73 -28.67
CA GLN D 226 28.08 -32.60 -28.11
C GLN D 226 27.27 -31.56 -28.89
N PHE D 227 25.96 -31.78 -28.93
CA PHE D 227 25.08 -30.87 -29.68
C PHE D 227 25.23 -29.44 -29.17
N ARG D 228 25.35 -29.27 -27.85
CA ARG D 228 25.53 -27.93 -27.30
C ARG D 228 26.86 -27.32 -27.73
N ASP D 229 27.91 -28.13 -27.78
CA ASP D 229 29.24 -27.68 -28.16
C ASP D 229 29.49 -27.79 -29.66
N HIS D 230 28.51 -28.19 -30.45
CA HIS D 230 28.65 -28.32 -31.89
C HIS D 230 28.36 -27.03 -32.63
N LEU D 231 28.08 -25.94 -31.91
CA LEU D 231 27.77 -24.67 -32.56
C LEU D 231 28.91 -24.25 -33.49
N GLU D 232 28.54 -23.82 -34.70
CA GLU D 232 29.55 -23.39 -35.66
C GLU D 232 30.16 -22.04 -35.29
N GLU D 233 29.45 -21.22 -34.52
CA GLU D 233 29.94 -19.90 -34.14
C GLU D 233 31.14 -19.98 -33.21
N VAL D 234 31.41 -21.13 -32.60
CA VAL D 234 32.51 -21.32 -31.66
C VAL D 234 33.48 -22.33 -32.25
N LEU D 235 34.77 -22.07 -32.10
CA LEU D 235 35.79 -22.99 -32.58
C LEU D 235 35.68 -24.33 -31.85
N LYS D 236 35.77 -25.42 -32.59
CA LYS D 236 35.66 -26.76 -32.05
C LYS D 236 36.78 -27.63 -32.59
N GLY D 237 37.15 -28.65 -31.82
CA GLY D 237 38.16 -29.58 -32.28
C GLY D 237 37.72 -30.29 -33.56
N GLY D 238 38.68 -30.55 -34.43
CA GLY D 238 38.41 -31.18 -35.70
C GLY D 238 37.98 -30.24 -36.81
N ASP D 239 37.96 -28.93 -36.55
CA ASP D 239 37.60 -27.94 -37.57
C ASP D 239 38.87 -27.37 -38.16
N VAL D 240 38.84 -27.11 -39.47
CA VAL D 240 40.01 -26.65 -40.22
C VAL D 240 39.83 -25.17 -40.53
N VAL D 241 40.88 -24.39 -40.29
CA VAL D 241 40.89 -22.95 -40.54
C VAL D 241 42.29 -22.56 -41.02
N ARG D 242 42.45 -21.28 -41.33
CA ARG D 242 43.72 -20.74 -41.77
C ARG D 242 44.18 -19.67 -40.79
N LEU D 243 45.48 -19.67 -40.48
CA LEU D 243 46.08 -18.69 -39.58
C LEU D 243 46.79 -17.63 -40.43
N PHE D 244 46.42 -16.36 -40.21
CA PHE D 244 46.96 -15.26 -40.99
C PHE D 244 47.68 -14.28 -40.06
N HIS D 245 48.85 -13.81 -40.49
CA HIS D 245 49.64 -12.86 -39.72
C HIS D 245 49.36 -11.45 -40.24
N ALA D 246 49.04 -10.55 -39.31
CA ALA D 246 48.66 -9.19 -39.69
C ALA D 246 49.86 -8.36 -40.12
N GLU D 247 50.87 -8.26 -39.25
CA GLU D 247 52.03 -7.42 -39.56
C GLU D 247 52.74 -7.90 -40.81
N GLN D 248 52.99 -9.21 -40.91
CA GLN D 248 53.67 -9.76 -42.07
C GLN D 248 52.76 -9.89 -43.28
N GLU D 249 51.44 -9.93 -43.08
CA GLU D 249 50.49 -10.11 -44.17
C GLU D 249 50.83 -11.37 -44.97
N LYS D 250 51.04 -12.47 -44.25
CA LYS D 250 51.44 -13.74 -44.85
C LYS D 250 50.71 -14.88 -44.16
N PHE D 251 50.75 -16.04 -44.80
CA PHE D 251 50.06 -17.23 -44.32
C PHE D 251 51.06 -18.29 -43.90
N LEU D 252 50.77 -18.97 -42.79
CA LEU D 252 51.59 -20.07 -42.33
C LEU D 252 51.28 -21.33 -43.13
N THR D 253 52.31 -22.12 -43.41
CA THR D 253 52.16 -23.31 -44.24
C THR D 253 53.22 -24.32 -43.87
N CYS D 254 52.98 -25.57 -44.26
CA CYS D 254 53.94 -26.65 -44.08
C CYS D 254 54.14 -27.35 -45.41
N ASP D 255 55.40 -27.49 -45.84
CA ASP D 255 55.70 -28.07 -47.14
C ASP D 255 57.03 -28.79 -47.09
N GLU D 256 57.24 -29.68 -48.07
CA GLU D 256 58.48 -30.43 -48.20
C GLU D 256 59.43 -29.62 -49.09
N TYR D 257 60.25 -28.78 -48.46
CA TYR D 257 61.15 -27.92 -49.21
C TYR D 257 62.16 -28.74 -50.01
N LYS D 258 63.01 -29.50 -49.32
CA LYS D 258 64.08 -30.27 -49.94
C LYS D 258 64.05 -31.71 -49.44
N GLY D 259 62.85 -32.30 -49.45
CA GLY D 259 62.67 -33.66 -48.99
C GLY D 259 62.33 -33.79 -47.52
N LYS D 260 62.33 -32.68 -46.77
CA LYS D 260 61.98 -32.68 -45.36
C LYS D 260 60.88 -31.66 -45.12
N LEU D 261 59.88 -32.06 -44.33
CA LEU D 261 58.76 -31.16 -44.06
C LEU D 261 59.20 -30.02 -43.15
N GLN D 262 58.83 -28.80 -43.51
CA GLN D 262 59.17 -27.62 -42.75
C GLN D 262 57.97 -26.67 -42.72
N VAL D 263 57.87 -25.92 -41.63
CA VAL D 263 56.79 -24.96 -41.41
C VAL D 263 57.37 -23.56 -41.59
N PHE D 264 56.68 -22.72 -42.36
CA PHE D 264 57.19 -21.41 -42.70
C PHE D 264 56.03 -20.45 -42.97
N LEU D 265 56.34 -19.16 -42.86
CA LEU D 265 55.40 -18.09 -43.19
C LEU D 265 55.64 -17.69 -44.64
N ARG D 266 54.82 -18.21 -45.55
CA ARG D 266 55.08 -18.03 -46.98
C ARG D 266 54.80 -16.61 -47.41
N THR D 267 55.74 -16.02 -48.15
CA THR D 267 55.55 -14.69 -48.71
C THR D 267 54.77 -14.77 -50.01
N THR D 268 53.95 -13.76 -50.27
CA THR D 268 53.12 -13.68 -51.45
C THR D 268 53.38 -12.38 -52.18
N LEU D 269 53.49 -12.46 -53.51
CA LEU D 269 53.67 -11.28 -54.35
C LEU D 269 52.34 -10.74 -54.88
N ARG D 270 51.22 -11.32 -54.48
CA ARG D 270 49.93 -10.85 -54.94
C ARG D 270 49.61 -9.48 -54.33
N GLN D 271 48.67 -8.78 -54.97
CA GLN D 271 48.19 -7.50 -54.46
C GLN D 271 47.08 -7.66 -53.42
N SER D 272 46.64 -8.88 -53.16
CA SER D 272 45.61 -9.16 -52.16
C SER D 272 46.07 -10.33 -51.31
N ALA D 273 46.45 -10.06 -50.07
CA ALA D 273 46.97 -11.11 -49.21
C ALA D 273 45.89 -12.16 -48.92
N THR D 274 44.64 -11.72 -48.72
CA THR D 274 43.58 -12.67 -48.42
C THR D 274 43.41 -13.70 -49.52
N SER D 275 43.71 -13.34 -50.76
CA SER D 275 43.58 -14.27 -51.88
C SER D 275 44.73 -15.27 -51.95
N ALA D 276 45.79 -15.09 -51.18
CA ALA D 276 46.94 -15.99 -51.19
C ALA D 276 46.65 -17.17 -50.26
N THR D 277 45.74 -18.03 -50.71
CA THR D 277 45.30 -19.20 -49.96
C THR D 277 45.68 -20.45 -50.73
N SER D 278 46.26 -21.41 -50.01
CA SER D 278 46.66 -22.69 -50.58
C SER D 278 46.15 -23.83 -49.71
N SER D 279 45.88 -24.98 -50.35
CA SER D 279 45.36 -26.12 -49.61
C SER D 279 46.36 -26.60 -48.56
N ASN D 280 47.66 -26.59 -48.89
CA ASN D 280 48.68 -27.02 -47.94
C ASN D 280 48.79 -26.09 -46.74
N ALA D 281 48.20 -24.90 -46.79
CA ALA D 281 48.21 -23.98 -45.67
C ALA D 281 47.04 -24.16 -44.73
N LEU D 282 46.18 -25.16 -44.98
CA LEU D 282 45.04 -25.42 -44.12
C LEU D 282 45.51 -26.07 -42.83
N TRP D 283 44.95 -25.62 -41.71
CA TRP D 283 45.28 -26.16 -40.39
C TRP D 283 44.01 -26.55 -39.66
N GLU D 284 44.12 -27.56 -38.82
CA GLU D 284 43.02 -28.09 -38.03
C GLU D 284 43.34 -27.93 -36.55
N VAL D 285 42.29 -27.67 -35.76
CA VAL D 285 42.42 -27.46 -34.32
C VAL D 285 41.99 -28.73 -33.60
N GLU D 286 42.80 -29.17 -32.65
CA GLU D 286 42.52 -30.35 -31.84
C GLU D 286 42.45 -29.93 -30.38
N VAL D 287 41.41 -30.41 -29.68
CA VAL D 287 41.19 -30.10 -28.28
C VAL D 287 41.66 -31.26 -27.43
N VAL D 288 42.20 -30.97 -26.26
CA VAL D 288 42.71 -31.97 -25.33
C VAL D 288 41.68 -32.18 -24.23
N HIS D 289 41.24 -33.42 -24.05
CA HIS D 289 40.27 -33.79 -23.03
C HIS D 289 40.74 -35.04 -22.31
N HIS D 290 40.07 -35.36 -21.21
CA HIS D 290 40.43 -36.56 -20.45
C HIS D 290 40.28 -37.81 -21.30
N ASP D 291 39.18 -37.91 -22.04
CA ASP D 291 38.98 -39.04 -22.94
C ASP D 291 39.70 -38.78 -24.26
N PRO D 292 40.61 -39.66 -24.70
CA PRO D 292 41.32 -39.39 -25.95
C PRO D 292 40.41 -39.22 -27.15
N CYS D 293 39.28 -39.90 -27.17
CA CYS D 293 38.34 -39.82 -28.29
C CYS D 293 37.36 -38.67 -28.16
N ARG D 294 37.45 -37.87 -27.10
CA ARG D 294 36.54 -36.76 -26.86
C ARG D 294 37.22 -35.46 -27.28
N GLY D 295 36.61 -34.75 -28.21
CA GLY D 295 37.13 -33.47 -28.67
C GLY D 295 36.39 -32.29 -28.08
N GLY D 296 35.06 -32.35 -28.08
CA GLY D 296 34.26 -31.28 -27.53
C GLY D 296 34.53 -29.97 -28.25
N ALA D 297 34.37 -28.87 -27.52
CA ALA D 297 34.65 -27.53 -28.00
C ALA D 297 35.70 -26.89 -27.10
N GLY D 298 36.70 -26.25 -27.71
CA GLY D 298 37.79 -25.70 -26.94
C GLY D 298 37.36 -24.50 -26.12
N HIS D 299 37.82 -24.45 -24.87
CA HIS D 299 37.61 -23.30 -24.00
C HIS D 299 38.85 -22.41 -24.01
N TRP D 300 38.66 -21.17 -23.55
CA TRP D 300 39.78 -20.22 -23.52
C TRP D 300 40.87 -20.65 -22.56
N ASN D 301 40.59 -21.58 -21.65
CA ASN D 301 41.57 -22.08 -20.69
C ASN D 301 41.91 -23.55 -20.94
N GLY D 302 41.80 -23.99 -22.19
CA GLY D 302 42.07 -25.37 -22.54
C GLY D 302 43.24 -25.49 -23.49
N LEU D 303 43.98 -26.58 -23.37
CA LEU D 303 45.11 -26.84 -24.24
C LEU D 303 44.64 -27.12 -25.66
N TYR D 304 45.44 -26.69 -26.63
CA TYR D 304 45.10 -26.84 -28.04
C TYR D 304 46.30 -27.42 -28.79
N ARG D 305 45.99 -28.08 -29.91
CA ARG D 305 47.01 -28.59 -30.81
C ARG D 305 46.63 -28.22 -32.24
N PHE D 306 47.65 -28.10 -33.09
CA PHE D 306 47.47 -27.76 -34.49
C PHE D 306 47.92 -28.93 -35.36
N LYS D 307 47.11 -29.27 -36.35
CA LYS D 307 47.35 -30.40 -37.23
C LYS D 307 47.32 -29.94 -38.68
N HIS D 308 48.10 -30.61 -39.52
CA HIS D 308 48.12 -30.32 -40.95
C HIS D 308 47.09 -31.21 -41.65
N LEU D 309 46.18 -30.58 -42.39
CA LEU D 309 45.09 -31.32 -43.02
C LEU D 309 45.56 -32.18 -44.18
N ALA D 310 46.79 -31.98 -44.67
CA ALA D 310 47.32 -32.74 -45.80
C ALA D 310 48.43 -33.69 -45.38
N THR D 311 49.49 -33.17 -44.75
CA THR D 311 50.59 -34.03 -44.32
C THR D 311 50.25 -34.81 -43.06
N GLY D 312 49.37 -34.26 -42.20
CA GLY D 312 48.99 -34.90 -40.97
C GLY D 312 49.90 -34.61 -39.79
N ASN D 313 51.01 -33.90 -40.00
CA ASN D 313 51.91 -33.55 -38.92
C ASN D 313 51.35 -32.38 -38.11
N TYR D 314 51.74 -32.33 -36.85
CA TYR D 314 51.26 -31.30 -35.92
C TYR D 314 52.34 -30.26 -35.68
N LEU D 315 51.91 -29.01 -35.50
CA LEU D 315 52.85 -27.93 -35.24
C LEU D 315 53.48 -28.09 -33.85
N ALA D 316 54.76 -27.74 -33.76
CA ALA D 316 55.47 -27.79 -32.49
C ALA D 316 56.69 -26.89 -32.58
N ALA D 317 57.36 -26.71 -31.46
CA ALA D 317 58.58 -25.91 -31.39
C ALA D 317 59.71 -26.77 -30.83
N GLU D 318 60.87 -26.71 -31.48
CA GLU D 318 62.02 -27.51 -31.07
C GLU D 318 63.27 -26.64 -31.11
N GLU D 319 64.27 -27.05 -30.34
CA GLU D 319 65.52 -26.32 -30.21
C GLU D 319 66.03 -25.85 -31.57
N ASN D 320 66.19 -24.53 -31.71
CA ASN D 320 66.63 -23.95 -32.97
C ASN D 320 68.15 -23.99 -33.06
N PRO D 321 68.73 -24.58 -34.11
CA PRO D 321 70.19 -24.58 -34.27
C PRO D 321 70.78 -23.18 -34.23
N ILE D 350 66.84 -16.40 -31.52
CA ILE D 350 65.82 -17.43 -31.36
C ILE D 350 66.43 -18.67 -30.71
N LYS D 351 65.72 -19.22 -29.72
CA LYS D 351 66.12 -20.46 -29.09
C LYS D 351 65.32 -21.66 -29.58
N TYR D 352 64.09 -21.45 -30.02
CA TYR D 352 63.24 -22.52 -30.52
C TYR D 352 62.61 -22.10 -31.85
N CYS D 353 62.58 -23.04 -32.78
CA CYS D 353 61.99 -22.83 -34.10
C CYS D 353 60.78 -23.74 -34.28
N LEU D 354 59.81 -23.26 -35.07
CA LEU D 354 58.59 -24.00 -35.31
C LEU D 354 58.80 -25.02 -36.42
N VAL D 355 58.37 -26.25 -36.17
CA VAL D 355 58.49 -27.35 -37.12
C VAL D 355 57.25 -28.23 -36.99
N ALA D 356 57.20 -29.29 -37.79
CA ALA D 356 56.11 -30.23 -37.80
C ALA D 356 56.57 -31.59 -37.30
N VAL D 357 55.77 -32.23 -36.46
CA VAL D 357 56.10 -33.52 -35.87
C VAL D 357 55.09 -34.55 -36.35
N PRO D 358 55.45 -35.83 -36.40
CA PRO D 358 54.53 -36.83 -36.97
C PRO D 358 53.41 -37.24 -36.03
N HIS D 359 53.66 -37.18 -34.72
CA HIS D 359 52.70 -37.63 -33.72
C HIS D 359 52.48 -36.55 -32.68
N GLY D 360 51.26 -36.51 -32.15
CA GLY D 360 50.90 -35.54 -31.13
C GLY D 360 50.91 -36.09 -29.73
N ASN D 361 51.59 -37.22 -29.53
CA ASN D 361 51.67 -37.87 -28.23
C ASN D 361 52.75 -37.26 -27.33
N ASP D 362 53.21 -36.06 -27.63
CA ASP D 362 54.23 -35.38 -26.85
C ASP D 362 53.78 -33.96 -26.54
N ILE D 363 54.22 -33.45 -25.38
CA ILE D 363 53.86 -32.12 -24.94
C ILE D 363 54.34 -31.03 -25.88
N ALA D 364 55.28 -31.35 -26.79
CA ALA D 364 55.78 -30.33 -27.71
C ALA D 364 54.67 -29.80 -28.59
N SER D 365 53.80 -30.67 -29.09
CA SER D 365 52.73 -30.23 -29.97
C SER D 365 51.71 -29.34 -29.26
N LEU D 366 51.64 -29.40 -27.93
CA LEU D 366 50.65 -28.63 -27.19
C LEU D 366 50.87 -27.14 -27.39
N PHE D 367 49.77 -26.40 -27.49
CA PHE D 367 49.82 -24.95 -27.65
C PHE D 367 48.61 -24.34 -26.96
N GLU D 368 48.71 -23.05 -26.65
CA GLU D 368 47.62 -22.30 -26.06
C GLU D 368 47.40 -21.01 -26.83
N LEU D 369 46.16 -20.53 -26.83
CA LEU D 369 45.77 -19.33 -27.56
C LEU D 369 45.47 -18.23 -26.54
N ASP D 370 46.40 -17.29 -26.40
CA ASP D 370 46.17 -16.12 -25.56
C ASP D 370 45.31 -15.13 -26.31
N PRO D 371 44.14 -14.75 -25.81
CA PRO D 371 43.31 -13.78 -26.53
C PRO D 371 43.96 -12.41 -26.58
N THR D 372 43.79 -11.73 -27.72
CA THR D 372 44.30 -10.37 -27.86
C THR D 372 43.41 -9.37 -27.14
N THR D 373 42.10 -9.59 -27.17
CA THR D 373 41.11 -8.71 -26.54
C THR D 373 40.44 -9.42 -25.38
N LEU D 374 39.46 -8.75 -24.78
CA LEU D 374 38.73 -9.33 -23.66
C LEU D 374 37.90 -10.53 -24.11
N GLN D 375 37.76 -11.49 -23.20
CA GLN D 375 37.01 -12.70 -23.47
C GLN D 375 35.99 -12.93 -22.34
N LYS D 376 34.94 -13.68 -22.67
CA LYS D 376 33.87 -13.96 -21.72
C LYS D 376 34.29 -15.13 -20.83
N THR D 377 35.17 -14.83 -19.89
CA THR D 377 35.67 -15.81 -18.90
C THR D 377 36.17 -17.03 -19.67
N ASP D 378 35.72 -18.25 -19.35
CA ASP D 378 36.16 -19.46 -20.02
C ASP D 378 35.22 -19.90 -21.12
N SER D 379 34.56 -18.94 -21.78
CA SER D 379 33.63 -19.27 -22.85
C SER D 379 34.36 -19.88 -24.04
N PHE D 380 33.62 -20.62 -24.85
CA PHE D 380 34.19 -21.27 -26.02
C PHE D 380 34.77 -20.22 -26.96
N VAL D 381 35.91 -20.54 -27.56
CA VAL D 381 36.59 -19.58 -28.43
C VAL D 381 35.73 -19.32 -29.67
N PRO D 382 35.44 -18.07 -30.01
CA PRO D 382 34.68 -17.79 -31.22
C PRO D 382 35.57 -17.89 -32.46
N ARG D 383 34.97 -18.37 -33.55
CA ARG D 383 35.71 -18.51 -34.79
C ARG D 383 36.02 -17.13 -35.38
N ASN D 384 37.16 -17.04 -36.05
CA ASN D 384 37.62 -15.80 -36.67
C ASN D 384 37.88 -14.73 -35.61
N SER D 385 38.74 -15.07 -34.66
CA SER D 385 39.13 -14.17 -33.58
C SER D 385 40.64 -14.15 -33.46
N TYR D 386 41.20 -12.94 -33.27
CA TYR D 386 42.64 -12.81 -33.13
C TYR D 386 43.12 -13.53 -31.88
N VAL D 387 44.25 -14.23 -32.00
CA VAL D 387 44.84 -14.97 -30.89
C VAL D 387 46.35 -14.91 -31.02
N ARG D 388 47.04 -15.25 -29.94
CA ARG D 388 48.49 -15.35 -29.92
C ARG D 388 48.88 -16.77 -29.51
N LEU D 389 49.72 -17.41 -30.31
CA LEU D 389 50.16 -18.77 -30.02
C LEU D 389 51.22 -18.75 -28.93
N ARG D 390 51.08 -19.63 -27.94
CA ARG D 390 52.05 -19.80 -26.88
C ARG D 390 52.38 -21.27 -26.72
N HIS D 391 53.67 -21.57 -26.56
CA HIS D 391 54.16 -22.93 -26.40
C HIS D 391 54.38 -23.20 -24.91
N LEU D 392 53.50 -24.00 -24.31
CA LEU D 392 53.56 -24.26 -22.88
C LEU D 392 54.60 -25.32 -22.51
N CYS D 393 55.09 -26.09 -23.48
CA CYS D 393 56.06 -27.14 -23.15
C CYS D 393 57.34 -26.55 -22.58
N THR D 394 57.84 -25.48 -23.18
CA THR D 394 59.06 -24.81 -22.72
C THR D 394 58.80 -23.37 -22.28
N ASN D 395 57.54 -22.97 -22.16
CA ASN D 395 57.18 -21.63 -21.69
C ASN D 395 57.86 -20.55 -22.53
N THR D 396 57.64 -20.62 -23.84
CA THR D 396 58.17 -19.65 -24.78
C THR D 396 57.04 -19.11 -25.64
N TRP D 397 57.19 -17.87 -26.10
CA TRP D 397 56.17 -17.18 -26.86
C TRP D 397 56.53 -17.17 -28.34
N ILE D 398 55.57 -17.54 -29.18
CA ILE D 398 55.81 -17.60 -30.61
C ILE D 398 55.99 -16.18 -31.16
N GLN D 399 56.85 -16.06 -32.17
CA GLN D 399 57.10 -14.78 -32.82
C GLN D 399 57.37 -15.03 -34.29
N SER D 400 57.56 -13.95 -35.05
CA SER D 400 57.83 -14.01 -36.48
C SER D 400 59.10 -13.24 -36.79
N THR D 401 59.89 -13.78 -37.72
CA THR D 401 61.14 -13.17 -38.13
C THR D 401 61.23 -13.17 -39.66
N ASN D 402 62.03 -12.25 -40.18
CA ASN D 402 62.21 -12.08 -41.62
C ASN D 402 63.30 -12.97 -42.18
N VAL D 403 63.96 -13.79 -41.35
CA VAL D 403 65.03 -14.67 -41.83
C VAL D 403 64.40 -15.77 -42.67
N PRO D 404 64.74 -15.89 -43.96
CA PRO D 404 64.14 -16.94 -44.78
C PRO D 404 64.67 -18.32 -44.41
N ILE D 405 63.84 -19.33 -44.66
CA ILE D 405 64.26 -20.72 -44.50
C ILE D 405 64.80 -21.32 -45.78
N ASP D 406 64.52 -20.69 -46.93
CA ASP D 406 64.96 -21.21 -48.22
C ASP D 406 65.87 -20.22 -48.93
N ILE D 407 66.84 -19.68 -48.18
CA ILE D 407 67.77 -18.70 -48.75
C ILE D 407 68.54 -19.27 -49.92
N GLU D 408 68.60 -20.59 -50.06
CA GLU D 408 69.36 -21.19 -51.15
C GLU D 408 68.79 -20.78 -52.51
N GLU D 409 67.49 -20.52 -52.59
CA GLU D 409 66.84 -20.14 -53.84
C GLU D 409 66.66 -18.64 -53.89
N GLU D 410 66.90 -18.07 -55.07
CA GLU D 410 66.75 -16.62 -55.24
C GLU D 410 65.33 -16.18 -54.94
N ARG D 411 65.19 -15.04 -54.28
CA ARG D 411 63.89 -14.52 -53.88
C ARG D 411 63.18 -15.55 -53.01
N PRO D 412 63.70 -15.83 -51.81
CA PRO D 412 63.07 -16.86 -50.96
C PRO D 412 61.67 -16.44 -50.54
N ILE D 413 60.81 -17.45 -50.36
CA ILE D 413 59.45 -17.22 -49.91
C ILE D 413 59.21 -17.77 -48.51
N ARG D 414 59.85 -18.87 -48.13
CA ARG D 414 59.68 -19.43 -46.79
C ARG D 414 60.37 -18.55 -45.77
N LEU D 415 59.67 -18.25 -44.68
CA LEU D 415 60.17 -17.39 -43.62
C LEU D 415 60.14 -18.12 -42.29
N MET D 416 61.20 -17.94 -41.50
CA MET D 416 61.30 -18.61 -40.21
C MET D 416 60.34 -18.00 -39.19
N LEU D 417 59.81 -18.85 -38.32
CA LEU D 417 58.92 -18.44 -37.23
C LEU D 417 59.48 -19.03 -35.94
N GLY D 418 60.29 -18.24 -35.24
CA GLY D 418 60.91 -18.68 -34.00
C GLY D 418 60.06 -18.35 -32.78
N THR D 419 60.70 -18.43 -31.62
CA THR D 419 60.05 -18.14 -30.35
C THR D 419 60.92 -17.17 -29.55
N CYS D 420 60.26 -16.37 -28.72
CA CYS D 420 60.93 -15.39 -27.88
C CYS D 420 60.54 -15.60 -26.42
N PRO D 421 61.48 -15.47 -25.49
CA PRO D 421 61.11 -15.64 -24.07
C PRO D 421 60.03 -14.67 -23.61
N THR D 422 60.03 -13.45 -24.13
CA THR D 422 59.03 -12.46 -23.75
C THR D 422 57.85 -12.50 -24.73
N LYS D 423 56.77 -11.82 -24.35
CA LYS D 423 55.55 -11.77 -25.14
C LYS D 423 55.49 -10.47 -25.92
N GLU D 424 55.10 -10.58 -27.20
CA GLU D 424 54.93 -9.43 -28.07
C GLU D 424 53.49 -9.36 -28.52
N ASP D 425 52.88 -8.18 -28.40
CA ASP D 425 51.48 -8.01 -28.77
C ASP D 425 51.26 -8.01 -30.27
N LYS D 426 52.31 -7.75 -31.06
CA LYS D 426 52.16 -7.72 -32.51
C LYS D 426 52.07 -9.11 -33.13
N GLU D 427 52.50 -10.15 -32.41
CA GLU D 427 52.47 -11.52 -32.93
C GLU D 427 51.09 -12.14 -32.65
N ALA D 428 50.10 -11.63 -33.37
CA ALA D 428 48.73 -12.08 -33.26
C ALA D 428 48.30 -12.72 -34.58
N PHE D 429 47.71 -13.91 -34.50
CA PHE D 429 47.27 -14.65 -35.68
C PHE D 429 45.75 -14.65 -35.73
N ALA D 430 45.21 -14.32 -36.89
CA ALA D 430 43.76 -14.29 -37.11
C ALA D 430 43.31 -15.59 -37.76
N ILE D 431 42.11 -16.03 -37.41
CA ILE D 431 41.54 -17.29 -37.88
C ILE D 431 40.62 -16.98 -39.06
N VAL D 432 40.68 -17.83 -40.08
CA VAL D 432 39.85 -17.70 -41.27
C VAL D 432 39.16 -19.03 -41.53
N SER D 433 37.85 -18.99 -41.76
CA SER D 433 37.08 -20.19 -41.99
C SER D 433 37.38 -20.79 -43.37
N VAL D 434 37.00 -22.05 -43.54
CA VAL D 434 37.26 -22.77 -44.79
C VAL D 434 35.98 -23.51 -45.20
N PRO D 435 35.56 -23.42 -46.46
CA PRO D 435 34.37 -24.16 -46.88
C PRO D 435 34.61 -25.65 -46.96
N VAL D 436 33.52 -26.41 -46.83
CA VAL D 436 33.61 -27.86 -46.85
C VAL D 436 34.12 -28.37 -48.19
N SER D 437 33.88 -27.60 -49.26
CA SER D 437 34.32 -28.02 -50.58
C SER D 437 35.84 -28.19 -50.63
N GLU D 438 36.57 -27.26 -50.01
CA GLU D 438 38.02 -27.37 -49.98
C GLU D 438 38.46 -28.64 -49.25
N ILE D 439 37.81 -28.96 -48.13
CA ILE D 439 38.17 -30.16 -47.39
C ILE D 439 37.92 -31.41 -48.22
N ARG D 440 36.76 -31.46 -48.87
CA ARG D 440 36.44 -32.62 -49.70
C ARG D 440 37.45 -32.77 -50.84
N ASP D 441 37.77 -31.66 -51.51
CA ASP D 441 38.72 -31.70 -52.61
C ASP D 441 40.09 -32.15 -52.13
N LEU D 442 40.54 -31.64 -50.98
CA LEU D 442 41.85 -32.02 -50.47
C LEU D 442 41.89 -33.50 -50.10
N ASP D 443 40.83 -33.99 -49.46
CA ASP D 443 40.79 -35.41 -49.11
C ASP D 443 40.81 -36.30 -50.36
N PHE D 444 40.00 -35.93 -51.36
CA PHE D 444 40.00 -36.70 -52.60
C PHE D 444 41.37 -36.66 -53.27
N ALA D 445 42.00 -35.50 -53.30
CA ALA D 445 43.32 -35.39 -53.91
C ALA D 445 44.35 -36.23 -53.17
N ASN D 446 44.31 -36.22 -51.84
CA ASN D 446 45.26 -37.02 -51.08
C ASN D 446 45.06 -38.50 -51.33
N ASP D 447 43.80 -38.96 -51.32
CA ASP D 447 43.55 -40.37 -51.58
C ASP D 447 44.02 -40.77 -52.98
N ALA D 448 43.69 -39.93 -53.98
CA ALA D 448 44.09 -40.23 -55.35
C ALA D 448 45.60 -40.26 -55.48
N SER D 449 46.29 -39.32 -54.82
CA SER D 449 47.75 -39.31 -54.86
C SER D 449 48.32 -40.58 -54.23
N SER D 450 47.70 -41.05 -53.14
CA SER D 450 48.14 -42.30 -52.53
C SER D 450 48.02 -43.46 -53.51
N MET D 451 46.86 -43.59 -54.16
CA MET D 451 46.71 -44.72 -55.08
C MET D 451 47.62 -44.58 -56.29
N LEU D 452 47.85 -43.35 -56.76
CA LEU D 452 48.74 -43.15 -57.90
C LEU D 452 50.18 -43.48 -57.54
N ALA D 453 50.60 -43.15 -56.32
CA ALA D 453 51.93 -43.55 -55.87
C ALA D 453 52.04 -45.07 -55.79
N SER D 454 51.00 -45.73 -55.30
CA SER D 454 51.00 -47.19 -55.28
C SER D 454 51.10 -47.75 -56.69
N ALA D 455 50.37 -47.16 -57.64
CA ALA D 455 50.42 -47.62 -59.02
C ALA D 455 51.81 -47.41 -59.63
N VAL D 456 52.43 -46.27 -59.32
CA VAL D 456 53.78 -46.02 -59.82
C VAL D 456 54.76 -47.05 -59.27
N GLU D 457 54.62 -47.36 -57.97
CA GLU D 457 55.49 -48.37 -57.37
C GLU D 457 55.27 -49.72 -58.04
N LYS D 458 54.01 -50.08 -58.30
CA LYS D 458 53.73 -51.35 -58.97
C LYS D 458 54.34 -51.38 -60.37
N LEU D 459 54.20 -50.29 -61.12
CA LEU D 459 54.76 -50.24 -62.46
C LEU D 459 56.27 -50.36 -62.44
N ASN D 460 56.93 -49.67 -61.50
CA ASN D 460 58.38 -49.76 -61.39
C ASN D 460 58.85 -51.16 -61.05
N GLU D 461 57.98 -51.98 -60.46
CA GLU D 461 58.34 -53.35 -60.10
C GLU D 461 58.40 -54.27 -61.31
N GLY D 462 57.92 -53.83 -62.48
CA GLY D 462 57.96 -54.65 -63.67
C GLY D 462 56.81 -55.61 -63.83
N PHE D 463 55.79 -55.54 -62.97
CA PHE D 463 54.65 -56.43 -63.07
C PHE D 463 53.44 -55.78 -62.42
N ILE D 464 52.33 -55.71 -63.15
CA ILE D 464 51.08 -55.16 -62.64
C ILE D 464 49.96 -56.13 -63.00
N SER D 465 49.11 -56.42 -62.03
CA SER D 465 47.99 -57.32 -62.25
C SER D 465 46.91 -56.64 -63.09
N GLN D 466 46.09 -57.47 -63.74
CA GLN D 466 45.00 -56.93 -64.57
C GLN D 466 44.03 -56.11 -63.72
N ASN D 467 43.70 -56.61 -62.53
CA ASN D 467 42.81 -55.86 -61.64
C ASN D 467 43.44 -54.53 -61.23
N ASP D 468 44.75 -54.54 -60.95
CA ASP D 468 45.44 -53.31 -60.60
C ASP D 468 45.42 -52.32 -61.76
N ARG D 469 45.62 -52.83 -62.99
CA ARG D 469 45.57 -51.96 -64.16
C ARG D 469 44.18 -51.36 -64.32
N ARG D 470 43.14 -52.16 -64.12
CA ARG D 470 41.77 -51.64 -64.22
C ARG D 470 41.52 -50.58 -63.16
N PHE D 471 42.00 -50.80 -61.93
CA PHE D 471 41.83 -49.80 -60.88
C PHE D 471 42.55 -48.50 -61.24
N VAL D 472 43.77 -48.61 -61.77
CA VAL D 472 44.50 -47.41 -62.16
C VAL D 472 43.77 -46.67 -63.26
N ILE D 473 43.25 -47.41 -64.25
CA ILE D 473 42.52 -46.76 -65.33
C ILE D 473 41.28 -46.06 -64.80
N GLN D 474 40.56 -46.71 -63.89
CA GLN D 474 39.37 -46.09 -63.31
C GLN D 474 39.73 -44.83 -62.53
N LEU D 475 40.83 -44.88 -61.77
CA LEU D 475 41.27 -43.70 -61.03
C LEU D 475 41.61 -42.56 -61.97
N LEU D 476 42.32 -42.86 -63.06
CA LEU D 476 42.63 -41.83 -64.04
C LEU D 476 41.35 -41.27 -64.66
N GLU D 477 40.35 -42.12 -64.87
CA GLU D 477 39.07 -41.65 -65.37
C GLU D 477 38.42 -40.66 -64.42
N ASP D 478 38.38 -41.01 -63.13
CA ASP D 478 37.78 -40.09 -62.15
C ASP D 478 38.60 -38.81 -62.06
N LEU D 479 39.92 -38.91 -62.18
CA LEU D 479 40.75 -37.71 -62.15
C LEU D 479 40.45 -36.81 -63.35
N VAL D 480 40.28 -37.40 -64.53
CA VAL D 480 39.92 -36.62 -65.70
C VAL D 480 38.60 -35.91 -65.48
N PHE D 481 37.62 -36.63 -64.93
CA PHE D 481 36.32 -36.03 -64.67
C PHE D 481 36.44 -34.89 -63.68
N PHE D 482 37.25 -35.07 -62.63
CA PHE D 482 37.41 -34.03 -61.62
C PHE D 482 38.07 -32.79 -62.20
N VAL D 483 39.12 -32.97 -63.02
CA VAL D 483 39.78 -31.82 -63.61
C VAL D 483 38.83 -31.09 -64.55
N SER D 484 38.14 -31.84 -65.40
CA SER D 484 37.20 -31.23 -66.34
C SER D 484 36.01 -30.60 -65.62
N ASP D 485 35.68 -31.07 -64.42
CA ASP D 485 34.55 -30.54 -63.66
C ASP D 485 33.26 -30.69 -64.45
N VAL D 486 33.11 -31.81 -65.15
CA VAL D 486 31.92 -32.10 -65.93
C VAL D 486 31.27 -33.38 -65.39
N PRO D 487 29.95 -33.43 -65.25
CA PRO D 487 29.32 -34.66 -64.75
C PRO D 487 29.59 -35.84 -65.68
N ASN D 488 29.71 -37.01 -65.07
CA ASN D 488 29.95 -38.25 -65.82
C ASN D 488 28.63 -38.72 -66.41
N ASN D 489 28.45 -38.50 -67.71
CA ASN D 489 27.23 -38.90 -68.41
C ASN D 489 27.51 -39.89 -69.54
N GLY D 490 28.65 -40.58 -69.50
CA GLY D 490 29.00 -41.54 -70.51
C GLY D 490 29.70 -40.98 -71.72
N GLN D 491 29.85 -39.66 -71.82
CA GLN D 491 30.54 -39.07 -72.95
C GLN D 491 32.00 -39.53 -72.98
N ASN D 492 32.54 -39.67 -74.19
CA ASN D 492 33.93 -40.07 -74.34
C ASN D 492 34.83 -39.06 -73.64
N VAL D 493 35.46 -39.49 -72.54
CA VAL D 493 36.30 -38.57 -71.77
C VAL D 493 37.52 -38.15 -72.58
N LEU D 494 37.98 -39.01 -73.49
CA LEU D 494 39.10 -38.66 -74.34
C LEU D 494 38.84 -37.37 -75.12
N ASP D 495 37.57 -37.09 -75.43
CA ASP D 495 37.18 -35.87 -76.12
C ASP D 495 36.36 -34.95 -75.22
N ILE D 496 36.52 -35.07 -73.90
CA ILE D 496 35.74 -34.23 -72.99
C ILE D 496 36.11 -32.77 -73.21
N MET D 497 35.13 -31.89 -73.03
CA MET D 497 35.26 -30.47 -73.31
C MET D 497 34.81 -29.70 -72.08
N VAL D 498 35.68 -28.82 -71.58
CA VAL D 498 35.41 -28.03 -70.38
C VAL D 498 35.35 -26.56 -70.77
N THR D 499 34.23 -25.92 -70.44
CA THR D 499 34.04 -24.53 -70.86
C THR D 499 34.91 -23.57 -70.04
N LYS D 500 34.96 -23.75 -68.72
CA LYS D 500 35.70 -22.85 -67.84
C LYS D 500 36.55 -23.70 -66.89
N PRO D 501 37.88 -23.62 -66.97
CA PRO D 501 38.70 -24.38 -66.03
C PRO D 501 38.52 -23.88 -64.61
N ASN D 502 38.69 -24.81 -63.66
CA ASN D 502 38.61 -24.49 -62.23
C ASN D 502 40.03 -24.23 -61.72
N ARG D 503 40.32 -22.97 -61.42
CA ARG D 503 41.67 -22.59 -60.98
C ARG D 503 42.03 -23.28 -59.67
N GLU D 504 41.08 -23.36 -58.73
CA GLU D 504 41.37 -23.96 -57.44
C GLU D 504 41.74 -25.42 -57.60
N ARG D 505 41.00 -26.16 -58.44
CA ARG D 505 41.31 -27.58 -58.64
C ARG D 505 42.68 -27.76 -59.26
N GLN D 506 43.02 -26.93 -60.25
CA GLN D 506 44.33 -27.03 -60.88
C GLN D 506 45.45 -26.74 -59.88
N LYS D 507 45.26 -25.71 -59.05
CA LYS D 507 46.25 -25.42 -58.03
C LYS D 507 46.38 -26.59 -57.05
N LEU D 508 45.27 -27.20 -56.68
CA LEU D 508 45.31 -28.36 -55.80
C LEU D 508 46.10 -29.50 -56.43
N MET D 509 45.88 -29.76 -57.72
CA MET D 509 46.63 -30.82 -58.39
C MET D 509 48.12 -30.51 -58.42
N ARG D 510 48.46 -29.24 -58.73
CA ARG D 510 49.88 -28.89 -58.82
C ARG D 510 50.57 -29.01 -57.46
N GLU D 511 49.94 -28.49 -56.41
CA GLU D 511 50.59 -28.45 -55.10
C GLU D 511 50.62 -29.82 -54.42
N GLN D 512 49.69 -30.71 -54.77
CA GLN D 512 49.63 -32.03 -54.17
C GLN D 512 50.46 -33.06 -54.92
N ASN D 513 51.19 -32.64 -55.94
CA ASN D 513 52.08 -33.52 -56.72
C ASN D 513 51.33 -34.57 -57.50
N ILE D 514 50.03 -34.36 -57.77
CA ILE D 514 49.30 -35.31 -58.60
C ILE D 514 49.86 -35.32 -60.02
N LEU D 515 50.22 -34.14 -60.53
CA LEU D 515 50.83 -34.09 -61.87
C LEU D 515 52.16 -34.83 -61.89
N LYS D 516 52.93 -34.75 -60.79
CA LYS D 516 54.15 -35.52 -60.71
C LYS D 516 53.86 -37.02 -60.76
N GLN D 517 52.79 -37.45 -60.09
CA GLN D 517 52.39 -38.85 -60.15
C GLN D 517 52.01 -39.24 -61.57
N VAL D 518 51.31 -38.36 -62.29
CA VAL D 518 50.94 -38.65 -63.67
C VAL D 518 52.19 -38.79 -64.53
N PHE D 519 53.16 -37.90 -64.34
CA PHE D 519 54.41 -37.99 -65.09
C PHE D 519 55.13 -39.30 -64.77
N GLY D 520 55.16 -39.68 -63.50
CA GLY D 520 55.79 -40.94 -63.13
C GLY D 520 55.09 -42.13 -63.76
N ILE D 521 53.76 -42.10 -63.81
CA ILE D 521 53.02 -43.17 -64.46
C ILE D 521 53.37 -43.23 -65.94
N LEU D 522 53.47 -42.07 -66.59
CA LEU D 522 53.81 -42.04 -68.01
C LEU D 522 55.21 -42.62 -68.24
N LYS D 523 56.16 -42.27 -67.36
CA LYS D 523 57.56 -42.64 -67.57
C LYS D 523 57.90 -44.03 -67.05
N ALA D 524 57.03 -44.66 -66.26
CA ALA D 524 57.41 -45.91 -65.60
C ALA D 524 57.39 -47.09 -66.56
N PRO D 525 56.30 -47.37 -67.30
CA PRO D 525 56.31 -48.57 -68.16
C PRO D 525 57.44 -48.60 -69.16
N PHE D 526 57.81 -47.43 -69.71
CA PHE D 526 58.89 -47.38 -70.70
C PHE D 526 60.25 -47.36 -70.01
N ARG D 527 60.48 -46.37 -69.15
CA ARG D 527 61.74 -46.27 -68.42
C ARG D 527 62.94 -46.25 -69.37
N PRO D 534 61.41 -53.61 -71.22
CA PRO D 534 60.66 -53.12 -70.06
C PRO D 534 59.20 -53.59 -70.06
N LEU D 535 58.39 -53.01 -69.19
CA LEU D 535 56.97 -53.40 -69.13
C LEU D 535 56.26 -53.11 -70.44
N VAL D 536 56.50 -51.93 -71.02
CA VAL D 536 55.88 -51.54 -72.29
C VAL D 536 56.90 -50.76 -73.10
N ARG D 537 56.75 -50.81 -74.42
CA ARG D 537 57.61 -50.09 -75.34
C ARG D 537 56.77 -49.25 -76.28
N LEU D 538 57.30 -48.09 -76.64
CA LEU D 538 56.56 -47.18 -77.52
C LEU D 538 56.28 -47.82 -78.87
N GLU D 539 57.27 -48.52 -79.44
CA GLU D 539 57.08 -49.16 -80.74
C GLU D 539 56.05 -50.29 -80.66
N GLU D 540 55.93 -50.94 -79.51
CA GLU D 540 55.02 -52.07 -79.35
C GLU D 540 53.61 -51.66 -78.97
N LEU D 541 53.34 -50.35 -78.83
CA LEU D 541 52.00 -49.92 -78.47
C LEU D 541 50.97 -50.32 -79.53
N SER D 542 51.39 -50.43 -80.79
CA SER D 542 50.46 -50.82 -81.84
C SER D 542 49.89 -52.21 -81.60
N ASP D 543 50.64 -53.08 -80.93
CA ASP D 543 50.16 -54.42 -80.65
C ASP D 543 48.93 -54.36 -79.76
N GLN D 544 47.98 -55.27 -80.01
CA GLN D 544 46.73 -55.29 -79.26
C GLN D 544 46.94 -55.61 -77.79
N LYS D 545 48.05 -56.25 -77.43
CA LYS D 545 48.28 -56.63 -76.04
C LYS D 545 48.29 -55.39 -75.15
N ASN D 546 49.09 -54.38 -75.53
CA ASN D 546 49.26 -53.18 -74.72
C ASN D 546 48.17 -52.14 -74.95
N ALA D 547 47.02 -52.55 -75.50
CA ALA D 547 45.95 -51.59 -75.74
C ALA D 547 45.46 -50.95 -74.45
N PRO D 548 45.21 -51.69 -73.37
CA PRO D 548 44.82 -51.01 -72.12
C PRO D 548 45.90 -50.06 -71.61
N TYR D 549 47.17 -50.41 -71.79
CA TYR D 549 48.25 -49.48 -71.44
C TYR D 549 48.18 -48.23 -72.29
N GLN D 550 47.87 -48.40 -73.58
CA GLN D 550 47.71 -47.26 -74.47
C GLN D 550 46.60 -46.34 -73.99
N HIS D 551 45.48 -46.93 -73.57
CA HIS D 551 44.37 -46.13 -73.06
C HIS D 551 44.76 -45.44 -71.75
N MET D 552 45.58 -46.11 -70.94
CA MET D 552 46.06 -45.49 -69.70
C MET D 552 46.91 -44.26 -70.00
N PHE D 553 47.83 -44.37 -70.95
CA PHE D 553 48.64 -43.23 -71.34
C PHE D 553 47.76 -42.12 -71.91
N ARG D 554 46.75 -42.52 -72.69
CA ARG D 554 45.75 -41.58 -73.19
C ARG D 554 45.09 -40.79 -72.07
N LEU D 555 44.63 -41.49 -71.03
CA LEU D 555 43.97 -40.82 -69.91
C LEU D 555 44.94 -39.91 -69.19
N CYS D 556 46.19 -40.36 -69.03
CA CYS D 556 47.19 -39.53 -68.36
C CYS D 556 47.44 -38.24 -69.13
N TYR D 557 47.55 -38.34 -70.46
CA TYR D 557 47.78 -37.14 -71.26
C TYR D 557 46.57 -36.22 -71.24
N ARG D 558 45.37 -36.79 -71.19
CA ARG D 558 44.17 -35.96 -71.03
C ARG D 558 44.23 -35.21 -69.70
N VAL D 559 44.64 -35.90 -68.64
CA VAL D 559 44.78 -35.24 -67.34
C VAL D 559 45.77 -34.09 -67.43
N LEU D 560 46.91 -34.35 -68.08
CA LEU D 560 47.94 -33.32 -68.20
C LEU D 560 47.43 -32.11 -68.96
N ARG D 561 46.71 -32.34 -70.06
CA ARG D 561 46.16 -31.24 -70.84
C ARG D 561 45.13 -30.44 -70.06
N HIS D 562 44.27 -31.12 -69.29
CA HIS D 562 43.17 -30.45 -68.62
C HIS D 562 43.59 -29.68 -67.38
N SER D 563 44.83 -29.84 -66.91
CA SER D 563 45.31 -29.15 -65.72
C SER D 563 46.12 -27.90 -66.04
N GLN D 564 46.24 -27.54 -67.32
CA GLN D 564 47.05 -26.40 -67.73
C GLN D 564 46.28 -25.48 -68.69
N GLU D 565 44.97 -25.39 -68.51
CA GLU D 565 44.13 -24.56 -69.37
C GLU D 565 44.07 -23.16 -68.78
N ASP D 566 44.78 -22.22 -69.41
CA ASP D 566 44.83 -20.82 -68.96
C ASP D 566 45.30 -20.73 -67.52
N TYR D 567 46.43 -21.37 -67.23
CA TYR D 567 47.07 -21.30 -65.92
C TYR D 567 48.58 -21.37 -66.12
N ARG D 568 49.25 -20.25 -65.92
CA ARG D 568 50.67 -20.17 -66.25
C ARG D 568 51.51 -21.12 -65.40
N LYS D 569 51.22 -21.20 -64.10
CA LYS D 569 52.05 -22.01 -63.21
C LYS D 569 52.00 -23.48 -63.62
N ASN D 570 50.80 -24.01 -63.85
CA ASN D 570 50.68 -25.40 -64.28
C ASN D 570 51.33 -25.60 -65.65
N GLN D 571 51.19 -24.62 -66.54
CA GLN D 571 51.80 -24.74 -67.86
C GLN D 571 53.30 -24.88 -67.75
N GLU D 572 53.94 -24.04 -66.93
CA GLU D 572 55.39 -24.15 -66.73
C GLU D 572 55.75 -25.46 -66.05
N HIS D 573 54.96 -25.88 -65.05
CA HIS D 573 55.26 -27.11 -64.35
C HIS D 573 55.26 -28.29 -65.30
N ILE D 574 54.29 -28.34 -66.21
CA ILE D 574 54.23 -29.43 -67.19
C ILE D 574 55.35 -29.27 -68.21
N ALA D 575 55.61 -28.04 -68.66
CA ALA D 575 56.64 -27.82 -69.68
C ALA D 575 58.03 -28.19 -69.17
N LYS D 576 58.24 -28.22 -67.85
CA LYS D 576 59.53 -28.67 -67.35
C LYS D 576 59.86 -30.08 -67.83
N GLN D 577 58.86 -30.89 -68.14
CA GLN D 577 59.04 -32.24 -68.67
C GLN D 577 58.83 -32.28 -70.18
N PHE D 578 59.25 -31.22 -70.87
CA PHE D 578 59.05 -31.15 -72.32
C PHE D 578 59.82 -32.26 -73.03
N GLY D 579 61.01 -32.59 -72.53
CA GLY D 579 61.79 -33.65 -73.17
C GLY D 579 61.08 -34.99 -73.16
N MET D 580 60.58 -35.39 -71.99
CA MET D 580 59.87 -36.66 -71.90
C MET D 580 58.55 -36.61 -72.65
N MET D 581 57.89 -35.45 -72.67
CA MET D 581 56.65 -35.34 -73.45
C MET D 581 56.93 -35.52 -74.94
N GLN D 582 58.00 -34.92 -75.44
CA GLN D 582 58.34 -35.03 -76.86
C GLN D 582 58.85 -36.43 -77.19
N SER D 583 59.45 -37.12 -76.23
CA SER D 583 59.93 -38.47 -76.48
C SER D 583 58.81 -39.38 -76.96
N GLN D 584 57.56 -39.08 -76.59
CA GLN D 584 56.41 -39.86 -76.99
C GLN D 584 55.71 -39.29 -78.22
N ILE D 585 56.30 -38.28 -78.86
CA ILE D 585 55.68 -37.66 -80.02
C ILE D 585 55.52 -38.69 -81.13
N GLY D 586 54.48 -38.52 -81.94
CA GLY D 586 54.21 -39.37 -83.09
C GLY D 586 53.28 -40.54 -82.82
N TYR D 587 53.49 -41.23 -81.71
CA TYR D 587 52.67 -42.39 -81.38
C TYR D 587 51.26 -41.95 -81.01
N ASP D 588 50.30 -42.86 -81.17
CA ASP D 588 48.89 -42.57 -80.94
C ASP D 588 48.65 -42.50 -79.43
N ILE D 589 49.10 -41.40 -78.84
CA ILE D 589 48.95 -41.17 -77.41
C ILE D 589 48.37 -39.78 -77.18
N LEU D 590 48.19 -39.02 -78.26
CA LEU D 590 47.76 -37.63 -78.19
C LEU D 590 48.68 -36.79 -77.31
N ALA D 591 49.98 -37.04 -77.39
CA ALA D 591 50.93 -36.06 -76.88
C ALA D 591 51.00 -34.86 -77.80
N GLU D 592 50.68 -35.05 -79.08
CA GLU D 592 50.74 -33.96 -80.04
C GLU D 592 49.78 -32.83 -79.65
N ASP D 593 48.51 -33.17 -79.40
CA ASP D 593 47.53 -32.14 -79.09
C ASP D 593 47.86 -31.43 -77.79
N THR D 594 48.28 -32.18 -76.77
CA THR D 594 48.63 -31.56 -75.49
C THR D 594 49.81 -30.61 -75.66
N ILE D 595 50.85 -31.06 -76.36
CA ILE D 595 52.02 -30.22 -76.58
C ILE D 595 51.63 -28.96 -77.33
N THR D 596 50.85 -29.12 -78.41
CA THR D 596 50.46 -27.98 -79.23
C THR D 596 49.67 -26.97 -78.41
N ALA D 597 48.66 -27.45 -77.67
CA ALA D 597 47.86 -26.54 -76.87
C ALA D 597 48.70 -25.81 -75.82
N LEU D 598 49.51 -26.57 -75.09
CA LEU D 598 50.31 -25.97 -74.02
C LEU D 598 51.26 -24.92 -74.57
N LEU D 599 51.95 -25.22 -75.67
CA LEU D 599 52.94 -24.29 -76.19
C LEU D 599 52.31 -23.12 -76.93
N HIS D 600 51.16 -23.33 -77.57
CA HIS D 600 50.50 -22.24 -78.28
C HIS D 600 49.79 -21.28 -77.33
N ASN D 601 49.31 -21.78 -76.18
CA ASN D 601 48.66 -20.89 -75.23
C ASN D 601 49.61 -19.83 -74.69
N ASN D 602 50.89 -20.14 -74.62
CA ASN D 602 51.89 -19.23 -74.07
C ASN D 602 52.95 -18.93 -75.13
N ARG D 603 53.20 -17.64 -75.36
CA ARG D 603 54.20 -17.25 -76.35
C ARG D 603 55.61 -17.60 -75.90
N LYS D 604 55.91 -17.37 -74.62
CA LYS D 604 57.27 -17.60 -74.12
C LYS D 604 57.65 -19.08 -74.24
N LEU D 605 56.74 -19.98 -73.87
CA LEU D 605 57.03 -21.40 -73.96
C LEU D 605 57.26 -21.82 -75.41
N LEU D 606 56.45 -21.30 -76.33
CA LEU D 606 56.64 -21.63 -77.74
C LEU D 606 57.98 -21.13 -78.24
N GLU D 607 58.36 -19.91 -77.87
CA GLU D 607 59.65 -19.37 -78.31
C GLU D 607 60.80 -20.18 -77.75
N LYS D 608 60.71 -20.59 -76.48
CA LYS D 608 61.82 -21.29 -75.85
C LYS D 608 61.95 -22.72 -76.35
N HIS D 609 60.82 -23.41 -76.53
CA HIS D 609 60.84 -24.86 -76.77
C HIS D 609 60.93 -25.20 -78.26
N ILE D 610 60.08 -24.60 -79.10
CA ILE D 610 60.07 -24.98 -80.50
C ILE D 610 61.41 -24.61 -81.13
N THR D 611 61.97 -25.57 -81.88
CA THR D 611 63.25 -25.36 -82.56
C THR D 611 63.20 -26.18 -83.85
N LYS D 612 64.30 -26.18 -84.61
CA LYS D 612 64.33 -26.93 -85.86
C LYS D 612 63.99 -28.39 -85.66
N THR D 613 64.38 -28.98 -84.53
CA THR D 613 64.12 -30.40 -84.30
C THR D 613 62.63 -30.68 -84.24
N GLU D 614 61.86 -29.83 -83.54
CA GLU D 614 60.43 -30.06 -83.43
C GLU D 614 59.75 -29.93 -84.79
N VAL D 615 60.13 -28.92 -85.57
CA VAL D 615 59.55 -28.75 -86.91
C VAL D 615 59.89 -29.95 -87.79
N GLU D 616 61.13 -30.42 -87.71
CA GLU D 616 61.52 -31.58 -88.52
C GLU D 616 60.71 -32.80 -88.12
N THR D 617 60.52 -33.02 -86.82
CA THR D 617 59.72 -34.16 -86.37
C THR D 617 58.28 -34.05 -86.86
N PHE D 618 57.70 -32.84 -86.77
CA PHE D 618 56.33 -32.66 -87.23
C PHE D 618 56.22 -32.93 -88.72
N VAL D 619 57.17 -32.42 -89.52
CA VAL D 619 57.15 -32.65 -90.95
C VAL D 619 57.27 -34.14 -91.25
N SER D 620 58.18 -34.83 -90.54
CA SER D 620 58.36 -36.26 -90.78
C SER D 620 57.10 -37.04 -90.46
N LEU D 621 56.44 -36.72 -89.35
CA LEU D 621 55.25 -37.48 -88.98
C LEU D 621 54.08 -37.18 -89.90
N VAL D 622 53.94 -35.93 -90.34
CA VAL D 622 52.86 -35.61 -91.29
C VAL D 622 53.12 -36.30 -92.63
N ARG D 623 54.39 -36.38 -93.05
CA ARG D 623 54.71 -37.14 -94.25
C ARG D 623 54.36 -38.61 -94.07
N LYS D 624 54.68 -39.17 -92.90
CA LYS D 624 54.40 -40.58 -92.64
C LYS D 624 52.91 -40.87 -92.68
N ASN D 625 52.10 -39.99 -92.07
CA ASN D 625 50.66 -40.20 -91.99
C ASN D 625 49.89 -39.46 -93.08
N ARG D 626 50.32 -38.26 -93.44
CA ARG D 626 49.65 -37.45 -94.47
C ARG D 626 48.20 -37.17 -94.08
N GLU D 627 48.01 -36.73 -92.83
CA GLU D 627 46.70 -36.38 -92.32
C GLU D 627 46.60 -34.87 -92.09
N PRO D 628 45.42 -34.28 -92.30
CA PRO D 628 45.31 -32.81 -92.13
C PRO D 628 45.56 -32.33 -90.71
N ARG D 629 45.42 -33.20 -89.71
CA ARG D 629 45.53 -32.74 -88.33
C ARG D 629 46.94 -32.23 -88.02
N PHE D 630 47.96 -32.87 -88.61
CA PHE D 630 49.33 -32.41 -88.37
C PHE D 630 49.59 -31.07 -89.03
N LEU D 631 49.04 -30.85 -90.22
CA LEU D 631 49.11 -29.52 -90.83
C LEU D 631 48.42 -28.49 -89.96
N ASP D 632 47.27 -28.85 -89.38
CA ASP D 632 46.60 -27.94 -88.47
C ASP D 632 47.47 -27.62 -87.27
N TYR D 633 48.13 -28.64 -86.70
CA TYR D 633 49.00 -28.41 -85.55
C TYR D 633 50.13 -27.47 -85.90
N LEU D 634 50.75 -27.66 -87.07
CA LEU D 634 51.75 -26.71 -87.52
C LEU D 634 51.16 -25.31 -87.63
N SER D 635 49.92 -25.21 -88.09
CA SER D 635 49.28 -23.90 -88.21
C SER D 635 49.16 -23.22 -86.85
N ASP D 636 48.71 -23.95 -85.83
CA ASP D 636 48.66 -23.35 -84.50
C ASP D 636 50.06 -22.99 -84.01
N LEU D 637 51.05 -23.83 -84.27
CA LEU D 637 52.41 -23.51 -83.86
C LEU D 637 52.91 -22.24 -84.53
N CYS D 638 52.39 -21.91 -85.70
CA CYS D 638 52.85 -20.72 -86.41
C CYS D 638 52.46 -19.44 -85.68
N VAL D 639 51.34 -19.44 -84.95
CA VAL D 639 50.80 -18.23 -84.35
C VAL D 639 50.50 -18.48 -82.88
N SER D 640 50.42 -17.39 -82.13
CA SER D 640 50.08 -17.44 -80.71
C SER D 640 49.21 -16.25 -80.37
N ASN D 641 48.01 -16.51 -79.83
CA ASN D 641 47.09 -15.45 -79.42
C ASN D 641 46.79 -14.51 -80.59
N HIS D 642 46.61 -15.07 -81.78
CA HIS D 642 46.28 -14.33 -82.99
C HIS D 642 47.38 -13.35 -83.40
N ILE D 643 48.57 -13.47 -82.83
CA ILE D 643 49.71 -12.61 -83.17
C ILE D 643 50.84 -13.51 -83.65
N ALA D 644 51.34 -13.23 -84.85
CA ALA D 644 52.40 -14.04 -85.42
C ALA D 644 53.69 -13.84 -84.63
N ILE D 645 54.40 -14.95 -84.40
CA ILE D 645 55.70 -14.93 -83.73
C ILE D 645 56.77 -15.10 -84.81
N PRO D 646 57.60 -14.09 -85.07
CA PRO D 646 58.55 -14.21 -86.19
C PRO D 646 59.47 -15.42 -86.08
N VAL D 647 59.88 -15.79 -84.86
CA VAL D 647 60.86 -16.86 -84.71
C VAL D 647 60.28 -18.19 -85.20
N THR D 648 59.24 -18.67 -84.53
CA THR D 648 58.65 -19.96 -84.91
C THR D 648 58.13 -19.92 -86.34
N GLN D 649 57.61 -18.77 -86.78
CA GLN D 649 57.16 -18.66 -88.16
C GLN D 649 58.31 -18.93 -89.12
N GLU D 650 59.48 -18.31 -88.87
CA GLU D 650 60.62 -18.52 -89.75
C GLU D 650 61.10 -19.96 -89.70
N LEU D 651 61.15 -20.55 -88.49
CA LEU D 651 61.60 -21.94 -88.39
C LEU D 651 60.68 -22.88 -89.17
N ILE D 652 59.36 -22.67 -89.06
CA ILE D 652 58.43 -23.54 -89.78
C ILE D 652 58.52 -23.29 -91.29
N CYS D 653 58.71 -22.03 -91.68
CA CYS D 653 58.81 -21.71 -93.10
C CYS D 653 60.06 -22.35 -93.72
N LYS D 654 61.19 -22.33 -93.00
CA LYS D 654 62.41 -22.88 -93.54
C LYS D 654 62.31 -24.37 -93.84
N CYS D 655 61.36 -25.08 -93.21
CA CYS D 655 61.22 -26.51 -93.36
C CYS D 655 60.05 -26.90 -94.26
N VAL D 656 58.88 -26.29 -94.07
CA VAL D 656 57.71 -26.68 -94.85
C VAL D 656 57.93 -26.40 -96.33
N LEU D 657 58.50 -25.25 -96.65
CA LEU D 657 58.70 -24.84 -98.04
C LEU D 657 60.03 -25.28 -98.62
N ASP D 658 60.83 -26.02 -97.86
CA ASP D 658 62.11 -26.49 -98.37
C ASP D 658 61.90 -27.47 -99.52
N PRO D 659 62.76 -27.46 -100.53
CA PRO D 659 62.58 -28.39 -101.66
C PRO D 659 62.52 -29.84 -101.23
N LYS D 660 63.28 -30.24 -100.20
CA LYS D 660 63.27 -31.63 -99.77
C LYS D 660 61.88 -32.06 -99.33
N ASN D 661 61.09 -31.14 -98.76
CA ASN D 661 59.74 -31.42 -98.30
C ASN D 661 58.67 -30.97 -99.29
N SER D 662 59.01 -30.96 -100.58
CA SER D 662 58.05 -30.53 -101.60
C SER D 662 57.05 -31.61 -101.97
N ASP D 663 57.21 -32.82 -101.47
CA ASP D 663 56.31 -33.92 -101.78
C ASP D 663 55.11 -33.99 -100.85
N ILE D 664 55.07 -33.18 -99.78
CA ILE D 664 53.96 -33.18 -98.85
C ILE D 664 52.98 -32.04 -99.10
N LEU D 665 53.22 -31.22 -100.13
CA LEU D 665 52.36 -30.10 -100.45
C LEU D 665 51.75 -30.32 -101.83
N ILE D 666 50.44 -30.12 -101.93
CA ILE D 666 49.75 -30.28 -103.21
C ILE D 666 50.13 -29.13 -104.13
N ARG D 667 50.61 -29.46 -105.32
CA ARG D 667 50.92 -28.47 -106.33
C ARG D 667 49.65 -28.03 -107.05
N THR D 668 49.53 -26.74 -107.30
CA THR D 668 48.38 -26.17 -107.98
C THR D 668 48.85 -25.38 -109.19
N GLU D 669 48.14 -25.53 -110.30
CA GLU D 669 48.52 -24.83 -111.53
C GLU D 669 47.27 -24.51 -112.33
N LEU D 670 47.44 -23.66 -113.33
CA LEU D 670 46.36 -23.30 -114.25
C LEU D 670 46.78 -23.66 -115.67
N ARG D 671 45.87 -24.29 -116.40
CA ARG D 671 46.14 -24.75 -117.76
C ARG D 671 45.03 -24.29 -118.70
N PRO D 672 45.33 -24.15 -120.00
CA PRO D 672 44.31 -23.66 -120.94
C PRO D 672 43.16 -24.65 -121.12
N VAL D 673 43.49 -25.90 -121.43
CA VAL D 673 42.48 -26.91 -121.71
C VAL D 673 41.56 -26.45 -122.83
N GLU D 689 38.00 -20.45 -119.87
CA GLU D 689 39.22 -20.22 -120.64
C GLU D 689 40.38 -21.02 -120.07
N GLU D 690 40.51 -21.01 -118.73
CA GLU D 690 41.57 -21.73 -118.04
C GLU D 690 40.96 -22.51 -116.89
N GLU D 691 41.59 -23.64 -116.57
CA GLU D 691 41.15 -24.53 -115.50
C GLU D 691 42.27 -24.73 -114.49
N VAL D 692 41.89 -24.84 -113.22
CA VAL D 692 42.83 -25.04 -112.12
C VAL D 692 42.94 -26.52 -111.84
N TRP D 693 44.16 -27.03 -111.83
CA TRP D 693 44.44 -28.44 -111.62
C TRP D 693 45.39 -28.62 -110.45
N LEU D 694 45.11 -29.64 -109.63
CA LEU D 694 45.91 -29.99 -108.48
C LEU D 694 46.61 -31.32 -108.74
N THR D 695 47.92 -31.34 -108.53
CA THR D 695 48.73 -32.54 -108.66
C THR D 695 49.38 -32.85 -107.32
N TRP D 696 49.27 -34.11 -106.88
CA TRP D 696 49.80 -34.50 -105.59
C TRP D 696 50.40 -35.89 -105.68
N THR D 697 51.34 -36.18 -104.79
CA THR D 697 52.01 -37.47 -104.72
C THR D 697 51.40 -38.31 -103.61
N ASP D 698 50.96 -39.52 -103.96
CA ASP D 698 50.34 -40.40 -102.99
C ASP D 698 51.39 -40.94 -102.01
N LYS D 699 50.93 -41.77 -101.08
CA LYS D 699 51.84 -42.36 -100.10
C LYS D 699 52.90 -43.22 -100.79
N ASN D 700 52.50 -43.98 -101.80
CA ASN D 700 53.41 -44.84 -102.55
C ASN D 700 54.18 -44.09 -103.63
N ASN D 701 54.20 -42.75 -103.58
CA ASN D 701 54.94 -41.94 -104.54
C ASN D 701 54.35 -42.08 -105.95
N GLU D 702 53.03 -42.00 -106.03
CA GLU D 702 52.30 -42.06 -107.30
C GLU D 702 51.69 -40.70 -107.57
N HIS D 703 52.02 -40.11 -108.71
CA HIS D 703 51.47 -38.81 -109.07
C HIS D 703 50.01 -38.93 -109.48
N HIS D 704 49.20 -37.97 -109.02
CA HIS D 704 47.79 -37.92 -109.37
C HIS D 704 47.41 -36.46 -109.59
N GLU D 705 46.90 -36.15 -110.78
CA GLU D 705 46.51 -34.81 -111.16
C GLU D 705 45.03 -34.81 -111.52
N LYS D 706 44.31 -33.81 -111.01
CA LYS D 706 42.87 -33.70 -111.28
C LYS D 706 42.43 -32.26 -111.15
N SER D 707 41.38 -31.91 -111.87
CA SER D 707 40.84 -30.56 -111.83
C SER D 707 40.09 -30.33 -110.52
N VAL D 708 40.16 -29.10 -110.01
CA VAL D 708 39.48 -28.76 -108.76
C VAL D 708 37.98 -28.98 -108.91
N ARG D 709 37.42 -28.62 -110.06
CA ARG D 709 35.99 -28.82 -110.28
C ARG D 709 35.63 -30.31 -110.21
N GLN D 710 36.47 -31.16 -110.79
CA GLN D 710 36.23 -32.60 -110.71
C GLN D 710 36.29 -33.08 -109.27
N LEU D 711 37.26 -32.58 -108.50
CA LEU D 711 37.36 -32.94 -107.09
C LEU D 711 36.08 -32.56 -106.35
N ALA D 712 35.61 -31.34 -106.55
CA ALA D 712 34.41 -30.89 -105.85
C ALA D 712 33.19 -31.73 -106.26
N GLN D 713 33.05 -32.00 -107.56
CA GLN D 713 31.92 -32.79 -108.02
C GLN D 713 31.94 -34.19 -107.43
N GLU D 714 33.11 -34.83 -107.43
CA GLU D 714 33.20 -36.18 -106.88
C GLU D 714 32.95 -36.18 -105.38
N ALA D 715 33.46 -35.17 -104.67
CA ALA D 715 33.21 -35.09 -103.23
C ALA D 715 31.73 -34.92 -102.94
N ARG D 716 31.04 -34.08 -103.73
CA ARG D 716 29.60 -33.93 -103.56
C ARG D 716 28.87 -35.23 -103.90
N ALA D 717 29.39 -36.00 -104.86
CA ALA D 717 28.75 -37.25 -105.23
C ALA D 717 28.75 -38.23 -104.06
N GLY D 718 29.84 -38.31 -103.31
CA GLY D 718 29.92 -39.21 -102.19
C GLY D 718 31.29 -39.85 -102.02
N ASN D 719 32.18 -39.64 -102.98
CA ASN D 719 33.51 -40.23 -102.90
C ASN D 719 34.25 -39.71 -101.67
N ALA D 720 35.02 -40.60 -101.04
CA ALA D 720 35.75 -40.26 -99.83
C ALA D 720 37.18 -39.81 -100.10
N HIS D 721 37.84 -40.41 -101.10
CA HIS D 721 39.21 -40.00 -101.41
C HIS D 721 39.25 -38.55 -101.87
N ASP D 722 38.30 -38.13 -102.70
CA ASP D 722 38.26 -36.74 -103.14
C ASP D 722 37.99 -35.80 -101.98
N GLU D 723 37.11 -36.20 -101.06
CA GLU D 723 36.87 -35.39 -99.87
C GLU D 723 38.15 -35.26 -99.04
N ASN D 724 38.88 -36.35 -98.87
CA ASN D 724 40.11 -36.31 -98.09
C ASN D 724 41.14 -35.39 -98.74
N VAL D 725 41.31 -35.48 -100.06
CA VAL D 725 42.30 -34.65 -100.72
C VAL D 725 41.88 -33.18 -100.67
N LEU D 726 40.59 -32.90 -100.80
CA LEU D 726 40.11 -31.53 -100.69
C LEU D 726 40.37 -30.98 -99.29
N SER D 727 40.12 -31.79 -98.25
CA SER D 727 40.40 -31.35 -96.89
C SER D 727 41.89 -31.10 -96.68
N TYR D 728 42.74 -31.98 -97.23
CA TYR D 728 44.17 -31.77 -97.14
C TYR D 728 44.58 -30.48 -97.82
N TYR D 729 44.02 -30.19 -99.00
CA TYR D 729 44.33 -28.95 -99.70
C TYR D 729 43.88 -27.74 -98.89
N ARG D 730 42.69 -27.82 -98.27
CA ARG D 730 42.20 -26.71 -97.46
C ARG D 730 43.12 -26.45 -96.28
N TYR D 731 43.56 -27.51 -95.60
CA TYR D 731 44.46 -27.33 -94.47
C TYR D 731 45.82 -26.81 -94.91
N GLN D 732 46.27 -27.25 -96.09
CA GLN D 732 47.52 -26.72 -96.64
C GLN D 732 47.41 -25.22 -96.92
N LEU D 733 46.27 -24.80 -97.49
CA LEU D 733 46.07 -23.37 -97.74
C LEU D 733 46.01 -22.59 -96.44
N LYS D 734 45.37 -23.16 -95.42
CA LYS D 734 45.34 -22.51 -94.12
C LYS D 734 46.75 -22.36 -93.56
N LEU D 735 47.57 -23.40 -93.67
CA LEU D 735 48.95 -23.32 -93.21
C LEU D 735 49.73 -22.26 -93.99
N PHE D 736 49.54 -22.21 -95.31
CA PHE D 736 50.23 -21.21 -96.12
C PHE D 736 49.83 -19.81 -95.68
N ALA D 737 48.54 -19.57 -95.46
CA ALA D 737 48.10 -18.25 -95.00
C ALA D 737 48.68 -17.92 -93.65
N ARG D 738 48.71 -18.89 -92.74
CA ARG D 738 49.23 -18.64 -91.39
C ARG D 738 50.73 -18.32 -91.44
N MET D 739 51.48 -19.03 -92.27
CA MET D 739 52.92 -18.79 -92.37
C MET D 739 53.24 -17.41 -92.92
N CYS D 740 52.32 -16.79 -93.66
CA CYS D 740 52.51 -15.45 -94.21
C CYS D 740 51.92 -14.37 -93.33
N LEU D 741 51.41 -14.72 -92.15
CA LEU D 741 50.75 -13.73 -91.29
C LEU D 741 51.74 -12.65 -90.86
N ASP D 742 51.21 -11.43 -90.72
CA ASP D 742 52.01 -10.28 -90.28
C ASP D 742 53.19 -10.03 -91.21
N ARG D 743 52.97 -10.21 -92.51
CA ARG D 743 53.95 -9.87 -93.53
C ARG D 743 55.27 -10.62 -93.31
N GLN D 744 55.18 -11.94 -93.38
CA GLN D 744 56.37 -12.80 -93.36
C GLN D 744 56.85 -12.95 -94.80
N TYR D 745 57.72 -12.03 -95.23
CA TYR D 745 58.09 -11.96 -96.63
C TYR D 745 58.82 -13.20 -97.09
N LEU D 746 59.50 -13.91 -96.17
CA LEU D 746 60.23 -15.11 -96.55
C LEU D 746 59.31 -16.14 -97.19
N ALA D 747 58.12 -16.34 -96.61
CA ALA D 747 57.15 -17.26 -97.18
C ALA D 747 56.25 -16.60 -98.21
N ILE D 748 56.00 -15.30 -98.08
CA ILE D 748 55.15 -14.61 -99.04
C ILE D 748 55.79 -14.64 -100.43
N ASP D 749 57.10 -14.40 -100.50
CA ASP D 749 57.77 -14.39 -101.80
C ASP D 749 57.63 -15.73 -102.50
N GLU D 750 57.79 -16.83 -101.76
CA GLU D 750 57.67 -18.16 -102.36
C GLU D 750 56.23 -18.47 -102.74
N ILE D 751 55.29 -18.16 -101.86
CA ILE D 751 53.89 -18.57 -102.10
C ILE D 751 53.29 -17.77 -103.23
N SER D 752 53.62 -16.48 -103.35
CA SER D 752 52.99 -15.64 -104.35
C SER D 752 53.25 -16.17 -105.76
N GLN D 753 54.48 -16.64 -106.03
CA GLN D 753 54.80 -17.15 -107.35
C GLN D 753 53.94 -18.35 -107.71
N GLN D 754 53.76 -19.27 -106.75
CA GLN D 754 52.96 -20.47 -107.03
C GLN D 754 51.48 -20.13 -107.16
N LEU D 755 50.97 -19.27 -106.30
CA LEU D 755 49.55 -18.90 -106.29
C LEU D 755 49.44 -17.40 -106.55
N GLY D 756 49.14 -17.03 -107.79
CA GLY D 756 49.02 -15.64 -108.15
C GLY D 756 47.67 -15.07 -107.77
N VAL D 757 47.53 -13.75 -107.98
CA VAL D 757 46.28 -13.07 -107.66
C VAL D 757 45.16 -13.59 -108.54
N ASP D 758 45.43 -13.74 -109.84
CA ASP D 758 44.38 -14.19 -110.76
C ASP D 758 43.91 -15.59 -110.41
N LEU D 759 44.84 -16.50 -110.09
CA LEU D 759 44.46 -17.87 -109.77
C LEU D 759 43.60 -17.91 -108.51
N ILE D 760 43.99 -17.18 -107.47
CA ILE D 760 43.22 -17.17 -106.23
C ILE D 760 41.85 -16.56 -106.47
N PHE D 761 41.78 -15.48 -107.25
CA PHE D 761 40.49 -14.88 -107.54
C PHE D 761 39.59 -15.85 -108.30
N LEU D 762 40.15 -16.56 -109.29
CA LEU D 762 39.35 -17.53 -110.03
C LEU D 762 38.84 -18.63 -109.12
N CYS D 763 39.70 -19.13 -108.23
CA CYS D 763 39.29 -20.20 -107.33
C CYS D 763 38.20 -19.74 -106.37
N MET D 764 38.34 -18.53 -105.80
CA MET D 764 37.40 -18.07 -104.80
C MET D 764 36.06 -17.64 -105.42
N ALA D 765 36.10 -17.03 -106.60
CA ALA D 765 34.88 -16.53 -107.22
C ALA D 765 34.01 -17.66 -107.76
N ASP D 766 34.62 -18.79 -108.12
CA ASP D 766 33.85 -19.91 -108.66
C ASP D 766 32.79 -20.36 -107.66
N GLU D 767 31.57 -20.52 -108.14
CA GLU D 767 30.45 -20.93 -107.29
C GLU D 767 30.24 -22.43 -107.25
N MET D 768 30.99 -23.19 -108.05
CA MET D 768 30.85 -24.65 -108.05
C MET D 768 31.65 -25.31 -106.95
N LEU D 769 32.66 -24.64 -106.41
CA LEU D 769 33.48 -25.22 -105.36
C LEU D 769 32.81 -25.04 -104.00
N PRO D 770 33.13 -25.90 -103.03
CA PRO D 770 32.50 -25.78 -101.71
C PRO D 770 32.89 -24.48 -101.03
N PHE D 771 32.00 -24.01 -100.15
CA PHE D 771 32.24 -22.73 -99.49
C PHE D 771 33.51 -22.73 -98.67
N ASP D 772 33.89 -23.88 -98.10
CA ASP D 772 35.12 -23.93 -97.31
C ASP D 772 36.35 -23.64 -98.16
N LEU D 773 36.41 -24.19 -99.37
CA LEU D 773 37.54 -23.94 -100.25
C LEU D 773 37.62 -22.47 -100.63
N ARG D 774 36.47 -21.86 -100.95
CA ARG D 774 36.45 -20.45 -101.28
C ARG D 774 36.89 -19.60 -100.09
N ALA D 775 36.46 -19.99 -98.88
CA ALA D 775 36.89 -19.28 -97.69
C ALA D 775 38.40 -19.37 -97.51
N SER D 776 38.97 -20.55 -97.73
CA SER D 776 40.43 -20.71 -97.61
C SER D 776 41.15 -19.84 -98.64
N PHE D 777 40.65 -19.81 -99.86
CA PHE D 777 41.29 -18.99 -100.90
C PHE D 777 41.19 -17.51 -100.57
N CYS D 778 40.03 -17.07 -100.03
CA CYS D 778 39.89 -15.68 -99.63
C CYS D 778 40.86 -15.33 -98.51
N HIS D 779 41.02 -16.23 -97.53
CA HIS D 779 41.97 -15.99 -96.46
C HIS D 779 43.38 -15.88 -97.01
N LEU D 780 43.74 -16.77 -97.93
CA LEU D 780 45.07 -16.72 -98.54
C LEU D 780 45.29 -15.41 -99.28
N MET D 781 44.30 -14.96 -100.05
CA MET D 781 44.44 -13.69 -100.75
C MET D 781 44.63 -12.55 -99.77
N LEU D 782 43.87 -12.55 -98.67
CA LEU D 782 44.00 -11.49 -97.68
C LEU D 782 45.40 -11.49 -97.07
N HIS D 783 45.92 -12.66 -96.72
CA HIS D 783 47.16 -12.74 -95.94
C HIS D 783 48.41 -12.92 -96.78
N VAL D 784 48.30 -12.92 -98.11
CA VAL D 784 49.44 -13.11 -99.00
C VAL D 784 49.65 -11.90 -99.90
N HIS D 785 48.56 -11.38 -100.48
CA HIS D 785 48.63 -10.33 -101.49
C HIS D 785 48.22 -8.96 -100.96
N VAL D 786 47.07 -8.87 -100.30
CA VAL D 786 46.59 -7.58 -99.83
C VAL D 786 47.55 -7.00 -98.80
N ASP D 787 47.98 -7.82 -97.85
CA ASP D 787 48.88 -7.36 -96.78
C ASP D 787 50.33 -7.53 -97.24
N ARG D 788 50.73 -6.65 -98.14
CA ARG D 788 52.06 -6.67 -98.75
C ARG D 788 52.70 -5.30 -98.55
N ASP D 789 53.94 -5.16 -99.03
CA ASP D 789 54.69 -3.93 -98.82
C ASP D 789 53.97 -2.70 -99.37
N PRO D 790 53.46 -2.69 -100.61
CA PRO D 790 52.86 -1.45 -101.13
C PRO D 790 51.73 -0.92 -100.26
N GLN D 791 50.91 -1.81 -99.69
CA GLN D 791 49.80 -1.38 -98.87
C GLN D 791 50.30 -0.85 -97.53
N GLU D 792 49.62 0.17 -97.01
CA GLU D 792 49.98 0.77 -95.74
C GLU D 792 48.74 1.33 -95.07
N LEU D 793 48.64 1.13 -93.76
CA LEU D 793 47.50 1.64 -93.01
C LEU D 793 47.41 3.17 -93.15
N VAL D 794 46.19 3.65 -93.35
CA VAL D 794 45.93 5.07 -93.59
C VAL D 794 45.12 5.61 -92.42
N THR D 795 45.55 6.74 -91.87
CA THR D 795 44.81 7.41 -90.81
C THR D 795 43.68 8.23 -91.42
N PRO D 796 42.42 7.95 -91.08
CA PRO D 796 41.32 8.69 -91.73
C PRO D 796 41.34 10.18 -91.47
N VAL D 797 41.84 10.62 -90.32
CA VAL D 797 41.83 12.03 -89.92
C VAL D 797 43.26 12.55 -89.92
N LYS D 798 43.48 13.66 -90.61
CA LYS D 798 44.79 14.29 -90.68
C LYS D 798 44.74 15.62 -89.93
N PHE D 799 45.70 15.81 -89.02
CA PHE D 799 45.74 17.02 -88.19
C PHE D 799 46.62 18.11 -88.79
N ALA D 800 47.65 17.75 -89.52
CA ALA D 800 48.55 18.70 -90.16
C ALA D 800 48.14 18.85 -91.62
N ARG D 801 47.75 20.05 -92.02
CA ARG D 801 47.26 20.32 -93.37
C ARG D 801 47.95 21.56 -93.92
N LEU D 802 48.30 21.50 -95.20
CA LEU D 802 48.96 22.63 -95.86
C LEU D 802 47.95 23.70 -96.23
N TRP D 803 48.34 24.96 -96.06
CA TRP D 803 47.45 26.06 -96.38
C TRP D 803 47.16 26.12 -97.88
N THR D 804 48.14 25.74 -98.71
CA THR D 804 47.98 25.80 -100.16
C THR D 804 47.18 24.63 -100.72
N GLU D 805 46.88 23.61 -99.91
CA GLU D 805 46.15 22.44 -100.36
C GLU D 805 44.71 22.42 -99.88
N ILE D 806 44.17 23.58 -99.52
CA ILE D 806 42.78 23.67 -99.06
C ILE D 806 41.94 24.31 -100.16
N PRO D 807 41.12 23.56 -100.88
CA PRO D 807 40.29 24.17 -101.94
C PRO D 807 39.27 25.13 -101.35
N THR D 808 38.93 26.14 -102.15
CA THR D 808 37.92 27.10 -101.71
C THR D 808 36.57 26.44 -101.50
N ALA D 809 36.17 25.55 -102.41
CA ALA D 809 34.94 24.80 -102.30
C ALA D 809 35.26 23.32 -102.40
N ILE D 810 34.70 22.53 -101.49
CA ILE D 810 34.97 21.09 -101.41
C ILE D 810 33.65 20.35 -101.44
N THR D 811 33.61 19.28 -102.23
CA THR D 811 32.49 18.35 -102.27
C THR D 811 33.02 16.94 -102.06
N ILE D 812 32.10 15.99 -101.94
CA ILE D 812 32.51 14.60 -101.71
C ILE D 812 33.36 14.11 -102.86
N LYS D 813 32.91 14.36 -104.09
CA LYS D 813 33.67 13.93 -105.27
C LYS D 813 35.04 14.61 -105.29
N ASP D 814 35.07 15.92 -105.09
CA ASP D 814 36.35 16.64 -105.05
C ASP D 814 37.18 16.20 -103.85
N TYR D 815 36.53 15.95 -102.71
CA TYR D 815 37.26 15.54 -101.52
C TYR D 815 37.99 14.23 -101.75
N ASP D 816 37.34 13.27 -102.40
CA ASP D 816 37.96 11.96 -102.63
C ASP D 816 38.83 11.93 -103.88
N SER D 817 38.87 13.01 -104.66
CA SER D 817 39.69 13.05 -105.87
C SER D 817 41.12 13.50 -105.60
N ASN D 818 41.46 13.83 -104.34
CA ASN D 818 42.80 14.31 -104.05
C ASN D 818 43.86 13.26 -104.36
N LEU D 819 43.60 12.01 -104.01
CA LEU D 819 44.54 10.91 -104.18
C LEU D 819 43.95 9.82 -105.05
N ASN D 820 43.16 10.19 -106.05
CA ASN D 820 42.55 9.20 -106.94
C ASN D 820 43.59 8.44 -107.76
N ALA D 821 44.77 9.01 -107.95
CA ALA D 821 45.80 8.35 -108.75
C ALA D 821 46.23 7.03 -108.13
N SER D 822 46.58 7.06 -106.84
CA SER D 822 47.00 5.84 -106.15
C SER D 822 45.84 4.83 -106.07
N ARG D 823 44.63 5.32 -105.83
CA ARG D 823 43.47 4.43 -105.78
C ARG D 823 43.28 3.72 -107.10
N ASP D 824 43.40 4.44 -108.21
CA ASP D 824 43.28 3.82 -109.52
C ASP D 824 44.43 2.85 -109.78
N ASP D 825 45.64 3.20 -109.33
CA ASP D 825 46.78 2.32 -109.53
C ASP D 825 46.57 0.99 -108.83
N LYS D 826 46.08 1.02 -107.59
CA LYS D 826 45.82 -0.23 -106.87
C LYS D 826 44.57 -0.93 -107.39
N LYS D 827 43.62 -0.17 -107.93
CA LYS D 827 42.46 -0.78 -108.58
C LYS D 827 42.89 -1.60 -109.79
N ASN D 828 43.83 -1.08 -110.57
CA ASN D 828 44.32 -1.81 -111.73
C ASN D 828 44.66 -3.27 -111.39
N LYS D 829 44.98 -3.54 -110.12
CA LYS D 829 45.29 -4.88 -109.67
C LYS D 829 44.15 -5.56 -108.93
N PHE D 830 43.42 -4.82 -108.07
CA PHE D 830 42.42 -5.43 -107.19
C PHE D 830 40.99 -5.13 -107.61
N ALA D 831 40.77 -4.73 -108.87
CA ALA D 831 39.42 -4.41 -109.31
C ALA D 831 38.51 -5.63 -109.29
N ASN D 832 39.02 -6.78 -109.76
CA ASN D 832 38.21 -8.00 -109.73
C ASN D 832 37.85 -8.39 -108.31
N THR D 833 38.81 -8.30 -107.40
CA THR D 833 38.54 -8.64 -106.00
C THR D 833 37.50 -7.70 -105.40
N MET D 834 37.62 -6.39 -105.66
CA MET D 834 36.67 -5.44 -105.12
C MET D 834 35.27 -5.68 -105.68
N GLU D 835 35.17 -5.94 -106.98
CA GLU D 835 33.87 -6.20 -107.59
C GLU D 835 33.25 -7.47 -107.01
N PHE D 836 34.06 -8.51 -106.83
CA PHE D 836 33.55 -9.74 -106.23
C PHE D 836 33.06 -9.50 -104.81
N VAL D 837 33.81 -8.71 -104.03
CA VAL D 837 33.40 -8.42 -102.66
C VAL D 837 32.07 -7.69 -102.65
N GLU D 838 31.94 -6.68 -103.52
CA GLU D 838 30.70 -5.91 -103.57
C GLU D 838 29.52 -6.80 -103.98
N ASP D 839 29.71 -7.63 -105.00
CA ASP D 839 28.63 -8.51 -105.44
C ASP D 839 28.25 -9.49 -104.35
N TYR D 840 29.23 -10.07 -103.65
CA TYR D 840 28.94 -11.01 -102.58
C TYR D 840 28.16 -10.35 -101.47
N LEU D 841 28.57 -9.14 -101.07
CA LEU D 841 27.85 -8.44 -100.01
C LEU D 841 26.42 -8.11 -100.45
N ASN D 842 26.25 -7.69 -101.70
CA ASN D 842 24.91 -7.41 -102.20
C ASN D 842 24.04 -8.66 -102.18
N ASN D 843 24.59 -9.81 -102.60
CA ASN D 843 23.83 -11.04 -102.57
C ASN D 843 23.48 -11.43 -101.14
N VAL D 844 24.42 -11.26 -100.21
CA VAL D 844 24.16 -11.63 -98.82
C VAL D 844 23.04 -10.77 -98.24
N VAL D 845 23.10 -9.46 -98.47
CA VAL D 845 22.06 -8.59 -97.94
C VAL D 845 20.73 -8.88 -98.60
N SER D 846 20.72 -9.23 -99.89
CA SER D 846 19.47 -9.53 -100.57
C SER D 846 18.75 -10.72 -99.94
N GLU D 847 19.51 -11.69 -99.41
CA GLU D 847 18.89 -12.86 -98.82
C GLU D 847 18.10 -12.49 -97.57
N ALA D 848 16.97 -13.20 -97.37
CA ALA D 848 16.14 -12.92 -96.20
C ALA D 848 16.89 -13.21 -94.91
N VAL D 849 17.63 -14.32 -94.86
CA VAL D 849 18.39 -14.70 -93.67
C VAL D 849 19.86 -14.80 -94.06
N PRO D 850 20.65 -13.73 -93.94
CA PRO D 850 22.04 -13.80 -94.42
C PRO D 850 22.88 -14.85 -93.71
N PHE D 851 22.60 -15.14 -92.44
CA PHE D 851 23.41 -16.05 -91.64
C PHE D 851 22.67 -17.36 -91.38
N ALA D 852 21.94 -17.86 -92.38
CA ALA D 852 21.24 -19.13 -92.24
C ALA D 852 22.18 -20.31 -92.43
N ASN D 853 22.82 -20.38 -93.60
CA ASN D 853 23.71 -21.49 -93.90
C ASN D 853 25.01 -21.35 -93.10
N GLU D 854 25.40 -22.43 -92.42
CA GLU D 854 26.64 -22.40 -91.65
C GLU D 854 27.86 -22.42 -92.56
N GLU D 855 27.80 -23.18 -93.65
CA GLU D 855 28.92 -23.24 -94.57
C GLU D 855 29.19 -21.88 -95.22
N LYS D 856 28.14 -21.18 -95.62
CA LYS D 856 28.30 -19.87 -96.22
C LYS D 856 28.78 -18.83 -95.21
N ASN D 857 28.61 -19.09 -93.92
CA ASN D 857 29.04 -18.11 -92.91
C ASN D 857 30.55 -17.93 -92.94
N LYS D 858 31.30 -19.01 -93.17
CA LYS D 858 32.76 -18.89 -93.25
C LYS D 858 33.17 -18.00 -94.41
N LEU D 859 32.59 -18.22 -95.59
CA LEU D 859 32.92 -17.39 -96.74
C LEU D 859 32.51 -15.94 -96.50
N THR D 860 31.36 -15.74 -95.86
CA THR D 860 30.94 -14.38 -95.55
C THR D 860 31.93 -13.69 -94.63
N PHE D 861 32.41 -14.42 -93.61
CA PHE D 861 33.37 -13.83 -92.68
C PHE D 861 34.67 -13.47 -93.39
N GLU D 862 35.17 -14.36 -94.25
CA GLU D 862 36.40 -14.05 -94.97
C GLU D 862 36.22 -12.86 -95.91
N VAL D 863 35.07 -12.79 -96.59
CA VAL D 863 34.84 -11.66 -97.48
C VAL D 863 34.76 -10.36 -96.69
N VAL D 864 34.11 -10.39 -95.53
CA VAL D 864 34.00 -9.20 -94.70
C VAL D 864 35.37 -8.77 -94.20
N SER D 865 36.21 -9.73 -93.78
CA SER D 865 37.55 -9.39 -93.33
C SER D 865 38.39 -8.80 -94.46
N LEU D 866 38.27 -9.38 -95.65
CA LEU D 866 38.97 -8.82 -96.81
C LEU D 866 38.52 -7.40 -97.10
N ALA D 867 37.21 -7.15 -97.03
CA ALA D 867 36.71 -5.80 -97.23
C ALA D 867 37.22 -4.84 -96.17
N HIS D 868 37.27 -5.30 -94.92
CA HIS D 868 37.79 -4.48 -93.84
C HIS D 868 39.24 -4.09 -94.10
N ASN D 869 40.06 -5.07 -94.48
CA ASN D 869 41.46 -4.79 -94.74
C ASN D 869 41.63 -3.86 -95.94
N LEU D 870 40.84 -4.06 -96.99
CA LEU D 870 40.93 -3.17 -98.15
C LEU D 870 40.53 -1.75 -97.77
N ILE D 871 39.47 -1.59 -96.97
CA ILE D 871 39.02 -0.27 -96.57
C ILE D 871 40.09 0.42 -95.73
N TYR D 872 40.68 -0.31 -94.78
CA TYR D 872 41.68 0.29 -93.92
C TYR D 872 42.97 0.63 -94.65
N PHE D 873 43.16 0.12 -95.87
CA PHE D 873 44.32 0.47 -96.69
C PHE D 873 44.01 1.57 -97.70
N GLY D 874 42.84 2.21 -97.58
CA GLY D 874 42.49 3.28 -98.49
C GLY D 874 42.25 2.85 -99.93
N PHE D 875 41.57 1.73 -100.12
CA PHE D 875 41.23 1.26 -101.46
C PHE D 875 39.90 1.81 -101.97
N TYR D 876 39.14 2.49 -101.12
CA TYR D 876 37.83 3.03 -101.48
C TYR D 876 37.80 4.51 -101.17
N SER D 877 37.02 5.25 -101.97
CA SER D 877 36.80 6.66 -101.73
C SER D 877 35.61 6.86 -100.80
N PHE D 878 35.38 8.11 -100.42
CA PHE D 878 34.32 8.40 -99.46
C PHE D 878 32.95 8.02 -100.01
N SER D 879 32.71 8.28 -101.28
CA SER D 879 31.42 7.95 -101.88
C SER D 879 31.17 6.44 -101.87
N GLU D 880 32.19 5.65 -102.24
CA GLU D 880 32.04 4.21 -102.22
C GLU D 880 31.84 3.69 -100.80
N LEU D 881 32.54 4.28 -99.83
CA LEU D 881 32.34 3.87 -98.44
C LEU D 881 30.92 4.18 -97.99
N LEU D 882 30.40 5.34 -98.38
CA LEU D 882 29.02 5.68 -98.03
C LEU D 882 28.04 4.71 -98.66
N ARG D 883 28.28 4.34 -99.92
CA ARG D 883 27.41 3.36 -100.57
C ARG D 883 27.48 2.01 -99.87
N LEU D 884 28.68 1.59 -99.47
CA LEU D 884 28.86 0.29 -98.83
C LEU D 884 28.30 0.26 -97.41
N THR D 885 28.19 1.41 -96.75
CA THR D 885 27.62 1.44 -95.40
C THR D 885 26.19 0.92 -95.41
N ARG D 886 25.41 1.28 -96.43
CA ARG D 886 24.04 0.80 -96.51
C ARG D 886 23.98 -0.71 -96.57
N THR D 887 24.80 -1.31 -97.43
CA THR D 887 24.82 -2.77 -97.54
C THR D 887 25.28 -3.41 -96.23
N LEU D 888 26.32 -2.85 -95.61
CA LEU D 888 26.84 -3.44 -94.39
C LEU D 888 25.81 -3.39 -93.28
N LEU D 889 25.09 -2.26 -93.15
CA LEU D 889 24.04 -2.17 -92.14
C LEU D 889 22.89 -3.10 -92.46
N GLY D 890 22.53 -3.23 -93.73
CA GLY D 890 21.46 -4.14 -94.10
C GLY D 890 21.78 -5.58 -93.79
N ILE D 891 23.06 -5.97 -93.92
CA ILE D 891 23.43 -7.35 -93.64
C ILE D 891 23.14 -7.69 -92.17
N ILE D 892 23.47 -6.78 -91.26
CA ILE D 892 23.32 -7.02 -89.83
C ILE D 892 22.04 -6.38 -89.28
N ASP D 893 21.08 -6.08 -90.14
CA ASP D 893 19.82 -5.48 -89.72
C ASP D 893 18.83 -6.57 -89.30
N CYS D 894 17.78 -6.14 -88.61
CA CYS D 894 16.74 -7.05 -88.16
C CYS D 894 15.90 -7.53 -89.35
N ASP D 961 26.42 -18.10 -83.13
CA ASP D 961 27.69 -18.68 -83.59
C ASP D 961 28.81 -17.64 -83.50
N ILE D 962 30.02 -18.12 -83.22
CA ILE D 962 31.15 -17.20 -83.08
C ILE D 962 31.46 -16.52 -84.41
N VAL D 963 31.28 -17.23 -85.53
CA VAL D 963 31.59 -16.65 -86.83
C VAL D 963 30.72 -15.42 -87.09
N VAL D 964 29.43 -15.51 -86.75
CA VAL D 964 28.53 -14.38 -86.95
C VAL D 964 28.96 -13.19 -86.09
N MET D 965 29.33 -13.46 -84.84
CA MET D 965 29.77 -12.38 -83.95
C MET D 965 31.03 -11.71 -84.49
N GLU D 966 31.99 -12.50 -84.99
CA GLU D 966 33.20 -11.93 -85.55
C GLU D 966 32.89 -11.09 -86.79
N THR D 967 31.99 -11.58 -87.64
CA THR D 967 31.60 -10.80 -88.82
C THR D 967 30.97 -9.47 -88.41
N LYS D 968 30.10 -9.50 -87.40
CA LYS D 968 29.47 -8.27 -86.93
C LYS D 968 30.51 -7.32 -86.33
N LEU D 969 31.50 -7.86 -85.62
CA LEU D 969 32.57 -7.03 -85.09
C LEU D 969 33.35 -6.35 -86.22
N LYS D 970 33.67 -7.10 -87.27
CA LYS D 970 34.39 -6.51 -88.40
C LYS D 970 33.55 -5.43 -89.07
N ILE D 971 32.25 -5.67 -89.21
CA ILE D 971 31.37 -4.66 -89.78
C ILE D 971 31.37 -3.40 -88.92
N LEU D 972 31.33 -3.57 -87.60
CA LEU D 972 31.37 -2.42 -86.70
C LEU D 972 32.67 -1.65 -86.85
N GLU D 973 33.80 -2.37 -86.98
CA GLU D 973 35.08 -1.69 -87.17
C GLU D 973 35.09 -0.89 -88.48
N ILE D 974 34.55 -1.48 -89.55
CA ILE D 974 34.42 -0.74 -90.81
C ILE D 974 33.59 0.51 -90.61
N LEU D 975 32.51 0.41 -89.83
CA LEU D 975 31.67 1.57 -89.56
C LEU D 975 32.44 2.64 -88.82
N GLN D 976 33.26 2.25 -87.84
CA GLN D 976 34.07 3.24 -87.13
C GLN D 976 35.03 3.94 -88.09
N PHE D 977 35.67 3.18 -88.98
CA PHE D 977 36.58 3.80 -89.93
C PHE D 977 35.85 4.79 -90.83
N ILE D 978 34.67 4.42 -91.31
CA ILE D 978 33.92 5.30 -92.21
C ILE D 978 33.46 6.54 -91.47
N LEU D 979 33.08 6.40 -90.19
CA LEU D 979 32.70 7.56 -89.40
C LEU D 979 33.88 8.50 -89.21
N ASN D 980 35.08 7.96 -89.00
CA ASN D 980 36.26 8.80 -88.91
C ASN D 980 36.52 9.53 -90.23
N VAL D 981 36.30 8.83 -91.35
CA VAL D 981 36.45 9.49 -92.66
C VAL D 981 35.45 10.63 -92.80
N ARG D 982 34.22 10.42 -92.34
CA ARG D 982 33.23 11.49 -92.38
C ARG D 982 33.65 12.68 -91.51
N LEU D 983 34.23 12.39 -90.34
CA LEU D 983 34.73 13.48 -89.49
C LEU D 983 35.83 14.25 -90.20
N ASP D 984 36.73 13.55 -90.88
CA ASP D 984 37.78 14.24 -91.63
C ASP D 984 37.18 15.10 -92.73
N TYR D 985 36.14 14.59 -93.41
CA TYR D 985 35.49 15.39 -94.45
C TYR D 985 34.87 16.64 -93.86
N ARG D 986 34.23 16.52 -92.69
CA ARG D 986 33.63 17.69 -92.05
C ARG D 986 34.70 18.72 -91.71
N ILE D 987 35.83 18.27 -91.18
CA ILE D 987 36.91 19.20 -90.85
C ILE D 987 37.41 19.87 -92.11
N SER D 988 37.56 19.12 -93.20
CA SER D 988 38.01 19.71 -94.46
C SER D 988 37.02 20.75 -94.97
N TYR D 989 35.71 20.45 -94.85
CA TYR D 989 34.70 21.41 -95.29
C TYR D 989 34.77 22.70 -94.46
N LEU D 990 34.92 22.57 -93.15
CA LEU D 990 35.05 23.76 -92.31
C LEU D 990 36.28 24.57 -92.69
N LEU D 991 37.40 23.89 -92.91
CA LEU D 991 38.62 24.60 -93.30
C LEU D 991 38.45 25.31 -94.64
N SER D 992 37.79 24.65 -95.60
CA SER D 992 37.55 25.28 -96.89
C SER D 992 36.68 26.52 -96.76
N VAL D 993 35.63 26.44 -95.93
CA VAL D 993 34.77 27.61 -95.72
C VAL D 993 35.57 28.75 -95.11
N PHE D 994 36.38 28.44 -94.10
CA PHE D 994 37.19 29.46 -93.45
C PHE D 994 38.16 30.09 -94.44
N LYS D 995 38.82 29.27 -95.26
CA LYS D 995 39.78 29.80 -96.23
C LYS D 995 39.09 30.69 -97.25
N LYS D 996 37.91 30.27 -97.73
CA LYS D 996 37.18 31.08 -98.69
C LYS D 996 36.83 32.44 -98.10
N GLU D 997 36.32 32.44 -96.86
CA GLU D 997 35.95 33.71 -96.23
C GLU D 997 37.19 34.59 -96.01
N PHE D 998 38.30 33.99 -95.58
CA PHE D 998 39.51 34.75 -95.37
C PHE D 998 40.01 35.37 -96.67
N VAL D 999 39.99 34.60 -97.77
CA VAL D 999 40.43 35.12 -99.05
C VAL D 999 39.52 36.27 -99.49
N GLU D 1000 38.20 36.10 -99.30
CA GLU D 1000 37.28 37.16 -99.68
C GLU D 1000 37.54 38.43 -98.89
N VAL D 1001 37.75 38.31 -97.57
CA VAL D 1001 37.94 39.49 -96.74
C VAL D 1001 39.30 40.14 -97.02
N PHE D 1002 40.35 39.33 -97.19
CA PHE D 1002 41.71 39.81 -97.38
C PHE D 1002 42.23 39.30 -98.72
N PRO D 1003 41.99 40.02 -99.82
CA PRO D 1003 42.52 39.57 -101.11
C PRO D 1003 44.04 39.45 -101.13
N MET D 1004 44.74 40.31 -100.40
CA MET D 1004 46.20 40.27 -100.36
C MET D 1004 46.67 38.96 -99.73
N ASN D 1022 36.21 43.05 -92.32
CA ASN D 1022 35.85 42.22 -91.18
C ASN D 1022 35.42 40.83 -91.66
N MET D 1023 35.24 39.92 -90.71
CA MET D 1023 34.84 38.54 -90.99
C MET D 1023 33.37 38.36 -90.66
N ASN D 1024 32.64 37.72 -91.58
CA ASN D 1024 31.22 37.44 -91.38
C ASN D 1024 31.10 36.08 -90.69
N LEU D 1025 31.30 36.09 -89.37
CA LEU D 1025 31.25 34.86 -88.60
C LEU D 1025 29.86 34.24 -88.57
N ASP D 1026 28.81 35.02 -88.79
CA ASP D 1026 27.46 34.48 -88.81
C ASP D 1026 27.29 33.48 -89.94
N ARG D 1027 27.81 33.82 -91.13
CA ARG D 1027 27.69 32.90 -92.27
C ARG D 1027 28.44 31.60 -92.00
N ILE D 1028 29.65 31.70 -91.43
CA ILE D 1028 30.43 30.50 -91.15
C ILE D 1028 29.72 29.64 -90.11
N GLY D 1029 29.15 30.27 -89.08
CA GLY D 1029 28.39 29.51 -88.10
C GLY D 1029 27.19 28.82 -88.72
N GLU D 1030 26.48 29.52 -89.61
CA GLU D 1030 25.35 28.92 -90.28
C GLU D 1030 25.77 27.72 -91.13
N GLN D 1031 26.88 27.85 -91.85
CA GLN D 1031 27.36 26.74 -92.66
C GLN D 1031 27.76 25.55 -91.78
N ALA D 1032 28.44 25.82 -90.67
CA ALA D 1032 28.82 24.75 -89.76
C ALA D 1032 27.58 24.05 -89.20
N GLU D 1033 26.56 24.81 -88.82
CA GLU D 1033 25.32 24.20 -88.33
C GLU D 1033 24.67 23.35 -89.43
N ALA D 1034 24.66 23.86 -90.66
CA ALA D 1034 24.01 23.13 -91.75
C ALA D 1034 24.73 21.83 -92.05
N MET D 1035 26.07 21.82 -91.97
CA MET D 1035 26.82 20.63 -92.35
C MET D 1035 26.55 19.45 -91.43
N PHE D 1036 25.96 19.69 -90.25
CA PHE D 1036 25.63 18.62 -89.31
C PHE D 1036 24.22 18.08 -89.50
N GLY D 1037 23.46 18.62 -90.44
CA GLY D 1037 22.09 18.19 -90.65
C GLY D 1037 21.95 16.69 -90.86
N SER D 1043 21.14 14.57 -95.23
CA SER D 1043 22.33 14.94 -95.97
C SER D 1043 23.01 13.71 -96.56
N MET D 1044 23.91 13.94 -97.53
CA MET D 1044 24.61 12.84 -98.18
C MET D 1044 25.60 12.14 -97.25
N LEU D 1045 25.94 12.74 -96.11
CA LEU D 1045 26.89 12.14 -95.18
C LEU D 1045 26.25 11.08 -94.27
N GLU D 1046 24.93 10.91 -94.34
CA GLU D 1046 24.27 9.90 -93.51
C GLU D 1046 24.68 8.50 -93.95
N VAL D 1047 24.74 7.59 -92.96
CA VAL D 1047 25.17 6.22 -93.22
C VAL D 1047 24.02 5.30 -93.64
N ASP D 1048 22.81 5.84 -93.80
CA ASP D 1048 21.68 5.04 -94.23
C ASP D 1048 20.65 5.96 -94.87
N ASP D 1049 19.70 5.35 -95.57
CA ASP D 1049 18.64 6.09 -96.24
C ASP D 1049 17.48 6.44 -95.32
N GLU D 1050 17.51 5.99 -94.06
CA GLU D 1050 16.45 6.27 -93.10
C GLU D 1050 16.82 7.40 -92.14
N GLY D 1051 17.79 8.23 -92.50
CA GLY D 1051 18.18 9.34 -91.63
C GLY D 1051 18.74 8.89 -90.31
N GLY D 1052 19.51 7.80 -90.29
CA GLY D 1052 20.11 7.30 -89.08
C GLY D 1052 19.23 6.35 -88.27
N ARG D 1053 17.98 6.14 -88.67
CA ARG D 1053 17.12 5.23 -87.93
C ARG D 1053 17.64 3.80 -87.99
N MET D 1054 18.06 3.36 -89.18
CA MET D 1054 18.58 2.00 -89.32
C MET D 1054 19.86 1.82 -88.52
N PHE D 1055 20.72 2.82 -88.51
CA PHE D 1055 21.96 2.75 -87.73
C PHE D 1055 21.65 2.58 -86.25
N LEU D 1056 20.73 3.39 -85.72
CA LEU D 1056 20.36 3.29 -84.32
C LEU D 1056 19.74 1.94 -84.01
N ARG D 1057 18.86 1.46 -84.90
CA ARG D 1057 18.23 0.16 -84.69
C ARG D 1057 19.27 -0.95 -84.64
N VAL D 1058 20.23 -0.93 -85.57
CA VAL D 1058 21.28 -1.94 -85.60
C VAL D 1058 22.12 -1.87 -84.32
N LEU D 1059 22.45 -0.65 -83.88
CA LEU D 1059 23.25 -0.51 -82.68
C LEU D 1059 22.52 -1.08 -81.46
N ILE D 1060 21.23 -0.79 -81.33
CA ILE D 1060 20.46 -1.32 -80.20
C ILE D 1060 20.39 -2.84 -80.28
N HIS D 1061 20.13 -3.38 -81.46
CA HIS D 1061 20.04 -4.83 -81.61
C HIS D 1061 21.35 -5.50 -81.23
N LEU D 1062 22.48 -4.93 -81.68
CA LEU D 1062 23.78 -5.49 -81.32
C LEU D 1062 24.04 -5.37 -79.82
N THR D 1063 23.65 -4.25 -79.22
CA THR D 1063 23.77 -4.11 -77.78
C THR D 1063 22.98 -5.17 -77.04
N MET D 1064 21.88 -5.65 -77.62
CA MET D 1064 21.12 -6.72 -77.00
C MET D 1064 21.82 -8.07 -77.05
N HIS D 1065 22.90 -8.21 -77.82
CA HIS D 1065 23.59 -9.48 -77.95
C HIS D 1065 24.43 -9.77 -76.71
N ASP D 1066 24.92 -11.01 -76.63
CA ASP D 1066 25.67 -11.46 -75.46
C ASP D 1066 27.18 -11.28 -75.61
N TYR D 1067 27.71 -11.39 -76.83
CA TYR D 1067 29.15 -11.27 -77.02
C TYR D 1067 29.64 -9.92 -76.51
N ALA D 1068 30.50 -9.97 -75.48
CA ALA D 1068 30.91 -8.73 -74.81
C ALA D 1068 31.58 -7.74 -75.74
N PRO D 1069 32.55 -8.13 -76.57
CA PRO D 1069 33.16 -7.14 -77.47
C PRO D 1069 32.16 -6.48 -78.41
N LEU D 1070 31.19 -7.25 -78.91
CA LEU D 1070 30.19 -6.68 -79.80
C LEU D 1070 29.34 -5.65 -79.08
N VAL D 1071 28.92 -5.96 -77.84
CA VAL D 1071 28.12 -5.02 -77.08
C VAL D 1071 28.93 -3.76 -76.77
N SER D 1072 30.20 -3.92 -76.42
CA SER D 1072 31.04 -2.76 -76.14
C SER D 1072 31.19 -1.87 -77.37
N GLY D 1073 31.44 -2.48 -78.53
CA GLY D 1073 31.55 -1.68 -79.74
C GLY D 1073 30.26 -0.98 -80.09
N ALA D 1074 29.13 -1.68 -79.95
CA ALA D 1074 27.84 -1.07 -80.23
C ALA D 1074 27.58 0.10 -79.28
N LEU D 1075 27.90 -0.05 -78.00
CA LEU D 1075 27.70 1.04 -77.06
C LEU D 1075 28.60 2.22 -77.38
N GLN D 1076 29.85 1.97 -77.76
CA GLN D 1076 30.75 3.06 -78.13
C GLN D 1076 30.20 3.82 -79.33
N LEU D 1077 29.75 3.09 -80.36
CA LEU D 1077 29.19 3.75 -81.53
C LEU D 1077 27.93 4.53 -81.18
N LEU D 1078 27.08 3.96 -80.32
CA LEU D 1078 25.87 4.66 -79.91
C LEU D 1078 26.20 5.96 -79.20
N PHE D 1079 27.17 5.93 -78.29
CA PHE D 1079 27.54 7.14 -77.58
C PHE D 1079 28.15 8.17 -78.53
N LYS D 1080 28.98 7.72 -79.48
CA LYS D 1080 29.57 8.65 -80.44
C LYS D 1080 28.54 9.23 -81.39
N HIS D 1081 27.42 8.53 -81.61
CA HIS D 1081 26.42 9.01 -82.56
C HIS D 1081 25.84 10.36 -82.12
N PHE D 1082 25.56 10.52 -80.83
CA PHE D 1082 24.93 11.73 -80.31
C PHE D 1082 25.95 12.74 -79.79
N SER D 1083 27.17 12.73 -80.34
CA SER D 1083 28.19 13.69 -79.95
C SER D 1083 28.96 14.19 -81.17
N GLN D 1084 28.30 14.23 -82.32
CA GLN D 1084 28.99 14.58 -83.56
C GLN D 1084 29.51 16.01 -83.54
N ARG D 1085 28.69 16.95 -83.08
CA ARG D 1085 29.12 18.35 -83.04
C ARG D 1085 30.29 18.54 -82.08
N GLN D 1086 30.22 17.92 -80.91
CA GLN D 1086 31.31 18.02 -79.95
C GLN D 1086 32.60 17.42 -80.50
N GLU D 1087 32.49 16.25 -81.15
CA GLU D 1087 33.67 15.63 -81.73
C GLU D 1087 34.25 16.48 -82.83
N ALA D 1088 33.40 17.07 -83.68
CA ALA D 1088 33.88 17.92 -84.76
C ALA D 1088 34.60 19.13 -84.21
N MET D 1089 34.04 19.78 -83.19
CA MET D 1089 34.71 20.94 -82.60
C MET D 1089 36.04 20.55 -81.96
N HIS D 1090 36.06 19.42 -81.25
CA HIS D 1090 37.30 18.97 -80.62
C HIS D 1090 38.37 18.70 -81.67
N THR D 1091 38.01 18.05 -82.77
CA THR D 1091 38.97 17.77 -83.83
C THR D 1091 39.43 19.07 -84.51
N PHE D 1092 38.51 20.01 -84.71
CA PHE D 1092 38.87 21.28 -85.32
C PHE D 1092 39.84 22.07 -84.46
N LYS D 1093 39.69 21.97 -83.14
CA LYS D 1093 40.62 22.68 -82.25
C LYS D 1093 42.05 22.24 -82.49
N GLN D 1094 42.26 20.95 -82.76
CA GLN D 1094 43.60 20.38 -82.89
C GLN D 1094 44.20 20.54 -84.28
N VAL D 1095 43.48 21.12 -85.23
CA VAL D 1095 43.99 21.27 -86.58
C VAL D 1095 45.20 22.20 -86.56
N GLN D 1096 46.26 21.79 -87.25
CA GLN D 1096 47.49 22.57 -87.37
C GLN D 1096 47.67 23.00 -88.82
N LEU D 1097 47.89 24.31 -89.02
CA LEU D 1097 48.03 24.89 -90.35
C LEU D 1097 49.49 25.20 -90.61
N LEU D 1098 49.99 24.78 -91.77
CA LEU D 1098 51.36 25.04 -92.20
C LEU D 1098 51.30 26.05 -93.34
N ILE D 1099 51.74 27.28 -93.07
CA ILE D 1099 51.68 28.37 -94.03
C ILE D 1099 53.07 28.86 -94.43
N SER D 1100 53.99 28.95 -93.48
CA SER D 1100 55.33 29.43 -93.79
C SER D 1100 56.05 28.46 -94.72
N ALA D 1101 56.91 29.00 -95.58
CA ALA D 1101 57.66 28.16 -96.50
C ALA D 1101 58.56 27.19 -95.75
N GLN D 1102 59.18 27.64 -94.66
CA GLN D 1102 60.00 26.75 -93.85
C GLN D 1102 59.16 25.61 -93.28
N ASP D 1103 57.94 25.91 -92.84
CA ASP D 1103 57.06 24.86 -92.34
C ASP D 1103 56.73 23.85 -93.42
N VAL D 1104 56.46 24.32 -94.64
CA VAL D 1104 56.15 23.42 -95.74
C VAL D 1104 57.34 22.53 -96.05
N GLU D 1105 58.54 23.12 -96.09
CA GLU D 1105 59.73 22.32 -96.36
C GLU D 1105 59.96 21.28 -95.28
N ASN D 1106 59.78 21.67 -94.01
CA ASN D 1106 59.92 20.72 -92.91
C ASN D 1106 58.91 19.59 -93.04
N TYR D 1107 57.66 19.92 -93.39
CA TYR D 1107 56.63 18.90 -93.55
C TYR D 1107 57.01 17.92 -94.65
N LYS D 1108 57.46 18.44 -95.81
CA LYS D 1108 57.83 17.56 -96.91
C LYS D 1108 59.00 16.67 -96.53
N VAL D 1109 60.03 17.25 -95.90
CA VAL D 1109 61.21 16.46 -95.54
C VAL D 1109 60.84 15.38 -94.53
N ILE D 1110 60.04 15.73 -93.52
CA ILE D 1110 59.64 14.75 -92.52
C ILE D 1110 58.82 13.63 -93.17
N LYS D 1111 57.88 14.00 -94.04
CA LYS D 1111 57.06 12.99 -94.71
C LYS D 1111 57.94 12.03 -95.50
N SER D 1112 58.86 12.56 -96.30
CA SER D 1112 59.70 11.69 -97.12
C SER D 1112 60.56 10.78 -96.24
N GLU D 1113 61.20 11.36 -95.22
CA GLU D 1113 62.09 10.56 -94.37
C GLU D 1113 61.31 9.47 -93.65
N LEU D 1114 60.14 9.80 -93.10
CA LEU D 1114 59.36 8.81 -92.39
C LEU D 1114 58.86 7.71 -93.33
N ASP D 1115 58.43 8.09 -94.54
CA ASP D 1115 57.98 7.07 -95.48
C ASP D 1115 59.11 6.12 -95.84
N ARG D 1116 60.29 6.66 -96.13
CA ARG D 1116 61.42 5.79 -96.47
C ARG D 1116 61.82 4.91 -95.30
N LEU D 1117 61.83 5.46 -94.09
CA LEU D 1117 62.17 4.66 -92.91
C LEU D 1117 61.18 3.53 -92.70
N ARG D 1118 59.88 3.83 -92.85
CA ARG D 1118 58.86 2.80 -92.68
C ARG D 1118 59.02 1.72 -93.75
N THR D 1119 59.25 2.11 -95.00
CA THR D 1119 59.42 1.14 -96.06
C THR D 1119 60.63 0.24 -95.80
N MET D 1120 61.74 0.83 -95.35
CA MET D 1120 62.93 0.03 -95.10
C MET D 1120 62.76 -0.88 -93.89
N VAL D 1121 62.08 -0.40 -92.85
CA VAL D 1121 61.86 -1.23 -91.66
C VAL D 1121 60.94 -2.40 -91.99
N GLU D 1122 59.95 -2.18 -92.86
CA GLU D 1122 59.02 -3.26 -93.20
C GLU D 1122 59.73 -4.45 -93.82
N LYS D 1123 60.90 -4.24 -94.43
CA LYS D 1123 61.67 -5.30 -95.07
C LYS D 1123 62.87 -5.71 -94.21
N SER D 1124 62.70 -5.77 -92.89
CA SER D 1124 63.82 -6.02 -92.01
C SER D 1124 64.52 -7.34 -92.35
N GLU D 1125 63.74 -8.38 -92.61
CA GLU D 1125 64.32 -9.70 -92.86
C GLU D 1125 65.23 -9.71 -94.08
N LEU D 1126 65.06 -8.75 -95.00
CA LEU D 1126 65.85 -8.77 -96.23
C LEU D 1126 67.29 -8.34 -95.98
N TRP D 1127 67.50 -7.30 -95.16
CA TRP D 1127 68.82 -6.73 -94.97
C TRP D 1127 69.39 -6.94 -93.58
N VAL D 1128 68.57 -7.35 -92.59
CA VAL D 1128 69.07 -7.55 -91.25
C VAL D 1128 70.02 -8.75 -91.25
N ASP D 1129 71.18 -8.58 -90.61
CA ASP D 1129 72.19 -9.63 -90.55
C ASP D 1129 71.68 -10.80 -89.70
N SER D 1166 75.50 -4.00 -96.15
CA SER D 1166 74.67 -3.47 -97.22
C SER D 1166 74.46 -1.97 -97.05
N GLU D 1167 73.96 -1.33 -98.11
CA GLU D 1167 73.71 0.11 -98.07
C GLU D 1167 72.53 0.48 -97.18
N ASN D 1168 71.73 -0.49 -96.74
CA ASN D 1168 70.58 -0.17 -95.91
C ASN D 1168 70.99 0.46 -94.60
N TYR D 1169 72.05 -0.06 -93.97
CA TYR D 1169 72.48 0.46 -92.67
C TYR D 1169 72.87 1.93 -92.76
N GLN D 1170 73.66 2.28 -93.78
CA GLN D 1170 74.11 3.65 -93.92
C GLN D 1170 72.94 4.60 -94.17
N ILE D 1171 72.01 4.20 -95.04
CA ILE D 1171 70.85 5.05 -95.33
C ILE D 1171 70.01 5.24 -94.08
N VAL D 1172 69.79 4.15 -93.32
CA VAL D 1172 69.01 4.24 -92.09
C VAL D 1172 69.69 5.17 -91.09
N LYS D 1173 71.01 5.06 -90.96
CA LYS D 1173 71.74 5.91 -90.04
C LYS D 1173 71.62 7.38 -90.45
N GLY D 1174 71.75 7.66 -91.75
CA GLY D 1174 71.57 9.01 -92.21
C GLY D 1174 70.17 9.55 -91.93
N ILE D 1175 69.16 8.70 -92.11
CA ILE D 1175 67.79 9.13 -91.85
C ILE D 1175 67.60 9.45 -90.37
N LEU D 1176 68.12 8.60 -89.48
CA LEU D 1176 68.01 8.89 -88.05
C LEU D 1176 68.73 10.18 -87.68
N GLU D 1177 69.94 10.39 -88.21
CA GLU D 1177 70.64 11.64 -87.91
C GLU D 1177 69.86 12.85 -88.43
N ARG D 1178 69.32 12.74 -89.63
CA ARG D 1178 68.54 13.84 -90.20
C ARG D 1178 67.33 14.15 -89.34
N LEU D 1179 66.61 13.12 -88.89
CA LEU D 1179 65.46 13.35 -88.02
C LEU D 1179 65.87 13.99 -86.70
N ASN D 1180 66.98 13.51 -86.12
CA ASN D 1180 67.45 14.08 -84.86
C ASN D 1180 67.78 15.55 -85.02
N LYS D 1181 68.45 15.91 -86.12
CA LYS D 1181 68.72 17.33 -86.38
C LYS D 1181 67.42 18.09 -86.65
N MET D 1182 66.43 17.43 -87.24
CA MET D 1182 65.15 18.07 -87.55
C MET D 1182 64.32 18.31 -86.30
N CYS D 1183 64.59 17.60 -85.21
CA CYS D 1183 63.81 17.78 -83.99
C CYS D 1183 63.80 19.24 -83.54
N GLY D 1184 64.87 19.98 -83.83
CA GLY D 1184 64.90 21.41 -83.57
C GLY D 1184 65.53 21.77 -82.24
N VAL D 1185 65.90 23.04 -82.12
CA VAL D 1185 66.51 23.60 -80.92
C VAL D 1185 65.77 24.88 -80.57
N GLY D 1186 65.48 25.07 -79.29
CA GLY D 1186 64.74 26.22 -78.82
C GLY D 1186 63.35 25.81 -78.34
N GLU D 1187 62.88 26.49 -77.30
CA GLU D 1187 61.63 26.10 -76.67
C GLU D 1187 60.47 26.14 -77.66
N GLN D 1188 60.28 27.27 -78.33
CA GLN D 1188 59.17 27.38 -79.28
C GLN D 1188 59.40 26.48 -80.48
N MET D 1189 60.62 26.49 -81.02
CA MET D 1189 60.93 25.62 -82.15
C MET D 1189 60.80 24.16 -81.78
N ARG D 1190 61.29 23.79 -80.58
CA ARG D 1190 61.19 22.41 -80.15
C ARG D 1190 59.73 21.99 -79.99
N LYS D 1191 58.90 22.84 -79.40
CA LYS D 1191 57.50 22.50 -79.23
C LYS D 1191 56.80 22.35 -80.58
N LYS D 1192 57.05 23.28 -81.51
CA LYS D 1192 56.43 23.19 -82.83
C LYS D 1192 56.86 21.92 -83.55
N GLN D 1193 58.16 21.61 -83.52
CA GLN D 1193 58.64 20.42 -84.21
C GLN D 1193 58.10 19.15 -83.56
N GLN D 1194 57.98 19.14 -82.24
CA GLN D 1194 57.41 17.98 -81.57
C GLN D 1194 55.95 17.77 -81.96
N ARG D 1195 55.18 18.87 -82.01
CA ARG D 1195 53.79 18.76 -82.44
C ARG D 1195 53.71 18.25 -83.88
N LEU D 1196 54.55 18.78 -84.77
CA LEU D 1196 54.54 18.33 -86.16
C LEU D 1196 54.88 16.84 -86.24
N LEU D 1197 55.92 16.41 -85.52
CA LEU D 1197 56.31 15.00 -85.56
C LEU D 1197 55.21 14.11 -85.02
N LYS D 1198 54.52 14.56 -83.96
CA LYS D 1198 53.38 13.80 -83.45
C LYS D 1198 52.29 13.69 -84.50
N ASN D 1199 52.02 14.78 -85.23
CA ASN D 1199 50.99 14.76 -86.26
C ASN D 1199 51.36 13.83 -87.41
N MET D 1200 52.65 13.62 -87.65
CA MET D 1200 53.11 12.75 -88.73
C MET D 1200 53.39 11.33 -88.28
N ASP D 1201 53.13 11.00 -87.01
CA ASP D 1201 53.26 9.63 -86.51
C ASP D 1201 54.68 9.10 -86.69
N ALA D 1202 55.67 9.92 -86.32
CA ALA D 1202 57.05 9.45 -86.33
C ALA D 1202 57.32 8.51 -85.16
N HIS D 1203 56.67 8.74 -84.02
CA HIS D 1203 56.88 7.88 -82.85
C HIS D 1203 56.48 6.45 -83.15
N LYS D 1204 55.40 6.25 -83.91
CA LYS D 1204 55.00 4.90 -84.27
C LYS D 1204 56.08 4.21 -85.10
N VAL D 1205 56.67 4.94 -86.05
CA VAL D 1205 57.74 4.36 -86.87
C VAL D 1205 58.92 3.99 -85.99
N MET D 1206 59.30 4.89 -85.06
CA MET D 1206 60.44 4.58 -84.19
C MET D 1206 60.16 3.37 -83.32
N LEU D 1207 58.97 3.28 -82.74
CA LEU D 1207 58.63 2.15 -81.90
C LEU D 1207 58.63 0.85 -82.71
N ASP D 1208 58.11 0.89 -83.94
CA ASP D 1208 58.16 -0.29 -84.79
C ASP D 1208 59.61 -0.68 -85.09
N LEU D 1209 60.47 0.32 -85.29
CA LEU D 1209 61.89 0.03 -85.53
C LEU D 1209 62.52 -0.64 -84.31
N LEU D 1210 62.14 -0.21 -83.10
CA LEU D 1210 62.69 -0.82 -81.90
C LEU D 1210 62.36 -2.31 -81.84
N GLN D 1211 61.16 -2.70 -82.28
CA GLN D 1211 60.74 -4.10 -82.25
C GLN D 1211 61.48 -4.96 -83.27
N ILE D 1212 62.26 -4.36 -84.16
CA ILE D 1212 62.92 -5.13 -85.22
C ILE D 1212 63.80 -6.21 -84.59
N PRO D 1213 63.73 -7.47 -85.05
CA PRO D 1213 64.66 -8.48 -84.53
C PRO D 1213 66.06 -8.27 -85.06
N TYR D 1214 67.05 -8.55 -84.22
CA TYR D 1214 68.44 -8.34 -84.60
C TYR D 1214 69.33 -9.20 -83.71
N ASP D 1215 70.57 -9.39 -84.16
CA ASP D 1215 71.56 -10.11 -83.39
C ASP D 1215 72.27 -9.16 -82.43
N LYS D 1216 72.91 -9.75 -81.41
CA LYS D 1216 73.59 -8.97 -80.39
C LYS D 1216 75.03 -8.64 -80.75
N GLY D 1217 75.51 -9.08 -81.91
CA GLY D 1217 76.89 -8.84 -82.30
C GLY D 1217 77.01 -7.95 -83.52
N ASP D 1218 76.15 -6.94 -83.63
CA ASP D 1218 76.18 -6.00 -84.74
C ASP D 1218 76.30 -4.59 -84.19
N ALA D 1219 77.49 -4.00 -84.31
CA ALA D 1219 77.70 -2.65 -83.79
C ALA D 1219 76.86 -1.62 -84.54
N LYS D 1220 76.69 -1.81 -85.85
CA LYS D 1220 75.88 -0.87 -86.63
C LYS D 1220 74.45 -0.84 -86.13
N MET D 1221 73.88 -2.01 -85.83
CA MET D 1221 72.51 -2.05 -85.31
C MET D 1221 72.44 -1.39 -83.93
N MET D 1222 73.48 -1.56 -83.11
CA MET D 1222 73.51 -0.90 -81.81
C MET D 1222 73.52 0.62 -81.99
N GLU D 1223 74.31 1.12 -82.94
CA GLU D 1223 74.31 2.56 -83.21
C GLU D 1223 72.95 3.04 -83.70
N ILE D 1224 72.31 2.25 -84.56
CA ILE D 1224 70.98 2.63 -85.06
C ILE D 1224 69.99 2.70 -83.91
N LEU D 1225 70.03 1.73 -83.01
CA LEU D 1225 69.11 1.74 -81.87
C LEU D 1225 69.43 2.90 -80.93
N ARG D 1226 70.70 3.23 -80.76
CA ARG D 1226 71.08 4.38 -79.94
C ARG D 1226 70.50 5.67 -80.53
N TYR D 1227 70.60 5.83 -81.85
CA TYR D 1227 70.05 7.01 -82.50
C TYR D 1227 68.52 7.03 -82.37
N THR D 1228 67.88 5.87 -82.50
CA THR D 1228 66.43 5.81 -82.33
C THR D 1228 66.03 6.22 -80.92
N HIS D 1229 66.75 5.75 -79.92
CA HIS D 1229 66.45 6.12 -78.53
C HIS D 1229 66.69 7.62 -78.31
N GLN D 1230 67.75 8.16 -78.91
CA GLN D 1230 67.98 9.60 -78.79
C GLN D 1230 66.83 10.39 -79.39
N PHE D 1231 66.35 9.97 -80.56
CA PHE D 1231 65.21 10.65 -81.18
C PHE D 1231 63.97 10.54 -80.29
N LEU D 1232 63.72 9.36 -79.73
CA LEU D 1232 62.57 9.19 -78.86
C LEU D 1232 62.65 10.08 -77.64
N GLN D 1233 63.84 10.18 -77.03
CA GLN D 1233 64.02 11.04 -75.87
C GLN D 1233 63.80 12.50 -76.24
N LYS D 1234 64.31 12.94 -77.40
CA LYS D 1234 64.07 14.31 -77.84
C LYS D 1234 62.60 14.55 -78.13
N PHE D 1235 61.87 13.51 -78.56
CA PHE D 1235 60.47 13.68 -78.93
C PHE D 1235 59.62 14.09 -77.74
N CYS D 1236 59.85 13.48 -76.58
CA CYS D 1236 59.05 13.75 -75.38
C CYS D 1236 59.76 14.66 -74.39
N ALA D 1237 60.84 15.32 -74.81
CA ALA D 1237 61.60 16.18 -73.91
C ALA D 1237 60.78 17.43 -73.60
N GLY D 1238 60.23 17.47 -72.38
CA GLY D 1238 59.47 18.62 -71.94
C GLY D 1238 58.04 18.71 -72.45
N ASN D 1239 57.56 17.67 -73.13
CA ASN D 1239 56.21 17.67 -73.68
C ASN D 1239 55.36 16.63 -72.95
N PRO D 1240 54.47 17.04 -72.04
CA PRO D 1240 53.64 16.04 -71.35
C PRO D 1240 52.81 15.18 -72.29
N GLY D 1241 52.29 15.76 -73.38
CA GLY D 1241 51.49 14.98 -74.29
C GLY D 1241 52.28 13.85 -74.93
N ASN D 1242 53.47 14.16 -75.45
CA ASN D 1242 54.31 13.12 -76.02
C ASN D 1242 54.80 12.16 -74.95
N GLN D 1243 55.02 12.64 -73.73
CA GLN D 1243 55.43 11.77 -72.64
C GLN D 1243 54.35 10.72 -72.38
N ALA D 1244 53.09 11.13 -72.33
CA ALA D 1244 52.00 10.18 -72.14
C ALA D 1244 51.85 9.27 -73.35
N LEU D 1245 52.05 9.82 -74.56
CA LEU D 1245 51.94 9.02 -75.77
C LEU D 1245 52.95 7.88 -75.74
N LEU D 1246 54.18 8.16 -75.31
CA LEU D 1246 55.19 7.11 -75.21
C LEU D 1246 54.95 6.20 -74.01
N HIS D 1247 54.45 6.75 -72.90
CA HIS D 1247 54.09 5.92 -71.76
C HIS D 1247 53.01 4.92 -72.10
N LYS D 1248 52.21 5.21 -73.13
CA LYS D 1248 51.18 4.25 -73.55
C LYS D 1248 51.79 2.95 -74.06
N HIS D 1249 53.09 2.92 -74.34
CA HIS D 1249 53.78 1.75 -74.88
C HIS D 1249 54.98 1.40 -73.99
N LEU D 1250 54.75 1.34 -72.68
CA LEU D 1250 55.84 1.09 -71.75
C LEU D 1250 56.47 -0.28 -71.97
N HIS D 1251 55.67 -1.29 -72.32
CA HIS D 1251 56.16 -2.67 -72.30
C HIS D 1251 57.41 -2.85 -73.14
N LEU D 1252 57.55 -2.08 -74.22
CA LEU D 1252 58.75 -2.22 -75.05
C LEU D 1252 60.01 -1.83 -74.29
N PHE D 1253 59.93 -0.77 -73.49
CA PHE D 1253 61.11 -0.24 -72.81
C PHE D 1253 61.48 -1.01 -71.56
N LEU D 1254 60.60 -1.89 -71.06
CA LEU D 1254 60.87 -2.65 -69.83
C LEU D 1254 61.71 -3.88 -70.19
N THR D 1255 62.97 -3.63 -70.51
CA THR D 1255 63.92 -4.66 -70.89
C THR D 1255 65.26 -4.36 -70.23
N PRO D 1256 66.12 -5.37 -70.08
CA PRO D 1256 67.44 -5.17 -69.44
C PRO D 1256 68.44 -4.46 -70.33
N GLY D 1257 68.36 -3.13 -70.36
CA GLY D 1257 69.27 -2.33 -71.16
C GLY D 1257 69.49 -0.97 -70.55
N LEU D 1258 70.60 -0.35 -70.95
CA LEU D 1258 70.91 0.99 -70.47
C LEU D 1258 70.16 2.05 -71.27
N LEU D 1259 70.11 1.91 -72.59
CA LEU D 1259 69.37 2.87 -73.41
C LEU D 1259 67.89 2.86 -73.07
N GLU D 1260 67.34 1.68 -72.80
CA GLU D 1260 65.94 1.60 -72.38
C GLU D 1260 65.72 2.33 -71.07
N ALA D 1261 66.66 2.19 -70.13
CA ALA D 1261 66.55 2.90 -68.87
C ALA D 1261 66.59 4.41 -69.08
N GLU D 1262 67.48 4.88 -69.96
CA GLU D 1262 67.55 6.31 -70.26
C GLU D 1262 66.24 6.80 -70.87
N THR D 1263 65.68 6.03 -71.80
CA THR D 1263 64.42 6.42 -72.42
C THR D 1263 63.29 6.46 -71.40
N MET D 1264 63.26 5.49 -70.49
CA MET D 1264 62.25 5.51 -69.42
C MET D 1264 62.42 6.75 -68.54
N GLN D 1265 63.66 7.08 -68.19
CA GLN D 1265 63.92 8.27 -67.40
C GLN D 1265 63.40 9.51 -68.11
N HIS D 1266 63.69 9.62 -69.41
CA HIS D 1266 63.22 10.79 -70.15
C HIS D 1266 61.70 10.82 -70.24
N ILE D 1267 61.06 9.67 -70.39
CA ILE D 1267 59.61 9.62 -70.45
C ILE D 1267 59.00 10.11 -69.14
N PHE D 1268 59.57 9.67 -68.01
CA PHE D 1268 59.04 10.02 -66.70
C PHE D 1268 59.60 11.33 -66.17
N LEU D 1269 60.56 11.95 -66.86
CA LEU D 1269 61.18 13.16 -66.36
C LEU D 1269 60.16 14.29 -66.26
N ASN D 1270 60.10 14.92 -65.10
CA ASN D 1270 59.23 16.08 -64.86
C ASN D 1270 57.81 15.79 -65.33
N ASN D 1271 57.19 14.78 -64.73
CA ASN D 1271 55.81 14.41 -65.05
C ASN D 1271 55.15 13.88 -63.79
N TYR D 1272 54.42 14.75 -63.09
CA TYR D 1272 53.72 14.33 -61.89
C TYR D 1272 52.64 13.31 -62.21
N GLN D 1273 51.90 13.52 -63.30
CA GLN D 1273 50.79 12.62 -63.63
C GLN D 1273 51.28 11.20 -63.86
N LEU D 1274 52.50 11.04 -64.37
CA LEU D 1274 53.05 9.71 -64.61
C LEU D 1274 53.82 9.19 -63.41
N CYS D 1275 54.67 10.03 -62.81
CA CYS D 1275 55.46 9.58 -61.67
C CYS D 1275 54.57 9.21 -60.49
N SER D 1276 53.56 10.03 -60.19
CA SER D 1276 52.72 9.77 -59.02
C SER D 1276 51.95 8.47 -59.19
N GLU D 1277 51.42 8.20 -60.38
CA GLU D 1277 50.62 7.01 -60.64
C GLU D 1277 51.44 5.84 -61.17
N ILE D 1278 52.76 5.85 -60.94
CA ILE D 1278 53.59 4.76 -61.42
C ILE D 1278 53.19 3.46 -60.73
N SER D 1279 53.03 2.40 -61.52
CA SER D 1279 52.57 1.13 -60.99
C SER D 1279 53.70 0.42 -60.25
N GLU D 1280 53.30 -0.50 -59.36
CA GLU D 1280 54.28 -1.22 -58.55
C GLU D 1280 55.27 -2.03 -59.38
N PRO D 1281 54.84 -2.83 -60.36
CA PRO D 1281 55.82 -3.65 -61.09
C PRO D 1281 56.87 -2.83 -61.81
N VAL D 1282 56.52 -1.65 -62.31
CA VAL D 1282 57.51 -0.80 -62.97
C VAL D 1282 58.62 -0.44 -62.00
N LEU D 1283 58.25 -0.06 -60.77
CA LEU D 1283 59.26 0.29 -59.78
C LEU D 1283 60.07 -0.93 -59.37
N GLN D 1284 59.42 -2.08 -59.18
CA GLN D 1284 60.18 -3.28 -58.82
C GLN D 1284 61.10 -3.75 -59.94
N HIS D 1285 60.81 -3.40 -61.19
CA HIS D 1285 61.65 -3.85 -62.30
C HIS D 1285 63.09 -3.38 -62.12
N PHE D 1286 63.28 -2.10 -61.78
CA PHE D 1286 64.62 -1.54 -61.73
C PHE D 1286 65.39 -2.07 -60.53
N VAL D 1287 64.73 -2.26 -59.38
CA VAL D 1287 65.42 -2.84 -58.24
C VAL D 1287 65.77 -4.29 -58.53
N HIS D 1288 64.92 -5.00 -59.26
CA HIS D 1288 65.26 -6.37 -59.66
C HIS D 1288 66.49 -6.38 -60.54
N LEU D 1289 66.56 -5.47 -61.52
CA LEU D 1289 67.74 -5.40 -62.37
C LEU D 1289 68.99 -5.05 -61.56
N LEU D 1290 68.87 -4.13 -60.62
CA LEU D 1290 70.01 -3.79 -59.77
C LEU D 1290 70.47 -5.00 -58.97
N ALA D 1291 69.53 -5.76 -58.42
CA ALA D 1291 69.89 -6.92 -57.61
C ALA D 1291 70.58 -7.98 -58.44
N THR D 1292 70.05 -8.27 -59.63
CA THR D 1292 70.61 -9.34 -60.46
C THR D 1292 71.74 -8.87 -61.36
N HIS D 1293 71.63 -7.67 -61.95
CA HIS D 1293 72.65 -7.16 -62.86
C HIS D 1293 73.50 -6.06 -62.22
N GLY D 1294 72.87 -4.99 -61.74
CA GLY D 1294 73.64 -3.88 -61.22
C GLY D 1294 74.61 -3.32 -62.22
N ARG D 1295 74.18 -3.18 -63.48
CA ARG D 1295 75.11 -2.81 -64.55
C ARG D 1295 75.74 -1.45 -64.30
N HIS D 1296 74.92 -0.42 -64.15
CA HIS D 1296 75.42 0.95 -64.02
C HIS D 1296 74.43 1.74 -63.18
N VAL D 1297 74.56 3.07 -63.21
CA VAL D 1297 73.78 3.95 -62.35
C VAL D 1297 72.52 4.40 -63.06
N GLN D 1298 72.22 3.80 -64.21
CA GLN D 1298 71.04 4.20 -64.97
C GLN D 1298 69.76 3.94 -64.19
N TYR D 1299 69.68 2.78 -63.52
CA TYR D 1299 68.48 2.46 -62.75
C TYR D 1299 68.33 3.42 -61.58
N LEU D 1300 69.43 3.73 -60.89
CA LEU D 1300 69.36 4.69 -59.79
C LEU D 1300 68.94 6.06 -60.29
N ASP D 1301 69.45 6.48 -61.45
CA ASP D 1301 69.03 7.75 -62.02
C ASP D 1301 67.54 7.75 -62.33
N PHE D 1302 67.03 6.66 -62.90
CA PHE D 1302 65.60 6.59 -63.21
C PHE D 1302 64.78 6.70 -61.93
N LEU D 1303 65.18 5.98 -60.89
CA LEU D 1303 64.44 6.06 -59.63
C LEU D 1303 64.48 7.47 -59.05
N HIS D 1304 65.65 8.11 -59.11
CA HIS D 1304 65.78 9.46 -58.58
C HIS D 1304 64.87 10.44 -59.30
N THR D 1305 64.83 10.36 -60.64
CA THR D 1305 63.93 11.24 -61.38
C THR D 1305 62.47 10.89 -61.12
N VAL D 1306 62.16 9.62 -60.90
CA VAL D 1306 60.76 9.25 -60.61
C VAL D 1306 60.34 9.81 -59.26
N ILE D 1307 61.27 9.93 -58.31
CA ILE D 1307 60.90 10.36 -56.96
C ILE D 1307 60.27 11.75 -56.99
N LYS D 1308 60.88 12.68 -57.70
CA LYS D 1308 60.45 14.07 -57.73
C LYS D 1308 59.92 14.44 -59.10
N ALA D 1309 58.88 15.28 -59.13
CA ALA D 1309 58.27 15.72 -60.37
C ALA D 1309 57.60 17.06 -60.16
N GLU D 1310 57.87 18.01 -61.06
CA GLU D 1310 57.27 19.33 -61.01
C GLU D 1310 57.49 20.00 -59.66
N GLY D 1311 58.70 19.86 -59.13
CA GLY D 1311 59.01 20.46 -57.85
C GLY D 1311 58.12 19.95 -56.73
N LYS D 1312 57.76 18.67 -56.77
CA LYS D 1312 56.91 18.06 -55.77
C LYS D 1312 57.45 16.67 -55.47
N TYR D 1313 57.13 16.18 -54.28
CA TYR D 1313 57.64 14.90 -53.79
C TYR D 1313 56.51 13.88 -53.74
N VAL D 1314 56.76 12.70 -54.28
CA VAL D 1314 55.80 11.61 -54.28
C VAL D 1314 56.15 10.71 -53.10
N LYS D 1315 55.37 10.82 -52.02
CA LYS D 1315 55.65 10.06 -50.81
C LYS D 1315 55.60 8.56 -51.07
N LYS D 1316 54.59 8.11 -51.80
CA LYS D 1316 54.42 6.68 -52.05
C LYS D 1316 55.59 6.09 -52.83
N CYS D 1317 56.07 6.82 -53.84
CA CYS D 1317 57.23 6.33 -54.60
C CYS D 1317 58.45 6.20 -53.71
N GLN D 1318 58.69 7.19 -52.85
CA GLN D 1318 59.81 7.11 -51.93
C GLN D 1318 59.67 5.90 -51.01
N ASP D 1319 58.46 5.67 -50.50
CA ASP D 1319 58.25 4.55 -49.60
C ASP D 1319 58.59 3.23 -50.29
N MET D 1320 58.02 3.00 -51.48
CA MET D 1320 58.29 1.73 -52.16
C MET D 1320 59.75 1.60 -52.53
N ILE D 1321 60.40 2.69 -52.96
CA ILE D 1321 61.81 2.60 -53.29
C ILE D 1321 62.61 2.18 -52.08
N MET D 1322 62.31 2.77 -50.92
CA MET D 1322 63.06 2.43 -49.71
C MET D 1322 62.85 0.97 -49.34
N THR D 1323 61.60 0.50 -49.34
CA THR D 1323 61.35 -0.89 -48.98
C THR D 1323 62.01 -1.84 -49.96
N GLU D 1324 61.92 -1.56 -51.26
CA GLU D 1324 62.53 -2.43 -52.25
C GLU D 1324 64.04 -2.49 -52.07
N LEU D 1325 64.67 -1.34 -51.83
CA LEU D 1325 66.11 -1.33 -51.63
C LEU D 1325 66.50 -2.12 -50.39
N THR D 1326 65.75 -1.97 -49.30
CA THR D 1326 66.10 -2.68 -48.07
C THR D 1326 65.92 -4.19 -48.21
N ASN D 1327 64.76 -4.63 -48.68
CA ASN D 1327 64.52 -6.07 -48.80
C ASN D 1327 65.24 -6.71 -49.97
N ALA D 1328 65.78 -5.92 -50.91
CA ALA D 1328 66.57 -6.50 -51.99
C ALA D 1328 67.83 -7.16 -51.45
N GLY D 1329 68.49 -6.52 -50.49
CA GLY D 1329 69.71 -7.02 -49.89
C GLY D 1329 70.91 -6.17 -50.25
N ASP D 1330 72.09 -6.70 -49.92
CA ASP D 1330 73.33 -6.00 -50.19
C ASP D 1330 73.63 -5.88 -51.68
N ASP D 1331 72.91 -6.62 -52.53
CA ASP D 1331 73.20 -6.57 -53.96
C ASP D 1331 72.96 -5.18 -54.53
N VAL D 1332 71.85 -4.54 -54.15
CA VAL D 1332 71.50 -3.24 -54.72
C VAL D 1332 72.13 -2.09 -53.93
N VAL D 1333 72.16 -2.19 -52.61
CA VAL D 1333 72.74 -1.17 -51.75
C VAL D 1333 74.08 -1.68 -51.25
N VAL D 1334 75.14 -0.92 -51.51
CA VAL D 1334 76.48 -1.24 -51.06
C VAL D 1334 77.02 -0.04 -50.28
N PHE D 1335 77.44 -0.27 -49.05
CA PHE D 1335 77.98 0.77 -48.19
C PHE D 1335 79.33 0.32 -47.65
N TYR D 1336 80.32 1.20 -47.75
CA TYR D 1336 81.67 0.89 -47.29
C TYR D 1336 81.80 1.23 -45.79
N ASN D 1337 80.92 0.59 -45.01
CA ASN D 1337 80.91 0.82 -43.57
C ASN D 1337 81.95 -0.05 -42.84
N ASP D 1338 82.32 -1.19 -43.42
CA ASP D 1338 83.28 -2.06 -42.79
C ASP D 1338 84.69 -1.46 -42.88
N LYS D 1339 85.55 -1.90 -41.97
CA LYS D 1339 86.92 -1.39 -41.95
C LYS D 1339 87.64 -1.73 -43.26
N ALA D 1340 87.53 -2.98 -43.72
CA ALA D 1340 88.14 -3.35 -44.99
C ALA D 1340 87.46 -2.63 -46.14
N SER D 1341 86.12 -2.53 -46.11
CA SER D 1341 85.42 -1.79 -47.15
C SER D 1341 85.80 -0.32 -47.11
N LEU D 1342 85.97 0.25 -45.91
CA LEU D 1342 86.40 1.63 -45.80
C LEU D 1342 87.79 1.81 -46.40
N ALA D 1343 88.70 0.87 -46.13
CA ALA D 1343 90.04 0.95 -46.71
C ALA D 1343 90.00 0.87 -48.22
N HIS D 1344 89.15 -0.01 -48.76
CA HIS D 1344 89.01 -0.11 -50.22
C HIS D 1344 88.47 1.19 -50.80
N LEU D 1345 87.48 1.78 -50.14
CA LEU D 1345 86.94 3.06 -50.60
C LEU D 1345 88.02 4.13 -50.57
N LEU D 1346 88.82 4.16 -49.51
CA LEU D 1346 89.92 5.12 -49.42
C LEU D 1346 90.90 4.93 -50.56
N ASP D 1347 91.27 3.69 -50.85
CA ASP D 1347 92.23 3.43 -51.93
C ASP D 1347 91.67 3.86 -53.28
N MET D 1348 90.42 3.51 -53.56
CA MET D 1348 89.83 3.89 -54.85
C MET D 1348 89.68 5.40 -54.96
N MET D 1349 89.32 6.06 -53.86
CA MET D 1349 89.21 7.52 -53.88
C MET D 1349 90.57 8.17 -54.14
N LYS D 1350 91.62 7.66 -53.49
CA LYS D 1350 92.96 8.18 -53.73
C LYS D 1350 93.37 7.97 -55.18
N ALA D 1351 93.06 6.80 -55.74
CA ALA D 1351 93.35 6.56 -57.15
C ALA D 1351 92.52 7.46 -58.06
N ALA D 1352 91.44 8.03 -57.57
CA ALA D 1352 90.57 8.91 -58.33
C ALA D 1352 90.83 10.38 -58.03
N ARG D 1353 92.10 10.73 -57.77
CA ARG D 1353 92.43 12.12 -57.45
C ARG D 1353 92.07 13.06 -58.59
N ASP D 1354 92.37 12.66 -59.83
CA ASP D 1354 92.08 13.51 -60.97
C ASP D 1354 90.59 13.76 -61.11
N GLY D 1355 89.78 12.72 -60.94
CA GLY D 1355 88.35 12.86 -61.06
C GLY D 1355 87.67 11.51 -60.89
N VAL D 1356 86.35 11.52 -61.07
CA VAL D 1356 85.52 10.34 -60.93
C VAL D 1356 85.11 9.88 -62.32
N GLU D 1357 85.36 8.60 -62.62
CA GLU D 1357 84.99 8.06 -63.91
C GLU D 1357 83.47 7.92 -64.03
N ASP D 1358 83.00 7.86 -65.27
CA ASP D 1358 81.56 7.83 -65.52
C ASP D 1358 80.92 6.59 -64.94
N HIS D 1359 81.56 5.43 -65.10
CA HIS D 1359 80.98 4.15 -64.73
C HIS D 1359 81.76 3.45 -63.62
N SER D 1360 82.62 4.17 -62.91
CA SER D 1360 83.38 3.57 -61.83
C SER D 1360 82.47 3.25 -60.65
N PRO D 1361 82.86 2.30 -59.79
CA PRO D 1361 82.02 1.98 -58.62
C PRO D 1361 81.83 3.16 -57.70
N LEU D 1362 82.78 4.10 -57.67
CA LEU D 1362 82.61 5.30 -56.85
C LEU D 1362 81.41 6.10 -57.32
N MET D 1363 81.23 6.21 -58.63
CA MET D 1363 80.06 6.92 -59.16
C MET D 1363 78.78 6.22 -58.74
N TYR D 1364 78.76 4.88 -58.78
CA TYR D 1364 77.58 4.15 -58.37
C TYR D 1364 77.28 4.39 -56.89
N HIS D 1365 78.31 4.37 -56.04
CA HIS D 1365 78.09 4.63 -54.62
C HIS D 1365 77.57 6.04 -54.39
N ILE D 1366 78.12 7.02 -55.09
CA ILE D 1366 77.65 8.40 -54.95
C ILE D 1366 76.20 8.50 -55.37
N SER D 1367 75.84 7.87 -56.49
CA SER D 1367 74.46 7.90 -56.96
C SER D 1367 73.52 7.23 -55.97
N LEU D 1368 73.96 6.12 -55.38
CA LEU D 1368 73.13 5.44 -54.38
C LEU D 1368 72.90 6.32 -53.16
N VAL D 1369 73.96 6.98 -52.69
CA VAL D 1369 73.81 7.86 -51.53
C VAL D 1369 72.88 9.02 -51.86
N ASP D 1370 73.02 9.59 -53.06
CA ASP D 1370 72.15 10.67 -53.47
C ASP D 1370 70.70 10.21 -53.55
N LEU D 1371 70.46 9.01 -54.09
CA LEU D 1371 69.11 8.48 -54.16
C LEU D 1371 68.52 8.30 -52.78
N LEU D 1372 69.30 7.76 -51.84
CA LEU D 1372 68.82 7.58 -50.48
C LEU D 1372 68.49 8.92 -49.84
N ALA D 1373 69.36 9.91 -50.03
CA ALA D 1373 69.11 11.23 -49.47
C ALA D 1373 67.83 11.83 -50.04
N ALA D 1374 67.64 11.72 -51.35
CA ALA D 1374 66.43 12.24 -51.98
C ALA D 1374 65.19 11.51 -51.46
N CYS D 1375 65.28 10.20 -51.29
CA CYS D 1375 64.16 9.43 -50.76
C CYS D 1375 63.81 9.90 -49.35
N ALA D 1376 64.83 10.12 -48.51
CA ALA D 1376 64.58 10.58 -47.15
C ALA D 1376 64.01 12.01 -47.12
N GLU D 1377 64.16 12.77 -48.19
CA GLU D 1377 63.64 14.12 -48.22
C GLU D 1377 62.11 14.11 -48.17
N GLY D 1378 61.54 15.26 -47.84
CA GLY D 1378 60.11 15.40 -47.74
C GLY D 1378 59.56 15.37 -46.32
N LYS D 1379 60.41 15.56 -45.32
CA LYS D 1379 60.02 15.52 -43.91
C LYS D 1379 59.02 14.41 -43.64
N ASN D 1380 59.49 13.17 -43.86
CA ASN D 1380 58.70 11.98 -43.61
C ASN D 1380 59.31 11.23 -42.45
N VAL D 1381 58.65 10.15 -42.02
CA VAL D 1381 59.16 9.30 -40.97
C VAL D 1381 59.38 7.86 -41.43
N TYR D 1382 58.62 7.36 -42.40
CA TYR D 1382 58.79 5.98 -42.84
C TYR D 1382 60.19 5.76 -43.40
N THR D 1383 60.59 6.60 -44.36
CA THR D 1383 61.87 6.38 -45.05
C THR D 1383 63.06 6.93 -44.27
N GLU D 1384 62.87 8.00 -43.50
CA GLU D 1384 64.02 8.65 -42.84
C GLU D 1384 64.63 7.74 -41.78
N ILE D 1385 63.79 7.04 -41.01
CA ILE D 1385 64.31 6.14 -39.98
C ILE D 1385 65.15 5.05 -40.62
N LYS D 1386 64.66 4.45 -41.70
CA LYS D 1386 65.40 3.39 -42.38
C LYS D 1386 66.69 3.92 -42.98
N CYS D 1387 66.64 5.12 -43.57
CA CYS D 1387 67.85 5.70 -44.14
C CYS D 1387 68.90 5.94 -43.07
N THR D 1388 68.49 6.47 -41.92
CA THR D 1388 69.43 6.70 -40.83
C THR D 1388 69.98 5.38 -40.31
N SER D 1389 69.13 4.36 -40.20
CA SER D 1389 69.58 3.05 -39.74
C SER D 1389 70.62 2.46 -40.69
N LEU D 1390 70.42 2.64 -41.99
CA LEU D 1390 71.36 2.07 -42.95
C LEU D 1390 72.76 2.66 -42.78
N LEU D 1391 72.85 3.96 -42.58
CA LEU D 1391 74.13 4.65 -42.45
C LEU D 1391 74.19 5.43 -41.14
N PRO D 1392 75.00 5.02 -40.17
CA PRO D 1392 75.12 5.78 -38.93
C PRO D 1392 76.08 6.96 -39.08
N LEU D 1393 76.01 7.86 -38.10
CA LEU D 1393 76.82 9.08 -38.17
C LEU D 1393 78.30 8.79 -38.04
N GLU D 1394 78.68 7.70 -37.35
CA GLU D 1394 80.09 7.40 -37.17
C GLU D 1394 80.78 7.17 -38.50
N ASP D 1395 80.16 6.41 -39.40
CA ASP D 1395 80.76 6.15 -40.70
C ASP D 1395 80.85 7.44 -41.53
N VAL D 1396 79.81 8.28 -41.45
CA VAL D 1396 79.85 9.55 -42.17
C VAL D 1396 81.01 10.39 -41.69
N VAL D 1397 81.22 10.47 -40.38
CA VAL D 1397 82.34 11.24 -39.85
C VAL D 1397 83.66 10.62 -40.29
N SER D 1398 83.76 9.30 -40.23
CA SER D 1398 85.02 8.64 -40.59
C SER D 1398 85.40 8.91 -42.04
N VAL D 1399 84.41 8.83 -42.94
CA VAL D 1399 84.71 8.99 -44.37
C VAL D 1399 84.90 10.47 -44.72
N VAL D 1400 84.03 11.34 -44.22
CA VAL D 1400 84.10 12.75 -44.61
C VAL D 1400 85.31 13.42 -43.97
N THR D 1401 85.62 13.09 -42.71
CA THR D 1401 86.67 13.76 -41.98
C THR D 1401 88.06 13.23 -42.28
N HIS D 1402 88.18 12.21 -43.14
CA HIS D 1402 89.48 11.68 -43.49
C HIS D 1402 90.28 12.74 -44.24
N GLU D 1403 91.59 12.77 -43.97
CA GLU D 1403 92.46 13.77 -44.59
C GLU D 1403 92.29 13.78 -46.11
N ASP D 1404 92.24 12.59 -46.72
CA ASP D 1404 92.10 12.45 -48.15
C ASP D 1404 90.65 12.17 -48.50
N CYS D 1405 90.09 12.98 -49.40
CA CYS D 1405 88.70 12.81 -49.81
C CYS D 1405 88.50 13.53 -51.14
N ILE D 1406 87.29 13.42 -51.68
CA ILE D 1406 86.94 14.03 -52.96
C ILE D 1406 85.65 14.82 -52.77
N THR D 1407 85.47 15.82 -53.64
CA THR D 1407 84.34 16.73 -53.48
C THR D 1407 83.00 16.01 -53.62
N GLU D 1408 82.89 15.08 -54.58
CA GLU D 1408 81.61 14.44 -54.83
C GLU D 1408 81.15 13.63 -53.63
N VAL D 1409 82.05 12.87 -53.01
CA VAL D 1409 81.69 12.07 -51.85
C VAL D 1409 81.28 12.97 -50.69
N LYS D 1410 82.02 14.05 -50.47
CA LYS D 1410 81.66 15.00 -49.43
C LYS D 1410 80.26 15.56 -49.67
N MET D 1411 79.97 15.95 -50.92
CA MET D 1411 78.66 16.49 -51.25
C MET D 1411 77.57 15.46 -50.95
N ALA D 1412 77.78 14.21 -51.38
CA ALA D 1412 76.77 13.19 -51.19
C ALA D 1412 76.51 12.94 -49.71
N TYR D 1413 77.58 12.80 -48.92
CA TYR D 1413 77.41 12.51 -47.50
C TYR D 1413 76.79 13.69 -46.75
N VAL D 1414 77.19 14.91 -47.10
CA VAL D 1414 76.61 16.09 -46.44
C VAL D 1414 75.13 16.18 -46.77
N ASN D 1415 74.75 15.94 -48.02
CA ASN D 1415 73.34 15.95 -48.39
C ASN D 1415 72.58 14.87 -47.64
N PHE D 1416 73.17 13.68 -47.52
CA PHE D 1416 72.51 12.60 -46.78
C PHE D 1416 72.28 13.01 -45.33
N VAL D 1417 73.29 13.60 -44.70
CA VAL D 1417 73.15 14.02 -43.30
C VAL D 1417 72.06 15.09 -43.20
N ASN D 1418 72.07 16.06 -44.11
CA ASN D 1418 71.10 17.15 -44.04
C ASN D 1418 69.67 16.63 -44.18
N HIS D 1419 69.45 15.71 -45.11
CA HIS D 1419 68.10 15.26 -45.43
C HIS D 1419 67.65 14.05 -44.61
N CYS D 1420 68.54 13.44 -43.82
CA CYS D 1420 68.18 12.28 -43.02
C CYS D 1420 68.45 12.45 -41.53
N TYR D 1421 69.30 13.39 -41.12
CA TYR D 1421 69.59 13.61 -39.71
C TYR D 1421 69.15 15.00 -39.24
N VAL D 1422 69.60 16.05 -39.91
CA VAL D 1422 69.31 17.40 -39.46
C VAL D 1422 67.84 17.73 -39.64
N ASP D 1423 67.27 17.40 -40.80
CA ASP D 1423 65.90 17.76 -41.15
C ASP D 1423 64.91 16.63 -40.85
N THR D 1424 65.20 15.81 -39.85
CA THR D 1424 64.31 14.71 -39.49
C THR D 1424 62.97 15.25 -38.99
N GLU D 1425 61.90 14.56 -39.36
CA GLU D 1425 60.57 14.91 -38.87
C GLU D 1425 60.39 14.47 -37.41
N VAL D 1426 61.12 13.44 -36.98
CA VAL D 1426 61.01 12.91 -35.63
C VAL D 1426 62.33 13.16 -34.90
N GLU D 1427 62.23 13.57 -33.63
CA GLU D 1427 63.41 13.86 -32.85
C GLU D 1427 64.30 12.63 -32.74
N MET D 1428 65.61 12.85 -32.85
CA MET D 1428 66.60 11.80 -32.64
C MET D 1428 67.67 12.36 -31.70
N LYS D 1429 67.93 11.63 -30.61
CA LYS D 1429 68.85 12.13 -29.59
C LYS D 1429 70.31 11.99 -30.01
N GLU D 1430 70.63 11.00 -30.86
CA GLU D 1430 72.02 10.71 -31.17
C GLU D 1430 72.70 11.81 -31.97
N ILE D 1431 71.95 12.77 -32.52
CA ILE D 1431 72.54 13.83 -33.34
C ILE D 1431 72.98 14.97 -32.44
N TYR D 1432 72.04 15.61 -31.76
CA TYR D 1432 72.32 16.82 -30.99
C TYR D 1432 72.97 16.54 -29.64
N THR D 1433 73.45 15.32 -29.41
CA THR D 1433 74.12 14.94 -28.17
C THR D 1433 75.37 14.14 -28.48
N SER D 1434 76.17 14.62 -29.43
CA SER D 1434 77.39 13.93 -29.85
C SER D 1434 78.32 14.93 -30.52
N ASN D 1435 79.57 14.52 -30.68
CA ASN D 1435 80.59 15.34 -31.30
C ASN D 1435 80.74 15.07 -32.79
N HIS D 1436 79.90 14.22 -33.37
CA HIS D 1436 80.01 13.90 -34.80
C HIS D 1436 79.78 15.15 -35.65
N ILE D 1437 78.66 15.83 -35.43
CA ILE D 1437 78.33 17.00 -36.24
C ILE D 1437 79.28 18.16 -35.96
N TRP D 1438 79.86 18.22 -34.76
CA TRP D 1438 80.85 19.26 -34.49
C TRP D 1438 82.14 19.01 -35.26
N THR D 1439 82.54 17.73 -35.38
CA THR D 1439 83.65 17.40 -36.25
C THR D 1439 83.33 17.75 -37.70
N LEU D 1440 82.09 17.47 -38.12
CA LEU D 1440 81.65 17.85 -39.46
C LEU D 1440 81.76 19.36 -39.65
N PHE D 1441 81.38 20.12 -38.64
CA PHE D 1441 81.43 21.59 -38.75
C PHE D 1441 82.87 22.09 -38.81
N GLU D 1442 83.78 21.46 -38.07
CA GLU D 1442 85.18 21.86 -38.18
C GLU D 1442 85.71 21.56 -39.58
N ASN D 1443 85.26 20.45 -40.18
CA ASN D 1443 85.64 20.16 -41.56
C ASN D 1443 85.06 21.21 -42.51
N PHE D 1444 83.82 21.65 -42.25
CA PHE D 1444 83.23 22.72 -43.04
C PHE D 1444 84.06 24.00 -42.95
N THR D 1445 84.50 24.35 -41.74
CA THR D 1445 85.34 25.53 -41.58
C THR D 1445 86.66 25.36 -42.32
N LEU D 1446 87.23 24.16 -42.26
CA LEU D 1446 88.48 23.90 -42.99
C LEU D 1446 88.27 24.08 -44.49
N ASP D 1447 87.14 23.60 -45.01
CA ASP D 1447 86.84 23.76 -46.43
C ASP D 1447 86.66 25.23 -46.80
N MET D 1448 85.99 26.00 -45.94
CA MET D 1448 85.86 27.43 -46.19
C MET D 1448 87.23 28.11 -46.21
N ALA D 1449 88.09 27.74 -45.27
CA ALA D 1449 89.44 28.31 -45.25
C ALA D 1449 90.21 27.91 -46.51
N ARG D 1450 90.03 26.67 -46.98
CA ARG D 1450 90.68 26.25 -48.21
C ARG D 1450 90.19 27.09 -49.38
N VAL D 1451 88.88 27.35 -49.45
CA VAL D 1451 88.35 28.18 -50.52
C VAL D 1451 88.96 29.57 -50.47
N CYS D 1452 89.04 30.15 -49.26
CA CYS D 1452 89.61 31.48 -49.12
C CYS D 1452 91.07 31.51 -49.55
N SER D 1453 91.85 30.51 -49.13
CA SER D 1453 93.25 30.47 -49.53
C SER D 1453 93.39 30.30 -51.03
N LYS D 1454 92.56 29.46 -51.64
CA LYS D 1454 92.63 29.27 -53.08
C LYS D 1454 92.31 30.57 -53.81
N ARG D 1455 91.29 31.30 -53.36
CA ARG D 1455 90.98 32.60 -53.95
C ARG D 1455 92.08 33.61 -53.68
N GLU D 1456 92.87 33.42 -52.62
CA GLU D 1456 94.01 34.30 -52.38
C GLU D 1456 95.03 34.19 -53.50
N LYS D 1457 95.24 32.98 -54.01
CA LYS D 1457 96.17 32.75 -55.12
C LYS D 1457 95.51 32.88 -56.48
N ARG D 1458 94.23 33.26 -56.53
CA ARG D 1458 93.46 33.44 -57.76
C ARG D 1458 93.24 32.14 -58.51
N VAL D 1459 93.53 31.00 -57.89
CA VAL D 1459 93.30 29.68 -58.49
C VAL D 1459 92.49 28.86 -57.51
N ALA D 1460 91.28 28.46 -57.92
CA ALA D 1460 90.38 27.70 -57.07
C ALA D 1460 89.66 26.65 -57.89
N ASP D 1461 89.26 25.56 -57.22
CA ASP D 1461 88.53 24.49 -57.87
C ASP D 1461 87.04 24.78 -57.81
N PRO D 1462 86.33 24.84 -58.95
CA PRO D 1462 84.90 25.16 -58.88
C PRO D 1462 84.09 24.15 -58.08
N THR D 1463 84.47 22.88 -58.11
CA THR D 1463 83.71 21.87 -57.37
C THR D 1463 83.74 22.14 -55.87
N LEU D 1464 84.91 22.50 -55.34
CA LEU D 1464 85.00 22.78 -53.90
C LEU D 1464 84.16 24.01 -53.54
N GLU D 1465 84.18 25.04 -54.38
CA GLU D 1465 83.34 26.21 -54.13
C GLU D 1465 81.88 25.84 -54.15
N LYS D 1466 81.45 25.01 -55.10
CA LYS D 1466 80.05 24.59 -55.15
C LYS D 1466 79.69 23.80 -53.90
N TYR D 1467 80.59 22.92 -53.45
CA TYR D 1467 80.32 22.16 -52.23
C TYR D 1467 80.18 23.09 -51.03
N VAL D 1468 81.05 24.09 -50.92
CA VAL D 1468 80.99 25.02 -49.80
C VAL D 1468 79.74 25.89 -49.87
N LEU D 1469 79.24 26.18 -51.07
CA LEU D 1469 78.15 27.12 -51.24
C LEU D 1469 76.78 26.48 -51.17
N SER D 1470 76.60 25.27 -51.71
CA SER D 1470 75.28 24.69 -51.87
C SER D 1470 74.87 23.85 -50.66
N VAL D 1471 75.63 22.80 -50.37
CA VAL D 1471 75.24 21.87 -49.30
C VAL D 1471 75.78 22.31 -47.95
N VAL D 1472 76.96 22.90 -47.90
CA VAL D 1472 77.54 23.31 -46.62
C VAL D 1472 76.64 24.35 -45.94
N LEU D 1473 76.26 25.39 -46.68
CA LEU D 1473 75.42 26.43 -46.10
C LEU D 1473 74.06 25.88 -45.72
N ASP D 1474 73.49 25.02 -46.58
CA ASP D 1474 72.17 24.46 -46.27
C ASP D 1474 72.21 23.63 -45.00
N THR D 1475 73.24 22.80 -44.83
CA THR D 1475 73.34 21.99 -43.62
C THR D 1475 73.56 22.87 -42.40
N ILE D 1476 74.41 23.89 -42.52
CA ILE D 1476 74.65 24.78 -41.37
C ILE D 1476 73.35 25.46 -40.97
N ASN D 1477 72.58 25.96 -41.94
CA ASN D 1477 71.32 26.60 -41.63
C ASN D 1477 70.34 25.62 -40.99
N ALA D 1478 70.27 24.40 -41.53
CA ALA D 1478 69.32 23.41 -40.99
C ALA D 1478 69.66 23.05 -39.55
N PHE D 1479 70.95 22.86 -39.25
CA PHE D 1479 71.34 22.49 -37.91
C PHE D 1479 71.01 23.60 -36.91
N PHE D 1480 71.22 24.85 -37.30
CA PHE D 1480 70.99 26.00 -36.43
C PHE D 1480 69.65 26.67 -36.68
N SER D 1481 68.72 25.98 -37.34
CA SER D 1481 67.39 26.55 -37.57
C SER D 1481 66.29 25.52 -37.35
N SER D 1482 66.60 24.38 -36.72
CA SER D 1482 65.59 23.36 -36.50
C SER D 1482 65.00 23.51 -35.10
N PRO D 1483 63.69 23.24 -34.92
CA PRO D 1483 63.11 23.36 -33.58
C PRO D 1483 63.77 22.45 -32.56
N PHE D 1484 64.24 21.28 -32.98
CA PHE D 1484 64.83 20.32 -32.05
C PHE D 1484 66.26 20.66 -31.67
N SER D 1485 66.91 21.57 -32.38
CA SER D 1485 68.27 21.99 -32.08
C SER D 1485 68.34 23.17 -31.13
N GLU D 1486 67.20 23.75 -30.77
CA GLU D 1486 67.19 24.93 -29.91
C GLU D 1486 67.69 24.63 -28.50
N ASN D 1487 67.73 23.35 -28.11
CA ASN D 1487 68.11 22.95 -26.76
C ASN D 1487 69.42 22.16 -26.77
N SER D 1488 70.33 22.47 -27.68
CA SER D 1488 71.60 21.77 -27.74
C SER D 1488 72.35 21.95 -26.43
N THR D 1489 72.84 20.83 -25.87
CA THR D 1489 73.51 20.84 -24.59
C THR D 1489 75.01 21.04 -24.69
N SER D 1490 75.59 20.84 -25.88
CA SER D 1490 77.03 20.94 -26.07
C SER D 1490 77.43 22.24 -26.78
N LEU D 1491 76.50 23.18 -26.93
CA LEU D 1491 76.85 24.46 -27.56
C LEU D 1491 77.85 25.24 -26.71
N GLN D 1492 77.63 25.28 -25.39
CA GLN D 1492 78.50 26.07 -24.52
C GLN D 1492 79.93 25.56 -24.55
N THR D 1493 80.12 24.24 -24.54
CA THR D 1493 81.46 23.67 -24.58
C THR D 1493 82.10 23.79 -25.95
N HIS D 1494 81.32 24.03 -27.00
CA HIS D 1494 81.81 24.14 -28.36
C HIS D 1494 81.56 25.54 -28.92
N GLN D 1495 81.81 26.56 -28.10
CA GLN D 1495 81.67 27.93 -28.58
C GLN D 1495 82.70 28.23 -29.66
N THR D 1496 83.97 27.90 -29.42
CA THR D 1496 85.02 28.30 -30.35
C THR D 1496 84.66 27.89 -31.77
N ILE D 1497 84.30 26.63 -31.97
CA ILE D 1497 84.02 26.15 -33.32
C ILE D 1497 82.96 27.02 -33.98
N VAL D 1498 81.84 27.28 -33.29
CA VAL D 1498 80.79 28.05 -33.93
C VAL D 1498 81.32 29.45 -34.26
N VAL D 1499 82.08 30.04 -33.33
CA VAL D 1499 82.70 31.33 -33.63
C VAL D 1499 83.54 31.21 -34.90
N GLN D 1500 84.39 30.18 -34.96
CA GLN D 1500 85.16 29.97 -36.18
C GLN D 1500 84.26 29.92 -37.39
N LEU D 1501 83.18 29.14 -37.31
CA LEU D 1501 82.24 29.07 -38.43
C LEU D 1501 81.83 30.47 -38.85
N LEU D 1502 81.34 31.26 -37.89
CA LEU D 1502 80.94 32.62 -38.21
C LEU D 1502 82.07 33.35 -38.92
N GLN D 1503 83.27 33.34 -38.32
CA GLN D 1503 84.40 33.99 -38.98
C GLN D 1503 84.54 33.51 -40.40
N SER D 1504 84.59 32.20 -40.60
CA SER D 1504 84.72 31.67 -41.95
C SER D 1504 83.65 32.24 -42.85
N THR D 1505 82.38 32.17 -42.42
CA THR D 1505 81.31 32.67 -43.26
C THR D 1505 81.55 34.13 -43.60
N THR D 1506 81.92 34.94 -42.60
CA THR D 1506 82.19 36.35 -42.86
C THR D 1506 83.21 36.50 -43.97
N ARG D 1507 84.32 35.76 -43.87
CA ARG D 1507 85.35 35.87 -44.90
C ARG D 1507 84.79 35.45 -46.26
N LEU D 1508 83.98 34.39 -46.29
CA LEU D 1508 83.38 33.96 -47.54
C LEU D 1508 82.49 35.06 -48.12
N LEU D 1509 81.85 35.84 -47.25
CA LEU D 1509 81.01 36.93 -47.74
C LEU D 1509 81.85 38.12 -48.19
N GLU D 1510 83.09 38.21 -47.72
CA GLU D 1510 83.94 39.35 -48.08
C GLU D 1510 84.42 39.28 -49.52
N CYS D 1511 84.39 38.08 -50.13
CA CYS D 1511 84.87 37.95 -51.49
C CYS D 1511 83.92 38.66 -52.46
N PRO D 1512 84.45 39.20 -53.57
CA PRO D 1512 83.59 39.92 -54.51
C PRO D 1512 82.91 39.02 -55.53
N TRP D 1513 83.51 37.87 -55.83
CA TRP D 1513 82.99 36.98 -56.87
C TRP D 1513 81.65 36.36 -56.51
N LEU D 1514 81.22 36.44 -55.26
CA LEU D 1514 79.95 35.85 -54.86
C LEU D 1514 78.80 36.45 -55.67
N GLN D 1515 77.90 35.57 -56.12
CA GLN D 1515 76.76 36.01 -56.92
C GLN D 1515 75.64 36.52 -56.01
N GLN D 1516 74.65 37.15 -56.65
CA GLN D 1516 73.54 37.73 -55.89
C GLN D 1516 72.78 36.65 -55.11
N GLN D 1517 72.46 35.53 -55.77
CA GLN D 1517 71.79 34.44 -55.07
C GLN D 1517 72.69 33.86 -53.98
N HIS D 1518 73.98 33.67 -54.30
CA HIS D 1518 74.92 33.20 -53.30
C HIS D 1518 75.08 34.22 -52.18
N LYS D 1519 75.08 35.50 -52.52
CA LYS D 1519 75.15 36.55 -51.51
C LYS D 1519 73.97 36.45 -50.55
N GLY D 1520 72.76 36.29 -51.09
CA GLY D 1520 71.59 36.17 -50.24
C GLY D 1520 71.63 34.93 -49.37
N SER D 1521 72.05 33.80 -49.94
CA SER D 1521 72.13 32.58 -49.16
C SER D 1521 73.13 32.71 -48.02
N VAL D 1522 74.30 33.29 -48.31
CA VAL D 1522 75.32 33.47 -47.27
C VAL D 1522 74.81 34.44 -46.20
N GLU D 1523 74.12 35.50 -46.62
CA GLU D 1523 73.56 36.44 -45.66
C GLU D 1523 72.55 35.77 -44.74
N ALA D 1524 71.68 34.92 -45.32
CA ALA D 1524 70.71 34.21 -44.50
C ALA D 1524 71.39 33.27 -43.52
N CYS D 1525 72.43 32.55 -43.99
CA CYS D 1525 73.16 31.65 -43.10
C CYS D 1525 73.83 32.42 -41.97
N ILE D 1526 74.44 33.57 -42.28
CA ILE D 1526 75.08 34.37 -41.26
C ILE D 1526 74.05 34.88 -40.26
N ARG D 1527 72.89 35.30 -40.75
CA ARG D 1527 71.83 35.78 -39.86
C ARG D 1527 71.37 34.67 -38.92
N THR D 1528 71.19 33.46 -39.45
CA THR D 1528 70.79 32.34 -38.59
C THR D 1528 71.85 32.04 -37.56
N LEU D 1529 73.12 32.03 -37.96
CA LEU D 1529 74.20 31.76 -37.03
C LEU D 1529 74.24 32.82 -35.92
N ALA D 1530 74.10 34.08 -36.30
CA ALA D 1530 74.11 35.15 -35.30
C ALA D 1530 72.93 35.03 -34.35
N MET D 1531 71.74 34.72 -34.89
CA MET D 1531 70.57 34.57 -34.04
C MET D 1531 70.77 33.43 -33.04
N VAL D 1532 71.31 32.30 -33.50
CA VAL D 1532 71.62 31.22 -32.58
C VAL D 1532 72.82 31.57 -31.70
N ALA D 1533 73.64 32.52 -32.11
CA ALA D 1533 74.83 32.92 -31.37
C ALA D 1533 74.61 34.15 -30.51
N LYS D 1534 73.35 34.58 -30.35
CA LYS D 1534 73.08 35.76 -29.53
C LYS D 1534 73.62 35.57 -28.12
N GLY D 1535 73.06 34.61 -27.39
CA GLY D 1535 73.57 34.29 -26.07
C GLY D 1535 73.78 32.81 -25.84
N ARG D 1536 75.04 32.41 -25.67
CA ARG D 1536 75.41 31.07 -25.25
C ARG D 1536 76.60 31.12 -24.31
N ALA D 1537 76.60 32.09 -23.39
CA ALA D 1537 77.77 32.39 -22.57
C ALA D 1537 78.96 32.77 -23.42
N ILE D 1538 78.69 33.46 -24.54
CA ILE D 1538 79.71 33.82 -25.52
C ILE D 1538 79.53 35.28 -25.91
N LEU D 1539 80.58 35.85 -26.47
CA LEU D 1539 80.56 37.22 -26.96
C LEU D 1539 81.25 37.28 -28.31
N LEU D 1540 80.83 38.24 -29.13
CA LEU D 1540 81.41 38.40 -30.46
C LEU D 1540 82.72 39.17 -30.36
N PRO D 1541 83.84 38.61 -30.82
CA PRO D 1541 85.11 39.36 -30.79
C PRO D 1541 84.99 40.67 -31.56
N MET D 1542 85.64 41.71 -31.02
CA MET D 1542 85.52 43.04 -31.63
C MET D 1542 86.09 43.05 -33.04
N ASP D 1543 87.24 42.41 -33.27
CA ASP D 1543 87.77 42.34 -34.63
C ASP D 1543 86.80 41.62 -35.55
N LEU D 1544 86.20 40.52 -35.07
CA LEU D 1544 85.19 39.84 -35.87
C LEU D 1544 83.90 40.64 -35.93
N ASP D 1545 83.55 41.33 -34.84
CA ASP D 1545 82.31 42.08 -34.80
C ASP D 1545 82.35 43.31 -35.71
N ALA D 1546 83.54 43.75 -36.14
CA ALA D 1546 83.63 44.94 -36.97
C ALA D 1546 82.76 44.81 -38.21
N HIS D 1547 82.81 43.66 -38.88
CA HIS D 1547 81.99 43.43 -40.06
C HIS D 1547 80.61 42.88 -39.73
N ILE D 1548 80.46 42.22 -38.58
CA ILE D 1548 79.14 41.74 -38.18
C ILE D 1548 78.20 42.90 -37.93
N SER D 1549 78.73 44.01 -37.41
CA SER D 1549 77.90 45.20 -37.22
C SER D 1549 77.37 45.71 -38.56
N SER D 1550 78.23 45.77 -39.57
CA SER D 1550 77.78 46.20 -40.89
C SER D 1550 76.78 45.21 -41.49
N MET D 1551 77.01 43.91 -41.29
CA MET D 1551 76.07 42.91 -41.79
C MET D 1551 74.70 43.09 -41.13
N LEU D 1552 74.68 43.31 -39.81
CA LEU D 1552 73.42 43.53 -39.12
C LEU D 1552 72.74 44.81 -39.61
N SER D 1553 73.51 45.87 -39.83
CA SER D 1553 72.93 47.11 -40.34
C SER D 1553 72.31 46.88 -41.72
N SER D 1554 72.99 46.15 -42.59
CA SER D 1554 72.44 45.86 -43.92
C SER D 1554 71.18 45.02 -43.82
N GLY D 1555 71.20 44.00 -42.95
CA GLY D 1555 70.02 43.15 -42.80
C GLY D 1555 68.82 43.92 -42.27
N ALA D 1556 69.05 44.84 -41.34
CA ALA D 1556 67.95 45.64 -40.82
C ALA D 1556 67.31 46.49 -41.92
N SER D 1557 68.13 47.04 -42.80
CA SER D 1557 67.63 47.84 -43.91
C SER D 1557 66.70 47.01 -44.80
N TRP D 1586 51.54 35.33 -97.47
CA TRP D 1586 50.47 34.94 -96.56
C TRP D 1586 50.75 35.42 -95.15
N ASP D 1587 49.71 35.90 -94.47
CA ASP D 1587 49.84 36.40 -93.10
C ASP D 1587 49.69 35.23 -92.14
N TYR D 1588 50.82 34.66 -91.73
CA TYR D 1588 50.79 33.49 -90.86
C TYR D 1588 50.13 33.82 -89.53
N LYS D 1589 50.59 34.88 -88.87
CA LYS D 1589 50.02 35.25 -87.58
C LYS D 1589 48.55 35.66 -87.72
N ASN D 1590 48.24 36.44 -88.75
CA ASN D 1590 46.86 36.87 -88.96
C ASN D 1590 45.96 35.67 -89.25
N ILE D 1591 46.44 34.73 -90.08
CA ILE D 1591 45.65 33.55 -90.38
C ILE D 1591 45.39 32.74 -89.12
N ILE D 1592 46.42 32.55 -88.29
CA ILE D 1592 46.23 31.79 -87.06
C ILE D 1592 45.24 32.50 -86.14
N GLU D 1593 45.36 33.82 -86.02
CA GLU D 1593 44.46 34.56 -85.14
C GLU D 1593 43.01 34.45 -85.62
N LYS D 1594 42.79 34.58 -86.93
CA LYS D 1594 41.44 34.45 -87.47
C LYS D 1594 40.90 33.04 -87.26
N LEU D 1595 41.75 32.03 -87.44
CA LEU D 1595 41.31 30.66 -87.19
C LEU D 1595 40.91 30.46 -85.74
N GLN D 1596 41.70 31.01 -84.81
CA GLN D 1596 41.36 30.90 -83.40
C GLN D 1596 40.05 31.60 -83.09
N ASP D 1597 39.84 32.79 -83.65
CA ASP D 1597 38.59 33.51 -83.43
C ASP D 1597 37.40 32.72 -83.95
N ILE D 1598 37.54 32.13 -85.15
CA ILE D 1598 36.46 31.35 -85.71
C ILE D 1598 36.19 30.11 -84.86
N ILE D 1599 37.24 29.48 -84.35
CA ILE D 1599 37.07 28.32 -83.49
C ILE D 1599 36.29 28.70 -82.23
N THR D 1600 36.66 29.83 -81.63
CA THR D 1600 35.96 30.29 -80.43
C THR D 1600 34.50 30.59 -80.72
N ALA D 1601 34.23 31.26 -81.84
CA ALA D 1601 32.85 31.59 -82.19
C ALA D 1601 32.03 30.32 -82.42
N LEU D 1602 32.59 29.35 -83.14
CA LEU D 1602 31.86 28.11 -83.39
C LEU D 1602 31.62 27.35 -82.09
N GLU D 1603 32.62 27.33 -81.20
CA GLU D 1603 32.43 26.65 -79.91
C GLU D 1603 31.31 27.30 -79.12
N GLU D 1604 31.28 28.64 -79.10
CA GLU D 1604 30.21 29.33 -78.38
C GLU D 1604 28.85 29.07 -79.00
N ARG D 1605 28.78 29.02 -80.34
CA ARG D 1605 27.49 28.93 -81.01
C ARG D 1605 26.84 27.56 -80.81
N LEU D 1606 27.62 26.49 -80.88
CA LEU D 1606 27.08 25.14 -80.96
C LEU D 1606 26.78 24.50 -79.60
N LYS D 1607 27.05 25.20 -78.49
CA LYS D 1607 26.85 24.59 -77.18
C LYS D 1607 25.41 24.15 -76.95
N PRO D 1608 24.39 24.99 -77.16
CA PRO D 1608 23.01 24.50 -76.99
C PRO D 1608 22.66 23.35 -77.90
N LEU D 1609 23.17 23.37 -79.14
CA LEU D 1609 22.92 22.25 -80.05
C LEU D 1609 23.56 20.97 -79.54
N VAL D 1610 24.78 21.07 -79.00
CA VAL D 1610 25.43 19.91 -78.41
C VAL D 1610 24.60 19.36 -77.26
N GLN D 1611 24.11 20.26 -76.39
CA GLN D 1611 23.32 19.82 -75.25
C GLN D 1611 22.03 19.13 -75.70
N ALA D 1612 21.35 19.70 -76.70
CA ALA D 1612 20.12 19.08 -77.19
C ALA D 1612 20.39 17.72 -77.82
N GLU D 1613 21.46 17.62 -78.61
CA GLU D 1613 21.81 16.35 -79.24
C GLU D 1613 22.10 15.29 -78.18
N LEU D 1614 22.85 15.66 -77.13
CA LEU D 1614 23.10 14.71 -76.05
C LEU D 1614 21.82 14.33 -75.34
N SER D 1615 20.91 15.30 -75.15
CA SER D 1615 19.67 15.01 -74.46
C SER D 1615 18.81 14.01 -75.23
N VAL D 1616 18.83 14.10 -76.56
CA VAL D 1616 18.00 13.19 -77.37
C VAL D 1616 18.37 11.74 -77.09
N LEU D 1617 19.60 11.48 -76.67
CA LEU D 1617 19.99 10.11 -76.33
C LEU D 1617 19.19 9.59 -75.16
N VAL D 1618 18.88 10.45 -74.18
CA VAL D 1618 18.08 10.03 -73.04
C VAL D 1618 16.70 9.59 -73.50
N ASP D 1619 16.07 10.37 -74.39
CA ASP D 1619 14.78 9.99 -74.92
C ASP D 1619 14.85 8.68 -75.69
N VAL D 1620 15.91 8.51 -76.48
CA VAL D 1620 16.07 7.25 -77.23
C VAL D 1620 16.16 6.07 -76.27
N LEU D 1621 16.93 6.22 -75.19
CA LEU D 1621 17.06 5.14 -74.22
C LEU D 1621 15.76 4.91 -73.47
N HIS D 1622 14.93 5.95 -73.32
CA HIS D 1622 13.66 5.77 -72.61
C HIS D 1622 12.71 4.86 -73.37
N TRP D 1623 12.62 5.02 -74.69
CA TRP D 1623 11.67 4.29 -75.52
C TRP D 1623 12.39 3.65 -76.70
N PRO D 1624 13.29 2.70 -76.44
CA PRO D 1624 13.99 2.04 -77.54
C PRO D 1624 13.06 1.28 -78.48
N GLU D 1625 11.97 0.73 -77.95
CA GLU D 1625 11.08 -0.10 -78.77
C GLU D 1625 10.52 0.67 -79.96
N LEU D 1626 10.40 1.99 -79.84
CA LEU D 1626 9.87 2.79 -80.93
C LEU D 1626 10.76 2.74 -82.17
N LEU D 1627 12.03 2.39 -82.00
CA LEU D 1627 12.91 2.27 -83.16
C LEU D 1627 12.54 1.06 -84.01
N PHE D 1628 12.01 0.00 -83.40
CA PHE D 1628 11.65 -1.21 -84.11
C PHE D 1628 10.19 -1.16 -84.54
N LEU D 1629 9.73 -2.24 -85.17
CA LEU D 1629 8.35 -2.34 -85.65
C LEU D 1629 7.52 -3.11 -84.63
N GLU D 1630 6.31 -2.62 -84.38
CA GLU D 1630 5.44 -3.25 -83.39
C GLU D 1630 5.16 -4.70 -83.78
N GLY D 1631 5.16 -5.58 -82.77
CA GLY D 1631 4.93 -6.98 -82.98
C GLY D 1631 6.17 -7.81 -83.25
N SER D 1632 7.32 -7.17 -83.40
CA SER D 1632 8.56 -7.88 -83.67
C SER D 1632 9.18 -8.37 -82.36
N GLU D 1633 10.13 -9.30 -82.50
CA GLU D 1633 10.81 -9.81 -81.31
C GLU D 1633 11.62 -8.70 -80.62
N ALA D 1634 12.31 -7.88 -81.39
CA ALA D 1634 13.08 -6.79 -80.81
C ALA D 1634 12.16 -5.80 -80.11
N TYR D 1635 10.99 -5.54 -80.70
CA TYR D 1635 10.02 -4.66 -80.05
C TYR D 1635 9.59 -5.22 -78.70
N GLN D 1636 9.30 -6.52 -78.64
CA GLN D 1636 8.91 -7.13 -77.37
C GLN D 1636 10.04 -7.05 -76.35
N ARG D 1637 11.29 -7.29 -76.79
CA ARG D 1637 12.41 -7.22 -75.87
C ARG D 1637 12.58 -5.80 -75.33
N CYS D 1638 12.44 -4.79 -76.19
CA CYS D 1638 12.61 -3.41 -75.74
C CYS D 1638 11.49 -2.97 -74.81
N GLU D 1639 10.24 -3.32 -75.15
CA GLU D 1639 9.10 -2.81 -74.40
C GLU D 1639 9.13 -3.28 -72.95
N SER D 1640 9.47 -4.54 -72.72
CA SER D 1640 9.49 -5.11 -71.38
C SER D 1640 10.64 -4.59 -70.53
N GLY D 1641 11.43 -3.63 -71.00
CA GLY D 1641 12.58 -3.17 -70.24
C GLY D 1641 13.80 -4.04 -70.36
N GLY D 1642 13.78 -5.02 -71.26
CA GLY D 1642 14.94 -5.89 -71.40
C GLY D 1642 16.19 -5.15 -71.82
N PHE D 1643 16.04 -4.12 -72.65
CA PHE D 1643 17.20 -3.36 -73.10
C PHE D 1643 17.91 -2.69 -71.92
N LEU D 1644 17.14 -2.05 -71.03
CA LEU D 1644 17.75 -1.36 -69.90
C LEU D 1644 18.38 -2.35 -68.93
N SER D 1645 17.72 -3.49 -68.69
CA SER D 1645 18.31 -4.49 -67.80
C SER D 1645 19.61 -5.05 -68.37
N LYS D 1646 19.64 -5.31 -69.68
CA LYS D 1646 20.86 -5.79 -70.31
C LYS D 1646 21.95 -4.73 -70.24
N LEU D 1647 21.59 -3.46 -70.44
CA LEU D 1647 22.57 -2.39 -70.34
C LEU D 1647 23.15 -2.31 -68.93
N ILE D 1648 22.31 -2.44 -67.90
CA ILE D 1648 22.79 -2.40 -66.53
C ILE D 1648 23.70 -3.58 -66.23
N GLN D 1649 23.32 -4.77 -66.69
CA GLN D 1649 24.15 -5.94 -66.48
C GLN D 1649 25.51 -5.78 -67.15
N HIS D 1650 25.52 -5.28 -68.38
CA HIS D 1650 26.77 -5.07 -69.10
C HIS D 1650 27.61 -4.01 -68.39
N THR D 1651 26.98 -2.95 -67.89
CA THR D 1651 27.70 -1.93 -67.15
C THR D 1651 28.38 -2.55 -65.92
N LYS D 1652 27.67 -3.42 -65.21
CA LYS D 1652 28.30 -4.13 -64.10
C LYS D 1652 29.47 -4.96 -64.59
N ASP D 1653 29.32 -5.62 -65.73
CA ASP D 1653 30.38 -6.50 -66.24
C ASP D 1653 31.61 -5.71 -66.65
N LEU D 1654 31.42 -4.55 -67.28
CA LEU D 1654 32.52 -3.80 -67.87
C LEU D 1654 33.23 -2.87 -66.89
N MET D 1655 33.00 -3.03 -65.59
CA MET D 1655 33.60 -2.12 -64.62
C MET D 1655 35.12 -2.16 -64.72
N GLU D 1656 35.69 -3.35 -64.87
CA GLU D 1656 37.14 -3.50 -64.97
C GLU D 1656 37.64 -3.43 -66.41
N SER D 1657 36.84 -3.86 -67.38
CA SER D 1657 37.30 -3.89 -68.76
C SER D 1657 37.47 -2.47 -69.32
N GLU D 1658 36.47 -1.62 -69.14
CA GLU D 1658 36.49 -0.26 -69.67
C GLU D 1658 35.90 0.67 -68.62
N GLU D 1659 36.75 1.37 -67.87
CA GLU D 1659 36.28 2.31 -66.87
C GLU D 1659 35.57 3.49 -67.52
N LYS D 1660 36.09 3.98 -68.65
CA LYS D 1660 35.49 5.12 -69.31
C LYS D 1660 34.06 4.83 -69.75
N LEU D 1661 33.83 3.65 -70.32
CA LEU D 1661 32.49 3.28 -70.73
C LEU D 1661 31.55 3.17 -69.53
N CYS D 1662 32.05 2.61 -68.43
CA CYS D 1662 31.24 2.54 -67.21
C CYS D 1662 30.85 3.93 -66.74
N ILE D 1663 31.80 4.87 -66.73
CA ILE D 1663 31.51 6.23 -66.30
C ILE D 1663 30.47 6.86 -67.24
N LYS D 1664 30.64 6.65 -68.54
CA LYS D 1664 29.70 7.22 -69.50
C LYS D 1664 28.30 6.69 -69.28
N VAL D 1665 28.17 5.38 -69.05
CA VAL D 1665 26.84 4.79 -68.86
C VAL D 1665 26.22 5.26 -67.55
N LEU D 1666 27.04 5.38 -66.49
CA LEU D 1666 26.51 5.89 -65.23
C LEU D 1666 26.02 7.33 -65.37
N ARG D 1667 26.79 8.16 -66.09
CA ARG D 1667 26.36 9.54 -66.33
C ARG D 1667 25.08 9.56 -67.16
N THR D 1668 24.97 8.68 -68.15
CA THR D 1668 23.75 8.62 -68.95
C THR D 1668 22.55 8.24 -68.11
N LEU D 1669 22.72 7.28 -67.20
CA LEU D 1669 21.62 6.91 -66.30
C LEU D 1669 21.23 8.07 -65.42
N GLN D 1670 22.23 8.77 -64.86
CA GLN D 1670 21.93 9.93 -64.01
C GLN D 1670 21.15 10.98 -64.79
N GLN D 1671 21.56 11.24 -66.04
CA GLN D 1671 20.81 12.17 -66.88
C GLN D 1671 19.39 11.68 -67.13
N MET D 1672 19.24 10.36 -67.34
CA MET D 1672 17.91 9.79 -67.52
C MET D 1672 17.04 10.04 -66.30
N LEU D 1673 17.63 10.09 -65.11
CA LEU D 1673 16.88 10.29 -63.88
C LEU D 1673 16.66 11.77 -63.55
N LEU D 1674 17.13 12.69 -64.39
CA LEU D 1674 17.04 14.11 -64.12
C LEU D 1674 15.80 14.72 -64.76
N LYS D 1675 15.45 15.93 -64.31
CA LYS D 1675 14.31 16.65 -64.86
C LYS D 1675 14.65 17.23 -66.22
N LYS D 1676 13.61 17.45 -67.03
CA LYS D 1676 13.81 18.02 -68.35
C LYS D 1676 14.29 19.46 -68.26
N THR D 1677 15.04 19.88 -69.27
CA THR D 1677 15.63 21.22 -69.33
C THR D 1677 15.42 21.81 -70.72
N LYS D 1678 15.43 23.14 -70.78
CA LYS D 1678 15.30 23.86 -72.03
C LYS D 1678 16.67 24.34 -72.49
N TYR D 1679 16.91 24.25 -73.81
CA TYR D 1679 18.19 24.58 -74.41
C TYR D 1679 18.07 25.72 -75.40
N GLY D 1680 17.11 26.63 -75.19
CA GLY D 1680 16.90 27.73 -76.09
C GLY D 1680 16.05 27.34 -77.29
N ASP D 1681 15.74 28.34 -78.12
CA ASP D 1681 14.91 28.10 -79.29
C ASP D 1681 15.58 27.14 -80.26
N ARG D 1682 16.85 27.39 -80.58
CA ARG D 1682 17.56 26.52 -81.51
C ARG D 1682 17.71 25.12 -80.95
N GLY D 1683 18.03 25.01 -79.66
CA GLY D 1683 18.15 23.69 -79.05
C GLY D 1683 16.85 22.92 -79.07
N ASN D 1684 15.75 23.60 -78.74
CA ASN D 1684 14.45 22.93 -78.78
C ASN D 1684 14.09 22.50 -80.19
N GLN D 1685 14.37 23.35 -81.19
CA GLN D 1685 14.08 22.98 -82.57
C GLN D 1685 14.88 21.75 -82.98
N LEU D 1686 16.18 21.73 -82.66
CA LEU D 1686 17.00 20.59 -83.00
C LEU D 1686 16.52 19.33 -82.29
N ARG D 1687 16.18 19.44 -81.00
CA ARG D 1687 15.70 18.28 -80.26
C ARG D 1687 14.40 17.74 -80.85
N LYS D 1688 13.47 18.63 -81.20
CA LYS D 1688 12.22 18.19 -81.78
C LYS D 1688 12.45 17.53 -83.13
N MET D 1689 13.33 18.09 -83.96
CA MET D 1689 13.61 17.49 -85.26
C MET D 1689 14.21 16.10 -85.09
N LEU D 1690 15.18 15.96 -84.18
CA LEU D 1690 15.80 14.66 -83.96
C LEU D 1690 14.80 13.65 -83.43
N LEU D 1691 13.94 14.06 -82.48
CA LEU D 1691 12.95 13.14 -81.95
C LEU D 1691 11.97 12.70 -83.03
N GLN D 1692 11.55 13.63 -83.89
CA GLN D 1692 10.66 13.26 -84.98
C GLN D 1692 11.35 12.29 -85.93
N ASN D 1693 12.63 12.54 -86.24
CA ASN D 1693 13.35 11.67 -87.16
C ASN D 1693 13.49 10.26 -86.60
N TYR D 1694 13.86 10.14 -85.33
CA TYR D 1694 14.10 8.82 -84.74
C TYR D 1694 12.79 8.17 -84.29
N LEU D 1695 12.08 8.82 -83.36
CA LEU D 1695 10.77 8.35 -82.92
C LEU D 1695 9.73 9.04 -83.79
N GLN D 1696 9.07 8.27 -84.67
CA GLN D 1696 8.24 8.86 -85.71
C GLN D 1696 7.15 9.74 -85.11
N ASN D 1697 6.18 9.14 -84.41
CA ASN D 1697 5.16 9.90 -83.72
C ASN D 1697 4.76 9.30 -82.38
N ARG D 1698 5.40 8.22 -81.94
CA ARG D 1698 5.00 7.56 -80.70
C ARG D 1698 5.66 8.20 -79.49
N TRP D 1718 7.17 15.65 -60.32
CA TRP D 1718 7.91 14.65 -59.55
C TRP D 1718 7.37 13.25 -59.82
N SER D 1719 6.13 13.17 -60.32
CA SER D 1719 5.55 11.86 -60.63
C SER D 1719 6.35 11.15 -61.72
N ALA D 1720 6.73 11.89 -62.76
CA ALA D 1720 7.55 11.30 -63.82
C ALA D 1720 8.89 10.83 -63.29
N ILE D 1721 9.52 11.64 -62.43
CA ILE D 1721 10.80 11.27 -61.85
C ILE D 1721 10.65 10.02 -61.00
N ALA D 1722 9.58 9.95 -60.20
CA ALA D 1722 9.35 8.77 -59.38
C ALA D 1722 9.13 7.52 -60.24
N ALA D 1723 8.36 7.67 -61.32
CA ALA D 1723 8.14 6.53 -62.21
C ALA D 1723 9.44 6.06 -62.85
N THR D 1724 10.28 7.01 -63.28
CA THR D 1724 11.56 6.65 -63.88
C THR D 1724 12.45 5.96 -62.85
N GLN D 1725 12.47 6.46 -61.62
CA GLN D 1725 13.26 5.82 -60.57
C GLN D 1725 12.79 4.40 -60.31
N CYS D 1726 11.47 4.20 -60.24
CA CYS D 1726 10.93 2.86 -60.02
C CYS D 1726 11.29 1.94 -61.17
N ARG D 1727 11.20 2.44 -62.40
CA ARG D 1727 11.54 1.61 -63.56
C ARG D 1727 13.02 1.21 -63.53
N LEU D 1728 13.90 2.17 -63.23
CA LEU D 1728 15.33 1.85 -63.17
C LEU D 1728 15.62 0.87 -62.05
N ASP D 1729 14.96 1.02 -60.90
CA ASP D 1729 15.13 0.06 -59.82
C ASP D 1729 14.67 -1.32 -60.24
N LYS D 1730 13.55 -1.39 -60.97
CA LYS D 1730 13.08 -2.68 -61.48
C LYS D 1730 14.11 -3.31 -62.41
N GLU D 1731 14.73 -2.50 -63.27
CA GLU D 1731 15.76 -3.02 -64.17
C GLU D 1731 17.04 -3.38 -63.43
N GLY D 1732 17.20 -2.99 -62.17
CA GLY D 1732 18.34 -3.41 -61.38
C GLY D 1732 19.38 -2.32 -61.16
N ALA D 1733 18.94 -1.06 -61.18
CA ALA D 1733 19.89 0.04 -60.96
C ALA D 1733 20.44 0.01 -59.54
N THR D 1734 19.58 -0.27 -58.55
CA THR D 1734 20.03 -0.27 -57.16
C THR D 1734 21.09 -1.34 -56.92
N LYS D 1735 20.87 -2.55 -57.45
CA LYS D 1735 21.86 -3.61 -57.30
C LYS D 1735 23.17 -3.23 -57.98
N LEU D 1736 23.09 -2.62 -59.16
CA LEU D 1736 24.30 -2.17 -59.84
C LEU D 1736 25.05 -1.17 -58.99
N VAL D 1737 24.34 -0.20 -58.41
CA VAL D 1737 24.99 0.82 -57.58
C VAL D 1737 25.68 0.17 -56.38
N CYS D 1738 24.97 -0.75 -55.72
CA CYS D 1738 25.56 -1.42 -54.55
C CYS D 1738 26.80 -2.20 -54.95
N ASP D 1739 26.73 -2.95 -56.05
CA ASP D 1739 27.87 -3.74 -56.49
C ASP D 1739 29.06 -2.85 -56.84
N LEU D 1740 28.81 -1.75 -57.56
CA LEU D 1740 29.90 -0.86 -57.93
C LEU D 1740 30.54 -0.23 -56.69
N ILE D 1741 29.71 0.20 -55.73
CA ILE D 1741 30.27 0.80 -54.52
C ILE D 1741 31.09 -0.22 -53.76
N THR D 1742 30.61 -1.46 -53.67
CA THR D 1742 31.31 -2.48 -52.90
C THR D 1742 32.63 -2.89 -53.55
N SER D 1743 32.64 -2.99 -54.88
CA SER D 1743 33.77 -3.60 -55.59
C SER D 1743 34.70 -2.62 -56.28
N THR D 1744 34.20 -1.47 -56.72
CA THR D 1744 35.01 -0.59 -57.54
C THR D 1744 36.20 -0.05 -56.74
N LYS D 1745 37.36 0.04 -57.41
CA LYS D 1745 38.55 0.67 -56.87
C LYS D 1745 38.86 1.99 -57.56
N ASN D 1746 37.99 2.44 -58.46
CA ASN D 1746 38.20 3.68 -59.20
C ASN D 1746 37.39 4.80 -58.55
N GLU D 1747 38.06 5.93 -58.29
CA GLU D 1747 37.39 7.04 -57.62
C GLU D 1747 36.24 7.58 -58.45
N LYS D 1748 36.44 7.73 -59.76
CA LYS D 1748 35.38 8.26 -60.62
C LYS D 1748 34.17 7.34 -60.63
N ILE D 1749 34.40 6.03 -60.69
CA ILE D 1749 33.29 5.08 -60.70
C ILE D 1749 32.52 5.16 -59.38
N PHE D 1750 33.24 5.28 -58.26
CA PHE D 1750 32.58 5.41 -56.97
C PHE D 1750 31.75 6.68 -56.91
N GLN D 1751 32.30 7.80 -57.40
CA GLN D 1751 31.54 9.04 -57.41
C GLN D 1751 30.30 8.92 -58.26
N GLU D 1752 30.41 8.31 -59.44
CA GLU D 1752 29.24 8.15 -60.30
C GLU D 1752 28.20 7.23 -59.66
N SER D 1753 28.65 6.17 -58.99
CA SER D 1753 27.72 5.29 -58.31
C SER D 1753 26.96 6.01 -57.21
N ILE D 1754 27.67 6.84 -56.43
CA ILE D 1754 27.01 7.60 -55.38
C ILE D 1754 26.04 8.59 -55.98
N GLY D 1755 26.42 9.24 -57.08
CA GLY D 1755 25.51 10.17 -57.74
C GLY D 1755 24.26 9.48 -58.26
N LEU D 1756 24.43 8.29 -58.84
CA LEU D 1756 23.28 7.53 -59.32
C LEU D 1756 22.38 7.12 -58.16
N ALA D 1757 22.97 6.74 -57.02
CA ALA D 1757 22.18 6.43 -55.84
C ALA D 1757 21.37 7.64 -55.39
N ILE D 1758 22.01 8.81 -55.37
CA ILE D 1758 21.31 10.03 -54.97
C ILE D 1758 20.16 10.31 -55.92
N HIS D 1759 20.41 10.19 -57.22
CA HIS D 1759 19.36 10.46 -58.21
C HIS D 1759 18.20 9.48 -58.07
N LEU D 1760 18.51 8.20 -57.82
CA LEU D 1760 17.45 7.22 -57.61
C LEU D 1760 16.64 7.52 -56.37
N LEU D 1761 17.30 7.92 -55.28
CA LEU D 1761 16.64 8.20 -54.02
C LEU D 1761 16.13 9.63 -53.90
N ASP D 1762 16.40 10.47 -54.89
CA ASP D 1762 16.02 11.88 -54.79
C ASP D 1762 14.52 12.02 -54.59
N GLY D 1763 14.14 12.97 -53.74
CA GLY D 1763 12.74 13.20 -53.43
C GLY D 1763 12.16 12.29 -52.37
N GLY D 1764 12.95 11.38 -51.82
CA GLY D 1764 12.46 10.47 -50.79
C GLY D 1764 11.53 9.42 -51.35
N ASN D 1765 12.04 8.56 -52.21
CA ASN D 1765 11.24 7.50 -52.81
C ASN D 1765 11.18 6.30 -51.86
N THR D 1766 9.98 5.97 -51.40
CA THR D 1766 9.83 4.86 -50.46
C THR D 1766 10.22 3.54 -51.08
N GLU D 1767 9.86 3.33 -52.35
CA GLU D 1767 10.19 2.07 -53.01
C GLU D 1767 11.70 1.88 -53.13
N ILE D 1768 12.43 2.94 -53.47
CA ILE D 1768 13.87 2.84 -53.58
C ILE D 1768 14.49 2.55 -52.22
N GLN D 1769 13.97 3.19 -51.17
CA GLN D 1769 14.48 2.92 -49.82
C GLN D 1769 14.24 1.47 -49.44
N LYS D 1770 13.05 0.94 -49.76
CA LYS D 1770 12.75 -0.45 -49.45
C LYS D 1770 13.68 -1.39 -50.22
N SER D 1771 13.94 -1.08 -51.49
CA SER D 1771 14.86 -1.91 -52.27
C SER D 1771 16.27 -1.87 -51.67
N PHE D 1772 16.73 -0.69 -51.27
CA PHE D 1772 18.05 -0.58 -50.64
C PHE D 1772 18.10 -1.40 -49.36
N HIS D 1773 17.07 -1.31 -48.53
CA HIS D 1773 17.05 -2.07 -47.28
C HIS D 1773 17.04 -3.57 -47.55
N ASN D 1774 16.25 -4.01 -48.53
CA ASN D 1774 16.20 -5.43 -48.85
C ASN D 1774 17.56 -5.92 -49.34
N LEU D 1775 18.22 -5.14 -50.19
CA LEU D 1775 19.55 -5.52 -50.65
C LEU D 1775 20.54 -5.57 -49.49
N MET D 1776 20.48 -4.59 -48.58
CA MET D 1776 21.40 -4.57 -47.45
C MET D 1776 21.17 -5.76 -46.53
N MET D 1777 19.92 -6.18 -46.35
CA MET D 1777 19.62 -7.27 -45.44
C MET D 1777 19.91 -8.62 -46.07
N SER D 1778 19.23 -8.94 -47.18
CA SER D 1778 19.35 -10.26 -47.78
C SER D 1778 20.77 -10.51 -48.29
N ASP D 1779 21.36 -9.54 -48.96
CA ASP D 1779 22.67 -9.73 -49.56
C ASP D 1779 23.73 -9.97 -48.50
N LYS D 1780 24.70 -10.81 -48.83
CA LYS D 1780 25.77 -11.17 -47.91
C LYS D 1780 26.94 -10.18 -47.92
N LYS D 1781 26.96 -9.24 -48.85
CA LYS D 1781 28.05 -8.28 -48.97
C LYS D 1781 27.70 -6.92 -48.41
N SER D 1782 26.58 -6.79 -47.70
CA SER D 1782 26.26 -5.52 -47.05
C SER D 1782 27.34 -5.14 -46.05
N GLU D 1783 27.98 -6.13 -45.42
CA GLU D 1783 29.07 -5.85 -44.51
C GLU D 1783 30.18 -5.08 -45.22
N ARG D 1784 30.54 -5.51 -46.44
CA ARG D 1784 31.57 -4.81 -47.20
C ARG D 1784 31.11 -3.40 -47.58
N PHE D 1785 29.83 -3.25 -47.93
CA PHE D 1785 29.31 -1.93 -48.25
C PHE D 1785 29.48 -0.96 -47.08
N PHE D 1786 29.03 -1.38 -45.90
CA PHE D 1786 29.14 -0.51 -44.73
C PHE D 1786 30.59 -0.31 -44.32
N LYS D 1787 31.44 -1.33 -44.49
CA LYS D 1787 32.87 -1.15 -44.20
C LYS D 1787 33.49 -0.11 -45.11
N VAL D 1788 33.14 -0.14 -46.40
CA VAL D 1788 33.68 0.85 -47.33
C VAL D 1788 33.23 2.24 -46.93
N LEU D 1789 31.93 2.40 -46.61
CA LEU D 1789 31.44 3.71 -46.21
C LEU D 1789 32.15 4.20 -44.95
N HIS D 1790 32.31 3.32 -43.96
CA HIS D 1790 32.97 3.70 -42.72
C HIS D 1790 34.43 4.07 -42.95
N ASP D 1791 35.13 3.32 -43.81
CA ASP D 1791 36.53 3.63 -44.09
C ASP D 1791 36.66 4.99 -44.77
N ARG D 1792 35.77 5.29 -45.71
CA ARG D 1792 35.82 6.60 -46.35
C ARG D 1792 35.53 7.71 -45.35
N MET D 1793 34.56 7.49 -44.46
CA MET D 1793 34.27 8.49 -43.42
C MET D 1793 35.50 8.73 -42.55
N LYS D 1794 36.16 7.66 -42.13
CA LYS D 1794 37.34 7.80 -41.27
C LYS D 1794 38.47 8.50 -42.01
N ARG D 1795 38.67 8.17 -43.29
CA ARG D 1795 39.70 8.85 -44.06
C ARG D 1795 39.42 10.34 -44.19
N ALA D 1796 38.16 10.69 -44.43
CA ALA D 1796 37.79 12.11 -44.49
C ALA D 1796 38.05 12.79 -43.16
N GLN D 1797 37.71 12.12 -42.05
CA GLN D 1797 37.96 12.71 -40.73
C GLN D 1797 39.44 12.93 -40.50
N GLN D 1798 40.27 11.95 -40.86
CA GLN D 1798 41.71 12.09 -40.67
C GLN D 1798 42.28 13.20 -41.52
N GLU D 1799 41.84 13.30 -42.78
CA GLU D 1799 42.32 14.37 -43.64
C GLU D 1799 41.92 15.74 -43.10
N THR D 1800 40.67 15.87 -42.62
CA THR D 1800 40.23 17.13 -42.05
C THR D 1800 41.03 17.49 -40.82
N LYS D 1801 41.31 16.50 -39.96
CA LYS D 1801 42.11 16.77 -38.76
C LYS D 1801 43.52 17.22 -39.14
N SER D 1802 44.13 16.56 -40.13
CA SER D 1802 45.46 16.96 -40.56
C SER D 1802 45.45 18.38 -41.12
N THR D 1803 44.45 18.71 -41.94
CA THR D 1803 44.36 20.06 -42.49
C THR D 1803 44.19 21.10 -41.39
N VAL D 1804 43.34 20.79 -40.40
CA VAL D 1804 43.14 21.72 -39.29
C VAL D 1804 44.43 21.92 -38.52
N ALA D 1805 45.16 20.83 -38.26
CA ALA D 1805 46.43 20.93 -37.56
C ALA D 1805 47.43 21.79 -38.34
N VAL D 1806 47.47 21.60 -39.67
CA VAL D 1806 48.38 22.39 -40.50
C VAL D 1806 48.02 23.87 -40.40
N ASN D 1807 46.74 24.20 -40.48
CA ASN D 1807 46.30 25.58 -40.38
C ASN D 1807 46.07 25.99 -38.94
N MET D 1863 39.86 21.10 -51.28
CA MET D 1863 40.32 20.84 -49.93
C MET D 1863 40.50 19.35 -49.70
N GLY D 1864 40.89 18.64 -50.75
CA GLY D 1864 41.09 17.20 -50.66
C GLY D 1864 39.91 16.41 -51.17
N THR D 1865 40.17 15.45 -52.07
CA THR D 1865 39.08 14.65 -52.62
C THR D 1865 38.39 13.83 -51.54
N SER D 1866 39.15 13.32 -50.57
CA SER D 1866 38.57 12.51 -49.51
C SER D 1866 37.59 13.31 -48.68
N VAL D 1867 37.76 14.63 -48.60
CA VAL D 1867 36.83 15.48 -47.89
C VAL D 1867 35.69 15.96 -48.79
N LEU D 1868 35.98 16.19 -50.07
CA LEU D 1868 34.92 16.61 -50.99
C LEU D 1868 33.90 15.49 -51.20
N ILE D 1869 34.35 14.23 -51.14
CA ILE D 1869 33.43 13.12 -51.32
C ILE D 1869 32.43 12.97 -50.19
N MET D 1870 32.65 13.68 -49.07
CA MET D 1870 31.73 13.54 -47.93
C MET D 1870 30.37 14.12 -48.26
N GLN D 1871 30.31 15.20 -49.04
CA GLN D 1871 29.02 15.81 -49.38
C GLN D 1871 28.09 14.82 -50.07
N PRO D 1872 28.49 14.16 -51.17
CA PRO D 1872 27.58 13.17 -51.76
C PRO D 1872 27.24 12.02 -50.83
N ILE D 1873 28.19 11.57 -50.01
CA ILE D 1873 27.92 10.46 -49.10
C ILE D 1873 26.91 10.88 -48.04
N LEU D 1874 27.09 12.07 -47.47
CA LEU D 1874 26.13 12.56 -46.48
C LEU D 1874 24.75 12.75 -47.10
N ARG D 1875 24.71 13.27 -48.35
CA ARG D 1875 23.43 13.43 -49.02
C ARG D 1875 22.75 12.08 -49.24
N PHE D 1876 23.51 11.07 -49.65
CA PHE D 1876 22.96 9.74 -49.85
C PHE D 1876 22.42 9.16 -48.55
N LEU D 1877 23.18 9.31 -47.46
CA LEU D 1877 22.72 8.81 -46.17
C LEU D 1877 21.46 9.52 -45.71
N GLN D 1878 21.40 10.84 -45.93
CA GLN D 1878 20.19 11.58 -45.58
C GLN D 1878 19.00 11.11 -46.41
N LEU D 1879 19.21 10.87 -47.70
CA LEU D 1879 18.12 10.41 -48.57
C LEU D 1879 17.66 9.01 -48.19
N LEU D 1880 18.55 8.19 -47.64
CA LEU D 1880 18.14 6.87 -47.17
C LEU D 1880 17.11 6.98 -46.05
N CYS D 1881 17.29 7.94 -45.14
CA CYS D 1881 16.44 8.10 -43.97
C CYS D 1881 15.33 9.13 -44.19
N GLU D 1882 15.18 9.64 -45.40
CA GLU D 1882 14.19 10.69 -45.65
C GLU D 1882 12.78 10.17 -45.38
N ASN D 1883 11.91 11.09 -44.97
CA ASN D 1883 10.52 10.79 -44.63
C ASN D 1883 10.43 9.92 -43.37
N HIS D 1884 11.44 10.00 -42.51
CA HIS D 1884 11.44 9.27 -41.24
C HIS D 1884 11.26 7.77 -41.45
N ASN D 1885 12.16 7.19 -42.23
CA ASN D 1885 12.16 5.75 -42.48
C ASN D 1885 12.82 5.07 -41.29
N ARG D 1886 11.99 4.48 -40.42
CA ARG D 1886 12.51 3.91 -39.17
C ARG D 1886 13.48 2.77 -39.45
N ASP D 1887 13.15 1.90 -40.43
CA ASP D 1887 14.02 0.77 -40.71
C ASP D 1887 15.41 1.23 -41.13
N LEU D 1888 15.48 2.17 -42.07
CA LEU D 1888 16.78 2.68 -42.50
C LEU D 1888 17.46 3.45 -41.39
N GLN D 1889 16.70 4.21 -40.60
CA GLN D 1889 17.30 4.97 -39.51
C GLN D 1889 17.98 4.06 -38.51
N ASN D 1890 17.34 2.94 -38.17
CA ASN D 1890 17.93 2.00 -37.22
C ASN D 1890 19.06 1.21 -37.86
N PHE D 1891 18.92 0.87 -39.15
CA PHE D 1891 19.95 0.06 -39.81
C PHE D 1891 21.27 0.80 -39.90
N LEU D 1892 21.23 2.11 -40.18
CA LEU D 1892 22.47 2.87 -40.30
C LEU D 1892 23.25 2.91 -38.99
N ARG D 1893 22.59 2.65 -37.86
CA ARG D 1893 23.27 2.57 -36.57
C ARG D 1893 23.77 1.16 -36.29
N CYS D 1894 22.92 0.15 -36.50
CA CYS D 1894 23.28 -1.24 -36.30
C CYS D 1894 22.77 -2.06 -37.47
N GLN D 1895 23.66 -2.86 -38.07
CA GLN D 1895 23.33 -3.66 -39.24
C GLN D 1895 23.12 -5.14 -38.91
N ASN D 1896 23.31 -5.55 -37.66
CA ASN D 1896 23.12 -6.93 -37.23
C ASN D 1896 24.07 -7.90 -37.93
N ASN D 1897 25.16 -7.39 -38.50
CA ASN D 1897 26.17 -8.24 -39.11
C ASN D 1897 27.21 -8.65 -38.08
N LYS D 1898 28.24 -9.39 -38.54
CA LYS D 1898 29.30 -9.80 -37.63
C LYS D 1898 30.01 -8.59 -37.03
N THR D 1899 30.34 -7.61 -37.86
CA THR D 1899 30.88 -6.33 -37.41
C THR D 1899 29.94 -5.23 -37.86
N ASN D 1900 29.58 -4.36 -36.93
CA ASN D 1900 28.61 -3.30 -37.19
C ASN D 1900 29.32 -1.95 -37.23
N TYR D 1901 28.97 -1.14 -38.22
CA TYR D 1901 29.51 0.20 -38.39
C TYR D 1901 28.39 1.21 -38.13
N ASN D 1902 28.58 2.03 -37.10
CA ASN D 1902 27.59 3.04 -36.71
C ASN D 1902 27.88 4.31 -37.50
N LEU D 1903 27.11 4.56 -38.55
CA LEU D 1903 27.32 5.73 -39.39
C LEU D 1903 26.85 7.02 -38.72
N VAL D 1904 25.88 6.93 -37.80
CA VAL D 1904 25.43 8.11 -37.07
C VAL D 1904 26.57 8.66 -36.20
N CYS D 1905 27.23 7.76 -35.47
CA CYS D 1905 28.36 8.17 -34.65
C CYS D 1905 29.48 8.75 -35.49
N GLU D 1906 29.75 8.15 -36.65
CA GLU D 1906 30.80 8.67 -37.53
C GLU D 1906 30.43 10.05 -38.07
N THR D 1907 29.15 10.26 -38.40
CA THR D 1907 28.73 11.58 -38.86
C THR D 1907 28.91 12.62 -37.76
N LEU D 1908 28.55 12.27 -36.51
CA LEU D 1908 28.75 13.20 -35.42
C LEU D 1908 30.23 13.48 -35.20
N GLN D 1909 31.08 12.45 -35.32
CA GLN D 1909 32.52 12.65 -35.17
C GLN D 1909 33.06 13.57 -36.28
N PHE D 1910 32.58 13.38 -37.51
CA PHE D 1910 33.01 14.25 -38.60
C PHE D 1910 32.60 15.70 -38.33
N LEU D 1911 31.38 15.91 -37.85
CA LEU D 1911 30.95 17.27 -37.50
C LEU D 1911 31.85 17.85 -36.41
N ASP D 1912 32.16 17.06 -35.39
CA ASP D 1912 32.99 17.55 -34.30
C ASP D 1912 34.39 17.93 -34.79
N ILE D 1913 35.00 17.08 -35.63
CA ILE D 1913 36.34 17.35 -36.11
C ILE D 1913 36.35 18.55 -37.05
N MET D 1914 35.32 18.68 -37.88
CA MET D 1914 35.27 19.79 -38.82
C MET D 1914 35.24 21.13 -38.09
N CYS D 1915 34.49 21.21 -36.99
CA CYS D 1915 34.31 22.45 -36.26
C CYS D 1915 35.44 22.75 -35.28
N GLY D 1916 36.43 21.87 -35.17
CA GLY D 1916 37.57 22.10 -34.31
C GLY D 1916 37.53 21.40 -32.97
N SER D 1917 36.50 20.60 -32.70
CA SER D 1917 36.42 19.84 -31.46
C SER D 1917 36.24 20.79 -30.27
N THR D 1918 36.86 20.48 -29.13
CA THR D 1918 36.65 21.26 -27.92
C THR D 1918 37.08 22.70 -28.12
N THR D 1919 38.17 22.93 -28.85
CA THR D 1919 38.64 24.29 -29.08
C THR D 1919 37.58 25.12 -29.79
N GLY D 1920 36.93 24.54 -30.80
CA GLY D 1920 35.84 25.25 -31.46
C GLY D 1920 34.70 25.56 -30.52
N GLY D 1921 34.35 24.60 -29.66
CA GLY D 1921 33.29 24.83 -28.70
C GLY D 1921 33.61 25.94 -27.72
N LEU D 1922 34.88 26.09 -27.34
CA LEU D 1922 35.26 27.12 -26.39
C LEU D 1922 34.92 28.51 -26.90
N GLY D 1923 34.87 28.69 -28.22
CA GLY D 1923 34.55 29.99 -28.80
C GLY D 1923 35.36 30.31 -30.04
N LEU D 1924 36.28 29.43 -30.40
CA LEU D 1924 37.10 29.59 -31.59
C LEU D 1924 36.44 28.99 -32.84
N LEU D 1925 35.12 28.82 -32.83
CA LEU D 1925 34.44 28.18 -33.94
C LEU D 1925 34.59 28.98 -35.22
N GLY D 1926 34.73 30.30 -35.12
CA GLY D 1926 34.76 31.13 -36.31
C GLY D 1926 35.91 30.80 -37.24
N LEU D 1927 37.09 30.54 -36.68
CA LEU D 1927 38.26 30.28 -37.52
C LEU D 1927 38.09 29.00 -38.33
N TYR D 1928 37.57 27.94 -37.70
CA TYR D 1928 37.49 26.65 -38.37
C TYR D 1928 36.48 26.68 -39.52
N ILE D 1929 35.36 27.38 -39.34
CA ILE D 1929 34.31 27.43 -40.35
C ILE D 1929 34.57 28.62 -41.27
N ASN D 1930 34.58 28.36 -42.58
CA ASN D 1930 34.78 29.39 -43.59
C ASN D 1930 33.82 29.14 -44.74
N GLU D 1931 33.94 29.96 -45.78
CA GLU D 1931 33.01 29.88 -46.90
C GLU D 1931 33.11 28.54 -47.61
N ASP D 1932 34.33 28.01 -47.77
CA ASP D 1932 34.50 26.79 -48.55
C ASP D 1932 33.81 25.60 -47.89
N ASN D 1933 33.93 25.46 -46.57
CA ASN D 1933 33.47 24.27 -45.87
C ASN D 1933 32.11 24.46 -45.20
N VAL D 1934 31.48 25.62 -45.34
CA VAL D 1934 30.20 25.86 -44.67
C VAL D 1934 29.12 24.92 -45.21
N GLY D 1935 29.09 24.71 -46.52
CA GLY D 1935 28.09 23.85 -47.10
C GLY D 1935 28.17 22.43 -46.58
N LEU D 1936 29.39 21.93 -46.38
CA LEU D 1936 29.55 20.58 -45.84
C LEU D 1936 29.02 20.48 -44.41
N VAL D 1937 29.24 21.53 -43.60
CA VAL D 1937 28.71 21.54 -42.25
C VAL D 1937 27.18 21.55 -42.29
N ILE D 1938 26.61 22.35 -43.20
CA ILE D 1938 25.15 22.39 -43.34
C ILE D 1938 24.62 21.02 -43.71
N GLN D 1939 25.28 20.34 -44.65
CA GLN D 1939 24.85 19.01 -45.05
C GLN D 1939 24.95 18.02 -43.89
N THR D 1940 26.02 18.11 -43.09
CA THR D 1940 26.16 17.23 -41.94
C THR D 1940 25.05 17.46 -40.93
N LEU D 1941 24.71 18.73 -40.67
CA LEU D 1941 23.62 19.02 -39.75
C LEU D 1941 22.30 18.47 -40.29
N GLU D 1942 22.06 18.63 -41.59
CA GLU D 1942 20.83 18.10 -42.17
C GLU D 1942 20.77 16.58 -42.07
N THR D 1943 21.90 15.92 -42.30
CA THR D 1943 21.94 14.47 -42.19
C THR D 1943 21.66 14.01 -40.76
N LEU D 1944 22.24 14.68 -39.78
CA LEU D 1944 21.97 14.33 -38.39
C LEU D 1944 20.49 14.54 -38.05
N THR D 1945 19.93 15.66 -38.52
CA THR D 1945 18.51 15.91 -38.27
C THR D 1945 17.64 14.81 -38.88
N GLU D 1946 17.97 14.40 -40.11
CA GLU D 1946 17.22 13.31 -40.74
C GLU D 1946 17.39 12.00 -39.99
N TYR D 1947 18.57 11.78 -39.41
CA TYR D 1947 18.78 10.61 -38.56
C TYR D 1947 17.82 10.63 -37.37
N CYS D 1948 17.71 11.79 -36.71
CA CYS D 1948 17.01 11.85 -35.43
C CYS D 1948 15.50 12.07 -35.57
N GLN D 1949 15.04 12.67 -36.66
CA GLN D 1949 13.62 13.00 -36.79
C GLN D 1949 12.80 11.74 -37.02
N GLY D 1950 11.52 11.82 -36.67
CA GLY D 1950 10.58 10.74 -36.86
C GLY D 1950 9.73 10.40 -35.66
N PRO D 1951 10.30 10.37 -34.44
CA PRO D 1951 11.71 10.41 -34.05
C PRO D 1951 12.34 9.02 -33.98
N CYS D 1952 13.66 8.95 -33.93
CA CYS D 1952 14.39 7.71 -33.67
C CYS D 1952 15.08 7.89 -32.32
N HIS D 1953 14.49 7.29 -31.29
CA HIS D 1953 14.99 7.52 -29.93
C HIS D 1953 16.42 7.02 -29.76
N GLU D 1954 16.75 5.88 -30.37
CA GLU D 1954 18.10 5.34 -30.25
C GLU D 1954 19.13 6.28 -30.86
N ASN D 1955 18.82 6.84 -32.03
CA ASN D 1955 19.74 7.80 -32.65
C ASN D 1955 19.88 9.06 -31.80
N GLN D 1956 18.78 9.53 -31.22
CA GLN D 1956 18.84 10.70 -30.34
C GLN D 1956 19.74 10.42 -29.15
N THR D 1957 19.59 9.26 -28.53
CA THR D 1957 20.44 8.90 -27.40
C THR D 1957 21.90 8.79 -27.83
N CYS D 1958 22.15 8.21 -29.00
CA CYS D 1958 23.51 8.07 -29.49
C CYS D 1958 24.17 9.43 -29.68
N ILE D 1959 23.45 10.37 -30.28
CA ILE D 1959 24.02 11.69 -30.53
C ILE D 1959 24.20 12.46 -29.22
N VAL D 1960 23.20 12.43 -28.35
CA VAL D 1960 23.25 13.25 -27.13
C VAL D 1960 24.34 12.76 -26.19
N THR D 1961 24.47 11.44 -26.02
CA THR D 1961 25.38 10.87 -25.05
C THR D 1961 26.72 10.45 -25.67
N HIS D 1962 27.02 10.92 -26.88
CA HIS D 1962 28.26 10.54 -27.53
C HIS D 1962 29.46 11.02 -26.72
N GLU D 1963 30.51 10.20 -26.69
CA GLU D 1963 31.70 10.54 -25.91
C GLU D 1963 32.42 11.76 -26.49
N SER D 1964 32.31 12.00 -27.79
CA SER D 1964 32.96 13.13 -28.41
C SER D 1964 32.39 14.47 -27.96
N ASN D 1965 31.23 14.48 -27.32
CA ASN D 1965 30.58 15.72 -26.89
C ASN D 1965 30.30 16.63 -28.08
N GLY D 1966 29.71 16.06 -29.12
CA GLY D 1966 29.36 16.83 -30.30
C GLY D 1966 28.16 17.74 -30.12
N ILE D 1967 27.36 17.52 -29.08
CA ILE D 1967 26.23 18.40 -28.82
C ILE D 1967 26.72 19.79 -28.46
N ASP D 1968 27.85 19.87 -27.75
CA ASP D 1968 28.45 21.18 -27.45
C ASP D 1968 28.79 21.93 -28.73
N ILE D 1969 29.21 21.21 -29.77
CA ILE D 1969 29.51 21.87 -31.05
C ILE D 1969 28.25 22.51 -31.62
N ILE D 1970 27.12 21.81 -31.55
CA ILE D 1970 25.87 22.36 -32.08
C ILE D 1970 25.43 23.57 -31.26
N THR D 1971 25.54 23.47 -29.93
CA THR D 1971 25.16 24.61 -29.09
C THR D 1971 26.04 25.82 -29.39
N ALA D 1972 27.35 25.59 -29.57
CA ALA D 1972 28.23 26.69 -29.94
C ALA D 1972 27.87 27.26 -31.30
N LEU D 1973 27.54 26.39 -32.26
CA LEU D 1973 27.11 26.87 -33.58
C LEU D 1973 25.94 27.83 -33.44
N ILE D 1974 24.98 27.49 -32.58
CA ILE D 1974 23.84 28.38 -32.38
C ILE D 1974 24.28 29.66 -31.69
N LEU D 1975 25.08 29.55 -30.62
CA LEU D 1975 25.46 30.72 -29.84
C LEU D 1975 26.51 31.58 -30.53
N ASN D 1976 27.53 30.94 -31.12
CA ASN D 1976 28.64 31.70 -31.68
C ASN D 1976 28.20 32.53 -32.88
N ASP D 1977 28.93 33.61 -33.12
CA ASP D 1977 28.63 34.54 -34.20
C ASP D 1977 29.37 34.21 -35.50
N ILE D 1978 30.39 33.36 -35.46
CA ILE D 1978 31.21 33.08 -36.63
C ILE D 1978 31.73 34.41 -37.17
N SER D 1979 32.66 35.02 -36.45
CA SER D 1979 33.07 36.39 -36.78
C SER D 1979 33.61 36.54 -38.18
N PRO D 1980 34.52 35.68 -38.67
CA PRO D 1980 35.04 35.90 -40.03
C PRO D 1980 33.99 35.77 -41.11
N LEU D 1981 33.21 34.68 -41.10
CA LEU D 1981 32.29 34.42 -42.20
C LEU D 1981 31.08 35.34 -42.15
N CYS D 1982 30.57 35.62 -40.95
CA CYS D 1982 29.33 36.40 -40.83
C CYS D 1982 29.48 37.78 -41.44
N LYS D 1983 30.67 38.37 -41.37
CA LYS D 1983 30.86 39.70 -41.93
C LYS D 1983 30.66 39.72 -43.44
N TYR D 1984 31.14 38.70 -44.13
CA TYR D 1984 31.06 38.65 -45.59
C TYR D 1984 29.78 37.97 -46.08
N ARG D 1985 29.40 36.84 -45.49
CA ARG D 1985 28.25 36.05 -45.93
C ARG D 1985 27.39 35.75 -44.70
N MET D 1986 26.45 36.65 -44.40
CA MET D 1986 25.56 36.45 -43.26
C MET D 1986 24.48 35.44 -43.55
N ASP D 1987 24.09 35.27 -44.81
CA ASP D 1987 23.05 34.32 -45.16
C ASP D 1987 23.47 32.89 -44.81
N LEU D 1988 24.73 32.55 -45.09
CA LEU D 1988 25.21 31.21 -44.76
C LEU D 1988 25.24 30.99 -43.25
N VAL D 1989 25.61 32.02 -42.49
CA VAL D 1989 25.61 31.89 -41.03
C VAL D 1989 24.19 31.68 -40.52
N LEU D 1990 23.23 32.42 -41.09
CA LEU D 1990 21.84 32.24 -40.70
C LEU D 1990 21.34 30.84 -41.03
N GLN D 1991 21.72 30.33 -42.20
CA GLN D 1991 21.34 28.97 -42.57
C GLN D 1991 21.94 27.95 -41.61
N LEU D 1992 23.22 28.15 -41.23
CA LEU D 1992 23.86 27.26 -40.27
C LEU D 1992 23.14 27.28 -38.94
N LYS D 1993 22.78 28.46 -38.45
CA LYS D 1993 22.07 28.56 -37.18
C LYS D 1993 20.70 27.89 -37.26
N ASP D 1994 20.00 28.08 -38.38
CA ASP D 1994 18.69 27.45 -38.54
C ASP D 1994 18.82 25.93 -38.54
N ASN D 1995 19.81 25.39 -39.25
CA ASN D 1995 20.01 23.95 -39.27
C ASN D 1995 20.37 23.41 -37.89
N ALA D 1996 21.22 24.14 -37.16
CA ALA D 1996 21.57 23.70 -35.80
C ALA D 1996 20.35 23.70 -34.89
N SER D 1997 19.52 24.73 -34.99
CA SER D 1997 18.30 24.77 -34.18
C SER D 1997 17.37 23.63 -34.55
N LYS D 1998 17.23 23.33 -35.84
CA LYS D 1998 16.40 22.21 -36.26
C LYS D 1998 16.93 20.89 -35.71
N LEU D 1999 18.25 20.70 -35.74
CA LEU D 1999 18.83 19.48 -35.19
C LEU D 1999 18.57 19.37 -33.69
N LEU D 2000 18.74 20.47 -32.96
CA LEU D 2000 18.49 20.44 -31.52
C LEU D 2000 17.03 20.13 -31.23
N LEU D 2001 16.11 20.71 -32.00
CA LEU D 2001 14.69 20.40 -31.82
C LEU D 2001 14.41 18.93 -32.11
N ALA D 2002 15.00 18.39 -33.17
CA ALA D 2002 14.80 16.98 -33.50
C ALA D 2002 15.35 16.08 -32.42
N LEU D 2003 16.42 16.51 -31.74
CA LEU D 2003 16.99 15.71 -30.65
C LEU D 2003 16.04 15.56 -29.46
N MET D 2004 14.97 16.36 -29.40
CA MET D 2004 14.04 16.34 -28.29
C MET D 2004 12.60 16.26 -28.79
N GLU D 2005 12.38 15.53 -29.89
CA GLU D 2005 11.07 15.59 -30.56
C GLU D 2005 9.96 15.06 -29.65
N SER D 2006 10.14 13.86 -29.11
CA SER D 2006 9.09 13.22 -28.31
C SER D 2006 9.69 12.60 -27.05
N ARG D 2007 10.57 13.34 -26.39
CA ARG D 2007 11.24 12.86 -25.17
C ARG D 2007 10.60 13.54 -23.97
N HIS D 2008 9.81 12.78 -23.21
CA HIS D 2008 9.17 13.33 -22.02
C HIS D 2008 10.17 13.53 -20.88
N ASP D 2009 11.21 12.71 -20.82
CA ASP D 2009 12.25 12.89 -19.83
C ASP D 2009 13.09 14.13 -20.15
N SER D 2010 13.81 14.62 -19.15
CA SER D 2010 14.60 15.83 -19.27
C SER D 2010 16.06 15.57 -19.59
N GLU D 2011 16.46 14.31 -19.78
CA GLU D 2011 17.88 14.00 -19.95
C GLU D 2011 18.48 14.80 -21.09
N ASN D 2012 17.87 14.74 -22.28
CA ASN D 2012 18.39 15.48 -23.42
C ASN D 2012 18.30 16.98 -23.19
N ALA D 2013 17.20 17.43 -22.57
CA ALA D 2013 17.05 18.86 -22.32
C ALA D 2013 18.13 19.37 -21.36
N GLU D 2014 18.39 18.63 -20.29
CA GLU D 2014 19.43 19.04 -19.36
C GLU D 2014 20.81 18.99 -20.02
N ARG D 2015 21.08 17.96 -20.82
CA ARG D 2015 22.37 17.89 -21.49
C ARG D 2015 22.56 19.08 -22.43
N ILE D 2016 21.52 19.45 -23.18
CA ILE D 2016 21.63 20.61 -24.07
C ILE D 2016 21.80 21.89 -23.26
N LEU D 2017 21.04 22.04 -22.17
CA LEU D 2017 21.13 23.25 -21.36
C LEU D 2017 22.46 23.38 -20.66
N ILE D 2018 23.20 22.28 -20.47
CA ILE D 2018 24.52 22.37 -19.86
C ILE D 2018 25.40 23.35 -20.63
N SER D 2019 25.38 23.26 -21.96
CA SER D 2019 26.20 24.14 -22.80
C SER D 2019 25.43 25.31 -23.38
N LEU D 2020 24.10 25.20 -23.49
CA LEU D 2020 23.27 26.27 -24.05
C LEU D 2020 22.64 27.03 -22.89
N ARG D 2021 23.37 28.04 -22.39
CA ARG D 2021 22.88 28.79 -21.26
C ARG D 2021 21.70 29.68 -21.66
N PRO D 2022 20.79 29.96 -20.73
CA PRO D 2022 19.56 30.68 -21.13
C PRO D 2022 19.78 32.13 -21.50
N GLN D 2023 20.62 32.85 -20.75
CA GLN D 2023 20.83 34.27 -21.02
C GLN D 2023 21.39 34.47 -22.43
N GLU D 2024 22.40 33.69 -22.80
CA GLU D 2024 22.98 33.81 -24.13
C GLU D 2024 21.96 33.44 -25.21
N LEU D 2025 21.13 32.44 -24.95
CA LEU D 2025 20.11 32.05 -25.92
C LEU D 2025 19.11 33.19 -26.13
N VAL D 2026 18.67 33.83 -25.06
CA VAL D 2026 17.73 34.94 -25.18
C VAL D 2026 18.38 36.10 -25.91
N ASP D 2027 19.65 36.38 -25.61
CA ASP D 2027 20.36 37.45 -26.31
C ASP D 2027 20.46 37.15 -27.80
N VAL D 2028 20.74 35.89 -28.15
CA VAL D 2028 20.81 35.51 -29.56
C VAL D 2028 19.46 35.70 -30.23
N ILE D 2029 18.38 35.31 -29.55
CA ILE D 2029 17.04 35.47 -30.12
C ILE D 2029 16.76 36.96 -30.38
N LYS D 2030 17.08 37.80 -29.41
CA LYS D 2030 16.82 39.24 -29.56
C LYS D 2030 17.67 39.82 -30.69
N LYS D 2031 18.93 39.41 -30.78
CA LYS D 2031 19.79 39.91 -31.86
C LYS D 2031 19.26 39.47 -33.22
N ALA D 2032 18.81 38.22 -33.33
CA ALA D 2032 18.26 37.75 -34.59
C ALA D 2032 17.01 38.53 -34.96
N TYR D 2033 16.14 38.81 -33.98
CA TYR D 2033 14.96 39.61 -34.27
C TYR D 2033 15.34 41.00 -34.75
N LEU D 2034 16.30 41.64 -34.08
CA LEU D 2034 16.68 43.00 -34.45
C LEU D 2034 17.43 43.06 -35.77
N GLN D 2035 18.07 41.96 -36.19
CA GLN D 2035 18.81 41.94 -37.44
C GLN D 2035 17.91 42.06 -38.66
N GLU D 2036 16.59 41.93 -38.50
CA GLU D 2036 15.69 42.00 -39.65
C GLU D 2036 15.79 43.34 -40.36
N GLU D 2037 15.86 44.43 -39.59
CA GLU D 2037 15.98 45.75 -40.21
C GLU D 2037 17.26 45.86 -41.03
N GLU D 2038 18.30 45.11 -40.65
CA GLU D 2038 19.55 45.08 -41.39
C GLU D 2038 19.58 43.96 -42.43
N ARG D 2039 18.49 43.22 -42.59
CA ARG D 2039 18.46 42.10 -43.52
C ARG D 2039 18.65 42.58 -44.95
N GLU D 2040 19.38 41.79 -45.74
CA GLU D 2040 19.53 42.01 -47.16
C GLU D 2040 18.73 40.95 -47.92
N ASN D 2041 18.40 41.27 -49.17
CA ASN D 2041 17.61 40.37 -49.99
C ASN D 2041 18.24 38.99 -50.06
N SER D 2042 17.58 38.00 -49.49
CA SER D 2042 18.09 36.63 -49.48
C SER D 2042 16.97 35.69 -49.10
N GLU D 2043 17.17 34.40 -49.42
CA GLU D 2043 16.16 33.40 -49.10
C GLU D 2043 15.97 33.27 -47.59
N VAL D 2044 17.07 33.27 -46.84
CA VAL D 2044 17.01 33.12 -45.39
C VAL D 2044 16.70 34.48 -44.76
N SER D 2045 15.84 34.46 -43.74
CA SER D 2045 15.45 35.67 -43.03
C SER D 2045 15.84 35.54 -41.56
N PRO D 2046 16.48 36.56 -40.99
CA PRO D 2046 16.82 36.47 -39.55
C PRO D 2046 15.61 36.28 -38.66
N ARG D 2047 14.45 36.79 -39.05
CA ARG D 2047 13.26 36.65 -38.21
C ARG D 2047 12.87 35.18 -38.06
N GLU D 2048 12.92 34.42 -39.15
CA GLU D 2048 12.55 33.01 -39.08
C GLU D 2048 13.54 32.23 -38.20
N VAL D 2049 14.83 32.52 -38.33
CA VAL D 2049 15.83 31.85 -37.50
C VAL D 2049 15.60 32.19 -36.04
N GLY D 2050 15.32 33.46 -35.75
CA GLY D 2050 15.01 33.84 -34.38
C GLY D 2050 13.78 33.15 -33.84
N HIS D 2051 12.75 33.01 -34.67
CA HIS D 2051 11.55 32.31 -34.24
C HIS D 2051 11.82 30.84 -33.95
N ASN D 2052 12.62 30.19 -34.79
CA ASN D 2052 12.98 28.79 -34.53
C ASN D 2052 13.76 28.66 -33.24
N ILE D 2053 14.72 29.56 -33.01
CA ILE D 2053 15.50 29.51 -31.78
C ILE D 2053 14.60 29.78 -30.57
N TYR D 2054 13.61 30.66 -30.74
CA TYR D 2054 12.66 30.94 -29.67
C TYR D 2054 11.81 29.72 -29.34
N ILE D 2055 11.39 28.99 -30.38
CA ILE D 2055 10.63 27.76 -30.13
C ILE D 2055 11.50 26.74 -29.40
N LEU D 2056 12.76 26.62 -29.81
CA LEU D 2056 13.68 25.73 -29.10
C LEU D 2056 13.83 26.15 -27.63
N ALA D 2057 13.96 27.45 -27.39
CA ALA D 2057 14.10 27.95 -26.02
C ALA D 2057 12.83 27.67 -25.22
N LEU D 2058 11.66 27.82 -25.84
CA LEU D 2058 10.42 27.50 -25.15
C LEU D 2058 10.37 26.03 -24.76
N GLN D 2059 10.77 25.15 -25.68
CA GLN D 2059 10.79 23.72 -25.36
C GLN D 2059 11.77 23.43 -24.23
N LEU D 2060 12.93 24.07 -24.25
CA LEU D 2060 13.93 23.82 -23.21
C LEU D 2060 13.50 24.37 -21.85
N SER D 2061 12.73 25.47 -21.85
CA SER D 2061 12.36 26.11 -20.60
C SER D 2061 11.50 25.23 -19.71
N ARG D 2062 10.90 24.17 -20.27
CA ARG D 2062 10.09 23.27 -19.44
C ARG D 2062 10.91 22.62 -18.34
N HIS D 2063 12.24 22.61 -18.47
CA HIS D 2063 13.14 22.03 -17.47
C HIS D 2063 14.12 23.07 -16.92
N ASN D 2064 13.79 24.35 -17.00
CA ASN D 2064 14.68 25.40 -16.52
C ASN D 2064 13.85 26.61 -16.16
N LYS D 2065 13.81 26.98 -14.87
CA LYS D 2065 13.01 28.11 -14.43
C LYS D 2065 13.61 29.44 -14.87
N GLN D 2066 14.94 29.54 -14.88
CA GLN D 2066 15.58 30.79 -15.30
C GLN D 2066 15.21 31.13 -16.74
N LEU D 2067 15.23 30.13 -17.63
CA LEU D 2067 14.83 30.37 -19.01
C LEU D 2067 13.37 30.78 -19.10
N GLN D 2068 12.51 30.15 -18.29
CA GLN D 2068 11.11 30.53 -18.27
C GLN D 2068 10.95 32.00 -17.89
N HIS D 2069 11.67 32.43 -16.85
CA HIS D 2069 11.58 33.84 -16.45
C HIS D 2069 12.11 34.76 -17.52
N LEU D 2070 13.24 34.39 -18.16
CA LEU D 2070 13.86 35.27 -19.14
C LEU D 2070 13.02 35.39 -20.40
N LEU D 2071 12.30 34.33 -20.78
CA LEU D 2071 11.48 34.37 -21.99
C LEU D 2071 10.21 35.20 -21.83
N LYS D 2072 9.84 35.55 -20.61
CA LYS D 2072 8.62 36.34 -20.41
C LYS D 2072 8.81 37.75 -20.95
N PRO D 2073 7.92 38.24 -21.81
CA PRO D 2073 8.06 39.62 -22.30
C PRO D 2073 7.89 40.63 -21.17
N VAL D 2074 8.55 41.77 -21.33
CA VAL D 2074 8.46 42.84 -20.34
C VAL D 2074 7.02 43.30 -20.19
N GLU D 2111 7.71 45.92 -30.84
CA GLU D 2111 8.94 46.46 -30.30
C GLU D 2111 9.73 45.39 -29.56
N ASP D 2112 9.02 44.59 -28.77
CA ASP D 2112 9.68 43.57 -27.95
C ASP D 2112 9.80 42.27 -28.74
N PRO D 2113 11.02 41.79 -29.01
CA PRO D 2113 11.15 40.49 -29.71
C PRO D 2113 10.42 39.36 -29.02
N LEU D 2114 10.50 39.25 -27.69
CA LEU D 2114 9.75 38.20 -27.02
C LEU D 2114 8.24 38.36 -27.23
N ALA D 2115 7.73 39.58 -27.17
CA ALA D 2115 6.29 39.77 -27.34
C ALA D 2115 5.85 39.40 -28.75
N TYR D 2116 6.65 39.77 -29.75
CA TYR D 2116 6.32 39.40 -31.12
C TYR D 2116 6.31 37.89 -31.30
N TYR D 2117 7.38 37.22 -30.85
CA TYR D 2117 7.44 35.77 -30.97
C TYR D 2117 6.30 35.11 -30.20
N GLU D 2118 5.85 35.73 -29.11
CA GLU D 2118 4.81 35.12 -28.30
C GLU D 2118 3.44 35.30 -28.94
N ASN D 2119 3.25 36.42 -29.64
CA ASN D 2119 2.01 36.63 -30.38
C ASN D 2119 1.98 35.83 -31.67
N HIS D 2120 3.13 35.34 -32.13
CA HIS D 2120 3.18 34.56 -33.37
C HIS D 2120 3.45 33.07 -33.14
N THR D 2121 3.62 32.63 -31.89
CA THR D 2121 3.80 31.23 -31.56
C THR D 2121 2.50 30.66 -31.02
N SER D 2122 2.22 29.40 -31.37
CA SER D 2122 1.02 28.69 -30.92
C SER D 2122 1.41 27.30 -30.44
N GLN D 2123 0.47 26.64 -29.76
CA GLN D 2123 0.72 25.28 -29.27
C GLN D 2123 -0.57 24.48 -29.29
N ILE D 2124 -0.43 23.17 -29.51
CA ILE D 2124 -1.57 22.25 -29.54
C ILE D 2124 -1.16 20.96 -28.87
N GLU D 2125 -2.15 20.11 -28.61
CA GLU D 2125 -1.96 18.78 -28.05
C GLU D 2125 -2.48 17.75 -29.04
N ILE D 2126 -1.68 16.71 -29.29
CA ILE D 2126 -2.03 15.66 -30.24
C ILE D 2126 -1.88 14.31 -29.57
N VAL D 2127 -2.55 13.31 -30.13
CA VAL D 2127 -2.49 11.94 -29.65
C VAL D 2127 -1.82 11.08 -30.70
N ARG D 2128 -0.72 10.44 -30.34
CA ARG D 2128 0.03 9.61 -31.26
C ARG D 2128 -0.59 8.22 -31.39
N GLN D 2129 -0.04 7.41 -32.29
CA GLN D 2129 -0.52 6.04 -32.45
C GLN D 2129 -0.58 5.28 -31.13
N ASP D 2130 0.40 5.51 -30.25
CA ASP D 2130 0.48 4.78 -28.98
C ASP D 2130 -0.42 5.35 -27.89
N ARG D 2131 -1.49 6.04 -28.27
CA ARG D 2131 -2.38 6.78 -27.40
C ARG D 2131 -1.65 7.72 -26.44
N SER D 2132 -0.47 8.21 -26.81
CA SER D 2132 0.28 9.11 -25.93
C SER D 2132 0.11 10.56 -26.38
N MET D 2133 -0.02 11.45 -25.40
CA MET D 2133 -0.30 12.86 -25.65
C MET D 2133 1.01 13.62 -25.76
N GLU D 2134 1.13 14.43 -26.82
CA GLU D 2134 2.31 15.24 -27.05
C GLU D 2134 1.89 16.69 -27.28
N GLN D 2135 2.72 17.62 -26.78
CA GLN D 2135 2.51 19.04 -26.96
C GLN D 2135 3.40 19.51 -28.10
N ILE D 2136 2.79 20.11 -29.12
CA ILE D 2136 3.49 20.61 -30.29
C ILE D 2136 3.47 22.13 -30.23
N VAL D 2137 4.62 22.76 -30.42
CA VAL D 2137 4.72 24.22 -30.50
C VAL D 2137 5.25 24.56 -31.88
N PHE D 2138 4.54 25.42 -32.58
CA PHE D 2138 4.83 25.77 -33.97
C PHE D 2138 4.62 27.27 -34.15
N PRO D 2139 5.22 27.86 -35.18
CA PRO D 2139 4.92 29.25 -35.51
C PRO D 2139 3.68 29.38 -36.39
N VAL D 2140 2.95 30.46 -36.18
CA VAL D 2140 1.67 30.65 -36.87
C VAL D 2140 1.95 31.06 -38.32
N PRO D 2141 1.36 30.38 -39.31
CA PRO D 2141 1.56 30.83 -40.70
C PRO D 2141 1.03 32.24 -40.92
N GLY D 2142 1.68 32.95 -41.83
CA GLY D 2142 1.29 34.33 -42.10
C GLY D 2142 -0.11 34.43 -42.69
N ILE D 2143 -0.49 33.46 -43.51
CA ILE D 2143 -1.82 33.51 -44.13
C ILE D 2143 -2.92 33.42 -43.09
N CYS D 2144 -2.59 33.03 -41.86
CA CYS D 2144 -3.61 32.79 -40.85
C CYS D 2144 -4.10 34.08 -40.24
N GLN D 2145 -3.35 35.18 -40.41
CA GLN D 2145 -3.75 36.47 -39.87
C GLN D 2145 -4.91 37.09 -40.62
N PHE D 2146 -5.36 36.49 -41.72
CA PHE D 2146 -6.43 37.04 -42.53
C PHE D 2146 -7.78 36.39 -42.26
N LEU D 2147 -7.89 35.61 -41.19
CA LEU D 2147 -9.16 34.99 -40.83
C LEU D 2147 -10.07 36.03 -40.18
N THR D 2148 -11.35 36.02 -40.55
CA THR D 2148 -12.25 37.07 -40.12
C THR D 2148 -12.99 36.67 -38.85
N GLU D 2149 -13.18 37.66 -37.98
CA GLU D 2149 -13.88 37.43 -36.73
C GLU D 2149 -15.33 37.04 -36.98
N GLU D 2150 -15.96 37.55 -38.05
CA GLU D 2150 -17.30 37.07 -38.35
C GLU D 2150 -17.29 35.59 -38.71
N THR D 2151 -16.31 35.13 -39.48
CA THR D 2151 -16.27 33.72 -39.88
C THR D 2151 -15.98 32.86 -38.66
N LYS D 2152 -15.12 33.34 -37.76
CA LYS D 2152 -14.79 32.58 -36.57
C LYS D 2152 -16.01 32.44 -35.67
N HIS D 2153 -16.72 33.54 -35.42
CA HIS D 2153 -17.92 33.48 -34.60
C HIS D 2153 -18.97 32.57 -35.23
N ARG D 2154 -19.16 32.69 -36.55
CA ARG D 2154 -20.18 31.90 -37.22
C ARG D 2154 -19.88 30.42 -37.09
N LEU D 2155 -18.63 30.03 -37.31
CA LEU D 2155 -18.27 28.62 -37.16
C LEU D 2155 -18.47 28.16 -35.72
N PHE D 2156 -18.02 28.97 -34.76
CA PHE D 2156 -18.02 28.56 -33.36
C PHE D 2156 -19.46 28.39 -32.86
N THR D 2157 -20.38 29.16 -33.43
CA THR D 2157 -21.78 29.18 -33.01
C THR D 2157 -22.65 28.25 -33.83
N THR D 2158 -22.18 27.80 -35.01
CA THR D 2158 -23.00 26.92 -35.82
C THR D 2158 -22.53 25.46 -35.81
N THR D 2159 -21.30 25.19 -35.42
CA THR D 2159 -20.77 23.84 -35.52
C THR D 2159 -21.64 22.88 -34.71
N GLU D 2160 -22.06 21.78 -35.32
CA GLU D 2160 -22.99 20.85 -34.68
C GLU D 2160 -22.29 19.58 -34.26
N GLN D 2161 -22.76 18.99 -33.16
CA GLN D 2161 -22.19 17.75 -32.65
C GLN D 2161 -22.60 16.58 -33.51
N ASP D 2162 -21.81 15.51 -33.48
CA ASP D 2162 -22.11 14.31 -34.23
C ASP D 2162 -22.72 13.26 -33.29
N GLU D 2163 -22.93 12.03 -33.76
CA GLU D 2163 -23.63 11.06 -32.92
C GLU D 2163 -22.84 10.78 -31.65
N GLN D 2164 -21.51 10.82 -31.74
CA GLN D 2164 -20.67 10.63 -30.56
C GLN D 2164 -20.54 11.89 -29.71
N GLY D 2165 -21.18 12.98 -30.13
CA GLY D 2165 -21.09 14.23 -29.40
C GLY D 2165 -19.79 14.98 -29.56
N SER D 2166 -19.29 15.10 -30.78
CA SER D 2166 -17.98 15.69 -31.04
C SER D 2166 -18.08 16.61 -32.25
N LYS D 2167 -17.59 17.84 -32.10
CA LYS D 2167 -17.64 18.84 -33.14
C LYS D 2167 -16.40 18.81 -34.04
N VAL D 2168 -15.46 17.92 -33.74
CA VAL D 2168 -14.20 17.88 -34.49
C VAL D 2168 -14.46 17.53 -35.95
N SER D 2169 -15.44 16.65 -36.22
CA SER D 2169 -15.68 16.26 -37.60
C SER D 2169 -16.03 17.48 -38.46
N ASP D 2170 -17.01 18.27 -38.03
CA ASP D 2170 -17.44 19.41 -38.83
C ASP D 2170 -16.35 20.48 -38.85
N PHE D 2171 -15.70 20.68 -37.70
CA PHE D 2171 -14.71 21.75 -37.60
C PHE D 2171 -13.54 21.46 -38.53
N PHE D 2172 -13.21 20.18 -38.71
CA PHE D 2172 -12.12 19.79 -39.60
C PHE D 2172 -12.58 19.82 -41.04
N ASP D 2173 -13.84 19.47 -41.28
CA ASP D 2173 -14.39 19.49 -42.62
C ASP D 2173 -14.41 20.90 -43.19
N GLN D 2174 -14.54 21.90 -42.32
CA GLN D 2174 -14.55 23.30 -42.76
C GLN D 2174 -13.15 23.88 -42.96
N SER D 2175 -12.09 23.07 -42.84
CA SER D 2175 -10.74 23.61 -42.85
C SER D 2175 -10.36 24.16 -44.22
N SER D 2176 -10.68 23.42 -45.29
CA SER D 2176 -10.34 23.88 -46.63
C SER D 2176 -11.09 25.17 -46.97
N PHE D 2177 -12.36 25.26 -46.58
CA PHE D 2177 -13.10 26.49 -46.76
C PHE D 2177 -12.46 27.63 -45.97
N LEU D 2178 -12.00 27.35 -44.75
CA LEU D 2178 -11.32 28.38 -43.98
C LEU D 2178 -10.08 28.88 -44.71
N HIS D 2179 -9.33 27.96 -45.32
CA HIS D 2179 -8.08 28.35 -45.95
C HIS D 2179 -8.35 29.17 -47.21
N ASN D 2180 -9.38 28.77 -47.96
CA ASN D 2180 -9.79 29.51 -49.14
C ASN D 2180 -10.26 30.90 -48.77
N GLU D 2181 -10.95 31.02 -47.63
CA GLU D 2181 -11.39 32.32 -47.16
C GLU D 2181 -10.21 33.20 -46.76
N MET D 2182 -9.20 32.61 -46.10
CA MET D 2182 -8.00 33.39 -45.78
C MET D 2182 -7.34 33.91 -47.05
N GLU D 2183 -7.23 33.06 -48.07
CA GLU D 2183 -6.60 33.50 -49.32
C GLU D 2183 -7.45 34.55 -50.02
N TRP D 2184 -8.79 34.42 -49.99
CA TRP D 2184 -9.59 35.49 -50.56
C TRP D 2184 -9.40 36.80 -49.80
N GLN D 2185 -9.31 36.74 -48.47
CA GLN D 2185 -9.19 37.97 -47.69
C GLN D 2185 -7.85 38.63 -48.00
N ARG D 2186 -6.80 37.82 -48.17
CA ARG D 2186 -5.49 38.38 -48.46
C ARG D 2186 -5.48 39.02 -49.84
N LYS D 2187 -6.13 38.38 -50.81
CA LYS D 2187 -6.23 38.99 -52.13
C LYS D 2187 -7.05 40.29 -52.09
N LEU D 2188 -8.12 40.29 -51.31
CA LEU D 2188 -9.05 41.41 -51.28
C LEU D 2188 -8.42 42.63 -50.64
N ARG D 2189 -7.67 42.44 -49.55
CA ARG D 2189 -7.07 43.58 -48.86
C ARG D 2189 -6.07 44.32 -49.73
N SER D 2190 -5.64 43.71 -50.84
CA SER D 2190 -4.78 44.40 -51.79
C SER D 2190 -5.54 45.34 -52.71
N MET D 2191 -6.87 45.25 -52.74
CA MET D 2191 -7.68 46.11 -53.59
C MET D 2191 -8.38 47.14 -52.72
N PRO D 2192 -7.91 48.40 -52.66
CA PRO D 2192 -8.39 49.29 -51.60
C PRO D 2192 -9.85 49.67 -51.75
N LEU D 2193 -10.25 50.14 -52.94
CA LEU D 2193 -11.64 50.51 -53.16
C LEU D 2193 -12.60 49.37 -52.82
N ILE D 2194 -12.36 48.18 -53.37
CA ILE D 2194 -13.30 47.08 -53.18
C ILE D 2194 -13.34 46.66 -51.72
N TYR D 2195 -12.19 46.68 -51.04
CA TYR D 2195 -12.17 46.37 -49.61
C TYR D 2195 -13.01 47.39 -48.83
N TRP D 2196 -12.87 48.67 -49.18
CA TRP D 2196 -13.62 49.72 -48.49
C TRP D 2196 -15.11 49.55 -48.71
N PHE D 2197 -15.51 49.20 -49.92
CA PHE D 2197 -16.91 48.93 -50.22
C PHE D 2197 -17.41 47.71 -49.45
N SER D 2198 -16.58 46.67 -49.36
CA SER D 2198 -16.95 45.46 -48.63
C SER D 2198 -17.05 45.72 -47.13
N ARG D 2199 -16.41 46.79 -46.66
CA ARG D 2199 -16.38 47.06 -45.22
C ARG D 2199 -17.66 47.74 -44.72
N ARG D 2200 -18.54 48.16 -45.61
CA ARG D 2200 -19.75 48.89 -45.24
C ARG D 2200 -21.01 48.15 -45.69
N MET D 2201 -20.98 46.82 -45.59
CA MET D 2201 -22.15 46.02 -45.97
C MET D 2201 -23.34 46.35 -45.09
N THR D 2202 -23.12 46.48 -43.78
CA THR D 2202 -24.20 46.81 -42.87
C THR D 2202 -24.78 48.18 -43.19
N LEU D 2203 -23.91 49.15 -43.52
CA LEU D 2203 -24.39 50.47 -43.90
C LEU D 2203 -25.25 50.39 -45.17
N TRP D 2204 -24.78 49.64 -46.17
CA TRP D 2204 -25.56 49.51 -47.40
C TRP D 2204 -26.92 48.89 -47.13
N GLY D 2205 -26.95 47.86 -46.28
CA GLY D 2205 -28.21 47.21 -45.97
C GLY D 2205 -29.17 48.10 -45.19
N SER D 2206 -28.64 48.84 -44.22
CA SER D 2206 -29.48 49.77 -43.47
C SER D 2206 -30.04 50.85 -44.38
N ILE D 2207 -29.21 51.38 -45.28
CA ILE D 2207 -29.68 52.40 -46.21
C ILE D 2207 -30.80 51.85 -47.08
N SER D 2208 -30.60 50.64 -47.62
CA SER D 2208 -31.60 49.99 -48.45
C SER D 2208 -32.92 49.81 -47.69
N PHE D 2209 -32.84 49.30 -46.46
CA PHE D 2209 -34.06 49.07 -45.69
C PHE D 2209 -34.79 50.38 -45.42
N ASN D 2210 -34.04 51.43 -45.09
CA ASN D 2210 -34.66 52.72 -44.79
C ASN D 2210 -35.32 53.30 -46.03
N LEU D 2211 -34.64 53.18 -47.19
CA LEU D 2211 -35.25 53.66 -48.43
C LEU D 2211 -36.54 52.89 -48.72
N ALA D 2212 -36.55 51.58 -48.45
CA ALA D 2212 -37.72 50.79 -48.80
C ALA D 2212 -38.89 51.13 -47.89
N VAL D 2213 -38.60 51.31 -46.60
CA VAL D 2213 -39.64 51.68 -45.65
C VAL D 2213 -40.22 53.05 -46.01
N PHE D 2214 -39.36 54.01 -46.36
CA PHE D 2214 -39.86 55.34 -46.70
C PHE D 2214 -40.69 55.30 -47.99
N ILE D 2215 -40.22 54.56 -48.99
CA ILE D 2215 -40.97 54.46 -50.24
C ILE D 2215 -42.34 53.86 -50.00
N ASN D 2216 -42.39 52.79 -49.21
CA ASN D 2216 -43.67 52.13 -48.94
C ASN D 2216 -44.60 53.03 -48.14
N ILE D 2217 -44.06 53.78 -47.18
CA ILE D 2217 -44.89 54.71 -46.41
C ILE D 2217 -45.47 55.77 -47.33
N ILE D 2218 -44.65 56.33 -48.22
CA ILE D 2218 -45.13 57.35 -49.14
C ILE D 2218 -46.23 56.78 -50.03
N ILE D 2219 -46.01 55.57 -50.56
CA ILE D 2219 -47.00 54.95 -51.42
C ILE D 2219 -48.32 54.77 -50.68
N ALA D 2220 -48.24 54.19 -49.49
CA ALA D 2220 -49.41 53.94 -48.66
C ALA D 2220 -50.19 55.23 -48.40
N PHE D 2221 -49.48 56.32 -48.09
CA PHE D 2221 -50.14 57.55 -47.69
C PHE D 2221 -50.56 58.42 -48.86
N PHE D 2222 -50.08 58.17 -50.08
CA PHE D 2222 -50.37 59.07 -51.19
C PHE D 2222 -50.93 58.32 -52.40
N TYR D 2223 -50.81 57.01 -52.43
CA TYR D 2223 -51.33 56.26 -53.57
C TYR D 2223 -52.84 56.11 -53.45
N PRO D 2224 -53.61 56.41 -54.50
CA PRO D 2224 -53.21 56.92 -55.81
C PRO D 2224 -52.96 58.42 -55.79
N TYR D 2225 -52.10 58.93 -56.67
CA TYR D 2225 -51.78 60.35 -56.73
C TYR D 2225 -51.78 60.82 -58.17
N MET D 2226 -52.26 62.04 -58.38
CA MET D 2226 -52.32 62.63 -59.71
C MET D 2226 -52.99 61.70 -60.71
N SER D 2260 -30.20 61.08 -34.31
CA SER D 2260 -30.06 60.27 -35.51
C SER D 2260 -30.26 61.14 -36.75
N ILE D 2261 -29.76 60.68 -37.90
CA ILE D 2261 -30.01 61.41 -39.15
C ILE D 2261 -31.39 61.14 -39.74
N ARG D 2262 -32.12 60.16 -39.21
CA ARG D 2262 -33.43 59.83 -39.77
C ARG D 2262 -34.39 61.01 -39.77
N PRO D 2263 -34.50 61.82 -38.72
CA PRO D 2263 -35.31 63.04 -38.81
C PRO D 2263 -34.86 63.96 -39.93
N LEU D 2264 -33.55 64.10 -40.15
CA LEU D 2264 -33.10 64.92 -41.27
C LEU D 2264 -33.55 64.32 -42.60
N ILE D 2265 -33.48 63.00 -42.73
CA ILE D 2265 -33.88 62.35 -43.97
C ILE D 2265 -35.36 62.55 -44.21
N VAL D 2266 -36.17 62.43 -43.15
CA VAL D 2266 -37.61 62.64 -43.26
C VAL D 2266 -37.90 64.08 -43.65
N ALA D 2267 -37.15 65.04 -43.11
CA ALA D 2267 -37.34 66.43 -43.49
C ALA D 2267 -37.00 66.66 -44.96
N LEU D 2268 -35.90 66.05 -45.42
CA LEU D 2268 -35.53 66.19 -46.83
C LEU D 2268 -36.59 65.57 -47.73
N ILE D 2269 -37.19 64.46 -47.30
CA ILE D 2269 -38.24 63.83 -48.10
C ILE D 2269 -39.49 64.70 -48.10
N LEU D 2270 -39.84 65.29 -46.96
CA LEU D 2270 -40.98 66.20 -46.98
C LEU D 2270 -40.73 67.38 -47.89
N ARG D 2271 -39.48 67.88 -47.92
CA ARG D 2271 -39.19 69.05 -48.72
C ARG D 2271 -39.20 68.71 -50.20
N SER D 2272 -38.68 67.52 -50.54
CA SER D 2272 -38.68 67.07 -51.93
C SER D 2272 -40.11 66.87 -52.41
N ILE D 2273 -40.97 66.34 -51.53
CA ILE D 2273 -42.37 66.12 -51.92
C ILE D 2273 -43.05 67.45 -52.15
N TYR D 2274 -42.84 68.40 -51.23
CA TYR D 2274 -43.48 69.71 -51.30
C TYR D 2274 -43.05 70.47 -52.54
N TYR D 2275 -41.77 70.39 -52.90
CA TYR D 2275 -41.24 71.15 -54.02
C TYR D 2275 -41.41 70.43 -55.36
N LEU D 2276 -40.78 69.26 -55.49
CA LEU D 2276 -40.78 68.55 -56.77
C LEU D 2276 -42.09 67.82 -57.01
N GLY D 2277 -42.52 67.00 -56.06
CA GLY D 2277 -43.74 66.24 -56.20
C GLY D 2277 -43.57 64.81 -55.75
N ILE D 2278 -44.71 64.13 -55.63
CA ILE D 2278 -44.69 62.75 -55.14
C ILE D 2278 -44.05 61.83 -56.17
N GLY D 2279 -44.37 62.01 -57.44
CA GLY D 2279 -43.77 61.18 -58.47
C GLY D 2279 -42.26 61.32 -58.54
N PRO D 2280 -41.78 62.55 -58.66
CA PRO D 2280 -40.31 62.75 -58.66
C PRO D 2280 -39.63 62.30 -57.39
N THR D 2281 -40.21 62.56 -56.21
CA THR D 2281 -39.62 62.01 -54.99
C THR D 2281 -39.54 60.50 -55.05
N LEU D 2282 -40.61 59.83 -55.49
CA LEU D 2282 -40.61 58.37 -55.54
C LEU D 2282 -39.56 57.88 -56.53
N ASN D 2283 -39.36 58.61 -57.63
CA ASN D 2283 -38.40 58.17 -58.64
C ASN D 2283 -36.98 58.30 -58.12
N ILE D 2284 -36.69 59.41 -57.45
CA ILE D 2284 -35.37 59.61 -56.85
C ILE D 2284 -35.11 58.53 -55.80
N LEU D 2285 -36.11 58.27 -54.95
CA LEU D 2285 -35.94 57.25 -53.91
C LEU D 2285 -35.71 55.88 -54.52
N GLY D 2286 -36.43 55.54 -55.58
CA GLY D 2286 -36.24 54.25 -56.22
C GLY D 2286 -34.86 54.12 -56.86
N ALA D 2287 -34.41 55.18 -57.54
CA ALA D 2287 -33.08 55.14 -58.13
C ALA D 2287 -32.01 54.98 -57.05
N LEU D 2288 -32.15 55.70 -55.94
CA LEU D 2288 -31.19 55.56 -54.85
C LEU D 2288 -31.23 54.14 -54.28
N ASN D 2289 -32.43 53.59 -54.10
CA ASN D 2289 -32.55 52.23 -53.58
C ASN D 2289 -31.86 51.23 -54.51
N LEU D 2290 -31.99 51.43 -55.81
CA LEU D 2290 -31.43 50.48 -56.77
C LEU D 2290 -29.90 50.58 -56.76
N THR D 2291 -29.37 51.80 -56.80
CA THR D 2291 -27.92 51.97 -56.74
C THR D 2291 -27.37 51.37 -55.44
N ASN D 2292 -28.09 51.58 -54.33
CA ASN D 2292 -27.59 51.11 -53.04
C ASN D 2292 -27.65 49.59 -52.96
N LYS D 2293 -28.70 48.99 -53.53
CA LYS D 2293 -28.76 47.53 -53.55
C LYS D 2293 -27.67 46.94 -54.43
N ILE D 2294 -27.29 47.66 -55.49
CA ILE D 2294 -26.24 47.15 -56.37
C ILE D 2294 -24.90 47.20 -55.66
N VAL D 2295 -24.64 48.32 -54.99
CA VAL D 2295 -23.42 48.44 -54.18
C VAL D 2295 -23.42 47.37 -53.08
N PHE D 2296 -24.60 47.11 -52.48
CA PHE D 2296 -24.67 46.12 -51.42
C PHE D 2296 -24.37 44.72 -51.94
N VAL D 2297 -24.86 44.38 -53.13
CA VAL D 2297 -24.59 43.06 -53.68
C VAL D 2297 -23.13 42.92 -54.03
N VAL D 2298 -22.52 43.98 -54.57
CA VAL D 2298 -21.09 43.95 -54.87
C VAL D 2298 -20.30 43.74 -53.58
N SER D 2299 -20.69 44.43 -52.52
CA SER D 2299 -20.02 44.28 -51.24
C SER D 2299 -20.23 42.89 -50.68
N PHE D 2300 -21.45 42.36 -50.80
CA PHE D 2300 -21.75 41.04 -50.28
C PHE D 2300 -20.88 39.99 -50.93
N VAL D 2301 -20.76 40.03 -52.26
CA VAL D 2301 -19.96 39.02 -52.94
C VAL D 2301 -18.49 39.24 -52.62
N GLY D 2302 -18.01 40.49 -52.66
CA GLY D 2302 -16.61 40.71 -52.36
C GLY D 2302 -16.22 40.20 -50.99
N ASN D 2303 -17.10 40.39 -50.00
CA ASN D 2303 -16.78 39.99 -48.63
C ASN D 2303 -16.94 38.49 -48.44
N ARG D 2304 -18.15 37.96 -48.68
CA ARG D 2304 -18.41 36.56 -48.39
C ARG D 2304 -17.58 35.63 -49.26
N GLY D 2305 -17.08 36.11 -50.39
CA GLY D 2305 -16.28 35.25 -51.24
C GLY D 2305 -16.99 33.98 -51.65
N THR D 2306 -18.23 34.09 -52.11
CA THR D 2306 -19.03 32.90 -52.38
C THR D 2306 -18.68 32.32 -53.74
N PHE D 2307 -18.15 33.17 -54.62
CA PHE D 2307 -17.59 32.75 -55.90
C PHE D 2307 -16.35 31.88 -55.73
N ILE D 2308 -15.74 31.88 -54.53
CA ILE D 2308 -14.54 31.08 -54.30
C ILE D 2308 -14.86 29.61 -54.45
N ARG D 2309 -16.04 29.19 -54.01
CA ARG D 2309 -16.45 27.79 -54.19
C ARG D 2309 -16.74 27.49 -55.65
N GLY D 2310 -17.38 28.42 -56.34
CA GLY D 2310 -17.68 28.25 -57.75
C GLY D 2310 -18.95 28.98 -58.12
N TYR D 2311 -19.16 29.14 -59.42
CA TYR D 2311 -20.40 29.74 -59.90
C TYR D 2311 -21.60 28.88 -59.52
N LYS D 2312 -21.43 27.55 -59.57
CA LYS D 2312 -22.51 26.66 -59.16
C LYS D 2312 -22.86 26.88 -57.69
N ALA D 2313 -21.84 27.01 -56.83
CA ALA D 2313 -22.09 27.16 -55.41
C ALA D 2313 -22.75 28.50 -55.11
N MET D 2314 -22.26 29.54 -55.76
CA MET D 2314 -22.81 30.90 -55.62
C MET D 2314 -24.28 30.91 -56.02
N VAL D 2315 -24.61 30.27 -57.14
CA VAL D 2315 -26.01 30.19 -57.55
C VAL D 2315 -26.82 29.39 -56.53
N MET D 2316 -26.24 28.30 -56.02
CA MET D 2316 -26.93 27.49 -55.02
C MET D 2316 -27.18 28.28 -53.74
N ASP D 2317 -26.38 29.31 -53.49
CA ASP D 2317 -26.46 30.02 -52.22
C ASP D 2317 -27.80 30.74 -52.12
N MET D 2318 -28.53 30.49 -51.03
CA MET D 2318 -29.86 31.06 -50.88
C MET D 2318 -29.81 32.56 -50.66
N GLU D 2319 -28.81 33.04 -49.92
CA GLU D 2319 -28.73 34.48 -49.66
C GLU D 2319 -28.54 35.26 -50.97
N PHE D 2320 -27.77 34.69 -51.90
CA PHE D 2320 -27.46 35.41 -53.12
C PHE D 2320 -28.68 35.49 -54.02
N LEU D 2321 -29.43 34.39 -54.09
CA LEU D 2321 -30.70 34.41 -54.84
C LEU D 2321 -31.70 35.36 -54.19
N TYR D 2322 -31.71 35.42 -52.85
CA TYR D 2322 -32.61 36.35 -52.18
C TYR D 2322 -32.25 37.79 -52.53
N HIS D 2323 -30.95 38.10 -52.56
CA HIS D 2323 -30.53 39.45 -52.93
C HIS D 2323 -30.86 39.75 -54.39
N VAL D 2324 -30.70 38.76 -55.27
CA VAL D 2324 -31.04 38.96 -56.68
C VAL D 2324 -32.54 39.23 -56.84
N GLY D 2325 -33.36 38.48 -56.09
CA GLY D 2325 -34.78 38.74 -56.09
C GLY D 2325 -35.14 40.11 -55.55
N TYR D 2326 -34.45 40.53 -54.48
CA TYR D 2326 -34.56 41.93 -54.04
C TYR D 2326 -34.27 42.90 -55.18
N ILE D 2327 -33.20 42.66 -55.93
CA ILE D 2327 -32.80 43.58 -56.99
C ILE D 2327 -33.86 43.61 -58.07
N LEU D 2328 -34.38 42.45 -58.44
CA LEU D 2328 -35.42 42.38 -59.47
C LEU D 2328 -36.69 43.08 -59.00
N THR D 2329 -37.06 42.88 -57.73
CA THR D 2329 -38.24 43.57 -57.21
C THR D 2329 -38.04 45.08 -57.24
N SER D 2330 -36.83 45.54 -56.97
CA SER D 2330 -36.57 46.98 -56.95
C SER D 2330 -36.65 47.54 -58.37
N VAL D 2331 -36.10 46.81 -59.34
CA VAL D 2331 -36.20 47.22 -60.74
C VAL D 2331 -37.66 47.27 -61.17
N LEU D 2332 -38.46 46.27 -60.77
CA LEU D 2332 -39.87 46.27 -61.13
C LEU D 2332 -40.60 47.44 -60.49
N GLY D 2333 -40.29 47.73 -59.23
CA GLY D 2333 -40.87 48.90 -58.59
C GLY D 2333 -40.52 50.19 -59.29
N LEU D 2334 -39.27 50.29 -59.76
CA LEU D 2334 -38.82 51.52 -60.40
C LEU D 2334 -39.42 51.71 -61.79
N PHE D 2335 -39.57 50.63 -62.56
CA PHE D 2335 -39.98 50.74 -63.96
C PHE D 2335 -41.39 50.26 -64.24
N ALA D 2336 -41.76 49.07 -63.79
CA ALA D 2336 -43.06 48.50 -64.13
C ALA D 2336 -44.19 49.15 -63.33
N HIS D 2337 -44.17 49.00 -62.01
CA HIS D 2337 -45.22 49.54 -61.17
C HIS D 2337 -44.69 49.72 -59.75
N GLU D 2338 -44.91 50.91 -59.18
CA GLU D 2338 -44.40 51.18 -57.84
C GLU D 2338 -44.93 50.20 -56.81
N LEU D 2339 -46.09 49.59 -57.05
CA LEU D 2339 -46.70 48.72 -56.04
C LEU D 2339 -45.85 47.49 -55.78
N PHE D 2340 -44.88 47.20 -56.64
CA PHE D 2340 -43.96 46.09 -56.37
C PHE D 2340 -43.02 46.42 -55.21
N TYR D 2341 -43.07 47.65 -54.72
CA TYR D 2341 -42.17 48.06 -53.64
C TYR D 2341 -42.62 47.48 -52.31
N SER D 2342 -43.88 47.06 -52.23
CA SER D 2342 -44.39 46.48 -50.99
C SER D 2342 -43.69 45.18 -50.65
N ILE D 2343 -43.32 44.40 -51.68
CA ILE D 2343 -42.66 43.12 -51.44
C ILE D 2343 -41.35 43.31 -50.70
N LEU D 2344 -40.69 44.46 -50.89
CA LEU D 2344 -39.43 44.72 -50.21
C LEU D 2344 -39.59 44.77 -48.69
N LEU D 2345 -40.81 45.00 -48.20
CA LEU D 2345 -41.04 45.01 -46.76
C LEU D 2345 -40.70 43.68 -46.12
N PHE D 2346 -40.66 42.61 -46.92
CA PHE D 2346 -40.30 41.29 -46.38
C PHE D 2346 -38.86 41.26 -45.90
N ASP D 2347 -38.05 42.26 -46.24
CA ASP D 2347 -36.66 42.27 -45.79
C ASP D 2347 -36.57 42.40 -44.27
N LEU D 2348 -37.66 42.76 -43.60
CA LEU D 2348 -37.68 42.89 -42.15
C LEU D 2348 -37.36 41.54 -41.51
N ILE D 2349 -37.94 40.47 -42.05
CA ILE D 2349 -37.64 39.14 -41.56
C ILE D 2349 -36.16 38.83 -41.73
N TYR D 2350 -35.59 39.17 -42.90
CA TYR D 2350 -34.17 38.94 -43.12
C TYR D 2350 -33.33 39.73 -42.12
N ARG D 2351 -33.80 40.91 -41.73
CA ARG D 2351 -32.95 41.80 -40.95
C ARG D 2351 -33.04 41.48 -39.47
N GLU D 2352 -34.15 40.89 -39.04
CA GLU D 2352 -34.44 40.68 -37.63
C GLU D 2352 -34.30 39.19 -37.31
N GLU D 2353 -33.56 38.88 -36.25
CA GLU D 2353 -33.32 37.50 -35.89
C GLU D 2353 -34.42 37.02 -34.95
N THR D 2354 -35.11 37.94 -34.25
CA THR D 2354 -36.14 37.46 -33.34
C THR D 2354 -37.40 37.10 -34.12
N LEU D 2355 -37.75 37.95 -35.08
CA LEU D 2355 -38.89 37.69 -35.95
C LEU D 2355 -38.68 36.43 -36.76
N PHE D 2356 -37.46 36.19 -37.20
CA PHE D 2356 -37.15 34.96 -37.91
C PHE D 2356 -37.37 33.75 -37.01
N ASN D 2357 -36.98 33.84 -35.74
CA ASN D 2357 -37.23 32.74 -34.82
C ASN D 2357 -38.73 32.55 -34.59
N VAL D 2358 -39.47 33.65 -34.49
CA VAL D 2358 -40.92 33.55 -34.32
C VAL D 2358 -41.55 32.86 -35.52
N ILE D 2359 -41.06 33.17 -36.73
CA ILE D 2359 -41.58 32.52 -37.93
C ILE D 2359 -41.13 31.05 -37.98
N LYS D 2360 -39.94 30.77 -37.47
CA LYS D 2360 -39.46 29.39 -37.41
C LYS D 2360 -40.37 28.54 -36.52
N SER D 2361 -40.82 29.12 -35.40
CA SER D 2361 -41.81 28.49 -34.54
C SER D 2361 -42.97 27.92 -35.32
N VAL D 2362 -43.28 28.48 -36.49
CA VAL D 2362 -44.39 28.02 -37.32
C VAL D 2362 -43.89 27.15 -38.48
N THR D 2363 -42.68 27.43 -38.98
CA THR D 2363 -42.21 26.72 -40.16
C THR D 2363 -41.46 25.43 -39.82
N ARG D 2364 -41.26 25.14 -38.54
CA ARG D 2364 -40.53 23.92 -38.17
C ARG D 2364 -41.43 22.69 -38.28
N ASN D 2365 -42.72 22.84 -37.92
CA ASN D 2365 -43.70 21.77 -38.02
C ASN D 2365 -44.80 22.14 -39.01
N GLY D 2366 -44.40 22.76 -40.12
CA GLY D 2366 -45.35 23.09 -41.16
C GLY D 2366 -46.02 21.88 -41.76
N ARG D 2367 -45.31 20.76 -41.82
CA ARG D 2367 -45.94 19.53 -42.27
C ARG D 2367 -47.09 19.14 -41.35
N SER D 2368 -46.88 19.28 -40.04
CA SER D 2368 -47.91 18.96 -39.07
C SER D 2368 -49.11 19.90 -39.23
N ILE D 2369 -48.84 21.19 -39.42
CA ILE D 2369 -49.92 22.15 -39.61
C ILE D 2369 -50.72 21.81 -40.86
N LEU D 2370 -50.03 21.47 -41.95
CA LEU D 2370 -50.72 21.16 -43.20
C LEU D 2370 -51.54 19.88 -43.08
N LEU D 2371 -51.03 18.88 -42.36
CA LEU D 2371 -51.81 17.66 -42.14
C LEU D 2371 -53.04 17.96 -41.29
N THR D 2372 -52.90 18.84 -40.29
CA THR D 2372 -54.07 19.23 -39.51
C THR D 2372 -55.09 19.93 -40.39
N ALA D 2373 -54.63 20.74 -41.34
CA ALA D 2373 -55.53 21.47 -42.22
C ALA D 2373 -56.23 20.51 -43.18
N LEU D 2374 -55.51 19.50 -43.66
CA LEU D 2374 -56.14 18.47 -44.49
C LEU D 2374 -57.18 17.70 -43.69
N LEU D 2375 -56.95 17.53 -42.39
CA LEU D 2375 -57.91 16.80 -41.57
C LEU D 2375 -59.17 17.63 -41.36
N ALA D 2376 -58.99 18.93 -41.13
CA ALA D 2376 -60.09 19.87 -41.09
C ALA D 2376 -60.89 19.82 -42.39
N LEU D 2377 -60.19 19.78 -43.52
CA LEU D 2377 -60.87 19.73 -44.82
C LEU D 2377 -61.68 18.45 -44.98
N ILE D 2378 -61.14 17.32 -44.51
CA ILE D 2378 -61.88 16.06 -44.58
C ILE D 2378 -63.12 16.12 -43.69
N LEU D 2379 -62.99 16.70 -42.49
CA LEU D 2379 -64.18 16.82 -41.66
C LEU D 2379 -65.21 17.75 -42.31
N VAL D 2380 -64.73 18.77 -43.01
CA VAL D 2380 -65.65 19.69 -43.69
C VAL D 2380 -66.37 18.97 -44.82
N TYR D 2381 -65.64 18.14 -45.56
CA TYR D 2381 -66.25 17.35 -46.63
C TYR D 2381 -67.32 16.42 -46.09
N LEU D 2382 -67.03 15.74 -44.97
CA LEU D 2382 -68.03 14.84 -44.39
C LEU D 2382 -69.26 15.61 -43.91
N PHE D 2383 -69.06 16.73 -43.23
CA PHE D 2383 -70.19 17.53 -42.75
C PHE D 2383 -71.01 18.06 -43.92
N SER D 2384 -70.34 18.47 -44.99
CA SER D 2384 -71.06 18.95 -46.17
C SER D 2384 -71.88 17.83 -46.81
N ILE D 2385 -71.33 16.62 -46.85
CA ILE D 2385 -72.08 15.48 -47.37
C ILE D 2385 -73.34 15.27 -46.54
N VAL D 2386 -73.19 15.29 -45.21
CA VAL D 2386 -74.35 15.08 -44.33
C VAL D 2386 -75.39 16.17 -44.57
N GLY D 2387 -74.94 17.43 -44.62
CA GLY D 2387 -75.87 18.53 -44.83
C GLY D 2387 -76.60 18.43 -46.16
N PHE D 2388 -75.88 18.09 -47.22
CA PHE D 2388 -76.50 17.93 -48.53
C PHE D 2388 -77.52 16.80 -48.50
N LEU D 2389 -77.23 15.72 -47.76
CA LEU D 2389 -78.14 14.59 -47.72
C LEU D 2389 -79.38 14.89 -46.90
N PHE D 2390 -79.26 15.76 -45.88
CA PHE D 2390 -80.32 15.89 -44.89
C PHE D 2390 -80.71 17.31 -44.56
N LEU D 2391 -79.86 18.31 -44.79
CA LEU D 2391 -80.18 19.69 -44.44
C LEU D 2391 -80.04 20.62 -45.64
N LYS D 2392 -80.51 20.18 -46.82
CA LYS D 2392 -80.30 20.97 -48.02
C LYS D 2392 -81.03 22.31 -47.94
N ASP D 2393 -82.24 22.31 -47.40
CA ASP D 2393 -83.12 23.48 -47.40
C ASP D 2393 -82.63 24.58 -46.45
N ASP D 2394 -81.66 24.27 -45.59
CA ASP D 2394 -81.23 25.15 -44.52
C ASP D 2394 -80.06 26.03 -44.94
N PHE D 2395 -79.48 25.79 -46.11
CA PHE D 2395 -78.34 26.55 -46.59
C PHE D 2395 -78.84 27.72 -47.45
N ILE D 2396 -79.36 28.72 -46.76
CA ILE D 2396 -79.82 29.96 -47.38
C ILE D 2396 -78.88 31.07 -46.96
N LEU D 2397 -78.25 31.72 -47.94
CA LEU D 2397 -77.25 32.73 -47.69
C LEU D 2397 -77.72 34.07 -48.24
N GLU D 2398 -77.56 35.13 -47.46
CA GLU D 2398 -77.95 36.45 -47.94
C GLU D 2398 -76.87 37.03 -48.84
N VAL D 2399 -77.27 37.73 -49.89
CA VAL D 2399 -76.34 38.20 -50.91
C VAL D 2399 -76.68 39.63 -51.30
N ASP D 2400 -75.66 40.46 -51.37
CA ASP D 2400 -75.79 41.85 -51.80
C ASP D 2400 -75.49 41.91 -53.29
N ARG D 2401 -76.53 41.97 -54.10
CA ARG D 2401 -76.39 41.93 -55.54
C ARG D 2401 -76.00 43.30 -56.08
N LEU D 2402 -74.97 43.34 -56.92
CA LEU D 2402 -74.55 44.60 -57.51
C LEU D 2402 -75.58 45.07 -58.54
N PRO D 2403 -75.66 46.38 -58.78
CA PRO D 2403 -76.63 46.92 -59.75
C PRO D 2403 -76.26 46.59 -61.20
N ASP D 2449 -83.71 38.56 -56.04
CA ASP D 2449 -83.92 38.16 -54.65
C ASP D 2449 -82.66 38.41 -53.83
N SER D 2450 -82.82 38.51 -52.51
CA SER D 2450 -81.69 38.82 -51.63
C SER D 2450 -81.10 37.60 -50.95
N THR D 2451 -81.60 36.39 -51.27
CA THR D 2451 -81.12 35.16 -50.68
C THR D 2451 -80.91 34.13 -51.77
N GLU D 2452 -79.94 33.23 -51.54
CA GLU D 2452 -79.64 32.19 -52.51
C GLU D 2452 -79.39 30.87 -51.79
N ARG D 2453 -79.62 29.78 -52.52
CA ARG D 2453 -79.39 28.44 -52.00
C ARG D 2453 -77.94 28.04 -52.21
N ALA D 2454 -77.27 27.66 -51.13
CA ALA D 2454 -75.84 27.38 -51.18
C ALA D 2454 -75.51 25.90 -51.02
N CYS D 2455 -76.51 25.02 -51.12
CA CYS D 2455 -76.25 23.59 -51.02
C CYS D 2455 -77.01 22.81 -52.09
N ASP D 2456 -77.15 23.39 -53.28
CA ASP D 2456 -77.84 22.70 -54.36
C ASP D 2456 -76.94 21.64 -55.00
N THR D 2457 -75.63 21.80 -54.87
CA THR D 2457 -74.65 20.85 -55.36
C THR D 2457 -73.59 20.63 -54.29
N LEU D 2458 -72.98 19.45 -54.34
CA LEU D 2458 -72.07 19.05 -53.26
C LEU D 2458 -70.86 19.96 -53.21
N LEU D 2459 -70.36 20.35 -54.37
CA LEU D 2459 -69.22 21.24 -54.44
C LEU D 2459 -69.55 22.56 -53.78
N MET D 2460 -70.72 23.12 -54.08
CA MET D 2460 -71.00 24.43 -53.51
C MET D 2460 -71.22 24.40 -52.03
N CYS D 2461 -71.84 23.33 -51.58
CA CYS D 2461 -72.04 23.11 -50.16
C CYS D 2461 -70.71 22.99 -49.44
N ILE D 2462 -69.77 22.24 -50.02
CA ILE D 2462 -68.44 22.14 -49.43
C ILE D 2462 -67.79 23.52 -49.35
N VAL D 2463 -67.92 24.30 -50.42
CA VAL D 2463 -67.35 25.65 -50.43
C VAL D 2463 -67.97 26.49 -49.34
N THR D 2464 -69.30 26.44 -49.21
CA THR D 2464 -69.99 27.23 -48.19
C THR D 2464 -69.54 26.83 -46.79
N VAL D 2465 -69.52 25.53 -46.50
CA VAL D 2465 -69.09 25.10 -45.17
C VAL D 2465 -67.67 25.54 -44.91
N MET D 2466 -66.75 25.26 -45.83
CA MET D 2466 -65.36 25.58 -45.61
C MET D 2466 -65.15 27.08 -45.40
N ASN D 2467 -65.87 27.89 -46.16
CA ASN D 2467 -65.68 29.35 -46.13
C ASN D 2467 -66.28 29.96 -44.87
N HIS D 2468 -67.46 29.50 -44.46
CA HIS D 2468 -68.20 30.18 -43.39
C HIS D 2468 -68.07 29.49 -42.03
N GLY D 2469 -68.18 28.17 -41.96
CA GLY D 2469 -68.13 27.50 -40.67
C GLY D 2469 -66.76 27.61 -40.01
N LEU D 2470 -65.69 27.49 -40.80
CA LEU D 2470 -64.36 27.71 -40.24
C LEU D 2470 -64.16 29.15 -39.79
N ARG D 2471 -64.71 30.12 -40.53
CA ARG D 2471 -64.48 31.53 -40.22
C ARG D 2471 -65.44 32.09 -39.17
N ASN D 2472 -66.47 31.33 -38.81
CA ASN D 2472 -67.42 31.75 -37.79
C ASN D 2472 -67.07 31.12 -36.45
N GLY D 2473 -67.16 31.92 -35.39
CA GLY D 2473 -66.83 31.40 -34.06
C GLY D 2473 -67.73 30.25 -33.66
N GLY D 2474 -69.02 30.35 -33.96
CA GLY D 2474 -69.96 29.31 -33.63
C GLY D 2474 -70.03 28.15 -34.60
N GLY D 2475 -69.36 28.25 -35.75
CA GLY D 2475 -69.32 27.14 -36.67
C GLY D 2475 -70.26 27.34 -37.85
N VAL D 2476 -70.65 26.20 -38.43
CA VAL D 2476 -71.54 26.24 -39.59
C VAL D 2476 -72.94 26.65 -39.19
N GLY D 2477 -73.37 26.35 -37.96
CA GLY D 2477 -74.71 26.68 -37.53
C GLY D 2477 -75.00 28.16 -37.53
N ASP D 2478 -73.97 29.00 -37.51
CA ASP D 2478 -74.19 30.45 -37.49
C ASP D 2478 -74.90 30.93 -38.75
N ILE D 2479 -74.51 30.38 -39.91
CA ILE D 2479 -75.07 30.85 -41.17
C ILE D 2479 -76.33 30.12 -41.59
N LEU D 2480 -76.63 28.97 -40.99
CA LEU D 2480 -77.78 28.18 -41.40
C LEU D 2480 -79.08 28.87 -40.99
N ARG D 2481 -80.13 28.61 -41.77
CA ARG D 2481 -81.46 29.07 -41.42
C ARG D 2481 -81.79 28.71 -39.98
N LYS D 2482 -82.44 29.63 -39.28
CA LYS D 2482 -82.76 29.42 -37.87
C LYS D 2482 -84.00 28.55 -37.74
N PRO D 2483 -83.91 27.39 -37.10
CA PRO D 2483 -85.07 26.48 -37.08
C PRO D 2483 -85.97 26.71 -35.88
N SER D 2484 -87.25 26.38 -36.08
CA SER D 2484 -88.25 26.51 -35.03
C SER D 2484 -88.25 25.25 -34.18
N LYS D 2485 -88.47 25.42 -32.87
CA LYS D 2485 -88.48 24.26 -32.00
C LYS D 2485 -89.51 23.23 -32.43
N ASP D 2486 -90.63 23.67 -33.02
CA ASP D 2486 -91.68 22.71 -33.38
C ASP D 2486 -91.30 21.83 -34.56
N GLU D 2487 -90.19 22.13 -35.24
CA GLU D 2487 -89.81 21.40 -36.43
C GLU D 2487 -89.34 20.00 -36.05
N SER D 2488 -89.55 19.05 -36.97
CA SER D 2488 -89.21 17.67 -36.63
C SER D 2488 -87.71 17.41 -36.75
N LEU D 2489 -87.00 18.32 -37.42
CA LEU D 2489 -85.55 18.23 -37.58
C LEU D 2489 -84.80 19.12 -36.61
N PHE D 2490 -85.48 19.71 -35.62
CA PHE D 2490 -84.79 20.59 -34.67
C PHE D 2490 -83.73 19.85 -33.86
N PRO D 2491 -83.99 18.67 -33.29
CA PRO D 2491 -82.90 17.96 -32.60
C PRO D 2491 -81.76 17.57 -33.52
N ALA D 2492 -82.07 17.13 -34.74
CA ALA D 2492 -81.00 16.86 -35.70
C ALA D 2492 -80.15 18.10 -35.95
N ARG D 2493 -80.78 19.27 -36.12
CA ARG D 2493 -80.02 20.48 -36.38
C ARG D 2493 -79.16 20.86 -35.17
N VAL D 2494 -79.71 20.71 -33.97
CA VAL D 2494 -78.93 21.02 -32.76
C VAL D 2494 -77.72 20.12 -32.68
N VAL D 2495 -77.91 18.82 -32.93
CA VAL D 2495 -76.80 17.87 -32.88
C VAL D 2495 -75.78 18.20 -33.95
N TYR D 2496 -76.25 18.56 -35.15
CA TYR D 2496 -75.35 18.96 -36.23
C TYR D 2496 -74.48 20.13 -35.82
N ASP D 2497 -75.10 21.18 -35.27
CA ASP D 2497 -74.37 22.40 -34.95
C ASP D 2497 -73.38 22.14 -33.82
N LEU D 2498 -73.83 21.46 -32.76
CA LEU D 2498 -72.92 21.20 -31.64
C LEU D 2498 -71.79 20.29 -32.08
N LEU D 2499 -72.05 19.34 -32.97
CA LEU D 2499 -71.00 18.42 -33.38
C LEU D 2499 -69.97 19.15 -34.22
N PHE D 2500 -70.42 20.08 -35.06
CA PHE D 2500 -69.47 20.79 -35.90
C PHE D 2500 -68.61 21.73 -35.06
N PHE D 2501 -69.26 22.43 -34.13
CA PHE D 2501 -68.56 23.41 -33.30
C PHE D 2501 -67.53 22.73 -32.40
N PHE D 2502 -67.89 21.56 -31.87
CA PHE D 2502 -66.99 20.80 -31.00
C PHE D 2502 -65.87 20.18 -31.84
N ILE D 2503 -66.20 19.37 -32.84
CA ILE D 2503 -65.16 18.61 -33.55
C ILE D 2503 -64.22 19.55 -34.31
N VAL D 2504 -64.77 20.53 -35.02
CA VAL D 2504 -63.96 21.33 -35.94
C VAL D 2504 -63.35 22.54 -35.26
N ILE D 2505 -64.15 23.33 -34.54
CA ILE D 2505 -63.66 24.59 -34.00
C ILE D 2505 -62.87 24.38 -32.72
N ILE D 2506 -63.45 23.63 -31.76
CA ILE D 2506 -62.83 23.53 -30.45
C ILE D 2506 -61.55 22.70 -30.52
N ILE D 2507 -61.56 21.62 -31.27
CA ILE D 2507 -60.44 20.68 -31.26
C ILE D 2507 -59.53 20.91 -32.46
N VAL D 2508 -60.06 20.76 -33.66
CA VAL D 2508 -59.22 20.74 -34.85
C VAL D 2508 -58.55 22.09 -35.06
N LEU D 2509 -59.31 23.19 -34.92
CA LEU D 2509 -58.71 24.51 -35.14
C LEU D 2509 -57.67 24.83 -34.07
N ASN D 2510 -57.81 24.23 -32.89
CA ASN D 2510 -56.84 24.46 -31.82
C ASN D 2510 -55.63 23.55 -31.94
N LEU D 2511 -55.68 22.53 -32.80
CA LEU D 2511 -54.47 21.73 -32.96
C LEU D 2511 -53.35 22.51 -33.63
N ILE D 2512 -53.69 23.49 -34.47
CA ILE D 2512 -52.64 24.26 -35.14
C ILE D 2512 -51.92 25.14 -34.14
N PHE D 2513 -52.69 25.81 -33.27
CA PHE D 2513 -52.11 26.63 -32.23
C PHE D 2513 -51.32 25.79 -31.22
N GLY D 2514 -51.83 24.60 -30.90
CA GLY D 2514 -51.08 23.70 -30.03
C GLY D 2514 -49.76 23.28 -30.63
N VAL D 2515 -49.76 22.97 -31.94
CA VAL D 2515 -48.53 22.62 -32.63
C VAL D 2515 -47.56 23.79 -32.58
N ILE D 2516 -48.06 25.01 -32.79
CA ILE D 2516 -47.21 26.18 -32.75
C ILE D 2516 -46.58 26.35 -31.36
N ILE D 2517 -47.38 26.15 -30.30
CA ILE D 2517 -46.86 26.31 -28.95
C ILE D 2517 -45.80 25.27 -28.65
N ASP D 2518 -46.09 24.01 -28.98
CA ASP D 2518 -45.13 22.92 -28.84
C ASP D 2518 -43.84 23.24 -29.56
N THR D 2519 -43.94 23.76 -30.79
CA THR D 2519 -42.74 24.14 -31.53
C THR D 2519 -41.99 25.24 -30.80
N PHE D 2520 -42.72 26.18 -30.21
CA PHE D 2520 -42.10 27.26 -29.46
C PHE D 2520 -41.21 26.68 -28.36
N ALA D 2521 -41.78 25.73 -27.63
CA ALA D 2521 -41.10 25.15 -26.47
C ALA D 2521 -39.90 24.33 -26.92
N ASP D 2522 -40.05 23.59 -28.02
CA ASP D 2522 -38.98 22.80 -28.59
C ASP D 2522 -37.80 23.68 -28.99
N LEU D 2523 -38.08 24.80 -29.67
CA LEU D 2523 -37.01 25.72 -30.04
C LEU D 2523 -36.35 26.28 -28.79
N ARG D 2524 -37.14 26.59 -27.76
CA ARG D 2524 -36.55 27.14 -26.54
C ARG D 2524 -35.58 26.14 -25.92
N SER D 2525 -35.99 24.88 -25.87
CA SER D 2525 -35.21 23.85 -25.19
C SER D 2525 -33.95 23.52 -25.98
N GLU D 2526 -34.08 23.41 -27.31
CA GLU D 2526 -32.90 23.17 -28.13
C GLU D 2526 -31.89 24.30 -27.99
N LYS D 2527 -32.37 25.55 -28.00
CA LYS D 2527 -31.46 26.68 -27.93
C LYS D 2527 -30.75 26.71 -26.58
N GLN D 2528 -31.49 26.47 -25.50
CA GLN D 2528 -30.88 26.44 -24.18
C GLN D 2528 -29.83 25.33 -24.08
N LYS D 2529 -30.15 24.14 -24.58
CA LYS D 2529 -29.18 23.04 -24.50
C LYS D 2529 -27.92 23.35 -25.30
N LYS D 2530 -28.08 23.87 -26.51
CA LYS D 2530 -26.92 24.21 -27.33
C LYS D 2530 -26.06 25.27 -26.64
N GLU D 2531 -26.70 26.32 -26.11
CA GLU D 2531 -25.94 27.37 -25.42
C GLU D 2531 -25.19 26.80 -24.22
N GLU D 2532 -25.84 25.91 -23.45
CA GLU D 2532 -25.20 25.37 -22.27
C GLU D 2532 -23.97 24.55 -22.67
N ILE D 2533 -24.12 23.72 -23.70
CA ILE D 2533 -23.01 22.89 -24.13
C ILE D 2533 -21.86 23.76 -24.59
N LEU D 2534 -22.16 24.77 -25.42
CA LEU D 2534 -21.12 25.64 -25.95
C LEU D 2534 -20.39 26.38 -24.83
N LYS D 2535 -21.13 26.87 -23.83
CA LYS D 2535 -20.52 27.68 -22.79
C LYS D 2535 -19.73 26.84 -21.79
N THR D 2536 -20.21 25.62 -21.48
CA THR D 2536 -19.65 24.85 -20.39
C THR D 2536 -18.94 23.58 -20.87
N THR D 2537 -18.58 23.50 -22.15
CA THR D 2537 -17.83 22.35 -22.64
C THR D 2537 -16.71 22.82 -23.56
N CYS D 2538 -15.57 22.13 -23.46
CA CYS D 2538 -14.47 22.36 -24.40
C CYS D 2538 -14.90 22.00 -25.81
N PHE D 2539 -14.54 22.85 -26.77
CA PHE D 2539 -14.91 22.60 -28.16
C PHE D 2539 -14.18 21.38 -28.72
N ILE D 2540 -12.91 21.20 -28.35
CA ILE D 2540 -12.07 20.17 -28.94
C ILE D 2540 -12.21 18.87 -28.16
N CYS D 2541 -11.84 18.89 -26.88
CA CYS D 2541 -11.80 17.67 -26.09
C CYS D 2541 -13.16 17.31 -25.52
N GLY D 2542 -14.04 18.28 -25.35
CA GLY D 2542 -15.36 18.03 -24.82
C GLY D 2542 -15.44 17.87 -23.32
N LEU D 2543 -14.36 18.15 -22.59
CA LEU D 2543 -14.39 18.07 -21.14
C LEU D 2543 -15.19 19.25 -20.56
N GLU D 2544 -15.86 18.99 -19.45
CA GLU D 2544 -16.69 19.99 -18.80
C GLU D 2544 -15.86 20.88 -17.88
N ARG D 2545 -16.50 21.90 -17.32
CA ARG D 2545 -15.78 22.83 -16.44
C ARG D 2545 -15.45 22.18 -15.11
N ASP D 2546 -16.23 21.17 -14.71
CA ASP D 2546 -16.14 20.61 -13.36
C ASP D 2546 -14.93 19.71 -13.25
N LYS D 2547 -14.36 19.27 -14.38
CA LYS D 2547 -13.11 18.52 -14.32
C LYS D 2547 -11.91 19.39 -13.97
N PHE D 2548 -12.00 20.71 -14.16
CA PHE D 2548 -10.88 21.60 -13.92
C PHE D 2548 -10.96 22.31 -12.57
N ASP D 2549 -11.92 21.95 -11.72
CA ASP D 2549 -12.03 22.60 -10.43
C ASP D 2549 -10.88 22.18 -9.53
N ASN D 2550 -10.31 23.17 -8.81
CA ASN D 2550 -9.18 22.92 -7.93
C ASN D 2550 -7.98 22.35 -8.69
N LYS D 2551 -7.72 22.92 -9.86
CA LYS D 2551 -6.58 22.51 -10.68
C LYS D 2551 -5.71 23.72 -10.96
N THR D 2552 -4.40 23.48 -11.00
CA THR D 2552 -3.45 24.54 -11.35
C THR D 2552 -3.92 25.32 -12.57
N VAL D 2553 -4.34 24.61 -13.63
CA VAL D 2553 -4.80 25.23 -14.87
C VAL D 2553 -6.32 25.30 -14.85
N SER D 2554 -6.86 26.48 -15.12
CA SER D 2554 -8.31 26.65 -15.08
C SER D 2554 -8.93 26.33 -16.44
N PHE D 2555 -10.26 26.24 -16.46
CA PHE D 2555 -10.93 25.83 -17.69
C PHE D 2555 -10.70 26.87 -18.78
N GLU D 2556 -10.68 28.15 -18.38
CA GLU D 2556 -10.50 29.24 -19.33
C GLU D 2556 -9.12 29.16 -19.96
N GLU D 2557 -8.11 28.79 -19.17
CA GLU D 2557 -6.76 28.67 -19.70
C GLU D 2557 -6.67 27.43 -20.58
N HIS D 2558 -7.42 26.38 -20.21
CA HIS D 2558 -7.45 25.18 -21.04
C HIS D 2558 -8.01 25.48 -22.41
N ILE D 2559 -9.01 26.36 -22.48
CA ILE D 2559 -9.63 26.67 -23.77
C ILE D 2559 -8.92 27.81 -24.48
N LYS D 2560 -8.08 28.58 -23.78
CA LYS D 2560 -7.41 29.72 -24.37
C LYS D 2560 -6.01 29.38 -24.89
N LEU D 2561 -5.37 28.34 -24.34
CA LEU D 2561 -3.94 28.14 -24.53
C LEU D 2561 -3.58 26.71 -24.88
N GLU D 2562 -4.40 25.73 -24.50
CA GLU D 2562 -4.03 24.32 -24.52
C GLU D 2562 -4.79 23.58 -25.61
N HIS D 2563 -6.08 23.87 -25.76
CA HIS D 2563 -6.92 23.22 -26.76
C HIS D 2563 -7.62 24.25 -27.63
N ASN D 2564 -6.88 25.24 -28.14
CA ASN D 2564 -7.47 26.30 -28.94
C ASN D 2564 -7.79 25.77 -30.34
N MET D 2565 -9.09 25.75 -30.67
CA MET D 2565 -9.52 25.25 -31.97
C MET D 2565 -8.86 26.02 -33.10
N TRP D 2566 -8.65 27.33 -32.91
CA TRP D 2566 -7.98 28.12 -33.93
C TRP D 2566 -6.50 27.76 -34.02
N ASN D 2567 -5.88 27.36 -32.91
CA ASN D 2567 -4.52 26.84 -32.99
C ASN D 2567 -4.48 25.54 -33.78
N TYR D 2568 -5.49 24.68 -33.59
CA TYR D 2568 -5.55 23.46 -34.41
C TYR D 2568 -5.73 23.80 -35.88
N LEU D 2569 -6.56 24.79 -36.20
CA LEU D 2569 -6.70 25.23 -37.58
C LEU D 2569 -5.39 25.76 -38.13
N TYR D 2570 -4.65 26.51 -37.32
CA TYR D 2570 -3.34 27.01 -37.75
C TYR D 2570 -2.37 25.87 -37.99
N PHE D 2571 -2.42 24.82 -37.17
CA PHE D 2571 -1.58 23.66 -37.46
C PHE D 2571 -1.99 22.99 -38.76
N ILE D 2572 -3.29 22.90 -39.04
CA ILE D 2572 -3.73 22.24 -40.26
C ILE D 2572 -3.25 23.03 -41.47
N VAL D 2573 -3.37 24.36 -41.41
CA VAL D 2573 -2.90 25.21 -42.49
C VAL D 2573 -1.39 25.08 -42.66
N LEU D 2574 -0.66 25.00 -41.54
CA LEU D 2574 0.78 24.84 -41.63
C LEU D 2574 1.16 23.52 -42.29
N VAL D 2575 0.44 22.45 -41.95
CA VAL D 2575 0.70 21.16 -42.57
C VAL D 2575 0.38 21.21 -44.06
N ARG D 2576 -0.63 22.01 -44.43
CA ARG D 2576 -1.00 22.12 -45.84
C ARG D 2576 0.03 22.93 -46.62
N VAL D 2577 0.59 23.98 -46.01
CA VAL D 2577 1.48 24.90 -46.73
C VAL D 2577 2.91 24.38 -46.71
N LYS D 2578 3.27 23.57 -45.73
CA LYS D 2578 4.65 23.15 -45.59
C LYS D 2578 5.01 22.03 -46.56
N ASN D 2579 6.20 22.16 -47.16
CA ASN D 2579 6.68 21.14 -48.07
C ASN D 2579 6.78 19.79 -47.36
N LYS D 2580 6.54 18.71 -48.11
CA LYS D 2580 6.64 17.38 -47.50
C LYS D 2580 8.04 17.09 -46.98
N THR D 2581 9.07 17.61 -47.65
CA THR D 2581 10.43 17.17 -47.34
C THR D 2581 10.86 17.71 -45.98
N ASP D 2582 10.29 18.83 -45.55
CA ASP D 2582 10.73 19.53 -44.36
C ASP D 2582 9.92 19.15 -43.12
N TYR D 2583 9.02 18.19 -43.23
CA TYR D 2583 8.12 17.87 -42.13
C TYR D 2583 8.92 17.33 -40.96
N THR D 2584 8.43 17.57 -39.75
CA THR D 2584 9.01 16.91 -38.59
C THR D 2584 8.21 15.63 -38.31
N GLY D 2585 8.53 14.97 -37.20
CA GLY D 2585 7.85 13.76 -36.81
C GLY D 2585 6.35 13.96 -36.67
N PRO D 2586 5.95 14.86 -35.75
CA PRO D 2586 4.51 15.10 -35.57
C PRO D 2586 3.83 15.69 -36.78
N GLU D 2587 4.49 16.62 -37.49
CA GLU D 2587 3.92 17.12 -38.74
C GLU D 2587 3.65 15.98 -39.71
N SER D 2588 4.59 15.05 -39.86
CA SER D 2588 4.35 13.94 -40.78
C SER D 2588 3.24 13.02 -40.30
N TYR D 2589 3.18 12.78 -38.99
CA TYR D 2589 2.13 11.93 -38.45
C TYR D 2589 0.76 12.56 -38.70
N VAL D 2590 0.63 13.86 -38.45
CA VAL D 2590 -0.64 14.55 -38.64
C VAL D 2590 -1.01 14.59 -40.12
N ALA D 2591 -0.02 14.81 -40.99
CA ALA D 2591 -0.30 14.81 -42.43
C ALA D 2591 -0.78 13.44 -42.89
N GLN D 2592 -0.14 12.36 -42.41
CA GLN D 2592 -0.58 11.03 -42.77
C GLN D 2592 -1.99 10.76 -42.26
N MET D 2593 -2.30 11.26 -41.06
CA MET D 2593 -3.63 11.03 -40.50
C MET D 2593 -4.69 11.76 -41.32
N ILE D 2594 -4.39 13.00 -41.70
CA ILE D 2594 -5.31 13.76 -42.55
C ILE D 2594 -5.50 13.06 -43.89
N LYS D 2595 -4.41 12.55 -44.48
CA LYS D 2595 -4.52 11.85 -45.74
C LYS D 2595 -5.38 10.60 -45.60
N ASN D 2596 -5.21 9.86 -44.50
CA ASN D 2596 -5.98 8.64 -44.26
C ASN D 2596 -7.38 8.93 -43.74
N LYS D 2597 -7.72 10.20 -43.50
CA LYS D 2597 -9.05 10.56 -43.02
C LYS D 2597 -9.29 10.00 -41.62
N ASN D 2598 -8.35 10.25 -40.72
CA ASN D 2598 -8.40 9.76 -39.35
C ASN D 2598 -8.32 10.96 -38.41
N LEU D 2599 -9.28 11.07 -37.50
CA LEU D 2599 -9.34 12.15 -36.53
C LEU D 2599 -8.90 11.73 -35.14
N ASP D 2600 -8.20 10.59 -35.02
CA ASP D 2600 -7.83 10.12 -33.70
C ASP D 2600 -6.73 10.96 -33.07
N TRP D 2601 -6.14 11.89 -33.82
CA TRP D 2601 -5.05 12.71 -33.32
C TRP D 2601 -5.58 13.92 -32.56
N PHE D 2602 -6.85 14.27 -32.76
CA PHE D 2602 -7.50 15.25 -31.93
C PHE D 2602 -7.76 14.63 -30.55
N PRO D 2603 -7.38 15.29 -29.45
CA PRO D 2603 -7.68 14.72 -28.14
C PRO D 2603 -9.18 14.63 -27.90
N ARG D 2604 -9.56 13.70 -27.03
CA ARG D 2604 -10.97 13.41 -26.76
C ARG D 2604 -11.12 13.03 -25.30
N MET D 2605 -11.75 13.90 -24.51
CA MET D 2605 -12.00 13.64 -23.10
C MET D 2605 -10.70 13.46 -22.32
N ARG D 2606 -9.60 14.01 -22.83
CA ARG D 2606 -8.30 13.88 -22.20
C ARG D 2606 -7.61 15.23 -22.21
N ALA D 2607 -6.87 15.54 -21.15
CA ALA D 2607 -6.14 16.79 -21.06
C ALA D 2607 -4.81 16.56 -20.37
N MET D 2608 -3.73 17.01 -20.99
CA MET D 2608 -2.41 16.84 -20.43
C MET D 2608 -2.29 17.52 -19.06
N SER D 2609 -2.87 18.71 -18.93
CA SER D 2609 -2.86 19.39 -17.64
C SER D 2609 -3.63 18.61 -16.59
N LEU D 2610 -4.75 18.00 -16.98
CA LEU D 2610 -5.54 17.24 -16.02
C LEU D 2610 -4.81 15.99 -15.55
N VAL D 2611 -4.20 15.26 -16.48
CA VAL D 2611 -3.51 14.02 -16.11
C VAL D 2611 -2.10 14.25 -15.59
N SER D 2612 -1.58 15.46 -15.68
CA SER D 2612 -0.23 15.76 -15.21
C SER D 2612 -0.09 17.23 -14.84
#